data_8A8E
#
_entry.id   8A8E
#
_cell.length_a   1.00
_cell.length_b   1.00
_cell.length_c   1.00
_cell.angle_alpha   90.00
_cell.angle_beta   90.00
_cell.angle_gamma   90.00
#
_symmetry.space_group_name_H-M   'P 1'
#
_entity_poly.entity_id   1
_entity_poly.type   'polypeptide(L)'
_entity_poly.pdbx_seq_one_letter_code
;MAYRFIKWFEELSKNDVPLVGGKGANLGEMTNAGIPVPPGFCVTAEAYKYFVENVKVSKEDVKRILGEKVNKGTISEVLA
QAPDEPRPLQDWIMDIISKTDVDDSKMLQENTEAIRTLIKSLDMPSEIAEEIKQAYKELSQRFGQEEVYVAVRSSATAED
LPEASFAGQQETYLDVLGADDVIDKVKRCWASLWTARATFYRAKQGFDHSKVYLSAVVQKMVNSEKSGVMFTANPVTNNR
NEIMINASWGLGEAVVSGAVTPDEYIVEKGTWKIKEKVIAKKEVMVIRNPETGRGTVMVKVAEYLGPEWVEKQVLTDEQI
IEVAKMGQKIEDHYGWPQDIEWAYDKDDGKLYIVQSRPITTLKEEATAEEAEEVEEAEVILKGLGASPGIGAGRVVVIFD
ASEIDKVKEGDILVTTMTNPDMVPAMKRAAAIVTDEGGRTSHAAIVSRELGIPCVVGTKEATKKLKTGMYVTVDGTRGLV
YKGIVKSLVKKKEEAKAEGGQVVVAGAPLVTGTMVKVNVSMPEVAERAAATGADGVGLLRAEHMILSIGQHPIKFIKEGK
EEELVEKLAEGIEKVAAAFYPRPVWYRTLDAPTNEFREMPGGEDEPEERNPMLGWRGIRRGLDQPELLRAEFKAIKKVVE
KGYNNIGVMLPLVSHPEQIREAKRIAREVGLEPHKDVAWGVMIEVPAAAIIIEDLIKEGIDFVSFGTNDLTQYTLAIDRD
NERVAKLYDETHPAVLKLIKHVIKVCKRYGVETSICGQAGSDPKMARILVRLGIDSISANPDAVQLIRQVVAQEERKLML
EAARKQLFEEEEEEELF
;
_entity_poly.pdbx_strand_id   A,B,C,D,E,F,G,H,I,J,K,L,M,N,O,P,Q,R,S,T,U,V,W,X
#
# COMPACT_ATOMS: atom_id res chain seq x y z
N GLY A 506 52.31 -10.35 -41.16
CA GLY A 506 51.78 -11.59 -41.70
C GLY A 506 50.27 -11.67 -41.60
N ALA A 507 49.71 -11.02 -40.60
CA ALA A 507 48.26 -10.99 -40.42
C ALA A 507 47.72 -9.64 -40.84
N PRO A 508 46.69 -9.58 -41.67
CA PRO A 508 46.10 -8.29 -42.05
C PRO A 508 45.38 -7.63 -40.88
N LEU A 509 45.06 -6.35 -41.08
CA LEU A 509 44.31 -5.60 -40.09
C LEU A 509 42.82 -5.85 -40.28
N VAL A 510 42.11 -6.09 -39.18
CA VAL A 510 40.72 -6.55 -39.20
C VAL A 510 39.84 -5.56 -38.45
N THR A 511 38.81 -5.07 -39.12
CA THR A 511 37.86 -4.12 -38.54
C THR A 511 36.45 -4.67 -38.67
N GLY A 512 35.57 -4.25 -37.78
CA GLY A 512 34.18 -4.65 -37.89
C GLY A 512 33.47 -3.93 -39.01
N THR A 513 33.68 -2.62 -39.12
CA THR A 513 33.18 -1.86 -40.25
C THR A 513 33.91 -2.27 -41.52
N MET A 514 33.17 -2.38 -42.62
CA MET A 514 33.75 -2.74 -43.90
C MET A 514 34.31 -1.52 -44.61
N VAL A 515 35.52 -1.67 -45.16
CA VAL A 515 36.17 -0.64 -45.96
C VAL A 515 36.24 -1.16 -47.39
N LYS A 516 35.59 -0.48 -48.31
CA LYS A 516 35.55 -0.85 -49.71
C LYS A 516 36.31 0.18 -50.55
N VAL A 517 36.27 0.03 -51.88
CA VAL A 517 37.06 0.83 -52.79
C VAL A 517 36.20 1.30 -53.95
N ASN A 518 36.56 2.44 -54.54
CA ASN A 518 35.79 3.09 -55.60
C ASN A 518 36.47 2.86 -56.94
N VAL A 519 35.86 2.05 -57.80
CA VAL A 519 36.44 1.67 -59.08
C VAL A 519 35.84 2.56 -60.16
N SER A 520 36.70 3.17 -60.97
CA SER A 520 36.25 4.12 -61.99
C SER A 520 36.14 3.48 -63.37
N MET A 521 37.14 2.72 -63.79
CA MET A 521 37.19 2.07 -65.09
C MET A 521 37.45 0.59 -64.87
N PRO A 522 37.17 -0.25 -65.87
CA PRO A 522 37.44 -1.68 -65.73
C PRO A 522 38.91 -2.04 -65.92
N GLU A 523 39.77 -1.05 -66.12
CA GLU A 523 41.19 -1.31 -66.30
C GLU A 523 41.99 -1.16 -65.02
N VAL A 524 41.58 -0.26 -64.12
CA VAL A 524 42.15 -0.21 -62.78
C VAL A 524 41.30 -1.10 -61.86
N ALA A 525 41.56 -2.40 -61.91
CA ALA A 525 40.82 -3.37 -61.11
C ALA A 525 41.71 -4.37 -60.41
N GLU A 526 42.96 -4.55 -60.85
CA GLU A 526 43.90 -5.38 -60.14
C GLU A 526 44.64 -4.59 -59.07
N ARG A 527 45.05 -3.36 -59.40
CA ARG A 527 45.63 -2.48 -58.39
C ARG A 527 44.62 -2.18 -57.29
N ALA A 528 43.33 -2.30 -57.57
CA ALA A 528 42.31 -2.07 -56.55
C ALA A 528 42.06 -3.33 -55.74
N ALA A 529 42.06 -4.50 -56.39
CA ALA A 529 41.91 -5.75 -55.66
C ALA A 529 43.14 -6.09 -54.84
N ALA A 530 44.27 -5.43 -55.10
CA ALA A 530 45.48 -5.66 -54.33
C ALA A 530 45.60 -4.76 -53.11
N THR A 531 44.55 -4.00 -52.78
CA THR A 531 44.62 -3.10 -51.64
C THR A 531 44.10 -3.73 -50.36
N GLY A 532 43.41 -4.86 -50.45
CA GLY A 532 42.81 -5.47 -49.29
C GLY A 532 41.42 -4.98 -48.95
N ALA A 533 40.69 -4.45 -49.94
CA ALA A 533 39.35 -3.97 -49.70
C ALA A 533 38.37 -5.12 -49.53
N ASP A 534 37.19 -4.81 -48.99
CA ASP A 534 36.17 -5.81 -48.71
C ASP A 534 35.16 -5.93 -49.84
N GLY A 535 35.36 -5.20 -50.93
CA GLY A 535 34.46 -5.24 -52.06
C GLY A 535 34.59 -3.95 -52.84
N VAL A 536 33.74 -3.83 -53.87
CA VAL A 536 33.61 -2.61 -54.63
C VAL A 536 32.38 -1.86 -54.13
N GLY A 537 32.52 -0.56 -53.93
CA GLY A 537 31.43 0.22 -53.40
C GLY A 537 30.69 0.99 -54.46
N LEU A 538 31.38 1.31 -55.56
CA LEU A 538 30.76 2.04 -56.66
C LEU A 538 31.58 1.81 -57.92
N LEU A 539 30.98 1.16 -58.91
CA LEU A 539 31.57 1.01 -60.24
C LEU A 539 30.71 1.79 -61.23
N ARG A 540 31.28 2.86 -61.78
CA ARG A 540 30.54 3.73 -62.68
C ARG A 540 30.54 3.20 -64.11
N ALA A 541 29.51 3.57 -64.85
CA ALA A 541 29.31 3.10 -66.22
C ALA A 541 29.52 4.18 -67.27
N GLU A 542 29.80 5.42 -66.86
CA GLU A 542 29.98 6.52 -67.80
C GLU A 542 31.04 6.18 -68.84
N HIS A 543 32.18 5.65 -68.40
CA HIS A 543 33.25 5.32 -69.33
C HIS A 543 32.84 4.20 -70.27
N MET A 544 32.35 3.09 -69.71
CA MET A 544 32.04 1.91 -70.52
C MET A 544 30.95 2.17 -71.55
N ILE A 545 30.14 3.22 -71.35
CA ILE A 545 29.09 3.52 -72.31
C ILE A 545 29.49 4.62 -73.28
N LEU A 546 30.08 5.71 -72.79
CA LEU A 546 30.48 6.82 -73.63
C LEU A 546 31.83 6.60 -74.30
N SER A 547 32.28 5.36 -74.44
CA SER A 547 33.57 5.07 -75.05
C SER A 547 33.46 4.72 -76.53
N ILE A 548 32.25 4.61 -77.07
CA ILE A 548 32.05 4.17 -78.44
C ILE A 548 32.02 5.37 -79.39
N GLY A 549 32.38 6.55 -78.88
CA GLY A 549 32.42 7.75 -79.68
C GLY A 549 31.15 8.07 -80.44
N GLN A 550 29.99 7.81 -79.82
CA GLN A 550 28.71 7.96 -80.50
C GLN A 550 27.61 8.14 -79.47
N HIS A 551 26.56 8.85 -79.84
CA HIS A 551 25.40 9.00 -78.98
C HIS A 551 24.69 7.65 -78.86
N PRO A 552 24.51 7.13 -77.65
CA PRO A 552 23.90 5.79 -77.51
C PRO A 552 22.50 5.70 -78.10
N ILE A 553 21.67 6.72 -77.94
CA ILE A 553 20.34 6.70 -78.56
C ILE A 553 20.48 6.65 -80.07
N LYS A 554 21.42 7.41 -80.62
CA LYS A 554 21.74 7.31 -82.04
C LYS A 554 22.34 5.95 -82.37
N PHE A 555 23.12 5.39 -81.46
CA PHE A 555 23.77 4.11 -81.70
C PHE A 555 22.76 2.98 -81.83
N ILE A 556 21.62 3.09 -81.14
CA ILE A 556 20.64 2.01 -81.17
C ILE A 556 19.58 2.21 -82.25
N LYS A 557 19.39 3.47 -82.66
CA LYS A 557 18.46 3.74 -83.74
C LYS A 557 19.13 3.20 -84.97
N GLU A 558 20.41 3.50 -85.13
CA GLU A 558 21.16 2.93 -86.24
C GLU A 558 20.96 1.45 -86.14
N GLY A 559 21.03 0.93 -84.92
CA GLY A 559 20.75 -0.48 -84.72
C GLY A 559 21.92 -1.38 -84.39
N LYS A 560 22.79 -0.99 -83.47
CA LYS A 560 23.85 -1.91 -83.10
C LYS A 560 23.74 -2.18 -81.60
N GLU A 561 22.71 -2.93 -81.22
CA GLU A 561 22.47 -3.16 -79.79
C GLU A 561 23.40 -4.22 -79.22
N GLU A 562 23.58 -5.34 -79.92
CA GLU A 562 24.29 -6.47 -79.35
C GLU A 562 25.76 -6.17 -79.12
N GLU A 563 26.35 -5.33 -79.97
CA GLU A 563 27.74 -4.94 -79.79
C GLU A 563 27.94 -4.22 -78.46
N LEU A 564 27.13 -3.17 -78.22
CA LEU A 564 27.20 -2.45 -76.95
C LEU A 564 26.91 -3.37 -75.78
N VAL A 565 25.91 -4.24 -75.92
CA VAL A 565 25.55 -5.16 -74.84
C VAL A 565 26.74 -6.03 -74.46
N GLU A 566 27.34 -6.71 -75.43
CA GLU A 566 28.42 -7.64 -75.12
C GLU A 566 29.69 -6.90 -74.66
N LYS A 567 29.90 -5.68 -75.13
CA LYS A 567 31.02 -4.90 -74.62
C LYS A 567 30.83 -4.58 -73.14
N LEU A 568 29.65 -4.09 -72.77
CA LEU A 568 29.34 -3.92 -71.35
C LEU A 568 29.54 -5.22 -70.58
N ALA A 569 29.13 -6.34 -71.19
CA ALA A 569 29.21 -7.62 -70.52
C ALA A 569 30.64 -7.97 -70.14
N GLU A 570 31.57 -7.84 -71.09
CA GLU A 570 32.95 -8.18 -70.77
C GLU A 570 33.55 -7.16 -69.80
N GLY A 571 33.21 -5.88 -69.97
CA GLY A 571 33.69 -4.87 -69.03
C GLY A 571 33.28 -5.16 -67.59
N ILE A 572 32.06 -5.63 -67.39
CA ILE A 572 31.56 -5.93 -66.06
C ILE A 572 32.14 -7.24 -65.54
N GLU A 573 32.28 -8.25 -66.39
CA GLU A 573 32.78 -9.54 -65.93
C GLU A 573 34.23 -9.45 -65.49
N LYS A 574 35.01 -8.58 -66.14
CA LYS A 574 36.39 -8.38 -65.70
C LYS A 574 36.45 -7.99 -64.23
N VAL A 575 35.71 -6.95 -63.85
CA VAL A 575 35.69 -6.48 -62.47
C VAL A 575 35.07 -7.52 -61.55
N ALA A 576 33.99 -8.16 -61.98
CA ALA A 576 33.33 -9.14 -61.14
C ALA A 576 34.22 -10.32 -60.83
N ALA A 577 35.12 -10.69 -61.75
CA ALA A 577 36.00 -11.83 -61.53
C ALA A 577 37.31 -11.46 -60.85
N ALA A 578 37.64 -10.17 -60.79
CA ALA A 578 38.82 -9.76 -60.01
C ALA A 578 38.47 -9.81 -58.52
N PHE A 579 37.22 -9.53 -58.18
CA PHE A 579 36.78 -9.62 -56.79
C PHE A 579 35.56 -10.51 -56.70
N TYR A 580 35.75 -11.82 -56.84
CA TYR A 580 34.62 -12.77 -56.81
C TYR A 580 33.98 -13.02 -55.45
N PRO A 581 34.72 -13.68 -54.53
CA PRO A 581 33.97 -13.87 -53.27
C PRO A 581 33.38 -12.57 -52.74
N ARG A 582 33.94 -11.42 -53.12
CA ARG A 582 33.48 -10.13 -52.59
C ARG A 582 32.42 -9.45 -53.44
N PRO A 583 31.51 -8.72 -52.79
CA PRO A 583 30.45 -8.01 -53.50
C PRO A 583 30.97 -6.88 -54.36
N VAL A 584 30.22 -6.57 -55.42
CA VAL A 584 30.47 -5.44 -56.32
C VAL A 584 29.15 -4.76 -56.61
N TRP A 585 29.12 -3.43 -56.52
CA TRP A 585 27.91 -2.65 -56.71
C TRP A 585 28.07 -1.75 -57.92
N TYR A 586 27.07 -1.76 -58.81
CA TYR A 586 27.13 -1.10 -60.11
C TYR A 586 25.98 -0.11 -60.25
N ARG A 587 26.29 1.12 -60.66
CA ARG A 587 25.32 2.21 -60.74
C ARG A 587 25.01 2.55 -62.19
N THR A 588 23.73 2.54 -62.54
CA THR A 588 23.31 2.79 -63.91
C THR A 588 23.67 4.23 -64.34
N LEU A 589 23.57 4.46 -65.64
CA LEU A 589 24.13 5.65 -66.26
C LEU A 589 23.56 6.93 -65.65
N ASP A 590 24.43 7.92 -65.46
CA ASP A 590 24.03 9.19 -64.86
C ASP A 590 25.00 10.26 -65.32
N ALA A 591 24.53 11.16 -66.18
CA ALA A 591 25.34 12.26 -66.69
C ALA A 591 24.42 13.38 -67.12
N PRO A 592 24.85 14.64 -67.02
CA PRO A 592 23.98 15.76 -67.40
C PRO A 592 23.71 15.79 -68.89
N THR A 593 22.93 16.78 -69.34
CA THR A 593 22.61 16.90 -70.76
C THR A 593 23.73 17.53 -71.56
N ASN A 594 24.57 18.37 -70.94
CA ASN A 594 25.72 18.93 -71.62
C ASN A 594 26.89 17.97 -71.67
N GLU A 595 26.64 16.69 -71.44
CA GLU A 595 27.61 15.63 -71.68
C GLU A 595 27.27 14.80 -72.91
N PHE A 596 25.98 14.75 -73.28
CA PHE A 596 25.58 14.09 -74.52
C PHE A 596 25.67 15.03 -75.71
N ARG A 597 25.78 16.33 -75.47
CA ARG A 597 25.85 17.30 -76.55
C ARG A 597 27.18 17.25 -77.29
N GLU A 598 28.23 16.72 -76.67
CA GLU A 598 29.58 16.83 -77.19
C GLU A 598 30.05 15.55 -77.87
N MET A 599 29.12 14.73 -78.32
CA MET A 599 29.44 13.48 -78.99
C MET A 599 28.91 13.48 -80.42
N PRO A 600 29.50 12.66 -81.31
CA PRO A 600 28.91 12.58 -82.65
C PRO A 600 27.47 12.11 -82.58
N GLY A 601 26.54 12.96 -83.00
CA GLY A 601 25.13 12.61 -82.92
C GLY A 601 24.44 13.49 -81.91
N GLY A 602 25.22 14.24 -81.13
CA GLY A 602 24.67 15.12 -80.14
C GLY A 602 24.47 16.50 -80.72
N GLU A 603 23.42 16.68 -81.50
CA GLU A 603 23.15 17.98 -82.11
C GLU A 603 21.79 18.45 -81.65
N ASP A 604 20.91 17.52 -81.31
CA ASP A 604 19.61 17.89 -80.80
C ASP A 604 19.72 17.99 -79.31
N GLU A 605 19.75 19.20 -78.77
CA GLU A 605 19.90 19.38 -77.32
C GLU A 605 19.06 20.55 -76.81
N PRO A 606 18.97 20.70 -75.48
CA PRO A 606 18.11 21.76 -74.94
C PRO A 606 18.85 22.99 -74.46
N GLU A 607 20.17 22.90 -74.29
CA GLU A 607 20.92 24.02 -73.74
C GLU A 607 20.18 24.62 -72.56
N GLU A 608 19.91 23.82 -71.53
CA GLU A 608 19.15 24.29 -70.39
C GLU A 608 19.89 25.33 -69.57
N ARG A 609 19.17 26.01 -68.68
CA ARG A 609 19.82 27.02 -67.84
C ARG A 609 20.27 26.42 -66.51
N ASN A 610 19.76 25.24 -66.15
CA ASN A 610 20.20 24.58 -64.92
C ASN A 610 20.31 23.06 -65.10
N PRO A 611 21.44 22.57 -65.64
CA PRO A 611 21.53 21.13 -65.90
C PRO A 611 21.66 20.29 -64.63
N MET A 612 21.85 20.90 -63.46
CA MET A 612 21.89 20.15 -62.22
C MET A 612 20.51 19.75 -61.73
N LEU A 613 19.48 20.53 -62.06
CA LEU A 613 18.11 20.26 -61.66
C LEU A 613 17.26 19.85 -62.85
N GLY A 614 17.87 19.14 -63.81
CA GLY A 614 17.18 18.86 -65.05
C GLY A 614 16.93 17.40 -65.35
N TRP A 615 17.01 17.05 -66.63
CA TRP A 615 16.63 15.74 -67.14
C TRP A 615 17.87 14.85 -67.14
N ARG A 616 18.01 14.06 -66.08
CA ARG A 616 19.18 13.20 -65.93
C ARG A 616 18.82 12.06 -65.00
N GLY A 617 19.74 11.10 -64.88
CA GLY A 617 19.56 10.02 -63.95
C GLY A 617 18.40 9.11 -64.34
N ILE A 618 17.78 8.51 -63.31
CA ILE A 618 16.72 7.56 -63.54
C ILE A 618 15.48 8.19 -64.17
N ARG A 619 15.31 9.51 -64.09
CA ARG A 619 14.22 10.16 -64.81
C ARG A 619 14.39 9.95 -66.31
N ARG A 620 15.48 10.47 -66.87
CA ARG A 620 15.79 10.22 -68.27
C ARG A 620 15.80 8.74 -68.58
N GLY A 621 16.31 7.92 -67.66
CA GLY A 621 16.35 6.49 -67.90
C GLY A 621 14.99 5.87 -68.12
N LEU A 622 14.02 6.27 -67.29
CA LEU A 622 12.67 5.74 -67.42
C LEU A 622 11.92 6.37 -68.59
N ASP A 623 12.35 7.54 -69.06
CA ASP A 623 11.73 8.10 -70.26
C ASP A 623 12.08 7.29 -71.50
N GLN A 624 13.34 6.83 -71.61
CA GLN A 624 13.82 6.06 -72.75
C GLN A 624 14.26 4.69 -72.26
N PRO A 625 13.33 3.74 -72.14
CA PRO A 625 13.65 2.48 -71.46
C PRO A 625 14.63 1.57 -72.18
N GLU A 626 15.16 2.00 -73.33
CA GLU A 626 16.06 1.13 -74.08
C GLU A 626 17.43 1.03 -73.42
N LEU A 627 17.91 2.12 -72.82
CA LEU A 627 19.17 2.07 -72.09
C LEU A 627 19.08 1.10 -70.92
N LEU A 628 17.98 1.18 -70.17
CA LEU A 628 17.76 0.24 -69.07
C LEU A 628 17.68 -1.19 -69.58
N ARG A 629 16.98 -1.40 -70.69
CA ARG A 629 16.88 -2.73 -71.29
C ARG A 629 18.26 -3.30 -71.58
N ALA A 630 19.12 -2.50 -72.23
CA ALA A 630 20.43 -2.98 -72.63
C ALA A 630 21.31 -3.27 -71.41
N GLU A 631 21.29 -2.38 -70.42
CA GLU A 631 22.12 -2.59 -69.24
C GLU A 631 21.67 -3.82 -68.46
N PHE A 632 20.36 -4.01 -68.30
CA PHE A 632 19.88 -5.20 -67.60
C PHE A 632 20.19 -6.46 -68.38
N LYS A 633 20.16 -6.39 -69.72
CA LYS A 633 20.55 -7.53 -70.54
C LYS A 633 22.00 -7.92 -70.27
N ALA A 634 22.91 -6.94 -70.31
CA ALA A 634 24.32 -7.24 -70.07
C ALA A 634 24.54 -7.78 -68.65
N ILE A 635 23.83 -7.23 -67.67
CA ILE A 635 24.01 -7.70 -66.30
C ILE A 635 23.58 -9.14 -66.16
N LYS A 636 22.39 -9.48 -66.70
CA LYS A 636 21.96 -10.88 -66.68
C LYS A 636 22.94 -11.77 -67.45
N LYS A 637 23.52 -11.23 -68.52
CA LYS A 637 24.47 -11.99 -69.32
C LYS A 637 25.67 -12.42 -68.49
N VAL A 638 26.29 -11.47 -67.77
CA VAL A 638 27.41 -11.85 -66.92
C VAL A 638 26.96 -12.59 -65.67
N VAL A 639 25.67 -12.50 -65.30
CA VAL A 639 25.23 -13.25 -64.14
C VAL A 639 25.14 -14.73 -64.45
N GLU A 640 24.62 -15.09 -65.63
CA GLU A 640 24.38 -16.51 -65.93
C GLU A 640 25.66 -17.30 -66.11
N LYS A 641 26.83 -16.63 -66.20
CA LYS A 641 28.09 -17.36 -66.19
C LYS A 641 28.43 -17.90 -64.80
N GLY A 642 27.76 -17.42 -63.76
CA GLY A 642 27.94 -17.98 -62.43
C GLY A 642 28.42 -16.99 -61.38
N TYR A 643 28.33 -15.69 -61.67
CA TYR A 643 28.76 -14.65 -60.74
C TYR A 643 27.55 -14.19 -59.94
N ASN A 644 27.47 -14.60 -58.68
CA ASN A 644 26.35 -14.27 -57.82
C ASN A 644 26.69 -13.21 -56.79
N ASN A 645 27.49 -12.20 -57.15
CA ASN A 645 27.94 -11.20 -56.20
C ASN A 645 27.76 -9.79 -56.76
N ILE A 646 26.79 -9.61 -57.65
CA ILE A 646 26.52 -8.33 -58.27
C ILE A 646 25.24 -7.75 -57.68
N GLY A 647 25.15 -6.42 -57.72
CA GLY A 647 23.96 -5.72 -57.29
C GLY A 647 23.80 -4.44 -58.07
N VAL A 648 22.56 -3.98 -58.16
CA VAL A 648 22.20 -2.83 -58.99
C VAL A 648 21.83 -1.65 -58.11
N MET A 649 22.24 -0.46 -58.55
CA MET A 649 22.05 0.78 -57.79
C MET A 649 21.43 1.84 -58.70
N LEU A 650 20.29 2.40 -58.28
CA LEU A 650 19.57 3.39 -59.05
C LEU A 650 19.91 4.80 -58.57
N PRO A 651 20.27 5.73 -59.46
CA PRO A 651 20.60 7.08 -59.03
C PRO A 651 19.43 8.06 -59.11
N LEU A 652 19.43 8.99 -58.16
CA LEU A 652 18.51 10.15 -58.14
C LEU A 652 17.04 9.72 -58.10
N VAL A 653 16.67 9.08 -57.00
CA VAL A 653 15.32 8.60 -56.77
C VAL A 653 14.63 9.54 -55.78
N SER A 654 13.38 9.93 -56.09
CA SER A 654 12.61 10.73 -55.14
C SER A 654 11.13 10.36 -55.06
N HIS A 655 10.66 9.34 -55.80
CA HIS A 655 9.30 8.84 -55.69
C HIS A 655 9.36 7.32 -55.73
N PRO A 656 8.48 6.62 -55.01
CA PRO A 656 8.46 5.15 -55.10
C PRO A 656 8.03 4.63 -56.45
N GLU A 657 7.26 5.41 -57.21
CA GLU A 657 6.85 4.99 -58.54
C GLU A 657 8.04 4.70 -59.42
N GLN A 658 9.13 5.45 -59.25
CA GLN A 658 10.34 5.19 -60.02
C GLN A 658 10.90 3.81 -59.71
N ILE A 659 10.91 3.43 -58.43
CA ILE A 659 11.42 2.11 -58.04
C ILE A 659 10.54 1.01 -58.63
N ARG A 660 9.22 1.19 -58.58
CA ARG A 660 8.35 0.13 -59.10
C ARG A 660 8.45 0.00 -60.62
N GLU A 661 8.54 1.13 -61.34
CA GLU A 661 8.67 1.05 -62.79
C GLU A 661 10.00 0.44 -63.19
N ALA A 662 11.07 0.74 -62.45
CA ALA A 662 12.35 0.10 -62.74
C ALA A 662 12.29 -1.40 -62.50
N LYS A 663 11.63 -1.82 -61.41
CA LYS A 663 11.50 -3.24 -61.15
C LYS A 663 10.74 -3.95 -62.27
N ARG A 664 9.69 -3.31 -62.78
CA ARG A 664 8.92 -3.91 -63.87
C ARG A 664 9.76 -3.99 -65.15
N ILE A 665 10.43 -2.89 -65.51
CA ILE A 665 11.26 -2.89 -66.71
C ILE A 665 12.30 -3.98 -66.63
N ALA A 666 12.88 -4.19 -65.44
CA ALA A 666 13.90 -5.22 -65.30
C ALA A 666 13.30 -6.61 -65.38
N ARG A 667 12.10 -6.79 -64.82
CA ARG A 667 11.50 -8.12 -64.83
C ARG A 667 10.98 -8.51 -66.19
N GLU A 668 10.75 -7.57 -67.09
CA GLU A 668 10.27 -7.98 -68.42
C GLU A 668 11.34 -8.71 -69.23
N VAL A 669 12.62 -8.39 -69.05
CA VAL A 669 13.66 -8.96 -69.89
C VAL A 669 14.41 -10.11 -69.24
N GLY A 670 13.87 -10.69 -68.18
CA GLY A 670 14.41 -11.91 -67.61
C GLY A 670 15.10 -11.77 -66.28
N LEU A 671 15.70 -10.62 -65.98
CA LEU A 671 16.39 -10.42 -64.71
C LEU A 671 15.39 -10.40 -63.56
N GLU A 672 15.81 -10.93 -62.42
CA GLU A 672 14.94 -11.08 -61.26
C GLU A 672 15.54 -10.44 -60.02
N PRO A 673 14.96 -9.34 -59.52
CA PRO A 673 15.48 -8.73 -58.29
C PRO A 673 15.42 -9.68 -57.10
N HIS A 674 16.35 -9.49 -56.17
CA HIS A 674 16.43 -10.17 -54.87
C HIS A 674 16.68 -11.66 -54.99
N LYS A 675 16.79 -12.21 -56.20
CA LYS A 675 17.13 -13.61 -56.41
C LYS A 675 18.25 -13.83 -57.41
N ASP A 676 18.53 -12.86 -58.28
CA ASP A 676 19.70 -12.89 -59.14
C ASP A 676 20.71 -11.81 -58.81
N VAL A 677 20.25 -10.68 -58.25
CA VAL A 677 21.10 -9.55 -57.92
C VAL A 677 20.59 -8.94 -56.63
N ALA A 678 21.25 -7.87 -56.21
CA ALA A 678 20.77 -7.04 -55.11
C ALA A 678 20.17 -5.75 -55.65
N TRP A 679 19.18 -5.23 -54.93
CA TRP A 679 18.45 -4.05 -55.35
C TRP A 679 18.63 -2.96 -54.30
N GLY A 680 19.17 -1.81 -54.71
CA GLY A 680 19.41 -0.70 -53.81
C GLY A 680 19.29 0.62 -54.53
N VAL A 681 19.41 1.71 -53.77
CA VAL A 681 19.20 3.06 -54.30
C VAL A 681 20.29 4.00 -53.78
N MET A 682 20.31 5.20 -54.35
CA MET A 682 21.18 6.28 -53.93
C MET A 682 20.37 7.38 -53.26
N ILE A 683 20.97 8.02 -52.25
CA ILE A 683 20.32 9.08 -51.51
C ILE A 683 21.08 10.37 -51.79
N GLU A 684 20.51 11.22 -52.66
CA GLU A 684 21.14 12.49 -53.01
C GLU A 684 20.20 13.68 -52.96
N VAL A 685 18.89 13.50 -53.05
CA VAL A 685 17.96 14.62 -52.91
C VAL A 685 17.45 14.63 -51.48
N PRO A 686 17.24 15.81 -50.88
CA PRO A 686 16.73 15.85 -49.51
C PRO A 686 15.39 15.16 -49.32
N ALA A 687 14.54 15.16 -50.35
CA ALA A 687 13.25 14.49 -50.26
C ALA A 687 13.42 13.01 -49.96
N ALA A 688 14.36 12.36 -50.63
CA ALA A 688 14.57 10.93 -50.40
C ALA A 688 15.04 10.67 -48.97
N ALA A 689 15.85 11.57 -48.43
CA ALA A 689 16.29 11.43 -47.04
C ALA A 689 15.19 11.70 -46.04
N ILE A 690 14.13 12.43 -46.42
CA ILE A 690 13.09 12.77 -45.46
C ILE A 690 11.93 11.76 -45.44
N ILE A 691 11.69 11.05 -46.54
CA ILE A 691 10.60 10.06 -46.59
C ILE A 691 11.15 8.66 -46.80
N ILE A 692 12.31 8.38 -46.21
CA ILE A 692 13.05 7.14 -46.51
C ILE A 692 12.22 5.89 -46.25
N GLU A 693 11.28 5.94 -45.31
CA GLU A 693 10.51 4.75 -44.98
C GLU A 693 9.61 4.31 -46.12
N ASP A 694 9.03 5.27 -46.85
CA ASP A 694 8.22 4.93 -48.01
C ASP A 694 9.04 4.15 -49.03
N LEU A 695 10.27 4.59 -49.28
CA LEU A 695 11.14 3.87 -50.21
C LEU A 695 11.50 2.49 -49.68
N ILE A 696 11.74 2.38 -48.37
CA ILE A 696 12.09 1.09 -47.80
C ILE A 696 10.94 0.10 -47.94
N LYS A 697 9.71 0.58 -47.88
CA LYS A 697 8.56 -0.34 -47.95
C LYS A 697 8.33 -0.92 -49.34
N GLU A 698 9.18 -0.62 -50.33
CA GLU A 698 9.09 -1.23 -51.64
C GLU A 698 10.11 -2.35 -51.83
N GLY A 699 10.71 -2.85 -50.75
CA GLY A 699 11.64 -3.95 -50.85
C GLY A 699 12.97 -3.62 -51.49
N ILE A 700 13.82 -2.86 -50.79
CA ILE A 700 15.19 -2.66 -51.25
C ILE A 700 16.13 -3.43 -50.32
N ASP A 701 17.41 -3.49 -50.70
CA ASP A 701 18.37 -4.24 -49.90
C ASP A 701 19.47 -3.37 -49.31
N PHE A 702 19.82 -2.29 -49.99
CA PHE A 702 20.92 -1.44 -49.52
C PHE A 702 20.76 0.01 -49.91
N VAL A 703 21.45 0.90 -49.20
CA VAL A 703 21.37 2.33 -49.51
C VAL A 703 22.77 2.94 -49.45
N SER A 704 22.97 4.03 -50.18
CA SER A 704 24.28 4.68 -50.21
C SER A 704 24.13 6.19 -50.25
N PHE A 705 24.96 6.88 -49.47
CA PHE A 705 24.92 8.34 -49.36
C PHE A 705 25.84 8.98 -50.39
N GLY A 706 25.27 9.81 -51.27
CA GLY A 706 26.03 10.68 -52.14
C GLY A 706 26.27 12.06 -51.55
N THR A 707 27.22 12.19 -50.62
CA THR A 707 27.32 13.41 -49.82
C THR A 707 27.64 14.65 -50.65
N ASN A 708 28.25 14.48 -51.83
CA ASN A 708 28.49 15.62 -52.72
C ASN A 708 27.18 16.29 -53.12
N ASP A 709 26.32 15.53 -53.80
CA ASP A 709 25.06 16.08 -54.28
C ASP A 709 24.15 16.48 -53.13
N LEU A 710 24.15 15.70 -52.06
CA LEU A 710 23.30 16.04 -50.92
C LEU A 710 23.70 17.37 -50.30
N THR A 711 25.00 17.59 -50.10
CA THR A 711 25.45 18.86 -49.55
C THR A 711 25.16 20.01 -50.51
N GLN A 712 25.22 19.76 -51.81
CA GLN A 712 24.94 20.84 -52.73
C GLN A 712 23.47 21.21 -52.79
N TYR A 713 22.58 20.21 -52.82
CA TYR A 713 21.15 20.49 -52.88
C TYR A 713 20.58 20.97 -51.56
N THR A 714 21.22 20.67 -50.44
CA THR A 714 20.68 21.08 -49.16
C THR A 714 20.99 22.54 -48.85
N LEU A 715 22.17 23.02 -49.23
CA LEU A 715 22.57 24.39 -48.96
C LEU A 715 22.27 25.34 -50.11
N ALA A 716 21.69 24.85 -51.20
CA ALA A 716 21.36 25.65 -52.37
C ALA A 716 22.58 26.41 -52.87
N ILE A 717 23.59 25.65 -53.27
CA ILE A 717 24.91 26.21 -53.57
C ILE A 717 25.58 25.34 -54.61
N ASP A 718 26.19 25.97 -55.61
CA ASP A 718 27.02 25.28 -56.58
C ASP A 718 28.49 25.40 -56.16
N ARG A 719 29.20 24.29 -56.25
CA ARG A 719 30.58 24.25 -55.77
C ARG A 719 31.57 24.75 -56.81
N ASP A 720 31.25 24.59 -58.10
CA ASP A 720 32.12 25.06 -59.16
C ASP A 720 32.14 26.58 -59.27
N ASN A 721 31.15 27.27 -58.73
CA ASN A 721 31.09 28.72 -58.79
C ASN A 721 32.08 29.32 -57.80
N GLU A 722 32.94 30.21 -58.30
CA GLU A 722 34.04 30.76 -57.51
C GLU A 722 33.54 31.61 -56.35
N ARG A 723 32.40 32.29 -56.55
CA ARG A 723 31.97 33.30 -55.59
C ARG A 723 31.26 32.72 -54.38
N VAL A 724 30.67 31.53 -54.49
CA VAL A 724 29.94 30.93 -53.38
C VAL A 724 30.49 29.57 -52.95
N ALA A 725 31.65 29.16 -53.45
CA ALA A 725 32.24 27.90 -53.01
C ALA A 725 32.91 28.01 -51.65
N LYS A 726 32.97 29.20 -51.08
CA LYS A 726 33.52 29.37 -49.73
C LYS A 726 32.56 28.91 -48.64
N LEU A 727 31.33 28.56 -48.98
CA LEU A 727 30.36 28.12 -48.00
C LEU A 727 30.18 26.61 -47.96
N TYR A 728 30.73 25.90 -48.96
CA TYR A 728 30.62 24.44 -49.01
C TYR A 728 31.25 23.80 -47.78
N ASP A 729 30.55 22.80 -47.23
CA ASP A 729 31.01 22.09 -46.05
C ASP A 729 30.20 20.80 -45.87
N GLU A 730 30.87 19.66 -45.80
CA GLU A 730 30.18 18.37 -45.72
C GLU A 730 29.93 17.91 -44.30
N THR A 731 30.40 18.65 -43.30
CA THR A 731 30.06 18.40 -41.91
C THR A 731 29.17 19.50 -41.34
N HIS A 732 28.30 20.05 -42.17
CA HIS A 732 27.32 21.03 -41.71
C HIS A 732 26.22 20.31 -40.92
N PRO A 733 25.72 20.93 -39.84
CA PRO A 733 24.75 20.25 -38.97
C PRO A 733 23.53 19.66 -39.67
N ALA A 734 23.05 20.27 -40.75
CA ALA A 734 21.81 19.79 -41.36
C ALA A 734 22.03 18.46 -42.06
N VAL A 735 23.13 18.33 -42.80
CA VAL A 735 23.46 17.07 -43.46
C VAL A 735 23.62 15.96 -42.43
N LEU A 736 24.21 16.28 -41.28
CA LEU A 736 24.42 15.27 -40.25
C LEU A 736 23.11 14.84 -39.62
N LYS A 737 22.19 15.77 -39.39
CA LYS A 737 20.84 15.40 -38.94
C LYS A 737 20.18 14.44 -39.93
N LEU A 738 20.27 14.74 -41.22
CA LEU A 738 19.64 13.88 -42.22
C LEU A 738 20.24 12.49 -42.23
N ILE A 739 21.58 12.41 -42.18
CA ILE A 739 22.27 11.12 -42.18
C ILE A 739 21.89 10.30 -40.95
N LYS A 740 21.84 10.95 -39.78
CA LYS A 740 21.48 10.24 -38.55
C LYS A 740 20.07 9.67 -38.64
N HIS A 741 19.12 10.45 -39.15
CA HIS A 741 17.75 9.95 -39.30
C HIS A 741 17.70 8.73 -40.21
N VAL A 742 18.33 8.82 -41.37
CA VAL A 742 18.30 7.70 -42.31
C VAL A 742 18.89 6.44 -41.67
N ILE A 743 20.08 6.56 -41.07
CA ILE A 743 20.74 5.40 -40.48
C ILE A 743 19.85 4.77 -39.43
N LYS A 744 19.26 5.58 -38.54
CA LYS A 744 18.34 5.06 -37.54
C LYS A 744 17.25 4.21 -38.17
N VAL A 745 16.59 4.73 -39.20
CA VAL A 745 15.41 4.04 -39.73
C VAL A 745 15.79 2.72 -40.39
N CYS A 746 16.82 2.72 -41.25
CA CYS A 746 17.08 1.46 -41.94
C CYS A 746 17.78 0.46 -41.04
N LYS A 747 18.50 0.92 -40.01
CA LYS A 747 18.89 0.02 -38.93
C LYS A 747 17.67 -0.67 -38.34
N ARG A 748 16.63 0.09 -38.02
CA ARG A 748 15.40 -0.51 -37.51
C ARG A 748 14.79 -1.53 -38.47
N TYR A 749 14.89 -1.31 -39.77
CA TYR A 749 14.24 -2.22 -40.73
C TYR A 749 15.15 -3.32 -41.28
N GLY A 750 16.41 -3.39 -40.86
CA GLY A 750 17.27 -4.45 -41.33
C GLY A 750 17.92 -4.23 -42.68
N VAL A 751 18.17 -2.99 -43.06
CA VAL A 751 18.79 -2.65 -44.33
C VAL A 751 20.22 -2.20 -44.08
N GLU A 752 21.08 -2.42 -45.07
CA GLU A 752 22.49 -2.07 -44.97
C GLU A 752 22.76 -0.68 -45.51
N THR A 753 23.63 0.07 -44.83
CA THR A 753 23.97 1.44 -45.18
C THR A 753 25.44 1.55 -45.59
N SER A 754 25.74 2.54 -46.43
CA SER A 754 27.09 2.77 -46.89
C SER A 754 27.22 4.23 -47.32
N ILE A 755 28.44 4.64 -47.65
CA ILE A 755 28.71 5.98 -48.14
C ILE A 755 29.83 5.96 -49.16
N CYS A 756 29.58 6.53 -50.32
CA CYS A 756 30.59 6.78 -51.34
C CYS A 756 30.81 8.29 -51.48
N GLY A 757 31.77 8.67 -52.30
CA GLY A 757 32.02 10.07 -52.56
C GLY A 757 33.44 10.46 -52.19
N GLN A 758 33.64 11.77 -52.08
CA GLN A 758 34.94 12.31 -51.68
C GLN A 758 35.08 12.42 -50.17
N ALA A 759 33.97 12.41 -49.43
CA ALA A 759 34.03 12.42 -47.97
C ALA A 759 34.15 11.03 -47.38
N GLY A 760 34.18 10.00 -48.23
CA GLY A 760 34.58 8.68 -47.76
C GLY A 760 36.06 8.56 -47.52
N SER A 761 36.86 9.48 -48.06
CA SER A 761 38.30 9.50 -47.88
C SER A 761 38.76 10.61 -46.95
N ASP A 762 37.99 10.88 -45.90
CA ASP A 762 38.32 11.91 -44.92
C ASP A 762 38.33 11.31 -43.51
N PRO A 763 39.41 11.48 -42.75
CA PRO A 763 39.45 10.89 -41.40
C PRO A 763 38.41 11.43 -40.43
N LYS A 764 38.10 12.72 -40.48
CA LYS A 764 37.14 13.30 -39.55
C LYS A 764 35.73 12.76 -39.80
N MET A 765 35.33 12.73 -41.06
CA MET A 765 34.03 12.14 -41.41
C MET A 765 33.99 10.67 -41.04
N ALA A 766 35.09 9.95 -41.25
CA ALA A 766 35.14 8.54 -40.88
C ALA A 766 34.88 8.35 -39.39
N ARG A 767 35.47 9.21 -38.55
CA ARG A 767 35.24 9.10 -37.12
C ARG A 767 33.78 9.39 -36.76
N ILE A 768 33.22 10.46 -37.33
CA ILE A 768 31.80 10.78 -37.09
C ILE A 768 30.92 9.59 -37.46
N LEU A 769 31.17 9.00 -38.63
CA LEU A 769 30.29 7.97 -39.16
C LEU A 769 30.43 6.67 -38.40
N VAL A 770 31.63 6.35 -37.93
CA VAL A 770 31.79 5.14 -37.12
C VAL A 770 31.14 5.32 -35.76
N ARG A 771 31.18 6.53 -35.19
CA ARG A 771 30.47 6.74 -33.94
C ARG A 771 28.96 6.69 -34.10
N LEU A 772 28.44 7.05 -35.29
CA LEU A 772 27.00 6.92 -35.49
C LEU A 772 26.56 5.49 -35.76
N GLY A 773 27.36 4.70 -36.48
CA GLY A 773 27.01 3.30 -36.67
C GLY A 773 26.79 2.87 -38.10
N ILE A 774 27.51 3.46 -39.05
CA ILE A 774 27.37 3.05 -40.44
C ILE A 774 27.98 1.66 -40.64
N ASP A 775 27.54 0.97 -41.68
CA ASP A 775 27.96 -0.39 -41.93
C ASP A 775 29.19 -0.49 -42.83
N SER A 776 29.42 0.49 -43.71
CA SER A 776 30.56 0.42 -44.63
C SER A 776 31.00 1.83 -45.02
N ILE A 777 32.23 1.91 -45.53
CA ILE A 777 32.82 3.13 -46.06
C ILE A 777 33.56 2.78 -47.35
N SER A 778 33.47 3.66 -48.35
CA SER A 778 34.04 3.44 -49.67
C SER A 778 35.09 4.52 -49.95
N ALA A 779 36.33 4.12 -50.16
CA ALA A 779 37.46 5.04 -50.27
C ALA A 779 38.09 4.98 -51.65
N ASN A 780 38.85 6.02 -51.97
CA ASN A 780 39.60 6.05 -53.21
C ASN A 780 40.73 5.02 -53.17
N PRO A 781 41.15 4.49 -54.32
CA PRO A 781 42.11 3.38 -54.32
C PRO A 781 43.43 3.66 -53.60
N ASP A 782 43.77 4.92 -53.35
CA ASP A 782 45.01 5.24 -52.64
C ASP A 782 44.78 5.81 -51.25
N ALA A 783 43.63 5.52 -50.64
CA ALA A 783 43.32 5.97 -49.29
C ALA A 783 42.75 4.86 -48.42
N VAL A 784 42.92 3.60 -48.82
CA VAL A 784 42.27 2.50 -48.10
C VAL A 784 42.97 2.23 -46.77
N GLN A 785 44.30 2.35 -46.75
CA GLN A 785 45.07 2.01 -45.55
C GLN A 785 44.87 3.04 -44.45
N LEU A 786 44.86 4.32 -44.82
CA LEU A 786 44.63 5.38 -43.85
C LEU A 786 43.28 5.24 -43.18
N ILE A 787 42.23 5.01 -43.99
CA ILE A 787 40.89 4.87 -43.43
C ILE A 787 40.80 3.62 -42.57
N ARG A 788 41.48 2.55 -42.99
CA ARG A 788 41.52 1.33 -42.19
C ARG A 788 42.08 1.59 -40.79
N GLN A 789 43.19 2.32 -40.70
CA GLN A 789 43.77 2.65 -39.40
C GLN A 789 42.85 3.55 -38.56
N VAL A 790 42.27 4.58 -39.17
CA VAL A 790 41.36 5.47 -38.43
C VAL A 790 40.18 4.68 -37.86
N VAL A 791 39.62 3.76 -38.64
CA VAL A 791 38.46 3.01 -38.19
C VAL A 791 38.83 2.07 -37.06
N ALA A 792 39.99 1.40 -37.16
CA ALA A 792 40.44 0.53 -36.08
C ALA A 792 40.58 1.27 -34.76
N GLN A 793 41.22 2.46 -34.80
CA GLN A 793 41.40 3.22 -33.57
C GLN A 793 40.05 3.64 -32.96
N GLU A 794 39.12 4.10 -33.80
CA GLU A 794 37.81 4.51 -33.28
C GLU A 794 37.08 3.36 -32.61
N GLU A 795 37.15 2.16 -33.20
CA GLU A 795 36.47 1.01 -32.60
C GLU A 795 37.06 0.64 -31.25
N ARG A 796 38.40 0.63 -31.13
CA ARG A 796 38.99 0.33 -29.83
C ARG A 796 38.60 1.37 -28.78
N LYS A 797 38.53 2.64 -29.17
CA LYS A 797 38.06 3.68 -28.25
C LYS A 797 36.66 3.38 -27.73
N LEU A 798 35.73 3.05 -28.63
CA LEU A 798 34.37 2.77 -28.20
C LEU A 798 34.31 1.61 -27.21
N MET A 799 35.04 0.53 -27.49
CA MET A 799 35.04 -0.63 -26.60
C MET A 799 35.59 -0.27 -25.22
N LEU A 800 36.66 0.52 -25.18
CA LEU A 800 37.22 0.92 -23.89
C LEU A 800 36.23 1.75 -23.09
N GLU A 801 35.52 2.67 -23.74
CA GLU A 801 34.53 3.49 -23.05
C GLU A 801 33.44 2.63 -22.42
N ALA A 802 32.95 1.62 -23.14
CA ALA A 802 31.90 0.79 -22.58
C ALA A 802 32.41 -0.04 -21.41
N ALA A 803 33.65 -0.54 -21.51
CA ALA A 803 34.23 -1.28 -20.39
C ALA A 803 34.35 -0.43 -19.14
N ARG A 804 34.80 0.83 -19.30
CA ARG A 804 34.94 1.71 -18.15
C ARG A 804 33.59 2.04 -17.52
N LYS A 805 32.58 2.29 -18.35
CA LYS A 805 31.26 2.55 -17.79
C LYS A 805 30.74 1.35 -17.02
N GLN A 806 31.01 0.14 -17.50
CA GLN A 806 30.54 -1.05 -16.79
C GLN A 806 31.28 -1.25 -15.48
N LEU A 807 32.59 -1.00 -15.45
CA LEU A 807 33.37 -1.31 -14.26
C LEU A 807 33.13 -0.31 -13.13
N GLY B 506 53.48 -7.18 -40.33
CA GLY B 506 52.88 -6.45 -41.43
C GLY B 506 51.82 -5.46 -40.97
N ALA B 507 51.16 -5.78 -39.88
CA ALA B 507 50.14 -4.90 -39.32
C ALA B 507 50.69 -4.19 -38.09
N PRO B 508 50.57 -2.88 -37.99
CA PRO B 508 51.03 -2.17 -36.79
C PRO B 508 50.18 -2.50 -35.57
N LEU B 509 50.70 -2.10 -34.41
CA LEU B 509 49.97 -2.28 -33.16
C LEU B 509 49.02 -1.10 -32.96
N VAL B 510 47.78 -1.40 -32.56
CA VAL B 510 46.69 -0.43 -32.52
C VAL B 510 46.14 -0.33 -31.10
N THR B 511 46.12 0.87 -30.56
CA THR B 511 45.61 1.14 -29.22
C THR B 511 44.54 2.21 -29.29
N GLY B 512 43.63 2.19 -28.31
CA GLY B 512 42.62 3.23 -28.25
C GLY B 512 43.19 4.54 -27.77
N THR B 513 44.01 4.50 -26.72
CA THR B 513 44.74 5.68 -26.28
C THR B 513 45.79 6.07 -27.31
N MET B 514 45.93 7.37 -27.54
CA MET B 514 46.90 7.88 -28.49
C MET B 514 48.27 8.01 -27.84
N VAL B 515 49.30 7.57 -28.56
CA VAL B 515 50.69 7.71 -28.13
C VAL B 515 51.36 8.67 -29.11
N LYS B 516 51.83 9.80 -28.61
CA LYS B 516 52.48 10.82 -29.41
C LYS B 516 53.96 10.91 -29.04
N VAL B 517 54.67 11.89 -29.61
CA VAL B 517 56.11 12.00 -29.48
C VAL B 517 56.48 13.45 -29.18
N ASN B 518 57.61 13.63 -28.50
CA ASN B 518 58.07 14.94 -28.04
C ASN B 518 59.21 15.43 -28.91
N VAL B 519 58.96 16.45 -29.73
CA VAL B 519 59.92 16.96 -30.69
C VAL B 519 60.62 18.18 -30.08
N SER B 520 61.96 18.16 -30.10
CA SER B 520 62.73 19.23 -29.47
C SER B 520 63.20 20.28 -30.46
N MET B 521 63.74 19.87 -31.60
CA MET B 521 64.25 20.75 -32.64
C MET B 521 63.58 20.39 -33.95
N PRO B 522 63.62 21.29 -34.94
CA PRO B 522 63.03 20.97 -36.25
C PRO B 522 63.90 20.06 -37.11
N GLU B 523 65.05 19.64 -36.58
CA GLU B 523 65.94 18.76 -37.34
C GLU B 523 65.74 17.29 -37.03
N VAL B 524 65.36 16.95 -35.79
CA VAL B 524 64.93 15.60 -35.48
C VAL B 524 63.41 15.51 -35.66
N ALA B 525 62.99 15.35 -36.91
CA ALA B 525 61.58 15.27 -37.25
C ALA B 525 61.24 14.12 -38.19
N GLU B 526 62.23 13.57 -38.90
CA GLU B 526 61.99 12.38 -39.70
C GLU B 526 62.20 11.11 -38.88
N ARG B 527 63.24 11.10 -38.04
CA ARG B 527 63.41 9.98 -37.11
C ARG B 527 62.24 9.90 -36.14
N ALA B 528 61.53 11.00 -35.92
CA ALA B 528 60.37 10.98 -35.04
C ALA B 528 59.12 10.55 -35.78
N ALA B 529 58.96 10.99 -37.04
CA ALA B 529 57.83 10.56 -37.84
C ALA B 529 57.95 9.10 -38.26
N ALA B 530 59.14 8.51 -38.13
CA ALA B 530 59.34 7.12 -38.47
C ALA B 530 59.10 6.18 -37.30
N THR B 531 58.59 6.68 -36.18
CA THR B 531 58.37 5.83 -35.01
C THR B 531 56.96 5.27 -34.96
N GLY B 532 56.04 5.79 -35.77
CA GLY B 532 54.67 5.37 -35.71
C GLY B 532 53.81 6.10 -34.71
N ALA B 533 54.19 7.32 -34.35
CA ALA B 533 53.42 8.11 -33.39
C ALA B 533 52.14 8.64 -34.04
N ASP B 534 51.21 9.08 -33.19
CA ASP B 534 49.92 9.57 -33.64
C ASP B 534 49.91 11.09 -33.79
N GLY B 535 51.04 11.73 -33.60
CA GLY B 535 51.13 13.18 -33.72
C GLY B 535 52.30 13.68 -32.89
N VAL B 536 52.44 15.00 -32.86
CA VAL B 536 53.40 15.66 -32.00
C VAL B 536 52.66 16.18 -30.77
N GLY B 537 53.24 15.96 -29.60
CA GLY B 537 52.60 16.36 -28.38
C GLY B 537 53.13 17.65 -27.82
N LEU B 538 54.39 17.96 -28.15
CA LEU B 538 55.01 19.20 -27.68
C LEU B 538 56.19 19.52 -28.58
N LEU B 539 56.11 20.64 -29.30
CA LEU B 539 57.21 21.18 -30.07
C LEU B 539 57.64 22.50 -29.44
N ARG B 540 58.85 22.52 -28.88
CA ARG B 540 59.33 23.70 -28.17
C ARG B 540 59.95 24.71 -29.13
N ALA B 541 59.92 25.97 -28.72
CA ALA B 541 60.40 27.07 -29.54
C ALA B 541 61.68 27.70 -29.02
N GLU B 542 62.20 27.24 -27.88
CA GLU B 542 63.40 27.81 -27.29
C GLU B 542 64.55 27.81 -28.29
N HIS B 543 64.76 26.69 -28.98
CA HIS B 543 65.85 26.60 -29.95
C HIS B 543 65.63 27.54 -31.12
N MET B 544 64.46 27.47 -31.74
CA MET B 544 64.19 28.23 -32.95
C MET B 544 64.25 29.73 -32.72
N ILE B 545 64.10 30.17 -31.47
CA ILE B 545 64.16 31.60 -31.19
C ILE B 545 65.52 32.04 -30.68
N LEU B 546 66.11 31.30 -29.75
CA LEU B 546 67.41 31.65 -29.19
C LEU B 546 68.57 31.18 -30.05
N SER B 547 68.35 30.95 -31.34
CA SER B 547 69.41 30.48 -32.22
C SER B 547 70.08 31.61 -33.00
N ILE B 548 69.58 32.84 -32.89
CA ILE B 548 70.08 33.95 -33.68
C ILE B 548 71.20 34.67 -32.94
N GLY B 549 71.67 34.08 -31.84
CA GLY B 549 72.77 34.65 -31.07
C GLY B 549 72.56 36.08 -30.64
N GLN B 550 71.33 36.45 -30.27
CA GLN B 550 71.00 37.82 -29.96
C GLN B 550 69.75 37.86 -29.09
N HIS B 551 69.65 38.87 -28.24
CA HIS B 551 68.45 39.07 -27.44
C HIS B 551 67.29 39.45 -28.35
N PRO B 552 66.19 38.69 -28.34
CA PRO B 552 65.08 38.99 -29.27
C PRO B 552 64.50 40.39 -29.09
N ILE B 553 64.36 40.87 -27.86
CA ILE B 553 63.88 42.24 -27.66
C ILE B 553 64.86 43.23 -28.27
N LYS B 554 66.16 42.98 -28.09
CA LYS B 554 67.18 43.78 -28.77
C LYS B 554 67.11 43.57 -30.28
N PHE B 555 66.79 42.36 -30.72
CA PHE B 555 66.75 42.06 -32.14
C PHE B 555 65.65 42.83 -32.85
N ILE B 556 64.56 43.13 -32.14
CA ILE B 556 63.44 43.82 -32.79
C ILE B 556 63.51 45.33 -32.63
N LYS B 557 64.23 45.78 -31.60
CA LYS B 557 64.42 47.21 -31.42
C LYS B 557 65.34 47.61 -32.55
N GLU B 558 66.40 46.84 -32.75
CA GLU B 558 67.29 47.10 -33.88
C GLU B 558 66.39 47.14 -35.09
N GLY B 559 65.45 46.21 -35.15
CA GLY B 559 64.48 46.22 -36.23
C GLY B 559 64.60 45.16 -37.29
N LYS B 560 64.79 43.90 -36.91
CA LYS B 560 64.80 42.88 -37.95
C LYS B 560 63.70 41.89 -37.63
N GLU B 561 62.45 42.31 -37.83
CA GLU B 561 61.32 41.45 -37.47
C GLU B 561 61.06 40.38 -38.51
N GLU B 562 61.07 40.73 -39.79
CA GLU B 562 60.64 39.80 -40.82
C GLU B 562 61.59 38.62 -40.96
N GLU B 563 62.87 38.83 -40.70
CA GLU B 563 63.83 37.74 -40.75
C GLU B 563 63.49 36.66 -39.73
N LEU B 564 63.33 37.06 -38.47
CA LEU B 564 62.94 36.13 -37.41
C LEU B 564 61.61 35.48 -37.72
N VAL B 565 60.65 36.26 -38.22
CA VAL B 565 59.33 35.71 -38.54
C VAL B 565 59.45 34.59 -39.56
N GLU B 566 60.10 34.86 -40.69
CA GLU B 566 60.16 33.87 -41.75
C GLU B 566 61.03 32.67 -41.36
N LYS B 567 62.03 32.88 -40.51
CA LYS B 567 62.81 31.75 -40.02
C LYS B 567 61.94 30.82 -39.17
N LEU B 568 61.19 31.39 -38.23
CA LEU B 568 60.21 30.60 -37.49
C LEU B 568 59.26 29.88 -38.44
N ALA B 569 58.84 30.58 -39.50
CA ALA B 569 57.87 30.02 -40.42
C ALA B 569 58.39 28.74 -41.07
N GLU B 570 59.62 28.78 -41.59
CA GLU B 570 60.14 27.58 -42.23
C GLU B 570 60.43 26.49 -41.19
N GLY B 571 60.92 26.87 -40.01
CA GLY B 571 61.13 25.88 -38.95
C GLY B 571 59.86 25.13 -38.58
N ILE B 572 58.74 25.84 -38.52
CA ILE B 572 57.46 25.22 -38.18
C ILE B 572 56.90 24.41 -39.34
N GLU B 573 57.02 24.91 -40.57
CA GLU B 573 56.45 24.20 -41.71
C GLU B 573 57.16 22.88 -41.95
N LYS B 574 58.45 22.82 -41.67
CA LYS B 574 59.17 21.55 -41.79
C LYS B 574 58.50 20.45 -40.96
N VAL B 575 58.28 20.72 -39.67
CA VAL B 575 57.65 19.76 -38.78
C VAL B 575 56.20 19.51 -39.18
N ALA B 576 55.48 20.56 -39.53
CA ALA B 576 54.08 20.40 -39.89
C ALA B 576 53.90 19.53 -41.12
N ALA B 577 54.86 19.55 -42.05
CA ALA B 577 54.75 18.77 -43.27
C ALA B 577 55.34 17.37 -43.14
N ALA B 578 56.13 17.12 -42.09
CA ALA B 578 56.60 15.75 -41.85
C ALA B 578 55.45 14.93 -41.27
N PHE B 579 54.58 15.55 -40.49
CA PHE B 579 53.41 14.86 -39.96
C PHE B 579 52.16 15.63 -40.32
N TYR B 580 51.74 15.57 -41.57
CA TYR B 580 50.56 16.32 -42.03
C TYR B 580 49.21 15.79 -41.58
N PRO B 581 48.81 14.60 -42.08
CA PRO B 581 47.47 14.22 -41.58
C PRO B 581 47.39 14.27 -40.06
N ARG B 582 48.52 14.18 -39.35
CA ARG B 582 48.52 14.14 -37.89
C ARG B 582 48.67 15.50 -37.24
N PRO B 583 48.05 15.69 -36.07
CA PRO B 583 48.14 16.96 -35.34
C PRO B 583 49.53 17.23 -34.81
N VAL B 584 49.84 18.52 -34.66
CA VAL B 584 51.08 19.00 -34.05
C VAL B 584 50.74 20.15 -33.12
N TRP B 585 51.29 20.13 -31.91
CA TRP B 585 51.01 21.13 -30.89
C TRP B 585 52.28 21.91 -30.55
N TYR B 586 52.17 23.23 -30.54
CA TYR B 586 53.31 24.14 -30.43
C TYR B 586 53.12 25.06 -29.23
N ARG B 587 54.16 25.16 -28.39
CA ARG B 587 54.10 25.91 -27.14
C ARG B 587 54.94 27.18 -27.24
N THR B 588 54.34 28.32 -26.94
CA THR B 588 55.03 29.60 -27.06
C THR B 588 56.19 29.68 -26.07
N LEU B 589 57.03 30.69 -26.27
CA LEU B 589 58.33 30.78 -25.61
C LEU B 589 58.19 30.75 -24.09
N ASP B 590 59.11 30.04 -23.44
CA ASP B 590 59.08 29.91 -21.98
C ASP B 590 60.50 29.58 -21.52
N ALA B 591 61.14 30.54 -20.86
CA ALA B 591 62.49 30.36 -20.33
C ALA B 591 62.69 31.33 -19.20
N PRO B 592 63.50 30.99 -18.20
CA PRO B 592 63.71 31.89 -17.05
C PRO B 592 64.46 33.15 -17.44
N THR B 593 64.70 34.04 -16.47
CA THR B 593 65.41 35.27 -16.75
C THR B 593 66.91 35.08 -16.83
N ASN B 594 67.47 34.07 -16.16
CA ASN B 594 68.88 33.77 -16.27
C ASN B 594 69.20 32.96 -17.52
N GLU B 595 68.30 32.95 -18.49
CA GLU B 595 68.56 32.43 -19.82
C GLU B 595 68.70 33.53 -20.86
N PHE B 596 68.08 34.69 -20.61
CA PHE B 596 68.26 35.84 -21.48
C PHE B 596 69.49 36.66 -21.09
N ARG B 597 70.03 36.43 -19.90
CA ARG B 597 71.19 37.17 -19.44
C ARG B 597 72.46 36.78 -20.17
N GLU B 598 72.50 35.59 -20.77
CA GLU B 598 73.73 35.02 -21.29
C GLU B 598 73.84 35.16 -22.81
N MET B 599 73.13 36.11 -23.38
CA MET B 599 73.16 36.34 -24.81
C MET B 599 73.68 37.74 -25.13
N PRO B 600 74.21 37.94 -26.36
CA PRO B 600 74.62 39.32 -26.69
C PRO B 600 73.43 40.27 -26.60
N GLY B 601 73.49 41.23 -25.69
CA GLY B 601 72.38 42.15 -25.51
C GLY B 601 71.74 41.92 -24.17
N GLY B 602 72.12 40.84 -23.50
CA GLY B 602 71.58 40.53 -22.20
C GLY B 602 72.46 41.11 -21.12
N GLU B 603 72.35 42.41 -20.89
CA GLU B 603 73.16 43.06 -19.86
C GLU B 603 72.24 43.69 -18.84
N ASP B 604 71.03 44.03 -19.26
CA ASP B 604 70.07 44.59 -18.34
C ASP B 604 69.28 43.43 -17.77
N GLU B 605 69.55 43.05 -16.53
CA GLU B 605 68.85 41.91 -15.93
C GLU B 605 68.55 42.15 -14.44
N PRO B 606 67.76 41.27 -13.82
CA PRO B 606 67.38 41.51 -12.43
C PRO B 606 68.15 40.66 -11.42
N GLU B 607 68.85 39.62 -11.88
CA GLU B 607 69.52 38.73 -10.95
C GLU B 607 68.62 38.42 -9.77
N GLU B 608 67.44 37.85 -10.04
CA GLU B 608 66.48 37.56 -8.98
C GLU B 608 66.95 36.48 -8.02
N ARG B 609 66.27 36.36 -6.89
CA ARG B 609 66.65 35.33 -5.92
C ARG B 609 65.85 34.04 -6.14
N ASN B 610 64.75 34.12 -6.89
CA ASN B 610 63.96 32.93 -7.20
C ASN B 610 63.42 32.94 -8.63
N PRO B 611 64.24 32.54 -9.62
CA PRO B 611 63.77 32.62 -11.01
C PRO B 611 62.69 31.61 -11.36
N MET B 612 62.39 30.66 -10.48
CA MET B 612 61.30 29.72 -10.73
C MET B 612 59.94 30.32 -10.46
N LEU B 613 59.85 31.29 -9.55
CA LEU B 613 58.61 31.95 -9.20
C LEU B 613 58.59 33.39 -9.70
N GLY B 614 59.23 33.64 -10.84
CA GLY B 614 59.41 35.01 -11.29
C GLY B 614 58.74 35.36 -12.60
N TRP B 615 59.41 36.22 -13.37
CA TRP B 615 58.85 36.83 -14.58
C TRP B 615 59.22 35.95 -15.76
N ARG B 616 58.30 35.07 -16.15
CA ARG B 616 58.54 34.14 -17.23
C ARG B 616 57.20 33.69 -17.80
N GLY B 617 57.27 32.94 -18.90
CA GLY B 617 56.07 32.39 -19.48
C GLY B 617 55.14 33.46 -20.03
N ILE B 618 53.84 33.14 -20.01
CA ILE B 618 52.85 34.03 -20.58
C ILE B 618 52.74 35.36 -19.83
N ARG B 619 53.20 35.44 -18.58
CA ARG B 619 53.26 36.72 -17.90
C ARG B 619 54.18 37.68 -18.65
N ARG B 620 55.46 37.33 -18.75
CA ARG B 620 56.39 38.11 -19.55
C ARG B 620 55.88 38.30 -20.96
N GLY B 621 55.26 37.27 -21.53
CA GLY B 621 54.76 37.38 -22.89
C GLY B 621 53.73 38.48 -23.06
N LEU B 622 52.80 38.57 -22.11
CA LEU B 622 51.77 39.60 -22.18
C LEU B 622 52.30 40.97 -21.78
N ASP B 623 53.41 41.03 -21.05
CA ASP B 623 54.01 42.33 -20.77
C ASP B 623 54.60 42.96 -22.02
N GLN B 624 55.25 42.15 -22.87
CA GLN B 624 55.88 42.62 -24.10
C GLN B 624 55.22 41.93 -25.29
N PRO B 625 54.10 42.47 -25.77
CA PRO B 625 53.29 41.74 -26.76
C PRO B 625 53.94 41.56 -28.13
N GLU B 626 55.17 42.01 -28.31
CA GLU B 626 55.79 41.91 -29.63
C GLU B 626 56.21 40.48 -29.94
N LEU B 627 56.67 39.74 -28.93
CA LEU B 627 57.01 38.33 -29.14
C LEU B 627 55.78 37.54 -29.56
N LEU B 628 54.66 37.77 -28.88
CA LEU B 628 53.41 37.12 -29.25
C LEU B 628 53.00 37.51 -30.66
N ARG B 629 53.12 38.79 -31.00
CA ARG B 629 52.79 39.26 -32.35
C ARG B 629 53.58 38.50 -33.40
N ALA B 630 54.90 38.38 -33.20
CA ALA B 630 55.75 37.74 -34.18
C ALA B 630 55.43 36.25 -34.31
N GLU B 631 55.24 35.58 -33.18
CA GLU B 631 54.96 34.14 -33.23
C GLU B 631 53.61 33.87 -33.90
N PHE B 632 52.59 34.67 -33.59
CA PHE B 632 51.30 34.48 -34.24
C PHE B 632 51.37 34.80 -35.71
N LYS B 633 52.20 35.77 -36.10
CA LYS B 633 52.41 36.07 -37.51
C LYS B 633 52.98 34.86 -38.24
N ALA B 634 54.05 34.27 -37.69
CA ALA B 634 54.65 33.11 -38.33
C ALA B 634 53.69 31.93 -38.40
N ILE B 635 52.90 31.73 -37.34
CA ILE B 635 51.95 30.62 -37.34
C ILE B 635 50.92 30.80 -38.42
N LYS B 636 50.32 32.00 -38.52
CA LYS B 636 49.37 32.26 -39.61
C LYS B 636 50.04 32.11 -40.97
N LYS B 637 51.32 32.48 -41.06
CA LYS B 637 52.05 32.38 -42.30
C LYS B 637 52.11 30.94 -42.79
N VAL B 638 52.51 30.01 -41.91
CA VAL B 638 52.53 28.61 -42.32
C VAL B 638 51.14 28.02 -42.40
N VAL B 639 50.14 28.65 -41.77
CA VAL B 639 48.79 28.11 -41.89
C VAL B 639 48.22 28.37 -43.27
N GLU B 640 48.44 29.56 -43.83
CA GLU B 640 47.80 29.92 -45.09
C GLU B 640 48.35 29.13 -46.28
N LYS B 641 49.46 28.41 -46.10
CA LYS B 641 49.92 27.51 -47.15
C LYS B 641 49.04 26.26 -47.26
N GLY B 642 48.21 25.99 -46.26
CA GLY B 642 47.25 24.90 -46.35
C GLY B 642 47.38 23.84 -45.29
N TYR B 643 48.12 24.13 -44.21
CA TYR B 643 48.32 23.19 -43.12
C TYR B 643 47.27 23.47 -42.04
N ASN B 644 46.27 22.61 -41.95
CA ASN B 644 45.19 22.78 -40.99
C ASN B 644 45.27 21.83 -39.82
N ASN B 645 46.48 21.55 -39.32
CA ASN B 645 46.68 20.58 -38.25
C ASN B 645 47.56 21.12 -37.15
N ILE B 646 47.57 22.44 -36.97
CA ILE B 646 48.38 23.11 -35.97
C ILE B 646 47.48 23.59 -34.84
N GLY B 647 48.07 23.70 -33.65
CA GLY B 647 47.38 24.24 -32.50
C GLY B 647 48.37 24.93 -31.59
N VAL B 648 47.85 25.87 -30.80
CA VAL B 648 48.66 26.74 -29.96
C VAL B 648 48.45 26.39 -28.49
N MET B 649 49.54 26.44 -27.73
CA MET B 649 49.55 26.05 -26.32
C MET B 649 50.20 27.16 -25.50
N LEU B 650 49.49 27.66 -24.49
CA LEU B 650 49.97 28.75 -23.63
C LEU B 650 50.55 28.18 -22.35
N PRO B 651 51.77 28.59 -21.95
CA PRO B 651 52.36 28.08 -20.72
C PRO B 651 52.12 28.97 -19.51
N LEU B 652 51.98 28.31 -18.35
CA LEU B 652 51.94 28.96 -17.03
C LEU B 652 50.77 29.95 -16.92
N VAL B 653 49.56 29.40 -16.98
CA VAL B 653 48.33 30.17 -16.88
C VAL B 653 47.74 29.96 -15.49
N SER B 654 47.31 31.05 -14.84
CA SER B 654 46.63 30.93 -13.57
C SER B 654 45.46 31.90 -13.38
N HIS B 655 45.12 32.73 -14.37
CA HIS B 655 43.95 33.59 -14.33
C HIS B 655 43.30 33.55 -15.71
N PRO B 656 41.97 33.64 -15.78
CA PRO B 656 41.31 33.68 -17.10
C PRO B 656 41.61 34.95 -17.89
N GLU B 657 41.95 36.04 -17.20
CA GLU B 657 42.30 37.27 -17.90
C GLU B 657 43.46 37.06 -18.85
N GLN B 658 44.40 36.20 -18.48
CA GLN B 658 45.52 35.90 -19.37
C GLN B 658 45.04 35.26 -20.67
N ILE B 659 44.09 34.33 -20.56
CA ILE B 659 43.55 33.68 -21.75
C ILE B 659 42.83 34.69 -22.64
N ARG B 660 42.04 35.58 -22.03
CA ARG B 660 41.30 36.53 -22.86
C ARG B 660 42.23 37.55 -23.53
N GLU B 661 43.25 38.02 -22.81
CA GLU B 661 44.18 38.97 -23.41
C GLU B 661 44.98 38.32 -24.53
N ALA B 662 45.36 37.05 -24.36
CA ALA B 662 46.05 36.35 -25.44
C ALA B 662 45.15 36.19 -26.66
N LYS B 663 43.87 35.87 -26.44
CA LYS B 663 42.96 35.74 -27.56
C LYS B 663 42.82 37.06 -28.32
N ARG B 664 42.76 38.17 -27.58
CA ARG B 664 42.64 39.47 -28.24
C ARG B 664 43.92 39.81 -29.02
N ILE B 665 45.09 39.62 -28.39
CA ILE B 665 46.35 39.90 -29.08
C ILE B 665 46.45 39.09 -30.35
N ALA B 666 45.99 37.83 -30.32
CA ALA B 666 46.07 37.00 -31.51
C ALA B 666 45.08 37.44 -32.57
N ARG B 667 43.89 37.88 -32.14
CA ARG B 667 42.88 38.28 -33.11
C ARG B 667 43.19 39.61 -33.76
N GLU B 668 44.04 40.43 -33.16
CA GLU B 668 44.35 41.71 -33.82
C GLU B 668 45.17 41.53 -35.09
N VAL B 669 46.04 40.52 -35.16
CA VAL B 669 46.94 40.38 -36.30
C VAL B 669 46.48 39.37 -37.33
N GLY B 670 45.21 38.98 -37.31
CA GLY B 670 44.64 38.17 -38.36
C GLY B 670 44.33 36.73 -38.01
N LEU B 671 45.08 36.13 -37.09
CA LEU B 671 44.84 34.74 -36.70
C LEU B 671 43.52 34.61 -35.96
N GLU B 672 42.84 33.49 -36.18
CA GLU B 672 41.50 33.27 -35.62
C GLU B 672 41.44 31.97 -34.83
N PRO B 673 41.28 32.03 -33.51
CA PRO B 673 41.16 30.81 -32.72
C PRO B 673 39.95 29.98 -33.13
N HIS B 674 40.07 28.67 -32.95
CA HIS B 674 39.01 27.67 -33.12
C HIS B 674 38.53 27.54 -34.56
N LYS B 675 39.08 28.33 -35.50
CA LYS B 675 38.76 28.21 -36.91
C LYS B 675 39.98 28.15 -37.81
N ASP B 676 41.14 28.59 -37.35
CA ASP B 676 42.40 28.40 -38.05
C ASP B 676 43.35 27.47 -37.32
N VAL B 677 43.25 27.41 -35.98
CA VAL B 677 44.13 26.61 -35.15
C VAL B 677 43.31 26.05 -34.00
N ALA B 678 43.99 25.31 -33.13
CA ALA B 678 43.40 24.87 -31.88
C ALA B 678 43.95 25.70 -30.72
N TRP B 679 43.14 25.88 -29.70
CA TRP B 679 43.48 26.72 -28.56
C TRP B 679 43.47 25.86 -27.30
N GLY B 680 44.61 25.81 -26.60
CA GLY B 680 44.74 25.01 -25.39
C GLY B 680 45.73 25.64 -24.44
N VAL B 681 45.86 25.03 -23.26
CA VAL B 681 46.68 25.58 -22.19
C VAL B 681 47.51 24.47 -21.54
N MET B 682 48.44 24.89 -20.68
CA MET B 682 49.25 24.00 -19.87
C MET B 682 48.85 24.11 -18.41
N ILE B 683 48.92 22.98 -17.70
CA ILE B 683 48.56 22.92 -16.29
C ILE B 683 49.82 22.62 -15.50
N GLU B 684 50.39 23.66 -14.87
CA GLU B 684 51.61 23.49 -14.08
C GLU B 684 51.54 24.13 -12.70
N VAL B 685 50.67 25.11 -12.46
CA VAL B 685 50.52 25.68 -11.12
C VAL B 685 49.33 25.02 -10.46
N PRO B 686 49.39 24.75 -9.14
CA PRO B 686 48.25 24.12 -8.48
C PRO B 686 46.96 24.92 -8.58
N ALA B 687 47.04 26.25 -8.65
CA ALA B 687 45.84 27.06 -8.79
C ALA B 687 45.07 26.70 -10.04
N ALA B 688 45.77 26.51 -11.16
CA ALA B 688 45.09 26.17 -12.40
C ALA B 688 44.40 24.81 -12.30
N ALA B 689 45.01 23.88 -11.59
CA ALA B 689 44.39 22.58 -11.38
C ALA B 689 43.20 22.63 -10.43
N ILE B 690 43.10 23.65 -9.57
CA ILE B 690 42.01 23.70 -8.61
C ILE B 690 40.79 24.48 -9.11
N ILE B 691 40.96 25.42 -10.03
CA ILE B 691 39.83 26.19 -10.56
C ILE B 691 39.65 25.94 -12.05
N ILE B 692 39.89 24.70 -12.48
CA ILE B 692 39.96 24.37 -13.91
C ILE B 692 38.69 24.74 -14.65
N GLU B 693 37.54 24.73 -13.97
CA GLU B 693 36.28 25.00 -14.66
C GLU B 693 36.19 26.44 -15.15
N ASP B 694 36.72 27.38 -14.36
CA ASP B 694 36.75 28.77 -14.79
C ASP B 694 37.52 28.92 -16.09
N LEU B 695 38.67 28.25 -16.19
CA LEU B 695 39.45 28.29 -17.43
C LEU B 695 38.70 27.63 -18.58
N ILE B 696 38.01 26.53 -18.31
CA ILE B 696 37.27 25.85 -19.37
C ILE B 696 36.15 26.73 -19.91
N LYS B 697 35.56 27.55 -19.06
CA LYS B 697 34.44 28.39 -19.52
C LYS B 697 34.86 29.53 -20.43
N GLU B 698 36.14 29.65 -20.79
CA GLU B 698 36.59 30.64 -21.74
C GLU B 698 36.84 30.05 -23.13
N GLY B 699 36.32 28.85 -23.39
CA GLY B 699 36.45 28.24 -24.71
C GLY B 699 37.84 27.78 -25.07
N ILE B 700 38.32 26.71 -24.44
CA ILE B 700 39.57 26.08 -24.87
C ILE B 700 39.24 24.76 -25.52
N ASP B 701 40.25 24.12 -26.13
CA ASP B 701 40.03 22.87 -26.83
C ASP B 701 40.78 21.70 -26.23
N PHE B 702 41.93 21.96 -25.63
CA PHE B 702 42.75 20.87 -25.08
C PHE B 702 43.57 21.29 -23.88
N VAL B 703 44.00 20.32 -23.08
CA VAL B 703 44.81 20.62 -21.91
C VAL B 703 45.96 19.62 -21.79
N SER B 704 47.05 20.02 -21.16
CA SER B 704 48.21 19.15 -21.02
C SER B 704 48.85 19.31 -19.65
N PHE B 705 49.23 18.18 -19.05
CA PHE B 705 49.84 18.16 -17.71
C PHE B 705 51.35 18.27 -17.80
N GLY B 706 51.91 19.32 -17.19
CA GLY B 706 53.34 19.43 -16.96
C GLY B 706 53.79 18.86 -15.63
N THR B 707 53.90 17.54 -15.51
CA THR B 707 54.05 16.92 -14.19
C THR B 707 55.34 17.32 -13.49
N ASN B 708 56.36 17.73 -14.24
CA ASN B 708 57.60 18.22 -13.63
C ASN B 708 57.32 19.44 -12.74
N ASP B 709 56.83 20.51 -13.36
CA ASP B 709 56.58 21.74 -12.63
C ASP B 709 55.48 21.57 -11.59
N LEU B 710 54.46 20.78 -11.90
CA LEU B 710 53.39 20.56 -10.94
C LEU B 710 53.90 19.86 -9.68
N THR B 711 54.71 18.82 -9.85
CA THR B 711 55.27 18.13 -8.69
C THR B 711 56.21 19.05 -7.91
N GLN B 712 56.92 19.93 -8.59
CA GLN B 712 57.82 20.81 -7.86
C GLN B 712 57.08 21.88 -7.08
N TYR B 713 56.06 22.51 -7.68
CA TYR B 713 55.32 23.55 -6.99
C TYR B 713 54.38 23.01 -5.92
N THR B 714 53.97 21.75 -6.01
CA THR B 714 53.04 21.22 -5.03
C THR B 714 53.73 20.81 -3.75
N LEU B 715 54.95 20.27 -3.84
CA LEU B 715 55.69 19.83 -2.67
C LEU B 715 56.64 20.88 -2.13
N ALA B 716 56.70 22.06 -2.75
CA ALA B 716 57.58 23.14 -2.34
C ALA B 716 59.03 22.66 -2.23
N ILE B 717 59.56 22.23 -3.37
CA ILE B 717 60.84 21.54 -3.41
C ILE B 717 61.49 21.79 -4.76
N ASP B 718 62.78 22.10 -4.75
CA ASP B 718 63.58 22.20 -5.96
C ASP B 718 64.32 20.88 -6.18
N ARG B 719 64.30 20.43 -7.43
CA ARG B 719 64.87 19.12 -7.75
C ARG B 719 66.37 19.19 -7.99
N ASP B 720 66.87 20.33 -8.47
CA ASP B 720 68.29 20.50 -8.70
C ASP B 720 69.10 20.59 -7.40
N ASN B 721 68.46 20.91 -6.28
CA ASN B 721 69.15 21.02 -5.01
C ASN B 721 69.46 19.63 -4.48
N GLU B 722 70.73 19.41 -4.14
CA GLU B 722 71.21 18.08 -3.75
C GLU B 722 70.59 17.63 -2.43
N ARG B 723 70.31 18.56 -1.54
CA ARG B 723 69.93 18.20 -0.17
C ARG B 723 68.46 17.82 -0.04
N VAL B 724 67.59 18.28 -0.93
CA VAL B 724 66.17 17.98 -0.83
C VAL B 724 65.61 17.27 -2.06
N ALA B 725 66.47 16.81 -2.98
CA ALA B 725 65.98 16.06 -4.13
C ALA B 725 65.63 14.62 -3.79
N LYS B 726 65.89 14.19 -2.56
CA LYS B 726 65.50 12.84 -2.14
C LYS B 726 64.01 12.73 -1.85
N LEU B 727 63.26 13.82 -1.87
CA LEU B 727 61.83 13.78 -1.60
C LEU B 727 60.98 13.85 -2.87
N TYR B 728 61.60 14.16 -4.01
CA TYR B 728 60.88 14.25 -5.28
C TYR B 728 60.23 12.92 -5.63
N ASP B 729 58.97 12.99 -6.09
CA ASP B 729 58.21 11.81 -6.47
C ASP B 729 56.98 12.22 -7.27
N GLU B 730 56.82 11.69 -8.48
CA GLU B 730 55.73 12.08 -9.36
C GLU B 730 54.48 11.23 -9.19
N THR B 731 54.52 10.20 -8.35
CA THR B 731 53.34 9.44 -7.98
C THR B 731 52.95 9.67 -6.53
N HIS B 732 53.16 10.88 -6.05
CA HIS B 732 52.72 11.26 -4.71
C HIS B 732 51.20 11.44 -4.70
N PRO B 733 50.52 11.03 -3.62
CA PRO B 733 49.05 11.07 -3.61
C PRO B 733 48.42 12.41 -3.97
N ALA B 734 49.05 13.53 -3.64
CA ALA B 734 48.41 14.83 -3.87
C ALA B 734 48.34 15.14 -5.36
N VAL B 735 49.43 14.90 -6.08
CA VAL B 735 49.45 15.12 -7.53
C VAL B 735 48.40 14.25 -8.21
N LEU B 736 48.23 13.02 -7.72
CA LEU B 736 47.26 12.11 -8.33
C LEU B 736 45.83 12.57 -8.06
N LYS B 737 45.55 13.07 -6.86
CA LYS B 737 44.24 13.68 -6.60
C LYS B 737 43.97 14.83 -7.56
N LEU B 738 44.96 15.69 -7.77
CA LEU B 738 44.75 16.84 -8.66
C LEU B 738 44.48 16.39 -10.09
N ILE B 739 45.26 15.42 -10.58
CA ILE B 739 45.09 14.91 -11.94
C ILE B 739 43.72 14.29 -12.11
N LYS B 740 43.28 13.50 -11.13
CA LYS B 740 41.97 12.85 -11.21
C LYS B 740 40.86 13.89 -11.29
N HIS B 741 40.94 14.94 -10.46
CA HIS B 741 39.91 15.98 -10.50
C HIS B 741 39.85 16.64 -11.87
N VAL B 742 41.01 17.04 -12.40
CA VAL B 742 41.03 17.71 -13.70
C VAL B 742 40.41 16.82 -14.78
N ILE B 743 40.87 15.56 -14.85
CA ILE B 743 40.39 14.66 -15.89
C ILE B 743 38.87 14.51 -15.80
N LYS B 744 38.35 14.30 -14.59
CA LYS B 744 36.91 14.21 -14.40
C LYS B 744 36.19 15.41 -15.01
N VAL B 745 36.64 16.62 -14.69
CA VAL B 745 35.88 17.81 -15.09
C VAL B 745 35.90 17.99 -16.61
N CYS B 746 37.08 17.89 -17.23
CA CYS B 746 37.07 18.17 -18.67
C CYS B 746 36.49 17.02 -19.47
N LYS B 747 36.55 15.79 -18.94
CA LYS B 747 35.72 14.73 -19.50
C LYS B 747 34.25 15.14 -19.51
N ARG B 748 33.75 15.65 -18.38
CA ARG B 748 32.37 16.13 -18.33
C ARG B 748 32.08 17.22 -19.36
N TYR B 749 33.04 18.09 -19.65
CA TYR B 749 32.78 19.21 -20.56
C TYR B 749 33.17 18.95 -22.02
N GLY B 750 33.69 17.77 -22.35
CA GLY B 750 34.02 17.49 -23.73
C GLY B 750 35.35 18.00 -24.21
N VAL B 751 36.34 18.12 -23.32
CA VAL B 751 37.67 18.62 -23.66
C VAL B 751 38.64 17.45 -23.65
N GLU B 752 39.69 17.56 -24.46
CA GLU B 752 40.69 16.51 -24.59
C GLU B 752 41.85 16.73 -23.63
N THR B 753 42.34 15.64 -23.03
CA THR B 753 43.42 15.69 -22.05
C THR B 753 44.67 14.97 -22.57
N SER B 754 45.83 15.38 -22.08
CA SER B 754 47.08 14.77 -22.48
C SER B 754 48.12 15.01 -21.39
N ILE B 755 49.29 14.41 -21.54
CA ILE B 755 50.39 14.60 -20.61
C ILE B 755 51.72 14.54 -21.35
N CYS B 756 52.54 15.57 -21.16
CA CYS B 756 53.92 15.59 -21.62
C CYS B 756 54.85 15.58 -20.41
N GLY B 757 56.14 15.50 -20.67
CA GLY B 757 57.13 15.54 -19.61
C GLY B 757 57.99 14.29 -19.60
N GLN B 758 58.67 14.10 -18.47
CA GLN B 758 59.51 12.92 -18.29
C GLN B 758 58.74 11.74 -17.73
N ALA B 759 57.58 11.98 -17.11
CA ALA B 759 56.73 10.90 -16.63
C ALA B 759 55.79 10.36 -17.69
N GLY B 760 55.83 10.92 -18.90
CA GLY B 760 55.18 10.29 -20.03
C GLY B 760 55.92 9.08 -20.54
N SER B 761 57.20 8.93 -20.17
CA SER B 761 58.02 7.80 -20.56
C SER B 761 58.27 6.83 -19.41
N ASP B 762 57.27 6.61 -18.57
CA ASP B 762 57.37 5.71 -17.43
C ASP B 762 56.24 4.68 -17.48
N PRO B 763 56.55 3.38 -17.43
CA PRO B 763 55.47 2.38 -17.49
C PRO B 763 54.48 2.42 -16.35
N LYS B 764 54.92 2.70 -15.13
CA LYS B 764 54.01 2.70 -13.99
C LYS B 764 53.01 3.85 -14.08
N MET B 765 53.50 5.05 -14.41
CA MET B 765 52.61 6.18 -14.62
C MET B 765 51.67 5.92 -15.78
N ALA B 766 52.15 5.28 -16.85
CA ALA B 766 51.29 4.96 -17.98
C ALA B 766 50.14 4.07 -17.55
N ARG B 767 50.41 3.08 -16.70
CA ARG B 767 49.33 2.21 -16.23
C ARG B 767 48.32 2.97 -15.37
N ILE B 768 48.82 3.80 -14.44
CA ILE B 768 47.92 4.62 -13.61
C ILE B 768 47.02 5.48 -14.50
N LEU B 769 47.61 6.13 -15.50
CA LEU B 769 46.89 7.10 -16.30
C LEU B 769 45.90 6.44 -17.24
N VAL B 770 46.23 5.25 -17.75
CA VAL B 770 45.26 4.54 -18.59
C VAL B 770 44.11 4.02 -17.75
N ARG B 771 44.36 3.62 -16.50
CA ARG B 771 43.25 3.21 -15.65
C ARG B 771 42.36 4.38 -15.26
N LEU B 772 42.92 5.60 -15.18
CA LEU B 772 42.06 6.74 -14.89
C LEU B 772 41.26 7.22 -16.11
N GLY B 773 41.84 7.16 -17.30
CA GLY B 773 41.07 7.51 -18.49
C GLY B 773 41.59 8.68 -19.29
N ILE B 774 42.91 8.88 -19.33
CA ILE B 774 43.47 9.95 -20.12
C ILE B 774 43.32 9.64 -21.62
N ASP B 775 43.35 10.69 -22.43
CA ASP B 775 43.13 10.54 -23.86
C ASP B 775 44.41 10.33 -24.65
N SER B 776 45.56 10.82 -24.17
CA SER B 776 46.80 10.68 -24.91
C SER B 776 47.99 10.68 -23.95
N ILE B 777 49.13 10.19 -24.46
CA ILE B 777 50.40 10.19 -23.76
C ILE B 777 51.49 10.59 -24.74
N SER B 778 52.46 11.38 -24.28
CA SER B 778 53.52 11.93 -25.12
C SER B 778 54.87 11.42 -24.60
N ALA B 779 55.60 10.69 -25.44
CA ALA B 779 56.82 10.00 -25.04
C ALA B 779 58.03 10.55 -25.77
N ASN B 780 59.20 10.27 -25.21
CA ASN B 780 60.45 10.64 -25.85
C ASN B 780 60.66 9.80 -27.12
N PRO B 781 61.38 10.32 -28.11
CA PRO B 781 61.47 9.63 -29.41
C PRO B 781 62.00 8.20 -29.34
N ASP B 782 62.66 7.80 -28.26
CA ASP B 782 63.18 6.44 -28.14
C ASP B 782 62.46 5.63 -27.08
N ALA B 783 61.21 5.98 -26.76
CA ALA B 783 60.41 5.24 -25.80
C ALA B 783 58.99 4.99 -26.29
N VAL B 784 58.74 5.13 -27.59
CA VAL B 784 57.37 5.04 -28.10
C VAL B 784 56.88 3.60 -28.12
N GLN B 785 57.77 2.66 -28.44
CA GLN B 785 57.38 1.26 -28.58
C GLN B 785 57.07 0.63 -27.22
N LEU B 786 57.89 0.93 -26.22
CA LEU B 786 57.66 0.41 -24.88
C LEU B 786 56.32 0.88 -24.33
N ILE B 787 56.03 2.17 -24.47
CA ILE B 787 54.78 2.71 -23.96
C ILE B 787 53.60 2.14 -24.74
N ARG B 788 53.78 1.93 -26.05
CA ARG B 788 52.75 1.31 -26.86
C ARG B 788 52.37 -0.08 -26.33
N GLN B 789 53.38 -0.90 -26.03
CA GLN B 789 53.11 -2.23 -25.48
C GLN B 789 52.44 -2.18 -24.10
N VAL B 790 52.93 -1.31 -23.21
CA VAL B 790 52.32 -1.19 -21.88
C VAL B 790 50.85 -0.79 -21.99
N VAL B 791 50.53 0.14 -22.89
CA VAL B 791 49.15 0.61 -23.01
C VAL B 791 48.26 -0.48 -23.58
N ALA B 792 48.75 -1.22 -24.58
CA ALA B 792 47.97 -2.32 -25.12
C ALA B 792 47.61 -3.36 -24.07
N GLN B 793 48.60 -3.75 -23.24
CA GLN B 793 48.33 -4.74 -22.21
C GLN B 793 47.29 -4.24 -21.19
N GLU B 794 47.43 -2.98 -20.76
CA GLU B 794 46.47 -2.43 -19.79
C GLU B 794 45.06 -2.42 -20.34
N GLU B 795 44.89 -2.07 -21.63
CA GLU B 795 43.55 -2.05 -22.21
C GLU B 795 42.93 -3.43 -22.27
N ARG B 796 43.71 -4.45 -22.67
CA ARG B 796 43.15 -5.80 -22.68
C ARG B 796 42.75 -6.26 -21.28
N LYS B 797 43.55 -5.91 -20.27
CA LYS B 797 43.18 -6.22 -18.89
C LYS B 797 41.82 -5.63 -18.52
N LEU B 798 41.62 -4.33 -18.81
CA LEU B 798 40.36 -3.70 -18.46
C LEU B 798 39.17 -4.40 -19.13
N MET B 799 39.31 -4.71 -20.41
CA MET B 799 38.22 -5.38 -21.13
C MET B 799 37.90 -6.74 -20.52
N LEU B 800 38.93 -7.51 -20.16
CA LEU B 800 38.69 -8.81 -19.55
C LEU B 800 37.96 -8.68 -18.22
N GLU B 801 38.35 -7.70 -17.40
CA GLU B 801 37.68 -7.49 -16.12
C GLU B 801 36.20 -7.20 -16.30
N ALA B 802 35.85 -6.35 -17.27
CA ALA B 802 34.44 -6.04 -17.47
C ALA B 802 33.66 -7.26 -17.97
N ALA B 803 34.28 -8.06 -18.86
CA ALA B 803 33.61 -9.28 -19.31
C ALA B 803 33.34 -10.23 -18.16
N ARG B 804 34.31 -10.42 -17.27
CA ARG B 804 34.13 -11.32 -16.14
C ARG B 804 33.04 -10.82 -15.20
N LYS B 805 33.01 -9.52 -14.93
CA LYS B 805 31.95 -8.99 -14.08
C LYS B 805 30.58 -9.21 -14.70
N GLN B 806 30.48 -9.08 -16.02
CA GLN B 806 29.19 -9.28 -16.67
C GLN B 806 28.77 -10.74 -16.64
N LEU B 807 29.70 -11.67 -16.83
CA LEU B 807 29.33 -13.08 -16.96
C LEU B 807 28.96 -13.70 -15.61
N GLY C 506 55.22 -8.53 -37.63
CA GLY C 506 55.85 -7.30 -37.17
C GLY C 506 55.36 -6.87 -35.80
N ALA C 507 54.13 -7.21 -35.49
CA ALA C 507 53.55 -6.88 -34.19
C ALA C 507 53.49 -8.13 -33.32
N PRO C 508 53.98 -8.08 -32.09
CA PRO C 508 53.87 -9.26 -31.21
C PRO C 508 52.44 -9.54 -30.80
N LEU C 509 52.25 -10.73 -30.22
CA LEU C 509 50.94 -11.12 -29.71
C LEU C 509 50.77 -10.58 -28.30
N VAL C 510 49.59 -10.01 -28.02
CA VAL C 510 49.33 -9.26 -26.79
C VAL C 510 48.17 -9.89 -26.04
N THR C 511 48.40 -10.24 -24.79
CA THR C 511 47.39 -10.84 -23.93
C THR C 511 47.25 -10.02 -22.66
N GLY C 512 46.07 -10.09 -22.05
CA GLY C 512 45.88 -9.41 -20.78
C GLY C 512 46.57 -10.13 -19.64
N THR C 513 46.44 -11.44 -19.59
CA THR C 513 47.19 -12.25 -18.64
C THR C 513 48.67 -12.23 -18.99
N MET C 514 49.52 -12.14 -17.97
CA MET C 514 50.96 -12.13 -18.17
C MET C 514 51.50 -13.54 -18.27
N VAL C 515 52.38 -13.76 -19.25
CA VAL C 515 53.08 -15.03 -19.43
C VAL C 515 54.55 -14.78 -19.14
N LYS C 516 55.08 -15.44 -18.13
CA LYS C 516 56.47 -15.30 -17.72
C LYS C 516 57.23 -16.60 -17.99
N VAL C 517 58.48 -16.66 -17.56
CA VAL C 517 59.38 -17.76 -17.88
C VAL C 517 60.12 -18.21 -16.63
N ASN C 518 60.52 -19.47 -16.61
CA ASN C 518 61.14 -20.10 -15.45
C ASN C 518 62.64 -20.26 -15.69
N VAL C 519 63.46 -19.48 -14.98
CA VAL C 519 64.90 -19.46 -15.18
C VAL C 519 65.54 -20.36 -14.13
N SER C 520 66.40 -21.27 -14.58
CA SER C 520 67.02 -22.25 -13.68
C SER C 520 68.42 -21.84 -13.25
N MET C 521 69.26 -21.40 -14.18
CA MET C 521 70.63 -21.00 -13.92
C MET C 521 70.84 -19.59 -14.47
N PRO C 522 71.88 -18.90 -14.03
CA PRO C 522 72.15 -17.56 -14.57
C PRO C 522 72.80 -17.57 -15.95
N GLU C 523 73.01 -18.76 -16.52
CA GLU C 523 73.62 -18.85 -17.84
C GLU C 523 72.61 -18.96 -18.97
N VAL C 524 71.46 -19.59 -18.72
CA VAL C 524 70.35 -19.54 -19.66
C VAL C 524 69.45 -18.35 -19.30
N ALA C 525 69.87 -17.16 -19.74
CA ALA C 525 69.14 -15.94 -19.46
C ALA C 525 68.95 -15.06 -20.68
N GLU C 526 69.75 -15.24 -21.73
CA GLU C 526 69.52 -14.53 -22.98
C GLU C 526 68.56 -15.28 -23.88
N ARG C 527 68.70 -16.60 -23.94
CA ARG C 527 67.72 -17.42 -24.66
C ARG C 527 66.34 -17.30 -24.02
N ALA C 528 66.28 -16.94 -22.74
CA ALA C 528 64.99 -16.77 -22.08
C ALA C 528 64.45 -15.37 -22.31
N ALA C 529 65.31 -14.35 -22.29
CA ALA C 529 64.87 -13.00 -22.58
C ALA C 529 64.52 -12.81 -24.05
N ALA C 530 64.92 -13.74 -24.92
CA ALA C 530 64.60 -13.66 -26.32
C ALA C 530 63.29 -14.35 -26.68
N THR C 531 62.52 -14.79 -25.68
CA THR C 531 61.26 -15.49 -25.95
C THR C 531 60.06 -14.56 -25.97
N GLY C 532 60.22 -13.33 -25.49
CA GLY C 532 59.11 -12.43 -25.40
C GLY C 532 58.30 -12.52 -24.12
N ALA C 533 58.90 -13.02 -23.04
CA ALA C 533 58.20 -13.16 -21.78
C ALA C 533 58.02 -11.79 -21.11
N ASP C 534 57.13 -11.75 -20.13
CA ASP C 534 56.81 -10.51 -19.42
C ASP C 534 57.61 -10.36 -18.14
N GLY C 535 58.52 -11.28 -17.87
CA GLY C 535 59.34 -11.23 -16.67
C GLY C 535 59.82 -12.62 -16.33
N VAL C 536 60.52 -12.72 -15.20
CA VAL C 536 60.92 -13.99 -14.64
C VAL C 536 59.94 -14.35 -13.52
N GLY C 537 59.50 -15.59 -13.50
CA GLY C 537 58.53 -16.02 -12.52
C GLY C 537 59.15 -16.76 -11.37
N LEU C 538 60.29 -17.40 -11.62
CA LEU C 538 60.99 -18.14 -10.57
C LEU C 538 62.44 -18.31 -10.98
N LEU C 539 63.35 -17.72 -10.22
CA LEU C 539 64.78 -17.94 -10.37
C LEU C 539 65.30 -18.66 -9.13
N ARG C 540 65.74 -19.89 -9.31
CA ARG C 540 66.18 -20.71 -8.19
C ARG C 540 67.63 -20.44 -7.83
N ALA C 541 67.96 -20.68 -6.57
CA ALA C 541 69.29 -20.41 -6.04
C ALA C 541 70.08 -21.67 -5.73
N GLU C 542 69.50 -22.85 -5.91
CA GLU C 542 70.18 -24.10 -5.60
C GLU C 542 71.52 -24.19 -6.31
N HIS C 543 71.55 -23.86 -7.61
CA HIS C 543 72.79 -23.93 -8.37
C HIS C 543 73.81 -22.92 -7.88
N MET C 544 73.39 -21.66 -7.77
CA MET C 544 74.32 -20.59 -7.42
C MET C 544 74.93 -20.76 -6.04
N ILE C 545 74.29 -21.55 -5.18
CA ILE C 545 74.83 -21.76 -3.84
C ILE C 545 75.60 -23.07 -3.72
N LEU C 546 75.06 -24.16 -4.25
CA LEU C 546 75.71 -25.46 -4.18
C LEU C 546 76.75 -25.67 -5.27
N SER C 547 77.28 -24.60 -5.85
CA SER C 547 78.28 -24.70 -6.90
C SER C 547 79.71 -24.59 -6.39
N ILE C 548 79.90 -24.29 -5.11
CA ILE C 548 81.23 -24.06 -4.57
C ILE C 548 81.83 -25.35 -4.05
N GLY C 549 81.19 -26.48 -4.34
CA GLY C 549 81.69 -27.79 -3.93
C GLY C 549 81.97 -27.93 -2.45
N GLN C 550 81.14 -27.32 -1.61
CA GLN C 550 81.39 -27.29 -0.18
C GLN C 550 80.08 -27.04 0.56
N HIS C 551 79.98 -27.56 1.77
CA HIS C 551 78.82 -27.30 2.61
C HIS C 551 78.81 -25.82 3.02
N PRO C 552 77.75 -25.08 2.72
CA PRO C 552 77.75 -23.64 3.02
C PRO C 552 77.94 -23.33 4.50
N ILE C 553 77.33 -24.10 5.40
CA ILE C 553 77.54 -23.89 6.83
C ILE C 553 79.00 -24.12 7.17
N LYS C 554 79.61 -25.15 6.59
CA LYS C 554 81.05 -25.36 6.72
C LYS C 554 81.83 -24.23 6.05
N PHE C 555 81.31 -23.72 4.93
CA PHE C 555 82.01 -22.68 4.19
C PHE C 555 82.10 -21.39 4.99
N ILE C 556 81.12 -21.13 5.86
CA ILE C 556 81.12 -19.87 6.60
C ILE C 556 81.79 -20.01 7.97
N LYS C 557 81.83 -21.24 8.48
CA LYS C 557 82.53 -21.47 9.74
C LYS C 557 83.99 -21.30 9.40
N GLU C 558 84.42 -21.91 8.31
CA GLU C 558 85.79 -21.71 7.86
C GLU C 558 85.97 -20.23 7.77
N GLY C 559 84.97 -19.53 7.24
CA GLY C 559 85.02 -18.08 7.20
C GLY C 559 85.24 -17.43 5.86
N LYS C 560 84.53 -17.86 4.82
CA LYS C 560 84.68 -17.14 3.56
C LYS C 560 83.32 -16.61 3.17
N GLU C 561 82.84 -15.60 3.88
CA GLU C 561 81.49 -15.09 3.61
C GLU C 561 81.45 -14.19 2.39
N GLU C 562 82.41 -13.26 2.26
CA GLU C 562 82.32 -12.24 1.23
C GLU C 562 82.44 -12.83 -0.17
N GLU C 563 83.21 -13.91 -0.31
CA GLU C 563 83.34 -14.56 -1.61
C GLU C 563 81.99 -15.08 -2.10
N LEU C 564 81.30 -15.86 -1.25
CA LEU C 564 79.98 -16.36 -1.59
C LEU C 564 79.01 -15.23 -1.84
N VAL C 565 79.06 -14.19 -1.00
CA VAL C 565 78.16 -13.05 -1.16
C VAL C 565 78.33 -12.42 -2.53
N GLU C 566 79.56 -12.05 -2.89
CA GLU C 566 79.77 -11.36 -4.16
C GLU C 566 79.52 -12.27 -5.36
N LYS C 567 79.74 -13.57 -5.21
CA LYS C 567 79.40 -14.49 -6.29
C LYS C 567 77.90 -14.51 -6.53
N LEU C 568 77.11 -14.65 -5.47
CA LEU C 568 75.67 -14.52 -5.59
C LEU C 568 75.29 -13.18 -6.23
N ALA C 569 76.00 -12.12 -5.85
CA ALA C 569 75.68 -10.79 -6.35
C ALA C 569 75.80 -10.72 -7.86
N GLU C 570 76.92 -11.20 -8.40
CA GLU C 570 77.07 -11.14 -9.86
C GLU C 570 76.10 -12.09 -10.55
N GLY C 571 75.88 -13.28 -9.97
CA GLY C 571 74.91 -14.20 -10.55
C GLY C 571 73.51 -13.59 -10.67
N ILE C 572 73.10 -12.84 -9.65
CA ILE C 572 71.79 -12.20 -9.66
C ILE C 572 71.74 -11.01 -10.59
N GLU C 573 72.81 -10.20 -10.61
CA GLU C 573 72.81 -8.99 -11.44
C GLU C 573 72.78 -9.33 -12.92
N LYS C 574 73.40 -10.45 -13.30
CA LYS C 574 73.33 -10.88 -14.70
C LYS C 574 71.88 -11.03 -15.16
N VAL C 575 71.09 -11.80 -14.41
CA VAL C 575 69.69 -12.02 -14.74
C VAL C 575 68.89 -10.73 -14.63
N ALA C 576 69.14 -9.95 -13.58
CA ALA C 576 68.39 -8.72 -13.40
C ALA C 576 68.61 -7.73 -14.53
N ALA C 577 69.79 -7.74 -15.13
CA ALA C 577 70.09 -6.80 -16.21
C ALA C 577 69.73 -7.33 -17.58
N ALA C 578 69.48 -8.64 -17.71
CA ALA C 578 68.99 -9.16 -18.98
C ALA C 578 67.51 -8.79 -19.13
N PHE C 579 66.78 -8.73 -18.03
CA PHE C 579 65.38 -8.32 -18.08
C PHE C 579 65.17 -7.17 -17.11
N TYR C 580 65.63 -5.98 -17.45
CA TYR C 580 65.51 -4.81 -16.56
C TYR C 580 64.12 -4.21 -16.44
N PRO C 581 63.60 -3.59 -17.53
CA PRO C 581 62.27 -3.02 -17.25
C PRO C 581 61.32 -4.07 -16.66
N ARG C 582 61.57 -5.35 -16.87
CA ARG C 582 60.66 -6.39 -16.40
C ARG C 582 61.01 -6.95 -15.02
N PRO C 583 59.99 -7.34 -14.25
CA PRO C 583 60.20 -7.91 -12.92
C PRO C 583 60.90 -9.25 -12.95
N VAL C 584 61.61 -9.55 -11.86
CA VAL C 584 62.27 -10.84 -11.64
C VAL C 584 62.02 -11.25 -10.20
N TRP C 585 61.63 -12.50 -9.98
CA TRP C 585 61.30 -13.01 -8.66
C TRP C 585 62.28 -14.12 -8.27
N TYR C 586 62.83 -14.03 -7.07
CA TYR C 586 63.92 -14.88 -6.60
C TYR C 586 63.51 -15.60 -5.32
N ARG C 587 63.70 -16.92 -5.28
CA ARG C 587 63.26 -17.76 -4.18
C ARG C 587 64.46 -18.25 -3.37
N THR C 588 64.43 -18.02 -2.06
CA THR C 588 65.54 -18.40 -1.20
C THR C 588 65.72 -19.91 -1.17
N LEU C 589 66.87 -20.33 -0.63
CA LEU C 589 67.33 -21.72 -0.75
C LEU C 589 66.31 -22.70 -0.20
N ASP C 590 66.16 -23.82 -0.91
CA ASP C 590 65.20 -24.85 -0.52
C ASP C 590 65.66 -26.18 -1.11
N ALA C 591 66.13 -27.08 -0.25
CA ALA C 591 66.58 -28.40 -0.67
C ALA C 591 66.48 -29.34 0.51
N PRO C 592 66.22 -30.63 0.28
CA PRO C 592 66.09 -31.57 1.40
C PRO C 592 67.40 -31.79 2.13
N THR C 593 67.39 -32.63 3.17
CA THR C 593 68.59 -32.91 3.92
C THR C 593 69.51 -33.90 3.24
N ASN C 594 68.97 -34.79 2.40
CA ASN C 594 69.80 -35.70 1.63
C ASN C 594 70.39 -35.05 0.39
N GLU C 595 70.39 -33.72 0.34
CA GLU C 595 71.12 -32.96 -0.66
C GLU C 595 72.36 -32.29 -0.09
N PHE C 596 72.36 -32.01 1.22
CA PHE C 596 73.55 -31.49 1.88
C PHE C 596 74.48 -32.61 2.32
N ARG C 597 74.00 -33.85 2.35
CA ARG C 597 74.81 -34.97 2.79
C ARG C 597 75.88 -35.35 1.78
N GLU C 598 75.71 -34.96 0.51
CA GLU C 598 76.54 -35.46 -0.58
C GLU C 598 77.60 -34.44 -1.00
N MET C 599 77.95 -33.52 -0.13
CA MET C 599 78.94 -32.51 -0.42
C MET C 599 80.12 -32.62 0.52
N PRO C 600 81.30 -32.10 0.11
CA PRO C 600 82.42 -32.13 1.07
C PRO C 600 82.06 -31.34 2.33
N GLY C 601 82.00 -32.01 3.47
CA GLY C 601 81.62 -31.35 4.70
C GLY C 601 80.28 -31.87 5.17
N GLY C 602 79.61 -32.64 4.32
CA GLY C 602 78.33 -33.20 4.67
C GLY C 602 78.50 -34.58 5.25
N GLU C 603 78.91 -34.64 6.52
CA GLU C 603 79.11 -35.93 7.18
C GLU C 603 78.20 -36.01 8.38
N ASP C 604 77.85 -34.86 8.94
CA ASP C 604 76.93 -34.83 10.06
C ASP C 604 75.54 -34.71 9.50
N GLU C 605 74.78 -35.80 9.50
CA GLU C 605 73.43 -35.77 8.93
C GLU C 605 72.45 -36.62 9.75
N PRO C 606 71.15 -36.53 9.44
CA PRO C 606 70.17 -37.26 10.25
C PRO C 606 69.65 -38.53 9.60
N GLU C 607 69.88 -38.71 8.30
CA GLU C 607 69.32 -39.86 7.61
C GLU C 607 67.88 -40.08 8.04
N GLU C 608 67.03 -39.08 7.83
CA GLU C 608 65.63 -39.18 8.26
C GLU C 608 64.85 -40.21 7.48
N ARG C 609 63.66 -40.55 7.98
CA ARG C 609 62.83 -41.53 7.28
C ARG C 609 61.84 -40.84 6.34
N ASN C 610 61.64 -39.53 6.51
CA ASN C 610 60.76 -38.79 5.61
C ASN C 610 61.28 -37.39 5.31
N PRO C 611 62.22 -37.25 4.34
CA PRO C 611 62.80 -35.93 4.10
C PRO C 611 61.85 -34.95 3.44
N MET C 612 60.67 -35.38 3.00
CA MET C 612 59.68 -34.47 2.44
C MET C 612 58.94 -33.70 3.51
N LEU C 613 58.79 -34.27 4.71
CA LEU C 613 58.09 -33.64 5.82
C LEU C 613 59.07 -33.25 6.92
N GLY C 614 60.28 -32.87 6.53
CA GLY C 614 61.32 -32.65 7.52
C GLY C 614 61.86 -31.23 7.61
N TRP C 615 63.16 -31.13 7.89
CA TRP C 615 63.83 -29.86 8.19
C TRP C 615 64.36 -29.28 6.89
N ARG C 616 63.59 -28.38 6.29
CA ARG C 616 63.96 -27.80 5.01
C ARG C 616 63.25 -26.46 4.86
N GLY C 617 63.60 -25.74 3.80
CA GLY C 617 62.93 -24.50 3.51
C GLY C 617 63.18 -23.43 4.57
N ILE C 618 62.18 -22.56 4.72
CA ILE C 618 62.32 -21.43 5.63
C ILE C 618 62.42 -21.86 7.09
N ARG C 619 62.00 -23.08 7.44
CA ARG C 619 62.23 -23.59 8.79
C ARG C 619 63.73 -23.66 9.08
N ARG C 620 64.43 -24.50 8.31
CA ARG C 620 65.88 -24.56 8.42
C ARG C 620 66.51 -23.19 8.27
N GLY C 621 65.97 -22.37 7.37
CA GLY C 621 66.53 -21.04 7.17
C GLY C 621 66.49 -20.19 8.41
N LEU C 622 65.37 -20.20 9.12
CA LEU C 622 65.23 -19.42 10.34
C LEU C 622 65.98 -20.05 11.51
N ASP C 623 66.27 -21.34 11.45
CA ASP C 623 67.10 -21.94 12.50
C ASP C 623 68.54 -21.45 12.43
N GLN C 624 69.08 -21.30 11.21
CA GLN C 624 70.46 -20.85 11.00
C GLN C 624 70.43 -19.56 10.20
N PRO C 625 70.27 -18.42 10.87
CA PRO C 625 70.00 -17.16 10.16
C PRO C 625 71.16 -16.63 9.32
N GLU C 626 72.28 -17.35 9.25
CA GLU C 626 73.42 -16.84 8.51
C GLU C 626 73.20 -16.94 7.00
N LEU C 627 72.53 -18.00 6.55
CA LEU C 627 72.21 -18.11 5.13
C LEU C 627 71.31 -16.97 4.68
N LEU C 628 70.28 -16.68 5.49
CA LEU C 628 69.41 -15.54 5.20
C LEU C 628 70.19 -14.24 5.20
N ARG C 629 71.08 -14.06 6.17
CA ARG C 629 71.91 -12.86 6.23
C ARG C 629 72.69 -12.67 4.94
N ALA C 630 73.35 -13.73 4.47
CA ALA C 630 74.19 -13.63 3.29
C ALA C 630 73.36 -13.35 2.04
N GLU C 631 72.23 -14.04 1.89
CA GLU C 631 71.40 -13.83 0.71
C GLU C 631 70.83 -12.42 0.68
N PHE C 632 70.36 -11.92 1.82
CA PHE C 632 69.83 -10.56 1.85
C PHE C 632 70.94 -9.54 1.61
N LYS C 633 72.16 -9.82 2.06
CA LYS C 633 73.29 -8.95 1.77
C LYS C 633 73.53 -8.85 0.27
N ALA C 634 73.60 -10.00 -0.41
CA ALA C 634 73.82 -9.99 -1.85
C ALA C 634 72.69 -9.29 -2.59
N ILE C 635 71.45 -9.50 -2.15
CA ILE C 635 70.31 -8.87 -2.82
C ILE C 635 70.40 -7.35 -2.69
N LYS C 636 70.65 -6.85 -1.48
CA LYS C 636 70.82 -5.41 -1.31
C LYS C 636 72.01 -4.90 -2.12
N LYS C 637 73.06 -5.71 -2.24
CA LYS C 637 74.23 -5.34 -3.00
C LYS C 637 73.88 -5.06 -4.46
N VAL C 638 73.16 -5.99 -5.11
CA VAL C 638 72.76 -5.73 -6.48
C VAL C 638 71.64 -4.72 -6.58
N VAL C 639 70.91 -4.47 -5.49
CA VAL C 639 69.88 -3.45 -5.55
C VAL C 639 70.48 -2.05 -5.61
N GLU C 640 71.52 -1.79 -4.82
CA GLU C 640 72.05 -0.42 -4.73
C GLU C 640 72.74 0.03 -6.01
N LYS C 641 73.01 -0.89 -6.95
CA LYS C 641 73.50 -0.48 -8.25
C LYS C 641 72.42 0.20 -9.10
N GLY C 642 71.16 0.06 -8.73
CA GLY C 642 70.09 0.77 -9.40
C GLY C 642 69.02 -0.11 -10.02
N TYR C 643 68.97 -1.39 -9.64
CA TYR C 643 67.99 -2.33 -10.15
C TYR C 643 66.81 -2.37 -9.20
N ASN C 644 65.70 -1.75 -9.60
CA ASN C 644 64.51 -1.68 -8.76
C ASN C 644 63.40 -2.61 -9.23
N ASN C 645 63.74 -3.81 -9.69
CA ASN C 645 62.75 -4.73 -10.25
C ASN C 645 62.91 -6.12 -9.67
N ILE C 646 63.43 -6.23 -8.46
CA ILE C 646 63.65 -7.50 -7.80
C ILE C 646 62.62 -7.67 -6.69
N GLY C 647 62.32 -8.94 -6.38
CA GLY C 647 61.44 -9.26 -5.28
C GLY C 647 61.84 -10.60 -4.69
N VAL C 648 61.48 -10.78 -3.42
CA VAL C 648 61.90 -11.94 -2.63
C VAL C 648 60.71 -12.84 -2.37
N MET C 649 60.96 -14.15 -2.42
CA MET C 649 59.92 -15.17 -2.28
C MET C 649 60.37 -16.20 -1.24
N LEU C 650 59.54 -16.41 -0.22
CA LEU C 650 59.84 -17.34 0.88
C LEU C 650 59.16 -18.68 0.63
N PRO C 651 59.89 -19.80 0.72
CA PRO C 651 59.28 -21.11 0.50
C PRO C 651 58.81 -21.79 1.78
N LEU C 652 57.71 -22.53 1.64
CA LEU C 652 57.18 -23.44 2.68
C LEU C 652 56.84 -22.69 3.97
N VAL C 653 55.85 -21.81 3.86
CA VAL C 653 55.36 -21.01 4.98
C VAL C 653 54.04 -21.59 5.46
N SER C 654 53.89 -21.74 6.79
CA SER C 654 52.63 -22.17 7.35
C SER C 654 52.22 -21.48 8.64
N HIS C 655 53.00 -20.52 9.14
CA HIS C 655 52.64 -19.71 10.30
C HIS C 655 53.04 -18.27 10.00
N PRO C 656 52.28 -17.29 10.49
CA PRO C 656 52.68 -15.89 10.29
C PRO C 656 53.95 -15.51 11.04
N GLU C 657 54.27 -16.21 12.13
CA GLU C 657 55.49 -15.93 12.86
C GLU C 657 56.71 -16.07 11.97
N GLN C 658 56.68 -17.01 11.02
CA GLN C 658 57.80 -17.15 10.09
C GLN C 658 57.97 -15.90 9.24
N ILE C 659 56.86 -15.33 8.77
CA ILE C 659 56.94 -14.12 7.96
C ILE C 659 57.48 -12.97 8.78
N ARG C 660 57.04 -12.82 10.03
CA ARG C 660 57.52 -11.70 10.83
C ARG C 660 59.00 -11.84 11.19
N GLU C 661 59.44 -13.06 11.52
CA GLU C 661 60.85 -13.26 11.85
C GLU C 661 61.73 -13.03 10.63
N ALA C 662 61.27 -13.44 9.44
CA ALA C 662 62.03 -13.16 8.23
C ALA C 662 62.13 -11.67 7.97
N LYS C 663 61.02 -10.93 8.18
CA LYS C 663 61.06 -9.50 7.98
C LYS C 663 62.05 -8.83 8.93
N ARG C 664 62.10 -9.30 10.18
CA ARG C 664 63.04 -8.72 11.14
C ARG C 664 64.49 -9.04 10.75
N ILE C 665 64.76 -10.31 10.42
CA ILE C 665 66.11 -10.70 10.01
C ILE C 665 66.57 -9.86 8.83
N ALA C 666 65.66 -9.60 7.89
CA ALA C 666 66.04 -8.82 6.72
C ALA C 666 66.26 -7.36 7.08
N ARG C 667 65.45 -6.82 7.99
CA ARG C 667 65.59 -5.42 8.34
C ARG C 667 66.81 -5.14 9.19
N GLU C 668 67.38 -6.15 9.84
CA GLU C 668 68.57 -5.86 10.64
C GLU C 668 69.79 -5.54 9.78
N VAL C 669 69.90 -6.11 8.59
CA VAL C 669 71.11 -5.92 7.78
C VAL C 669 70.96 -4.88 6.68
N GLY C 670 69.95 -4.02 6.75
CA GLY C 670 69.84 -2.88 5.87
C GLY C 670 68.76 -2.95 4.83
N LEU C 671 68.39 -4.14 4.37
CA LEU C 671 67.34 -4.28 3.36
C LEU C 671 65.99 -3.89 3.93
N GLU C 672 65.16 -3.28 3.09
CA GLU C 672 63.86 -2.76 3.52
C GLU C 672 62.73 -3.30 2.67
N PRO C 673 61.85 -4.14 3.23
CA PRO C 673 60.71 -4.64 2.46
C PRO C 673 59.80 -3.53 1.99
N HIS C 674 59.14 -3.76 0.86
CA HIS C 674 58.10 -2.92 0.26
C HIS C 674 58.61 -1.56 -0.19
N LYS C 675 59.90 -1.26 0.00
CA LYS C 675 60.50 -0.02 -0.48
C LYS C 675 61.79 -0.22 -1.24
N ASP C 676 62.47 -1.36 -1.07
CA ASP C 676 63.60 -1.74 -1.90
C ASP C 676 63.33 -2.94 -2.77
N VAL C 677 62.43 -3.83 -2.33
CA VAL C 677 62.10 -5.06 -3.05
C VAL C 677 60.62 -5.32 -2.88
N ALA C 678 60.16 -6.43 -3.45
CA ALA C 678 58.82 -6.93 -3.22
C ALA C 678 58.87 -8.12 -2.27
N TRP C 679 57.81 -8.29 -1.49
CA TRP C 679 57.73 -9.33 -0.47
C TRP C 679 56.56 -10.24 -0.80
N GLY C 680 56.83 -11.53 -0.98
CA GLY C 680 55.81 -12.51 -1.31
C GLY C 680 56.15 -13.86 -0.75
N VAL C 681 55.23 -14.82 -0.93
CA VAL C 681 55.36 -16.15 -0.34
C VAL C 681 54.97 -17.21 -1.37
N MET C 682 55.24 -18.46 -1.01
CA MET C 682 54.85 -19.63 -1.78
C MET C 682 53.75 -20.40 -1.06
N ILE C 683 52.83 -20.97 -1.82
CA ILE C 683 51.72 -21.73 -1.28
C ILE C 683 51.90 -23.18 -1.69
N GLU C 684 52.37 -24.02 -0.75
CA GLU C 684 52.59 -25.43 -1.01
C GLU C 684 52.01 -26.36 0.04
N VAL C 685 51.77 -25.91 1.27
CA VAL C 685 51.14 -26.75 2.28
C VAL C 685 49.65 -26.42 2.31
N PRO C 686 48.77 -27.40 2.50
CA PRO C 686 47.34 -27.09 2.56
C PRO C 686 46.96 -26.11 3.64
N ALA C 687 47.68 -26.08 4.76
CA ALA C 687 47.39 -25.13 5.83
C ALA C 687 47.48 -23.71 5.33
N ALA C 688 48.52 -23.40 4.55
CA ALA C 688 48.68 -22.03 4.05
C ALA C 688 47.54 -21.65 3.11
N ALA C 689 47.05 -22.61 2.33
CA ALA C 689 45.91 -22.35 1.47
C ALA C 689 44.60 -22.20 2.23
N ILE C 690 44.50 -22.73 3.45
CA ILE C 690 43.24 -22.66 4.18
C ILE C 690 43.13 -21.43 5.10
N ILE C 691 44.25 -20.87 5.55
CA ILE C 691 44.22 -19.69 6.42
C ILE C 691 44.88 -18.50 5.74
N ILE C 692 44.72 -18.39 4.43
CA ILE C 692 45.47 -17.42 3.62
C ILE C 692 45.28 -15.99 4.12
N GLU C 693 44.13 -15.67 4.71
CA GLU C 693 43.88 -14.30 5.12
C GLU C 693 44.79 -13.87 6.25
N ASP C 694 45.10 -14.77 7.18
CA ASP C 694 46.04 -14.45 8.25
C ASP C 694 47.40 -14.06 7.68
N LEU C 695 47.88 -14.80 6.68
CA LEU C 695 49.14 -14.45 6.04
C LEU C 695 49.05 -13.12 5.31
N ILE C 696 47.93 -12.85 4.66
CA ILE C 696 47.78 -11.60 3.94
C ILE C 696 47.81 -10.41 4.89
N LYS C 697 47.30 -10.59 6.11
CA LYS C 697 47.26 -9.46 7.05
C LYS C 697 48.63 -9.08 7.60
N GLU C 698 49.71 -9.71 7.17
CA GLU C 698 51.05 -9.32 7.57
C GLU C 698 51.77 -8.52 6.49
N GLY C 699 51.03 -7.99 5.51
CA GLY C 699 51.63 -7.15 4.49
C GLY C 699 52.52 -7.87 3.50
N ILE C 700 51.93 -8.68 2.62
CA ILE C 700 52.69 -9.26 1.50
C ILE C 700 52.25 -8.59 0.22
N ASP C 701 52.97 -8.87 -0.88
CA ASP C 701 52.66 -8.23 -2.15
C ASP C 701 52.21 -9.22 -3.22
N PHE C 702 52.71 -10.44 -3.16
CA PHE C 702 52.38 -11.42 -4.19
C PHE C 702 52.38 -12.85 -3.68
N VAL C 703 51.71 -13.74 -4.40
CA VAL C 703 51.65 -15.15 -4.01
C VAL C 703 51.84 -16.04 -5.22
N SER C 704 52.33 -17.26 -5.01
CA SER C 704 52.58 -18.18 -6.11
C SER C 704 52.24 -19.60 -5.71
N PHE C 705 51.58 -20.32 -6.62
CA PHE C 705 51.14 -21.70 -6.38
C PHE C 705 52.22 -22.69 -6.81
N GLY C 706 52.70 -23.50 -5.86
CA GLY C 706 53.52 -24.65 -6.15
C GLY C 706 52.73 -25.93 -6.34
N THR C 707 52.10 -26.12 -7.50
CA THR C 707 51.10 -27.18 -7.65
C THR C 707 51.69 -28.58 -7.47
N ASN C 708 52.99 -28.74 -7.70
CA ASN C 708 53.64 -30.03 -7.46
C ASN C 708 53.50 -30.45 -6.00
N ASP C 709 54.07 -29.65 -5.11
CA ASP C 709 54.05 -29.97 -3.69
C ASP C 709 52.64 -29.96 -3.13
N LEU C 710 51.80 -29.03 -3.60
CA LEU C 710 50.43 -28.98 -3.11
C LEU C 710 49.66 -30.25 -3.46
N THR C 711 49.79 -30.72 -4.70
CA THR C 711 49.11 -31.95 -5.09
C THR C 711 49.67 -33.14 -4.32
N GLN C 712 50.96 -33.13 -4.01
CA GLN C 712 51.50 -34.26 -3.28
C GLN C 712 51.07 -34.28 -1.82
N TYR C 713 51.07 -33.14 -1.15
CA TYR C 713 50.68 -33.10 0.25
C TYR C 713 49.18 -33.21 0.45
N THR C 714 48.37 -32.89 -0.56
CA THR C 714 46.94 -32.95 -0.38
C THR C 714 46.40 -34.37 -0.54
N LEU C 715 46.98 -35.15 -1.43
CA LEU C 715 46.53 -36.52 -1.67
C LEU C 715 47.31 -37.55 -0.87
N ALA C 716 48.28 -37.13 -0.07
CA ALA C 716 49.10 -38.02 0.74
C ALA C 716 49.73 -39.11 -0.12
N ILE C 717 50.56 -38.67 -1.06
CA ILE C 717 51.07 -39.55 -2.11
C ILE C 717 52.43 -39.03 -2.56
N ASP C 718 53.39 -39.94 -2.70
CA ASP C 718 54.68 -39.62 -3.29
C ASP C 718 54.67 -40.00 -4.77
N ARG C 719 55.20 -39.10 -5.59
CA ARG C 719 55.13 -39.30 -7.04
C ARG C 719 56.27 -40.17 -7.55
N ASP C 720 57.42 -40.15 -6.87
CA ASP C 720 58.54 -40.98 -7.28
C ASP C 720 58.31 -42.46 -7.01
N ASN C 721 57.38 -42.82 -6.14
CA ASN C 721 57.10 -44.21 -5.83
C ASN C 721 56.31 -44.83 -6.97
N GLU C 722 56.82 -45.96 -7.47
CA GLU C 722 56.26 -46.61 -8.66
C GLU C 722 54.85 -47.13 -8.41
N ARG C 723 54.57 -47.55 -7.18
CA ARG C 723 53.32 -48.28 -6.91
C ARG C 723 52.12 -47.35 -6.72
N VAL C 724 52.33 -46.10 -6.33
CA VAL C 724 51.22 -45.18 -6.09
C VAL C 724 51.28 -43.93 -6.97
N ALA C 725 52.16 -43.87 -7.96
CA ALA C 725 52.19 -42.72 -8.86
C ALA C 725 51.09 -42.75 -9.90
N LYS C 726 50.30 -43.82 -9.94
CA LYS C 726 49.15 -43.88 -10.85
C LYS C 726 47.98 -43.05 -10.37
N LEU C 727 48.03 -42.50 -9.17
CA LEU C 727 46.94 -41.69 -8.64
C LEU C 727 47.19 -40.19 -8.74
N TYR C 728 48.43 -39.80 -9.06
CA TYR C 728 48.78 -38.38 -9.17
C TYR C 728 47.95 -37.70 -10.25
N ASP C 729 47.46 -36.50 -9.94
CA ASP C 729 46.65 -35.72 -10.86
C ASP C 729 46.55 -34.28 -10.37
N GLU C 730 46.92 -33.31 -11.20
CA GLU C 730 46.95 -31.91 -10.80
C GLU C 730 45.65 -31.18 -11.09
N THR C 731 44.68 -31.83 -11.71
CA THR C 731 43.34 -31.28 -11.88
C THR C 731 42.31 -32.05 -11.04
N HIS C 732 42.73 -32.52 -9.88
CA HIS C 732 41.82 -33.16 -8.94
C HIS C 732 40.93 -32.10 -8.29
N PRO C 733 39.64 -32.41 -8.06
CA PRO C 733 38.71 -31.39 -7.54
C PRO C 733 39.17 -30.67 -6.27
N ALA C 734 39.90 -31.32 -5.38
CA ALA C 734 40.25 -30.69 -4.11
C ALA C 734 41.26 -29.57 -4.32
N VAL C 735 42.28 -29.81 -5.13
CA VAL C 735 43.27 -28.79 -5.44
C VAL C 735 42.60 -27.58 -6.10
N LEU C 736 41.61 -27.84 -6.96
CA LEU C 736 40.94 -26.74 -7.65
C LEU C 736 40.08 -25.93 -6.69
N LYS C 737 39.40 -26.59 -5.74
CA LYS C 737 38.70 -25.85 -4.69
C LYS C 737 39.66 -24.94 -3.92
N LEU C 738 40.82 -25.47 -3.55
CA LEU C 738 41.78 -24.66 -2.78
C LEU C 738 42.26 -23.46 -3.57
N ILE C 739 42.60 -23.67 -4.86
CA ILE C 739 43.08 -22.59 -5.71
C ILE C 739 42.01 -21.52 -5.87
N LYS C 740 40.76 -21.93 -6.09
CA LYS C 740 39.67 -20.97 -6.25
C LYS C 740 39.49 -20.12 -5.01
N HIS C 741 39.53 -20.75 -3.82
CA HIS C 741 39.40 -19.99 -2.58
C HIS C 741 40.51 -18.95 -2.45
N VAL C 742 41.76 -19.37 -2.66
CA VAL C 742 42.88 -18.44 -2.52
C VAL C 742 42.72 -17.25 -3.47
N ILE C 743 42.46 -17.54 -4.75
CA ILE C 743 42.35 -16.48 -5.75
C ILE C 743 41.26 -15.49 -5.35
N LYS C 744 40.10 -16.00 -4.94
CA LYS C 744 39.02 -15.13 -4.49
C LYS C 744 39.50 -14.17 -3.41
N VAL C 745 40.16 -14.69 -2.38
CA VAL C 745 40.48 -13.85 -1.23
C VAL C 745 41.50 -12.77 -1.59
N CYS C 746 42.59 -13.14 -2.27
CA CYS C 746 43.59 -12.11 -2.52
C CYS C 746 43.16 -11.15 -3.62
N LYS C 747 42.29 -11.59 -4.54
CA LYS C 747 41.60 -10.64 -5.39
C LYS C 747 40.87 -9.60 -4.55
N ARG C 748 40.11 -10.05 -3.55
CA ARG C 748 39.42 -9.12 -2.66
C ARG C 748 40.38 -8.16 -1.96
N TYR C 749 41.58 -8.60 -1.60
CA TYR C 749 42.50 -7.74 -0.85
C TYR C 749 43.50 -6.98 -1.70
N GLY C 750 43.48 -7.13 -3.02
CA GLY C 750 44.40 -6.37 -3.86
C GLY C 750 45.78 -6.94 -4.00
N VAL C 751 45.93 -8.27 -3.92
CA VAL C 751 47.21 -8.94 -4.03
C VAL C 751 47.27 -9.65 -5.37
N GLU C 752 48.49 -9.80 -5.90
CA GLU C 752 48.70 -10.43 -7.19
C GLU C 752 48.97 -11.91 -7.05
N THR C 753 48.40 -12.71 -7.96
CA THR C 753 48.52 -14.16 -7.94
C THR C 753 49.29 -14.68 -9.16
N SER C 754 49.93 -15.83 -9.01
CA SER C 754 50.68 -16.43 -10.10
C SER C 754 50.79 -17.92 -9.85
N ILE C 755 51.34 -18.65 -10.82
CA ILE C 755 51.58 -20.08 -10.69
C ILE C 755 52.84 -20.47 -11.42
N CYS C 756 53.73 -21.16 -10.73
CA CYS C 756 54.91 -21.79 -11.31
C CYS C 756 54.76 -23.31 -11.22
N GLY C 757 55.70 -24.02 -11.80
CA GLY C 757 55.70 -25.47 -11.72
C GLY C 757 55.66 -26.10 -13.10
N GLN C 758 55.32 -27.39 -13.11
CA GLN C 758 55.18 -28.13 -14.36
C GLN C 758 53.79 -28.02 -14.95
N ALA C 759 52.79 -27.64 -14.15
CA ALA C 759 51.44 -27.42 -14.66
C ALA C 759 51.24 -26.02 -15.19
N GLY C 760 52.26 -25.16 -15.13
CA GLY C 760 52.24 -23.92 -15.85
C GLY C 760 52.45 -24.09 -17.33
N SER C 761 52.96 -25.25 -17.76
CA SER C 761 53.19 -25.57 -19.16
C SER C 761 52.20 -26.58 -19.70
N ASP C 762 50.94 -26.50 -19.27
CA ASP C 762 49.89 -27.40 -19.71
C ASP C 762 48.71 -26.59 -20.27
N PRO C 763 48.26 -26.87 -21.49
CA PRO C 763 47.14 -26.09 -22.05
C PRO C 763 45.83 -26.22 -21.30
N LYS C 764 45.50 -27.40 -20.78
CA LYS C 764 44.23 -27.58 -20.08
C LYS C 764 44.19 -26.79 -18.77
N MET C 765 45.27 -26.88 -18.00
CA MET C 765 45.37 -26.08 -16.78
C MET C 765 45.35 -24.60 -17.09
N ALA C 766 46.00 -24.18 -18.18
CA ALA C 766 45.99 -22.78 -18.57
C ALA C 766 44.57 -22.30 -18.83
N ARG C 767 43.75 -23.12 -19.50
CA ARG C 767 42.38 -22.72 -19.75
C ARG C 767 41.57 -22.61 -18.46
N ILE C 768 41.71 -23.62 -17.58
CA ILE C 768 41.02 -23.56 -16.28
C ILE C 768 41.39 -22.29 -15.53
N LEU C 769 42.69 -21.97 -15.49
CA LEU C 769 43.17 -20.87 -14.67
C LEU C 769 42.79 -19.52 -15.25
N VAL C 770 42.76 -19.41 -16.58
CA VAL C 770 42.31 -18.15 -17.18
C VAL C 770 40.82 -17.95 -16.97
N ARG C 771 40.03 -19.04 -16.98
CA ARG C 771 38.61 -18.87 -16.69
C ARG C 771 38.37 -18.51 -15.23
N LEU C 772 39.25 -18.93 -14.31
CA LEU C 772 39.07 -18.52 -12.92
C LEU C 772 39.52 -17.09 -12.66
N GLY C 773 40.59 -16.63 -13.31
CA GLY C 773 40.98 -15.24 -13.16
C GLY C 773 42.36 -15.01 -12.57
N ILE C 774 43.32 -15.89 -12.84
CA ILE C 774 44.67 -15.69 -12.35
C ILE C 774 45.33 -14.53 -13.09
N ASP C 775 46.34 -13.94 -12.45
CA ASP C 775 47.00 -12.77 -13.00
C ASP C 775 48.20 -13.10 -13.87
N SER C 776 48.86 -14.23 -13.65
CA SER C 776 50.05 -14.57 -14.44
C SER C 776 50.22 -16.09 -14.50
N ILE C 777 51.02 -16.53 -15.48
CA ILE C 777 51.41 -17.92 -15.66
C ILE C 777 52.89 -17.97 -15.99
N SER C 778 53.60 -18.95 -15.45
CA SER C 778 55.04 -19.08 -15.61
C SER C 778 55.35 -20.40 -16.32
N ALA C 779 55.98 -20.32 -17.48
CA ALA C 779 56.19 -21.48 -18.35
C ALA C 779 57.67 -21.79 -18.52
N ASN C 780 57.94 -23.01 -18.96
CA ASN C 780 59.30 -23.41 -19.26
C ASN C 780 59.80 -22.67 -20.50
N PRO C 781 61.12 -22.45 -20.62
CA PRO C 781 61.63 -21.59 -21.70
C PRO C 781 61.26 -22.04 -23.11
N ASP C 782 60.83 -23.28 -23.31
CA ASP C 782 60.44 -23.76 -24.64
C ASP C 782 58.96 -24.03 -24.75
N ALA C 783 58.13 -23.38 -23.93
CA ALA C 783 56.69 -23.53 -23.98
C ALA C 783 55.96 -22.19 -23.91
N VAL C 784 56.66 -21.08 -24.15
CA VAL C 784 56.06 -19.76 -23.96
C VAL C 784 55.07 -19.44 -25.07
N GLN C 785 55.39 -19.85 -26.30
CA GLN C 785 54.56 -19.50 -27.45
C GLN C 785 53.24 -20.26 -27.44
N LEU C 786 53.30 -21.55 -27.11
CA LEU C 786 52.09 -22.36 -27.02
C LEU C 786 51.12 -21.81 -25.99
N ILE C 787 51.64 -21.49 -24.80
CA ILE C 787 50.78 -20.97 -23.74
C ILE C 787 50.23 -19.60 -24.13
N ARG C 788 51.05 -18.79 -24.82
CA ARG C 788 50.58 -17.50 -25.30
C ARG C 788 49.37 -17.65 -26.22
N GLN C 789 49.44 -18.58 -27.17
CA GLN C 789 48.30 -18.82 -28.07
C GLN C 789 47.06 -19.33 -27.33
N VAL C 790 47.25 -20.30 -26.42
CA VAL C 790 46.11 -20.83 -25.66
C VAL C 790 45.42 -19.71 -24.86
N VAL C 791 46.20 -18.83 -24.25
CA VAL C 791 45.62 -17.77 -23.43
C VAL C 791 44.88 -16.76 -24.29
N ALA C 792 45.45 -16.40 -25.44
CA ALA C 792 44.76 -15.49 -26.35
C ALA C 792 43.40 -16.01 -26.78
N GLN C 793 43.35 -17.30 -27.16
CA GLN C 793 42.08 -17.88 -27.60
C GLN C 793 41.04 -17.87 -26.47
N GLU C 794 41.46 -18.25 -25.25
CA GLU C 794 40.52 -18.27 -24.12
C GLU C 794 39.96 -16.88 -23.84
N GLU C 795 40.80 -15.84 -23.92
CA GLU C 795 40.31 -14.49 -23.66
C GLU C 795 39.29 -14.04 -24.70
N ARG C 796 39.55 -14.32 -25.98
CA ARG C 796 38.56 -13.94 -27.00
C ARG C 796 37.24 -14.68 -26.79
N LYS C 797 37.30 -15.95 -26.39
CA LYS C 797 36.08 -16.69 -26.07
C LYS C 797 35.26 -16.00 -24.99
N LEU C 798 35.93 -15.63 -23.88
CA LEU C 798 35.22 -14.98 -22.78
C LEU C 798 34.52 -13.70 -23.25
N MET C 799 35.25 -12.87 -23.99
CA MET C 799 34.67 -11.61 -24.48
C MET C 799 33.45 -11.85 -25.36
N LEU C 800 33.52 -12.84 -26.25
CA LEU C 800 32.39 -13.15 -27.12
C LEU C 800 31.18 -13.58 -26.31
N GLU C 801 31.39 -14.42 -25.29
CA GLU C 801 30.29 -14.87 -24.44
C GLU C 801 29.59 -13.69 -23.77
N ALA C 802 30.36 -12.74 -23.24
CA ALA C 802 29.73 -11.61 -22.57
C ALA C 802 28.96 -10.74 -23.56
N ALA C 803 29.51 -10.55 -24.77
CA ALA C 803 28.78 -9.78 -25.78
C ALA C 803 27.45 -10.44 -26.15
N ARG C 804 27.45 -11.76 -26.32
CA ARG C 804 26.21 -12.45 -26.67
C ARG C 804 25.19 -12.36 -25.55
N LYS C 805 25.63 -12.51 -24.30
CA LYS C 805 24.68 -12.37 -23.19
C LYS C 805 24.08 -10.97 -23.15
N GLN C 806 24.88 -9.95 -23.46
CA GLN C 806 24.36 -8.59 -23.43
C GLN C 806 23.38 -8.34 -24.57
N LEU C 807 23.65 -8.88 -25.76
CA LEU C 807 22.82 -8.55 -26.92
C LEU C 807 21.48 -9.27 -26.89
N GLY D 506 54.05 -11.70 -38.47
CA GLY D 506 54.75 -12.45 -37.44
C GLY D 506 53.81 -13.08 -36.43
N ALA D 507 52.68 -12.45 -36.21
CA ALA D 507 51.67 -12.97 -35.29
C ALA D 507 50.52 -13.57 -36.07
N PRO D 508 50.10 -14.80 -35.77
CA PRO D 508 48.94 -15.38 -36.47
C PRO D 508 47.64 -14.68 -36.11
N LEU D 509 46.61 -14.98 -36.90
CA LEU D 509 45.28 -14.45 -36.64
C LEU D 509 44.57 -15.33 -35.62
N VAL D 510 43.92 -14.70 -34.64
CA VAL D 510 43.37 -15.38 -33.47
C VAL D 510 41.87 -15.12 -33.39
N THR D 511 41.09 -16.19 -33.35
CA THR D 511 39.63 -16.10 -33.25
C THR D 511 39.16 -16.90 -32.05
N GLY D 512 38.01 -16.52 -31.51
CA GLY D 512 37.44 -17.28 -30.41
C GLY D 512 36.85 -18.60 -30.88
N THR D 513 36.11 -18.57 -31.98
CA THR D 513 35.63 -19.79 -32.61
C THR D 513 36.80 -20.56 -33.20
N MET D 514 36.76 -21.88 -33.05
CA MET D 514 37.80 -22.75 -33.58
C MET D 514 37.54 -23.08 -35.03
N VAL D 515 38.60 -23.00 -35.85
CA VAL D 515 38.55 -23.37 -37.26
C VAL D 515 39.43 -24.61 -37.42
N LYS D 516 38.84 -25.72 -37.83
CA LYS D 516 39.54 -26.97 -38.02
C LYS D 516 39.58 -27.33 -39.50
N VAL D 517 40.09 -28.52 -39.82
CA VAL D 517 40.34 -28.94 -41.20
C VAL D 517 39.83 -30.36 -41.40
N ASN D 518 39.47 -30.68 -42.64
CA ASN D 518 38.87 -31.96 -43.00
C ASN D 518 39.90 -32.83 -43.71
N VAL D 519 40.36 -33.89 -43.05
CA VAL D 519 41.41 -34.75 -43.57
C VAL D 519 40.76 -35.97 -44.21
N SER D 520 41.15 -36.26 -45.45
CA SER D 520 40.53 -37.36 -46.20
C SER D 520 41.36 -38.64 -46.16
N MET D 521 42.66 -38.55 -46.36
CA MET D 521 43.57 -39.68 -46.37
C MET D 521 44.70 -39.40 -45.39
N PRO D 522 45.43 -40.43 -44.97
CA PRO D 522 46.56 -40.21 -44.06
C PRO D 522 47.81 -39.68 -44.75
N GLU D 523 47.74 -39.43 -46.06
CA GLU D 523 48.88 -38.92 -46.80
C GLU D 523 48.86 -37.41 -46.95
N VAL D 524 47.68 -36.79 -47.04
CA VAL D 524 47.57 -35.35 -46.96
C VAL D 524 47.35 -34.95 -45.50
N ALA D 525 48.44 -34.91 -44.74
CA ALA D 525 48.38 -34.57 -43.32
C ALA D 525 49.42 -33.54 -42.90
N GLU D 526 50.48 -33.35 -43.69
CA GLU D 526 51.43 -32.29 -43.41
C GLU D 526 51.01 -30.99 -44.07
N ARG D 527 50.51 -31.07 -45.30
CA ARG D 527 49.94 -29.88 -45.94
C ARG D 527 48.72 -29.38 -45.17
N ALA D 528 48.08 -30.24 -44.39
CA ALA D 528 46.94 -29.82 -43.59
C ALA D 528 47.39 -29.25 -42.26
N ALA D 529 48.41 -29.84 -41.64
CA ALA D 529 48.95 -29.30 -40.40
C ALA D 529 49.70 -28.00 -40.63
N ALA D 530 50.05 -27.68 -41.88
CA ALA D 530 50.73 -26.44 -42.18
C ALA D 530 49.78 -25.29 -42.49
N THR D 531 48.48 -25.48 -42.28
CA THR D 531 47.52 -24.42 -42.58
C THR D 531 47.20 -23.55 -41.37
N GLY D 532 47.59 -23.98 -40.17
CA GLY D 532 47.25 -23.25 -38.98
C GLY D 532 45.91 -23.61 -38.36
N ALA D 533 45.40 -24.82 -38.63
CA ALA D 533 44.13 -25.23 -38.09
C ALA D 533 44.25 -25.57 -36.61
N ASP D 534 43.11 -25.64 -35.93
CA ASP D 534 43.06 -25.90 -34.50
C ASP D 534 42.87 -27.37 -34.19
N GLY D 535 42.85 -28.22 -35.20
CA GLY D 535 42.66 -29.64 -35.01
C GLY D 535 42.10 -30.25 -36.28
N VAL D 536 41.82 -31.55 -36.20
CA VAL D 536 41.13 -32.26 -37.26
C VAL D 536 39.66 -32.39 -36.88
N GLY D 537 38.78 -32.12 -37.83
CA GLY D 537 37.36 -32.15 -37.55
C GLY D 537 36.70 -33.42 -38.01
N LEU D 538 37.28 -34.06 -39.03
CA LEU D 538 36.74 -35.30 -39.55
C LEU D 538 37.83 -36.03 -40.32
N LEU D 539 38.23 -37.20 -39.83
CA LEU D 539 39.13 -38.09 -40.54
C LEU D 539 38.37 -39.35 -40.92
N ARG D 540 38.17 -39.55 -42.22
CA ARG D 540 37.39 -40.68 -42.70
C ARG D 540 38.22 -41.94 -42.81
N ALA D 541 37.55 -43.08 -42.70
CA ALA D 541 38.20 -44.38 -42.71
C ALA D 541 37.92 -45.18 -43.98
N GLU D 542 37.11 -44.67 -44.89
CA GLU D 542 36.76 -45.39 -46.11
C GLU D 542 38.01 -45.82 -46.87
N HIS D 543 38.97 -44.90 -47.03
CA HIS D 543 40.19 -45.22 -47.76
C HIS D 543 41.02 -46.26 -47.03
N MET D 544 41.29 -46.02 -45.74
CA MET D 544 42.18 -46.90 -44.99
C MET D 544 41.64 -48.32 -44.87
N ILE D 545 40.33 -48.51 -45.06
CA ILE D 545 39.76 -49.85 -44.96
C ILE D 545 39.57 -50.49 -46.33
N LEU D 546 39.02 -49.76 -47.29
CA LEU D 546 38.78 -50.29 -48.62
C LEU D 546 40.01 -50.24 -49.52
N SER D 547 41.20 -50.17 -48.95
CA SER D 547 42.43 -50.11 -49.73
C SER D 547 43.09 -51.48 -49.93
N ILE D 548 42.57 -52.52 -49.29
CA ILE D 548 43.20 -53.83 -49.33
C ILE D 548 42.66 -54.66 -50.49
N GLY D 549 41.89 -54.02 -51.38
CA GLY D 549 41.35 -54.68 -52.55
C GLY D 549 40.56 -55.94 -52.26
N GLN D 550 39.80 -55.96 -51.16
CA GLN D 550 39.11 -57.15 -50.72
C GLN D 550 37.94 -56.76 -49.82
N HIS D 551 36.90 -57.57 -49.83
CA HIS D 551 35.77 -57.36 -48.94
C HIS D 551 36.22 -57.62 -47.49
N PRO D 552 36.07 -56.64 -46.59
CA PRO D 552 36.57 -56.84 -45.22
C PRO D 552 35.94 -58.02 -44.50
N ILE D 553 34.64 -58.25 -44.68
CA ILE D 553 34.00 -59.42 -44.07
C ILE D 553 34.62 -60.69 -44.63
N LYS D 554 34.87 -60.72 -45.94
CA LYS D 554 35.61 -61.82 -46.55
C LYS D 554 37.05 -61.86 -46.04
N PHE D 555 37.64 -60.69 -45.81
CA PHE D 555 39.03 -60.63 -45.37
C PHE D 555 39.21 -61.24 -43.99
N ILE D 556 38.18 -61.17 -43.14
CA ILE D 556 38.33 -61.68 -41.78
C ILE D 556 37.86 -63.12 -41.65
N LYS D 557 36.99 -63.55 -42.58
CA LYS D 557 36.56 -64.94 -42.57
C LYS D 557 37.77 -65.72 -43.02
N GLU D 558 38.43 -65.24 -44.07
CA GLU D 558 39.67 -65.88 -44.50
C GLU D 558 40.54 -65.90 -43.28
N GLY D 559 40.55 -64.82 -42.52
CA GLY D 559 41.29 -64.80 -41.28
C GLY D 559 42.56 -63.98 -41.23
N LYS D 560 42.54 -62.74 -41.73
CA LYS D 560 43.74 -61.93 -41.58
C LYS D 560 43.36 -60.69 -40.80
N GLU D 561 43.10 -60.84 -39.52
CA GLU D 561 42.65 -59.70 -38.72
C GLU D 561 43.79 -58.78 -38.32
N GLU D 562 44.91 -59.34 -37.87
CA GLU D 562 45.97 -58.52 -37.29
C GLU D 562 46.62 -57.61 -38.33
N GLU D 563 46.68 -58.07 -39.58
CA GLU D 563 47.24 -57.24 -40.64
C GLU D 563 46.43 -55.95 -40.83
N LEU D 564 45.11 -56.11 -41.00
CA LEU D 564 44.24 -54.94 -41.12
C LEU D 564 44.30 -54.07 -39.89
N VAL D 565 44.32 -54.69 -38.71
CA VAL D 565 44.38 -53.92 -37.46
C VAL D 565 45.62 -53.04 -37.43
N GLU D 566 46.80 -53.63 -37.63
CA GLU D 566 48.03 -52.86 -37.52
C GLU D 566 48.18 -51.84 -38.66
N LYS D 567 47.61 -52.13 -39.83
CA LYS D 567 47.61 -51.14 -40.90
C LYS D 567 46.79 -49.91 -40.50
N LEU D 568 45.57 -50.13 -40.01
CA LEU D 568 44.79 -49.03 -39.46
C LEU D 568 45.57 -48.29 -38.38
N ALA D 569 46.29 -49.04 -37.54
CA ALA D 569 47.02 -48.43 -36.44
C ALA D 569 48.05 -47.43 -36.93
N GLU D 570 48.87 -47.83 -37.91
CA GLU D 570 49.87 -46.89 -38.40
C GLU D 570 49.23 -45.74 -39.16
N GLY D 571 48.18 -46.02 -39.93
CA GLY D 571 47.47 -44.95 -40.63
C GLY D 571 46.94 -43.88 -39.68
N ILE D 572 46.42 -44.29 -38.52
CA ILE D 572 45.89 -43.36 -37.54
C ILE D 572 46.99 -42.64 -36.79
N GLU D 573 48.06 -43.36 -36.44
CA GLU D 573 49.13 -42.74 -35.65
C GLU D 573 49.85 -41.67 -36.45
N LYS D 574 49.95 -41.85 -37.77
CA LYS D 574 50.55 -40.81 -38.61
C LYS D 574 49.83 -39.47 -38.42
N VAL D 575 48.51 -39.47 -38.59
CA VAL D 575 47.72 -38.26 -38.44
C VAL D 575 47.75 -37.76 -37.00
N ALA D 576 47.64 -38.67 -36.03
CA ALA D 576 47.63 -38.25 -34.64
C ALA D 576 48.93 -37.58 -34.23
N ALA D 577 50.05 -37.97 -34.83
CA ALA D 577 51.34 -37.39 -34.47
C ALA D 577 51.69 -36.16 -35.30
N ALA D 578 50.99 -35.92 -36.40
CA ALA D 578 51.20 -34.67 -37.14
C ALA D 578 50.53 -33.53 -36.39
N PHE D 579 49.42 -33.81 -35.71
CA PHE D 579 48.75 -32.79 -34.91
C PHE D 579 48.57 -33.32 -33.49
N TYR D 580 49.64 -33.37 -32.72
CA TYR D 580 49.57 -33.90 -31.34
C TYR D 580 48.90 -33.00 -30.31
N PRO D 581 49.52 -31.86 -29.98
CA PRO D 581 48.77 -31.12 -28.94
C PRO D 581 47.31 -30.89 -29.35
N ARG D 582 46.98 -30.94 -30.63
CA ARG D 582 45.63 -30.67 -31.09
C ARG D 582 44.75 -31.91 -31.22
N PRO D 583 43.45 -31.76 -30.98
CA PRO D 583 42.51 -32.87 -31.09
C PRO D 583 42.33 -33.36 -32.51
N VAL D 584 41.99 -34.64 -32.63
CA VAL D 584 41.66 -35.29 -33.90
C VAL D 584 40.43 -36.16 -33.69
N TRP D 585 39.46 -36.06 -34.59
CA TRP D 585 38.20 -36.79 -34.48
C TRP D 585 38.07 -37.77 -35.64
N TYR D 586 37.73 -39.01 -35.33
CA TYR D 586 37.74 -40.12 -36.28
C TYR D 586 36.36 -40.77 -36.34
N ARG D 587 35.83 -40.96 -37.55
CA ARG D 587 34.49 -41.46 -37.77
C ARG D 587 34.52 -42.88 -38.32
N THR D 588 33.82 -43.80 -37.66
CA THR D 588 33.83 -45.19 -38.06
C THR D 588 33.21 -45.38 -39.45
N LEU D 589 33.41 -46.57 -40.00
CA LEU D 589 33.13 -46.83 -41.41
C LEU D 589 31.67 -46.53 -41.76
N ASP D 590 31.48 -45.94 -42.94
CA ASP D 590 30.14 -45.57 -43.40
C ASP D 590 30.17 -45.50 -44.92
N ALA D 591 29.52 -46.46 -45.57
CA ALA D 591 29.43 -46.50 -47.03
C ALA D 591 28.21 -47.29 -47.42
N PRO D 592 27.58 -46.98 -48.54
CA PRO D 592 26.37 -47.70 -48.95
C PRO D 592 26.65 -49.14 -49.32
N THR D 593 25.61 -49.89 -49.70
CA THR D 593 25.79 -51.28 -50.08
C THR D 593 26.32 -51.45 -51.49
N ASN D 594 26.07 -50.49 -52.39
CA ASN D 594 26.64 -50.54 -53.72
C ASN D 594 28.07 -50.04 -53.76
N GLU D 595 28.73 -49.98 -52.62
CA GLU D 595 30.17 -49.76 -52.52
C GLU D 595 30.93 -51.02 -52.15
N PHE D 596 30.27 -51.96 -51.46
CA PHE D 596 30.87 -53.25 -51.16
C PHE D 596 30.66 -54.24 -52.30
N ARG D 597 29.75 -53.94 -53.22
CA ARG D 597 29.48 -54.85 -54.32
C ARG D 597 30.60 -54.87 -55.35
N GLU D 598 31.44 -53.84 -55.39
CA GLU D 598 32.39 -53.65 -56.47
C GLU D 598 33.80 -54.06 -56.07
N MET D 599 33.93 -54.91 -55.07
CA MET D 599 35.23 -55.36 -54.60
C MET D 599 35.35 -56.88 -54.77
N PRO D 600 36.59 -57.40 -54.84
CA PRO D 600 36.71 -58.86 -54.89
C PRO D 600 36.09 -59.49 -53.66
N GLY D 601 35.05 -60.28 -53.84
CA GLY D 601 34.37 -60.89 -52.71
C GLY D 601 32.98 -60.31 -52.57
N GLY D 602 32.71 -59.24 -53.31
CA GLY D 602 31.41 -58.61 -53.27
C GLY D 602 30.51 -59.18 -54.34
N GLU D 603 29.98 -60.37 -54.09
CA GLU D 603 29.10 -61.01 -55.07
C GLU D 603 27.75 -61.24 -54.43
N ASP D 604 27.73 -61.37 -53.11
CA ASP D 604 26.47 -61.53 -52.40
C ASP D 604 25.98 -60.16 -52.04
N GLU D 605 24.98 -59.65 -52.74
CA GLU D 605 24.48 -58.30 -52.46
C GLU D 605 22.96 -58.22 -52.62
N PRO D 606 22.36 -57.09 -52.21
CA PRO D 606 20.90 -57.00 -52.26
C PRO D 606 20.36 -56.20 -53.43
N GLU D 607 21.21 -55.43 -54.11
CA GLU D 607 20.73 -54.57 -55.18
C GLU D 607 19.45 -53.87 -54.76
N GLU D 608 19.50 -53.11 -53.67
CA GLU D 608 18.31 -52.45 -53.15
C GLU D 608 17.79 -51.36 -54.07
N ARG D 609 16.57 -50.90 -53.81
CA ARG D 609 16.00 -49.84 -54.64
C ARG D 609 16.27 -48.46 -54.03
N ASN D 610 16.65 -48.41 -52.75
CA ASN D 610 16.99 -47.14 -52.12
C ASN D 610 18.17 -47.27 -51.16
N PRO D 611 19.42 -47.22 -51.68
CA PRO D 611 20.57 -47.43 -50.79
C PRO D 611 20.82 -46.27 -49.84
N MET D 612 20.13 -45.14 -49.99
CA MET D 612 20.27 -44.04 -49.05
C MET D 612 19.51 -44.27 -47.76
N LEU D 613 18.42 -45.03 -47.80
CA LEU D 613 17.60 -45.33 -46.64
C LEU D 613 17.74 -46.80 -46.24
N GLY D 614 18.93 -47.36 -46.43
CA GLY D 614 19.09 -48.78 -46.24
C GLY D 614 20.05 -49.20 -45.14
N TRP D 615 20.76 -50.30 -45.38
CA TRP D 615 21.60 -50.95 -44.38
C TRP D 615 23.01 -50.38 -44.49
N ARG D 616 23.31 -49.40 -43.65
CA ARG D 616 24.60 -48.73 -43.69
C ARG D 616 24.87 -48.10 -42.34
N GLY D 617 26.08 -47.58 -42.17
CA GLY D 617 26.41 -46.87 -40.96
C GLY D 617 26.44 -47.78 -39.74
N ILE D 618 26.12 -47.17 -38.59
CA ILE D 618 26.19 -47.91 -37.33
C ILE D 618 25.16 -49.03 -37.25
N ARG D 619 24.11 -49.01 -38.07
CA ARG D 619 23.19 -50.15 -38.12
C ARG D 619 23.94 -51.40 -38.58
N ARG D 620 24.45 -51.36 -39.81
CA ARG D 620 25.28 -52.45 -40.30
C ARG D 620 26.43 -52.75 -39.35
N GLY D 621 27.02 -51.71 -38.76
CA GLY D 621 28.12 -51.94 -37.85
C GLY D 621 27.75 -52.78 -36.65
N LEU D 622 26.59 -52.51 -36.06
CA LEU D 622 26.13 -53.27 -34.91
C LEU D 622 25.60 -54.64 -35.30
N ASP D 623 25.21 -54.83 -36.56
CA ASP D 623 24.82 -56.17 -37.00
C ASP D 623 26.01 -57.11 -37.05
N GLN D 624 27.17 -56.62 -37.52
CA GLN D 624 28.39 -57.42 -37.65
C GLN D 624 29.47 -56.80 -36.77
N PRO D 625 29.50 -57.15 -35.49
CA PRO D 625 30.36 -56.42 -34.54
C PRO D 625 31.86 -56.62 -34.74
N GLU D 626 32.27 -57.36 -35.76
CA GLU D 626 33.69 -57.62 -35.94
C GLU D 626 34.42 -56.39 -36.47
N LEU D 627 33.77 -55.62 -37.34
CA LEU D 627 34.37 -54.38 -37.82
C LEU D 627 34.61 -53.41 -36.67
N LEU D 628 33.60 -53.26 -35.80
CA LEU D 628 33.76 -52.43 -34.62
C LEU D 628 34.87 -52.94 -33.73
N ARG D 629 34.94 -54.25 -33.53
CA ARG D 629 36.00 -54.85 -32.72
C ARG D 629 37.37 -54.47 -33.25
N ALA D 630 37.57 -54.62 -34.56
CA ALA D 630 38.87 -54.35 -35.15
C ALA D 630 39.24 -52.87 -35.06
N GLU D 631 38.28 -51.99 -35.35
CA GLU D 631 38.57 -50.56 -35.30
C GLU D 631 38.89 -50.11 -33.88
N PHE D 632 38.13 -50.60 -32.89
CA PHE D 632 38.42 -50.22 -31.51
C PHE D 632 39.75 -50.80 -31.06
N LYS D 633 40.13 -51.98 -31.55
CA LYS D 633 41.44 -52.54 -31.25
C LYS D 633 42.55 -51.63 -31.76
N ALA D 634 42.46 -51.21 -33.03
CA ALA D 634 43.48 -50.34 -33.58
C ALA D 634 43.54 -49.00 -32.85
N ILE D 635 42.38 -48.46 -32.48
CA ILE D 635 42.37 -47.17 -31.78
C ILE D 635 43.06 -47.29 -30.43
N LYS D 636 42.72 -48.33 -29.65
CA LYS D 636 43.41 -48.54 -28.39
C LYS D 636 44.90 -48.78 -28.60
N LYS D 637 45.26 -49.44 -29.70
CA LYS D 637 46.65 -49.71 -30.02
C LYS D 637 47.44 -48.41 -30.15
N VAL D 638 46.93 -47.47 -30.96
CA VAL D 638 47.64 -46.20 -31.08
C VAL D 638 47.46 -45.33 -29.85
N VAL D 639 46.45 -45.60 -29.01
CA VAL D 639 46.31 -44.81 -27.80
C VAL D 639 47.39 -45.16 -26.79
N GLU D 640 47.70 -46.44 -26.62
CA GLU D 640 48.63 -46.85 -25.57
C GLU D 640 50.06 -46.42 -25.84
N LYS D 641 50.37 -45.94 -27.05
CA LYS D 641 51.67 -45.34 -27.29
C LYS D 641 51.82 -43.97 -26.64
N GLY D 642 50.72 -43.36 -26.22
CA GLY D 642 50.78 -42.11 -25.48
C GLY D 642 50.06 -40.94 -26.11
N TYR D 643 49.19 -41.21 -27.09
CA TYR D 643 48.43 -40.17 -27.78
C TYR D 643 47.08 -40.04 -27.10
N ASN D 644 46.91 -38.96 -26.33
CA ASN D 644 45.67 -38.73 -25.59
C ASN D 644 44.81 -37.63 -26.20
N ASN D 645 44.74 -37.57 -27.53
CA ASN D 645 44.02 -36.49 -28.20
C ASN D 645 43.11 -37.05 -29.28
N ILE D 646 42.65 -38.28 -29.13
CA ILE D 646 41.79 -38.94 -30.10
C ILE D 646 40.37 -39.01 -29.54
N GLY D 647 39.40 -39.06 -30.45
CA GLY D 647 38.02 -39.23 -30.07
C GLY D 647 37.28 -39.97 -31.17
N VAL D 648 36.19 -40.62 -30.78
CA VAL D 648 35.43 -41.50 -31.67
C VAL D 648 34.08 -40.88 -31.98
N MET D 649 33.66 -41.05 -33.24
CA MET D 649 32.43 -40.44 -33.75
C MET D 649 31.59 -41.52 -34.44
N LEU D 650 30.34 -41.68 -34.01
CA LEU D 650 29.44 -42.68 -34.55
C LEU D 650 28.51 -42.06 -35.59
N PRO D 651 28.39 -42.66 -36.78
CA PRO D 651 27.52 -42.10 -37.81
C PRO D 651 26.12 -42.70 -37.82
N LEU D 652 25.15 -41.85 -38.17
CA LEU D 652 23.76 -42.25 -38.44
C LEU D 652 23.10 -42.92 -37.22
N VAL D 653 22.96 -42.13 -36.16
CA VAL D 653 22.35 -42.58 -34.91
C VAL D 653 20.93 -42.01 -34.83
N SER D 654 19.97 -42.87 -34.46
CA SER D 654 18.61 -42.39 -34.23
C SER D 654 17.89 -43.02 -33.04
N HIS D 655 18.54 -43.91 -32.28
CA HIS D 655 17.99 -44.47 -31.06
C HIS D 655 19.11 -44.51 -30.02
N PRO D 656 18.79 -44.31 -28.74
CA PRO D 656 19.83 -44.42 -27.70
C PRO D 656 20.37 -45.83 -27.53
N GLU D 657 19.58 -46.85 -27.88
CA GLU D 657 20.04 -48.22 -27.78
C GLU D 657 21.30 -48.43 -28.61
N GLN D 658 21.41 -47.75 -29.75
CA GLN D 658 22.62 -47.87 -30.56
C GLN D 658 23.84 -47.35 -29.80
N ILE D 659 23.69 -46.23 -29.10
CA ILE D 659 24.80 -45.67 -28.33
C ILE D 659 25.20 -46.63 -27.22
N ARG D 660 24.22 -47.21 -26.52
CA ARG D 660 24.57 -48.09 -25.41
C ARG D 660 25.23 -49.39 -25.90
N GLU D 661 24.73 -49.96 -27.00
CA GLU D 661 25.34 -51.18 -27.53
C GLU D 661 26.75 -50.91 -28.03
N ALA D 662 26.98 -49.75 -28.65
CA ALA D 662 28.34 -49.41 -29.07
C ALA D 662 29.26 -49.26 -27.87
N LYS D 663 28.78 -48.62 -26.79
CA LYS D 663 29.61 -48.47 -25.61
C LYS D 663 29.97 -49.84 -25.02
N ARG D 664 29.03 -50.77 -25.01
CA ARG D 664 29.32 -52.10 -24.49
C ARG D 664 30.32 -52.84 -25.38
N ILE D 665 30.10 -52.82 -26.70
CA ILE D 665 31.02 -53.48 -27.62
C ILE D 665 32.43 -52.94 -27.44
N ALA D 666 32.55 -51.62 -27.23
CA ALA D 666 33.87 -51.04 -27.07
C ALA D 666 34.48 -51.41 -25.74
N ARG D 667 33.66 -51.49 -24.69
CA ARG D 667 34.20 -51.81 -23.37
C ARG D 667 34.60 -53.26 -23.24
N GLU D 668 34.08 -54.15 -24.09
CA GLU D 668 34.50 -55.55 -23.96
C GLU D 668 35.95 -55.78 -24.36
N VAL D 669 36.49 -55.00 -25.30
CA VAL D 669 37.83 -55.27 -25.82
C VAL D 669 38.90 -54.36 -25.23
N GLY D 670 38.61 -53.69 -24.12
CA GLY D 670 39.62 -52.96 -23.38
C GLY D 670 39.53 -51.46 -23.44
N LEU D 671 39.01 -50.89 -24.52
CA LEU D 671 38.89 -49.44 -24.65
C LEU D 671 37.87 -48.90 -23.67
N GLU D 672 38.13 -47.71 -23.15
CA GLU D 672 37.29 -47.10 -22.12
C GLU D 672 36.83 -45.71 -22.52
N PRO D 673 35.53 -45.52 -22.78
CA PRO D 673 35.03 -44.18 -23.11
C PRO D 673 35.27 -43.18 -21.99
N HIS D 674 35.42 -41.92 -22.37
CA HIS D 674 35.52 -40.75 -21.49
C HIS D 674 36.76 -40.76 -20.61
N LYS D 675 37.61 -41.79 -20.70
CA LYS D 675 38.87 -41.84 -19.97
C LYS D 675 40.06 -42.20 -20.84
N ASP D 676 39.85 -42.81 -22.00
CA ASP D 676 40.90 -43.02 -22.99
C ASP D 676 40.68 -42.23 -24.26
N VAL D 677 39.42 -41.93 -24.60
CA VAL D 677 39.07 -41.21 -25.82
C VAL D 677 37.89 -40.30 -25.50
N ALA D 678 37.43 -39.60 -26.53
CA ALA D 678 36.19 -38.84 -26.45
C ALA D 678 35.08 -39.58 -27.19
N TRP D 679 33.85 -39.40 -26.72
CA TRP D 679 32.70 -40.10 -27.26
C TRP D 679 31.71 -39.06 -27.79
N GLY D 680 31.39 -39.15 -29.09
CA GLY D 680 30.47 -38.22 -29.72
C GLY D 680 29.71 -38.88 -30.84
N VAL D 681 28.78 -38.14 -31.44
CA VAL D 681 27.88 -38.67 -32.45
C VAL D 681 27.75 -37.68 -33.61
N MET D 682 27.12 -38.15 -34.68
CA MET D 682 26.78 -37.35 -35.84
C MET D 682 25.28 -37.12 -35.92
N ILE D 683 24.88 -35.94 -36.38
CA ILE D 683 23.48 -35.57 -36.50
C ILE D 683 23.16 -35.43 -37.98
N GLU D 684 22.49 -36.45 -38.54
CA GLU D 684 22.13 -36.44 -39.95
C GLU D 684 20.67 -36.81 -40.22
N VAL D 685 19.99 -37.51 -39.32
CA VAL D 685 18.58 -37.81 -39.51
C VAL D 685 17.77 -36.79 -38.72
N PRO D 686 16.62 -36.34 -39.23
CA PRO D 686 15.82 -35.38 -38.48
C PRO D 686 15.38 -35.86 -37.11
N ALA D 687 15.17 -37.17 -36.94
CA ALA D 687 14.79 -37.71 -35.64
C ALA D 687 15.83 -37.39 -34.59
N ALA D 688 17.11 -37.55 -34.92
CA ALA D 688 18.16 -37.27 -33.95
C ALA D 688 18.18 -35.80 -33.56
N ALA D 689 17.89 -34.92 -34.51
CA ALA D 689 17.81 -33.50 -34.20
C ALA D 689 16.59 -33.13 -33.38
N ILE D 690 15.53 -33.95 -33.40
CA ILE D 690 14.32 -33.59 -32.68
C ILE D 690 14.27 -34.15 -31.24
N ILE D 691 14.98 -35.24 -30.95
CA ILE D 691 14.99 -35.81 -29.61
C ILE D 691 16.39 -35.77 -29.01
N ILE D 692 17.13 -34.71 -29.31
CA ILE D 692 18.56 -34.64 -28.98
C ILE D 692 18.82 -34.84 -27.49
N GLU D 693 17.87 -34.45 -26.63
CA GLU D 693 18.11 -34.55 -25.19
C GLU D 693 18.21 -35.98 -24.73
N ASP D 694 17.41 -36.88 -25.31
CA ASP D 694 17.52 -38.29 -24.97
C ASP D 694 18.91 -38.82 -25.26
N LEU D 695 19.48 -38.45 -26.40
CA LEU D 695 20.84 -38.88 -26.74
C LEU D 695 21.85 -38.26 -25.79
N ILE D 696 21.66 -37.01 -25.40
CA ILE D 696 22.60 -36.36 -24.50
C ILE D 696 22.60 -37.05 -23.13
N LYS D 697 21.45 -37.56 -22.71
CA LYS D 697 21.39 -38.19 -21.39
C LYS D 697 22.10 -39.53 -21.30
N GLU D 698 22.76 -39.99 -22.37
CA GLU D 698 23.55 -41.20 -22.32
C GLU D 698 25.05 -40.91 -22.21
N GLY D 699 25.42 -39.69 -21.84
CA GLY D 699 26.82 -39.35 -21.66
C GLY D 699 27.65 -39.28 -22.92
N ILE D 700 27.43 -38.25 -23.74
CA ILE D 700 28.31 -38.00 -24.88
C ILE D 700 29.14 -36.75 -24.58
N ASP D 701 30.12 -36.47 -25.44
CA ASP D 701 31.00 -35.34 -25.22
C ASP D 701 30.90 -34.28 -26.31
N PHE D 702 30.60 -34.69 -27.52
CA PHE D 702 30.55 -33.74 -28.64
C PHE D 702 29.57 -34.13 -29.71
N VAL D 703 29.16 -33.17 -30.53
CA VAL D 703 28.21 -33.44 -31.62
C VAL D 703 28.65 -32.72 -32.88
N SER D 704 28.26 -33.23 -34.04
CA SER D 704 28.65 -32.64 -35.30
C SER D 704 27.52 -32.71 -36.31
N PHE D 705 27.31 -31.62 -37.04
CA PHE D 705 26.23 -31.51 -38.03
C PHE D 705 26.71 -31.98 -39.40
N GLY D 706 26.05 -33.00 -39.94
CA GLY D 706 26.21 -33.39 -41.33
C GLY D 706 25.22 -32.73 -42.26
N THR D 707 25.43 -31.46 -42.62
CA THR D 707 24.38 -30.69 -43.28
C THR D 707 23.98 -31.24 -44.64
N ASN D 708 24.88 -31.99 -45.29
CA ASN D 708 24.54 -32.64 -46.56
C ASN D 708 23.36 -33.60 -46.38
N ASP D 709 23.56 -34.62 -45.55
CA ASP D 709 22.54 -35.63 -45.34
C ASP D 709 21.30 -35.04 -44.68
N LEU D 710 21.49 -34.11 -43.75
CA LEU D 710 20.34 -33.51 -43.09
C LEU D 710 19.47 -32.74 -44.07
N THR D 711 20.07 -31.95 -44.95
CA THR D 711 19.30 -31.22 -45.95
C THR D 711 18.63 -32.19 -46.92
N GLN D 712 19.26 -33.31 -47.23
CA GLN D 712 18.63 -34.23 -48.15
C GLN D 712 17.46 -34.97 -47.53
N TYR D 713 17.59 -35.44 -46.29
CA TYR D 713 16.51 -36.16 -45.64
C TYR D 713 15.38 -35.27 -45.19
N THR D 714 15.63 -33.97 -44.98
CA THR D 714 14.58 -33.10 -44.50
C THR D 714 13.66 -32.64 -45.63
N LEU D 715 14.20 -32.42 -46.82
CA LEU D 715 13.41 -31.96 -47.96
C LEU D 715 12.93 -33.10 -48.85
N ALA D 716 13.26 -34.34 -48.52
CA ALA D 716 12.88 -35.51 -49.29
C ALA D 716 13.28 -35.35 -50.76
N ILE D 717 14.59 -35.25 -50.96
CA ILE D 717 15.14 -34.88 -52.27
C ILE D 717 16.52 -35.49 -52.40
N ASP D 718 16.79 -36.07 -53.57
CA ASP D 718 18.13 -36.54 -53.91
C ASP D 718 18.84 -35.48 -54.75
N ARG D 719 20.10 -35.24 -54.41
CA ARG D 719 20.85 -34.16 -55.06
C ARG D 719 21.47 -34.61 -56.37
N ASP D 720 21.80 -35.90 -56.50
CA ASP D 720 22.37 -36.41 -57.74
C ASP D 720 21.36 -36.47 -58.88
N ASN D 721 20.07 -36.45 -58.58
CA ASN D 721 19.04 -36.50 -59.61
C ASN D 721 18.94 -35.15 -60.30
N GLU D 722 19.02 -35.16 -61.63
CA GLU D 722 19.09 -33.94 -62.42
C GLU D 722 17.79 -33.14 -62.33
N ARG D 723 16.66 -33.84 -62.20
CA ARG D 723 15.36 -33.18 -62.33
C ARG D 723 14.92 -32.46 -61.06
N VAL D 724 15.41 -32.85 -59.89
CA VAL D 724 14.99 -32.23 -58.64
C VAL D 724 16.15 -31.62 -57.85
N ALA D 725 17.35 -31.52 -58.43
CA ALA D 725 18.46 -30.88 -57.74
C ALA D 725 18.37 -29.36 -57.76
N LYS D 726 17.38 -28.81 -58.45
CA LYS D 726 17.18 -27.36 -58.45
C LYS D 726 16.53 -26.86 -57.16
N LEU D 727 16.09 -27.75 -56.28
CA LEU D 727 15.46 -27.35 -55.04
C LEU D 727 16.39 -27.43 -53.83
N TYR D 728 17.56 -28.06 -54.00
CA TYR D 728 18.52 -28.19 -52.91
C TYR D 728 18.97 -26.82 -52.41
N ASP D 729 19.04 -26.69 -51.08
CA ASP D 729 19.45 -25.45 -50.44
C ASP D 729 19.77 -25.70 -48.97
N GLU D 730 20.97 -25.34 -48.53
CA GLU D 730 21.41 -25.62 -47.16
C GLU D 730 21.10 -24.50 -46.19
N THR D 731 20.55 -23.38 -46.66
CA THR D 731 20.06 -22.32 -45.80
C THR D 731 18.53 -22.22 -45.85
N HIS D 732 17.87 -23.35 -46.00
CA HIS D 732 16.41 -23.40 -45.95
C HIS D 732 15.95 -23.23 -44.50
N PRO D 733 14.84 -22.50 -44.27
CA PRO D 733 14.41 -22.21 -42.90
C PRO D 733 14.28 -23.42 -41.97
N ALA D 734 13.90 -24.58 -42.49
CA ALA D 734 13.65 -25.71 -41.60
C ALA D 734 14.94 -26.25 -41.02
N VAL D 735 15.98 -26.39 -41.85
CA VAL D 735 17.28 -26.84 -41.38
C VAL D 735 17.83 -25.87 -40.32
N LEU D 736 17.60 -24.57 -40.52
CA LEU D 736 18.10 -23.59 -39.57
C LEU D 736 17.36 -23.66 -38.24
N LYS D 737 16.04 -23.88 -38.27
CA LYS D 737 15.30 -24.13 -37.04
C LYS D 737 15.87 -25.33 -36.28
N LEU D 738 16.14 -26.42 -37.00
CA LEU D 738 16.67 -27.62 -36.34
C LEU D 738 18.02 -27.37 -35.71
N ILE D 739 18.91 -26.69 -36.45
CA ILE D 739 20.25 -26.39 -35.94
C ILE D 739 20.17 -25.50 -34.71
N LYS D 740 19.32 -24.49 -34.74
CA LYS D 740 19.18 -23.59 -33.59
C LYS D 740 18.71 -24.34 -32.36
N HIS D 741 17.72 -25.22 -32.52
CA HIS D 741 17.24 -26.01 -31.38
C HIS D 741 18.35 -26.86 -30.78
N VAL D 742 19.08 -27.59 -31.63
CA VAL D 742 20.15 -28.45 -31.13
C VAL D 742 21.19 -27.64 -30.36
N ILE D 743 21.67 -26.55 -30.96
CA ILE D 743 22.71 -25.73 -30.34
C ILE D 743 22.24 -25.24 -28.98
N LYS D 744 21.01 -24.73 -28.90
CA LYS D 744 20.45 -24.28 -27.63
C LYS D 744 20.56 -25.37 -26.57
N VAL D 745 20.11 -26.58 -26.90
CA VAL D 745 20.01 -27.62 -25.86
C VAL D 745 21.40 -28.05 -25.37
N CYS D 746 22.33 -28.32 -26.29
CA CYS D 746 23.60 -28.82 -25.79
C CYS D 746 24.45 -27.72 -25.18
N LYS D 747 24.25 -26.46 -25.60
CA LYS D 747 24.77 -25.35 -24.83
C LYS D 747 24.29 -25.42 -23.39
N ARG D 748 22.98 -25.61 -23.19
CA ARG D 748 22.45 -25.75 -21.84
C ARG D 748 23.09 -26.91 -21.07
N TYR D 749 23.42 -28.01 -21.73
CA TYR D 749 23.96 -29.17 -21.01
C TYR D 749 25.48 -29.25 -20.96
N GLY D 750 26.20 -28.29 -21.54
CA GLY D 750 27.65 -28.31 -21.46
C GLY D 750 28.34 -29.19 -22.47
N VAL D 751 27.76 -29.38 -23.65
CA VAL D 751 28.33 -30.20 -24.70
C VAL D 751 28.85 -29.30 -25.80
N GLU D 752 29.88 -29.77 -26.51
CA GLU D 752 30.50 -29.01 -27.58
C GLU D 752 29.88 -29.33 -28.93
N THR D 753 29.69 -28.30 -29.76
CA THR D 753 29.07 -28.42 -31.07
C THR D 753 30.06 -28.08 -32.18
N SER D 754 29.83 -28.66 -33.36
CA SER D 754 30.69 -28.42 -34.51
C SER D 754 29.90 -28.71 -35.78
N ILE D 755 30.50 -28.41 -36.92
CA ILE D 755 29.89 -28.70 -38.22
C ILE D 755 30.96 -29.06 -39.23
N CYS D 756 30.78 -30.19 -39.89
CA CYS D 756 31.59 -30.61 -41.03
C CYS D 756 30.72 -30.60 -42.29
N GLY D 757 31.33 -30.85 -43.42
CA GLY D 757 30.60 -30.94 -44.68
C GLY D 757 31.11 -29.93 -45.69
N GLN D 758 30.29 -29.71 -46.71
CA GLN D 758 30.61 -28.74 -47.75
C GLN D 758 30.13 -27.34 -47.40
N ALA D 759 29.19 -27.21 -46.46
CA ALA D 759 28.74 -25.90 -46.01
C ALA D 759 29.60 -25.35 -44.88
N GLY D 760 30.61 -26.10 -44.45
CA GLY D 760 31.63 -25.53 -43.59
C GLY D 760 32.58 -24.62 -44.32
N SER D 761 32.62 -24.70 -45.65
CA SER D 761 33.47 -23.86 -46.48
C SER D 761 32.68 -22.80 -47.23
N ASP D 762 31.67 -22.23 -46.60
CA ASP D 762 30.83 -21.19 -47.20
C ASP D 762 30.80 -19.96 -46.30
N PRO D 763 31.13 -18.78 -46.82
CA PRO D 763 31.12 -17.58 -45.96
C PRO D 763 29.76 -17.21 -45.38
N LYS D 764 28.68 -17.37 -46.13
CA LYS D 764 27.36 -16.99 -45.64
C LYS D 764 26.92 -17.89 -44.49
N MET D 765 27.10 -19.20 -44.65
CA MET D 765 26.79 -20.12 -43.56
C MET D 765 27.67 -19.85 -42.35
N ALA D 766 28.94 -19.52 -42.58
CA ALA D 766 29.83 -19.20 -41.47
C ALA D 766 29.31 -18.02 -40.67
N ARG D 767 28.82 -16.98 -41.36
CA ARG D 767 28.28 -15.84 -40.64
C ARG D 767 27.02 -16.20 -39.84
N ILE D 768 26.11 -16.95 -40.47
CA ILE D 768 24.90 -17.40 -39.75
C ILE D 768 25.29 -18.17 -38.49
N LEU D 769 26.25 -19.10 -38.62
CA LEU D 769 26.57 -20.00 -37.53
C LEU D 769 27.32 -19.29 -36.42
N VAL D 770 28.16 -18.31 -36.76
CA VAL D 770 28.84 -17.55 -35.71
C VAL D 770 27.85 -16.66 -34.98
N ARG D 771 26.85 -16.11 -35.68
CA ARG D 771 25.84 -15.34 -34.97
C ARG D 771 24.96 -16.20 -34.07
N LEU D 772 24.77 -17.48 -34.42
CA LEU D 772 24.00 -18.34 -33.52
C LEU D 772 24.82 -18.82 -32.32
N GLY D 773 26.11 -19.08 -32.49
CA GLY D 773 26.92 -19.45 -31.34
C GLY D 773 27.55 -20.82 -31.38
N ILE D 774 27.91 -21.31 -32.57
CA ILE D 774 28.57 -22.60 -32.66
C ILE D 774 29.99 -22.52 -32.11
N ASP D 775 30.52 -23.66 -31.71
CA ASP D 775 31.83 -23.70 -31.07
C ASP D 775 32.98 -23.92 -32.06
N SER D 776 32.73 -24.56 -33.20
CA SER D 776 33.80 -24.83 -34.15
C SER D 776 33.23 -24.94 -35.57
N ILE D 777 34.12 -24.80 -36.55
CA ILE D 777 33.82 -24.97 -37.96
C ILE D 777 34.96 -25.76 -38.60
N SER D 778 34.61 -26.67 -39.52
CA SER D 778 35.56 -27.57 -40.16
C SER D 778 35.57 -27.30 -41.67
N ALA D 779 36.72 -26.91 -42.20
CA ALA D 779 36.83 -26.45 -43.59
C ALA D 779 37.73 -27.36 -44.40
N ASN D 780 37.59 -27.26 -45.72
CA ASN D 780 38.45 -28.00 -46.62
C ASN D 780 39.88 -27.45 -46.55
N PRO D 781 40.89 -28.28 -46.83
CA PRO D 781 42.28 -27.85 -46.61
C PRO D 781 42.69 -26.58 -47.37
N ASP D 782 41.95 -26.17 -48.39
CA ASP D 782 42.28 -24.95 -49.14
C ASP D 782 41.28 -23.83 -48.93
N ALA D 783 40.55 -23.85 -47.81
CA ALA D 783 39.60 -22.79 -47.48
C ALA D 783 39.72 -22.32 -46.05
N VAL D 784 40.84 -22.61 -45.38
CA VAL D 784 40.96 -22.30 -43.95
C VAL D 784 41.16 -20.81 -43.72
N GLN D 785 41.92 -20.16 -44.61
CA GLN D 785 42.25 -18.75 -44.43
C GLN D 785 41.04 -17.85 -44.66
N LEU D 786 40.26 -18.16 -45.70
CA LEU D 786 39.06 -17.39 -45.99
C LEU D 786 38.08 -17.45 -44.84
N ILE D 787 37.84 -18.65 -44.31
CA ILE D 787 36.89 -18.81 -43.21
C ILE D 787 37.43 -18.12 -41.96
N ARG D 788 38.75 -18.18 -41.75
CA ARG D 788 39.36 -17.48 -40.63
C ARG D 788 39.07 -15.98 -40.67
N GLN D 789 39.25 -15.36 -41.84
CA GLN D 789 38.96 -13.94 -41.99
C GLN D 789 37.47 -13.61 -41.78
N VAL D 790 36.58 -14.41 -42.38
CA VAL D 790 35.14 -14.17 -42.21
C VAL D 790 34.75 -14.24 -40.74
N VAL D 791 35.29 -15.21 -40.00
CA VAL D 791 34.93 -15.37 -38.60
C VAL D 791 35.45 -14.22 -37.77
N ALA D 792 36.69 -13.78 -38.03
CA ALA D 792 37.23 -12.63 -37.31
C ALA D 792 36.38 -11.39 -37.48
N GLN D 793 35.97 -11.10 -38.72
CA GLN D 793 35.15 -9.91 -38.96
C GLN D 793 33.80 -10.00 -38.23
N GLU D 794 33.15 -11.17 -38.29
CA GLU D 794 31.86 -11.32 -37.61
C GLU D 794 31.98 -11.11 -36.11
N GLU D 795 33.05 -11.62 -35.49
CA GLU D 795 33.23 -11.43 -34.05
C GLU D 795 33.42 -9.97 -33.68
N ARG D 796 34.24 -9.23 -34.45
CA ARG D 796 34.40 -7.81 -34.14
C ARG D 796 33.09 -7.05 -34.29
N LYS D 797 32.28 -7.40 -35.29
CA LYS D 797 30.95 -6.80 -35.43
C LYS D 797 30.10 -7.00 -34.19
N LEU D 798 30.03 -8.25 -33.70
CA LEU D 798 29.22 -8.52 -32.52
C LEU D 798 29.66 -7.68 -31.33
N MET D 799 30.98 -7.63 -31.08
CA MET D 799 31.49 -6.86 -29.95
C MET D 799 31.14 -5.38 -30.07
N LEU D 800 31.26 -4.81 -31.27
CA LEU D 800 30.91 -3.40 -31.46
C LEU D 800 29.44 -3.16 -31.18
N GLU D 801 28.56 -4.05 -31.63
CA GLU D 801 27.14 -3.89 -31.37
C GLU D 801 26.83 -3.87 -29.88
N ALA D 802 27.46 -4.76 -29.11
CA ALA D 802 27.18 -4.78 -27.68
C ALA D 802 27.71 -3.51 -27.00
N ALA D 803 28.88 -3.03 -27.42
CA ALA D 803 29.40 -1.78 -26.86
C ALA D 803 28.46 -0.60 -27.12
N ARG D 804 27.93 -0.51 -28.35
CA ARG D 804 27.03 0.59 -28.68
C ARG D 804 25.74 0.50 -27.87
N LYS D 805 25.19 -0.70 -27.72
CA LYS D 805 23.98 -0.83 -26.91
C LYS D 805 24.23 -0.41 -25.47
N GLN D 806 25.41 -0.74 -24.94
CA GLN D 806 25.71 -0.36 -23.56
C GLN D 806 25.89 1.15 -23.41
N LEU D 807 26.54 1.79 -24.38
CA LEU D 807 26.87 3.21 -24.22
C LEU D 807 25.65 4.11 -24.40
N GLY E 506 24.94 -45.46 43.01
CA GLY E 506 24.08 -46.53 42.53
C GLY E 506 23.63 -46.33 41.09
N ALA E 507 23.51 -45.08 40.70
CA ALA E 507 23.11 -44.76 39.33
C ALA E 507 24.32 -44.28 38.54
N PRO E 508 24.58 -44.82 37.36
CA PRO E 508 25.71 -44.34 36.54
C PRO E 508 25.47 -42.93 36.02
N LEU E 509 26.55 -42.34 35.51
CA LEU E 509 26.47 -41.02 34.90
C LEU E 509 26.04 -41.15 33.45
N VAL E 510 25.10 -40.30 33.03
CA VAL E 510 24.42 -40.42 31.74
C VAL E 510 24.64 -39.15 30.93
N THR E 511 25.17 -39.31 29.72
CA THR E 511 25.42 -38.20 28.81
C THR E 511 24.73 -38.46 27.48
N GLY E 512 24.41 -37.38 26.77
CA GLY E 512 23.83 -37.54 25.45
C GLY E 512 24.86 -37.98 24.43
N THR E 513 26.03 -37.36 24.45
CA THR E 513 27.14 -37.82 23.63
C THR E 513 27.63 -39.17 24.11
N MET E 514 27.96 -40.05 23.17
CA MET E 514 28.47 -41.37 23.49
C MET E 514 29.97 -41.33 23.73
N VAL E 515 30.40 -42.00 24.79
CA VAL E 515 31.82 -42.15 25.13
C VAL E 515 32.16 -43.62 24.96
N LYS E 516 33.06 -43.93 24.03
CA LYS E 516 33.49 -45.29 23.75
C LYS E 516 34.94 -45.48 24.17
N VAL E 517 35.51 -46.65 23.86
CA VAL E 517 36.83 -47.04 24.33
C VAL E 517 37.63 -47.63 23.18
N ASN E 518 38.96 -47.52 23.27
CA ASN E 518 39.88 -47.94 22.21
C ASN E 518 40.55 -49.24 22.61
N VAL E 519 40.20 -50.34 21.93
CA VAL E 519 40.69 -51.66 22.26
C VAL E 519 41.86 -51.99 21.33
N SER E 520 42.98 -52.41 21.92
CA SER E 520 44.20 -52.66 21.14
C SER E 520 44.38 -54.14 20.81
N MET E 521 44.20 -55.02 21.78
CA MET E 521 44.36 -56.45 21.62
C MET E 521 43.09 -57.14 22.11
N PRO E 522 42.88 -58.40 21.73
CA PRO E 522 41.69 -59.12 22.20
C PRO E 522 41.82 -59.63 23.63
N GLU E 523 42.93 -59.35 24.29
CA GLU E 523 43.13 -59.79 25.66
C GLU E 523 42.75 -58.74 26.69
N VAL E 524 42.93 -57.45 26.39
CA VAL E 524 42.38 -56.39 27.22
C VAL E 524 40.99 -56.04 26.71
N ALA E 525 40.01 -56.84 27.10
CA ALA E 525 38.62 -56.64 26.69
C ALA E 525 37.63 -56.73 27.83
N GLU E 526 38.00 -57.33 28.96
CA GLU E 526 37.14 -57.32 30.13
C GLU E 526 37.40 -56.08 30.98
N ARG E 527 38.67 -55.71 31.14
CA ARG E 527 38.99 -54.45 31.82
C ARG E 527 38.43 -53.26 31.05
N ALA E 528 38.19 -53.42 29.75
CA ALA E 528 37.61 -52.34 28.96
C ALA E 528 36.10 -52.35 29.05
N ALA E 529 35.48 -53.53 29.05
CA ALA E 529 34.03 -53.62 29.21
C ALA E 529 33.60 -53.28 30.63
N ALA E 530 34.53 -53.24 31.58
CA ALA E 530 34.20 -52.88 32.95
C ALA E 530 34.33 -51.39 33.22
N THR E 531 34.54 -50.57 32.18
CA THR E 531 34.69 -49.14 32.39
C THR E 531 33.38 -48.38 32.23
N GLY E 532 32.35 -49.02 31.69
CA GLY E 532 31.10 -48.34 31.44
C GLY E 532 31.02 -47.63 30.11
N ALA E 533 31.81 -48.06 29.12
CA ALA E 533 31.78 -47.45 27.81
C ALA E 533 30.52 -47.84 27.04
N ASP E 534 30.23 -47.09 25.98
CA ASP E 534 29.04 -47.31 25.18
C ASP E 534 29.31 -48.19 23.97
N GLY E 535 30.53 -48.70 23.84
CA GLY E 535 30.89 -49.54 22.72
C GLY E 535 32.39 -49.48 22.51
N VAL E 536 32.84 -50.16 21.46
CA VAL E 536 34.22 -50.09 21.01
C VAL E 536 34.29 -49.12 19.84
N GLY E 537 35.28 -48.24 19.85
CA GLY E 537 35.40 -47.25 18.82
C GLY E 537 36.42 -47.60 17.77
N LEU E 538 37.42 -48.41 18.16
CA LEU E 538 38.45 -48.84 17.24
C LEU E 538 39.11 -50.09 17.79
N LEU E 539 38.97 -51.20 17.08
CA LEU E 539 39.68 -52.43 17.37
C LEU E 539 40.65 -52.72 16.23
N ARG E 540 41.95 -52.64 16.53
CA ARG E 540 42.97 -52.81 15.51
C ARG E 540 43.29 -54.27 15.27
N ALA E 541 43.76 -54.56 14.06
CA ALA E 541 44.05 -55.93 13.63
C ALA E 541 45.53 -56.21 13.47
N GLU E 542 46.40 -55.21 13.68
CA GLU E 542 47.83 -55.38 13.51
C GLU E 542 48.34 -56.55 14.35
N HIS E 543 47.93 -56.61 15.62
CA HIS E 543 48.39 -57.69 16.50
C HIS E 543 47.88 -59.04 16.04
N MET E 544 46.56 -59.14 15.82
CA MET E 544 45.95 -60.42 15.49
C MET E 544 46.47 -61.01 14.18
N ILE E 545 47.04 -60.17 13.31
CA ILE E 545 47.56 -60.67 12.04
C ILE E 545 49.06 -60.89 12.08
N LEU E 546 49.82 -59.95 12.62
CA LEU E 546 51.27 -60.06 12.69
C LEU E 546 51.75 -60.88 13.88
N SER E 547 50.90 -61.74 14.44
CA SER E 547 51.28 -62.55 15.59
C SER E 547 51.75 -63.95 15.21
N ILE E 548 51.67 -64.32 13.93
CA ILE E 548 51.99 -65.68 13.50
C ILE E 548 53.47 -65.78 13.11
N GLY E 549 54.24 -64.73 13.42
CA GLY E 549 55.66 -64.73 13.14
C GLY E 549 56.04 -65.03 11.71
N GLN E 550 55.25 -64.53 10.75
CA GLN E 550 55.44 -64.87 9.35
C GLN E 550 54.79 -63.80 8.48
N HIS E 551 55.34 -63.58 7.30
CA HIS E 551 54.75 -62.67 6.34
C HIS E 551 53.42 -63.24 5.85
N PRO E 552 52.31 -62.52 6.00
CA PRO E 552 51.01 -63.08 5.61
C PRO E 552 50.93 -63.46 4.14
N ILE E 553 51.50 -62.67 3.24
CA ILE E 553 51.51 -63.03 1.82
C ILE E 553 52.30 -64.32 1.63
N LYS E 554 53.42 -64.45 2.33
CA LYS E 554 54.16 -65.71 2.34
C LYS E 554 53.35 -66.81 3.02
N PHE E 555 52.59 -66.46 4.04
CA PHE E 555 51.81 -67.45 4.78
C PHE E 555 50.73 -68.08 3.91
N ILE E 556 50.20 -67.32 2.95
CA ILE E 556 49.11 -67.84 2.13
C ILE E 556 49.61 -68.49 0.84
N LYS E 557 50.81 -68.10 0.41
CA LYS E 557 51.40 -68.73 -0.76
C LYS E 557 51.76 -70.13 -0.31
N GLU E 558 52.37 -70.23 0.86
CA GLU E 558 52.66 -71.54 1.42
C GLU E 558 51.34 -72.27 1.43
N GLY E 559 50.29 -71.56 1.82
CA GLY E 559 48.97 -72.16 1.78
C GLY E 559 48.32 -72.53 3.09
N LYS E 560 48.35 -71.64 4.09
CA LYS E 560 47.63 -71.98 5.31
C LYS E 560 46.60 -70.89 5.55
N GLU E 561 45.55 -70.88 4.73
CA GLU E 561 44.56 -69.81 4.84
C GLU E 561 43.59 -70.04 5.99
N GLU E 562 43.08 -71.26 6.15
CA GLU E 562 42.01 -71.50 7.11
C GLU E 562 42.47 -71.31 8.54
N GLU E 563 43.74 -71.60 8.82
CA GLU E 563 44.27 -71.39 10.16
C GLU E 563 44.20 -69.92 10.55
N LEU E 564 44.76 -69.05 9.70
CA LEU E 564 44.69 -67.61 9.95
C LEU E 564 43.26 -67.13 10.03
N VAL E 565 42.40 -67.62 9.14
CA VAL E 565 40.99 -67.20 9.15
C VAL E 565 40.35 -67.51 10.49
N GLU E 566 40.44 -68.76 10.95
CA GLU E 566 39.75 -69.14 12.17
C GLU E 566 40.39 -68.50 13.40
N LYS E 567 41.69 -68.22 13.35
CA LYS E 567 42.31 -67.49 14.45
C LYS E 567 41.75 -66.08 14.55
N LEU E 568 41.69 -65.37 13.43
CA LEU E 568 41.01 -64.07 13.41
C LEU E 568 39.59 -64.19 13.94
N ALA E 569 38.90 -65.27 13.55
CA ALA E 569 37.51 -65.45 13.93
C ALA E 569 37.35 -65.49 15.44
N GLU E 570 38.16 -66.31 16.12
CA GLU E 570 38.02 -66.38 17.57
C GLU E 570 38.48 -65.08 18.23
N GLY E 571 39.55 -64.47 17.71
CA GLY E 571 39.98 -63.18 18.25
C GLY E 571 38.89 -62.12 18.20
N ILE E 572 38.13 -62.08 17.12
CA ILE E 572 37.07 -61.10 16.97
C ILE E 572 35.85 -61.47 17.80
N GLU E 573 35.50 -62.75 17.88
CA GLU E 573 34.31 -63.15 18.62
C GLU E 573 34.48 -62.90 20.11
N LYS E 574 35.71 -63.04 20.62
CA LYS E 574 35.95 -62.72 22.02
C LYS E 574 35.51 -61.29 22.35
N VAL E 575 35.99 -60.32 21.59
CA VAL E 575 35.65 -58.93 21.80
C VAL E 575 34.16 -58.68 21.54
N ALA E 576 33.63 -59.27 20.47
CA ALA E 576 32.24 -59.05 20.14
C ALA E 576 31.30 -59.56 21.22
N ALA E 577 31.69 -60.62 21.93
CA ALA E 577 30.83 -61.19 22.97
C ALA E 577 31.07 -60.56 24.34
N ALA E 578 32.17 -59.82 24.52
CA ALA E 578 32.35 -59.09 25.78
C ALA E 578 31.45 -57.86 25.77
N PHE E 579 31.22 -57.28 24.60
CA PHE E 579 30.32 -56.14 24.49
C PHE E 579 29.27 -56.43 23.44
N TYR E 580 28.31 -57.29 23.75
CA TYR E 580 27.27 -57.68 22.78
C TYR E 580 26.20 -56.63 22.49
N PRO E 581 25.34 -56.32 23.49
CA PRO E 581 24.35 -55.32 23.05
C PRO E 581 25.00 -54.09 22.44
N ARG E 582 26.27 -53.81 22.75
CA ARG E 582 26.94 -52.61 22.27
C ARG E 582 27.71 -52.81 20.97
N PRO E 583 27.77 -51.76 20.13
CA PRO E 583 28.49 -51.82 18.86
C PRO E 583 29.99 -51.96 19.04
N VAL E 584 30.63 -52.58 18.05
CA VAL E 584 32.08 -52.71 17.96
C VAL E 584 32.50 -52.42 16.54
N TRP E 585 33.53 -51.60 16.36
CA TRP E 585 34.01 -51.18 15.04
C TRP E 585 35.42 -51.69 14.83
N TYR E 586 35.66 -52.30 13.67
CA TYR E 586 36.89 -53.01 13.36
C TYR E 586 37.52 -52.45 12.09
N ARG E 587 38.82 -52.13 12.15
CA ARG E 587 39.53 -51.48 11.07
C ARG E 587 40.50 -52.44 10.41
N THR E 588 40.40 -52.59 9.09
CA THR E 588 41.24 -53.53 8.36
C THR E 588 42.72 -53.12 8.44
N LEU E 589 43.57 -54.05 8.03
CA LEU E 589 45.01 -53.95 8.29
C LEU E 589 45.60 -52.67 7.71
N ASP E 590 46.51 -52.06 8.47
CA ASP E 590 47.14 -50.81 8.05
C ASP E 590 48.48 -50.70 8.76
N ALA E 591 49.57 -50.85 8.01
CA ALA E 591 50.92 -50.74 8.55
C ALA E 591 51.85 -50.36 7.42
N PRO E 592 52.93 -49.63 7.71
CA PRO E 592 53.85 -49.21 6.64
C PRO E 592 54.61 -50.39 6.05
N THR E 593 55.48 -50.12 5.07
CA THR E 593 56.25 -51.17 4.44
C THR E 593 57.45 -51.61 5.27
N ASN E 594 57.99 -50.72 6.11
CA ASN E 594 59.07 -51.10 7.01
C ASN E 594 58.57 -51.81 8.26
N GLU E 595 57.34 -52.31 8.22
CA GLU E 595 56.82 -53.21 9.24
C GLU E 595 56.71 -54.64 8.74
N PHE E 596 56.58 -54.83 7.43
CA PHE E 596 56.60 -56.17 6.85
C PHE E 596 58.02 -56.63 6.56
N ARG E 597 58.98 -55.72 6.56
CA ARG E 597 60.36 -56.08 6.27
C ARG E 597 61.01 -56.86 7.40
N GLU E 598 60.49 -56.76 8.62
CA GLU E 598 61.15 -57.28 9.81
C GLU E 598 60.56 -58.61 10.27
N MET E 599 59.92 -59.34 9.38
CA MET E 599 59.32 -60.61 9.70
C MET E 599 59.96 -61.73 8.87
N PRO E 600 59.89 -62.99 9.35
CA PRO E 600 60.41 -64.07 8.50
C PRO E 600 59.66 -64.11 7.18
N GLY E 601 60.37 -63.87 6.08
CA GLY E 601 59.73 -63.85 4.77
C GLY E 601 59.75 -62.45 4.22
N GLY E 602 60.13 -61.48 5.05
CA GLY E 602 60.21 -60.11 4.62
C GLY E 602 61.60 -59.79 4.13
N GLU E 603 61.92 -60.22 2.92
CA GLU E 603 63.25 -59.96 2.36
C GLU E 603 63.10 -59.16 1.09
N ASP E 604 61.95 -59.30 0.43
CA ASP E 604 61.70 -58.54 -0.77
C ASP E 604 61.01 -57.26 -0.34
N GLU E 605 61.73 -56.15 -0.35
CA GLU E 605 61.15 -54.88 0.09
C GLU E 605 61.65 -53.70 -0.76
N PRO E 606 61.05 -52.52 -0.58
CA PRO E 606 61.44 -51.39 -1.43
C PRO E 606 62.36 -50.39 -0.75
N GLU E 607 62.49 -50.45 0.57
CA GLU E 607 63.29 -49.46 1.28
C GLU E 607 62.99 -48.06 0.74
N GLU E 608 61.73 -47.64 0.80
CA GLU E 608 61.34 -46.35 0.26
C GLU E 608 61.93 -45.18 1.02
N ARG E 609 61.86 -43.99 0.44
CA ARG E 609 62.38 -42.81 1.11
C ARG E 609 61.29 -42.10 1.92
N ASN E 610 60.02 -42.41 1.65
CA ASN E 610 58.93 -41.82 2.42
C ASN E 610 57.80 -42.82 2.68
N PRO E 611 57.93 -43.67 3.71
CA PRO E 611 56.91 -44.70 3.93
C PRO E 611 55.59 -44.15 4.43
N MET E 612 55.51 -42.87 4.79
CA MET E 612 54.25 -42.27 5.20
C MET E 612 53.36 -41.93 4.02
N LEU E 613 53.94 -41.65 2.85
CA LEU E 613 53.20 -41.32 1.65
C LEU E 613 53.30 -42.44 0.62
N GLY E 614 53.37 -43.68 1.08
CA GLY E 614 53.64 -44.79 0.18
C GLY E 614 52.54 -45.82 0.06
N TRP E 615 52.95 -47.08 -0.10
CA TRP E 615 52.06 -48.19 -0.42
C TRP E 615 51.61 -48.82 0.89
N ARG E 616 50.43 -48.41 1.36
CA ARG E 616 49.91 -48.90 2.62
C ARG E 616 48.40 -48.73 2.63
N GLY E 617 47.76 -49.27 3.66
CA GLY E 617 46.34 -49.10 3.82
C GLY E 617 45.54 -49.80 2.72
N ILE E 618 44.37 -49.22 2.42
CA ILE E 618 43.48 -49.82 1.46
C ILE E 618 44.05 -49.85 0.05
N ARG E 619 45.05 -49.02 -0.26
CA ARG E 619 45.72 -49.12 -1.55
C ARG E 619 46.38 -50.49 -1.69
N ARG E 620 47.34 -50.79 -0.82
CA ARG E 620 47.94 -52.11 -0.79
C ARG E 620 46.89 -53.19 -0.66
N GLY E 621 45.85 -52.95 0.13
CA GLY E 621 44.82 -53.96 0.30
C GLY E 621 44.12 -54.32 -1.00
N LEU E 622 43.80 -53.32 -1.80
CA LEU E 622 43.13 -53.57 -3.08
C LEU E 622 44.10 -54.09 -4.13
N ASP E 623 45.40 -53.87 -3.96
CA ASP E 623 46.35 -54.47 -4.89
C ASP E 623 46.42 -55.98 -4.72
N GLN E 624 46.38 -56.46 -3.48
CA GLN E 624 46.46 -57.89 -3.16
C GLN E 624 45.18 -58.31 -2.45
N PRO E 625 44.13 -58.63 -3.21
CA PRO E 625 42.80 -58.82 -2.60
C PRO E 625 42.67 -60.03 -1.69
N GLU E 626 43.74 -60.79 -1.48
CA GLU E 626 43.62 -62.00 -0.66
C GLU E 626 43.50 -61.66 0.82
N LEU E 627 44.18 -60.62 1.27
CA LEU E 627 44.04 -60.19 2.66
C LEU E 627 42.61 -59.76 2.95
N LEU E 628 42.03 -58.97 2.04
CA LEU E 628 40.63 -58.57 2.18
C LEU E 628 39.72 -59.78 2.17
N ARG E 629 39.97 -60.74 1.28
CA ARG E 629 39.17 -61.96 1.22
C ARG E 629 39.17 -62.67 2.56
N ALA E 630 40.36 -62.85 3.15
CA ALA E 630 40.47 -63.59 4.40
C ALA E 630 39.78 -62.86 5.55
N GLU E 631 39.99 -61.54 5.63
CA GLU E 631 39.38 -60.78 6.72
C GLU E 631 37.86 -60.78 6.61
N PHE E 632 37.33 -60.61 5.40
CA PHE E 632 35.87 -60.65 5.23
C PHE E 632 35.32 -62.03 5.51
N LYS E 633 36.08 -63.08 5.19
CA LYS E 633 35.66 -64.43 5.53
C LYS E 633 35.53 -64.60 7.04
N ALA E 634 36.55 -64.18 7.79
CA ALA E 634 36.49 -64.31 9.24
C ALA E 634 35.35 -63.48 9.83
N ILE E 635 35.13 -62.28 9.29
CA ILE E 635 34.06 -61.44 9.82
C ILE E 635 32.71 -62.08 9.61
N LYS E 636 32.45 -62.59 8.39
CA LYS E 636 31.19 -63.31 8.15
C LYS E 636 31.09 -64.54 9.04
N LYS E 637 32.22 -65.19 9.31
CA LYS E 637 32.24 -66.37 10.14
C LYS E 637 31.71 -66.06 11.54
N VAL E 638 32.25 -65.01 12.17
CA VAL E 638 31.74 -64.65 13.49
C VAL E 638 30.38 -64.00 13.42
N VAL E 639 29.97 -63.49 12.24
CA VAL E 639 28.64 -62.91 12.16
C VAL E 639 27.57 -63.99 12.19
N GLU E 640 27.78 -65.10 11.48
CA GLU E 640 26.73 -66.10 11.36
C GLU E 640 26.47 -66.85 12.66
N LYS E 641 27.32 -66.68 13.68
CA LYS E 641 26.99 -67.21 14.99
C LYS E 641 25.89 -66.42 15.69
N GLY E 642 25.59 -65.22 15.21
CA GLY E 642 24.47 -64.45 15.74
C GLY E 642 24.83 -63.10 16.31
N TYR E 643 26.03 -62.60 16.00
CA TYR E 643 26.49 -61.30 16.49
C TYR E 643 26.17 -60.25 15.43
N ASN E 644 25.15 -59.44 15.69
CA ASN E 644 24.72 -58.41 14.74
C ASN E 644 25.12 -57.02 15.16
N ASN E 645 26.31 -56.84 15.73
CA ASN E 645 26.74 -55.55 16.25
C ASN E 645 28.14 -55.20 15.78
N ILE E 646 28.54 -55.72 14.63
CA ILE E 646 29.87 -55.48 14.07
C ILE E 646 29.74 -54.53 12.88
N GLY E 647 30.83 -53.80 12.62
CA GLY E 647 30.91 -52.93 11.48
C GLY E 647 32.34 -52.84 11.00
N VAL E 648 32.49 -52.51 9.72
CA VAL E 648 33.79 -52.51 9.05
C VAL E 648 34.21 -51.08 8.73
N MET E 649 35.50 -50.82 8.89
CA MET E 649 36.08 -49.49 8.72
C MET E 649 37.28 -49.58 7.79
N LEU E 650 37.27 -48.79 6.71
CA LEU E 650 38.33 -48.78 5.71
C LEU E 650 39.30 -47.64 5.97
N PRO E 651 40.61 -47.89 6.01
CA PRO E 651 41.57 -46.82 6.26
C PRO E 651 42.15 -46.20 4.99
N LEU E 652 42.41 -44.90 5.07
CA LEU E 652 43.15 -44.14 4.05
C LEU E 652 42.44 -44.18 2.69
N VAL E 653 41.25 -43.59 2.65
CA VAL E 653 40.44 -43.52 1.45
C VAL E 653 40.53 -42.10 0.88
N SER E 654 40.74 -42.00 -0.44
CA SER E 654 40.72 -40.69 -1.08
C SER E 654 40.04 -40.66 -2.46
N HIS E 655 39.49 -41.78 -2.94
CA HIS E 655 38.72 -41.82 -4.17
C HIS E 655 37.51 -42.72 -3.93
N PRO E 656 36.37 -42.42 -4.54
CA PRO E 656 35.20 -43.31 -4.40
C PRO E 656 35.39 -44.66 -5.05
N GLU E 657 36.26 -44.76 -6.06
CA GLU E 657 36.52 -46.04 -6.70
C GLU E 657 37.02 -47.06 -5.69
N GLN E 658 37.79 -46.62 -4.69
CA GLN E 658 38.25 -47.54 -3.65
C GLN E 658 37.08 -48.12 -2.87
N ILE E 659 36.10 -47.28 -2.53
CA ILE E 659 34.92 -47.76 -1.80
C ILE E 659 34.14 -48.76 -2.64
N ARG E 660 33.96 -48.47 -3.93
CA ARG E 660 33.18 -49.39 -4.75
C ARG E 660 33.90 -50.72 -4.97
N GLU E 661 35.21 -50.69 -5.18
CA GLU E 661 35.95 -51.94 -5.36
C GLU E 661 35.95 -52.77 -4.08
N ALA E 662 36.06 -52.11 -2.92
CA ALA E 662 35.97 -52.85 -1.66
C ALA E 662 34.60 -53.48 -1.49
N LYS E 663 33.53 -52.75 -1.84
CA LYS E 663 32.20 -53.32 -1.72
C LYS E 663 32.04 -54.54 -2.62
N ARG E 664 32.59 -54.49 -3.83
CA ARG E 664 32.50 -55.63 -4.73
C ARG E 664 33.31 -56.82 -4.19
N ILE E 665 34.54 -56.58 -3.76
CA ILE E 665 35.37 -57.65 -3.22
C ILE E 665 34.66 -58.32 -2.05
N ALA E 666 34.00 -57.53 -1.20
CA ALA E 666 33.31 -58.10 -0.06
C ALA E 666 32.07 -58.87 -0.48
N ARG E 667 31.36 -58.38 -1.50
CA ARG E 667 30.14 -59.06 -1.92
C ARG E 667 30.42 -60.35 -2.67
N GLU E 668 31.62 -60.53 -3.21
CA GLU E 668 31.88 -61.79 -3.91
C GLU E 668 31.95 -62.99 -2.96
N VAL E 669 32.40 -62.81 -1.72
CA VAL E 669 32.61 -63.94 -0.82
C VAL E 669 31.49 -64.13 0.19
N GLY E 670 30.33 -63.52 -0.03
CA GLY E 670 29.15 -63.80 0.77
C GLY E 670 28.72 -62.70 1.71
N LEU E 671 29.64 -61.88 2.20
CA LEU E 671 29.29 -60.81 3.13
C LEU E 671 28.48 -59.74 2.41
N GLU E 672 27.53 -59.15 3.12
CA GLU E 672 26.60 -58.17 2.55
C GLU E 672 26.61 -56.87 3.32
N PRO E 673 27.11 -55.78 2.73
CA PRO E 673 27.08 -54.49 3.42
C PRO E 673 25.66 -54.03 3.74
N HIS E 674 25.53 -53.27 4.82
CA HIS E 674 24.31 -52.59 5.26
C HIS E 674 23.21 -53.55 5.68
N LYS E 675 23.42 -54.87 5.58
CA LYS E 675 22.45 -55.86 6.04
C LYS E 675 23.06 -56.92 6.93
N ASP E 676 24.37 -57.13 6.89
CA ASP E 676 25.07 -57.99 7.84
C ASP E 676 26.00 -57.22 8.76
N VAL E 677 26.52 -56.08 8.30
CA VAL E 677 27.47 -55.27 9.05
C VAL E 677 27.17 -53.81 8.76
N ALA E 678 27.98 -52.94 9.36
CA ALA E 678 27.96 -51.52 9.03
C ALA E 678 29.17 -51.17 8.17
N TRP E 679 29.00 -50.18 7.31
CA TRP E 679 30.02 -49.78 6.35
C TRP E 679 30.40 -48.33 6.63
N GLY E 680 31.68 -48.09 6.91
CA GLY E 680 32.17 -46.75 7.21
C GLY E 680 33.60 -46.59 6.77
N VAL E 681 34.13 -45.37 6.92
CA VAL E 681 35.46 -45.03 6.43
C VAL E 681 36.20 -44.20 7.48
N MET E 682 37.49 -44.00 7.23
CA MET E 682 38.35 -43.15 8.03
C MET E 682 38.72 -41.89 7.26
N ILE E 683 38.84 -40.77 7.97
CA ILE E 683 39.17 -39.48 7.37
C ILE E 683 40.55 -39.08 7.89
N GLU E 684 41.58 -39.26 7.04
CA GLU E 684 42.94 -38.91 7.42
C GLU E 684 43.69 -38.09 6.37
N VAL E 685 43.29 -38.12 5.11
CA VAL E 685 43.92 -37.28 4.10
C VAL E 685 43.06 -36.04 3.91
N PRO E 686 43.67 -34.86 3.70
CA PRO E 686 42.86 -33.66 3.48
C PRO E 686 41.90 -33.74 2.32
N ALA E 687 42.25 -34.49 1.27
CA ALA E 687 41.36 -34.64 0.12
C ALA E 687 40.03 -35.24 0.53
N ALA E 688 40.06 -36.27 1.39
CA ALA E 688 38.82 -36.90 1.82
C ALA E 688 37.96 -35.93 2.62
N ALA E 689 38.59 -35.07 3.41
CA ALA E 689 37.84 -34.06 4.15
C ALA E 689 37.29 -32.95 3.26
N ILE E 690 37.85 -32.74 2.07
CA ILE E 690 37.39 -31.65 1.22
C ILE E 690 36.29 -32.07 0.23
N ILE E 691 36.23 -33.34 -0.15
CA ILE E 691 35.21 -33.81 -1.09
C ILE E 691 34.30 -34.83 -0.43
N ILE E 692 34.01 -34.64 0.86
CA ILE E 692 33.32 -35.65 1.66
C ILE E 692 31.98 -36.05 1.06
N GLU E 693 31.31 -35.14 0.35
CA GLU E 693 29.99 -35.45 -0.17
C GLU E 693 30.03 -36.54 -1.24
N ASP E 694 31.07 -36.53 -2.07
CA ASP E 694 31.22 -37.58 -3.07
C ASP E 694 31.31 -38.95 -2.40
N LEU E 695 32.07 -39.05 -1.32
CA LEU E 695 32.17 -40.32 -0.59
C LEU E 695 30.84 -40.69 0.05
N ILE E 696 30.11 -39.70 0.58
CA ILE E 696 28.83 -40.00 1.20
C ILE E 696 27.83 -40.54 0.18
N LYS E 697 27.92 -40.08 -1.06
CA LYS E 697 26.95 -40.52 -2.07
C LYS E 697 27.16 -41.96 -2.52
N GLU E 698 28.11 -42.70 -1.95
CA GLU E 698 28.28 -44.11 -2.25
C GLU E 698 27.70 -45.01 -1.16
N GLY E 699 26.85 -44.47 -0.29
CA GLY E 699 26.21 -45.27 0.73
C GLY E 699 27.11 -45.76 1.84
N ILE E 700 27.56 -44.86 2.71
CA ILE E 700 28.27 -45.27 3.92
C ILE E 700 27.36 -45.05 5.12
N ASP E 701 27.79 -45.53 6.29
CA ASP E 701 26.97 -45.40 7.48
C ASP E 701 27.62 -44.56 8.57
N PHE E 702 28.94 -44.55 8.63
CA PHE E 702 29.63 -43.82 9.69
C PHE E 702 31.00 -43.31 9.27
N VAL E 703 31.50 -42.31 9.98
CA VAL E 703 32.82 -41.75 9.66
C VAL E 703 33.60 -41.51 10.95
N SER E 704 34.92 -41.52 10.86
CA SER E 704 35.77 -41.33 12.03
C SER E 704 36.99 -40.50 11.69
N PHE E 705 37.33 -39.57 12.58
CA PHE E 705 38.46 -38.66 12.39
C PHE E 705 39.74 -39.25 12.97
N GLY E 706 40.75 -39.44 12.12
CA GLY E 706 42.09 -39.75 12.56
C GLY E 706 42.97 -38.52 12.76
N THR E 707 42.80 -37.80 13.86
CA THR E 707 43.40 -36.47 13.98
C THR E 707 44.92 -36.49 13.95
N ASN E 708 45.54 -37.62 14.31
CA ASN E 708 46.99 -37.75 14.21
C ASN E 708 47.46 -37.55 12.77
N ASP E 709 47.01 -38.44 11.88
CA ASP E 709 47.43 -38.38 10.49
C ASP E 709 46.95 -37.12 9.81
N LEU E 710 45.74 -36.67 10.14
CA LEU E 710 45.23 -35.45 9.52
C LEU E 710 46.08 -34.24 9.88
N THR E 711 46.45 -34.10 11.15
CA THR E 711 47.30 -32.98 11.55
C THR E 711 48.68 -33.10 10.91
N GLN E 712 49.18 -34.31 10.72
CA GLN E 712 50.50 -34.44 10.13
C GLN E 712 50.49 -34.11 8.64
N TYR E 713 49.49 -34.59 7.89
CA TYR E 713 49.43 -34.33 6.46
C TYR E 713 49.00 -32.91 6.13
N THR E 714 48.31 -32.23 7.04
CA THR E 714 47.85 -30.88 6.74
C THR E 714 48.94 -29.85 6.93
N LEU E 715 49.81 -30.03 7.93
CA LEU E 715 50.88 -29.08 8.20
C LEU E 715 52.19 -29.46 7.54
N ALA E 716 52.23 -30.57 6.80
CA ALA E 716 53.44 -31.04 6.13
C ALA E 716 54.60 -31.16 7.11
N ILE E 717 54.42 -32.03 8.10
CA ILE E 717 55.32 -32.11 9.24
C ILE E 717 55.31 -33.53 9.78
N ASP E 718 56.49 -34.07 10.07
CA ASP E 718 56.62 -35.34 10.75
C ASP E 718 56.83 -35.09 12.25
N ARG E 719 56.12 -35.87 13.06
CA ARG E 719 56.14 -35.65 14.50
C ARG E 719 57.32 -36.34 15.17
N ASP E 720 57.80 -37.45 14.60
CA ASP E 720 58.94 -38.16 15.15
C ASP E 720 60.25 -37.40 14.96
N ASN E 721 60.31 -36.45 14.03
CA ASN E 721 61.52 -35.69 13.78
C ASN E 721 61.70 -34.66 14.88
N GLU E 722 62.89 -34.66 15.49
CA GLU E 722 63.17 -33.83 16.66
C GLU E 722 63.14 -32.34 16.32
N ARG E 723 63.55 -32.00 15.10
CA ARG E 723 63.78 -30.60 14.76
C ARG E 723 62.50 -29.85 14.40
N VAL E 724 61.45 -30.54 13.96
CA VAL E 724 60.21 -29.87 13.57
C VAL E 724 59.00 -30.35 14.36
N ALA E 725 59.18 -31.12 15.43
CA ALA E 725 58.05 -31.53 16.25
C ALA E 725 57.57 -30.43 17.18
N LYS E 726 58.26 -29.29 17.22
CA LYS E 726 57.81 -28.16 18.02
C LYS E 726 56.64 -27.42 17.38
N LEU E 727 56.26 -27.75 16.16
CA LEU E 727 55.16 -27.08 15.49
C LEU E 727 53.87 -27.88 15.52
N TYR E 728 53.94 -29.15 15.91
CA TYR E 728 52.74 -30.00 15.98
C TYR E 728 51.71 -29.42 16.93
N ASP E 729 50.44 -29.44 16.50
CA ASP E 729 49.34 -28.93 17.29
C ASP E 729 48.01 -29.41 16.71
N GLU E 730 47.18 -30.08 17.52
CA GLU E 730 45.93 -30.65 17.02
C GLU E 730 44.75 -29.71 17.15
N THR E 731 44.93 -28.52 17.72
CA THR E 731 43.91 -27.48 17.73
C THR E 731 44.32 -26.30 16.85
N HIS E 732 45.01 -26.58 15.76
CA HIS E 732 45.35 -25.55 14.79
C HIS E 732 44.11 -25.17 13.99
N PRO E 733 43.93 -23.89 13.67
CA PRO E 733 42.70 -23.44 12.99
C PRO E 733 42.31 -24.21 11.73
N ALA E 734 43.27 -24.70 10.96
CA ALA E 734 42.92 -25.33 9.69
C ALA E 734 42.25 -26.68 9.91
N VAL E 735 42.78 -27.48 10.83
CA VAL E 735 42.18 -28.76 11.17
C VAL E 735 40.75 -28.56 11.69
N LEU E 736 40.54 -27.49 12.47
CA LEU E 736 39.22 -27.24 13.02
C LEU E 736 38.23 -26.82 11.94
N LYS E 737 38.68 -26.00 10.98
CA LYS E 737 37.83 -25.70 9.82
C LYS E 737 37.42 -26.97 9.08
N LEU E 738 38.37 -27.87 8.86
CA LEU E 738 38.05 -29.10 8.13
C LEU E 738 37.05 -29.96 8.89
N ILE E 739 37.26 -30.11 10.20
CA ILE E 739 36.35 -30.91 11.03
C ILE E 739 34.95 -30.31 11.03
N LYS E 740 34.85 -28.99 11.16
CA LYS E 740 33.54 -28.33 11.16
C LYS E 740 32.80 -28.57 9.85
N HIS E 741 33.50 -28.44 8.72
CA HIS E 741 32.87 -28.69 7.42
C HIS E 741 32.34 -30.11 7.33
N VAL E 742 33.16 -31.09 7.68
CA VAL E 742 32.73 -32.49 7.58
C VAL E 742 31.49 -32.74 8.45
N ILE E 743 31.55 -32.30 9.71
CA ILE E 743 30.43 -32.54 10.62
C ILE E 743 29.16 -31.94 10.07
N LYS E 744 29.23 -30.68 9.60
CA LYS E 744 28.07 -30.05 8.99
C LYS E 744 27.46 -30.93 7.90
N VAL E 745 28.28 -31.40 6.97
CA VAL E 745 27.73 -32.09 5.80
C VAL E 745 27.08 -33.42 6.19
N CYS E 746 27.76 -34.23 7.00
CA CYS E 746 27.15 -35.54 7.26
C CYS E 746 26.01 -35.43 8.25
N LYS E 747 26.01 -34.41 9.12
CA LYS E 747 24.79 -34.08 9.84
C LYS E 747 23.64 -33.84 8.88
N ARG E 748 23.86 -33.03 7.84
CA ARG E 748 22.83 -32.81 6.84
C ARG E 748 22.36 -34.10 6.17
N TYR E 749 23.25 -35.06 5.95
CA TYR E 749 22.87 -36.28 5.23
C TYR E 749 22.45 -37.44 6.12
N GLY E 750 22.46 -37.28 7.44
CA GLY E 750 22.03 -38.37 8.31
C GLY E 750 23.07 -39.42 8.61
N VAL E 751 24.34 -39.06 8.63
CA VAL E 751 25.43 -39.99 8.90
C VAL E 751 25.99 -39.69 10.28
N GLU E 752 26.53 -40.73 10.93
CA GLU E 752 27.07 -40.61 12.27
C GLU E 752 28.56 -40.31 12.25
N THR E 753 29.01 -39.42 13.15
CA THR E 753 30.38 -38.98 13.23
C THR E 753 31.02 -39.42 14.55
N SER E 754 32.35 -39.59 14.53
CA SER E 754 33.08 -39.99 15.72
C SER E 754 34.53 -39.54 15.57
N ILE E 755 35.31 -39.72 16.63
CA ILE E 755 36.73 -39.40 16.61
C ILE E 755 37.50 -40.38 17.48
N CYS E 756 38.53 -40.98 16.91
CA CYS E 756 39.50 -41.79 17.64
C CYS E 756 40.85 -41.09 17.63
N GLY E 757 41.81 -41.65 18.34
CA GLY E 757 43.15 -41.11 18.35
C GLY E 757 43.59 -40.75 19.75
N GLN E 758 44.65 -39.94 19.80
CA GLN E 758 45.17 -39.46 21.09
C GLN E 758 44.50 -38.18 21.54
N ALA E 759 43.85 -37.45 20.63
CA ALA E 759 43.10 -36.26 21.00
C ALA E 759 41.68 -36.57 21.42
N GLY E 760 41.29 -37.84 21.39
CA GLY E 760 40.05 -38.24 22.04
C GLY E 760 40.16 -38.28 23.54
N SER E 761 41.38 -38.29 24.08
CA SER E 761 41.62 -38.30 25.52
C SER E 761 42.14 -36.96 26.02
N ASP E 762 41.64 -35.86 25.48
CA ASP E 762 42.04 -34.52 25.87
C ASP E 762 40.80 -33.70 26.27
N PRO E 763 40.78 -33.10 27.46
CA PRO E 763 39.60 -32.33 27.86
C PRO E 763 39.29 -31.12 27.00
N LYS E 764 40.31 -30.40 26.53
CA LYS E 764 40.07 -29.20 25.73
C LYS E 764 39.45 -29.54 24.38
N MET E 765 40.00 -30.56 23.72
CA MET E 765 39.41 -31.02 22.46
C MET E 765 38.00 -31.54 22.68
N ALA E 766 37.77 -32.23 23.79
CA ALA E 766 36.43 -32.73 24.10
C ALA E 766 35.43 -31.58 24.19
N ARG E 767 35.82 -30.47 24.83
CA ARG E 767 34.92 -29.34 24.94
C ARG E 767 34.65 -28.71 23.56
N ILE E 768 35.70 -28.52 22.76
CA ILE E 768 35.51 -27.99 21.41
C ILE E 768 34.54 -28.86 20.62
N LEU E 769 34.73 -30.18 20.68
CA LEU E 769 33.97 -31.09 19.84
C LEU E 769 32.53 -31.22 20.30
N VAL E 770 32.29 -31.14 21.61
CA VAL E 770 30.91 -31.17 22.09
C VAL E 770 30.20 -29.88 21.73
N ARG E 771 30.90 -28.74 21.74
CA ARG E 771 30.25 -27.51 21.30
C ARG E 771 29.96 -27.51 19.81
N LEU E 772 30.76 -28.22 19.00
CA LEU E 772 30.44 -28.29 17.58
C LEU E 772 29.31 -29.27 17.28
N GLY E 773 29.22 -30.39 17.99
CA GLY E 773 28.10 -31.29 17.79
C GLY E 773 28.45 -32.68 17.32
N ILE E 774 29.60 -33.22 17.73
CA ILE E 774 29.96 -34.57 17.35
C ILE E 774 29.07 -35.58 18.07
N ASP E 775 28.95 -36.76 17.49
CA ASP E 775 28.06 -37.79 18.03
C ASP E 775 28.73 -38.72 19.03
N SER E 776 30.05 -38.92 18.94
CA SER E 776 30.73 -39.83 19.85
C SER E 776 32.19 -39.42 20.02
N ILE E 777 32.80 -39.93 21.10
CA ILE E 777 34.22 -39.75 21.40
C ILE E 777 34.77 -41.08 21.88
N SER E 778 36.00 -41.40 21.46
CA SER E 778 36.65 -42.67 21.76
C SER E 778 37.92 -42.42 22.57
N ALA E 779 37.97 -42.95 23.78
CA ALA E 779 39.03 -42.65 24.73
C ALA E 779 39.85 -43.90 25.06
N ASN E 780 41.04 -43.66 25.60
CA ASN E 780 41.90 -44.75 26.06
C ASN E 780 41.28 -45.42 27.28
N PRO E 781 41.55 -46.71 27.50
CA PRO E 781 40.86 -47.44 28.58
C PRO E 781 41.00 -46.83 29.97
N ASP E 782 41.97 -45.96 30.20
CA ASP E 782 42.14 -45.34 31.51
C ASP E 782 41.83 -43.85 31.51
N ALA E 783 41.00 -43.39 30.57
CA ALA E 783 40.59 -42.00 30.51
C ALA E 783 39.10 -41.83 30.28
N VAL E 784 38.31 -42.88 30.52
CA VAL E 784 36.89 -42.84 30.19
C VAL E 784 36.12 -41.98 31.18
N GLN E 785 36.50 -42.04 32.46
CA GLN E 785 35.76 -41.33 33.51
C GLN E 785 35.98 -39.83 33.42
N LEU E 786 37.22 -39.41 33.18
CA LEU E 786 37.53 -38.00 33.03
C LEU E 786 36.76 -37.38 31.88
N ILE E 787 36.76 -38.05 30.73
CA ILE E 787 36.06 -37.53 29.57
C ILE E 787 34.56 -37.51 29.81
N ARG E 788 34.05 -38.52 30.52
CA ARG E 788 32.64 -38.55 30.88
C ARG E 788 32.24 -37.32 31.69
N GLN E 789 33.04 -36.97 32.70
CA GLN E 789 32.75 -35.78 33.50
C GLN E 789 32.84 -34.48 32.69
N VAL E 790 33.88 -34.34 31.86
CA VAL E 790 34.01 -33.14 31.03
C VAL E 790 32.80 -32.97 30.11
N VAL E 791 32.33 -34.07 29.51
CA VAL E 791 31.21 -33.99 28.58
C VAL E 791 29.93 -33.63 29.30
N ALA E 792 29.70 -34.22 30.48
CA ALA E 792 28.52 -33.87 31.26
C ALA E 792 28.46 -32.39 31.60
N GLN E 793 29.60 -31.82 32.05
CA GLN E 793 29.61 -30.41 32.40
C GLN E 793 29.33 -29.52 31.18
N GLU E 794 29.95 -29.84 30.04
CA GLU E 794 29.71 -29.04 28.83
C GLU E 794 28.25 -29.06 28.41
N GLU E 795 27.60 -30.22 28.50
CA GLU E 795 26.19 -30.30 28.12
C GLU E 795 25.30 -29.46 29.03
N ARG E 796 25.53 -29.52 30.35
CA ARG E 796 24.73 -28.68 31.24
C ARG E 796 24.94 -27.20 30.96
N LYS E 797 26.17 -26.79 30.65
CA LYS E 797 26.43 -25.41 30.26
C LYS E 797 25.60 -24.99 29.06
N LEU E 798 25.59 -25.81 28.00
CA LEU E 798 24.83 -25.46 26.81
C LEU E 798 23.35 -25.29 27.12
N MET E 799 22.78 -26.21 27.90
CA MET E 799 21.36 -26.13 28.23
C MET E 799 21.04 -24.85 29.02
N LEU E 800 21.91 -24.49 29.97
CA LEU E 800 21.68 -23.28 30.74
C LEU E 800 21.72 -22.04 29.85
N GLU E 801 22.66 -21.99 28.92
CA GLU E 801 22.74 -20.85 28.00
C GLU E 801 21.46 -20.69 27.19
N ALA E 802 20.91 -21.79 26.68
CA ALA E 802 19.70 -21.68 25.89
C ALA E 802 18.51 -21.24 26.74
N ALA E 803 18.43 -21.74 27.98
CA ALA E 803 17.36 -21.30 28.88
C ALA E 803 17.43 -19.81 29.16
N ARG E 804 18.64 -19.28 29.41
CA ARG E 804 18.79 -17.87 29.68
C ARG E 804 18.43 -17.02 28.47
N LYS E 805 18.84 -17.45 27.28
CA LYS E 805 18.46 -16.69 26.09
C LYS E 805 16.96 -16.67 25.90
N GLN E 806 16.29 -17.77 26.21
CA GLN E 806 14.83 -17.80 26.06
C GLN E 806 14.14 -16.92 27.09
N LEU E 807 14.62 -16.90 28.33
CA LEU E 807 13.91 -16.19 29.38
C LEU E 807 14.08 -14.68 29.28
N GLY F 506 27.36 -43.13 43.92
CA GLY F 506 28.40 -43.56 43.01
C GLY F 506 28.73 -42.51 41.96
N ALA F 507 27.74 -41.72 41.60
CA ALA F 507 27.94 -40.65 40.63
C ALA F 507 28.00 -39.31 41.34
N PRO F 508 28.99 -38.48 41.08
CA PRO F 508 29.04 -37.15 41.70
C PRO F 508 27.94 -36.23 41.18
N LEU F 509 27.77 -35.12 41.88
CA LEU F 509 26.80 -34.11 41.47
C LEU F 509 27.44 -33.18 40.45
N VAL F 510 26.71 -32.88 39.38
CA VAL F 510 27.24 -32.18 38.21
C VAL F 510 26.45 -30.90 37.97
N THR F 511 27.15 -29.78 37.92
CA THR F 511 26.55 -28.47 37.69
C THR F 511 27.22 -27.81 36.50
N GLY F 512 26.49 -26.92 35.83
CA GLY F 512 27.08 -26.17 34.74
C GLY F 512 28.03 -25.10 35.23
N THR F 513 27.63 -24.36 36.26
CA THR F 513 28.52 -23.43 36.91
C THR F 513 29.62 -24.17 37.65
N MET F 514 30.84 -23.65 37.58
CA MET F 514 31.98 -24.25 38.25
C MET F 514 32.05 -23.79 39.70
N VAL F 515 32.29 -24.74 40.59
CA VAL F 515 32.49 -24.48 42.02
C VAL F 515 33.94 -24.81 42.34
N LYS F 516 34.71 -23.82 42.76
CA LYS F 516 36.12 -23.99 43.10
C LYS F 516 36.32 -23.79 44.59
N VAL F 517 37.58 -23.79 45.03
CA VAL F 517 37.93 -23.78 46.44
C VAL F 517 39.04 -22.77 46.69
N ASN F 518 39.09 -22.24 47.90
CA ASN F 518 40.02 -21.18 48.28
C ASN F 518 41.13 -21.75 49.15
N VAL F 519 42.35 -21.82 48.60
CA VAL F 519 43.49 -22.43 49.26
C VAL F 519 44.31 -21.33 49.91
N SER F 520 44.61 -21.50 51.20
CA SER F 520 45.32 -20.47 51.96
C SER F 520 46.82 -20.75 52.07
N MET F 521 47.20 -21.98 52.39
CA MET F 521 48.58 -22.38 52.54
C MET F 521 48.84 -23.60 51.66
N PRO F 522 50.10 -23.91 51.37
CA PRO F 522 50.40 -25.10 50.56
C PRO F 522 50.31 -26.41 51.33
N GLU F 523 49.94 -26.35 52.61
CA GLU F 523 49.82 -27.55 53.41
C GLU F 523 48.40 -28.10 53.47
N VAL F 524 47.38 -27.24 53.42
CA VAL F 524 46.02 -27.69 53.23
C VAL F 524 45.70 -27.72 51.73
N ALA F 525 46.13 -28.79 51.08
CA ALA F 525 45.94 -28.95 49.65
C ALA F 525 45.41 -30.33 49.26
N GLU F 526 45.55 -31.33 50.13
CA GLU F 526 44.95 -32.63 49.87
C GLU F 526 43.53 -32.68 50.40
N ARG F 527 43.30 -32.12 51.60
CA ARG F 527 41.94 -32.00 52.10
C ARG F 527 41.09 -31.12 51.20
N ALA F 528 41.73 -30.24 50.41
CA ALA F 528 40.98 -29.40 49.49
C ALA F 528 40.74 -30.11 48.17
N ALA F 529 41.73 -30.87 47.69
CA ALA F 529 41.54 -31.64 46.47
C ALA F 529 40.60 -32.82 46.68
N ALA F 530 40.32 -33.18 47.94
CA ALA F 530 39.40 -34.27 48.22
C ALA F 530 37.96 -33.81 48.37
N THR F 531 37.66 -32.54 48.05
CA THR F 531 36.30 -32.04 48.19
C THR F 531 35.49 -32.15 46.91
N GLY F 532 36.15 -32.42 45.78
CA GLY F 532 35.46 -32.45 44.52
C GLY F 532 35.34 -31.12 43.81
N ALA F 533 36.24 -30.18 44.11
CA ALA F 533 36.20 -28.87 43.47
C ALA F 533 36.69 -28.96 42.03
N ASP F 534 36.40 -27.91 41.26
CA ASP F 534 36.75 -27.86 39.85
C ASP F 534 38.07 -27.14 39.61
N GLY F 535 38.75 -26.75 40.67
CA GLY F 535 40.02 -26.05 40.56
C GLY F 535 40.25 -25.22 41.80
N VAL F 536 41.36 -24.47 41.78
CA VAL F 536 41.66 -23.50 42.81
C VAL F 536 41.27 -22.12 42.31
N GLY F 537 40.60 -21.35 43.15
CA GLY F 537 40.13 -20.05 42.74
C GLY F 537 41.02 -18.92 43.22
N LEU F 538 41.72 -19.16 44.32
CA LEU F 538 42.63 -18.15 44.88
C LEU F 538 43.63 -18.84 45.78
N LEU F 539 44.91 -18.80 45.41
CA LEU F 539 46.01 -19.25 46.24
C LEU F 539 46.85 -18.05 46.63
N ARG F 540 46.84 -17.71 47.92
CA ARG F 540 47.55 -16.53 48.39
C ARG F 540 49.02 -16.82 48.66
N ALA F 541 49.83 -15.77 48.56
CA ALA F 541 51.27 -15.88 48.71
C ALA F 541 51.80 -15.24 49.99
N GLU F 542 50.93 -14.62 50.79
CA GLU F 542 51.36 -13.96 52.02
C GLU F 542 52.14 -14.90 52.91
N HIS F 543 51.64 -16.12 53.11
CA HIS F 543 52.32 -17.09 53.96
C HIS F 543 53.66 -17.50 53.38
N MET F 544 53.66 -17.92 52.11
CA MET F 544 54.87 -18.46 51.50
C MET F 544 55.99 -17.43 51.42
N ILE F 545 55.66 -16.15 51.49
CA ILE F 545 56.69 -15.12 51.43
C ILE F 545 57.09 -14.61 52.80
N LEU F 546 56.12 -14.32 53.67
CA LEU F 546 56.40 -13.82 55.00
C LEU F 546 56.73 -14.92 56.01
N SER F 547 57.17 -16.08 55.54
CA SER F 547 57.49 -17.19 56.43
C SER F 547 58.98 -17.27 56.77
N ILE F 548 59.81 -16.43 56.15
CA ILE F 548 61.26 -16.53 56.34
C ILE F 548 61.70 -15.64 57.48
N GLY F 549 60.75 -15.11 58.26
CA GLY F 549 61.05 -14.29 59.41
C GLY F 549 61.95 -13.10 59.13
N GLN F 550 61.78 -12.46 57.97
CA GLN F 550 62.67 -11.39 57.55
C GLN F 550 61.96 -10.52 56.52
N HIS F 551 62.31 -9.25 56.48
CA HIS F 551 61.79 -8.34 55.48
C HIS F 551 62.32 -8.75 54.10
N PRO F 552 61.45 -9.04 53.13
CA PRO F 552 61.94 -9.51 51.83
C PRO F 552 62.86 -8.52 51.13
N ILE F 553 62.58 -7.23 51.20
CA ILE F 553 63.48 -6.24 50.60
C ILE F 553 64.83 -6.29 51.30
N LYS F 554 64.83 -6.43 52.62
CA LYS F 554 66.07 -6.66 53.36
C LYS F 554 66.68 -8.01 53.00
N PHE F 555 65.84 -9.01 52.75
CA PHE F 555 66.34 -10.34 52.43
C PHE F 555 67.10 -10.37 51.12
N ILE F 556 66.73 -9.49 50.18
CA ILE F 556 67.38 -9.52 48.87
C ILE F 556 68.55 -8.55 48.78
N LYS F 557 68.54 -7.53 49.65
CA LYS F 557 69.66 -6.61 49.70
C LYS F 557 70.79 -7.41 50.30
N GLU F 558 70.50 -8.13 51.37
CA GLU F 558 71.51 -9.00 51.95
C GLU F 558 71.98 -9.88 50.82
N GLY F 559 71.04 -10.34 50.01
CA GLY F 559 71.41 -11.12 48.84
C GLY F 559 71.13 -12.59 48.85
N LYS F 560 69.93 -13.01 49.27
CA LYS F 560 69.64 -14.43 49.19
C LYS F 560 68.42 -14.60 48.31
N GLU F 561 68.59 -14.39 47.00
CA GLU F 561 67.44 -14.45 46.10
C GLU F 561 67.05 -15.87 45.75
N GLU F 562 68.02 -16.73 45.44
CA GLU F 562 67.71 -18.05 44.92
C GLU F 562 67.02 -18.93 45.95
N GLU F 563 67.35 -18.74 47.23
CA GLU F 563 66.70 -19.50 48.28
C GLU F 563 65.20 -19.23 48.30
N LEU F 564 64.82 -17.95 48.37
CA LEU F 564 63.42 -17.56 48.34
C LEU F 564 62.75 -18.03 47.07
N VAL F 565 63.43 -17.89 45.93
CA VAL F 565 62.86 -18.31 44.65
C VAL F 565 62.51 -19.79 44.68
N GLU F 566 63.47 -20.65 45.04
CA GLU F 566 63.23 -22.08 44.98
C GLU F 566 62.24 -22.53 46.06
N LYS F 567 62.19 -21.82 47.19
CA LYS F 567 61.18 -22.14 48.19
C LYS F 567 59.77 -21.86 47.65
N LEU F 568 59.57 -20.68 47.06
CA LEU F 568 58.32 -20.41 46.37
C LEU F 568 58.01 -21.48 45.33
N ALA F 569 59.05 -21.92 44.61
CA ALA F 569 58.86 -22.89 43.54
C ALA F 569 58.28 -24.19 44.06
N GLU F 570 58.86 -24.73 45.13
CA GLU F 570 58.33 -25.99 45.65
C GLU F 570 56.95 -25.78 46.28
N GLY F 571 56.75 -24.65 46.97
CA GLY F 571 55.43 -24.36 47.52
C GLY F 571 54.33 -24.33 46.47
N ILE F 572 54.63 -23.76 45.30
CA ILE F 572 53.65 -23.68 44.22
C ILE F 572 53.48 -25.02 43.52
N GLU F 573 54.56 -25.77 43.32
CA GLU F 573 54.46 -27.03 42.61
C GLU F 573 53.66 -28.05 43.40
N LYS F 574 53.75 -28.00 44.73
CA LYS F 574 52.93 -28.89 45.55
C LYS F 574 51.45 -28.75 45.21
N VAL F 575 50.94 -27.52 45.25
CA VAL F 575 49.54 -27.25 44.96
C VAL F 575 49.22 -27.56 43.50
N ALA F 576 50.11 -27.18 42.59
CA ALA F 576 49.85 -27.41 41.18
C ALA F 576 49.75 -28.89 40.85
N ALA F 577 50.48 -29.74 41.56
CA ALA F 577 50.45 -31.17 41.29
C ALA F 577 49.37 -31.91 42.07
N ALA F 578 48.78 -31.28 43.09
CA ALA F 578 47.64 -31.90 43.77
C ALA F 578 46.41 -31.76 42.88
N PHE F 579 46.31 -30.67 42.13
CA PHE F 579 45.20 -30.49 41.20
C PHE F 579 45.75 -30.21 39.82
N TYR F 580 46.27 -31.23 39.15
CA TYR F 580 46.86 -31.05 37.81
C TYR F 580 45.88 -30.83 36.66
N PRO F 581 45.08 -31.86 36.31
CA PRO F 581 44.21 -31.51 35.18
C PRO F 581 43.43 -30.22 35.42
N ARG F 582 43.23 -29.82 36.68
CA ARG F 582 42.43 -28.64 37.00
C ARG F 582 43.24 -27.36 37.12
N PRO F 583 42.63 -26.22 36.75
CA PRO F 583 43.30 -24.92 36.83
C PRO F 583 43.56 -24.49 38.27
N VAL F 584 44.61 -23.68 38.44
CA VAL F 584 44.96 -23.05 39.71
C VAL F 584 45.33 -21.61 39.44
N TRP F 585 44.80 -20.69 40.24
CA TRP F 585 45.02 -19.26 40.06
C TRP F 585 45.76 -18.69 41.27
N TYR F 586 46.82 -17.93 41.00
CA TYR F 586 47.75 -17.45 42.01
C TYR F 586 47.84 -15.94 41.98
N ARG F 587 47.71 -15.30 43.16
CA ARG F 587 47.65 -13.86 43.28
C ARG F 587 48.92 -13.32 43.91
N THR F 588 49.57 -12.37 43.25
CA THR F 588 50.83 -11.82 43.73
C THR F 588 50.63 -11.10 45.07
N LEU F 589 51.76 -10.79 45.71
CA LEU F 589 51.77 -10.35 47.10
C LEU F 589 50.92 -9.10 47.30
N ASP F 590 50.19 -9.07 48.41
CA ASP F 590 49.31 -7.94 48.72
C ASP F 590 49.11 -7.90 50.23
N ALA F 591 49.70 -6.90 50.88
CA ALA F 591 49.57 -6.71 52.32
C ALA F 591 49.81 -5.25 52.64
N PRO F 592 49.18 -4.72 53.69
CA PRO F 592 49.36 -3.31 54.02
C PRO F 592 50.77 -3.00 54.51
N THR F 593 51.04 -1.74 54.84
CA THR F 593 52.35 -1.35 55.31
C THR F 593 52.58 -1.69 56.78
N ASN F 594 51.52 -1.77 57.59
CA ASN F 594 51.64 -2.19 58.97
C ASN F 594 51.72 -3.70 59.11
N GLU F 595 52.01 -4.40 58.02
CA GLU F 595 52.35 -5.82 58.06
C GLU F 595 53.83 -6.07 57.83
N PHE F 596 54.51 -5.15 57.14
CA PHE F 596 55.96 -5.24 56.98
C PHE F 596 56.69 -4.60 58.15
N ARG F 597 56.00 -3.81 58.96
CA ARG F 597 56.63 -3.15 60.09
C ARG F 597 56.97 -4.11 61.22
N GLU F 598 56.32 -5.27 61.28
CA GLU F 598 56.41 -6.16 62.43
C GLU F 598 57.35 -7.33 62.18
N MET F 599 58.27 -7.19 61.25
CA MET F 599 59.22 -8.24 60.94
C MET F 599 60.65 -7.78 61.20
N PRO F 600 61.58 -8.73 61.42
CA PRO F 600 62.97 -8.28 61.58
C PRO F 600 63.44 -7.55 60.33
N GLY F 601 63.76 -6.27 60.46
CA GLY F 601 64.18 -5.48 59.31
C GLY F 601 63.13 -4.43 59.01
N GLY F 602 61.98 -4.54 59.66
CA GLY F 602 60.92 -3.58 59.46
C GLY F 602 61.02 -2.47 60.47
N GLU F 603 61.94 -1.54 60.25
CA GLU F 603 62.11 -0.42 61.18
C GLU F 603 61.88 0.87 60.44
N ASP F 604 62.11 0.86 59.13
CA ASP F 604 61.87 2.03 58.33
C ASP F 604 60.45 1.94 57.83
N GLU F 605 59.54 2.72 58.40
CA GLU F 605 58.13 2.66 58.00
C GLU F 605 57.48 4.04 58.01
N PRO F 606 56.25 4.14 57.48
CA PRO F 606 55.62 5.46 57.39
C PRO F 606 54.57 5.73 58.46
N GLU F 607 54.12 4.70 59.16
CA GLU F 607 53.04 4.88 60.13
C GLU F 607 51.96 5.78 59.55
N GLU F 608 51.38 5.37 58.42
CA GLU F 608 50.37 6.19 57.75
C GLU F 608 49.09 6.32 58.55
N ARG F 609 48.24 7.25 58.16
CA ARG F 609 46.96 7.43 58.86
C ARG F 609 45.85 6.62 58.20
N ASN F 610 46.06 6.17 56.96
CA ASN F 610 45.07 5.34 56.28
C ASN F 610 45.71 4.24 55.44
N PRO F 611 46.09 3.10 56.07
CA PRO F 611 46.79 2.06 55.31
C PRO F 611 45.90 1.33 54.31
N MET F 612 44.59 1.55 54.33
CA MET F 612 43.71 0.95 53.34
C MET F 612 43.75 1.66 52.00
N LEU F 613 44.05 2.96 51.99
CA LEU F 613 44.13 3.75 50.78
C LEU F 613 45.57 4.15 50.48
N GLY F 614 46.52 3.28 50.82
CA GLY F 614 47.92 3.65 50.73
C GLY F 614 48.75 2.85 49.75
N TRP F 615 50.01 2.63 50.12
CA TRP F 615 51.02 2.04 49.25
C TRP F 615 51.01 0.53 49.45
N ARG F 616 50.28 -0.17 48.59
CA ARG F 616 50.14 -1.61 48.70
C ARG F 616 49.78 -2.18 47.34
N GLY F 617 49.77 -3.51 47.26
CA GLY F 617 49.35 -4.16 46.04
C GLY F 617 50.31 -3.91 44.89
N ILE F 618 49.74 -3.92 43.67
CA ILE F 618 50.55 -3.78 42.48
C ILE F 618 51.22 -2.41 42.37
N ARG F 619 50.73 -1.40 43.08
CA ARG F 619 51.44 -0.12 43.12
C ARG F 619 52.83 -0.30 43.73
N ARG F 620 52.88 -0.72 44.99
CA ARG F 620 54.15 -1.05 45.62
C ARG F 620 54.93 -2.05 44.80
N GLY F 621 54.25 -3.02 44.21
CA GLY F 621 54.95 -4.02 43.42
C GLY F 621 55.71 -3.43 42.24
N LEU F 622 55.08 -2.49 41.53
CA LEU F 622 55.72 -1.86 40.39
C LEU F 622 56.75 -0.82 40.82
N ASP F 623 56.66 -0.32 42.05
CA ASP F 623 57.71 0.58 42.53
C ASP F 623 59.02 -0.16 42.76
N GLN F 624 58.95 -1.38 43.29
CA GLN F 624 60.13 -2.21 43.59
C GLN F 624 60.04 -3.49 42.77
N PRO F 625 60.49 -3.46 41.52
CA PRO F 625 60.23 -4.59 40.61
C PRO F 625 60.95 -5.89 40.96
N GLU F 626 61.70 -5.92 42.06
CA GLU F 626 62.45 -7.13 42.38
C GLU F 626 61.53 -8.24 42.90
N LEU F 627 60.50 -7.87 43.66
CA LEU F 627 59.53 -8.87 44.12
C LEU F 627 58.83 -9.52 42.94
N LEU F 628 58.40 -8.71 41.97
CA LEU F 628 57.79 -9.24 40.76
C LEU F 628 58.76 -10.13 40.00
N ARG F 629 60.02 -9.70 39.89
CA ARG F 629 61.04 -10.51 39.22
C ARG F 629 61.15 -11.89 39.85
N ALA F 630 61.24 -11.93 41.19
CA ALA F 630 61.42 -13.20 41.88
C ALA F 630 60.20 -14.10 41.73
N GLU F 631 59.01 -13.53 41.87
CA GLU F 631 57.80 -14.34 41.76
C GLU F 631 57.63 -14.89 40.35
N PHE F 632 57.89 -14.08 39.33
CA PHE F 632 57.79 -14.57 37.96
C PHE F 632 58.85 -15.61 37.67
N LYS F 633 60.03 -15.48 38.27
CA LYS F 633 61.06 -16.49 38.12
C LYS F 633 60.59 -17.84 38.68
N ALA F 634 60.05 -17.83 39.90
CA ALA F 634 59.58 -19.07 40.49
C ALA F 634 58.43 -19.68 39.69
N ILE F 635 57.53 -18.83 39.18
CA ILE F 635 56.41 -19.35 38.40
C ILE F 635 56.89 -20.02 37.14
N LYS F 636 57.80 -19.37 36.39
CA LYS F 636 58.37 -20.01 35.21
C LYS F 636 59.12 -21.28 35.58
N LYS F 637 59.75 -21.29 36.75
CA LYS F 637 60.49 -22.46 37.20
C LYS F 637 59.58 -23.67 37.33
N VAL F 638 58.45 -23.51 38.03
CA VAL F 638 57.52 -24.63 38.13
C VAL F 638 56.77 -24.87 36.84
N VAL F 639 56.72 -23.89 35.92
CA VAL F 639 56.05 -24.14 34.66
C VAL F 639 56.86 -25.06 33.78
N GLU F 640 58.18 -24.87 33.72
CA GLU F 640 59.00 -25.64 32.78
C GLU F 640 59.10 -27.12 33.16
N LYS F 641 58.67 -27.50 34.36
CA LYS F 641 58.58 -28.92 34.69
C LYS F 641 57.43 -29.61 33.96
N GLY F 642 56.49 -28.85 33.41
CA GLY F 642 55.43 -29.42 32.60
C GLY F 642 54.02 -29.16 33.09
N TYR F 643 53.86 -28.20 34.00
CA TYR F 643 52.56 -27.85 34.55
C TYR F 643 51.99 -26.69 33.74
N ASN F 644 51.00 -26.98 32.89
CA ASN F 644 50.40 -25.97 32.03
C ASN F 644 49.02 -25.56 32.49
N ASN F 645 48.80 -25.44 33.80
CA ASN F 645 47.48 -25.13 34.34
C ASN F 645 47.54 -24.01 35.37
N ILE F 646 48.54 -23.14 35.25
CA ILE F 646 48.73 -22.03 36.17
C ILE F 646 48.33 -20.73 35.48
N GLY F 647 47.92 -19.76 36.30
CA GLY F 647 47.60 -18.43 35.82
C GLY F 647 47.91 -17.41 36.88
N VAL F 648 48.15 -16.18 36.43
CA VAL F 648 48.60 -15.09 37.30
C VAL F 648 47.49 -14.06 37.45
N MET F 649 47.37 -13.53 38.67
CA MET F 649 46.31 -12.59 39.03
C MET F 649 46.93 -11.37 39.70
N LEU F 650 46.65 -10.18 39.17
CA LEU F 650 47.20 -8.92 39.69
C LEU F 650 46.18 -8.25 40.60
N PRO F 651 46.58 -7.83 41.81
CA PRO F 651 45.64 -7.18 42.72
C PRO F 651 45.68 -5.65 42.64
N LEU F 652 44.50 -5.06 42.84
CA LEU F 652 44.32 -3.61 43.00
C LEU F 652 44.81 -2.83 41.77
N VAL F 653 44.13 -3.05 40.65
CA VAL F 653 44.43 -2.40 39.39
C VAL F 653 43.39 -1.31 39.14
N SER F 654 43.85 -0.12 38.73
CA SER F 654 42.92 0.94 38.36
C SER F 654 43.36 1.77 37.15
N HIS F 655 44.49 1.46 36.51
CA HIS F 655 44.91 2.10 35.28
C HIS F 655 45.46 1.02 34.35
N PRO F 656 45.27 1.16 33.04
CA PRO F 656 45.86 0.17 32.11
C PRO F 656 47.37 0.20 32.07
N GLU F 657 47.99 1.34 32.41
CA GLU F 657 49.44 1.43 32.44
C GLU F 657 50.03 0.39 33.39
N GLN F 658 49.33 0.11 34.49
CA GLN F 658 49.82 -0.92 35.41
C GLN F 658 49.86 -2.29 34.75
N ILE F 659 48.83 -2.62 33.96
CA ILE F 659 48.81 -3.90 33.27
C ILE F 659 49.94 -3.98 32.25
N ARG F 660 50.17 -2.90 31.50
CA ARG F 660 51.22 -2.96 30.49
C ARG F 660 52.62 -3.04 31.12
N GLU F 661 52.86 -2.30 32.21
CA GLU F 661 54.16 -2.37 32.86
C GLU F 661 54.40 -3.75 33.47
N ALA F 662 53.35 -4.36 34.04
CA ALA F 662 53.50 -5.71 34.55
C ALA F 662 53.82 -6.70 33.44
N LYS F 663 53.15 -6.56 32.29
CA LYS F 663 53.43 -7.45 31.18
C LYS F 663 54.88 -7.31 30.71
N ARG F 664 55.39 -6.08 30.68
CA ARG F 664 56.78 -5.88 30.26
C ARG F 664 57.75 -6.48 31.29
N ILE F 665 57.53 -6.19 32.58
CA ILE F 665 58.39 -6.74 33.61
C ILE F 665 58.43 -8.26 33.53
N ALA F 666 57.28 -8.89 33.26
CA ALA F 666 57.25 -10.33 33.18
C ALA F 666 57.94 -10.84 31.93
N ARG F 667 57.81 -10.12 30.82
CA ARG F 667 58.42 -10.58 29.58
C ARG F 667 59.93 -10.40 29.58
N GLU F 668 60.48 -9.54 30.43
CA GLU F 668 61.94 -9.40 30.42
C GLU F 668 62.65 -10.63 30.97
N VAL F 669 62.05 -11.36 31.92
CA VAL F 669 62.74 -12.47 32.56
C VAL F 669 62.35 -13.84 32.02
N GLY F 670 61.73 -13.89 30.84
CA GLY F 670 61.50 -15.15 30.16
C GLY F 670 60.07 -15.62 30.12
N LEU F 671 59.25 -15.29 31.11
CA LEU F 671 57.86 -15.73 31.15
C LEU F 671 57.07 -15.04 30.03
N GLU F 672 56.11 -15.77 29.47
CA GLU F 672 55.34 -15.29 28.33
C GLU F 672 53.84 -15.36 28.60
N PRO F 673 53.16 -14.22 28.73
CA PRO F 673 51.71 -14.24 28.93
C PRO F 673 50.98 -14.90 27.77
N HIS F 674 49.84 -15.50 28.08
CA HIS F 674 48.87 -16.09 27.15
C HIS F 674 49.43 -17.29 26.40
N LYS F 675 50.68 -17.67 26.62
CA LYS F 675 51.26 -18.87 26.02
C LYS F 675 51.95 -19.78 27.01
N ASP F 676 52.34 -19.28 28.18
CA ASP F 676 52.83 -20.11 29.27
C ASP F 676 51.90 -20.13 30.47
N VAL F 677 51.12 -19.06 30.67
CA VAL F 677 50.22 -18.93 31.80
C VAL F 677 48.97 -18.20 31.33
N ALA F 678 48.05 -17.98 32.26
CA ALA F 678 46.90 -17.12 32.02
C ALA F 678 47.10 -15.78 32.70
N TRP F 679 46.52 -14.74 32.11
CA TRP F 679 46.68 -13.37 32.58
C TRP F 679 45.32 -12.82 32.96
N GLY F 680 45.16 -12.41 34.22
CA GLY F 680 43.90 -11.87 34.71
C GLY F 680 44.13 -10.85 35.79
N VAL F 681 43.04 -10.23 36.25
CA VAL F 681 43.10 -9.14 37.21
C VAL F 681 42.04 -9.32 38.29
N MET F 682 42.14 -8.49 39.32
CA MET F 682 41.16 -8.41 40.40
C MET F 682 40.39 -7.11 40.31
N ILE F 683 39.10 -7.16 40.67
CA ILE F 683 38.22 -5.99 40.63
C ILE F 683 37.85 -5.66 42.07
N GLU F 684 38.49 -4.62 42.63
CA GLU F 684 38.21 -4.20 43.99
C GLU F 684 37.99 -2.70 44.15
N VAL F 685 38.47 -1.86 43.24
CA VAL F 685 38.20 -0.43 43.32
C VAL F 685 37.04 -0.12 42.39
N PRO F 686 36.14 0.80 42.77
CA PRO F 686 35.02 1.13 41.88
C PRO F 686 35.43 1.63 40.51
N ALA F 687 36.58 2.31 40.41
CA ALA F 687 37.06 2.79 39.12
C ALA F 687 37.24 1.65 38.14
N ALA F 688 37.84 0.54 38.61
CA ALA F 688 38.06 -0.60 37.72
C ALA F 688 36.75 -1.19 37.24
N ALA F 689 35.74 -1.20 38.10
CA ALA F 689 34.42 -1.68 37.70
C ALA F 689 33.70 -0.74 36.75
N ILE F 690 34.06 0.54 36.72
CA ILE F 690 33.35 1.48 35.87
C ILE F 690 33.98 1.65 34.47
N ILE F 691 35.27 1.39 34.32
CA ILE F 691 35.93 1.52 33.02
C ILE F 691 36.47 0.17 32.55
N ILE F 692 35.74 -0.90 32.86
CA ILE F 692 36.24 -2.27 32.65
C ILE F 692 36.65 -2.52 31.21
N GLU F 693 36.02 -1.85 30.24
CA GLU F 693 36.33 -2.12 28.84
C GLU F 693 37.74 -1.70 28.47
N ASP F 694 38.22 -0.59 29.04
CA ASP F 694 39.59 -0.17 28.80
C ASP F 694 40.57 -1.24 29.25
N LEU F 695 40.34 -1.82 30.42
CA LEU F 695 41.20 -2.91 30.90
C LEU F 695 41.10 -4.13 30.01
N ILE F 696 39.89 -4.45 29.53
CA ILE F 696 39.73 -5.62 28.67
C ILE F 696 40.49 -5.45 27.36
N LYS F 697 40.58 -4.22 26.87
CA LYS F 697 41.26 -4.01 25.59
C LYS F 697 42.77 -4.16 25.65
N GLU F 698 43.34 -4.53 26.80
CA GLU F 698 44.76 -4.81 26.90
C GLU F 698 45.06 -6.30 26.92
N GLY F 699 44.10 -7.14 26.51
CA GLY F 699 44.33 -8.57 26.43
C GLY F 699 44.45 -9.28 27.75
N ILE F 700 43.35 -9.42 28.48
CA ILE F 700 43.34 -10.26 29.68
C ILE F 700 42.53 -11.51 29.39
N ASP F 701 42.56 -12.47 30.31
CA ASP F 701 41.84 -13.72 30.09
C ASP F 701 40.74 -13.97 31.10
N PHE F 702 40.89 -13.46 32.32
CA PHE F 702 39.89 -13.70 33.36
C PHE F 702 39.79 -12.58 34.36
N VAL F 703 38.67 -12.51 35.07
CA VAL F 703 38.47 -11.48 36.08
C VAL F 703 37.85 -12.07 37.34
N SER F 704 38.08 -11.45 38.48
CA SER F 704 37.55 -11.95 39.74
C SER F 704 37.11 -10.81 40.64
N PHE F 705 35.96 -10.99 41.28
CA PHE F 705 35.36 -9.97 42.16
C PHE F 705 35.84 -10.15 43.59
N GLY F 706 36.50 -9.13 44.14
CA GLY F 706 36.79 -9.04 45.55
C GLY F 706 35.72 -8.31 46.35
N THR F 707 34.60 -8.96 46.64
CA THR F 707 33.43 -8.25 47.15
C THR F 707 33.67 -7.59 48.50
N ASN F 708 34.64 -8.09 49.28
CA ASN F 708 34.99 -7.45 50.55
C ASN F 708 35.46 -6.01 50.32
N ASP F 709 36.55 -5.87 49.58
CA ASP F 709 37.12 -4.55 49.34
C ASP F 709 36.18 -3.67 48.53
N LEU F 710 35.48 -4.26 47.57
CA LEU F 710 34.55 -3.47 46.77
C LEU F 710 33.42 -2.89 47.62
N THR F 711 32.84 -3.69 48.50
CA THR F 711 31.79 -3.19 49.37
C THR F 711 32.34 -2.14 50.33
N GLN F 712 33.58 -2.29 50.77
CA GLN F 712 34.12 -1.31 51.70
C GLN F 712 34.42 0.03 51.01
N TYR F 713 35.02 0.00 49.82
CA TYR F 713 35.35 1.23 49.12
C TYR F 713 34.13 1.92 48.51
N THR F 714 33.06 1.18 48.25
CA THR F 714 31.90 1.79 47.63
C THR F 714 31.03 2.54 48.63
N LEU F 715 30.91 2.03 49.85
CA LEU F 715 30.10 2.65 50.88
C LEU F 715 30.89 3.58 51.79
N ALA F 716 32.19 3.73 51.56
CA ALA F 716 33.06 4.57 52.37
C ALA F 716 32.93 4.23 53.85
N ILE F 717 33.30 2.99 54.17
CA ILE F 717 33.04 2.43 55.50
C ILE F 717 34.11 1.39 55.80
N ASP F 718 34.64 1.43 57.01
CA ASP F 718 35.54 0.40 57.51
C ASP F 718 34.74 -0.61 58.34
N ARG F 719 35.03 -1.89 58.11
CA ARG F 719 34.25 -2.94 58.75
C ARG F 719 34.77 -3.27 60.14
N ASP F 720 36.07 -3.08 60.38
CA ASP F 720 36.64 -3.33 61.69
C ASP F 720 36.21 -2.31 62.74
N ASN F 721 35.74 -1.14 62.32
CA ASN F 721 35.31 -0.11 63.25
C ASN F 721 33.96 -0.48 63.84
N GLU F 722 33.89 -0.47 65.17
CA GLU F 722 32.70 -0.95 65.89
C GLU F 722 31.50 -0.05 65.63
N ARG F 723 31.73 1.24 65.44
CA ARG F 723 30.63 2.20 65.41
C ARG F 723 29.91 2.26 64.07
N VAL F 724 30.57 1.89 62.97
CA VAL F 724 29.96 1.96 61.65
C VAL F 724 29.90 0.61 60.94
N ALA F 725 30.19 -0.50 61.62
CA ALA F 725 30.08 -1.81 60.99
C ALA F 725 28.64 -2.30 60.91
N LYS F 726 27.70 -1.56 61.48
CA LYS F 726 26.28 -1.92 61.36
C LYS F 726 25.70 -1.58 59.99
N LEU F 727 26.44 -0.90 59.13
CA LEU F 727 25.95 -0.54 57.81
C LEU F 727 26.49 -1.45 56.71
N TYR F 728 27.48 -2.28 57.02
CA TYR F 728 28.06 -3.18 56.03
C TYR F 728 27.01 -4.15 55.49
N ASP F 729 27.03 -4.34 54.17
CA ASP F 729 26.10 -5.23 53.49
C ASP F 729 26.58 -5.52 52.08
N GLU F 730 26.75 -6.80 51.73
CA GLU F 730 27.29 -7.17 50.43
C GLU F 730 26.23 -7.38 49.37
N THR F 731 24.95 -7.27 49.71
CA THR F 731 23.86 -7.26 48.74
C THR F 731 23.20 -5.89 48.65
N HIS F 732 23.98 -4.83 48.80
CA HIS F 732 23.49 -3.48 48.63
C HIS F 732 23.30 -3.20 47.13
N PRO F 733 22.24 -2.48 46.76
CA PRO F 733 21.93 -2.27 45.33
C PRO F 733 23.08 -1.74 44.48
N ALA F 734 23.97 -0.92 45.02
CA ALA F 734 25.00 -0.31 44.19
C ALA F 734 26.03 -1.35 43.76
N VAL F 735 26.47 -2.20 44.69
CA VAL F 735 27.41 -3.27 44.37
C VAL F 735 26.82 -4.20 43.31
N LEU F 736 25.52 -4.46 43.41
CA LEU F 736 24.88 -5.36 42.45
C LEU F 736 24.79 -4.73 41.07
N LYS F 737 24.50 -3.43 40.99
CA LYS F 737 24.57 -2.73 39.71
C LYS F 737 25.96 -2.84 39.09
N LEU F 738 27.00 -2.64 39.89
CA LEU F 738 28.37 -2.71 39.36
C LEU F 738 28.70 -4.10 38.84
N ILE F 739 28.33 -5.14 39.62
CA ILE F 739 28.60 -6.52 39.22
C ILE F 739 27.87 -6.85 37.93
N LYS F 740 26.61 -6.44 37.82
CA LYS F 740 25.82 -6.72 36.61
C LYS F 740 26.46 -6.08 35.39
N HIS F 741 26.90 -4.82 35.51
CA HIS F 741 27.56 -4.16 34.38
C HIS F 741 28.80 -4.91 33.94
N VAL F 742 29.67 -5.25 34.90
CA VAL F 742 30.91 -5.94 34.55
C VAL F 742 30.62 -7.26 33.83
N ILE F 743 29.72 -8.07 34.41
CA ILE F 743 29.42 -9.37 33.83
C ILE F 743 28.92 -9.21 32.41
N LYS F 744 27.98 -8.28 32.19
CA LYS F 744 27.49 -8.01 30.85
C LYS F 744 28.64 -7.76 29.87
N VAL F 745 29.56 -6.87 30.23
CA VAL F 745 30.57 -6.45 29.25
C VAL F 745 31.53 -7.60 28.92
N CYS F 746 32.04 -8.30 29.94
CA CYS F 746 33.03 -9.32 29.58
C CYS F 746 32.38 -10.56 28.99
N LYS F 747 31.10 -10.82 29.31
CA LYS F 747 30.34 -11.77 28.52
C LYS F 747 30.36 -11.39 27.05
N ARG F 748 30.07 -10.12 26.75
CA ARG F 748 30.13 -9.66 25.36
C ARG F 748 31.50 -9.86 24.73
N TYR F 749 32.58 -9.71 25.48
CA TYR F 749 33.92 -9.81 24.89
C TYR F 749 34.56 -11.19 24.98
N GLY F 750 33.89 -12.18 25.56
CA GLY F 750 34.46 -13.52 25.62
C GLY F 750 35.43 -13.77 26.74
N VAL F 751 35.28 -13.08 27.87
CA VAL F 751 36.16 -13.23 29.03
C VAL F 751 35.41 -13.99 30.11
N GLU F 752 36.17 -14.71 30.94
CA GLU F 752 35.60 -15.51 32.01
C GLU F 752 35.54 -14.74 33.32
N THR F 753 34.44 -14.90 34.06
CA THR F 753 34.20 -14.19 35.31
C THR F 753 34.16 -15.16 36.49
N SER F 754 34.50 -14.67 37.67
CA SER F 754 34.49 -15.48 38.88
C SER F 754 34.34 -14.56 40.08
N ILE F 755 34.19 -15.15 41.26
CA ILE F 755 34.10 -14.41 42.51
C ILE F 755 34.74 -15.19 43.64
N CYS F 756 35.66 -14.56 44.35
CA CYS F 756 36.24 -15.08 45.58
C CYS F 756 35.79 -14.20 46.75
N GLY F 757 36.15 -14.60 47.95
CA GLY F 757 35.84 -13.81 49.13
C GLY F 757 35.01 -14.60 50.12
N GLN F 758 34.40 -13.85 51.04
CA GLN F 758 33.53 -14.47 52.05
C GLN F 758 32.10 -14.57 51.57
N ALA F 759 31.71 -13.81 50.55
CA ALA F 759 30.38 -13.92 49.97
C ALA F 759 30.29 -14.99 48.90
N GLY F 760 31.40 -15.67 48.60
CA GLY F 760 31.33 -16.88 47.81
C GLY F 760 30.78 -18.06 48.57
N SER F 761 30.74 -17.98 49.90
CA SER F 761 30.21 -19.03 50.75
C SER F 761 28.86 -18.65 51.36
N ASP F 762 28.02 -17.97 50.60
CA ASP F 762 26.70 -17.55 51.06
C ASP F 762 25.63 -18.04 50.08
N PRO F 763 24.61 -18.76 50.55
CA PRO F 763 23.58 -19.26 49.62
C PRO F 763 22.78 -18.19 48.90
N LYS F 764 22.46 -17.07 49.56
CA LYS F 764 21.67 -16.04 48.93
C LYS F 764 22.44 -15.35 47.80
N MET F 765 23.70 -15.01 48.05
CA MET F 765 24.54 -14.45 47.00
C MET F 765 24.73 -15.44 45.87
N ALA F 766 24.87 -16.73 46.18
CA ALA F 766 25.01 -17.74 45.15
C ALA F 766 23.80 -17.75 44.23
N ARG F 767 22.59 -17.64 44.80
CA ARG F 767 21.40 -17.63 43.97
C ARG F 767 21.34 -16.38 43.08
N ILE F 768 21.64 -15.20 43.66
CA ILE F 768 21.67 -13.97 42.87
C ILE F 768 22.65 -14.11 41.70
N LEU F 769 23.84 -14.64 41.98
CA LEU F 769 24.90 -14.67 40.98
C LEU F 769 24.63 -15.70 39.90
N VAL F 770 24.00 -16.82 40.25
CA VAL F 770 23.64 -17.80 39.23
C VAL F 770 22.52 -17.27 38.36
N ARG F 771 21.58 -16.50 38.93
CA ARG F 771 20.55 -15.91 38.08
C ARG F 771 21.11 -14.83 37.16
N LEU F 772 22.19 -14.14 37.56
CA LEU F 772 22.78 -13.17 36.66
C LEU F 772 23.63 -13.82 35.56
N GLY F 773 24.35 -14.90 35.87
CA GLY F 773 25.09 -15.59 34.83
C GLY F 773 26.59 -15.65 35.01
N ILE F 774 27.06 -15.72 36.26
CA ILE F 774 28.49 -15.83 36.49
C ILE F 774 28.99 -17.21 36.06
N ASP F 775 30.28 -17.29 35.78
CA ASP F 775 30.87 -18.53 35.27
C ASP F 775 31.40 -19.44 36.37
N SER F 776 31.80 -18.90 37.52
CA SER F 776 32.36 -19.73 38.59
C SER F 776 32.12 -19.07 39.95
N ILE F 777 32.23 -19.89 41.00
CA ILE F 777 32.15 -19.46 42.38
C ILE F 777 33.25 -20.16 43.18
N SER F 778 33.87 -19.45 44.11
CA SER F 778 34.99 -19.95 44.89
C SER F 778 34.61 -19.97 46.37
N ALA F 779 34.61 -21.14 46.99
CA ALA F 779 34.11 -21.33 48.34
C ALA F 779 35.21 -21.76 49.29
N ASN F 780 34.95 -21.60 50.58
CA ASN F 780 35.87 -22.06 51.61
C ASN F 780 35.90 -23.59 51.63
N PRO F 781 37.01 -24.19 52.05
CA PRO F 781 37.15 -25.66 51.95
C PRO F 781 36.06 -26.46 52.65
N ASP F 782 35.31 -25.87 53.57
CA ASP F 782 34.24 -26.59 54.27
C ASP F 782 32.86 -26.09 53.90
N ALA F 783 32.70 -25.49 52.72
CA ALA F 783 31.41 -25.03 52.25
C ALA F 783 31.15 -25.41 50.80
N VAL F 784 31.89 -26.37 50.25
CA VAL F 784 31.78 -26.69 48.83
C VAL F 784 30.50 -27.46 48.53
N GLN F 785 30.10 -28.34 49.44
CA GLN F 785 28.93 -29.20 49.20
C GLN F 785 27.64 -28.41 49.27
N LEU F 786 27.53 -27.51 50.25
CA LEU F 786 26.35 -26.67 50.38
C LEU F 786 26.15 -25.81 49.14
N ILE F 787 27.22 -25.17 48.68
CA ILE F 787 27.11 -24.31 47.51
C ILE F 787 26.79 -25.13 46.27
N ARG F 788 27.35 -26.35 46.18
CA ARG F 788 27.04 -27.24 45.08
C ARG F 788 25.54 -27.54 45.01
N GLN F 789 24.93 -27.87 46.15
CA GLN F 789 23.49 -28.12 46.18
C GLN F 789 22.65 -26.89 45.82
N VAL F 790 23.01 -25.73 46.38
CA VAL F 790 22.27 -24.50 46.06
C VAL F 790 22.32 -24.20 44.56
N VAL F 791 23.49 -24.38 43.94
CA VAL F 791 23.63 -24.07 42.53
C VAL F 791 22.84 -25.04 41.67
N ALA F 792 22.86 -26.33 42.02
CA ALA F 792 22.08 -27.31 41.28
C ALA F 792 20.59 -26.98 41.29
N GLN F 793 20.05 -26.63 42.48
CA GLN F 793 18.63 -26.31 42.57
C GLN F 793 18.28 -25.08 41.72
N GLU F 794 19.12 -24.04 41.79
CA GLU F 794 18.84 -22.82 41.01
C GLU F 794 18.82 -23.11 39.51
N GLU F 795 19.75 -23.95 39.03
CA GLU F 795 19.78 -24.27 37.61
C GLU F 795 18.53 -25.02 37.16
N ARG F 796 18.09 -26.01 37.96
CA ARG F 796 16.86 -26.71 37.58
C ARG F 796 15.66 -25.78 37.56
N LYS F 797 15.59 -24.84 38.50
CA LYS F 797 14.52 -23.83 38.48
C LYS F 797 14.51 -23.05 37.18
N LEU F 798 15.68 -22.54 36.76
CA LEU F 798 15.73 -21.76 35.54
C LEU F 798 15.24 -22.57 34.33
N MET F 799 15.70 -23.80 34.22
CA MET F 799 15.29 -24.64 33.09
C MET F 799 13.77 -24.87 33.08
N LEU F 800 13.19 -25.12 34.25
CA LEU F 800 11.75 -25.33 34.32
C LEU F 800 10.99 -24.08 33.88
N GLU F 801 11.45 -22.91 34.32
CA GLU F 801 10.80 -21.66 33.92
C GLU F 801 10.80 -21.48 32.40
N ALA F 802 11.92 -21.76 31.75
CA ALA F 802 11.97 -21.59 30.31
C ALA F 802 11.06 -22.59 29.60
N ALA F 803 11.01 -23.84 30.10
CA ALA F 803 10.10 -24.82 29.51
C ALA F 803 8.66 -24.39 29.62
N ARG F 804 8.24 -23.86 30.77
CA ARG F 804 6.87 -23.42 30.95
C ARG F 804 6.54 -22.24 30.04
N LYS F 805 7.46 -21.29 29.91
CA LYS F 805 7.20 -20.18 29.00
C LYS F 805 7.05 -20.65 27.57
N GLN F 806 7.83 -21.66 27.16
CA GLN F 806 7.72 -22.16 25.80
C GLN F 806 6.41 -22.90 25.58
N LEU F 807 5.96 -23.68 26.56
CA LEU F 807 4.79 -24.53 26.34
C LEU F 807 3.49 -23.74 26.36
N GLY G 506 25.22 -41.87 46.36
CA GLY G 506 26.12 -40.87 46.92
C GLY G 506 25.64 -39.45 46.69
N ALA G 507 24.92 -39.25 45.60
CA ALA G 507 24.37 -37.93 45.29
C ALA G 507 22.88 -37.91 45.57
N PRO G 508 22.38 -36.93 46.30
CA PRO G 508 20.92 -36.85 46.54
C PRO G 508 20.15 -36.51 45.27
N LEU G 509 18.84 -36.68 45.36
CA LEU G 509 17.95 -36.33 44.26
C LEU G 509 17.61 -34.85 44.33
N VAL G 510 17.67 -34.17 43.18
CA VAL G 510 17.58 -32.72 43.11
C VAL G 510 16.41 -32.32 42.22
N THR G 511 15.51 -31.52 42.76
CA THR G 511 14.34 -31.03 42.04
C THR G 511 14.31 -29.51 42.08
N GLY G 512 13.67 -28.92 41.08
CA GLY G 512 13.51 -27.47 41.08
C GLY G 512 12.48 -27.02 42.09
N THR G 513 11.34 -27.70 42.14
CA THR G 513 10.35 -27.46 43.17
C THR G 513 10.88 -27.90 44.53
N MET G 514 10.60 -27.11 45.55
CA MET G 514 11.04 -27.42 46.90
C MET G 514 10.05 -28.36 47.58
N VAL G 515 10.59 -29.38 48.25
CA VAL G 515 9.80 -30.32 49.04
C VAL G 515 10.18 -30.11 50.50
N LYS G 516 9.22 -29.70 51.31
CA LYS G 516 9.43 -29.45 52.74
C LYS G 516 8.68 -30.48 53.57
N VAL G 517 8.68 -30.30 54.89
CA VAL G 517 8.15 -31.29 55.82
C VAL G 517 7.29 -30.59 56.87
N ASN G 518 6.33 -31.32 57.41
CA ASN G 518 5.35 -30.79 58.35
C ASN G 518 5.68 -31.25 59.76
N VAL G 519 6.12 -30.32 60.61
CA VAL G 519 6.57 -30.63 61.96
C VAL G 519 5.42 -30.35 62.93
N SER G 520 5.11 -31.33 63.77
CA SER G 520 3.97 -31.20 64.68
C SER G 520 4.38 -30.78 66.09
N MET G 521 5.42 -31.39 66.64
CA MET G 521 5.92 -31.10 67.97
C MET G 521 7.41 -30.80 67.88
N PRO G 522 7.98 -30.16 68.90
CA PRO G 522 9.43 -29.88 68.88
C PRO G 522 10.29 -31.09 69.21
N GLU G 523 9.66 -32.26 69.44
CA GLU G 523 10.42 -33.45 69.76
C GLU G 523 10.69 -34.33 68.54
N VAL G 524 9.79 -34.35 67.56
CA VAL G 524 10.09 -34.97 66.28
C VAL G 524 10.67 -33.91 65.34
N ALA G 525 11.96 -33.65 65.50
CA ALA G 525 12.66 -32.65 64.70
C ALA G 525 13.99 -33.14 64.14
N GLU G 526 14.57 -34.20 64.71
CA GLU G 526 15.76 -34.80 64.14
C GLU G 526 15.40 -35.85 63.10
N ARG G 527 14.38 -36.66 63.39
CA ARG G 527 13.88 -37.60 62.38
C ARG G 527 13.33 -36.85 61.17
N ALA G 528 12.93 -35.59 61.34
CA ALA G 528 12.44 -34.81 60.22
C ALA G 528 13.58 -34.15 59.47
N ALA G 529 14.60 -33.66 60.18
CA ALA G 529 15.76 -33.09 59.52
C ALA G 529 16.61 -34.16 58.85
N ALA G 530 16.40 -35.43 59.16
CA ALA G 530 17.13 -36.51 58.53
C ALA G 530 16.46 -37.04 57.28
N THR G 531 15.40 -36.38 56.80
CA THR G 531 14.70 -36.85 55.61
C THR G 531 15.20 -36.21 54.33
N GLY G 532 15.99 -35.14 54.43
CA GLY G 532 16.43 -34.44 53.26
C GLY G 532 15.49 -33.35 52.77
N ALA G 533 14.66 -32.81 53.65
CA ALA G 533 13.72 -31.77 53.26
C ALA G 533 14.45 -30.44 53.07
N ASP G 534 13.76 -29.51 52.41
CA ASP G 534 14.33 -28.20 52.10
C ASP G 534 13.96 -27.16 53.13
N GLY G 535 13.27 -27.55 54.19
CA GLY G 535 12.86 -26.63 55.23
C GLY G 535 11.64 -27.19 55.94
N VAL G 536 11.13 -26.39 56.88
CA VAL G 536 9.87 -26.68 57.55
C VAL G 536 8.77 -25.86 56.89
N GLY G 537 7.64 -26.49 56.62
CA GLY G 537 6.56 -25.81 55.95
C GLY G 537 5.48 -25.35 56.88
N LEU G 538 5.35 -26.04 58.02
CA LEU G 538 4.34 -25.68 59.01
C LEU G 538 4.74 -26.27 60.35
N LEU G 539 5.03 -25.41 61.33
CA LEU G 539 5.25 -25.82 62.70
C LEU G 539 4.12 -25.27 63.56
N ARG G 540 3.30 -26.16 64.10
CA ARG G 540 2.14 -25.74 64.87
C ARG G 540 2.50 -25.45 66.32
N ALA G 541 1.70 -24.59 66.95
CA ALA G 541 1.94 -24.15 68.31
C ALA G 541 0.92 -24.70 69.30
N GLU G 542 -0.08 -25.44 68.85
CA GLU G 542 -1.11 -25.96 69.73
C GLU G 542 -0.51 -26.75 70.89
N HIS G 543 0.45 -27.63 70.59
CA HIS G 543 1.07 -28.44 71.64
C HIS G 543 1.87 -27.58 72.60
N MET G 544 2.75 -26.73 72.07
CA MET G 544 3.66 -25.96 72.91
C MET G 544 2.92 -24.99 73.82
N ILE G 545 1.67 -24.64 73.48
CA ILE G 545 0.91 -23.73 74.32
C ILE G 545 -0.05 -24.45 75.25
N LEU G 546 -0.79 -25.43 74.75
CA LEU G 546 -1.74 -26.17 75.56
C LEU G 546 -1.10 -27.30 76.36
N SER G 547 0.20 -27.24 76.61
CA SER G 547 0.89 -28.28 77.36
C SER G 547 1.03 -27.95 78.85
N ILE G 548 0.64 -26.76 79.27
CA ILE G 548 0.85 -26.33 80.65
C ILE G 548 -0.35 -26.69 81.51
N GLY G 549 -1.27 -27.50 80.96
CA GLY G 549 -2.44 -27.95 81.69
C GLY G 549 -3.27 -26.84 82.31
N GLN G 550 -3.42 -25.71 81.60
CA GLN G 550 -4.09 -24.55 82.15
C GLN G 550 -4.56 -23.66 81.02
N HIS G 551 -5.65 -22.94 81.24
CA HIS G 551 -6.14 -21.98 80.28
C HIS G 551 -5.14 -20.82 80.17
N PRO G 552 -4.61 -20.53 78.98
CA PRO G 552 -3.60 -19.47 78.87
C PRO G 552 -4.08 -18.10 79.33
N ILE G 553 -5.32 -17.73 79.04
CA ILE G 553 -5.86 -16.46 79.53
C ILE G 553 -5.90 -16.47 81.05
N LYS G 554 -6.30 -17.60 81.63
CA LYS G 554 -6.22 -17.76 83.08
C LYS G 554 -4.76 -17.77 83.55
N PHE G 555 -3.88 -18.35 82.75
CA PHE G 555 -2.47 -18.45 83.13
C PHE G 555 -1.82 -17.08 83.24
N ILE G 556 -2.29 -16.12 82.44
CA ILE G 556 -1.65 -14.80 82.45
C ILE G 556 -2.33 -13.83 83.40
N LYS G 557 -3.60 -14.10 83.71
CA LYS G 557 -4.30 -13.28 84.68
C LYS G 557 -3.65 -13.62 86.00
N GLU G 558 -3.48 -14.91 86.26
CA GLU G 558 -2.78 -15.32 87.47
C GLU G 558 -1.47 -14.59 87.44
N GLY G 559 -0.85 -14.52 86.27
CA GLY G 559 0.38 -13.75 86.13
C GLY G 559 1.66 -14.50 85.97
N LYS G 560 1.71 -15.52 85.11
CA LYS G 560 2.99 -16.17 84.90
C LYS G 560 3.33 -16.04 83.43
N GLU G 561 3.68 -14.84 82.99
CA GLU G 561 3.94 -14.63 81.56
C GLU G 561 5.31 -15.11 81.15
N GLU G 562 6.35 -14.81 81.93
CA GLU G 562 7.71 -15.07 81.50
C GLU G 562 7.99 -16.57 81.38
N GLU G 563 7.36 -17.38 82.23
CA GLU G 563 7.54 -18.82 82.15
C GLU G 563 7.06 -19.36 80.80
N LEU G 564 5.83 -19.03 80.43
CA LEU G 564 5.30 -19.44 79.13
C LEU G 564 6.14 -18.90 77.99
N VAL G 565 6.57 -17.63 78.10
CA VAL G 565 7.38 -17.02 77.05
C VAL G 565 8.66 -17.82 76.83
N GLU G 566 9.43 -18.05 77.91
CA GLU G 566 10.71 -18.72 77.74
C GLU G 566 10.54 -20.19 77.36
N LYS G 567 9.44 -20.82 77.77
CA LYS G 567 9.19 -22.18 77.32
C LYS G 567 8.96 -22.22 75.81
N LEU G 568 8.11 -21.34 75.30
CA LEU G 568 7.96 -21.20 73.85
C LEU G 568 9.31 -20.94 73.19
N ALA G 569 10.13 -20.11 73.82
CA ALA G 569 11.41 -19.74 73.24
C ALA G 569 12.30 -20.95 73.02
N GLU G 570 12.44 -21.80 74.04
CA GLU G 570 13.29 -22.97 73.86
C GLU G 570 12.66 -23.97 72.90
N GLY G 571 11.34 -24.13 72.96
CA GLY G 571 10.67 -25.01 72.00
C GLY G 571 10.92 -24.61 70.55
N ILE G 572 10.91 -23.31 70.28
CA ILE G 572 11.14 -22.82 68.93
C ILE G 572 12.60 -22.91 68.53
N GLU G 573 13.51 -22.59 69.46
CA GLU G 573 14.94 -22.59 69.13
C GLU G 573 15.43 -23.99 68.82
N LYS G 574 14.86 -25.00 69.48
CA LYS G 574 15.22 -26.39 69.16
C LYS G 574 15.02 -26.68 67.68
N VAL G 575 13.82 -26.41 67.17
CA VAL G 575 13.50 -26.65 65.77
C VAL G 575 14.32 -25.74 64.86
N ALA G 576 14.47 -24.48 65.23
CA ALA G 576 15.20 -23.55 64.39
C ALA G 576 16.66 -23.95 64.24
N ALA G 577 17.24 -24.59 65.25
CA ALA G 577 18.64 -24.98 65.19
C ALA G 577 18.85 -26.37 64.61
N ALA G 578 17.79 -27.17 64.50
CA ALA G 578 17.93 -28.45 63.82
C ALA G 578 17.98 -28.21 62.31
N PHE G 579 17.29 -27.18 61.83
CA PHE G 579 17.33 -26.83 60.41
C PHE G 579 17.71 -25.37 60.28
N TYR G 580 18.98 -25.04 60.50
CA TYR G 580 19.44 -23.64 60.44
C TYR G 580 19.56 -23.05 59.04
N PRO G 581 20.52 -23.54 58.23
CA PRO G 581 20.54 -22.84 56.93
C PRO G 581 19.16 -22.83 56.26
N ARG G 582 18.27 -23.75 56.62
CA ARG G 582 16.97 -23.85 55.97
C ARG G 582 15.87 -23.07 56.67
N PRO G 583 14.91 -22.54 55.90
CA PRO G 583 13.79 -21.78 56.46
C PRO G 583 12.86 -22.64 57.30
N VAL G 584 12.20 -22.00 58.27
CA VAL G 584 11.17 -22.61 59.11
C VAL G 584 10.02 -21.63 59.24
N TRP G 585 8.80 -22.11 59.06
CA TRP G 585 7.60 -21.27 59.10
C TRP G 585 6.71 -21.68 60.26
N TYR G 586 6.27 -20.70 61.04
CA TYR G 586 5.57 -20.92 62.30
C TYR G 586 4.22 -20.22 62.27
N ARG G 587 3.15 -20.95 62.64
CA ARG G 587 1.79 -20.47 62.55
C ARG G 587 1.22 -20.21 63.94
N THR G 588 0.72 -19.01 64.17
CA THR G 588 0.20 -18.64 65.48
C THR G 588 -1.01 -19.48 65.86
N LEU G 589 -1.39 -19.40 67.13
CA LEU G 589 -2.36 -20.32 67.73
C LEU G 589 -3.68 -20.31 66.98
N ASP G 590 -4.26 -21.51 66.82
CA ASP G 590 -5.52 -21.65 66.10
C ASP G 590 -6.20 -22.93 66.58
N ALA G 591 -7.28 -22.78 67.34
CA ALA G 591 -8.04 -23.92 67.85
C ALA G 591 -9.46 -23.45 68.12
N PRO G 592 -10.45 -24.34 67.99
CA PRO G 592 -11.84 -23.94 68.21
C PRO G 592 -12.12 -23.61 69.67
N THR G 593 -13.36 -23.22 69.99
CA THR G 593 -13.72 -22.88 71.35
C THR G 593 -13.96 -24.11 72.21
N ASN G 594 -14.36 -25.24 71.62
CA ASN G 594 -14.52 -26.48 72.37
C ASN G 594 -13.20 -27.19 72.59
N GLU G 595 -12.09 -26.49 72.41
CA GLU G 595 -10.77 -26.97 72.81
C GLU G 595 -10.25 -26.26 74.05
N PHE G 596 -10.71 -25.04 74.31
CA PHE G 596 -10.36 -24.34 75.54
C PHE G 596 -11.31 -24.70 76.67
N ARG G 597 -12.44 -25.31 76.36
CA ARG G 597 -13.41 -25.67 77.39
C ARG G 597 -12.95 -26.84 78.25
N GLU G 598 -12.00 -27.64 77.76
CA GLU G 598 -11.65 -28.91 78.39
C GLU G 598 -10.36 -28.81 79.19
N MET G 599 -9.98 -27.62 79.61
CA MET G 599 -8.78 -27.40 80.38
C MET G 599 -9.10 -26.82 81.74
N PRO G 600 -8.20 -27.00 82.73
CA PRO G 600 -8.48 -26.35 84.02
C PRO G 600 -8.58 -24.84 83.85
N GLY G 601 -9.74 -24.27 84.12
CA GLY G 601 -9.94 -22.84 83.94
C GLY G 601 -10.91 -22.60 82.81
N GLY G 602 -11.24 -23.65 82.07
CA GLY G 602 -12.17 -23.53 80.98
C GLY G 602 -13.57 -23.85 81.44
N GLU G 603 -14.20 -22.88 82.12
CA GLU G 603 -15.56 -23.09 82.62
C GLU G 603 -16.46 -22.04 82.01
N ASP G 604 -15.89 -20.90 81.64
CA ASP G 604 -16.67 -19.87 81.00
C ASP G 604 -16.58 -20.10 79.52
N GLU G 605 -17.64 -20.62 78.91
CA GLU G 605 -17.62 -20.92 77.48
C GLU G 605 -18.97 -20.62 76.81
N PRO G 606 -19.02 -20.67 75.47
CA PRO G 606 -20.26 -20.31 74.80
C PRO G 606 -21.08 -21.49 74.31
N GLU G 607 -20.49 -22.69 74.27
CA GLU G 607 -21.19 -23.84 73.72
C GLU G 607 -21.92 -23.45 72.45
N GLU G 608 -21.18 -22.96 71.45
CA GLU G 608 -21.80 -22.51 70.21
C GLU G 608 -22.41 -23.64 69.40
N ARG G 609 -23.21 -23.29 68.41
CA ARG G 609 -23.83 -24.31 67.57
C ARG G 609 -22.99 -24.59 66.33
N ASN G 610 -22.06 -23.70 66.00
CA ASN G 610 -21.17 -23.92 64.86
C ASN G 610 -19.74 -23.44 65.13
N PRO G 611 -18.92 -24.26 65.81
CA PRO G 611 -17.58 -23.79 66.16
C PRO G 611 -16.64 -23.67 64.97
N MET G 612 -17.02 -24.15 63.79
CA MET G 612 -16.20 -23.98 62.60
C MET G 612 -16.30 -22.59 62.01
N LEU G 613 -17.43 -21.91 62.20
CA LEU G 613 -17.66 -20.57 61.69
C LEU G 613 -17.70 -19.55 62.83
N GLY G 614 -16.91 -19.79 63.87
CA GLY G 614 -17.02 -18.98 65.06
C GLY G 614 -15.79 -18.17 65.43
N TRP G 615 -15.56 -18.03 66.73
CA TRP G 615 -14.53 -17.15 67.28
C TRP G 615 -13.25 -17.96 67.45
N ARG G 616 -12.37 -17.86 66.46
CA ARG G 616 -11.13 -18.62 66.47
C ARG G 616 -10.12 -17.92 65.58
N GLY G 617 -8.89 -18.42 65.61
CA GLY G 617 -7.87 -17.89 64.73
C GLY G 617 -7.49 -16.45 65.07
N ILE G 618 -7.08 -15.73 64.03
CA ILE G 618 -6.61 -14.36 64.22
C ILE G 618 -7.71 -13.42 64.69
N ARG G 619 -8.99 -13.77 64.51
CA ARG G 619 -10.06 -12.96 65.09
C ARG G 619 -9.94 -12.94 66.61
N ARG G 620 -10.07 -14.11 67.23
CA ARG G 620 -9.85 -14.22 68.67
C ARG G 620 -8.50 -13.65 69.07
N GLY G 621 -7.48 -13.87 68.25
CA GLY G 621 -6.17 -13.36 68.59
C GLY G 621 -6.13 -11.85 68.71
N LEU G 622 -6.77 -11.15 67.78
CA LEU G 622 -6.80 -9.70 67.82
C LEU G 622 -7.76 -9.17 68.87
N ASP G 623 -8.73 -9.98 69.30
CA ASP G 623 -9.59 -9.55 70.40
C ASP G 623 -8.82 -9.49 71.72
N GLN G 624 -7.94 -10.46 71.96
CA GLN G 624 -7.15 -10.54 73.20
C GLN G 624 -5.68 -10.47 72.83
N PRO G 625 -5.13 -9.26 72.69
CA PRO G 625 -3.79 -9.12 72.12
C PRO G 625 -2.65 -9.64 72.99
N GLU G 626 -2.96 -10.22 74.14
CA GLU G 626 -1.89 -10.67 75.03
C GLU G 626 -1.22 -11.94 74.50
N LEU G 627 -2.00 -12.83 73.89
CA LEU G 627 -1.42 -14.03 73.28
C LEU G 627 -0.45 -13.65 72.17
N LEU G 628 -0.86 -12.71 71.31
CA LEU G 628 0.02 -12.22 70.27
C LEU G 628 1.27 -11.58 70.85
N ARG G 629 1.10 -10.78 71.91
CA ARG G 629 2.24 -10.15 72.58
C ARG G 629 3.25 -11.19 73.03
N ALA G 630 2.77 -12.24 73.70
CA ALA G 630 3.67 -13.25 74.24
C ALA G 630 4.38 -14.03 73.14
N GLU G 631 3.63 -14.41 72.09
CA GLU G 631 4.24 -15.17 71.01
C GLU G 631 5.29 -14.34 70.27
N PHE G 632 4.99 -13.07 70.00
CA PHE G 632 5.97 -12.22 69.33
C PHE G 632 7.18 -11.98 70.22
N LYS G 633 6.98 -11.90 71.54
CA LYS G 633 8.10 -11.78 72.46
C LYS G 633 9.03 -12.98 72.36
N ALA G 634 8.46 -14.19 72.41
CA ALA G 634 9.28 -15.39 72.32
C ALA G 634 10.00 -15.48 70.97
N ILE G 635 9.31 -15.10 69.89
CA ILE G 635 9.93 -15.17 68.57
C ILE G 635 11.12 -14.22 68.50
N LYS G 636 10.95 -12.97 68.94
CA LYS G 636 12.08 -12.06 68.96
C LYS G 636 13.19 -12.57 69.87
N LYS G 637 12.82 -13.24 70.96
CA LYS G 637 13.79 -13.78 71.88
C LYS G 637 14.71 -14.78 71.19
N VAL G 638 14.13 -15.75 70.48
CA VAL G 638 14.98 -16.70 69.76
C VAL G 638 15.61 -16.08 68.53
N VAL G 639 15.08 -14.96 68.02
CA VAL G 639 15.72 -14.33 66.88
C VAL G 639 17.02 -13.67 67.28
N GLU G 640 17.06 -12.98 68.42
CA GLU G 640 18.25 -12.21 68.78
C GLU G 640 19.45 -13.09 69.13
N LYS G 641 19.25 -14.40 69.29
CA LYS G 641 20.39 -15.29 69.44
C LYS G 641 21.15 -15.49 68.13
N GLY G 642 20.55 -15.12 67.00
CA GLY G 642 21.25 -15.15 65.73
C GLY G 642 20.62 -16.03 64.67
N TYR G 643 19.35 -16.43 64.87
CA TYR G 643 18.64 -17.27 63.92
C TYR G 643 17.84 -16.37 62.99
N ASN G 644 18.31 -16.23 61.75
CA ASN G 644 17.65 -15.37 60.77
C ASN G 644 16.90 -16.15 59.70
N ASN G 645 16.23 -17.24 60.08
CA ASN G 645 15.56 -18.10 59.13
C ASN G 645 14.15 -18.42 59.57
N ILE G 646 13.53 -17.55 60.35
CA ILE G 646 12.19 -17.74 60.87
C ILE G 646 11.23 -16.81 60.13
N GLY G 647 9.97 -17.23 60.07
CA GLY G 647 8.92 -16.41 59.50
C GLY G 647 7.61 -16.72 60.18
N VAL G 648 6.71 -15.74 60.12
CA VAL G 648 5.44 -15.79 60.84
C VAL G 648 4.29 -15.94 59.86
N MET G 649 3.30 -16.75 60.26
CA MET G 649 2.16 -17.09 59.41
C MET G 649 0.87 -16.85 60.20
N LEU G 650 -0.03 -16.05 59.64
CA LEU G 650 -1.30 -15.70 60.28
C LEU G 650 -2.42 -16.58 59.74
N PRO G 651 -3.23 -17.20 60.60
CA PRO G 651 -4.31 -18.05 60.12
C PRO G 651 -5.66 -17.33 60.03
N LEU G 652 -6.44 -17.74 59.03
CA LEU G 652 -7.84 -17.34 58.86
C LEU G 652 -7.99 -15.81 58.71
N VAL G 653 -7.43 -15.30 57.62
CA VAL G 653 -7.47 -13.88 57.29
C VAL G 653 -8.50 -13.66 56.19
N SER G 654 -9.36 -12.64 56.36
CA SER G 654 -10.29 -12.28 55.30
C SER G 654 -10.50 -10.78 55.11
N HIS G 655 -9.80 -9.92 55.85
CA HIS G 655 -9.83 -8.48 55.65
C HIS G 655 -8.40 -7.96 55.80
N PRO G 656 -8.03 -6.93 55.04
CA PRO G 656 -6.68 -6.35 55.22
C PRO G 656 -6.48 -5.67 56.56
N GLU G 657 -7.56 -5.21 57.19
CA GLU G 657 -7.45 -4.58 58.49
C GLU G 657 -6.81 -5.53 59.50
N GLN G 658 -7.09 -6.83 59.38
CA GLN G 658 -6.47 -7.80 60.28
C GLN G 658 -4.96 -7.81 60.11
N ILE G 659 -4.49 -7.76 58.86
CA ILE G 659 -3.05 -7.75 58.61
C ILE G 659 -2.42 -6.50 59.17
N ARG G 660 -3.06 -5.34 58.99
CA ARG G 660 -2.45 -4.11 59.49
C ARG G 660 -2.43 -4.06 61.03
N GLU G 661 -3.51 -4.52 61.67
CA GLU G 661 -3.53 -4.52 63.13
C GLU G 661 -2.50 -5.49 63.70
N ALA G 662 -2.31 -6.64 63.04
CA ALA G 662 -1.27 -7.56 63.49
C ALA G 662 0.11 -6.95 63.33
N LYS G 663 0.35 -6.25 62.21
CA LYS G 663 1.65 -5.62 62.03
C LYS G 663 1.91 -4.57 63.12
N ARG G 664 0.88 -3.81 63.49
CA ARG G 664 1.06 -2.81 64.54
C ARG G 664 1.32 -3.47 65.89
N ILE G 665 0.52 -4.48 66.25
CA ILE G 665 0.72 -5.17 67.51
C ILE G 665 2.12 -5.74 67.60
N ALA G 666 2.64 -6.27 66.49
CA ALA G 666 3.98 -6.83 66.50
C ALA G 666 5.04 -5.74 66.61
N ARG G 667 4.81 -4.60 65.95
CA ARG G 667 5.81 -3.54 65.99
C ARG G 667 5.86 -2.83 67.32
N GLU G 668 4.82 -2.92 68.14
CA GLU G 668 4.90 -2.24 69.43
C GLU G 668 5.89 -2.90 70.38
N VAL G 669 6.08 -4.22 70.31
CA VAL G 669 6.93 -4.91 71.27
C VAL G 669 8.33 -5.21 70.76
N GLY G 670 8.77 -4.55 69.70
CA GLY G 670 10.14 -4.63 69.26
C GLY G 670 10.39 -5.40 67.99
N LEU G 671 9.58 -6.40 67.68
CA LEU G 671 9.77 -7.20 66.47
C LEU G 671 9.48 -6.36 65.23
N GLU G 672 10.24 -6.61 64.17
CA GLU G 672 10.15 -5.82 62.94
C GLU G 672 9.90 -6.70 61.73
N PRO G 673 8.72 -6.61 61.10
CA PRO G 673 8.46 -7.39 59.90
C PRO G 673 9.42 -7.05 58.77
N HIS G 674 9.68 -8.04 57.92
CA HIS G 674 10.45 -7.94 56.68
C HIS G 674 11.92 -7.61 56.91
N LYS G 675 12.35 -7.42 58.15
CA LYS G 675 13.75 -7.19 58.48
C LYS G 675 14.28 -8.08 59.59
N ASP G 676 13.41 -8.65 60.42
CA ASP G 676 13.79 -9.66 61.39
C ASP G 676 13.20 -11.03 61.08
N VAL G 677 12.04 -11.07 60.41
CA VAL G 677 11.34 -12.30 60.10
C VAL G 677 10.70 -12.14 58.73
N ALA G 678 9.99 -13.18 58.30
CA ALA G 678 9.16 -13.12 57.12
C ALA G 678 7.69 -13.01 57.51
N TRP G 679 6.91 -12.34 56.68
CA TRP G 679 5.50 -12.08 56.95
C TRP G 679 4.66 -12.73 55.86
N GLY G 680 3.77 -13.63 56.25
CA GLY G 680 2.91 -14.34 55.30
C GLY G 680 1.58 -14.67 55.93
N VAL G 681 0.69 -15.25 55.12
CA VAL G 681 -0.68 -15.53 55.54
C VAL G 681 -1.10 -16.92 55.07
N MET G 682 -2.25 -17.36 55.56
CA MET G 682 -2.89 -18.60 55.16
C MET G 682 -4.15 -18.32 54.35
N ILE G 683 -4.42 -19.16 53.36
CA ILE G 683 -5.58 -19.01 52.49
C ILE G 683 -6.51 -20.18 52.77
N GLU G 684 -7.58 -19.93 53.53
CA GLU G 684 -8.55 -20.96 53.86
C GLU G 684 -10.00 -20.55 53.64
N VAL G 685 -10.33 -19.27 53.62
CA VAL G 685 -11.70 -18.84 53.33
C VAL G 685 -11.77 -18.46 51.86
N PRO G 686 -12.88 -18.75 51.17
CA PRO G 686 -12.97 -18.37 49.75
C PRO G 686 -12.82 -16.89 49.50
N ALA G 687 -13.24 -16.04 50.44
CA ALA G 687 -13.08 -14.60 50.27
C ALA G 687 -11.63 -14.21 50.07
N ALA G 688 -10.73 -14.80 50.87
CA ALA G 688 -9.31 -14.47 50.75
C ALA G 688 -8.77 -14.90 49.39
N ALA G 689 -9.25 -16.02 48.87
CA ALA G 689 -8.83 -16.46 47.54
C ALA G 689 -9.40 -15.60 46.42
N ILE G 690 -10.50 -14.88 46.66
CA ILE G 690 -11.11 -14.11 45.59
C ILE G 690 -10.61 -12.65 45.53
N ILE G 691 -10.14 -12.09 46.64
CA ILE G 691 -9.64 -10.71 46.65
C ILE G 691 -8.16 -10.67 47.00
N ILE G 692 -7.41 -11.68 46.55
CA ILE G 692 -6.02 -11.88 46.98
C ILE G 692 -5.16 -10.65 46.73
N GLU G 693 -5.47 -9.86 45.70
CA GLU G 693 -4.62 -8.72 45.37
C GLU G 693 -4.66 -7.65 46.45
N ASP G 694 -5.82 -7.43 47.06
CA ASP G 694 -5.91 -6.48 48.16
C ASP G 694 -4.99 -6.88 49.30
N LEU G 695 -4.96 -8.17 49.64
CA LEU G 695 -4.05 -8.64 50.69
C LEU G 695 -2.60 -8.49 50.28
N ILE G 696 -2.28 -8.74 49.01
CA ILE G 696 -0.91 -8.62 48.55
C ILE G 696 -0.43 -7.17 48.65
N LYS G 697 -1.33 -6.22 48.44
CA LYS G 697 -0.92 -4.81 48.47
C LYS G 697 -0.59 -4.30 49.86
N GLU G 698 -0.64 -5.13 50.90
CA GLU G 698 -0.23 -4.73 52.23
C GLU G 698 1.16 -5.24 52.59
N GLY G 699 1.94 -5.67 51.60
CA GLY G 699 3.30 -6.11 51.85
C GLY G 699 3.43 -7.43 52.59
N ILE G 700 3.11 -8.54 51.93
CA ILE G 700 3.39 -9.86 52.49
C ILE G 700 4.52 -10.49 51.71
N ASP G 701 5.03 -11.63 52.20
CA ASP G 701 6.15 -12.27 51.54
C ASP G 701 5.81 -13.66 51.00
N PHE G 702 4.89 -14.35 51.65
CA PHE G 702 4.55 -15.71 51.23
C PHE G 702 3.12 -16.09 51.51
N VAL G 703 2.62 -17.11 50.82
CA VAL G 703 1.24 -17.57 51.02
C VAL G 703 1.19 -19.08 51.06
N SER G 704 0.20 -19.65 51.73
CA SER G 704 0.08 -21.09 51.85
C SER G 704 -1.37 -21.52 51.78
N PHE G 705 -1.63 -22.60 51.03
CA PHE G 705 -2.99 -23.12 50.83
C PHE G 705 -3.33 -24.14 51.90
N GLY G 706 -4.39 -23.87 52.67
CA GLY G 706 -4.99 -24.85 53.55
C GLY G 706 -6.12 -25.64 52.90
N THR G 707 -5.80 -26.62 52.06
CA THR G 707 -6.82 -27.22 51.20
C THR G 707 -7.92 -27.93 51.97
N ASN G 708 -7.64 -28.35 53.21
CA ASN G 708 -8.69 -28.95 54.05
C ASN G 708 -9.83 -27.97 54.28
N ASP G 709 -9.51 -26.85 54.93
CA ASP G 709 -10.53 -25.87 55.26
C ASP G 709 -11.13 -25.24 54.01
N LEU G 710 -10.32 -25.01 52.98
CA LEU G 710 -10.84 -24.43 51.76
C LEU G 710 -11.86 -25.34 51.09
N THR G 711 -11.57 -26.64 51.00
CA THR G 711 -12.52 -27.57 50.42
C THR G 711 -13.78 -27.67 51.27
N GLN G 712 -13.65 -27.55 52.58
CA GLN G 712 -14.83 -27.66 53.42
C GLN G 712 -15.72 -26.41 53.31
N TYR G 713 -15.14 -25.22 53.32
CA TYR G 713 -15.93 -24.00 53.23
C TYR G 713 -16.46 -23.73 51.84
N THR G 714 -15.85 -24.29 50.80
CA THR G 714 -16.31 -24.02 49.46
C THR G 714 -17.51 -24.88 49.08
N LEU G 715 -17.55 -26.12 49.55
CA LEU G 715 -18.65 -27.03 49.22
C LEU G 715 -19.74 -27.04 50.28
N ALA G 716 -19.60 -26.25 51.34
CA ALA G 716 -20.57 -26.18 52.42
C ALA G 716 -20.87 -27.57 52.98
N ILE G 717 -19.83 -28.19 53.52
CA ILE G 717 -19.88 -29.60 53.91
C ILE G 717 -18.92 -29.82 55.06
N ASP G 718 -19.38 -30.57 56.07
CA ASP G 718 -18.51 -31.01 57.15
C ASP G 718 -18.04 -32.44 56.86
N ARG G 719 -16.76 -32.67 57.09
CA ARG G 719 -16.16 -33.96 56.73
C ARG G 719 -16.35 -34.99 57.83
N ASP G 720 -16.44 -34.56 59.09
CA ASP G 720 -16.66 -35.48 60.19
C ASP G 720 -18.06 -36.06 60.22
N ASN G 721 -19.02 -35.44 59.54
CA ASN G 721 -20.39 -35.93 59.51
C ASN G 721 -20.48 -37.13 58.58
N GLU G 722 -21.03 -38.23 59.10
CA GLU G 722 -21.05 -39.50 58.38
C GLU G 722 -21.93 -39.43 57.13
N ARG G 723 -22.98 -38.63 57.18
CA ARG G 723 -24.00 -38.67 56.13
C ARG G 723 -23.61 -37.87 54.89
N VAL G 724 -22.74 -36.87 55.02
CA VAL G 724 -22.36 -36.04 53.88
C VAL G 724 -20.86 -36.06 53.60
N ALA G 725 -20.09 -36.95 54.22
CA ALA G 725 -18.67 -37.04 53.92
C ALA G 725 -18.39 -37.79 52.63
N LYS G 726 -19.42 -38.33 51.98
CA LYS G 726 -19.25 -38.98 50.69
C LYS G 726 -19.08 -37.99 49.55
N LEU G 727 -19.25 -36.70 49.79
CA LEU G 727 -19.11 -35.69 48.75
C LEU G 727 -17.77 -34.97 48.80
N TYR G 728 -17.01 -35.14 49.87
CA TYR G 728 -15.71 -34.49 50.01
C TYR G 728 -14.77 -34.90 48.88
N ASP G 729 -14.06 -33.91 48.33
CA ASP G 729 -13.11 -34.14 47.25
C ASP G 729 -12.21 -32.92 47.08
N GLU G 730 -10.89 -33.11 47.15
CA GLU G 730 -9.96 -31.99 47.08
C GLU G 730 -9.49 -31.67 45.67
N THR G 731 -9.91 -32.44 44.67
CA THR G 731 -9.68 -32.12 43.27
C THR G 731 -10.98 -31.75 42.55
N HIS G 732 -11.88 -31.10 43.26
CA HIS G 732 -13.11 -30.59 42.67
C HIS G 732 -12.79 -29.36 41.82
N PRO G 733 -13.44 -29.21 40.67
CA PRO G 733 -13.10 -28.10 39.75
C PRO G 733 -13.07 -26.71 40.37
N ALA G 734 -13.91 -26.43 41.36
CA ALA G 734 -13.99 -25.06 41.89
C ALA G 734 -12.73 -24.72 42.68
N VAL G 735 -12.27 -25.64 43.53
CA VAL G 735 -11.05 -25.44 44.29
C VAL G 735 -9.86 -25.22 43.35
N LEU G 736 -9.84 -25.96 42.24
CA LEU G 736 -8.73 -25.84 41.30
C LEU G 736 -8.76 -24.50 40.58
N LYS G 737 -9.95 -24.02 40.21
CA LYS G 737 -10.06 -22.66 39.67
C LYS G 737 -9.51 -21.62 40.64
N LEU G 738 -9.87 -21.75 41.92
CA LEU G 738 -9.41 -20.77 42.91
C LEU G 738 -7.90 -20.80 43.06
N ILE G 739 -7.32 -22.02 43.13
CA ILE G 739 -5.87 -22.16 43.27
C ILE G 739 -5.15 -21.58 42.07
N LYS G 740 -5.65 -21.85 40.87
CA LYS G 740 -5.02 -21.32 39.66
C LYS G 740 -5.02 -19.80 39.65
N HIS G 741 -6.15 -19.19 40.03
CA HIS G 741 -6.22 -17.73 40.07
C HIS G 741 -5.18 -17.16 41.04
N VAL G 742 -5.14 -17.71 42.26
CA VAL G 742 -4.20 -17.19 43.26
C VAL G 742 -2.76 -17.30 42.76
N ILE G 743 -2.38 -18.48 42.26
CA ILE G 743 -1.01 -18.69 41.80
C ILE G 743 -0.65 -17.69 40.72
N LYS G 744 -1.54 -17.51 39.74
CA LYS G 744 -1.31 -16.53 38.68
C LYS G 744 -0.99 -15.16 39.27
N VAL G 745 -1.81 -14.69 40.19
CA VAL G 745 -1.66 -13.30 40.65
C VAL G 745 -0.35 -13.11 41.43
N CYS G 746 -0.05 -14.00 42.38
CA CYS G 746 1.14 -13.73 43.16
C CYS G 746 2.41 -14.05 42.39
N LYS G 747 2.35 -14.96 41.40
CA LYS G 747 3.42 -15.05 40.43
C LYS G 747 3.66 -13.70 39.77
N ARG G 748 2.60 -13.04 39.31
CA ARG G 748 2.74 -11.71 38.72
C ARG G 748 3.37 -10.70 39.68
N TYR G 749 3.09 -10.80 40.98
CA TYR G 749 3.60 -9.79 41.92
C TYR G 749 4.90 -10.18 42.61
N GLY G 750 5.47 -11.35 42.32
CA GLY G 750 6.73 -11.72 42.94
C GLY G 750 6.65 -12.31 44.32
N VAL G 751 5.55 -12.99 44.65
CA VAL G 751 5.35 -13.61 45.95
C VAL G 751 5.49 -15.12 45.80
N GLU G 752 5.92 -15.77 46.88
CA GLU G 752 6.14 -17.21 46.89
C GLU G 752 4.90 -17.95 47.37
N THR G 753 4.60 -19.08 46.72
CA THR G 753 3.43 -19.89 47.01
C THR G 753 3.82 -21.26 47.56
N SER G 754 2.95 -21.86 48.35
CA SER G 754 3.20 -23.18 48.93
C SER G 754 1.86 -23.82 49.27
N ILE G 755 1.90 -25.08 49.68
CA ILE G 755 0.71 -25.80 50.11
C ILE G 755 1.06 -26.77 51.23
N CYS G 756 0.33 -26.68 52.33
CA CYS G 756 0.39 -27.64 53.42
C CYS G 756 -0.94 -28.40 53.48
N GLY G 757 -1.01 -29.38 54.36
CA GLY G 757 -2.24 -30.13 54.55
C GLY G 757 -2.04 -31.61 54.29
N GLN G 758 -3.17 -32.29 54.11
CA GLN G 758 -3.14 -33.72 53.81
C GLN G 758 -3.05 -33.99 52.32
N ALA G 759 -3.38 -33.01 51.48
CA ALA G 759 -3.24 -33.16 50.04
C ALA G 759 -1.85 -32.78 49.55
N GLY G 760 -0.96 -32.37 50.45
CA GLY G 760 0.44 -32.26 50.11
C GLY G 760 1.13 -33.60 50.01
N SER G 761 0.52 -34.65 50.56
CA SER G 761 1.05 -36.01 50.52
C SER G 761 0.28 -36.91 49.57
N ASP G 762 -0.15 -36.37 48.44
CA ASP G 762 -0.90 -37.12 47.43
C ASP G 762 -0.21 -36.99 46.07
N PRO G 763 0.11 -38.10 45.40
CA PRO G 763 0.79 -38.00 44.10
C PRO G 763 0.00 -37.30 43.01
N LYS G 764 -1.32 -37.50 42.95
CA LYS G 764 -2.11 -36.89 41.90
C LYS G 764 -2.17 -35.37 42.05
N MET G 765 -2.40 -34.90 43.27
CA MET G 765 -2.38 -33.46 43.53
C MET G 765 -1.00 -32.89 43.25
N ALA G 766 0.06 -33.63 43.60
CA ALA G 766 1.41 -33.16 43.33
C ALA G 766 1.62 -32.94 41.84
N ARG G 767 1.12 -33.86 41.00
CA ARG G 767 1.28 -33.69 39.57
C ARG G 767 0.50 -32.48 39.05
N ILE G 768 -0.76 -32.32 39.50
CA ILE G 768 -1.55 -31.15 39.11
C ILE G 768 -0.82 -29.87 39.48
N LEU G 769 -0.28 -29.80 40.70
CA LEU G 769 0.29 -28.57 41.21
C LEU G 769 1.62 -28.25 40.55
N VAL G 770 2.40 -29.27 40.21
CA VAL G 770 3.65 -29.01 39.49
C VAL G 770 3.37 -28.56 38.08
N ARG G 771 2.31 -29.09 37.44
CA ARG G 771 1.97 -28.59 36.11
C ARG G 771 1.44 -27.17 36.14
N LEU G 772 0.81 -26.75 37.24
CA LEU G 772 0.37 -25.36 37.32
C LEU G 772 1.51 -24.39 37.64
N GLY G 773 2.47 -24.79 38.48
CA GLY G 773 3.61 -23.93 38.72
C GLY G 773 3.80 -23.47 40.15
N ILE G 774 3.43 -24.30 41.13
CA ILE G 774 3.64 -23.93 42.52
C ILE G 774 5.13 -23.96 42.85
N ASP G 775 5.50 -23.22 43.89
CA ASP G 775 6.90 -23.09 44.27
C ASP G 775 7.36 -24.13 45.28
N SER G 776 6.46 -24.66 46.12
CA SER G 776 6.86 -25.62 47.13
C SER G 776 5.69 -26.54 47.48
N ILE G 777 6.03 -27.68 48.09
CA ILE G 777 5.07 -28.65 48.60
C ILE G 777 5.54 -29.12 49.97
N SER G 778 4.61 -29.31 50.90
CA SER G 778 4.90 -29.67 52.28
C SER G 778 4.27 -31.03 52.59
N ALA G 779 5.09 -32.00 52.94
CA ALA G 779 4.64 -33.39 53.09
C ALA G 779 4.81 -33.87 54.52
N ASN G 780 4.10 -34.95 54.85
CA ASN G 780 4.24 -35.58 56.16
C ASN G 780 5.61 -36.23 56.27
N PRO G 781 6.15 -36.35 57.49
CA PRO G 781 7.54 -36.82 57.66
C PRO G 781 7.83 -38.19 57.03
N ASP G 782 6.82 -38.99 56.74
CA ASP G 782 7.04 -40.31 56.13
C ASP G 782 6.55 -40.39 54.70
N ALA G 783 6.46 -39.25 54.00
CA ALA G 783 6.05 -39.22 52.61
C ALA G 783 6.94 -38.33 51.75
N VAL G 784 8.13 -37.98 52.24
CA VAL G 784 8.98 -37.02 51.53
C VAL G 784 9.61 -37.64 50.30
N GLN G 785 9.99 -38.92 50.39
CA GLN G 785 10.70 -39.57 49.29
C GLN G 785 9.78 -39.85 48.11
N LEU G 786 8.56 -40.30 48.40
CA LEU G 786 7.58 -40.55 47.35
C LEU G 786 7.27 -39.28 46.57
N ILE G 787 7.02 -38.18 47.29
CA ILE G 787 6.70 -36.93 46.63
C ILE G 787 7.90 -36.42 45.84
N ARG G 788 9.11 -36.62 46.38
CA ARG G 788 10.32 -36.25 45.66
C ARG G 788 10.42 -36.95 44.30
N GLN G 789 10.17 -38.26 44.28
CA GLN G 789 10.19 -39.00 43.02
C GLN G 789 9.10 -38.54 42.04
N VAL G 790 7.87 -38.35 42.54
CA VAL G 790 6.78 -37.90 41.66
C VAL G 790 7.12 -36.54 41.03
N VAL G 791 7.70 -35.63 41.82
CA VAL G 791 8.00 -34.30 41.30
C VAL G 791 9.11 -34.36 40.27
N ALA G 792 10.15 -35.17 40.52
CA ALA G 792 11.22 -35.32 39.55
C ALA G 792 10.71 -35.82 38.20
N GLN G 793 9.85 -36.84 38.23
CA GLN G 793 9.32 -37.38 36.97
C GLN G 793 8.50 -36.34 36.21
N GLU G 794 7.64 -35.60 36.93
CA GLU G 794 6.82 -34.58 36.27
C GLU G 794 7.68 -33.51 35.61
N GLU G 795 8.76 -33.08 36.28
CA GLU G 795 9.62 -32.06 35.69
C GLU G 795 10.31 -32.55 34.43
N ARG G 796 10.82 -33.78 34.43
CA ARG G 796 11.44 -34.30 33.21
C ARG G 796 10.44 -34.39 32.07
N LYS G 797 9.20 -34.78 32.37
CA LYS G 797 8.15 -34.80 31.35
C LYS G 797 7.96 -33.43 30.71
N LEU G 798 7.83 -32.38 31.55
CA LEU G 798 7.63 -31.04 31.02
C LEU G 798 8.77 -30.63 30.08
N MET G 799 10.00 -30.86 30.52
CA MET G 799 11.15 -30.48 29.70
C MET G 799 11.15 -31.21 28.36
N LEU G 800 10.83 -32.51 28.36
CA LEU G 800 10.78 -33.26 27.11
C LEU G 800 9.73 -32.70 26.17
N GLU G 801 8.55 -32.36 26.70
CA GLU G 801 7.49 -31.79 25.87
C GLU G 801 7.94 -30.50 25.19
N ALA G 802 8.61 -29.62 25.93
CA ALA G 802 9.05 -28.37 25.33
C ALA G 802 10.11 -28.60 24.26
N ALA G 803 11.03 -29.55 24.51
CA ALA G 803 12.03 -29.87 23.49
C ALA G 803 11.39 -30.40 22.21
N ARG G 804 10.39 -31.27 22.32
CA ARG G 804 9.73 -31.81 21.14
C ARG G 804 8.99 -30.72 20.38
N LYS G 805 8.31 -29.82 21.10
CA LYS G 805 7.63 -28.74 20.40
C LYS G 805 8.61 -27.85 19.66
N GLN G 806 9.79 -27.62 20.23
CA GLN G 806 10.77 -26.78 19.56
C GLN G 806 11.36 -27.47 18.34
N LEU G 807 11.61 -28.77 18.42
CA LEU G 807 12.30 -29.45 17.32
C LEU G 807 11.40 -29.68 16.12
N GLY H 506 22.80 -44.19 45.44
CA GLY H 506 21.80 -43.85 46.44
C GLY H 506 20.54 -43.27 45.82
N ALA H 507 20.69 -42.61 44.70
CA ALA H 507 19.54 -42.03 43.99
C ALA H 507 19.21 -42.88 42.77
N PRO H 508 17.95 -43.27 42.59
CA PRO H 508 17.59 -44.05 41.39
C PRO H 508 17.68 -43.21 40.12
N LEU H 509 17.62 -43.91 38.99
CA LEU H 509 17.62 -43.25 37.69
C LEU H 509 16.21 -42.82 37.33
N VAL H 510 16.06 -41.60 36.84
CA VAL H 510 14.76 -40.96 36.64
C VAL H 510 14.60 -40.57 35.18
N THR H 511 13.52 -41.05 34.56
CA THR H 511 13.21 -40.76 33.16
C THR H 511 11.82 -40.16 33.06
N GLY H 512 11.59 -39.38 32.02
CA GLY H 512 10.26 -38.84 31.80
C GLY H 512 9.30 -39.90 31.29
N THR H 513 9.74 -40.70 30.33
CA THR H 513 8.97 -41.85 29.88
C THR H 513 8.90 -42.89 30.98
N MET H 514 7.73 -43.51 31.14
CA MET H 514 7.53 -44.54 32.14
C MET H 514 7.97 -45.89 31.61
N VAL H 515 8.70 -46.63 32.44
CA VAL H 515 9.13 -48.00 32.15
C VAL H 515 8.40 -48.92 33.12
N LYS H 516 7.58 -49.81 32.59
CA LYS H 516 6.81 -50.76 33.39
C LYS H 516 7.30 -52.17 33.15
N VAL H 517 6.61 -53.16 33.72
CA VAL H 517 7.05 -54.54 33.71
C VAL H 517 5.88 -55.46 33.36
N ASN H 518 6.19 -56.61 32.78
CA ASN H 518 5.19 -57.56 32.28
C ASN H 518 5.09 -58.74 33.23
N VAL H 519 3.98 -58.84 33.95
CA VAL H 519 3.77 -59.87 34.96
C VAL H 519 2.97 -61.01 34.34
N SER H 520 3.48 -62.23 34.49
CA SER H 520 2.84 -63.39 33.86
C SER H 520 1.95 -64.17 34.83
N MET H 521 2.42 -64.43 36.04
CA MET H 521 1.70 -65.16 37.05
C MET H 521 1.67 -64.34 38.33
N PRO H 522 0.76 -64.65 39.25
CA PRO H 522 0.72 -63.90 40.52
C PRO H 522 1.80 -64.32 41.51
N GLU H 523 2.68 -65.24 41.12
CA GLU H 523 3.74 -65.69 42.01
C GLU H 523 5.05 -64.97 41.77
N VAL H 524 5.34 -64.57 40.53
CA VAL H 524 6.46 -63.68 40.26
C VAL H 524 5.96 -62.23 40.31
N ALA H 525 5.84 -61.70 41.53
CA ALA H 525 5.36 -60.34 41.74
C ALA H 525 6.21 -59.54 42.71
N GLU H 526 7.01 -60.20 43.54
CA GLU H 526 7.95 -59.49 44.39
C GLU H 526 9.27 -59.25 43.67
N ARG H 527 9.74 -60.25 42.94
CA ARG H 527 10.93 -60.05 42.10
C ARG H 527 10.66 -59.00 41.02
N ALA H 528 9.40 -58.77 40.68
CA ALA H 528 9.07 -57.75 39.69
C ALA H 528 8.93 -56.39 40.34
N ALA H 529 8.35 -56.33 41.55
CA ALA H 529 8.26 -55.06 42.26
C ALA H 529 9.61 -54.61 42.79
N ALA H 530 10.61 -55.49 42.81
CA ALA H 530 11.94 -55.12 43.25
C ALA H 530 12.83 -54.63 42.13
N THR H 531 12.28 -54.41 40.93
CA THR H 531 13.08 -53.96 39.80
C THR H 531 13.09 -52.45 39.65
N GLY H 532 12.19 -51.75 40.34
CA GLY H 532 12.08 -50.32 40.18
C GLY H 532 11.17 -49.86 39.06
N ALA H 533 10.20 -50.70 38.66
CA ALA H 533 9.29 -50.35 37.60
C ALA H 533 8.26 -49.33 38.08
N ASP H 534 7.59 -48.69 37.13
CA ASP H 534 6.61 -47.65 37.43
C ASP H 534 5.20 -48.20 37.49
N GLY H 535 5.03 -49.51 37.35
CA GLY H 535 3.73 -50.13 37.39
C GLY H 535 3.78 -51.44 36.65
N VAL H 536 2.61 -52.08 36.55
CA VAL H 536 2.43 -53.27 35.75
C VAL H 536 1.80 -52.86 34.42
N GLY H 537 2.32 -53.39 33.33
CA GLY H 537 1.83 -53.01 32.02
C GLY H 537 0.88 -54.03 31.44
N LEU H 538 1.03 -55.29 31.86
CA LEU H 538 0.16 -56.36 31.38
C LEU H 538 0.22 -57.51 32.36
N LEU H 539 -0.91 -57.81 33.00
CA LEU H 539 -1.06 -58.99 33.82
C LEU H 539 -2.06 -59.93 33.16
N ARG H 540 -1.59 -61.08 32.71
CA ARG H 540 -2.44 -62.02 31.99
C ARG H 540 -3.23 -62.91 32.93
N ALA H 541 -4.37 -63.38 32.45
CA ALA H 541 -5.28 -64.19 33.24
C ALA H 541 -5.33 -65.65 32.79
N GLU H 542 -4.61 -66.02 31.74
CA GLU H 542 -4.64 -67.39 31.23
C GLU H 542 -4.31 -68.39 32.33
N HIS H 543 -3.25 -68.12 33.10
CA HIS H 543 -2.86 -69.03 34.17
C HIS H 543 -3.91 -69.11 35.26
N MET H 544 -4.34 -67.95 35.77
CA MET H 544 -5.26 -67.92 36.90
C MET H 544 -6.60 -68.56 36.58
N ILE H 545 -6.95 -68.67 35.30
CA ILE H 545 -8.22 -69.28 34.94
C ILE H 545 -8.08 -70.73 34.53
N LEU H 546 -7.09 -71.06 33.70
CA LEU H 546 -6.87 -72.42 33.25
C LEU H 546 -6.08 -73.27 34.24
N SER H 547 -6.06 -72.90 35.51
CA SER H 547 -5.33 -73.64 36.52
C SER H 547 -6.19 -74.64 37.28
N ILE H 548 -7.50 -74.64 37.05
CA ILE H 548 -8.41 -75.48 37.82
C ILE H 548 -8.60 -76.84 37.14
N GLY H 549 -7.78 -77.12 36.13
CA GLY H 549 -7.82 -78.39 35.42
C GLY H 549 -9.19 -78.77 34.88
N GLN H 550 -9.95 -77.79 34.38
CA GLN H 550 -11.31 -78.02 33.96
C GLN H 550 -11.73 -76.94 32.98
N HIS H 551 -12.62 -77.27 32.06
CA HIS H 551 -13.17 -76.30 31.14
C HIS H 551 -14.05 -75.31 31.92
N PRO H 552 -13.75 -74.01 31.85
CA PRO H 552 -14.53 -73.04 32.65
C PRO H 552 -16.02 -73.05 32.35
N ILE H 553 -16.40 -73.18 31.08
CA ILE H 553 -17.83 -73.26 30.74
C ILE H 553 -18.43 -74.50 31.38
N LYS H 554 -17.71 -75.62 31.34
CA LYS H 554 -18.13 -76.82 32.06
C LYS H 554 -18.10 -76.58 33.57
N PHE H 555 -17.13 -75.80 34.04
CA PHE H 555 -17.01 -75.56 35.48
C PHE H 555 -18.19 -74.79 36.03
N ILE H 556 -18.81 -73.94 35.21
CA ILE H 556 -19.92 -73.13 35.70
C ILE H 556 -21.28 -73.77 35.46
N LYS H 557 -21.33 -74.68 34.47
CA LYS H 557 -22.56 -75.40 34.23
C LYS H 557 -22.70 -76.34 35.40
N GLU H 558 -21.60 -77.01 35.75
CA GLU H 558 -21.62 -77.86 36.94
C GLU H 558 -22.09 -76.97 38.05
N GLY H 559 -21.60 -75.74 38.09
CA GLY H 559 -22.07 -74.80 39.08
C GLY H 559 -21.14 -74.43 40.21
N LYS H 560 -19.87 -74.15 39.92
CA LYS H 560 -19.02 -73.71 41.02
C LYS H 560 -18.49 -72.33 40.67
N GLU H 561 -19.36 -71.33 40.72
CA GLU H 561 -18.95 -69.99 40.31
C GLU H 561 -18.15 -69.28 41.38
N GLU H 562 -18.59 -69.34 42.64
CA GLU H 562 -17.99 -68.53 43.69
C GLU H 562 -16.55 -68.95 43.98
N GLU H 563 -16.25 -70.23 43.83
CA GLU H 563 -14.89 -70.70 44.04
C GLU H 563 -13.92 -70.05 43.05
N LEU H 564 -14.24 -70.13 41.76
CA LEU H 564 -13.43 -69.48 40.73
C LEU H 564 -13.34 -67.99 40.95
N VAL H 565 -14.47 -67.36 41.31
CA VAL H 565 -14.49 -65.92 41.54
C VAL H 565 -13.50 -65.54 42.64
N GLU H 566 -13.62 -66.17 43.82
CA GLU H 566 -12.77 -65.78 44.93
C GLU H 566 -11.30 -66.16 44.70
N LYS H 567 -11.05 -67.22 43.93
CA LYS H 567 -9.67 -67.54 43.58
C LYS H 567 -9.06 -66.44 42.72
N LEU H 568 -9.78 -66.02 41.67
CA LEU H 568 -9.34 -64.87 40.90
C LEU H 568 -9.12 -63.65 41.80
N ALA H 569 -10.01 -63.46 42.77
CA ALA H 569 -9.94 -62.30 43.64
C ALA H 569 -8.63 -62.26 44.41
N GLU H 570 -8.26 -63.38 45.03
CA GLU H 570 -7.00 -63.37 45.78
C GLU H 570 -5.80 -63.28 44.85
N GLY H 571 -5.86 -63.95 43.70
CA GLY H 571 -4.77 -63.84 42.73
C GLY H 571 -4.52 -62.40 42.29
N ILE H 572 -5.58 -61.63 42.09
CA ILE H 572 -5.46 -60.24 41.67
C ILE H 572 -5.02 -59.35 42.81
N GLU H 573 -5.55 -59.58 44.02
CA GLU H 573 -5.22 -58.71 45.15
C GLU H 573 -3.76 -58.85 45.53
N LYS H 574 -3.19 -60.04 45.37
CA LYS H 574 -1.76 -60.21 45.64
C LYS H 574 -0.92 -59.23 44.82
N VAL H 575 -1.13 -59.21 43.50
CA VAL H 575 -0.40 -58.33 42.62
C VAL H 575 -0.74 -56.87 42.90
N ALA H 576 -2.01 -56.57 43.12
CA ALA H 576 -2.41 -55.20 43.36
C ALA H 576 -1.79 -54.63 44.62
N ALA H 577 -1.54 -55.46 45.62
CA ALA H 577 -0.96 -54.99 46.87
C ALA H 577 0.55 -55.02 46.88
N ALA H 578 1.18 -55.71 45.93
CA ALA H 578 2.64 -55.65 45.82
C ALA H 578 3.02 -54.31 45.19
N PHE H 579 2.19 -53.79 44.30
CA PHE H 579 2.45 -52.48 43.70
C PHE H 579 1.23 -51.60 43.90
N TYR H 580 1.02 -51.11 45.11
CA TYR H 580 -0.15 -50.27 45.41
C TYR H 580 -0.12 -48.85 44.87
N PRO H 581 0.79 -48.00 45.40
CA PRO H 581 0.68 -46.65 44.81
C PRO H 581 0.75 -46.69 43.28
N ARG H 582 1.31 -47.74 42.69
CA ARG H 582 1.48 -47.82 41.24
C ARG H 582 0.34 -48.52 40.52
N PRO H 583 0.04 -48.08 39.29
CA PRO H 583 -1.03 -48.68 38.49
C PRO H 583 -0.72 -50.11 38.08
N VAL H 584 -1.78 -50.89 37.88
CA VAL H 584 -1.71 -52.26 37.36
C VAL H 584 -2.80 -52.44 36.33
N TRP H 585 -2.47 -53.02 35.18
CA TRP H 585 -3.41 -53.19 34.08
C TRP H 585 -3.62 -54.67 33.82
N TYR H 586 -4.89 -55.08 33.71
CA TYR H 586 -5.29 -56.48 33.65
C TYR H 586 -6.10 -56.73 32.39
N ARG H 587 -5.73 -57.78 31.64
CA ARG H 587 -6.33 -58.09 30.35
C ARG H 587 -7.19 -59.34 30.44
N THR H 588 -8.45 -59.23 30.02
CA THR H 588 -9.38 -60.34 30.11
C THR H 588 -8.94 -61.52 29.23
N LEU H 589 -9.58 -62.65 29.45
CA LEU H 589 -9.11 -63.93 28.91
C LEU H 589 -9.00 -63.88 27.39
N ASP H 590 -7.94 -64.50 26.87
CA ASP H 590 -7.69 -64.52 25.43
C ASP H 590 -6.82 -65.73 25.11
N ALA H 591 -7.41 -66.73 24.46
CA ALA H 591 -6.70 -67.94 24.07
C ALA H 591 -7.42 -68.56 22.89
N PRO H 592 -6.70 -69.24 22.00
CA PRO H 592 -7.35 -69.84 20.83
C PRO H 592 -8.27 -70.99 21.21
N THR H 593 -8.92 -71.61 20.21
CA THR H 593 -9.82 -72.71 20.47
C THR H 593 -9.09 -74.02 20.71
N ASN H 594 -7.89 -74.20 20.15
CA ASN H 594 -7.09 -75.38 20.41
C ASN H 594 -6.35 -75.30 21.73
N GLU H 595 -6.76 -74.39 22.61
CA GLU H 595 -6.30 -74.36 24.00
C GLU H 595 -7.36 -74.84 24.97
N PHE H 596 -8.64 -74.72 24.59
CA PHE H 596 -9.72 -75.27 25.41
C PHE H 596 -9.98 -76.73 25.08
N ARG H 597 -9.46 -77.22 23.96
CA ARG H 597 -9.68 -78.60 23.57
C ARG H 597 -8.90 -79.59 24.43
N GLU H 598 -7.85 -79.14 25.11
CA GLU H 598 -6.91 -80.03 25.77
C GLU H 598 -7.14 -80.08 27.28
N MET H 599 -8.33 -79.76 27.73
CA MET H 599 -8.67 -79.77 29.14
C MET H 599 -9.79 -80.77 29.41
N PRO H 600 -9.90 -81.26 30.66
CA PRO H 600 -11.05 -82.13 30.95
C PRO H 600 -12.36 -81.40 30.70
N GLY H 601 -13.14 -81.88 29.74
CA GLY H 601 -14.39 -81.21 29.40
C GLY H 601 -14.29 -80.61 28.02
N GLY H 602 -13.08 -80.60 27.46
CA GLY H 602 -12.88 -80.06 26.14
C GLY H 602 -12.98 -81.16 25.10
N GLU H 603 -14.21 -81.56 24.79
CA GLU H 603 -14.42 -82.63 23.80
C GLU H 603 -15.24 -82.08 22.66
N ASP H 604 -16.05 -81.06 22.95
CA ASP H 604 -16.84 -80.44 21.91
C ASP H 604 -16.01 -79.31 21.34
N GLU H 605 -15.45 -79.49 20.16
CA GLU H 605 -14.60 -78.45 19.56
C GLU H 605 -14.80 -78.36 18.04
N PRO H 606 -14.21 -77.33 17.41
CA PRO H 606 -14.45 -77.16 15.98
C PRO H 606 -13.29 -77.61 15.10
N GLU H 607 -12.11 -77.83 15.68
CA GLU H 607 -10.95 -78.18 14.88
C GLU H 607 -10.88 -77.29 13.64
N GLU H 608 -10.82 -75.98 13.84
CA GLU H 608 -10.82 -75.05 12.71
C GLU H 608 -9.56 -75.14 11.87
N ARG H 609 -9.59 -74.53 10.70
CA ARG H 609 -8.42 -74.55 9.83
C ARG H 609 -7.55 -73.31 10.05
N ASN H 610 -8.10 -72.28 10.69
CA ASN H 610 -7.31 -71.08 11.00
C ASN H 610 -7.66 -70.50 12.37
N PRO H 611 -7.07 -71.04 13.45
CA PRO H 611 -7.45 -70.56 14.78
C PRO H 611 -6.95 -69.15 15.09
N MET H 612 -6.10 -68.57 14.25
CA MET H 612 -5.66 -67.19 14.46
C MET H 612 -6.70 -66.18 14.03
N LEU H 613 -7.55 -66.52 13.06
CA LEU H 613 -8.59 -65.64 12.55
C LEU H 613 -9.97 -66.15 12.96
N GLY H 614 -10.06 -66.75 14.14
CA GLY H 614 -11.29 -67.41 14.51
C GLY H 614 -12.00 -66.85 15.73
N TRP H 615 -12.62 -67.74 16.51
CA TRP H 615 -13.49 -67.38 17.62
C TRP H 615 -12.65 -67.31 18.89
N ARG H 616 -12.22 -66.10 19.24
CA ARG H 616 -11.37 -65.91 20.39
C ARG H 616 -11.50 -64.47 20.87
N GLY H 617 -10.89 -64.18 22.01
CA GLY H 617 -10.88 -62.83 22.51
C GLY H 617 -12.26 -62.34 22.91
N ILE H 618 -12.44 -61.02 22.78
CA ILE H 618 -13.69 -60.40 23.21
C ILE H 618 -14.89 -60.85 22.37
N ARG H 619 -14.67 -61.39 21.17
CA ARG H 619 -15.78 -61.97 20.41
C ARG H 619 -16.40 -63.13 21.19
N ARG H 620 -15.60 -64.18 21.42
CA ARG H 620 -16.05 -65.28 22.25
C ARG H 620 -16.54 -64.80 23.60
N GLY H 621 -15.87 -63.80 24.17
CA GLY H 621 -16.29 -63.30 25.47
C GLY H 621 -17.69 -62.74 25.47
N LEU H 622 -18.05 -61.98 24.44
CA LEU H 622 -19.38 -61.41 24.35
C LEU H 622 -20.42 -62.44 23.92
N ASP H 623 -19.99 -63.53 23.29
CA ASP H 623 -20.94 -64.60 22.98
C ASP H 623 -21.42 -65.31 24.24
N GLN H 624 -20.51 -65.54 25.20
CA GLN H 624 -20.83 -66.23 26.46
C GLN H 624 -20.54 -65.29 27.61
N PRO H 625 -21.50 -64.43 27.96
CA PRO H 625 -21.22 -63.34 28.91
C PRO H 625 -20.93 -63.78 30.34
N GLU H 626 -20.91 -65.09 30.61
CA GLU H 626 -20.71 -65.54 31.98
C GLU H 626 -19.26 -65.37 32.42
N LEU H 627 -18.32 -65.58 31.50
CA LEU H 627 -16.91 -65.34 31.83
C LEU H 627 -16.67 -63.89 32.18
N LEU H 628 -17.23 -62.98 31.38
CA LEU H 628 -17.14 -61.55 31.68
C LEU H 628 -17.78 -61.23 33.02
N ARG H 629 -18.95 -61.81 33.29
CA ARG H 629 -19.63 -61.60 34.57
C ARG H 629 -18.73 -61.97 35.73
N ALA H 630 -18.11 -63.16 35.66
CA ALA H 630 -17.29 -63.64 36.76
C ALA H 630 -16.05 -62.78 36.95
N GLU H 631 -15.39 -62.42 35.85
CA GLU H 631 -14.18 -61.61 35.96
C GLU H 631 -14.49 -60.23 36.52
N PHE H 632 -15.57 -59.60 36.07
CA PHE H 632 -15.93 -58.29 36.60
C PHE H 632 -16.34 -58.39 38.06
N LYS H 633 -16.97 -59.50 38.46
CA LYS H 633 -17.29 -59.72 39.86
C LYS H 633 -16.03 -59.75 40.72
N ALA H 634 -15.04 -60.55 40.30
CA ALA H 634 -13.80 -60.63 41.07
C ALA H 634 -13.08 -59.28 41.12
N ILE H 635 -13.09 -58.54 40.01
CA ILE H 635 -12.41 -57.25 39.98
C ILE H 635 -13.07 -56.28 40.97
N LYS H 636 -14.40 -56.19 40.93
CA LYS H 636 -15.09 -55.35 41.90
C LYS H 636 -14.84 -55.82 43.33
N LYS H 637 -14.72 -57.14 43.52
CA LYS H 637 -14.46 -57.70 44.82
C LYS H 637 -13.15 -57.17 45.40
N VAL H 638 -12.06 -57.26 44.62
CA VAL H 638 -10.80 -56.72 45.12
C VAL H 638 -10.78 -55.20 45.11
N VAL H 639 -11.67 -54.55 44.34
CA VAL H 639 -11.69 -53.10 44.37
C VAL H 639 -12.27 -52.59 45.68
N GLU H 640 -13.34 -53.21 46.18
CA GLU H 640 -14.02 -52.67 47.36
C GLU H 640 -13.20 -52.82 48.63
N LYS H 641 -12.10 -53.57 48.60
CA LYS H 641 -11.20 -53.58 49.74
C LYS H 641 -10.39 -52.29 49.85
N GLY H 642 -10.35 -51.49 48.80
CA GLY H 642 -9.71 -50.18 48.87
C GLY H 642 -8.58 -49.97 47.89
N TYR H 643 -8.47 -50.83 46.87
CA TYR H 643 -7.43 -50.72 45.86
C TYR H 643 -7.98 -49.94 44.68
N ASN H 644 -7.55 -48.68 44.54
CA ASN H 644 -8.02 -47.81 43.48
C ASN H 644 -6.99 -47.61 42.38
N ASN H 645 -6.25 -48.65 42.01
CA ASN H 645 -5.18 -48.52 41.04
C ASN H 645 -5.26 -49.61 39.99
N ILE H 646 -6.46 -50.13 39.73
CA ILE H 646 -6.68 -51.20 38.77
C ILE H 646 -7.35 -50.61 37.53
N GLY H 647 -7.13 -51.28 36.39
CA GLY H 647 -7.78 -50.91 35.16
C GLY H 647 -7.96 -52.15 34.30
N VAL H 648 -8.95 -52.07 33.41
CA VAL H 648 -9.37 -53.20 32.59
C VAL H 648 -8.99 -52.96 31.14
N MET H 649 -8.56 -54.04 30.48
CA MET H 649 -8.08 -53.98 29.10
C MET H 649 -8.78 -55.06 28.28
N LEU H 650 -9.42 -54.66 27.18
CA LEU H 650 -10.16 -55.56 26.31
C LEU H 650 -9.31 -55.97 25.11
N PRO H 651 -9.19 -57.26 24.80
CA PRO H 651 -8.38 -57.70 23.67
C PRO H 651 -9.19 -57.89 22.38
N LEU H 652 -8.52 -57.58 21.27
CA LEU H 652 -9.02 -57.87 19.91
C LEU H 652 -10.35 -57.17 19.63
N VAL H 653 -10.31 -55.84 19.62
CA VAL H 653 -11.46 -55.00 19.35
C VAL H 653 -11.36 -54.46 17.93
N SER H 654 -12.47 -54.52 17.18
CA SER H 654 -12.51 -53.92 15.86
C SER H 654 -13.81 -53.22 15.50
N HIS H 655 -14.79 -53.16 16.41
CA HIS H 655 -16.02 -52.41 16.20
C HIS H 655 -16.35 -51.70 17.52
N PRO H 656 -16.93 -50.50 17.46
CA PRO H 656 -17.34 -49.83 18.71
C PRO H 656 -18.47 -50.54 19.44
N GLU H 657 -19.29 -51.31 18.72
CA GLU H 657 -20.37 -52.04 19.36
C GLU H 657 -19.82 -52.98 20.43
N GLN H 658 -18.64 -53.55 20.20
CA GLN H 658 -18.03 -54.42 21.22
C GLN H 658 -17.74 -53.65 22.50
N ILE H 659 -17.22 -52.42 22.36
CA ILE H 659 -16.93 -51.60 23.54
C ILE H 659 -18.20 -51.27 24.28
N ARG H 660 -19.27 -50.91 23.56
CA ARG H 660 -20.50 -50.54 24.25
C ARG H 660 -21.16 -51.74 24.94
N GLU H 661 -21.15 -52.91 24.29
CA GLU H 661 -21.74 -54.08 24.92
C GLU H 661 -20.94 -54.51 26.14
N ALA H 662 -19.61 -54.39 26.09
CA ALA H 662 -18.81 -54.70 27.27
C ALA H 662 -19.11 -53.74 28.41
N LYS H 663 -19.26 -52.44 28.09
CA LYS H 663 -19.58 -51.48 29.13
C LYS H 663 -20.93 -51.80 29.78
N ARG H 664 -21.91 -52.21 28.99
CA ARG H 664 -23.21 -52.56 29.54
C ARG H 664 -23.12 -53.81 30.42
N ILE H 665 -22.46 -54.86 29.91
CA ILE H 665 -22.31 -56.08 30.68
C ILE H 665 -21.64 -55.80 32.02
N ALA H 666 -20.64 -54.91 32.02
CA ALA H 666 -19.96 -54.59 33.26
C ALA H 666 -20.84 -53.77 34.19
N ARG H 667 -21.64 -52.86 33.63
CA ARG H 667 -22.47 -52.03 34.48
C ARG H 667 -23.65 -52.77 35.07
N GLU H 668 -24.04 -53.91 34.50
CA GLU H 668 -25.16 -54.63 35.10
C GLU H 668 -24.81 -55.25 36.45
N VAL H 669 -23.55 -55.66 36.67
CA VAL H 669 -23.20 -56.37 37.89
C VAL H 669 -22.53 -55.50 38.94
N GLY H 670 -22.63 -54.18 38.82
CA GLY H 670 -22.20 -53.28 39.87
C GLY H 670 -20.96 -52.48 39.58
N LEU H 671 -20.04 -53.00 38.77
CA LEU H 671 -18.80 -52.28 38.45
C LEU H 671 -19.11 -51.05 37.60
N GLU H 672 -18.35 -49.99 37.82
CA GLU H 672 -18.58 -48.70 37.16
C GLU H 672 -17.34 -48.21 36.45
N PRO H 673 -17.33 -48.17 35.11
CA PRO H 673 -16.18 -47.63 34.40
C PRO H 673 -15.90 -46.18 34.74
N HIS H 674 -14.63 -45.80 34.65
CA HIS H 674 -14.11 -44.44 34.79
C HIS H 674 -14.30 -43.87 36.19
N LYS H 675 -14.91 -44.61 37.11
CA LYS H 675 -15.05 -44.18 38.50
C LYS H 675 -14.62 -45.22 39.51
N ASP H 676 -14.56 -46.50 39.13
CA ASP H 676 -13.98 -47.54 39.96
C ASP H 676 -12.70 -48.12 39.37
N VAL H 677 -12.56 -48.09 38.04
CA VAL H 677 -11.41 -48.65 37.35
C VAL H 677 -11.09 -47.75 36.16
N ALA H 678 -10.08 -48.14 35.40
CA ALA H 678 -9.78 -47.52 34.13
C ALA H 678 -10.23 -48.41 32.98
N TRP H 679 -10.61 -47.79 31.88
CA TRP H 679 -11.16 -48.49 30.72
C TRP H 679 -10.25 -48.24 29.53
N GLY H 680 -9.71 -49.31 28.94
CA GLY H 680 -8.81 -49.21 27.80
C GLY H 680 -8.94 -50.42 26.91
N VAL H 681 -8.22 -50.38 25.78
CA VAL H 681 -8.33 -51.42 24.76
C VAL H 681 -6.93 -51.80 24.26
N MET H 682 -6.90 -52.87 23.47
CA MET H 682 -5.70 -53.34 22.79
C MET H 682 -5.80 -53.10 21.29
N ILE H 683 -4.68 -52.78 20.66
CA ILE H 683 -4.63 -52.50 19.23
C ILE H 683 -3.81 -53.61 18.58
N GLU H 684 -4.49 -54.57 17.94
CA GLU H 684 -3.82 -55.68 17.28
C GLU H 684 -4.31 -55.94 15.86
N VAL H 685 -5.51 -55.53 15.49
CA VAL H 685 -5.97 -55.69 14.11
C VAL H 685 -5.73 -54.38 13.37
N PRO H 686 -5.35 -54.41 12.10
CA PRO H 686 -5.14 -53.17 11.36
C PRO H 686 -6.36 -52.26 11.30
N ALA H 687 -7.56 -52.84 11.29
CA ALA H 687 -8.77 -52.03 11.27
C ALA H 687 -8.84 -51.10 12.46
N ALA H 688 -8.51 -51.61 13.66
CA ALA H 688 -8.56 -50.77 14.85
C ALA H 688 -7.56 -49.63 14.77
N ALA H 689 -6.40 -49.88 14.17
CA ALA H 689 -5.41 -48.83 13.99
C ALA H 689 -5.81 -47.81 12.94
N ILE H 690 -6.72 -48.16 12.01
CA ILE H 690 -7.07 -47.24 10.95
C ILE H 690 -8.30 -46.36 11.28
N ILE H 691 -9.18 -46.82 12.16
CA ILE H 691 -10.36 -46.04 12.54
C ILE H 691 -10.33 -45.68 14.01
N ILE H 692 -9.13 -45.42 14.55
CA ILE H 692 -8.94 -45.26 15.99
C ILE H 692 -9.83 -44.18 16.58
N GLU H 693 -10.18 -43.15 15.81
CA GLU H 693 -10.96 -42.05 16.36
C GLU H 693 -12.36 -42.49 16.74
N ASP H 694 -12.97 -43.38 15.95
CA ASP H 694 -14.28 -43.90 16.30
C ASP H 694 -14.25 -44.59 17.65
N LEU H 695 -13.22 -45.39 17.91
CA LEU H 695 -13.08 -46.05 19.20
C LEU H 695 -12.85 -45.04 20.31
N ILE H 696 -12.07 -44.00 20.05
CA ILE H 696 -11.81 -43.00 21.08
C ILE H 696 -13.09 -42.26 21.46
N LYS H 697 -14.00 -42.08 20.51
CA LYS H 697 -15.22 -41.33 20.81
C LYS H 697 -16.20 -42.10 21.68
N GLU H 698 -15.88 -43.30 22.15
CA GLU H 698 -16.71 -44.03 23.08
C GLU H 698 -16.20 -43.94 24.51
N GLY H 699 -15.31 -43.00 24.80
CA GLY H 699 -14.82 -42.81 26.16
C GLY H 699 -13.90 -43.90 26.67
N ILE H 700 -12.68 -43.98 26.16
CA ILE H 700 -11.67 -44.87 26.74
C ILE H 700 -10.62 -44.02 27.44
N ASP H 701 -9.72 -44.68 28.17
CA ASP H 701 -8.72 -43.95 28.93
C ASP H 701 -7.29 -44.25 28.47
N PHE H 702 -7.06 -45.45 27.96
CA PHE H 702 -5.70 -45.82 27.56
C PHE H 702 -5.67 -46.82 26.42
N VAL H 703 -4.55 -46.90 25.73
CA VAL H 703 -4.40 -47.84 24.61
C VAL H 703 -3.05 -48.52 24.67
N SER H 704 -2.95 -49.72 24.11
CA SER H 704 -1.70 -50.47 24.14
C SER H 704 -1.49 -51.21 22.83
N PHE H 705 -0.25 -51.17 22.33
CA PHE H 705 0.11 -51.80 21.06
C PHE H 705 0.56 -53.24 21.28
N GLY H 706 -0.13 -54.19 20.66
CA GLY H 706 0.32 -55.56 20.56
C GLY H 706 1.13 -55.85 19.31
N THR H 707 2.40 -55.45 19.28
CA THR H 707 3.15 -55.44 18.03
C THR H 707 3.33 -56.83 17.42
N ASN H 708 3.25 -57.88 18.24
CA ASN H 708 3.31 -59.25 17.71
C ASN H 708 2.17 -59.51 16.73
N ASP H 709 0.94 -59.42 17.23
CA ASP H 709 -0.22 -59.70 16.41
C ASP H 709 -0.37 -58.69 15.28
N LEU H 710 -0.05 -57.43 15.55
CA LEU H 710 -0.16 -56.41 14.51
C LEU H 710 0.79 -56.70 13.35
N THR H 711 2.04 -57.04 13.65
CA THR H 711 2.99 -57.37 12.59
C THR H 711 2.56 -58.62 11.85
N GLN H 712 1.95 -59.58 12.54
CA GLN H 712 1.54 -60.79 11.85
C GLN H 712 0.34 -60.56 10.93
N TYR H 713 -0.67 -59.82 11.39
CA TYR H 713 -1.84 -59.57 10.58
C TYR H 713 -1.60 -58.56 9.47
N THR H 714 -0.60 -57.70 9.59
CA THR H 714 -0.37 -56.70 8.57
C THR H 714 0.40 -57.27 7.38
N LEU H 715 1.33 -58.18 7.62
CA LEU H 715 2.13 -58.77 6.55
C LEU H 715 1.56 -60.09 6.04
N ALA H 716 0.44 -60.54 6.58
CA ALA H 716 -0.20 -61.79 6.18
C ALA H 716 0.80 -62.95 6.24
N ILE H 717 1.29 -63.21 7.45
CA ILE H 717 2.40 -64.13 7.65
C ILE H 717 2.28 -64.74 9.04
N ASP H 718 2.48 -66.06 9.11
CA ASP H 718 2.57 -66.75 10.39
C ASP H 718 4.04 -66.92 10.77
N ARG H 719 4.34 -66.66 12.03
CA ARG H 719 5.73 -66.67 12.48
C ARG H 719 6.20 -68.06 12.86
N ASP H 720 5.29 -68.93 13.31
CA ASP H 720 5.65 -70.30 13.65
C ASP H 720 5.98 -71.15 12.44
N ASN H 721 5.55 -70.75 11.24
CA ASN H 721 5.82 -71.51 10.04
C ASN H 721 7.26 -71.31 9.62
N GLU H 722 7.97 -72.42 9.42
CA GLU H 722 9.41 -72.39 9.15
C GLU H 722 9.73 -71.72 7.82
N ARG H 723 8.83 -71.88 6.84
CA ARG H 723 9.16 -71.47 5.47
C ARG H 723 8.98 -69.97 5.23
N VAL H 724 8.14 -69.29 6.01
CA VAL H 724 7.90 -67.87 5.80
C VAL H 724 8.24 -67.01 7.02
N ALA H 725 8.90 -67.57 8.03
CA ALA H 725 9.31 -66.76 9.18
C ALA H 725 10.54 -65.92 8.90
N LYS H 726 11.14 -66.07 7.73
CA LYS H 726 12.28 -65.23 7.35
C LYS H 726 11.86 -63.82 6.94
N LEU H 727 10.57 -63.55 6.82
CA LEU H 727 10.10 -62.23 6.43
C LEU H 727 9.61 -61.40 7.61
N TYR H 728 9.44 -62.02 8.77
CA TYR H 728 8.97 -61.30 9.96
C TYR H 728 9.93 -60.17 10.33
N ASP H 729 9.35 -59.01 10.67
CA ASP H 729 10.12 -57.84 11.05
C ASP H 729 9.21 -56.81 11.71
N GLU H 730 9.54 -56.39 12.93
CA GLU H 730 8.69 -55.47 13.68
C GLU H 730 9.03 -54.01 13.45
N THR H 731 10.07 -53.70 12.68
CA THR H 731 10.37 -52.35 12.26
C THR H 731 10.14 -52.16 10.76
N HIS H 732 9.14 -52.84 10.22
CA HIS H 732 8.75 -52.67 8.83
C HIS H 732 8.02 -51.33 8.67
N PRO H 733 8.25 -50.62 7.57
CA PRO H 733 7.67 -49.27 7.41
C PRO H 733 6.16 -49.17 7.63
N ALA H 734 5.39 -50.20 7.29
CA ALA H 734 3.94 -50.08 7.38
C ALA H 734 3.48 -50.05 8.83
N VAL H 735 4.04 -50.92 9.67
CA VAL H 735 3.72 -50.93 11.09
C VAL H 735 4.07 -49.59 11.73
N LEU H 736 5.19 -49.00 11.30
CA LEU H 736 5.61 -47.72 11.87
C LEU H 736 4.68 -46.59 11.45
N LYS H 737 4.22 -46.59 10.20
CA LYS H 737 3.20 -45.63 9.78
C LYS H 737 1.94 -45.75 10.64
N LEU H 738 1.49 -46.98 10.88
CA LEU H 738 0.28 -47.16 11.68
C LEU H 738 0.46 -46.66 13.10
N ILE H 739 1.60 -46.99 13.72
CA ILE H 739 1.88 -46.55 15.09
C ILE H 739 1.93 -45.03 15.17
N LYS H 740 2.59 -44.40 14.21
CA LYS H 740 2.69 -42.93 14.21
C LYS H 740 1.32 -42.29 14.12
N HIS H 741 0.46 -42.80 13.24
CA HIS H 741 -0.89 -42.26 13.11
C HIS H 741 -1.66 -42.37 14.43
N VAL H 742 -1.64 -43.55 15.04
CA VAL H 742 -2.38 -43.74 16.29
C VAL H 742 -1.88 -42.77 17.37
N ILE H 743 -0.56 -42.71 17.56
CA ILE H 743 0.00 -41.86 18.59
C ILE H 743 -0.41 -40.42 18.38
N LYS H 744 -0.31 -39.93 17.14
CA LYS H 744 -0.74 -38.57 16.82
C LYS H 744 -2.17 -38.33 17.30
N VAL H 745 -3.09 -39.22 16.94
CA VAL H 745 -4.50 -38.94 17.19
C VAL H 745 -4.81 -38.93 18.69
N CYS H 746 -4.34 -39.94 19.44
CA CYS H 746 -4.73 -39.95 20.83
C CYS H 746 -3.95 -38.93 21.65
N LYS H 747 -2.75 -38.55 21.21
CA LYS H 747 -2.13 -37.35 21.75
C LYS H 747 -3.05 -36.16 21.60
N ARG H 748 -3.61 -35.96 20.40
CA ARG H 748 -4.56 -34.86 20.19
C ARG H 748 -5.77 -34.95 21.13
N TYR H 749 -6.24 -36.14 21.45
CA TYR H 749 -7.46 -36.27 22.26
C TYR H 749 -7.21 -36.43 23.75
N GLY H 750 -5.95 -36.45 24.20
CA GLY H 750 -5.69 -36.57 25.63
C GLY H 750 -5.73 -37.97 26.19
N VAL H 751 -5.38 -38.97 25.40
CA VAL H 751 -5.38 -40.37 25.83
C VAL H 751 -3.94 -40.82 25.97
N GLU H 752 -3.72 -41.78 26.87
CA GLU H 752 -2.39 -42.30 27.15
C GLU H 752 -2.08 -43.52 26.30
N THR H 753 -0.84 -43.61 25.81
CA THR H 753 -0.39 -44.67 24.93
C THR H 753 0.70 -45.51 25.61
N SER H 754 0.79 -46.78 25.21
CA SER H 754 1.79 -47.69 25.76
C SER H 754 2.05 -48.80 24.75
N ILE H 755 3.03 -49.64 25.05
CA ILE H 755 3.34 -50.79 24.21
C ILE H 755 3.82 -51.95 25.07
N CYS H 756 3.20 -53.10 24.90
CA CYS H 756 3.63 -54.36 25.49
C CYS H 756 4.12 -55.29 24.37
N GLY H 757 4.64 -56.44 24.75
CA GLY H 757 5.07 -57.43 23.78
C GLY H 757 6.54 -57.76 23.93
N GLN H 758 7.08 -58.37 22.87
CA GLN H 758 8.50 -58.72 22.85
C GLN H 758 9.35 -57.60 22.29
N ALA H 759 8.76 -56.65 21.56
CA ALA H 759 9.49 -55.49 21.07
C ALA H 759 9.53 -54.36 22.07
N GLY H 760 8.92 -54.54 23.24
CA GLY H 760 9.16 -53.63 24.34
C GLY H 760 10.50 -53.82 24.99
N SER H 761 11.15 -54.96 24.75
CA SER H 761 12.47 -55.28 25.29
C SER H 761 13.56 -55.21 24.23
N ASP H 762 13.47 -54.26 23.31
CA ASP H 762 14.44 -54.08 22.24
C ASP H 762 14.97 -52.64 22.26
N PRO H 763 16.29 -52.44 22.31
CA PRO H 763 16.81 -51.06 22.34
C PRO H 763 16.51 -50.23 21.11
N LYS H 764 16.53 -50.82 19.92
CA LYS H 764 16.29 -50.06 18.70
C LYS H 764 14.84 -49.56 18.63
N MET H 765 13.90 -50.44 18.93
CA MET H 765 12.49 -50.03 18.99
C MET H 765 12.28 -48.99 20.07
N ALA H 766 12.95 -49.14 21.21
CA ALA H 766 12.83 -48.15 22.27
C ALA H 766 13.26 -46.77 21.80
N ARG H 767 14.35 -46.69 21.03
CA ARG H 767 14.80 -45.41 20.53
C ARG H 767 13.79 -44.82 19.53
N ILE H 768 13.30 -45.64 18.60
CA ILE H 768 12.29 -45.17 17.65
C ILE H 768 11.08 -44.61 18.39
N LEU H 769 10.60 -45.34 19.41
CA LEU H 769 9.36 -44.99 20.07
C LEU H 769 9.52 -43.76 20.95
N VAL H 770 10.69 -43.59 21.57
CA VAL H 770 10.92 -42.38 22.35
C VAL H 770 11.04 -41.17 21.45
N ARG H 771 11.63 -41.32 20.26
CA ARG H 771 11.67 -40.20 19.33
C ARG H 771 10.29 -39.84 18.79
N LEU H 772 9.38 -40.82 18.68
CA LEU H 772 8.03 -40.48 18.25
C LEU H 772 7.19 -39.85 19.35
N GLY H 773 7.35 -40.29 20.60
CA GLY H 773 6.63 -39.64 21.68
C GLY H 773 5.66 -40.51 22.46
N ILE H 774 5.97 -41.80 22.61
CA ILE H 774 5.11 -42.67 23.38
C ILE H 774 5.20 -42.33 24.86
N ASP H 775 4.17 -42.69 25.61
CA ASP H 775 4.09 -42.35 27.03
C ASP H 775 4.69 -43.41 27.94
N SER H 776 4.71 -44.68 27.54
CA SER H 776 5.23 -45.73 28.40
C SER H 776 5.76 -46.89 27.56
N ILE H 777 6.60 -47.72 28.19
CA ILE H 777 7.13 -48.94 27.61
C ILE H 777 7.08 -50.03 28.67
N SER H 778 6.74 -51.26 28.25
CA SER H 778 6.56 -52.39 29.14
C SER H 778 7.58 -53.48 28.79
N ALA H 779 8.43 -53.83 29.74
CA ALA H 779 9.57 -54.72 29.48
C ALA H 779 9.45 -56.00 30.29
N ASN H 780 10.20 -57.01 29.87
CA ASN H 780 10.26 -58.27 30.60
C ASN H 780 10.99 -58.06 31.92
N PRO H 781 10.69 -58.87 32.95
CA PRO H 781 11.24 -58.61 34.29
C PRO H 781 12.77 -58.56 34.36
N ASP H 782 13.48 -59.08 33.37
CA ASP H 782 14.94 -59.05 33.38
C ASP H 782 15.52 -58.14 32.31
N ALA H 783 14.76 -57.15 31.85
CA ALA H 783 15.24 -56.19 30.87
C ALA H 783 14.90 -54.76 31.24
N VAL H 784 14.55 -54.49 32.50
CA VAL H 784 14.08 -53.17 32.89
C VAL H 784 15.23 -52.17 32.95
N GLN H 785 16.40 -52.62 33.41
CA GLN H 785 17.53 -51.71 33.60
C GLN H 785 18.12 -51.27 32.27
N LEU H 786 18.25 -52.21 31.33
CA LEU H 786 18.76 -51.88 30.00
C LEU H 786 17.88 -50.85 29.31
N ILE H 787 16.57 -51.07 29.34
CA ILE H 787 15.65 -50.15 28.69
C ILE H 787 15.67 -48.79 29.38
N ARG H 788 15.81 -48.80 30.72
CA ARG H 788 15.92 -47.56 31.46
C ARG H 788 17.11 -46.72 30.99
N GLN H 789 18.27 -47.36 30.83
CA GLN H 789 19.45 -46.65 30.34
C GLN H 789 19.28 -46.13 28.91
N VAL H 790 18.74 -46.97 28.01
CA VAL H 790 18.53 -46.53 26.63
C VAL H 790 17.61 -45.31 26.58
N VAL H 791 16.54 -45.32 27.38
CA VAL H 791 15.59 -44.22 27.35
C VAL H 791 16.21 -42.94 27.90
N ALA H 792 16.99 -43.05 28.98
CA ALA H 792 17.66 -41.88 29.52
C ALA H 792 18.58 -41.22 28.50
N GLN H 793 19.38 -42.04 27.80
CA GLN H 793 20.30 -41.48 26.81
C GLN H 793 19.54 -40.79 25.67
N GLU H 794 18.47 -41.41 25.18
CA GLU H 794 17.69 -40.79 24.09
C GLU H 794 17.11 -39.45 24.51
N GLU H 795 16.60 -39.35 25.75
CA GLU H 795 16.03 -38.09 26.20
C GLU H 795 17.08 -36.98 26.29
N ARG H 796 18.27 -37.29 26.83
CA ARG H 796 19.31 -36.27 26.87
C ARG H 796 19.72 -35.81 25.47
N LYS H 797 19.78 -36.74 24.52
CA LYS H 797 20.05 -36.37 23.13
C LYS H 797 19.04 -35.37 22.59
N LEU H 798 17.74 -35.65 22.79
CA LEU H 798 16.71 -34.75 22.30
C LEU H 798 16.87 -33.35 22.88
N MET H 799 17.08 -33.26 24.20
CA MET H 799 17.23 -31.97 24.84
C MET H 799 18.42 -31.19 24.30
N LEU H 800 19.55 -31.88 24.08
CA LEU H 800 20.73 -31.21 23.53
C LEU H 800 20.45 -30.67 22.13
N GLU H 801 19.77 -31.45 21.30
CA GLU H 801 19.44 -30.98 19.95
C GLU H 801 18.60 -29.71 19.98
N ALA H 802 17.61 -29.64 20.86
CA ALA H 802 16.77 -28.45 20.91
C ALA H 802 17.56 -27.24 21.40
N ALA H 803 18.45 -27.45 22.39
CA ALA H 803 19.29 -26.35 22.86
C ALA H 803 20.19 -25.81 21.76
N ARG H 804 20.79 -26.69 20.96
CA ARG H 804 21.66 -26.25 19.88
C ARG H 804 20.88 -25.49 18.81
N LYS H 805 19.69 -25.98 18.46
CA LYS H 805 18.89 -25.25 17.49
C LYS H 805 18.52 -23.87 17.99
N GLN H 806 18.24 -23.74 19.28
CA GLN H 806 17.89 -22.43 19.82
C GLN H 806 19.09 -21.49 19.85
N LEU H 807 20.27 -21.99 20.18
CA LEU H 807 21.42 -21.10 20.36
C LEU H 807 21.99 -20.62 19.04
N GLY I 506 -54.38 7.07 39.12
CA GLY I 506 -55.20 6.17 38.32
C GLY I 506 -54.38 5.16 37.55
N ALA I 507 -53.17 5.55 37.19
CA ALA I 507 -52.27 4.65 36.47
C ALA I 507 -51.19 4.13 37.41
N PRO I 508 -50.95 2.84 37.47
CA PRO I 508 -49.88 2.31 38.32
C PRO I 508 -48.50 2.69 37.81
N LEU I 509 -47.51 2.48 38.67
CA LEU I 509 -46.12 2.73 38.30
C LEU I 509 -45.56 1.51 37.58
N VAL I 510 -44.85 1.75 36.48
CA VAL I 510 -44.42 0.70 35.55
C VAL I 510 -42.90 0.72 35.43
N THR I 511 -42.28 -0.42 35.70
CA THR I 511 -40.83 -0.57 35.61
C THR I 511 -40.50 -1.73 34.69
N GLY I 512 -39.31 -1.68 34.09
CA GLY I 512 -38.88 -2.79 33.26
C GLY I 512 -38.47 -3.99 34.08
N THR I 513 -37.71 -3.76 35.15
CA THR I 513 -37.40 -4.81 36.10
C THR I 513 -38.64 -5.23 36.86
N MET I 514 -38.80 -6.53 37.08
CA MET I 514 -39.94 -7.06 37.80
C MET I 514 -39.70 -7.01 39.30
N VAL I 515 -40.71 -6.56 40.03
CA VAL I 515 -40.69 -6.53 41.50
C VAL I 515 -41.73 -7.53 41.97
N LYS I 516 -41.30 -8.56 42.68
CA LYS I 516 -42.17 -9.60 43.21
C LYS I 516 -42.22 -9.53 44.73
N VAL I 517 -42.88 -10.50 45.35
CA VAL I 517 -43.16 -10.48 46.78
C VAL I 517 -42.86 -11.85 47.38
N ASN I 518 -42.52 -11.85 48.67
CA ASN I 518 -42.10 -13.06 49.38
C ASN I 518 -43.22 -13.54 50.28
N VAL I 519 -43.84 -14.67 49.93
CA VAL I 519 -44.99 -15.21 50.65
C VAL I 519 -44.51 -16.28 51.62
N SER I 520 -44.91 -16.16 52.88
CA SER I 520 -44.44 -17.07 53.92
C SER I 520 -45.43 -18.19 54.21
N MET I 521 -46.71 -17.86 54.36
CA MET I 521 -47.76 -18.81 54.66
C MET I 521 -48.87 -18.66 53.62
N PRO I 522 -49.74 -19.65 53.49
CA PRO I 522 -50.85 -19.53 52.52
C PRO I 522 -52.00 -18.66 53.02
N GLU I 523 -51.86 -18.09 54.22
CA GLU I 523 -52.90 -17.23 54.75
C GLU I 523 -52.67 -15.75 54.48
N VAL I 524 -51.42 -15.31 54.43
CA VAL I 524 -51.11 -13.97 53.95
C VAL I 524 -50.86 -14.03 52.44
N ALA I 525 -51.95 -14.05 51.68
CA ALA I 525 -51.87 -14.13 50.23
C ALA I 525 -52.77 -13.12 49.52
N GLU I 526 -53.77 -12.57 50.20
CA GLU I 526 -54.57 -11.51 49.62
C GLU I 526 -53.96 -10.14 49.90
N ARG I 527 -53.45 -9.94 51.12
CA ARG I 527 -52.71 -8.72 51.41
C ARG I 527 -51.45 -8.63 50.56
N ALA I 528 -50.95 -9.76 50.06
CA ALA I 528 -49.77 -9.73 49.20
C ALA I 528 -50.16 -9.50 47.76
N ALA I 529 -51.28 -10.09 47.30
CA ALA I 529 -51.75 -9.85 45.95
C ALA I 529 -52.32 -8.44 45.79
N ALA I 530 -52.59 -7.74 46.90
CA ALA I 530 -53.08 -6.38 46.83
C ALA I 530 -51.98 -5.34 46.83
N THR I 531 -50.71 -5.75 46.70
CA THR I 531 -49.61 -4.80 46.72
C THR I 531 -49.20 -4.35 45.32
N GLY I 532 -49.67 -5.04 44.28
CA GLY I 532 -49.26 -4.73 42.94
C GLY I 532 -47.99 -5.42 42.48
N ALA I 533 -47.65 -6.55 43.08
CA ALA I 533 -46.46 -7.29 42.70
C ALA I 533 -46.66 -7.99 41.36
N ASP I 534 -45.55 -8.41 40.75
CA ASP I 534 -45.57 -9.06 39.45
C ASP I 534 -45.59 -10.58 39.57
N GLY I 535 -45.67 -11.10 40.77
CA GLY I 535 -45.69 -12.54 40.99
C GLY I 535 -45.19 -12.84 42.39
N VAL I 536 -45.09 -14.14 42.68
CA VAL I 536 -44.49 -14.61 43.91
C VAL I 536 -43.06 -15.05 43.60
N GLY I 537 -42.13 -14.66 44.46
CA GLY I 537 -40.74 -14.96 44.22
C GLY I 537 -40.25 -16.13 45.03
N LEU I 538 -40.90 -16.37 46.17
CA LEU I 538 -40.52 -17.49 47.04
C LEU I 538 -41.69 -17.82 47.95
N LEU I 539 -42.26 -19.01 47.80
CA LEU I 539 -43.27 -19.54 48.70
C LEU I 539 -42.68 -20.73 49.43
N ARG I 540 -42.49 -20.59 50.74
CA ARG I 540 -41.85 -21.64 51.53
C ARG I 540 -42.86 -22.70 51.97
N ALA I 541 -42.35 -23.90 52.19
CA ALA I 541 -43.18 -25.05 52.55
C ALA I 541 -43.00 -25.50 53.99
N GLU I 542 -42.09 -24.87 54.75
CA GLU I 542 -41.83 -25.27 56.13
C GLU I 542 -43.11 -25.29 56.94
N HIS I 543 -43.92 -24.24 56.83
CA HIS I 543 -45.17 -24.17 57.60
C HIS I 543 -46.15 -25.25 57.17
N MET I 544 -46.40 -25.34 55.86
CA MET I 544 -47.42 -26.26 55.36
C MET I 544 -47.09 -27.71 55.65
N ILE I 545 -45.82 -28.02 55.90
CA ILE I 545 -45.45 -29.40 56.20
C ILE I 545 -45.31 -29.66 57.69
N LEU I 546 -44.65 -28.78 58.42
CA LEU I 546 -44.46 -28.95 59.85
C LEU I 546 -45.65 -28.48 60.68
N SER I 547 -46.84 -28.41 60.08
CA SER I 547 -48.03 -27.96 60.80
C SER I 547 -48.87 -29.11 61.35
N ILE I 548 -48.51 -30.36 61.04
CA ILE I 548 -49.33 -31.50 61.43
C ILE I 548 -48.88 -32.04 62.77
N GLY I 549 -48.01 -31.29 63.47
CA GLY I 549 -47.54 -31.68 64.79
C GLY I 549 -46.94 -33.07 64.87
N GLN I 550 -46.21 -33.49 63.84
CA GLN I 550 -45.70 -34.85 63.76
C GLN I 550 -44.51 -34.89 62.82
N HIS I 551 -43.59 -35.80 63.06
CA HIS I 551 -42.47 -36.01 62.17
C HIS I 551 -42.97 -36.59 60.85
N PRO I 552 -42.71 -35.93 59.72
CA PRO I 552 -43.25 -36.42 58.44
C PRO I 552 -42.81 -37.83 58.09
N ILE I 553 -41.55 -38.19 58.35
CA ILE I 553 -41.10 -39.56 58.10
C ILE I 553 -41.88 -40.52 58.98
N LYS I 554 -42.10 -40.15 60.24
CA LYS I 554 -42.98 -40.93 61.11
C LYS I 554 -44.42 -40.90 60.61
N PHE I 555 -44.84 -39.77 60.05
CA PHE I 555 -46.22 -39.64 59.58
C PHE I 555 -46.51 -40.58 58.42
N ILE I 556 -45.50 -40.89 57.61
CA ILE I 556 -45.74 -41.73 56.44
C ILE I 556 -45.48 -43.21 56.72
N LYS I 557 -44.66 -43.48 57.75
CA LYS I 557 -44.43 -44.86 58.14
C LYS I 557 -45.74 -45.30 58.75
N GLU I 558 -46.30 -44.47 59.62
CA GLU I 558 -47.60 -44.78 60.18
C GLU I 558 -48.50 -45.03 59.00
N GLY I 559 -48.37 -44.20 57.98
CA GLY I 559 -49.13 -44.41 56.76
C GLY I 559 -50.26 -43.47 56.46
N LYS I 560 -50.06 -42.17 56.60
CA LYS I 560 -51.14 -41.27 56.21
C LYS I 560 -50.60 -40.35 55.14
N GLU I 561 -50.40 -40.89 53.94
CA GLU I 561 -49.80 -40.09 52.86
C GLU I 561 -50.81 -39.17 52.21
N GLU I 562 -52.01 -39.66 51.90
CA GLU I 562 -52.95 -38.89 51.10
C GLU I 562 -53.45 -37.66 51.83
N GLU I 563 -53.55 -37.73 53.16
CA GLU I 563 -53.97 -36.58 53.94
C GLU I 563 -52.99 -35.43 53.77
N LEU I 564 -51.70 -35.69 54.01
CA LEU I 564 -50.66 -34.68 53.83
C LEU I 564 -50.63 -34.19 52.40
N VAL I 565 -50.76 -35.09 51.43
CA VAL I 565 -50.74 -34.70 50.02
C VAL I 565 -51.84 -33.70 49.73
N GLU I 566 -53.09 -34.03 50.07
CA GLU I 566 -54.20 -33.16 49.72
C GLU I 566 -54.18 -31.86 50.52
N LYS I 567 -53.63 -31.89 51.74
CA LYS I 567 -53.48 -30.65 52.49
C LYS I 567 -52.50 -29.71 51.79
N LEU I 568 -51.34 -30.23 51.40
CA LEU I 568 -50.42 -29.45 50.58
C LEU I 568 -51.11 -28.92 49.32
N ALA I 569 -51.94 -29.77 48.71
CA ALA I 569 -52.60 -29.39 47.47
C ALA I 569 -53.47 -28.16 47.64
N GLU I 570 -54.31 -28.15 48.68
CA GLU I 570 -55.18 -26.99 48.87
C GLU I 570 -54.36 -25.77 49.30
N GLY I 571 -53.34 -25.98 50.14
CA GLY I 571 -52.48 -24.86 50.52
C GLY I 571 -51.82 -24.18 49.32
N ILE I 572 -51.38 -24.98 48.35
CA ILE I 572 -50.74 -24.42 47.16
C ILE I 572 -51.76 -23.81 46.21
N GLU I 573 -52.92 -24.43 46.04
CA GLU I 573 -53.91 -23.90 45.11
C GLU I 573 -54.45 -22.56 45.56
N LYS I 574 -54.56 -22.36 46.87
CA LYS I 574 -54.99 -21.05 47.38
C LYS I 574 -54.09 -19.93 46.84
N VAL I 575 -52.78 -20.07 47.02
CA VAL I 575 -51.83 -19.08 46.56
C VAL I 575 -51.82 -18.99 45.04
N ALA I 576 -51.86 -20.14 44.37
CA ALA I 576 -51.82 -20.13 42.92
C ALA I 576 -53.02 -19.42 42.31
N ALA I 577 -54.17 -19.47 42.97
CA ALA I 577 -55.38 -18.84 42.44
C ALA I 577 -55.53 -17.39 42.89
N ALA I 578 -54.78 -16.96 43.90
CA ALA I 578 -54.80 -15.54 44.26
C ALA I 578 -53.99 -14.75 43.23
N PHE I 579 -52.94 -15.36 42.68
CA PHE I 579 -52.16 -14.71 41.64
C PHE I 579 -52.08 -15.62 40.43
N TYR I 580 -53.16 -15.74 39.68
CA TYR I 580 -53.20 -16.63 38.51
C TYR I 580 -52.43 -16.17 37.28
N PRO I 581 -52.89 -15.08 36.63
CA PRO I 581 -52.06 -14.76 35.44
C PRO I 581 -50.58 -14.65 35.80
N ARG I 582 -50.23 -14.38 37.06
CA ARG I 582 -48.85 -14.18 37.45
C ARG I 582 -48.15 -15.44 37.94
N PRO I 583 -46.84 -15.55 37.68
CA PRO I 583 -46.05 -16.71 38.11
C PRO I 583 -45.93 -16.81 39.62
N VAL I 584 -45.77 -18.04 40.10
CA VAL I 584 -45.50 -18.35 41.51
C VAL I 584 -44.42 -19.41 41.57
N TRP I 585 -43.43 -19.20 42.43
CA TRP I 585 -42.28 -20.11 42.55
C TRP I 585 -42.26 -20.73 43.94
N TYR I 586 -42.11 -22.05 43.98
CA TYR I 586 -42.25 -22.84 45.20
C TYR I 586 -40.98 -23.63 45.46
N ARG I 587 -40.46 -23.55 46.70
CA ARG I 587 -39.19 -24.16 47.07
C ARG I 587 -39.42 -25.35 47.99
N THR I 588 -38.86 -26.50 47.62
CA THR I 588 -39.06 -27.72 48.39
C THR I 588 -38.44 -27.59 49.79
N LEU I 589 -38.79 -28.55 50.65
CA LEU I 589 -38.52 -28.45 52.08
C LEU I 589 -37.04 -28.26 52.36
N ASP I 590 -36.74 -27.40 53.34
CA ASP I 590 -35.35 -27.11 53.70
C ASP I 590 -35.34 -26.62 55.14
N ALA I 591 -34.82 -27.44 56.05
CA ALA I 591 -34.71 -27.09 57.46
C ALA I 591 -33.59 -27.91 58.07
N PRO I 592 -32.91 -27.38 59.08
CA PRO I 592 -31.80 -28.13 59.69
C PRO I 592 -32.28 -29.36 60.45
N THR I 593 -31.35 -30.11 61.04
CA THR I 593 -31.71 -31.31 61.78
C THR I 593 -32.23 -31.00 63.17
N ASN I 594 -31.83 -29.88 63.78
CA ASN I 594 -32.37 -29.47 65.06
C ASN I 594 -33.72 -28.79 64.94
N GLU I 595 -34.39 -28.96 63.80
CA GLU I 595 -35.79 -28.57 63.63
C GLU I 595 -36.72 -29.77 63.60
N PHE I 596 -36.21 -30.94 63.20
CA PHE I 596 -37.00 -32.16 63.26
C PHE I 596 -36.91 -32.82 64.63
N ARG I 597 -35.95 -32.41 65.46
CA ARG I 597 -35.77 -33.01 66.77
C ARG I 597 -36.87 -32.59 67.74
N GLU I 598 -37.55 -31.47 67.49
CA GLU I 598 -38.45 -30.86 68.45
C GLU I 598 -39.91 -31.17 68.15
N MET I 599 -40.18 -32.23 67.42
CA MET I 599 -41.53 -32.62 67.08
C MET I 599 -41.87 -33.99 67.65
N PRO I 600 -43.17 -34.29 67.83
CA PRO I 600 -43.49 -35.65 68.29
C PRO I 600 -42.99 -36.68 67.29
N GLY I 601 -42.06 -37.53 67.70
CA GLY I 601 -41.49 -38.51 66.80
C GLY I 601 -40.04 -38.19 66.53
N GLY I 602 -39.61 -37.01 66.96
CA GLY I 602 -38.24 -36.60 66.76
C GLY I 602 -37.41 -36.98 67.97
N GLU I 603 -37.05 -38.25 68.07
CA GLU I 603 -36.25 -38.71 69.20
C GLU I 603 -34.96 -39.30 68.68
N ASP I 604 -34.98 -39.78 67.45
CA ASP I 604 -33.78 -40.31 66.84
C ASP I 604 -33.11 -39.18 66.11
N GLU I 605 -32.03 -38.64 66.67
CA GLU I 605 -31.35 -37.50 66.04
C GLU I 605 -29.83 -37.59 66.20
N PRO I 606 -29.09 -36.71 65.51
CA PRO I 606 -27.63 -36.83 65.56
C PRO I 606 -26.96 -35.81 66.47
N GLU I 607 -27.68 -34.78 66.90
CA GLU I 607 -27.06 -33.73 67.70
C GLU I 607 -25.70 -33.36 67.12
N GLU I 608 -25.67 -32.93 65.86
CA GLU I 608 -24.41 -32.61 65.21
C GLU I 608 -23.72 -31.39 65.80
N ARG I 609 -22.46 -31.20 65.45
CA ARG I 609 -21.73 -30.04 65.96
C ARG I 609 -21.81 -28.86 64.99
N ASN I 610 -22.21 -29.12 63.74
CA ASN I 610 -22.38 -28.03 62.77
C ASN I 610 -23.59 -28.25 61.86
N PRO I 611 -24.80 -27.89 62.32
CA PRO I 611 -25.99 -28.17 61.51
C PRO I 611 -26.09 -27.30 60.26
N MET I 612 -25.25 -26.28 60.11
CA MET I 612 -25.26 -25.47 58.90
C MET I 612 -24.56 -26.15 57.74
N LEU I 613 -23.58 -27.02 58.02
CA LEU I 613 -22.84 -27.74 57.00
C LEU I 613 -23.19 -29.23 57.01
N GLY I 614 -24.44 -29.54 57.33
CA GLY I 614 -24.81 -30.93 57.54
C GLY I 614 -25.84 -31.49 56.57
N TRP I 615 -26.69 -32.37 57.09
CA TRP I 615 -27.63 -33.15 56.30
C TRP I 615 -28.95 -32.38 56.22
N ARG I 616 -29.12 -31.64 55.14
CA ARG I 616 -30.30 -30.81 54.97
C ARG I 616 -30.51 -30.55 53.48
N GLY I 617 -31.64 -29.93 53.16
CA GLY I 617 -31.89 -29.54 51.79
C GLY I 617 -32.07 -30.74 50.87
N ILE I 618 -31.70 -30.53 49.60
CA ILE I 618 -31.88 -31.56 48.60
C ILE I 618 -31.03 -32.80 48.85
N ARG I 619 -29.96 -32.70 49.65
CA ARG I 619 -29.21 -33.89 50.03
C ARG I 619 -30.12 -34.85 50.81
N ARG I 620 -30.60 -34.41 51.97
CA ARG I 620 -31.57 -35.19 52.72
C ARG I 620 -32.76 -35.58 51.87
N GLY I 621 -33.21 -34.67 51.00
CA GLY I 621 -34.35 -34.98 50.17
C GLY I 621 -34.13 -36.17 49.25
N LEU I 622 -32.95 -36.24 48.64
CA LEU I 622 -32.63 -37.34 47.75
C LEU I 622 -32.29 -38.61 48.52
N ASP I 623 -31.91 -38.50 49.79
CA ASP I 623 -31.69 -39.70 50.58
C ASP I 623 -33.01 -40.42 50.88
N GLN I 624 -34.07 -39.66 51.16
CA GLN I 624 -35.39 -40.20 51.49
C GLN I 624 -36.39 -39.71 50.45
N PRO I 625 -36.49 -40.40 49.31
CA PRO I 625 -37.26 -39.85 48.18
C PRO I 625 -38.77 -39.77 48.40
N GLU I 626 -39.26 -40.14 49.58
CA GLU I 626 -40.70 -40.14 49.79
C GLU I 626 -41.24 -38.71 49.95
N LEU I 627 -40.47 -37.83 50.58
CA LEU I 627 -40.88 -36.44 50.69
C LEU I 627 -41.00 -35.80 49.32
N LEU I 628 -40.01 -36.04 48.46
CA LEU I 628 -40.06 -35.55 47.09
C LEU I 628 -41.26 -36.13 46.35
N ARG I 629 -41.51 -37.43 46.52
CA ARG I 629 -42.66 -38.07 45.89
C ARG I 629 -43.95 -37.37 46.26
N ALA I 630 -44.15 -37.12 47.56
CA ALA I 630 -45.39 -36.52 48.03
C ALA I 630 -45.55 -35.09 47.53
N GLU I 631 -44.47 -34.31 47.58
CA GLU I 631 -44.55 -32.92 47.13
C GLU I 631 -44.83 -32.84 45.64
N PHE I 632 -44.18 -33.68 44.84
CA PHE I 632 -44.44 -33.67 43.40
C PHE I 632 -45.84 -34.15 43.10
N LYS I 633 -46.37 -35.09 43.89
CA LYS I 633 -47.75 -35.52 43.73
C LYS I 633 -48.72 -34.36 43.95
N ALA I 634 -48.54 -33.62 45.05
CA ALA I 634 -49.42 -32.50 45.32
C ALA I 634 -49.31 -31.42 44.25
N ILE I 635 -48.09 -31.17 43.77
CA ILE I 635 -47.91 -30.14 42.74
C ILE I 635 -48.63 -30.53 41.47
N LYS I 636 -48.46 -31.78 41.01
CA LYS I 636 -49.21 -32.24 39.83
C LYS I 636 -50.71 -32.19 40.08
N LYS I 637 -51.13 -32.46 41.32
CA LYS I 637 -52.53 -32.43 41.66
C LYS I 637 -53.14 -31.06 41.41
N VAL I 638 -52.49 -30.01 41.94
CA VAL I 638 -53.00 -28.67 41.69
C VAL I 638 -52.74 -28.21 40.27
N VAL I 639 -51.79 -28.84 39.56
CA VAL I 639 -51.56 -28.44 38.18
C VAL I 639 -52.70 -28.90 37.29
N GLU I 640 -53.19 -30.12 37.48
CA GLU I 640 -54.19 -30.67 36.55
C GLU I 640 -55.55 -29.98 36.67
N LYS I 641 -55.75 -29.15 37.70
CA LYS I 641 -56.96 -28.34 37.74
C LYS I 641 -56.92 -27.19 36.73
N GLY I 642 -55.75 -26.88 36.18
CA GLY I 642 -55.66 -25.89 35.12
C GLY I 642 -54.76 -24.70 35.42
N TYR I 643 -53.92 -24.81 36.45
CA TYR I 643 -53.02 -23.74 36.84
C TYR I 643 -51.67 -23.99 36.17
N ASN I 644 -51.36 -23.21 35.14
CA ASN I 644 -50.12 -23.36 34.39
C ASN I 644 -49.11 -22.28 34.69
N ASN I 645 -49.00 -21.85 35.95
CA ASN I 645 -48.12 -20.75 36.32
C ASN I 645 -47.27 -21.09 37.53
N ILE I 646 -47.00 -22.38 37.73
CA ILE I 646 -46.22 -22.85 38.86
C ILE I 646 -44.84 -23.28 38.36
N GLY I 647 -43.86 -23.21 39.27
CA GLY I 647 -42.52 -23.67 38.99
C GLY I 647 -41.88 -24.17 40.26
N VAL I 648 -40.90 -25.05 40.09
CA VAL I 648 -40.26 -25.75 41.20
C VAL I 648 -38.82 -25.26 41.36
N MET I 649 -38.40 -25.13 42.62
CA MET I 649 -37.09 -24.59 42.97
C MET I 649 -36.40 -25.54 43.94
N LEU I 650 -35.19 -25.98 43.60
CA LEU I 650 -34.42 -26.92 44.42
C LEU I 650 -33.41 -26.16 45.26
N PRO I 651 -33.34 -26.42 46.57
CA PRO I 651 -32.38 -25.72 47.42
C PRO I 651 -31.08 -26.49 47.63
N LEU I 652 -29.99 -25.72 47.74
CA LEU I 652 -28.66 -26.22 48.14
C LEU I 652 -28.14 -27.28 47.17
N VAL I 653 -27.90 -26.85 45.93
CA VAL I 653 -27.39 -27.70 44.87
C VAL I 653 -25.91 -27.39 44.67
N SER I 654 -25.08 -28.44 44.56
CA SER I 654 -23.67 -28.23 44.24
C SER I 654 -23.08 -29.27 43.29
N HIS I 655 -23.86 -30.23 42.79
CA HIS I 655 -23.42 -31.18 41.78
C HIS I 655 -24.55 -31.35 40.77
N PRO I 656 -24.23 -31.55 39.49
CA PRO I 656 -25.30 -31.80 38.51
C PRO I 656 -26.03 -33.11 38.72
N GLU I 657 -25.38 -34.09 39.35
CA GLU I 657 -26.03 -35.36 39.62
C GLU I 657 -27.29 -35.16 40.45
N GLN I 658 -27.28 -34.18 41.36
CA GLN I 658 -28.48 -33.90 42.15
C GLN I 658 -29.63 -33.45 41.26
N ILE I 659 -29.34 -32.59 40.27
CA ILE I 659 -30.38 -32.13 39.36
C ILE I 659 -30.93 -33.29 38.54
N ARG I 660 -30.05 -34.16 38.05
CA ARG I 660 -30.55 -35.26 37.23
C ARG I 660 -31.37 -36.27 38.04
N GLU I 661 -30.94 -36.57 39.27
CA GLU I 661 -31.69 -37.50 40.10
C GLU I 661 -33.05 -36.91 40.48
N ALA I 662 -33.10 -35.60 40.75
CA ALA I 662 -34.39 -34.98 41.03
C ALA I 662 -35.31 -35.03 39.82
N LYS I 663 -34.76 -34.79 38.62
CA LYS I 663 -35.58 -34.87 37.42
C LYS I 663 -36.15 -36.27 37.23
N ARG I 664 -35.34 -37.30 37.50
CA ARG I 664 -35.82 -38.67 37.35
C ARG I 664 -36.91 -38.98 38.40
N ILE I 665 -36.65 -38.63 39.66
CA ILE I 665 -37.64 -38.87 40.70
C ILE I 665 -38.96 -38.21 40.36
N ALA I 666 -38.91 -37.00 39.80
CA ALA I 666 -40.13 -36.30 39.45
C ALA I 666 -40.82 -36.94 38.26
N ARG I 667 -40.04 -37.42 37.29
CA ARG I 667 -40.64 -38.01 36.11
C ARG I 667 -41.24 -39.38 36.37
N GLU I 668 -40.84 -40.06 37.44
CA GLU I 668 -41.45 -41.37 37.69
C GLU I 668 -42.91 -41.27 38.11
N VAL I 669 -43.31 -40.20 38.81
CA VAL I 669 -44.67 -40.12 39.34
C VAL I 669 -45.61 -39.27 38.50
N GLY I 670 -45.26 -38.98 37.25
CA GLY I 670 -46.17 -38.35 36.32
C GLY I 670 -45.86 -36.91 35.96
N LEU I 671 -45.25 -36.15 36.86
CA LEU I 671 -44.93 -34.75 36.59
C LEU I 671 -43.86 -34.65 35.51
N GLU I 672 -43.96 -33.62 34.68
CA GLU I 672 -43.07 -33.45 33.53
C GLU I 672 -42.40 -32.08 33.55
N PRO I 673 -41.09 -32.01 33.77
CA PRO I 673 -40.40 -30.72 33.73
C PRO I 673 -40.52 -30.05 32.37
N HIS I 674 -40.49 -28.72 32.38
CA HIS I 674 -40.44 -27.84 31.21
C HIS I 674 -41.69 -27.91 30.35
N LYS I 675 -42.67 -28.75 30.70
CA LYS I 675 -43.94 -28.82 29.99
C LYS I 675 -45.15 -28.75 30.90
N ASP I 676 -45.01 -29.05 32.19
CA ASP I 676 -46.05 -28.83 33.17
C ASP I 676 -45.70 -27.75 34.18
N VAL I 677 -44.40 -27.55 34.45
CA VAL I 677 -43.93 -26.58 35.42
C VAL I 677 -42.65 -25.97 34.90
N ALA I 678 -42.07 -25.08 35.69
CA ALA I 678 -40.74 -24.55 35.43
C ALA I 678 -39.73 -25.20 36.37
N TRP I 679 -38.50 -25.34 35.90
CA TRP I 679 -37.44 -26.01 36.63
C TRP I 679 -36.31 -25.02 36.88
N GLY I 680 -35.97 -24.79 38.15
CA GLY I 680 -34.92 -23.85 38.52
C GLY I 680 -34.24 -24.29 39.79
N VAL I 681 -33.20 -23.54 40.18
CA VAL I 681 -32.37 -23.90 41.32
C VAL I 681 -32.08 -22.65 42.16
N MET I 682 -31.49 -22.90 43.33
CA MET I 682 -31.02 -21.86 44.23
C MET I 682 -29.51 -21.83 44.27
N ILE I 683 -28.94 -20.63 44.40
CA ILE I 683 -27.49 -20.44 44.43
C ILE I 683 -27.13 -19.95 45.83
N GLU I 684 -26.60 -20.86 46.66
CA GLU I 684 -26.21 -20.50 48.02
C GLU I 684 -24.82 -20.99 48.41
N VAL I 685 -24.26 -22.00 47.76
CA VAL I 685 -22.90 -22.43 48.05
C VAL I 685 -21.97 -21.80 47.02
N PRO I 686 -20.76 -21.38 47.41
CA PRO I 686 -19.85 -20.78 46.43
C PRO I 686 -19.51 -21.68 45.26
N ALA I 687 -19.49 -23.00 45.47
CA ALA I 687 -19.21 -23.93 44.38
C ALA I 687 -20.21 -23.77 43.25
N ALA I 688 -21.50 -23.65 43.60
CA ALA I 688 -22.52 -23.51 42.56
C ALA I 688 -22.34 -22.22 41.78
N ALA I 689 -21.91 -21.16 42.46
CA ALA I 689 -21.64 -19.90 41.77
C ALA I 689 -20.40 -19.95 40.90
N ILE I 690 -19.46 -20.87 41.17
CA ILE I 690 -18.23 -20.90 40.40
C ILE I 690 -18.29 -21.83 39.17
N ILE I 691 -19.14 -22.85 39.19
CA ILE I 691 -19.26 -23.77 38.05
C ILE I 691 -20.65 -23.70 37.44
N ILE I 692 -21.24 -22.50 37.42
CA ILE I 692 -22.65 -22.33 37.05
C ILE I 692 -22.96 -22.89 35.67
N GLU I 693 -21.99 -22.90 34.76
CA GLU I 693 -22.26 -23.35 33.40
C GLU I 693 -22.58 -24.84 33.34
N ASP I 694 -21.90 -25.63 34.17
CA ASP I 694 -22.20 -27.06 34.23
C ASP I 694 -23.65 -27.28 34.63
N LEU I 695 -24.13 -26.54 35.62
CA LEU I 695 -25.53 -26.66 36.03
C LEU I 695 -26.47 -26.19 34.93
N ILE I 696 -26.11 -25.13 34.21
CA ILE I 696 -26.97 -24.64 33.14
C ILE I 696 -27.09 -25.67 32.02
N LYS I 697 -26.04 -26.43 31.78
CA LYS I 697 -26.09 -27.40 30.68
C LYS I 697 -26.98 -28.60 30.96
N GLU I 698 -27.68 -28.66 32.10
CA GLU I 698 -28.63 -29.71 32.37
C GLU I 698 -30.07 -29.26 32.16
N GLY I 699 -30.28 -28.14 31.46
CA GLY I 699 -31.62 -27.68 31.16
C GLY I 699 -32.41 -27.14 32.33
N ILE I 700 -32.03 -25.97 32.84
CA ILE I 700 -32.85 -25.29 33.85
C ILE I 700 -33.50 -24.08 33.21
N ASP I 701 -34.42 -23.44 33.93
CA ASP I 701 -35.12 -22.29 33.38
C ASP I 701 -34.87 -21.00 34.14
N PHE I 702 -34.60 -21.09 35.43
CA PHE I 702 -34.40 -19.89 36.24
C PHE I 702 -33.46 -20.10 37.40
N VAL I 703 -32.90 -19.02 37.92
CA VAL I 703 -31.98 -19.11 39.05
C VAL I 703 -32.29 -18.01 40.07
N SER I 704 -31.95 -18.24 41.33
CA SER I 704 -32.23 -17.26 42.38
C SER I 704 -31.10 -17.22 43.38
N PHE I 705 -30.72 -16.01 43.79
CA PHE I 705 -29.62 -15.78 44.73
C PHE I 705 -30.13 -15.78 46.17
N GLY I 706 -29.62 -16.69 46.99
CA GLY I 706 -29.80 -16.65 48.42
C GLY I 706 -28.70 -15.91 49.15
N THR I 707 -28.73 -14.57 49.14
CA THR I 707 -27.57 -13.80 49.58
C THR I 707 -27.23 -14.01 51.05
N ASN I 708 -28.21 -14.42 51.87
CA ASN I 708 -27.93 -14.73 53.27
C ASN I 708 -26.90 -15.86 53.39
N ASP I 709 -27.27 -17.03 52.87
CA ASP I 709 -26.40 -18.19 52.97
C ASP I 709 -25.10 -17.99 52.19
N LEU I 710 -25.18 -17.33 51.04
CA LEU I 710 -23.97 -17.10 50.26
C LEU I 710 -22.98 -16.22 51.01
N THR I 711 -23.45 -15.14 51.63
CA THR I 711 -22.56 -14.28 52.40
C THR I 711 -22.00 -15.02 53.61
N GLN I 712 -22.79 -15.91 54.20
CA GLN I 712 -22.29 -16.62 55.37
C GLN I 712 -21.23 -17.66 54.99
N TYR I 713 -21.45 -18.43 53.93
CA TYR I 713 -20.50 -19.45 53.53
C TYR I 713 -19.26 -18.88 52.86
N THR I 714 -19.33 -17.68 52.30
CA THR I 714 -18.18 -17.12 51.63
C THR I 714 -17.18 -16.51 52.60
N LEU I 715 -17.66 -15.88 53.67
CA LEU I 715 -16.80 -15.25 54.65
C LEU I 715 -16.47 -16.15 55.83
N ALA I 716 -16.97 -17.38 55.85
CA ALA I 716 -16.74 -18.33 56.93
C ALA I 716 -17.09 -17.72 58.28
N ILE I 717 -18.36 -17.38 58.42
CA ILE I 717 -18.83 -16.59 59.56
C ILE I 717 -20.28 -16.94 59.84
N ASP I 718 -20.61 -17.14 61.11
CA ASP I 718 -21.99 -17.30 61.54
C ASP I 718 -22.53 -15.96 62.04
N ARG I 719 -23.75 -15.65 61.63
CA ARG I 719 -24.32 -14.34 61.93
C ARG I 719 -24.98 -14.32 63.31
N ASP I 720 -25.48 -15.46 63.78
CA ASP I 720 -26.09 -15.53 65.10
C ASP I 720 -25.08 -15.41 66.23
N ASN I 721 -23.80 -15.65 65.97
CA ASN I 721 -22.77 -15.56 66.99
C ASN I 721 -22.47 -14.10 67.28
N GLU I 722 -22.53 -13.73 68.56
CA GLU I 722 -22.40 -12.34 68.98
C GLU I 722 -21.01 -11.79 68.70
N ARG I 723 -20.00 -12.64 68.78
CA ARG I 723 -18.61 -12.16 68.76
C ARG I 723 -18.10 -11.89 67.35
N VAL I 724 -18.66 -12.52 66.32
CA VAL I 724 -18.19 -12.34 64.96
C VAL I 724 -19.27 -11.81 64.01
N ALA I 725 -20.42 -11.39 64.52
CA ALA I 725 -21.45 -10.81 63.65
C ALA I 725 -21.15 -9.38 63.25
N LYS I 726 -20.08 -8.79 63.78
CA LYS I 726 -19.67 -7.45 63.38
C LYS I 726 -18.99 -7.43 62.02
N LEU I 727 -18.70 -8.58 61.43
CA LEU I 727 -18.04 -8.63 60.13
C LEU I 727 -19.00 -8.91 58.99
N TYR I 728 -20.24 -9.29 59.29
CA TYR I 728 -21.23 -9.59 58.26
C TYR I 728 -21.49 -8.36 57.39
N ASP I 729 -21.57 -8.59 56.08
CA ASP I 729 -21.81 -7.53 55.12
C ASP I 729 -22.19 -8.13 53.76
N GLU I 730 -23.35 -7.74 53.22
CA GLU I 730 -23.84 -8.33 51.98
C GLU I 730 -23.40 -7.57 50.74
N THR I 731 -22.69 -6.45 50.89
CA THR I 731 -22.07 -5.75 49.78
C THR I 731 -20.54 -5.86 49.83
N HIS I 732 -20.04 -6.99 50.30
CA HIS I 732 -18.61 -7.25 50.29
C HIS I 732 -18.16 -7.55 48.87
N PRO I 733 -16.97 -7.08 48.47
CA PRO I 733 -16.53 -7.24 47.07
C PRO I 733 -16.58 -8.66 46.52
N ALA I 734 -16.35 -9.68 47.34
CA ALA I 734 -16.28 -11.04 46.81
C ALA I 734 -17.65 -11.53 46.37
N VAL I 735 -18.68 -11.28 47.19
CA VAL I 735 -20.04 -11.66 46.83
C VAL I 735 -20.47 -10.96 45.54
N LEU I 736 -20.05 -9.70 45.38
CA LEU I 736 -20.44 -8.96 44.18
C LEU I 736 -19.73 -9.50 42.94
N LYS I 737 -18.46 -9.88 43.06
CA LYS I 737 -17.79 -10.56 41.95
C LYS I 737 -18.53 -11.83 41.55
N LEU I 738 -18.94 -12.63 42.54
CA LEU I 738 -19.64 -13.88 42.22
C LEU I 738 -20.96 -13.63 41.52
N ILE I 739 -21.74 -12.65 42.02
CA ILE I 739 -23.03 -12.32 41.43
C ILE I 739 -22.85 -11.83 40.00
N LYS I 740 -21.86 -10.98 39.76
CA LYS I 740 -21.61 -10.45 38.42
C LYS I 740 -21.28 -11.58 37.45
N HIS I 741 -20.42 -12.52 37.87
CA HIS I 741 -20.08 -13.65 37.00
C HIS I 741 -21.32 -14.46 36.63
N VAL I 742 -22.13 -14.82 37.64
CA VAL I 742 -23.31 -15.63 37.38
C VAL I 742 -24.25 -14.92 36.39
N ILE I 743 -24.55 -13.64 36.66
CA ILE I 743 -25.47 -12.90 35.81
C ILE I 743 -24.97 -12.88 34.38
N LYS I 744 -23.68 -12.57 34.19
CA LYS I 744 -23.10 -12.59 32.86
C LYS I 744 -23.38 -13.90 32.14
N VAL I 745 -23.09 -15.02 32.79
CA VAL I 745 -23.16 -16.31 32.09
C VAL I 745 -24.60 -16.66 31.71
N CYS I 746 -25.54 -16.53 32.65
CA CYS I 746 -26.88 -16.97 32.28
C CYS I 746 -27.58 -15.97 31.38
N LYS I 747 -27.20 -14.69 31.44
CA LYS I 747 -27.58 -13.77 30.37
C LYS I 747 -27.14 -14.30 29.02
N ARG I 748 -25.88 -14.72 28.91
CA ARG I 748 -25.39 -15.31 27.66
C ARG I 748 -26.20 -16.53 27.22
N TYR I 749 -26.68 -17.34 28.15
CA TYR I 749 -27.38 -18.58 27.78
C TYR I 749 -28.89 -18.45 27.72
N GLY I 750 -29.46 -17.28 27.99
CA GLY I 750 -30.91 -17.12 27.90
C GLY I 750 -31.70 -17.57 29.09
N VAL I 751 -31.12 -17.51 30.29
CA VAL I 751 -31.78 -17.93 31.52
C VAL I 751 -32.15 -16.68 32.32
N GLU I 752 -33.21 -16.80 33.11
CA GLU I 752 -33.71 -15.69 33.92
C GLU I 752 -33.11 -15.70 35.31
N THR I 753 -32.77 -14.52 35.83
CA THR I 753 -32.14 -14.36 37.13
C THR I 753 -33.05 -13.60 38.10
N SER I 754 -32.88 -13.85 39.39
CA SER I 754 -33.68 -13.19 40.41
C SER I 754 -32.90 -13.22 41.72
N ILE I 755 -33.43 -12.54 42.73
CA ILE I 755 -32.85 -12.54 44.06
C ILE I 755 -33.94 -12.45 45.12
N CYS I 756 -33.90 -13.37 46.07
CA CYS I 756 -34.73 -13.34 47.26
C CYS I 756 -33.85 -13.10 48.48
N GLY I 757 -34.47 -12.95 49.63
CA GLY I 757 -33.73 -12.78 50.87
C GLY I 757 -34.08 -11.48 51.56
N GLN I 758 -33.20 -11.10 52.49
CA GLN I 758 -33.38 -9.84 53.21
C GLN I 758 -32.72 -8.68 52.50
N ALA I 759 -31.78 -8.94 51.59
CA ALA I 759 -31.16 -7.89 50.79
C ALA I 759 -31.96 -7.55 49.54
N GLY I 760 -33.08 -8.24 49.31
CA GLY I 760 -34.02 -7.80 48.31
C GLY I 760 -34.82 -6.60 48.74
N SER I 761 -34.84 -6.30 50.04
CA SER I 761 -35.55 -5.15 50.59
C SER I 761 -34.61 -4.05 51.04
N ASP I 762 -33.53 -3.82 50.30
CA ASP I 762 -32.55 -2.79 50.60
C ASP I 762 -32.36 -1.87 49.39
N PRO I 763 -32.51 -0.55 49.55
CA PRO I 763 -32.35 0.34 48.40
C PRO I 763 -30.97 0.35 47.77
N LYS I 764 -29.91 0.25 48.56
CA LYS I 764 -28.57 0.30 48.01
C LYS I 764 -28.27 -0.94 47.16
N MET I 765 -28.62 -2.12 47.67
CA MET I 765 -28.47 -3.34 46.88
C MET I 765 -29.33 -3.29 45.64
N ALA I 766 -30.54 -2.73 45.73
CA ALA I 766 -31.40 -2.62 44.56
C ALA I 766 -30.73 -1.79 43.48
N ARG I 767 -30.08 -0.68 43.86
CA ARG I 767 -29.41 0.14 42.87
C ARG I 767 -28.23 -0.60 42.22
N ILE I 768 -27.41 -1.28 43.04
CA ILE I 768 -26.30 -2.07 42.51
C ILE I 768 -26.81 -3.10 41.50
N LEU I 769 -27.89 -3.81 41.87
CA LEU I 769 -28.36 -4.92 41.06
C LEU I 769 -29.03 -4.45 39.78
N VAL I 770 -29.71 -3.31 39.82
CA VAL I 770 -30.29 -2.78 38.59
C VAL I 770 -29.21 -2.27 37.66
N ARG I 771 -28.12 -1.70 38.21
CA ARG I 771 -27.03 -1.30 37.33
C ARG I 771 -26.30 -2.49 36.72
N LEU I 772 -26.28 -3.64 37.41
CA LEU I 772 -25.66 -4.81 36.80
C LEU I 772 -26.56 -5.49 35.76
N GLY I 773 -27.87 -5.51 35.97
CA GLY I 773 -28.75 -6.06 34.95
C GLY I 773 -29.57 -7.27 35.36
N ILE I 774 -29.97 -7.35 36.63
CA ILE I 774 -30.79 -8.46 37.07
C ILE I 774 -32.20 -8.33 36.48
N ASP I 775 -32.89 -9.46 36.39
CA ASP I 775 -34.21 -9.49 35.78
C ASP I 775 -35.35 -9.27 36.76
N SER I 776 -35.18 -9.60 38.04
CA SER I 776 -36.26 -9.44 39.01
C SER I 776 -35.68 -9.23 40.41
N ILE I 777 -36.53 -8.70 41.30
CA ILE I 777 -36.22 -8.52 42.71
C ILE I 777 -37.44 -8.94 43.52
N SER I 778 -37.21 -9.59 44.66
CA SER I 778 -38.26 -10.13 45.50
C SER I 778 -38.20 -9.46 46.88
N ALA I 779 -39.27 -8.77 47.26
CA ALA I 779 -39.29 -7.94 48.46
C ALA I 779 -40.29 -8.46 49.48
N ASN I 780 -40.12 -8.02 50.72
CA ASN I 780 -41.07 -8.35 51.78
C ASN I 780 -42.39 -7.65 51.53
N PRO I 781 -43.51 -8.22 52.00
CA PRO I 781 -44.83 -7.67 51.65
C PRO I 781 -45.04 -6.20 52.01
N ASP I 782 -44.23 -5.63 52.90
CA ASP I 782 -44.37 -4.23 53.27
C ASP I 782 -43.22 -3.37 52.79
N ALA I 783 -42.53 -3.78 51.72
CA ALA I 783 -41.45 -3.01 51.14
C ALA I 783 -41.53 -2.93 49.62
N VAL I 784 -42.69 -3.24 49.04
CA VAL I 784 -42.79 -3.33 47.59
C VAL I 784 -42.79 -1.94 46.95
N GLN I 785 -43.43 -0.97 47.61
CA GLN I 785 -43.57 0.37 47.03
C GLN I 785 -42.24 1.12 47.04
N LEU I 786 -41.49 1.01 48.13
CA LEU I 786 -40.19 1.65 48.22
C LEU I 786 -39.25 1.13 47.15
N ILE I 787 -39.19 -0.19 46.98
CA ILE I 787 -38.30 -0.77 45.99
C ILE I 787 -38.75 -0.39 44.59
N ARG I 788 -40.07 -0.32 44.37
CA ARG I 788 -40.60 0.12 43.09
C ARG I 788 -40.11 1.52 42.72
N GLN I 789 -40.18 2.46 43.67
CA GLN I 789 -39.68 3.81 43.42
C GLN I 789 -38.17 3.86 43.17
N VAL I 790 -37.39 3.14 43.98
CA VAL I 790 -35.94 3.12 43.78
C VAL I 790 -35.59 2.59 42.39
N VAL I 791 -36.27 1.54 41.94
CA VAL I 791 -35.96 0.94 40.64
C VAL I 791 -36.34 1.88 39.51
N ALA I 792 -37.49 2.55 39.62
CA ALA I 792 -37.89 3.51 38.60
C ALA I 792 -36.86 4.62 38.43
N GLN I 793 -36.39 5.19 39.56
CA GLN I 793 -35.41 6.27 39.48
C GLN I 793 -34.10 5.79 38.83
N GLU I 794 -33.62 4.60 39.22
CA GLU I 794 -32.38 4.09 38.63
C GLU I 794 -32.50 3.90 37.13
N GLU I 795 -33.64 3.39 36.66
CA GLU I 795 -33.82 3.19 35.22
C GLU I 795 -33.81 4.51 34.45
N ARG I 796 -34.51 5.53 34.97
CA ARG I 796 -34.47 6.82 34.28
C ARG I 796 -33.06 7.40 34.24
N LYS I 797 -32.29 7.23 35.32
CA LYS I 797 -30.89 7.66 35.31
C LYS I 797 -30.10 7.01 34.19
N LEU I 798 -30.22 5.68 34.06
CA LEU I 798 -29.47 4.98 33.02
C LEU I 798 -29.83 5.50 31.62
N MET I 799 -31.11 5.67 31.37
CA MET I 799 -31.54 6.16 30.05
C MET I 799 -30.98 7.56 29.76
N LEU I 800 -31.00 8.44 30.76
CA LEU I 800 -30.46 9.78 30.55
C LEU I 800 -28.97 9.74 30.24
N GLU I 801 -28.22 8.89 30.95
CA GLU I 801 -26.79 8.77 30.68
C GLU I 801 -26.51 8.34 29.25
N ALA I 802 -27.26 7.36 28.75
CA ALA I 802 -27.03 6.91 27.38
C ALA I 802 -27.38 8.00 26.36
N ALA I 803 -28.47 8.74 26.62
CA ALA I 803 -28.82 9.84 25.72
C ALA I 803 -27.73 10.90 25.67
N ARG I 804 -27.16 11.26 26.82
CA ARG I 804 -26.11 12.27 26.85
C ARG I 804 -24.86 11.79 26.13
N LYS I 805 -24.49 10.52 26.33
CA LYS I 805 -23.33 10.01 25.61
C LYS I 805 -23.54 10.04 24.11
N GLN I 806 -24.76 9.75 23.66
CA GLN I 806 -25.03 9.77 22.23
C GLN I 806 -25.01 11.19 21.67
N LEU I 807 -25.54 12.16 22.40
CA LEU I 807 -25.67 13.51 21.85
C LEU I 807 -24.34 14.24 21.81
N GLY J 506 -52.42 8.86 41.37
CA GLY J 506 -52.05 7.75 42.24
C GLY J 506 -50.57 7.44 42.20
N ALA J 507 -49.95 7.70 41.07
CA ALA J 507 -48.51 7.47 40.92
C ALA J 507 -47.78 8.80 40.96
N PRO J 508 -46.73 8.93 41.77
CA PRO J 508 -45.96 10.19 41.78
C PRO J 508 -45.18 10.40 40.49
N LEU J 509 -44.68 11.62 40.33
CA LEU J 509 -43.85 11.96 39.19
C LEU J 509 -42.41 11.56 39.47
N VAL J 510 -41.76 10.93 38.49
CA VAL J 510 -40.45 10.31 38.66
C VAL J 510 -39.46 10.91 37.69
N THR J 511 -38.35 11.42 38.22
CA THR J 511 -37.30 12.03 37.42
C THR J 511 -35.97 11.35 37.73
N GLY J 512 -35.06 11.38 36.76
CA GLY J 512 -33.73 10.84 37.01
C GLY J 512 -32.91 11.73 37.90
N THR J 513 -32.93 13.03 37.65
CA THR J 513 -32.31 14.00 38.53
C THR J 513 -33.06 14.07 39.85
N MET J 514 -32.33 14.16 40.95
CA MET J 514 -32.92 14.25 42.27
C MET J 514 -33.29 15.68 42.60
N VAL J 515 -34.49 15.86 43.14
CA VAL J 515 -34.98 17.16 43.62
C VAL J 515 -35.10 17.07 45.13
N LYS J 516 -34.34 17.88 45.84
CA LYS J 516 -34.34 17.91 47.30
C LYS J 516 -34.92 19.22 47.80
N VAL J 517 -34.87 19.44 49.12
CA VAL J 517 -35.53 20.57 49.76
C VAL J 517 -34.58 21.22 50.76
N ASN J 518 -34.78 22.50 51.00
CA ASN J 518 -33.90 23.30 51.85
C ASN J 518 -34.58 23.56 53.19
N VAL J 519 -34.07 22.94 54.26
CA VAL J 519 -34.67 23.01 55.58
C VAL J 519 -33.93 24.08 56.38
N SER J 520 -34.68 25.00 56.98
CA SER J 520 -34.08 26.12 57.70
C SER J 520 -34.03 25.89 59.21
N MET J 521 -35.12 25.42 59.80
CA MET J 521 -35.23 25.16 61.22
C MET J 521 -35.70 23.73 61.43
N PRO J 522 -35.52 23.18 62.62
CA PRO J 522 -36.00 21.81 62.88
C PRO J 522 -37.50 21.72 63.13
N GLU J 523 -38.21 22.86 63.03
CA GLU J 523 -39.65 22.85 63.24
C GLU J 523 -40.44 22.75 61.95
N VAL J 524 -39.93 23.30 60.85
CA VAL J 524 -40.51 23.05 59.54
C VAL J 524 -39.82 21.84 58.92
N ALA J 525 -40.25 20.65 59.33
CA ALA J 525 -39.67 19.41 58.84
C ALA J 525 -40.71 18.38 58.42
N GLU J 526 -41.96 18.51 58.87
CA GLU J 526 -43.02 17.65 58.40
C GLU J 526 -43.67 18.21 57.14
N ARG J 527 -43.88 19.53 57.12
CA ARG J 527 -44.36 20.17 55.88
C ARG J 527 -43.34 20.01 54.76
N ALA J 528 -42.07 19.79 55.09
CA ALA J 528 -41.06 19.59 54.07
C ALA J 528 -41.00 18.13 53.64
N ALA J 529 -41.15 17.20 54.59
CA ALA J 529 -41.18 15.79 54.24
C ALA J 529 -42.47 15.41 53.52
N ALA J 530 -43.49 16.27 53.56
CA ALA J 530 -44.73 16.00 52.87
C ALA J 530 -44.76 16.54 51.45
N THR J 531 -43.62 17.02 50.93
CA THR J 531 -43.58 17.57 49.58
C THR J 531 -43.18 16.55 48.54
N GLY J 532 -42.66 15.40 48.96
CA GLY J 532 -42.18 14.42 48.02
C GLY J 532 -40.73 14.59 47.59
N ALA J 533 -39.92 15.25 48.41
CA ALA J 533 -38.52 15.48 48.07
C ALA J 533 -37.72 14.18 48.24
N ASP J 534 -36.52 14.17 47.66
CA ASP J 534 -35.65 13.00 47.69
C ASP J 534 -34.65 13.06 48.83
N GLY J 535 -34.73 14.08 49.67
CA GLY J 535 -33.81 14.23 50.78
C GLY J 535 -33.74 15.69 51.18
N VAL J 536 -32.87 15.97 52.15
CA VAL J 536 -32.56 17.33 52.54
C VAL J 536 -31.24 17.73 51.88
N GLY J 537 -31.20 18.93 51.33
CA GLY J 537 -30.02 19.37 50.62
C GLY J 537 -29.16 20.29 51.44
N LEU J 538 -29.78 20.99 52.39
CA LEU J 538 -29.04 21.90 53.27
C LEU J 538 -29.86 22.15 54.52
N LEU J 539 -29.34 21.72 55.67
CA LEU J 539 -29.92 22.04 56.96
C LEU J 539 -28.95 22.94 57.72
N ARG J 540 -29.34 24.18 57.95
CA ARG J 540 -28.47 25.15 58.59
C ARG J 540 -28.52 25.04 60.10
N ALA J 541 -27.43 25.45 60.74
CA ALA J 541 -27.27 25.35 62.18
C ALA J 541 -27.31 26.71 62.88
N GLU J 542 -27.42 27.81 62.15
CA GLU J 542 -27.43 29.14 62.74
C GLU J 542 -28.50 29.25 63.82
N HIS J 543 -29.71 28.79 63.52
CA HIS J 543 -30.80 28.88 64.49
C HIS J 543 -30.54 28.01 65.71
N MET J 544 -30.21 26.74 65.49
CA MET J 544 -30.05 25.80 66.59
C MET J 544 -28.92 26.18 67.53
N ILE J 545 -27.98 27.00 67.06
CA ILE J 545 -26.88 27.41 67.93
C ILE J 545 -27.09 28.78 68.55
N LEU J 546 -27.53 29.76 67.76
CA LEU J 546 -27.76 31.10 68.26
C LEU J 546 -29.12 31.27 68.93
N SER J 547 -29.73 30.20 69.39
CA SER J 547 -31.03 30.27 70.04
C SER J 547 -30.95 30.33 71.57
N ILE J 548 -29.75 30.20 72.14
CA ILE J 548 -29.60 30.14 73.59
C ILE J 548 -29.38 31.53 74.16
N GLY J 549 -29.57 32.56 73.33
CA GLY J 549 -29.43 33.94 73.77
C GLY J 549 -28.11 34.27 74.44
N GLN J 550 -27.01 33.70 73.94
CA GLN J 550 -25.72 33.84 74.58
C GLN J 550 -24.62 33.57 73.56
N HIS J 551 -23.48 34.21 73.74
CA HIS J 551 -22.32 33.95 72.90
C HIS J 551 -21.81 32.53 73.17
N PRO J 552 -21.73 31.67 72.15
CA PRO J 552 -21.32 30.28 72.40
C PRO J 552 -19.93 30.16 73.02
N ILE J 553 -18.97 30.97 72.60
CA ILE J 553 -17.64 30.94 73.22
C ILE J 553 -17.75 31.33 74.69
N LYS J 554 -18.57 32.34 74.99
CA LYS J 554 -18.87 32.68 76.38
C LYS J 554 -19.64 31.55 77.06
N PHE J 555 -20.52 30.88 76.32
CA PHE J 555 -21.33 29.82 76.89
C PHE J 555 -20.49 28.64 77.35
N ILE J 556 -19.36 28.40 76.68
CA ILE J 556 -18.55 27.24 77.03
C ILE J 556 -17.44 27.58 78.02
N LYS J 557 -17.07 28.86 78.07
CA LYS J 557 -16.09 29.29 79.05
C LYS J 557 -16.81 29.21 80.37
N GLU J 558 -18.03 29.72 80.42
CA GLU J 558 -18.83 29.59 81.63
C GLU J 558 -18.85 28.13 81.94
N GLY J 559 -19.00 27.30 80.92
CA GLY J 559 -18.94 25.86 81.12
C GLY J 559 -20.22 25.08 81.03
N LYS J 560 -21.05 25.33 80.02
CA LYS J 560 -22.23 24.50 79.90
C LYS J 560 -22.18 23.81 78.55
N GLU J 561 -21.28 22.85 78.40
CA GLU J 561 -21.11 22.20 77.10
C GLU J 561 -22.18 21.16 76.82
N GLU J 562 -22.50 20.32 77.80
CA GLU J 562 -23.37 19.18 77.55
C GLU J 562 -24.79 19.62 77.21
N GLU J 563 -25.24 20.73 77.79
CA GLU J 563 -26.57 21.24 77.48
C GLU J 563 -26.70 21.59 75.99
N LEU J 564 -25.77 22.40 75.49
CA LEU J 564 -25.75 22.75 74.07
C LEU J 564 -25.61 21.52 73.20
N VAL J 565 -24.74 20.58 73.61
CA VAL J 565 -24.54 19.36 72.83
C VAL J 565 -25.84 18.60 72.68
N GLU J 566 -26.51 18.30 73.80
CA GLU J 566 -27.71 17.48 73.72
C GLU J 566 -28.87 18.23 73.06
N LYS J 567 -28.90 19.56 73.16
CA LYS J 567 -29.91 20.32 72.44
C LYS J 567 -29.71 20.18 70.93
N LEU J 568 -28.48 20.38 70.46
CA LEU J 568 -28.18 20.11 69.06
C LEU J 568 -28.57 18.68 68.67
N ALA J 569 -28.32 17.73 69.58
CA ALA J 569 -28.59 16.34 69.28
C ALA J 569 -30.06 16.10 68.99
N GLU J 570 -30.94 16.62 69.85
CA GLU J 570 -32.37 16.40 69.60
C GLU J 570 -32.83 17.19 68.38
N GLY J 571 -32.32 18.41 68.20
CA GLY J 571 -32.67 19.17 67.00
C GLY J 571 -32.33 18.44 65.71
N ILE J 572 -31.18 17.77 65.68
CA ILE J 572 -30.76 17.03 64.49
C ILE J 572 -31.54 15.74 64.33
N GLU J 573 -31.79 15.03 65.43
CA GLU J 573 -32.48 13.74 65.34
C GLU J 573 -33.91 13.91 64.86
N LYS J 574 -34.55 15.02 65.23
CA LYS J 574 -35.90 15.29 64.72
C LYS J 574 -35.93 15.26 63.19
N VAL J 575 -35.06 16.04 62.56
CA VAL J 575 -35.00 16.10 61.11
C VAL J 575 -34.55 14.77 60.52
N ALA J 576 -33.56 14.14 61.14
CA ALA J 576 -33.06 12.88 60.61
C ALA J 576 -34.12 11.79 60.62
N ALA J 577 -35.04 11.83 61.58
CA ALA J 577 -36.07 10.81 61.67
C ALA J 577 -37.33 11.15 60.89
N ALA J 578 -37.48 12.40 60.47
CA ALA J 578 -38.60 12.74 59.59
C ALA J 578 -38.30 12.23 58.18
N PHE J 579 -37.02 12.23 57.80
CA PHE J 579 -36.64 11.70 56.49
C PHE J 579 -35.55 10.65 56.68
N TYR J 580 -35.92 9.48 57.17
CA TYR J 580 -34.94 8.41 57.43
C TYR J 580 -34.37 7.71 56.20
N PRO J 581 -35.21 6.94 55.48
CA PRO J 581 -34.51 6.29 54.35
C PRO J 581 -33.76 7.31 53.48
N ARG J 582 -34.14 8.58 53.52
CA ARG J 582 -33.52 9.59 52.67
C ARG J 582 -32.36 10.32 53.31
N PRO J 583 -31.36 10.71 52.51
CA PRO J 583 -30.19 11.44 53.01
C PRO J 583 -30.54 12.83 53.52
N VAL J 584 -29.73 13.30 54.47
CA VAL J 584 -29.81 14.66 55.01
C VAL J 584 -28.40 15.21 55.13
N TRP J 585 -28.19 16.44 54.68
CA TRP J 585 -26.87 17.06 54.67
C TRP J 585 -26.88 18.29 55.59
N TYR J 586 -25.88 18.38 56.45
CA TYR J 586 -25.81 19.37 57.52
C TYR J 586 -24.54 20.18 57.40
N ARG J 587 -24.67 21.52 57.45
CA ARG J 587 -23.56 22.43 57.24
C ARG J 587 -23.17 23.11 58.55
N THR J 588 -21.89 23.03 58.91
CA THR J 588 -21.42 23.60 60.17
C THR J 588 -21.57 25.11 60.18
N LEU J 589 -21.41 25.68 61.37
CA LEU J 589 -21.78 27.08 61.63
C LEU J 589 -21.05 28.03 60.69
N ASP J 590 -21.78 29.05 60.22
CA ASP J 590 -21.22 30.03 59.30
C ASP J 590 -22.02 31.32 59.43
N ALA J 591 -21.41 32.34 60.02
CA ALA J 591 -22.05 33.65 60.18
C ALA J 591 -20.97 34.69 60.30
N PRO J 592 -21.23 35.92 59.85
CA PRO J 592 -20.20 36.97 59.93
C PRO J 592 -19.90 37.39 61.35
N THR J 593 -18.98 38.33 61.53
CA THR J 593 -18.61 38.79 62.86
C THR J 593 -19.62 39.77 63.44
N ASN J 594 -20.34 40.52 62.59
CA ASN J 594 -21.39 41.40 63.07
C ASN J 594 -22.69 40.66 63.36
N GLU J 595 -22.62 39.35 63.50
CA GLU J 595 -23.73 38.54 64.01
C GLU J 595 -23.48 38.05 65.42
N PHE J 596 -22.21 37.92 65.82
CA PHE J 596 -21.87 37.58 67.19
C PHE J 596 -21.81 38.81 68.08
N ARG J 597 -21.74 40.00 67.49
CA ARG J 597 -21.65 41.23 68.26
C ARG J 597 -22.96 41.58 68.96
N GLU J 598 -24.08 41.04 68.49
CA GLU J 598 -25.40 41.48 68.92
C GLU J 598 -26.03 40.52 69.93
N MET J 599 -25.22 39.73 70.60
CA MET J 599 -25.69 38.78 71.58
C MET J 599 -25.14 39.09 72.97
N PRO J 600 -25.83 38.64 74.03
CA PRO J 600 -25.23 38.86 75.36
C PRO J 600 -23.86 38.19 75.45
N GLY J 601 -22.81 38.98 75.64
CA GLY J 601 -21.47 38.44 75.69
C GLY J 601 -20.68 38.89 74.48
N GLY J 602 -21.37 39.50 73.52
CA GLY J 602 -20.72 39.98 72.33
C GLY J 602 -20.32 41.43 72.50
N GLU J 603 -19.23 41.66 73.23
CA GLU J 603 -18.77 43.03 73.47
C GLU J 603 -17.37 43.17 72.92
N ASP J 604 -16.64 42.06 72.86
CA ASP J 604 -15.31 42.09 72.30
C ASP J 604 -15.44 41.79 70.83
N GLU J 605 -15.31 42.80 69.98
CA GLU J 605 -15.46 42.59 68.54
C GLU J 605 -14.47 43.44 67.74
N PRO J 606 -14.39 43.21 66.42
CA PRO J 606 -13.40 43.94 65.63
C PRO J 606 -13.97 45.08 64.81
N GLU J 607 -15.30 45.14 64.65
CA GLU J 607 -15.89 46.15 63.80
C GLU J 607 -15.09 46.30 62.51
N GLU J 608 -14.97 45.21 61.75
CA GLU J 608 -14.17 45.24 60.53
C GLU J 608 -14.77 46.11 59.45
N ARG J 609 -13.99 46.40 58.42
CA ARG J 609 -14.49 47.22 57.32
C ARG J 609 -15.06 46.35 56.19
N ASN J 610 -14.72 45.05 56.19
CA ASN J 610 -15.27 44.14 55.19
C ASN J 610 -15.59 42.77 55.77
N PRO J 611 -16.76 42.60 56.40
CA PRO J 611 -17.06 41.32 57.05
C PRO J 611 -17.32 40.19 56.06
N MET J 612 -17.45 40.47 54.77
CA MET J 612 -17.62 39.42 53.77
C MET J 612 -16.32 38.72 53.44
N LEU J 613 -15.18 39.40 53.57
CA LEU J 613 -13.88 38.85 53.28
C LEU J 613 -13.07 38.66 54.56
N GLY J 614 -13.75 38.34 55.66
CA GLY J 614 -13.09 38.33 56.94
C GLY J 614 -13.04 36.98 57.64
N TRP J 615 -13.13 37.01 58.97
CA TRP J 615 -12.93 35.86 59.83
C TRP J 615 -14.28 35.18 60.05
N ARG J 616 -14.56 34.16 59.25
CA ARG J 616 -15.83 33.46 59.32
C ARG J 616 -15.66 32.07 58.74
N GLY J 617 -16.71 31.26 58.87
CA GLY J 617 -16.69 29.94 58.29
C GLY J 617 -15.66 29.02 58.94
N ILE J 618 -15.16 28.09 58.12
CA ILE J 618 -14.23 27.09 58.64
C ILE J 618 -12.91 27.69 59.09
N ARG J 619 -12.56 28.90 58.64
CA ARG J 619 -11.37 29.57 59.17
C ARG J 619 -11.53 29.80 60.68
N ARG J 620 -12.53 30.61 61.05
CA ARG J 620 -12.85 30.80 62.45
C ARG J 620 -13.06 29.48 63.16
N GLY J 621 -13.70 28.52 62.49
CA GLY J 621 -13.94 27.24 63.12
C GLY J 621 -12.67 26.52 63.52
N LEU J 622 -11.67 26.53 62.65
CA LEU J 622 -10.40 25.88 62.94
C LEU J 622 -9.55 26.69 63.91
N ASP J 623 -9.80 27.99 64.02
CA ASP J 623 -9.09 28.77 65.03
C ASP J 623 -9.52 28.39 66.44
N GLN J 624 -10.82 28.16 66.64
CA GLN J 624 -11.39 27.80 67.95
C GLN J 624 -12.03 26.43 67.85
N PRO J 625 -11.25 25.37 68.01
CA PRO J 625 -11.75 24.02 67.70
C PRO J 625 -12.84 23.50 68.63
N GLU J 626 -13.28 24.30 69.60
CA GLU J 626 -14.27 23.80 70.55
C GLU J 626 -15.66 23.71 69.91
N LEU J 627 -15.99 24.65 69.03
CA LEU J 627 -17.26 24.58 68.31
C LEU J 627 -17.33 23.33 67.46
N LEU J 628 -16.25 23.04 66.73
CA LEU J 628 -16.17 21.81 65.95
C LEU J 628 -16.29 20.59 66.83
N ARG J 629 -15.60 20.59 67.97
CA ARG J 629 -15.68 19.48 68.92
C ARG J 629 -17.12 19.21 69.33
N ALA J 630 -17.84 20.27 69.71
CA ALA J 630 -19.21 20.10 70.20
C ALA J 630 -20.14 19.61 69.10
N GLU J 631 -20.01 20.19 67.90
CA GLU J 631 -20.89 19.78 66.80
C GLU J 631 -20.63 18.33 66.40
N PHE J 632 -19.37 17.92 66.33
CA PHE J 632 -19.07 16.53 65.99
C PHE J 632 -19.53 15.59 67.09
N LYS J 633 -19.47 16.02 68.35
CA LYS J 633 -20.00 15.22 69.45
C LYS J 633 -21.50 14.98 69.28
N ALA J 634 -22.26 16.05 69.02
CA ALA J 634 -23.70 15.89 68.84
C ALA J 634 -24.02 15.02 67.63
N ILE J 635 -23.26 15.17 66.54
CA ILE J 635 -23.53 14.38 65.34
C ILE J 635 -23.30 12.90 65.64
N LYS J 636 -22.17 12.56 66.27
CA LYS J 636 -21.95 11.17 66.64
C LYS J 636 -23.01 10.67 67.60
N LYS J 637 -23.50 11.55 68.48
CA LYS J 637 -24.53 11.19 69.43
C LYS J 637 -25.79 10.72 68.73
N VAL J 638 -26.28 11.51 67.76
CA VAL J 638 -27.46 11.07 67.03
C VAL J 638 -27.15 9.95 66.05
N VAL J 639 -25.87 9.77 65.68
CA VAL J 639 -25.56 8.67 64.79
C VAL J 639 -25.67 7.33 65.50
N GLU J 640 -25.19 7.24 66.74
CA GLU J 640 -25.14 5.95 67.42
C GLU J 640 -26.53 5.42 67.79
N LYS J 641 -27.57 6.24 67.67
CA LYS J 641 -28.92 5.72 67.84
C LYS J 641 -29.36 4.87 66.65
N GLY J 642 -28.66 4.95 65.53
CA GLY J 642 -28.94 4.08 64.40
C GLY J 642 -29.29 4.79 63.11
N TYR J 643 -29.02 6.10 63.03
CA TYR J 643 -29.32 6.89 61.84
C TYR J 643 -28.07 6.93 60.97
N ASN J 644 -28.08 6.18 59.87
CA ASN J 644 -26.93 6.11 58.98
C ASN J 644 -27.15 6.88 57.68
N ASN J 645 -27.78 8.04 57.74
CA ASN J 645 -28.11 8.81 56.55
C ASN J 645 -27.72 10.26 56.70
N ILE J 646 -26.72 10.55 57.52
CA ILE J 646 -26.26 11.90 57.77
C ILE J 646 -24.92 12.11 57.07
N GLY J 647 -24.65 13.37 56.73
CA GLY J 647 -23.38 13.74 56.16
C GLY J 647 -23.03 15.17 56.55
N VAL J 648 -21.74 15.46 56.53
CA VAL J 648 -21.20 16.73 57.02
C VAL J 648 -20.69 17.55 55.85
N MET J 649 -20.92 18.86 55.94
CA MET J 649 -20.57 19.81 54.87
C MET J 649 -19.79 20.97 55.47
N LEU J 650 -18.60 21.23 54.93
CA LEU J 650 -17.72 22.30 55.42
C LEU J 650 -17.87 23.54 54.55
N PRO J 651 -18.08 24.72 55.14
CA PRO J 651 -18.24 25.94 54.35
C PRO J 651 -16.94 26.72 54.18
N LEU J 652 -16.82 27.35 53.01
CA LEU J 652 -15.75 28.32 52.69
C LEU J 652 -14.36 27.69 52.80
N VAL J 653 -14.10 26.72 51.93
CA VAL J 653 -12.84 26.01 51.86
C VAL J 653 -12.04 26.54 50.67
N SER J 654 -10.75 26.82 50.88
CA SER J 654 -9.89 27.20 49.77
C SER J 654 -8.48 26.63 49.82
N HIS J 655 -8.14 25.80 50.81
CA HIS J 655 -6.87 25.10 50.88
C HIS J 655 -7.14 23.68 51.34
N PRO J 656 -6.38 22.69 50.86
CA PRO J 656 -6.56 21.32 51.35
C PRO J 656 -6.18 21.13 52.80
N GLU J 657 -5.29 21.98 53.33
CA GLU J 657 -4.91 21.88 54.73
C GLU J 657 -6.13 22.02 55.63
N GLN J 658 -7.10 22.84 55.24
CA GLN J 658 -8.32 22.97 56.03
C GLN J 658 -9.08 21.65 56.10
N ILE J 659 -9.17 20.94 54.97
CA ILE J 659 -9.85 19.66 54.96
C ILE J 659 -9.13 18.66 55.84
N ARG J 660 -7.80 18.62 55.77
CA ARG J 660 -7.08 17.63 56.58
C ARG J 660 -7.17 17.95 58.08
N GLU J 661 -7.08 19.22 58.45
CA GLU J 661 -7.19 19.58 59.86
C GLU J 661 -8.59 19.29 60.40
N ALA J 662 -9.62 19.52 59.58
CA ALA J 662 -10.97 19.17 60.01
C ALA J 662 -11.12 17.67 60.20
N LYS J 663 -10.55 16.88 59.28
CA LYS J 663 -10.63 15.43 59.42
C LYS J 663 -9.95 14.97 60.71
N ARG J 664 -8.80 15.57 61.05
CA ARG J 664 -8.11 15.19 62.27
C ARG J 664 -8.93 15.58 63.51
N ILE J 665 -9.42 16.83 63.54
CA ILE J 665 -10.22 17.27 64.67
C ILE J 665 -11.42 16.36 64.88
N ALA J 666 -12.05 15.91 63.79
CA ALA J 666 -13.20 15.04 63.91
C ALA J 666 -12.80 13.65 64.38
N ARG J 667 -11.65 13.16 63.91
CA ARG J 667 -11.23 11.82 64.30
C ARG J 667 -10.75 11.74 65.73
N GLU J 668 -10.37 12.86 66.34
CA GLU J 668 -9.93 12.77 67.74
C GLU J 668 -11.07 12.45 68.70
N VAL J 669 -12.30 12.89 68.42
CA VAL J 669 -13.39 12.72 69.36
C VAL J 669 -14.31 11.55 69.03
N GLY J 670 -13.88 10.62 68.19
CA GLY J 670 -14.60 9.38 67.97
C GLY J 670 -15.28 9.24 66.64
N LEU J 671 -15.72 10.34 66.02
CA LEU J 671 -16.41 10.28 64.74
C LEU J 671 -15.43 9.84 63.64
N GLU J 672 -15.94 9.08 62.68
CA GLU J 672 -15.12 8.49 61.62
C GLU J 672 -15.65 8.85 60.25
N PRO J 673 -14.94 9.66 59.47
CA PRO J 673 -15.39 9.98 58.12
C PRO J 673 -15.49 8.74 57.24
N HIS J 674 -16.40 8.79 56.27
CA HIS J 674 -16.60 7.81 55.21
C HIS J 674 -17.07 6.45 55.73
N LYS J 675 -17.22 6.28 57.04
CA LYS J 675 -17.74 5.05 57.62
C LYS J 675 -18.86 5.28 58.62
N ASP J 676 -18.99 6.48 59.19
CA ASP J 676 -20.13 6.85 60.00
C ASP J 676 -20.99 7.93 59.36
N VAL J 677 -20.39 8.78 58.52
CA VAL J 677 -21.08 9.89 57.87
C VAL J 677 -20.51 10.04 56.47
N ALA J 678 -21.02 11.04 55.76
CA ALA J 678 -20.46 11.44 54.48
C ALA J 678 -19.67 12.74 54.66
N TRP J 679 -18.63 12.90 53.84
CA TRP J 679 -17.73 14.03 53.93
C TRP J 679 -17.78 14.80 52.62
N GLY J 680 -18.14 16.09 52.69
CA GLY J 680 -18.25 16.93 51.51
C GLY J 680 -17.93 18.36 51.84
N VAL J 681 -17.91 19.21 50.80
CA VAL J 681 -17.50 20.60 50.94
C VAL J 681 -18.46 21.51 50.17
N MET J 682 -18.30 22.81 50.38
CA MET J 682 -19.02 23.85 49.66
C MET J 682 -18.09 24.60 48.73
N ILE J 683 -18.60 25.00 47.57
CA ILE J 683 -17.82 25.72 46.57
C ILE J 683 -18.39 27.13 46.47
N GLU J 684 -17.69 28.10 47.09
CA GLU J 684 -18.13 29.49 47.07
C GLU J 684 -17.04 30.48 46.70
N VAL J 685 -15.76 30.15 46.86
CA VAL J 685 -14.69 31.04 46.44
C VAL J 685 -14.21 30.59 45.07
N PRO J 686 -13.85 31.51 44.17
CA PRO J 686 -13.36 31.09 42.85
C PRO J 686 -12.14 30.20 42.89
N ALA J 687 -11.27 30.37 43.90
CA ALA J 687 -10.09 29.52 44.02
C ALA J 687 -10.47 28.06 44.13
N ALA J 688 -11.49 27.76 44.95
CA ALA J 688 -11.90 26.36 45.11
C ALA J 688 -12.43 25.79 43.81
N ALA J 689 -13.12 26.60 43.02
CA ALA J 689 -13.60 26.15 41.72
C ALA J 689 -12.48 25.98 40.70
N ILE J 690 -11.33 26.63 40.88
CA ILE J 690 -10.27 26.54 39.89
C ILE J 690 -9.26 25.42 40.17
N ILE J 691 -9.10 25.00 41.43
CA ILE J 691 -8.16 23.93 41.77
C ILE J 691 -8.90 22.74 42.35
N ILE J 692 -10.11 22.46 41.85
CA ILE J 692 -11.00 21.48 42.45
C ILE J 692 -10.35 20.10 42.57
N GLU J 693 -9.43 19.76 41.67
CA GLU J 693 -8.85 18.42 41.69
C GLU J 693 -8.00 18.20 42.93
N ASP J 694 -7.27 19.23 43.38
CA ASP J 694 -6.50 19.11 44.60
C ASP J 694 -7.39 18.77 45.78
N LEU J 695 -8.54 19.43 45.88
CA LEU J 695 -9.49 19.12 46.96
C LEU J 695 -10.05 17.72 46.82
N ILE J 696 -10.32 17.28 45.59
CA ILE J 696 -10.87 15.94 45.39
C ILE J 696 -9.86 14.88 45.82
N LYS J 697 -8.58 15.15 45.65
CA LYS J 697 -7.57 14.14 46.00
C LYS J 697 -7.40 13.94 47.50
N GLU J 698 -8.18 14.61 48.34
CA GLU J 698 -8.14 14.38 49.78
C GLU J 698 -9.31 13.52 50.25
N GLY J 699 -9.99 12.82 49.34
CA GLY J 699 -11.07 11.93 49.72
C GLY J 699 -12.33 12.60 50.21
N ILE J 700 -13.07 13.25 49.32
CA ILE J 700 -14.40 13.76 49.67
C ILE J 700 -15.45 12.92 48.97
N ASP J 701 -16.72 13.14 49.32
CA ASP J 701 -17.78 12.34 48.75
C ASP J 701 -18.77 13.16 47.92
N PHE J 702 -18.95 14.42 48.27
CA PHE J 702 -19.93 15.24 47.57
C PHE J 702 -19.56 16.71 47.54
N VAL J 703 -20.13 17.46 46.60
CA VAL J 703 -19.86 18.89 46.49
C VAL J 703 -21.15 19.66 46.25
N SER J 704 -21.19 20.92 46.64
CA SER J 704 -22.39 21.73 46.47
C SER J 704 -22.02 23.15 46.09
N PHE J 705 -22.77 23.72 45.13
CA PHE J 705 -22.53 25.07 44.62
C PHE J 705 -23.33 26.09 45.42
N GLY J 706 -22.63 27.04 46.05
CA GLY J 706 -23.24 28.21 46.62
C GLY J 706 -23.30 29.39 45.67
N THR J 707 -24.24 29.40 44.73
CA THR J 707 -24.19 30.35 43.62
C THR J 707 -24.30 31.80 44.07
N ASN J 708 -24.91 32.05 45.23
CA ASN J 708 -24.98 33.41 45.77
C ASN J 708 -23.57 33.98 46.00
N ASP J 709 -22.82 33.32 46.88
CA ASP J 709 -21.49 33.80 47.21
C ASP J 709 -20.55 33.73 46.02
N LEU J 710 -20.68 32.70 45.20
CA LEU J 710 -19.81 32.58 44.03
C LEU J 710 -20.04 33.74 43.05
N THR J 711 -21.30 34.07 42.78
CA THR J 711 -21.58 35.19 41.89
C THR J 711 -21.10 36.50 42.50
N GLN J 712 -21.17 36.64 43.81
CA GLN J 712 -20.74 37.89 44.42
C GLN J 712 -19.21 38.03 44.39
N TYR J 713 -18.48 36.98 44.71
CA TYR J 713 -17.03 37.06 44.73
C TYR J 713 -16.41 37.07 43.34
N THR J 714 -17.12 36.57 42.33
CA THR J 714 -16.55 36.52 41.00
C THR J 714 -16.66 37.87 40.28
N LEU J 715 -17.75 38.59 40.50
CA LEU J 715 -17.96 39.89 39.85
C LEU J 715 -17.51 41.06 40.70
N ALA J 716 -16.98 40.81 41.89
CA ALA J 716 -16.52 41.85 42.80
C ALA J 716 -17.61 42.89 43.04
N ILE J 717 -18.71 42.42 43.62
CA ILE J 717 -19.93 43.22 43.73
C ILE J 717 -20.70 42.77 44.96
N ASP J 718 -21.19 43.73 45.73
CA ASP J 718 -22.10 43.46 46.84
C ASP J 718 -23.54 43.67 46.37
N ARG J 719 -24.40 42.73 46.75
CA ARG J 719 -25.78 42.75 46.27
C ARG J 719 -26.66 43.65 47.12
N ASP J 720 -26.34 43.81 48.41
CA ASP J 720 -27.12 44.68 49.27
C ASP J 720 -26.93 46.16 48.96
N ASN J 721 -25.85 46.53 48.27
CA ASN J 721 -25.60 47.91 47.93
C ASN J 721 -26.51 48.34 46.80
N GLU J 722 -27.23 49.45 47.01
CA GLU J 722 -28.26 49.90 46.08
C GLU J 722 -27.66 50.33 44.74
N ARG J 723 -26.45 50.86 44.76
CA ARG J 723 -25.89 51.51 43.57
C ARG J 723 -25.29 50.51 42.58
N VAL J 724 -24.87 49.33 43.03
CA VAL J 724 -24.25 48.36 42.14
C VAL J 724 -25.00 47.02 42.09
N ALA J 725 -26.20 46.93 42.66
CA ALA J 725 -26.96 45.69 42.58
C ALA J 725 -27.64 45.51 41.23
N LYS J 726 -27.54 46.50 40.35
CA LYS J 726 -28.09 46.36 39.00
C LYS J 726 -27.23 45.49 38.10
N LEU J 727 -26.05 45.08 38.54
CA LEU J 727 -25.17 44.25 37.74
C LEU J 727 -25.21 42.78 38.13
N TYR J 728 -25.83 42.46 39.26
CA TYR J 728 -25.92 41.08 39.73
C TYR J 728 -26.66 40.21 38.71
N ASP J 729 -26.12 39.01 38.47
CA ASP J 729 -26.70 38.07 37.52
C ASP J 729 -26.08 36.69 37.72
N GLU J 730 -26.91 35.67 37.97
CA GLU J 730 -26.41 34.33 38.26
C GLU J 730 -26.25 33.46 37.02
N THR J 731 -26.62 33.95 35.84
CA THR J 731 -26.35 33.28 34.58
C THR J 731 -25.33 34.05 33.75
N HIS J 732 -24.37 34.68 34.41
CA HIS J 732 -23.27 35.35 33.72
C HIS J 732 -22.30 34.30 33.18
N PRO J 733 -21.75 34.52 31.99
CA PRO J 733 -20.90 33.49 31.35
C PRO J 733 -19.75 32.95 32.21
N ALA J 734 -19.17 33.77 33.09
CA ALA J 734 -18.00 33.31 33.84
C ALA J 734 -18.39 32.26 34.87
N VAL J 735 -19.49 32.50 35.59
CA VAL J 735 -19.98 31.53 36.57
C VAL J 735 -20.31 30.21 35.89
N LEU J 736 -20.87 30.28 34.68
CA LEU J 736 -21.25 29.06 33.96
C LEU J 736 -20.02 28.29 33.50
N LYS J 737 -18.98 28.99 33.04
CA LYS J 737 -17.71 28.32 32.75
C LYS J 737 -17.17 27.59 33.97
N LEU J 738 -17.19 28.25 35.13
CA LEU J 738 -16.67 27.62 36.34
C LEU J 738 -17.46 26.38 36.72
N ILE J 739 -18.80 26.48 36.66
CA ILE J 739 -19.66 25.35 37.01
C ILE J 739 -19.41 24.18 36.06
N LYS J 740 -19.30 24.46 34.77
CA LYS J 740 -19.06 23.40 33.79
C LYS J 740 -17.75 22.68 34.06
N HIS J 741 -16.69 23.44 34.35
CA HIS J 741 -15.40 22.82 34.65
C HIS J 741 -15.51 21.89 35.86
N VAL J 742 -16.10 22.39 36.95
CA VAL J 742 -16.20 21.58 38.16
C VAL J 742 -16.97 20.28 37.89
N ILE J 743 -18.14 20.40 37.26
CA ILE J 743 -18.97 19.23 36.99
C ILE J 743 -18.20 18.21 36.17
N LYS J 744 -17.52 18.66 35.11
CA LYS J 744 -16.71 17.76 34.31
C LYS J 744 -15.73 16.97 35.17
N VAL J 745 -14.99 17.66 36.03
CA VAL J 745 -13.90 16.98 36.75
C VAL J 745 -14.45 15.96 37.75
N CYS J 746 -15.45 16.34 38.55
CA CYS J 746 -15.87 15.37 39.55
C CYS J 746 -16.72 14.27 38.95
N LYS J 747 -17.39 14.53 37.82
CA LYS J 747 -17.93 13.43 37.03
C LYS J 747 -16.83 12.43 36.68
N ARG J 748 -15.70 12.93 36.18
CA ARG J 748 -14.57 12.04 35.87
C ARG J 748 -14.09 11.25 37.09
N TYR J 749 -14.13 11.83 38.28
CA TYR J 749 -13.60 11.14 39.46
C TYR J 749 -14.63 10.37 40.27
N GLY J 750 -15.91 10.37 39.87
CA GLY J 750 -16.90 9.61 40.60
C GLY J 750 -17.49 10.27 41.82
N VAL J 751 -17.56 11.61 41.83
CA VAL J 751 -18.09 12.37 42.95
C VAL J 751 -19.45 12.92 42.56
N GLU J 752 -20.31 13.11 43.56
CA GLU J 752 -21.66 13.61 43.34
C GLU J 752 -21.73 15.12 43.47
N THR J 753 -22.50 15.76 42.58
CA THR J 753 -22.63 17.21 42.53
C THR J 753 -24.06 17.65 42.87
N SER J 754 -24.20 18.85 43.40
CA SER J 754 -25.51 19.39 43.75
C SER J 754 -25.42 20.91 43.76
N ILE J 755 -26.56 21.56 43.93
CA ILE J 755 -26.63 23.01 44.03
C ILE J 755 -27.73 23.43 44.99
N CYS J 756 -27.37 24.26 45.96
CA CYS J 756 -28.32 24.92 46.85
C CYS J 756 -28.32 26.42 46.56
N GLY J 757 -29.20 27.14 47.22
CA GLY J 757 -29.25 28.59 47.08
C GLY J 757 -30.60 29.05 46.59
N GLN J 758 -30.61 30.29 46.11
CA GLN J 758 -31.84 30.88 45.56
C GLN J 758 -32.00 30.59 44.08
N ALA J 759 -30.92 30.22 43.38
CA ALA J 759 -31.00 29.83 41.98
C ALA J 759 -31.33 28.36 41.80
N GLY J 760 -31.49 27.61 42.89
CA GLY J 760 -32.07 26.29 42.80
C GLY J 760 -33.56 26.32 42.58
N SER J 761 -34.21 27.46 42.82
CA SER J 761 -35.64 27.63 42.62
C SER J 761 -35.95 28.49 41.41
N ASP J 762 -35.18 28.35 40.34
CA ASP J 762 -35.38 29.11 39.11
C ASP J 762 -35.50 28.15 37.92
N PRO J 763 -36.57 28.25 37.12
CA PRO J 763 -36.71 27.32 35.99
C PRO J 763 -35.63 27.42 34.93
N LYS J 764 -35.14 28.62 34.63
CA LYS J 764 -34.13 28.77 33.59
C LYS J 764 -32.80 28.13 34.00
N MET J 765 -32.38 28.39 35.23
CA MET J 765 -31.17 27.75 35.75
C MET J 765 -31.34 26.25 35.81
N ALA J 766 -32.54 25.77 36.18
CA ALA J 766 -32.78 24.34 36.22
C ALA J 766 -32.58 23.71 34.85
N ARG J 767 -33.06 24.38 33.79
CA ARG J 767 -32.88 23.84 32.45
C ARG J 767 -31.40 23.81 32.05
N ILE J 768 -30.67 24.91 32.31
CA ILE J 768 -29.24 24.95 32.02
C ILE J 768 -28.52 23.80 32.73
N LEU J 769 -28.83 23.60 34.01
CA LEU J 769 -28.09 22.64 34.82
C LEU J 769 -28.43 21.21 34.45
N VAL J 770 -29.67 20.95 34.06
CA VAL J 770 -30.01 19.60 33.61
C VAL J 770 -29.37 19.30 32.27
N ARG J 771 -29.25 20.31 31.39
CA ARG J 771 -28.55 20.06 30.14
C ARG J 771 -27.06 19.84 30.34
N LEU J 772 -26.46 20.44 31.39
CA LEU J 772 -25.05 20.17 31.65
C LEU J 772 -24.82 18.82 32.32
N GLY J 773 -25.71 18.38 33.20
CA GLY J 773 -25.55 17.06 33.78
C GLY J 773 -25.36 17.01 35.28
N ILE J 774 -25.97 17.94 36.02
CA ILE J 774 -25.87 17.91 37.47
C ILE J 774 -26.67 16.72 38.03
N ASP J 775 -26.29 16.30 39.23
CA ASP J 775 -26.91 15.13 39.84
C ASP J 775 -28.12 15.46 40.71
N SER J 776 -28.19 16.66 41.28
CA SER J 776 -29.31 17.01 42.15
C SER J 776 -29.54 18.52 42.14
N ILE J 777 -30.74 18.91 42.57
CA ILE J 777 -31.14 20.30 42.74
C ILE J 777 -31.89 20.44 44.06
N SER J 778 -31.66 21.53 44.78
CA SER J 778 -32.23 21.77 46.09
C SER J 778 -33.11 23.02 46.05
N ALA J 779 -34.39 22.86 46.34
CA ALA J 779 -35.37 23.93 46.16
C ALA J 779 -35.99 24.34 47.49
N ASN J 780 -36.59 25.52 47.50
CA ASN J 780 -37.31 26.01 48.67
C ASN J 780 -38.57 25.17 48.89
N PRO J 781 -39.04 25.05 50.14
CA PRO J 781 -40.15 24.12 50.43
C PRO J 781 -41.42 24.37 49.62
N ASP J 782 -41.59 25.55 49.03
CA ASP J 782 -42.79 25.83 48.23
C ASP J 782 -42.49 25.97 46.75
N ALA J 783 -41.42 25.35 46.27
CA ALA J 783 -41.07 25.37 44.86
C ALA J 783 -40.68 23.99 44.33
N VAL J 784 -41.02 22.92 45.06
CA VAL J 784 -40.55 21.59 44.68
C VAL J 784 -41.30 21.06 43.47
N GLN J 785 -42.60 21.35 43.39
CA GLN J 785 -43.43 20.81 42.32
C GLN J 785 -43.11 21.46 40.97
N LEU J 786 -42.92 22.77 40.98
CA LEU J 786 -42.56 23.49 39.75
C LEU J 786 -41.25 22.97 39.18
N ILE J 787 -40.24 22.83 40.04
CA ILE J 787 -38.94 22.36 39.58
C ILE J 787 -39.04 20.92 39.10
N ARG J 788 -39.86 20.11 39.77
CA ARG J 788 -40.08 18.74 39.34
C ARG J 788 -40.62 18.67 37.91
N GLN J 789 -41.63 19.50 37.61
CA GLN J 789 -42.18 19.54 36.25
C GLN J 789 -41.16 20.03 35.21
N VAL J 790 -40.43 21.10 35.53
CA VAL J 790 -39.42 21.61 34.60
C VAL J 790 -38.37 20.54 34.28
N VAL J 791 -37.93 19.80 35.30
CA VAL J 791 -36.89 18.80 35.10
C VAL J 791 -37.42 17.64 34.26
N ALA J 792 -38.66 17.20 34.53
CA ALA J 792 -39.24 16.13 33.72
C ALA J 792 -39.31 16.50 32.25
N GLN J 793 -39.77 17.72 31.95
CA GLN J 793 -39.87 18.13 30.54
C GLN J 793 -38.49 18.17 29.87
N GLU J 794 -37.49 18.72 30.56
CA GLU J 794 -36.14 18.78 29.97
C GLU J 794 -35.59 17.40 29.67
N GLU J 795 -35.82 16.43 30.57
CA GLU J 795 -35.32 15.08 30.32
C GLU J 795 -35.98 14.43 29.11
N ARG J 796 -37.31 14.58 28.98
CA ARG J 796 -37.96 14.01 27.80
C ARG J 796 -37.45 14.65 26.51
N LYS J 797 -37.19 15.96 26.53
CA LYS J 797 -36.60 16.63 25.37
C LYS J 797 -35.27 16.00 24.97
N LEU J 798 -34.37 15.81 25.96
CA LEU J 798 -33.07 15.23 25.65
C LEU J 798 -33.21 13.85 25.00
N MET J 799 -34.06 13.01 25.59
CA MET J 799 -34.25 11.66 25.04
C MET J 799 -34.77 11.69 23.60
N LEU J 800 -35.72 12.58 23.32
CA LEU J 800 -36.25 12.69 21.96
C LEU J 800 -35.17 13.11 20.98
N GLU J 801 -34.33 14.08 21.37
CA GLU J 801 -33.24 14.52 20.50
C GLU J 801 -32.29 13.38 20.15
N ALA J 802 -31.93 12.56 21.14
CA ALA J 802 -31.02 11.46 20.85
C ALA J 802 -31.67 10.42 19.94
N ALA J 803 -32.96 10.14 20.15
CA ALA J 803 -33.66 9.20 19.27
C ALA J 803 -33.69 9.70 17.83
N ARG J 804 -33.95 10.99 17.62
CA ARG J 804 -34.00 11.54 16.27
C ARG J 804 -32.62 11.48 15.61
N LYS J 805 -31.57 11.81 16.36
CA LYS J 805 -30.23 11.71 15.77
C LYS J 805 -29.90 10.29 15.37
N GLN J 806 -30.34 9.31 16.16
CA GLN J 806 -30.05 7.92 15.82
C GLN J 806 -30.84 7.47 14.60
N LEU J 807 -32.10 7.88 14.48
CA LEU J 807 -32.94 7.36 13.40
C LEU J 807 -32.59 7.97 12.05
N GLY K 506 -53.15 11.80 39.67
CA GLY K 506 -52.43 12.72 40.54
C GLY K 506 -51.25 13.38 39.85
N ALA K 507 -50.67 12.68 38.90
CA ALA K 507 -49.54 13.22 38.14
C ALA K 507 -50.01 13.63 36.75
N PRO K 508 -49.70 14.84 36.30
CA PRO K 508 -50.09 15.24 34.93
C PRO K 508 -49.32 14.48 33.87
N LEU K 509 -49.80 14.60 32.64
CA LEU K 509 -49.13 13.99 31.50
C LEU K 509 -48.03 14.92 31.00
N VAL K 510 -46.85 14.35 30.72
CA VAL K 510 -45.64 15.11 30.44
C VAL K 510 -45.11 14.73 29.06
N THR K 511 -44.93 15.73 28.21
CA THR K 511 -44.42 15.54 26.86
C THR K 511 -43.20 16.43 26.65
N GLY K 512 -42.33 16.01 25.74
CA GLY K 512 -41.18 16.84 25.41
C GLY K 512 -41.57 18.04 24.57
N THR K 513 -42.41 17.83 23.56
CA THR K 513 -42.98 18.92 22.80
C THR K 513 -43.93 19.72 23.66
N MET K 514 -43.89 21.04 23.52
CA MET K 514 -44.77 21.93 24.27
C MET K 514 -46.11 22.07 23.58
N VAL K 515 -47.18 21.99 24.37
CA VAL K 515 -48.55 22.20 23.90
C VAL K 515 -49.06 23.47 24.55
N LYS K 516 -49.37 24.48 23.75
CA LYS K 516 -49.87 25.76 24.23
C LYS K 516 -51.32 25.95 23.81
N VAL K 517 -51.87 27.14 24.08
CA VAL K 517 -53.28 27.41 23.89
C VAL K 517 -53.46 28.76 23.19
N ASN K 518 -54.56 28.91 22.47
CA ASN K 518 -54.84 30.08 21.65
C ASN K 518 -55.89 30.94 22.34
N VAL K 519 -55.48 32.11 22.84
CA VAL K 519 -56.34 33.00 23.61
C VAL K 519 -56.88 34.08 22.67
N SER K 520 -58.20 34.26 22.67
CA SER K 520 -58.83 35.20 21.75
C SER K 520 -59.13 36.55 22.40
N MET K 521 -59.69 36.54 23.60
CA MET K 521 -60.04 37.74 24.34
C MET K 521 -59.42 37.67 25.73
N PRO K 522 -59.31 38.80 26.42
CA PRO K 522 -58.74 38.77 27.78
C PRO K 522 -59.72 38.28 28.84
N GLU K 523 -60.93 37.87 28.43
CA GLU K 523 -61.91 37.38 29.38
C GLU K 523 -61.92 35.87 29.49
N VAL K 524 -61.63 35.15 28.41
CA VAL K 524 -61.39 33.72 28.49
C VAL K 524 -59.90 33.47 28.72
N ALA K 525 -59.48 33.61 29.97
CA ALA K 525 -58.09 33.43 30.35
C ALA K 525 -57.90 32.55 31.57
N GLU K 526 -58.93 32.36 32.39
CA GLU K 526 -58.85 31.42 33.49
C GLU K 526 -59.25 30.02 33.05
N ARG K 527 -60.29 29.92 32.23
CA ARG K 527 -60.64 28.62 31.64
C ARG K 527 -59.52 28.11 30.75
N ALA K 528 -58.66 29.00 30.25
CA ALA K 528 -57.53 28.57 29.43
C ALA K 528 -56.34 28.19 30.29
N ALA K 529 -56.10 28.94 31.38
CA ALA K 529 -55.01 28.58 32.29
C ALA K 529 -55.34 27.34 33.10
N ALA K 530 -56.61 26.91 33.11
CA ALA K 530 -56.99 25.70 33.82
C ALA K 530 -56.91 24.45 32.96
N THR K 531 -56.35 24.55 31.75
CA THR K 531 -56.27 23.39 30.87
C THR K 531 -54.96 22.64 31.00
N GLY K 532 -53.96 23.23 31.65
CA GLY K 532 -52.67 22.62 31.74
C GLY K 532 -51.73 22.92 30.59
N ALA K 533 -51.94 24.05 29.90
CA ALA K 533 -51.09 24.41 28.78
C ALA K 533 -49.74 24.92 29.27
N ASP K 534 -48.77 24.97 28.36
CA ASP K 534 -47.41 25.39 28.68
C ASP K 534 -47.18 26.86 28.41
N GLY K 535 -48.22 27.59 28.02
CA GLY K 535 -48.11 29.00 27.74
C GLY K 535 -49.21 29.41 26.78
N VAL K 536 -49.16 30.68 26.39
CA VAL K 536 -50.04 31.21 25.36
C VAL K 536 -49.26 31.25 24.05
N GLY K 537 -49.89 30.81 22.97
CA GLY K 537 -49.22 30.75 21.70
C GLY K 537 -49.58 31.90 20.79
N LEU K 538 -50.78 32.47 20.99
CA LEU K 538 -51.22 33.60 20.19
C LEU K 538 -52.33 34.32 20.95
N LEU K 539 -52.08 35.57 21.33
CA LEU K 539 -53.09 36.44 21.89
C LEU K 539 -53.34 37.58 20.92
N ARG K 540 -54.54 37.62 20.35
CA ARG K 540 -54.86 38.62 19.34
C ARG K 540 -55.31 39.93 19.97
N ALA K 541 -55.11 41.01 19.23
CA ALA K 541 -55.42 42.36 19.70
C ALA K 541 -56.62 42.98 18.99
N GLU K 542 -57.21 42.30 18.02
CA GLU K 542 -58.34 42.85 17.27
C GLU K 542 -59.45 43.29 18.21
N HIS K 543 -59.81 42.45 19.18
CA HIS K 543 -60.88 42.78 20.11
C HIS K 543 -60.51 43.97 20.98
N MET K 544 -59.33 43.90 21.63
CA MET K 544 -58.94 44.93 22.58
C MET K 544 -58.80 46.30 21.94
N ILE K 545 -58.62 46.36 20.62
CA ILE K 545 -58.48 47.65 19.95
C ILE K 545 -59.77 48.11 19.32
N LEU K 546 -60.48 47.23 18.61
CA LEU K 546 -61.73 47.59 17.96
C LEU K 546 -62.93 47.54 18.89
N SER K 547 -62.72 47.64 20.19
CA SER K 547 -63.81 47.60 21.16
C SER K 547 -64.30 48.98 21.58
N ILE K 548 -63.63 50.04 21.14
CA ILE K 548 -63.97 51.39 21.59
C ILE K 548 -64.98 52.03 20.65
N GLY K 549 -65.56 51.23 19.75
CA GLY K 549 -66.57 51.71 18.83
C GLY K 549 -66.18 52.93 18.02
N GLN K 550 -64.91 53.00 17.59
CA GLN K 550 -64.40 54.18 16.92
C GLN K 550 -63.18 53.79 16.10
N HIS K 551 -62.95 54.50 15.01
CA HIS K 551 -61.76 54.30 14.20
C HIS K 551 -60.53 54.76 15.00
N PRO K 552 -59.55 53.88 15.22
CA PRO K 552 -58.40 54.27 16.05
C PRO K 552 -57.63 55.47 15.51
N ILE K 553 -57.45 55.57 14.19
CA ILE K 553 -56.78 56.74 13.63
C ILE K 553 -57.60 57.99 13.92
N LYS K 554 -58.93 57.89 13.79
CA LYS K 554 -59.81 58.98 14.21
C LYS K 554 -59.74 59.19 15.72
N PHE K 555 -59.59 58.11 16.48
CA PHE K 555 -59.56 58.21 17.93
C PHE K 555 -58.35 58.99 18.42
N ILE K 556 -57.24 58.92 17.67
CA ILE K 556 -56.02 59.60 18.13
C ILE K 556 -55.88 61.00 17.56
N LYS K 557 -56.56 61.25 16.43
CA LYS K 557 -56.55 62.58 15.86
C LYS K 557 -57.39 63.41 16.81
N GLU K 558 -58.54 62.87 17.20
CA GLU K 558 -59.35 63.56 18.19
C GLU K 558 -58.44 63.80 19.36
N GLY K 559 -57.63 62.81 19.70
CA GLY K 559 -56.66 62.99 20.75
C GLY K 559 -56.90 62.29 22.06
N LYS K 560 -57.27 61.01 22.04
CA LYS K 560 -57.40 60.32 23.32
C LYS K 560 -56.45 59.15 23.32
N GLU K 561 -55.15 59.42 23.41
CA GLU K 561 -54.17 58.35 23.32
C GLU K 561 -54.04 57.58 24.62
N GLU K 562 -53.97 58.27 25.76
CA GLU K 562 -53.65 57.62 27.02
C GLU K 562 -54.75 56.65 27.45
N GLU K 563 -56.01 56.97 27.12
CA GLU K 563 -57.11 56.08 27.46
C GLU K 563 -56.94 54.72 26.77
N LEU K 564 -56.76 54.74 25.45
CA LEU K 564 -56.52 53.50 24.71
C LEU K 564 -55.29 52.77 25.21
N VAL K 565 -54.21 53.52 25.49
CA VAL K 565 -52.98 52.91 25.97
C VAL K 565 -53.23 52.14 27.27
N GLU K 566 -53.81 52.81 28.27
CA GLU K 566 -53.99 52.16 29.56
C GLU K 566 -55.03 51.03 29.50
N LYS K 567 -56.01 51.14 28.60
CA LYS K 567 -56.94 50.04 28.43
C LYS K 567 -56.23 48.80 27.89
N LEU K 568 -55.43 48.97 26.84
CA LEU K 568 -54.59 47.88 26.37
C LEU K 568 -53.72 47.33 27.49
N ALA K 569 -53.19 48.22 28.33
CA ALA K 569 -52.29 47.81 29.39
C ALA K 569 -52.97 46.85 30.36
N GLU K 570 -54.17 47.20 30.82
CA GLU K 570 -54.85 46.30 31.75
C GLU K 570 -55.30 45.02 31.05
N GLY K 571 -55.76 45.13 29.80
CA GLY K 571 -56.13 43.93 29.06
C GLY K 571 -54.98 42.93 28.93
N ILE K 572 -53.76 43.43 28.71
CA ILE K 572 -52.60 42.57 28.58
C ILE K 572 -52.14 42.04 29.92
N GLU K 573 -52.16 42.87 30.96
CA GLU K 573 -51.67 42.44 32.27
C GLU K 573 -52.55 41.35 32.85
N LYS K 574 -53.85 41.39 32.57
CA LYS K 574 -54.73 40.31 33.02
C LYS K 574 -54.24 38.95 32.54
N VAL K 575 -54.01 38.82 31.23
CA VAL K 575 -53.54 37.57 30.65
C VAL K 575 -52.14 37.24 31.13
N ALA K 576 -51.26 38.24 31.20
CA ALA K 576 -49.90 37.99 31.62
C ALA K 576 -49.82 37.47 33.04
N ALA K 577 -50.74 37.88 33.90
CA ALA K 577 -50.72 37.46 35.30
C ALA K 577 -51.51 36.18 35.55
N ALA K 578 -52.34 35.76 34.59
CA ALA K 578 -53.00 34.46 34.74
C ALA K 578 -51.99 33.36 34.43
N PHE K 579 -51.05 33.62 33.53
CA PHE K 579 -50.01 32.64 33.22
C PHE K 579 -48.65 33.31 33.38
N TYR K 580 -48.22 33.54 34.61
CA TYR K 580 -46.94 34.21 34.87
C TYR K 580 -45.69 33.38 34.61
N PRO K 581 -45.45 32.34 35.42
CA PRO K 581 -44.18 31.66 35.08
C PRO K 581 -44.13 31.27 33.59
N ARG K 582 -45.27 31.15 32.93
CA ARG K 582 -45.30 30.71 31.54
C ARG K 582 -45.28 31.84 30.52
N PRO K 583 -44.66 31.61 29.36
CA PRO K 583 -44.58 32.62 28.30
C PRO K 583 -45.93 32.94 27.70
N VAL K 584 -46.06 34.16 27.19
CA VAL K 584 -47.24 34.63 26.45
C VAL K 584 -46.76 35.41 25.24
N TRP K 585 -47.33 35.14 24.08
CA TRP K 585 -46.93 35.77 22.82
C TRP K 585 -48.08 36.59 22.27
N TYR K 586 -47.79 37.83 21.89
CA TYR K 586 -48.79 38.82 21.50
C TYR K 586 -48.50 39.34 20.10
N ARG K 587 -49.53 39.35 19.25
CA ARG K 587 -49.40 39.71 17.84
C ARG K 587 -50.05 41.05 17.57
N THR K 588 -49.30 41.98 16.98
CA THR K 588 -49.80 43.31 16.72
C THR K 588 -50.96 43.29 15.72
N LEU K 589 -51.65 44.42 15.62
CA LEU K 589 -52.93 44.50 14.94
C LEU K 589 -52.83 44.04 13.49
N ASP K 590 -53.85 43.30 13.04
CA ASP K 590 -53.87 42.78 11.68
C ASP K 590 -55.33 42.53 11.29
N ALA K 591 -55.85 43.36 10.39
CA ALA K 591 -57.21 43.23 9.90
C ALA K 591 -57.29 43.86 8.53
N PRO K 592 -58.17 43.37 7.66
CA PRO K 592 -58.27 43.94 6.31
C PRO K 592 -58.83 45.35 6.31
N THR K 593 -58.96 45.97 5.13
CA THR K 593 -59.48 47.31 5.04
C THR K 593 -61.00 47.37 5.14
N ASN K 594 -61.70 46.30 4.77
CA ASN K 594 -63.15 46.24 4.93
C ASN K 594 -63.55 45.87 6.35
N GLU K 595 -62.63 45.99 7.29
CA GLU K 595 -62.94 45.90 8.72
C GLU K 595 -62.91 47.25 9.41
N PHE K 596 -62.14 48.20 8.86
CA PHE K 596 -62.13 49.57 9.38
C PHE K 596 -63.25 50.40 8.75
N ARG K 597 -63.84 49.93 7.66
CA ARG K 597 -64.89 50.68 6.99
C ARG K 597 -66.19 50.68 7.77
N GLU K 598 -66.38 49.73 8.68
CA GLU K 598 -67.68 49.50 9.31
C GLU K 598 -67.73 50.07 10.73
N MET K 599 -66.89 51.03 11.03
CA MET K 599 -66.84 51.64 12.35
C MET K 599 -67.16 53.13 12.25
N PRO K 600 -67.64 53.75 13.36
CA PRO K 600 -67.84 55.20 13.29
C PRO K 600 -66.54 55.91 12.97
N GLY K 601 -66.48 56.58 11.83
CA GLY K 601 -65.26 57.25 11.42
C GLY K 601 -64.68 56.57 10.21
N GLY K 602 -65.22 55.41 9.86
CA GLY K 602 -64.75 54.68 8.71
C GLY K 602 -65.57 55.05 7.49
N GLU K 603 -65.28 56.21 6.91
CA GLU K 603 -66.01 56.67 5.73
C GLU K 603 -65.04 56.85 4.59
N ASP K 604 -63.78 57.12 4.92
CA ASP K 604 -62.76 57.26 3.90
C ASP K 604 -62.16 55.90 3.69
N GLU K 605 -62.50 55.23 2.60
CA GLU K 605 -61.98 53.88 2.35
C GLU K 605 -61.68 53.66 0.86
N PRO K 606 -61.03 52.54 0.53
CA PRO K 606 -60.66 52.32 -0.87
C PRO K 606 -61.55 51.35 -1.62
N GLU K 607 -62.38 50.59 -0.91
CA GLU K 607 -63.19 49.57 -1.57
C GLU K 607 -62.36 48.82 -2.59
N GLU K 608 -61.27 48.19 -2.15
CA GLU K 608 -60.38 47.50 -3.08
C GLU K 608 -61.02 46.27 -3.71
N ARG K 609 -60.39 45.74 -4.74
CA ARG K 609 -60.92 44.55 -5.40
C ARG K 609 -60.30 43.28 -4.82
N ASN K 610 -59.19 43.41 -4.10
CA ASN K 610 -58.57 42.24 -3.45
C ASN K 610 -58.00 42.58 -2.08
N PRO K 611 -58.85 42.58 -1.03
CA PRO K 611 -58.35 42.98 0.29
C PRO K 611 -57.41 41.97 0.93
N MET K 612 -57.27 40.77 0.36
CA MET K 612 -56.32 39.80 0.87
C MET K 612 -54.89 40.10 0.48
N LEU K 613 -54.68 40.76 -0.66
CA LEU K 613 -53.37 41.12 -1.16
C LEU K 613 -53.14 42.63 -1.08
N GLY K 614 -53.71 43.26 -0.06
CA GLY K 614 -53.70 44.71 -0.01
C GLY K 614 -52.96 45.32 1.17
N TRP K 615 -53.48 46.45 1.65
CA TRP K 615 -52.82 47.28 2.66
C TRP K 615 -53.28 46.82 4.03
N ARG K 616 -52.49 45.96 4.66
CA ARG K 616 -52.84 45.41 5.96
C ARG K 616 -51.56 44.96 6.65
N GLY K 617 -51.71 44.56 7.92
CA GLY K 617 -50.59 44.02 8.65
C GLY K 617 -49.51 45.06 8.90
N ILE K 618 -48.27 44.56 8.99
CA ILE K 618 -47.15 45.44 9.32
C ILE K 618 -46.87 46.48 8.23
N ARG K 619 -47.35 46.27 7.00
CA ARG K 619 -47.23 47.31 5.99
C ARG K 619 -47.99 48.57 6.43
N ARG K 620 -49.31 48.44 6.59
CA ARG K 620 -50.10 49.53 7.12
C ARG K 620 -49.55 50.03 8.45
N GLY K 621 -49.07 49.12 9.29
CA GLY K 621 -48.53 49.53 10.57
C GLY K 621 -47.35 50.47 10.45
N LEU K 622 -46.43 50.17 9.54
CA LEU K 622 -45.27 51.02 9.33
C LEU K 622 -45.61 52.29 8.56
N ASP K 623 -46.71 52.30 7.82
CA ASP K 623 -47.13 53.54 7.18
C ASP K 623 -47.61 54.57 8.19
N GLN K 624 -48.34 54.12 9.22
CA GLN K 624 -48.88 55.01 10.27
C GLN K 624 -48.30 54.58 11.61
N PRO K 625 -47.11 55.07 11.95
CA PRO K 625 -46.39 54.54 13.11
C PRO K 625 -47.03 54.83 14.46
N GLU K 626 -48.18 55.49 14.49
CA GLU K 626 -48.78 55.84 15.78
C GLU K 626 -49.39 54.63 16.46
N LEU K 627 -49.97 53.71 15.69
CA LEU K 627 -50.50 52.48 16.27
C LEU K 627 -49.39 51.67 16.92
N LEU K 628 -48.26 51.54 16.22
CA LEU K 628 -47.10 50.85 16.78
C LEU K 628 -46.61 51.56 18.04
N ARG K 629 -46.55 52.89 18.01
CA ARG K 629 -46.13 53.66 19.18
C ARG K 629 -47.00 53.33 20.38
N ALA K 630 -48.32 53.35 20.19
CA ALA K 630 -49.24 53.13 21.31
C ALA K 630 -49.13 51.71 21.84
N GLU K 631 -49.06 50.73 20.95
CA GLU K 631 -48.97 49.34 21.40
C GLU K 631 -47.67 49.08 22.14
N PHE K 632 -46.55 49.61 21.64
CA PHE K 632 -45.28 49.41 22.34
C PHE K 632 -45.28 50.15 23.67
N LYS K 633 -45.96 51.30 23.76
CA LYS K 633 -46.09 51.99 25.03
C LYS K 633 -46.82 51.13 26.06
N ALA K 634 -47.97 50.56 25.67
CA ALA K 634 -48.72 49.73 26.59
C ALA K 634 -47.92 48.49 27.00
N ILE K 635 -47.19 47.89 26.05
CA ILE K 635 -46.41 46.69 26.37
C ILE K 635 -45.33 47.03 27.40
N LYS K 636 -44.58 48.12 27.17
CA LYS K 636 -43.59 48.52 28.15
C LYS K 636 -44.24 48.86 29.49
N LYS K 637 -45.44 49.42 29.45
CA LYS K 637 -46.16 49.76 30.66
C LYS K 637 -46.41 48.53 31.53
N VAL K 638 -46.96 47.47 30.93
CA VAL K 638 -47.16 46.25 31.71
C VAL K 638 -45.87 45.52 31.98
N VAL K 639 -44.80 45.79 31.22
CA VAL K 639 -43.54 45.13 31.51
C VAL K 639 -42.91 45.68 32.78
N GLU K 640 -42.95 47.00 32.97
CA GLU K 640 -42.24 47.60 34.11
C GLU K 640 -42.88 47.26 35.45
N LYS K 641 -44.08 46.68 35.46
CA LYS K 641 -44.63 46.17 36.70
C LYS K 641 -43.93 44.90 37.18
N GLY K 642 -43.17 44.25 36.31
CA GLY K 642 -42.37 43.10 36.72
C GLY K 642 -42.67 41.81 35.98
N TYR K 643 -43.38 41.89 34.85
CA TYR K 643 -43.73 40.73 34.06
C TYR K 643 -42.68 40.55 32.97
N ASN K 644 -41.81 39.56 33.14
CA ASN K 644 -40.73 39.31 32.19
C ASN K 644 -40.98 38.09 31.32
N ASN K 645 -42.22 37.86 30.89
CA ASN K 645 -42.57 36.67 30.14
C ASN K 645 -43.39 37.01 28.91
N ILE K 646 -43.22 38.22 28.38
CA ILE K 646 -43.95 38.68 27.21
C ILE K 646 -43.01 38.70 26.01
N GLY K 647 -43.61 38.56 24.82
CA GLY K 647 -42.87 38.66 23.59
C GLY K 647 -43.77 39.20 22.50
N VAL K 648 -43.14 39.80 21.49
CA VAL K 648 -43.84 40.51 20.43
C VAL K 648 -43.71 39.74 19.12
N MET K 649 -44.80 39.74 18.35
CA MET K 649 -44.88 38.98 17.10
C MET K 649 -45.40 39.90 15.99
N LEU K 650 -44.64 39.99 14.90
CA LEU K 650 -44.98 40.85 13.77
C LEU K 650 -45.66 40.05 12.67
N PRO K 651 -46.81 40.49 12.16
CA PRO K 651 -47.50 39.75 11.11
C PRO K 651 -47.16 40.23 9.70
N LEU K 652 -47.14 39.26 8.78
CA LEU K 652 -47.03 39.51 7.33
C LEU K 652 -45.74 40.25 6.97
N VAL K 653 -44.62 39.58 7.21
CA VAL K 653 -43.29 40.11 6.92
C VAL K 653 -42.76 39.44 5.65
N SER K 654 -42.20 40.25 4.74
CA SER K 654 -41.56 39.69 3.56
C SER K 654 -40.27 40.39 3.13
N HIS K 655 -39.81 41.41 3.86
CA HIS K 655 -38.53 42.05 3.61
C HIS K 655 -37.86 42.30 4.96
N PRO K 656 -36.53 42.22 5.03
CA PRO K 656 -35.85 42.53 6.30
C PRO K 656 -35.95 43.99 6.70
N GLU K 657 -36.15 44.89 5.73
CA GLU K 657 -36.30 46.30 6.05
C GLU K 657 -37.46 46.53 7.00
N GLN K 658 -38.53 45.73 6.86
CA GLN K 658 -39.66 45.86 7.79
C GLN K 658 -39.24 45.54 9.21
N ILE K 659 -38.44 44.49 9.39
CA ILE K 659 -37.97 44.12 10.73
C ILE K 659 -37.10 45.22 11.30
N ARG K 660 -36.20 45.80 10.50
CA ARG K 660 -35.32 46.83 11.04
C ARG K 660 -36.09 48.11 11.39
N GLU K 661 -37.05 48.51 10.55
CA GLU K 661 -37.82 49.71 10.84
C GLU K 661 -38.69 49.51 12.08
N ALA K 662 -39.24 48.30 12.26
CA ALA K 662 -40.00 48.04 13.48
C ALA K 662 -39.11 48.10 14.71
N LYS K 663 -37.89 47.55 14.62
CA LYS K 663 -36.98 47.61 15.75
C LYS K 663 -36.64 49.05 16.11
N ARG K 664 -36.44 49.90 15.11
CA ARG K 664 -36.14 51.30 15.37
C ARG K 664 -37.34 52.01 16.01
N ILE K 665 -38.53 51.82 15.44
CA ILE K 665 -39.72 52.45 15.98
C ILE K 665 -39.91 52.06 17.44
N ALA K 666 -39.65 50.79 17.76
CA ALA K 666 -39.81 50.34 19.13
C ALA K 666 -38.74 50.91 20.04
N ARG K 667 -37.51 51.04 19.54
CA ARG K 667 -36.44 51.55 20.38
C ARG K 667 -36.55 53.03 20.63
N GLU K 668 -37.29 53.77 19.81
CA GLU K 668 -37.40 55.21 20.08
C GLU K 668 -38.22 55.51 21.33
N VAL K 669 -39.21 54.68 21.67
CA VAL K 669 -40.10 55.00 22.78
C VAL K 669 -39.77 54.25 24.06
N GLY K 670 -38.57 53.70 24.17
CA GLY K 670 -38.09 53.14 25.42
C GLY K 670 -38.00 51.64 25.48
N LEU K 671 -38.84 50.91 24.75
CA LEU K 671 -38.81 49.45 24.77
C LEU K 671 -37.53 48.94 24.12
N GLU K 672 -37.01 47.84 24.65
CA GLU K 672 -35.73 47.28 24.21
C GLU K 672 -35.86 45.83 23.81
N PRO K 673 -35.73 45.50 22.52
CA PRO K 673 -35.79 44.10 22.10
C PRO K 673 -34.70 43.25 22.75
N HIS K 674 -35.00 41.97 22.93
CA HIS K 674 -34.09 40.92 23.40
C HIS K 674 -33.62 41.13 24.83
N LYS K 675 -34.02 42.21 25.49
CA LYS K 675 -33.69 42.45 26.90
C LYS K 675 -34.89 42.81 27.75
N ASP K 676 -35.99 43.27 27.17
CA ASP K 676 -37.25 43.45 27.87
C ASP K 676 -38.33 42.50 27.40
N VAL K 677 -38.27 42.06 26.14
CA VAL K 677 -39.27 41.19 25.54
C VAL K 677 -38.56 40.23 24.61
N ALA K 678 -39.35 39.37 23.96
CA ALA K 678 -38.86 38.53 22.89
C ALA K 678 -39.31 39.08 21.54
N TRP K 679 -38.49 38.85 20.52
CA TRP K 679 -38.74 39.38 19.19
C TRP K 679 -38.88 38.22 18.22
N GLY K 680 -40.03 38.13 17.54
CA GLY K 680 -40.29 37.06 16.60
C GLY K 680 -41.20 37.53 15.49
N VAL K 681 -41.44 36.65 14.52
CA VAL K 681 -42.20 36.99 13.32
C VAL K 681 -43.19 35.87 12.99
N MET K 682 -44.06 36.16 12.03
CA MET K 682 -45.01 35.20 11.48
C MET K 682 -44.63 34.84 10.05
N ILE K 683 -44.86 33.58 9.68
CA ILE K 683 -44.53 33.09 8.34
C ILE K 683 -45.85 32.76 7.65
N GLU K 684 -46.28 33.65 6.74
CA GLU K 684 -47.52 33.45 6.01
C GLU K 684 -47.40 33.66 4.50
N VAL K 685 -46.40 34.40 4.02
CA VAL K 685 -46.20 34.56 2.59
C VAL K 685 -45.13 33.57 2.15
N PRO K 686 -45.26 32.97 0.96
CA PRO K 686 -44.22 32.03 0.51
C PRO K 686 -42.83 32.63 0.42
N ALA K 687 -42.73 33.92 0.12
CA ALA K 687 -41.42 34.57 0.05
C ALA K 687 -40.68 34.46 1.36
N ALA K 688 -41.39 34.69 2.48
CA ALA K 688 -40.73 34.62 3.79
C ALA K 688 -40.24 33.20 4.08
N ALA K 689 -40.99 32.20 3.64
CA ALA K 689 -40.56 30.82 3.81
C ALA K 689 -39.39 30.44 2.91
N ILE K 690 -39.17 31.17 1.80
CA ILE K 690 -38.11 30.79 0.88
C ILE K 690 -36.77 31.50 1.17
N ILE K 691 -36.79 32.67 1.80
CA ILE K 691 -35.56 33.39 2.12
C ILE K 691 -35.38 33.54 3.62
N ILE K 692 -35.80 32.51 4.37
CA ILE K 692 -35.88 32.60 5.83
C ILE K 692 -34.55 32.98 6.47
N GLU K 693 -33.42 32.62 5.85
CA GLU K 693 -32.13 32.90 6.45
C GLU K 693 -31.83 34.38 6.52
N ASP K 694 -32.24 35.14 5.50
CA ASP K 694 -32.06 36.58 5.53
C ASP K 694 -32.78 37.19 6.72
N LEU K 695 -34.01 36.74 6.99
CA LEU K 695 -34.75 37.24 8.15
C LEU K 695 -34.08 36.82 9.45
N ILE K 696 -33.55 35.61 9.51
CA ILE K 696 -32.90 35.15 10.73
C ILE K 696 -31.66 35.98 11.03
N LYS K 697 -30.97 36.44 9.99
CA LYS K 697 -29.74 37.20 10.23
C LYS K 697 -29.98 38.60 10.78
N GLU K 698 -31.22 39.00 11.06
CA GLU K 698 -31.50 40.27 11.69
C GLU K 698 -31.80 40.11 13.19
N GLY K 699 -31.45 38.98 13.78
CA GLY K 699 -31.64 38.78 15.21
C GLY K 699 -33.08 38.64 15.66
N ILE K 700 -33.71 37.51 15.34
CA ILE K 700 -35.03 37.21 15.90
C ILE K 700 -34.88 36.07 16.90
N ASP K 701 -35.96 35.79 17.64
CA ASP K 701 -35.89 34.76 18.66
C ASP K 701 -36.82 33.58 18.39
N PHE K 702 -37.94 33.83 17.72
CA PHE K 702 -38.90 32.76 17.48
C PHE K 702 -39.68 32.94 16.19
N VAL K 703 -40.26 31.86 15.68
CA VAL K 703 -41.05 31.93 14.45
C VAL K 703 -42.32 31.11 14.60
N SER K 704 -43.36 31.46 13.85
CA SER K 704 -44.63 30.76 13.94
C SER K 704 -45.27 30.62 12.58
N PHE K 705 -45.82 29.44 12.30
CA PHE K 705 -46.44 29.13 11.01
C PHE K 705 -47.93 29.48 11.03
N GLY K 706 -48.35 30.38 10.14
CA GLY K 706 -49.75 30.62 9.87
C GLY K 706 -50.30 29.77 8.74
N THR K 707 -50.60 28.50 8.98
CA THR K 707 -50.86 27.57 7.89
C THR K 707 -52.09 27.93 7.07
N ASN K 708 -53.03 28.68 7.66
CA ASN K 708 -54.20 29.15 6.91
C ASN K 708 -53.78 30.02 5.73
N ASP K 709 -53.13 31.14 6.04
CA ASP K 709 -52.72 32.08 5.00
C ASP K 709 -51.68 31.47 4.07
N LEU K 710 -50.77 30.66 4.61
CA LEU K 710 -49.76 30.04 3.77
C LEU K 710 -50.39 29.10 2.75
N THR K 711 -51.34 28.27 3.17
CA THR K 711 -52.00 27.37 2.24
C THR K 711 -52.81 28.16 1.22
N GLN K 712 -53.39 29.29 1.62
CA GLN K 712 -54.18 30.05 0.66
C GLN K 712 -53.30 30.75 -0.38
N TYR K 713 -52.20 31.36 0.04
CA TYR K 713 -51.33 32.06 -0.89
C TYR K 713 -50.49 31.13 -1.75
N THR K 714 -50.26 29.90 -1.31
CA THR K 714 -49.43 29.00 -2.08
C THR K 714 -50.21 28.34 -3.22
N LEU K 715 -51.48 28.03 -3.00
CA LEU K 715 -52.30 27.38 -4.02
C LEU K 715 -53.11 28.37 -4.85
N ALA K 716 -52.99 29.66 -4.58
CA ALA K 716 -53.72 30.70 -5.30
C ALA K 716 -55.22 30.42 -5.29
N ILE K 717 -55.78 30.40 -4.09
CA ILE K 717 -57.15 29.93 -3.88
C ILE K 717 -57.73 30.64 -2.67
N ASP K 718 -58.97 31.10 -2.80
CA ASP K 718 -59.72 31.64 -1.67
C ASP K 718 -60.63 30.56 -1.11
N ARG K 719 -60.65 30.47 0.22
CA ARG K 719 -61.39 29.39 0.87
C ARG K 719 -62.86 29.74 1.06
N ASP K 720 -63.19 31.03 1.19
CA ASP K 720 -64.57 31.44 1.33
C ASP K 720 -65.38 31.29 0.05
N ASN K 721 -64.72 31.19 -1.10
CA ASN K 721 -65.41 31.04 -2.37
C ASN K 721 -65.93 29.62 -2.50
N GLU K 722 -67.22 29.49 -2.79
CA GLU K 722 -67.89 28.19 -2.81
C GLU K 722 -67.37 27.30 -3.93
N ARG K 723 -66.98 27.91 -5.05
CA ARG K 723 -66.68 27.13 -6.25
C ARG K 723 -65.28 26.53 -6.25
N VAL K 724 -64.33 27.09 -5.50
CA VAL K 724 -62.97 26.58 -5.48
C VAL K 724 -62.50 26.17 -4.09
N ALA K 725 -63.39 26.10 -3.10
CA ALA K 725 -62.99 25.64 -1.78
C ALA K 725 -62.86 24.13 -1.70
N LYS K 726 -63.19 23.41 -2.77
CA LYS K 726 -63.00 21.96 -2.80
C LYS K 726 -61.55 21.56 -3.01
N LEU K 727 -60.66 22.51 -3.28
CA LEU K 727 -59.25 22.20 -3.50
C LEU K 727 -58.39 22.49 -2.28
N TYR K 728 -58.93 23.19 -1.29
CA TYR K 728 -58.17 23.53 -0.08
C TYR K 728 -57.70 22.26 0.64
N ASP K 729 -56.44 22.29 1.09
CA ASP K 729 -55.85 21.16 1.79
C ASP K 729 -54.56 21.60 2.48
N GLU K 730 -54.45 21.40 3.79
CA GLU K 730 -53.29 21.87 4.55
C GLU K 730 -52.18 20.84 4.65
N THR K 731 -52.38 19.63 4.12
CA THR K 731 -51.33 18.64 4.01
C THR K 731 -50.93 18.40 2.55
N HIS K 732 -50.98 19.45 1.74
CA HIS K 732 -50.52 19.38 0.36
C HIS K 732 -48.99 19.34 0.34
N PRO K 733 -48.40 18.55 -0.56
CA PRO K 733 -46.94 18.38 -0.57
C PRO K 733 -46.12 19.67 -0.58
N ALA K 734 -46.60 20.73 -1.21
CA ALA K 734 -45.77 21.93 -1.33
C ALA K 734 -45.63 22.64 0.00
N VAL K 735 -46.73 22.77 0.74
CA VAL K 735 -46.69 23.37 2.07
C VAL K 735 -45.76 22.58 2.99
N LEU K 736 -45.77 21.26 2.86
CA LEU K 736 -44.93 20.43 3.72
C LEU K 736 -43.46 20.59 3.36
N LYS K 737 -43.13 20.69 2.07
CA LYS K 737 -41.76 21.02 1.68
C LYS K 737 -41.30 22.34 2.30
N LEU K 738 -42.16 23.36 2.23
CA LEU K 738 -41.78 24.66 2.78
C LEU K 738 -41.54 24.60 4.28
N ILE K 739 -42.45 23.92 5.00
CA ILE K 739 -42.32 23.79 6.45
C ILE K 739 -41.04 23.05 6.82
N LYS K 740 -40.74 21.96 6.11
CA LYS K 740 -39.53 21.20 6.39
C LYS K 740 -38.28 22.04 6.20
N HIS K 741 -38.23 22.81 5.11
CA HIS K 741 -37.07 23.68 4.87
C HIS K 741 -36.89 24.68 6.01
N VAL K 742 -37.97 25.37 6.39
CA VAL K 742 -37.87 26.37 7.45
C VAL K 742 -37.36 25.73 8.75
N ILE K 743 -37.98 24.63 9.16
CA ILE K 743 -37.61 23.98 10.41
C ILE K 743 -36.14 23.60 10.40
N LYS K 744 -35.67 23.00 9.30
CA LYS K 744 -34.26 22.66 9.17
C LYS K 744 -33.37 23.87 9.45
N VAL K 745 -33.66 24.99 8.79
CA VAL K 745 -32.73 26.12 8.86
C VAL K 745 -32.69 26.72 10.27
N CYS K 746 -33.86 26.97 10.88
CA CYS K 746 -33.78 27.62 12.18
C CYS K 746 -33.36 26.67 13.28
N LYS K 747 -33.60 25.36 13.11
CA LYS K 747 -32.91 24.39 13.95
C LYS K 747 -31.40 24.58 13.88
N ARG K 748 -30.86 24.68 12.67
CA ARG K 748 -29.43 24.93 12.51
C ARG K 748 -28.97 26.22 13.20
N TYR K 749 -29.79 27.26 13.22
CA TYR K 749 -29.36 28.54 13.79
C TYR K 749 -29.74 28.74 15.25
N GLY K 750 -30.42 27.79 15.89
CA GLY K 750 -30.77 27.95 17.29
C GLY K 750 -32.00 28.76 17.58
N VAL K 751 -32.98 28.76 16.68
CA VAL K 751 -34.22 29.51 16.84
C VAL K 751 -35.34 28.53 17.13
N GLU K 752 -36.35 29.01 17.86
CA GLU K 752 -37.48 28.19 18.25
C GLU K 752 -38.62 28.30 17.25
N THR K 753 -39.28 27.17 16.95
CA THR K 753 -40.35 27.09 15.99
C THR K 753 -41.67 26.71 16.66
N SER K 754 -42.78 27.14 16.06
CA SER K 754 -44.11 26.84 16.59
C SER K 754 -45.11 26.92 15.45
N ILE K 755 -46.35 26.55 15.74
CA ILE K 755 -47.43 26.63 14.77
C ILE K 755 -48.74 26.97 15.47
N CYS K 756 -49.41 28.00 14.99
CA CYS K 756 -50.76 28.35 15.40
C CYS K 756 -51.72 28.13 14.22
N GLY K 757 -53.00 28.30 14.46
CA GLY K 757 -53.99 28.18 13.41
C GLY K 757 -55.02 27.12 13.73
N GLN K 758 -55.73 26.71 12.68
CA GLN K 758 -56.74 25.66 12.82
C GLN K 758 -56.16 24.28 12.62
N ALA K 759 -54.98 24.17 11.99
CA ALA K 759 -54.31 22.89 11.84
C ALA K 759 -53.43 22.55 13.03
N GLY K 760 -53.37 23.42 14.03
CA GLY K 760 -52.79 23.04 15.30
C GLY K 760 -53.69 22.13 16.11
N SER K 761 -54.97 22.06 15.77
CA SER K 761 -55.94 21.21 16.45
C SER K 761 -56.35 20.01 15.61
N ASP K 762 -55.41 19.43 14.88
CA ASP K 762 -55.65 18.27 14.03
C ASP K 762 -54.67 17.15 14.39
N PRO K 763 -55.16 15.95 14.69
CA PRO K 763 -54.24 14.86 15.05
C PRO K 763 -53.27 14.44 13.96
N LYS K 764 -53.70 14.43 12.70
CA LYS K 764 -52.82 14.00 11.62
C LYS K 764 -51.66 14.97 11.41
N MET K 765 -51.98 16.27 11.39
CA MET K 765 -50.93 17.28 11.30
C MET K 765 -50.01 17.22 12.50
N ALA K 766 -50.56 16.98 13.69
CA ALA K 766 -49.73 16.86 14.88
C ALA K 766 -48.72 15.73 14.74
N ARG K 767 -49.13 14.59 14.19
CA ARG K 767 -48.21 13.49 14.01
C ARG K 767 -47.12 13.84 12.98
N ILE K 768 -47.51 14.43 11.85
CA ILE K 768 -46.52 14.85 10.85
C ILE K 768 -45.50 15.79 11.48
N LEU K 769 -45.97 16.78 12.26
CA LEU K 769 -45.10 17.82 12.77
C LEU K 769 -44.19 17.31 13.87
N VAL K 770 -44.68 16.37 14.69
CA VAL K 770 -43.80 15.78 15.71
C VAL K 770 -42.75 14.90 15.07
N ARG K 771 -43.08 14.20 13.98
CA ARG K 771 -42.05 13.43 13.29
C ARG K 771 -41.02 14.31 12.61
N LEU K 772 -41.40 15.52 12.19
CA LEU K 772 -40.40 16.41 11.61
C LEU K 772 -39.52 17.09 12.66
N GLY K 773 -40.08 17.44 13.82
CA GLY K 773 -39.25 18.00 14.87
C GLY K 773 -39.58 19.41 15.31
N ILE K 774 -40.86 19.78 15.27
CA ILE K 774 -41.24 21.11 15.72
C ILE K 774 -41.12 21.21 17.24
N ASP K 775 -40.97 22.43 17.73
CA ASP K 775 -40.75 22.65 19.15
C ASP K 775 -42.04 22.85 19.95
N SER K 776 -43.11 23.34 19.33
CA SER K 776 -44.35 23.59 20.05
C SER K 776 -45.54 23.49 19.11
N ILE K 777 -46.73 23.32 19.71
CA ILE K 777 -48.00 23.30 19.01
C ILE K 777 -49.00 24.11 19.83
N SER K 778 -49.86 24.87 19.14
CA SER K 778 -50.82 25.77 19.77
C SER K 778 -52.24 25.34 19.39
N ALA K 779 -53.03 24.98 20.39
CA ALA K 779 -54.35 24.38 20.16
C ALA K 779 -55.46 25.27 20.69
N ASN K 780 -56.68 25.01 20.21
CA ASN K 780 -57.86 25.72 20.71
C ASN K 780 -58.14 25.30 22.14
N PRO K 781 -58.77 26.17 22.94
CA PRO K 781 -58.93 25.89 24.38
C PRO K 781 -59.65 24.58 24.70
N ASP K 782 -60.38 24.00 23.76
CA ASP K 782 -61.08 22.74 24.00
C ASP K 782 -60.50 21.57 23.23
N ALA K 783 -59.23 21.65 22.85
CA ALA K 783 -58.56 20.56 22.15
C ALA K 783 -57.18 20.26 22.71
N VAL K 784 -56.89 20.72 23.93
CA VAL K 784 -55.54 20.59 24.47
C VAL K 784 -55.25 19.15 24.89
N GLN K 785 -56.26 18.47 25.44
CA GLN K 785 -56.06 17.12 25.97
C GLN K 785 -55.87 16.11 24.85
N LEU K 786 -56.66 16.23 23.79
CA LEU K 786 -56.53 15.33 22.65
C LEU K 786 -55.15 15.44 22.02
N ILE K 787 -54.68 16.67 21.80
CA ILE K 787 -53.38 16.87 21.19
C ILE K 787 -52.28 16.37 22.12
N ARG K 788 -52.46 16.56 23.43
CA ARG K 788 -51.50 16.05 24.40
C ARG K 788 -51.34 14.53 24.29
N GLN K 789 -52.45 13.81 24.20
CA GLN K 789 -52.39 12.35 24.04
C GLN K 789 -51.74 11.93 22.72
N VAL K 790 -52.12 12.58 21.61
CA VAL K 790 -51.53 12.24 20.31
C VAL K 790 -50.01 12.44 20.34
N VAL K 791 -49.55 13.53 20.95
CA VAL K 791 -48.12 13.82 20.97
C VAL K 791 -47.38 12.81 21.83
N ALA K 792 -47.95 12.45 22.99
CA ALA K 792 -47.31 11.45 23.83
C ALA K 792 -47.13 10.12 23.11
N GLN K 793 -48.17 9.67 22.41
CA GLN K 793 -48.07 8.39 21.69
C GLN K 793 -47.00 8.45 20.59
N GLU K 794 -46.96 9.54 19.83
CA GLU K 794 -45.96 9.66 18.77
C GLU K 794 -44.54 9.63 19.32
N GLU K 795 -44.30 10.29 20.46
CA GLU K 795 -42.96 10.29 21.04
C GLU K 795 -42.54 8.90 21.49
N ARG K 796 -43.44 8.15 22.15
CA ARG K 796 -43.08 6.79 22.54
C ARG K 796 -42.78 5.91 21.33
N LYS K 797 -43.53 6.08 20.25
CA LYS K 797 -43.24 5.35 19.01
C LYS K 797 -41.83 5.62 18.51
N LEU K 798 -41.44 6.90 18.45
CA LEU K 798 -40.10 7.24 17.97
C LEU K 798 -39.03 6.58 18.81
N MET K 799 -39.16 6.67 20.14
CA MET K 799 -38.17 6.07 21.03
C MET K 799 -38.05 4.56 20.83
N LEU K 800 -39.19 3.88 20.67
CA LEU K 800 -39.15 2.43 20.45
C LEU K 800 -38.44 2.10 19.15
N GLU K 801 -38.70 2.85 18.09
CA GLU K 801 -38.03 2.61 16.81
C GLU K 801 -36.52 2.73 16.94
N ALA K 802 -36.03 3.75 17.65
CA ALA K 802 -34.59 3.90 17.78
C ALA K 802 -33.98 2.78 18.61
N ALA K 803 -34.69 2.35 19.66
CA ALA K 803 -34.19 1.22 20.46
C ALA K 803 -34.08 -0.06 19.63
N ARG K 804 -35.08 -0.33 18.79
CA ARG K 804 -35.05 -1.54 17.96
C ARG K 804 -33.92 -1.47 16.94
N LYS K 805 -33.72 -0.30 16.32
CA LYS K 805 -32.61 -0.19 15.38
C LYS K 805 -31.27 -0.41 16.06
N GLN K 806 -31.13 0.06 17.29
CA GLN K 806 -29.87 -0.13 18.00
C GLN K 806 -29.65 -1.59 18.39
N LEU K 807 -30.70 -2.29 18.81
CA LEU K 807 -30.53 -3.64 19.33
C LEU K 807 -30.29 -4.65 18.22
N GLY L 506 -55.11 10.02 37.42
CA GLY L 506 -55.57 11.14 36.62
C GLY L 506 -55.06 11.11 35.20
N ALA L 507 -53.89 10.53 35.02
CA ALA L 507 -53.30 10.40 33.69
C ALA L 507 -53.43 8.97 33.20
N PRO L 508 -53.93 8.73 32.00
CA PRO L 508 -54.01 7.36 31.48
C PRO L 508 -52.63 6.78 31.19
N LEU L 509 -52.62 5.46 30.97
CA LEU L 509 -51.40 4.77 30.61
C LEU L 509 -51.18 4.87 29.11
N VAL L 510 -49.94 5.16 28.71
CA VAL L 510 -49.60 5.50 27.33
C VAL L 510 -48.55 4.54 26.80
N THR L 511 -48.86 3.89 25.69
CA THR L 511 -47.95 2.94 25.05
C THR L 511 -47.73 3.35 23.61
N GLY L 512 -46.58 2.95 23.06
CA GLY L 512 -46.32 3.22 21.65
C GLY L 512 -47.13 2.32 20.75
N THR L 513 -47.19 1.03 21.07
CA THR L 513 -48.06 0.11 20.36
C THR L 513 -49.51 0.44 20.67
N MET L 514 -50.36 0.35 19.65
CA MET L 514 -51.78 0.62 19.80
C MET L 514 -52.51 -0.62 20.28
N VAL L 515 -53.39 -0.43 21.25
CA VAL L 515 -54.26 -1.49 21.78
C VAL L 515 -55.69 -1.13 21.40
N LYS L 516 -56.33 -1.96 20.59
CA LYS L 516 -57.70 -1.75 20.14
C LYS L 516 -58.62 -2.80 20.74
N VAL L 517 -59.88 -2.81 20.32
CA VAL L 517 -60.91 -3.64 20.91
C VAL L 517 -61.74 -4.31 19.82
N ASN L 518 -62.31 -5.47 20.14
CA ASN L 518 -63.04 -6.29 19.18
C ASN L 518 -64.53 -6.16 19.44
N VAL L 519 -65.25 -5.51 18.52
CA VAL L 519 -66.67 -5.22 18.67
C VAL L 519 -67.45 -6.28 17.90
N SER L 520 -68.42 -6.90 18.58
CA SER L 520 -69.18 -7.99 17.97
C SER L 520 -70.53 -7.53 17.41
N MET L 521 -71.28 -6.74 18.17
CA MET L 521 -72.57 -6.24 17.77
C MET L 521 -72.58 -4.72 17.92
N PRO L 522 -73.53 -4.04 17.28
CA PRO L 522 -73.59 -2.57 17.42
C PRO L 522 -74.21 -2.11 18.74
N GLU L 523 -74.58 -3.04 19.61
CA GLU L 523 -75.17 -2.69 20.89
C GLU L 523 -74.15 -2.63 22.02
N VAL L 524 -73.11 -3.46 21.98
CA VAL L 524 -71.99 -3.30 22.89
C VAL L 524 -70.94 -2.39 22.24
N ALA L 525 -71.18 -1.09 22.32
CA ALA L 525 -70.29 -0.10 21.74
C ALA L 525 -69.95 1.05 22.67
N GLU L 526 -70.75 1.27 23.71
CA GLU L 526 -70.40 2.26 24.72
C GLU L 526 -69.53 1.66 25.81
N ARG L 527 -69.86 0.44 26.24
CA ARG L 527 -68.99 -0.27 27.17
C ARG L 527 -67.62 -0.53 26.55
N ALA L 528 -67.53 -0.55 25.22
CA ALA L 528 -66.25 -0.75 24.56
C ALA L 528 -65.51 0.57 24.41
N ALA L 529 -66.22 1.65 24.09
CA ALA L 529 -65.58 2.96 24.00
C ALA L 529 -65.19 3.49 25.37
N ALA L 530 -65.70 2.90 26.45
CA ALA L 530 -65.34 3.32 27.79
C ALA L 530 -64.13 2.58 28.34
N THR L 531 -63.45 1.78 27.52
CA THR L 531 -62.30 1.02 28.01
C THR L 531 -60.98 1.74 27.79
N GLY L 532 -60.98 2.80 26.98
CA GLY L 532 -59.75 3.48 26.66
C GLY L 532 -58.99 2.91 25.48
N ALA L 533 -59.67 2.22 24.57
CA ALA L 533 -59.02 1.65 23.41
C ALA L 533 -58.68 2.73 22.39
N ASP L 534 -57.80 2.39 21.45
CA ASP L 534 -57.32 3.32 20.44
C ASP L 534 -58.12 3.22 19.15
N GLY L 535 -59.16 2.40 19.13
CA GLY L 535 -59.98 2.23 17.95
C GLY L 535 -60.66 0.88 18.00
N VAL L 536 -61.39 0.58 16.92
CA VAL L 536 -61.97 -0.73 16.72
C VAL L 536 -61.08 -1.52 15.77
N GLY L 537 -60.82 -2.77 16.10
CA GLY L 537 -59.94 -3.58 15.30
C GLY L 537 -60.67 -4.52 14.38
N LEU L 538 -61.89 -4.90 14.77
CA LEU L 538 -62.71 -5.80 13.96
C LEU L 538 -64.16 -5.64 14.37
N LEU L 539 -64.99 -5.16 13.46
CA LEU L 539 -66.44 -5.12 13.63
C LEU L 539 -67.07 -6.07 12.63
N ARG L 540 -67.68 -7.15 13.14
CA ARG L 540 -68.25 -8.17 12.28
C ARG L 540 -69.65 -7.81 11.83
N ALA L 541 -70.04 -8.34 10.68
CA ALA L 541 -71.33 -8.04 10.07
C ALA L 541 -72.30 -9.21 10.10
N GLU L 542 -71.88 -10.37 10.62
CA GLU L 542 -72.74 -11.55 10.66
C GLU L 542 -74.07 -11.25 11.34
N HIS L 543 -74.02 -10.58 12.49
CA HIS L 543 -75.24 -10.26 13.22
C HIS L 543 -76.12 -9.29 12.44
N MET L 544 -75.53 -8.17 12.00
CA MET L 544 -76.31 -7.12 11.35
C MET L 544 -76.96 -7.59 10.06
N ILE L 545 -76.46 -8.67 9.46
CA ILE L 545 -77.05 -9.16 8.22
C ILE L 545 -77.99 -10.33 8.46
N LEU L 546 -77.60 -11.30 9.28
CA LEU L 546 -78.43 -12.46 9.55
C LEU L 546 -79.47 -12.21 10.64
N SER L 547 -79.83 -10.96 10.88
CA SER L 547 -80.81 -10.63 11.91
C SER L 547 -82.22 -10.47 11.36
N ILE L 548 -82.40 -10.51 10.04
CA ILE L 548 -83.70 -10.25 9.43
C ILE L 548 -84.48 -11.54 9.27
N GLY L 549 -84.00 -12.62 9.89
CA GLY L 549 -84.68 -13.91 9.84
C GLY L 549 -85.01 -14.41 8.45
N GLN L 550 -84.11 -14.19 7.49
CA GLN L 550 -84.38 -14.51 6.10
C GLN L 550 -83.07 -14.66 5.35
N HIS L 551 -83.06 -15.50 4.33
CA HIS L 551 -81.90 -15.65 3.48
C HIS L 551 -81.70 -14.36 2.68
N PRO L 552 -80.53 -13.72 2.78
CA PRO L 552 -80.33 -12.44 2.09
C PRO L 552 -80.51 -12.52 0.58
N ILE L 553 -80.03 -13.59 -0.05
CA ILE L 553 -80.24 -13.75 -1.49
C ILE L 553 -81.73 -13.86 -1.79
N LYS L 554 -82.46 -14.60 -0.95
CA LYS L 554 -83.92 -14.63 -1.06
C LYS L 554 -84.51 -13.27 -0.73
N PHE L 555 -83.91 -12.55 0.21
CA PHE L 555 -84.44 -11.25 0.61
C PHE L 555 -84.37 -10.23 -0.51
N ILE L 556 -83.38 -10.36 -1.39
CA ILE L 556 -83.22 -9.37 -2.46
C ILE L 556 -83.92 -9.79 -3.75
N LYS L 557 -84.15 -11.09 -3.90
CA LYS L 557 -84.89 -11.56 -5.06
C LYS L 557 -86.31 -11.11 -4.81
N GLU L 558 -86.80 -11.32 -3.60
CA GLU L 558 -88.12 -10.82 -3.25
C GLU L 558 -88.09 -9.35 -3.58
N GLY L 559 -86.99 -8.69 -3.24
CA GLY L 559 -86.85 -7.30 -3.61
C GLY L 559 -86.94 -6.27 -2.50
N LYS L 560 -86.27 -6.49 -1.37
CA LYS L 560 -86.30 -5.44 -0.36
C LYS L 560 -84.87 -5.02 -0.09
N GLU L 561 -84.27 -4.32 -1.05
CA GLU L 561 -82.86 -3.95 -0.91
C GLU L 561 -82.67 -2.76 0.01
N GLU L 562 -83.48 -1.71 -0.14
CA GLU L 562 -83.23 -0.47 0.57
C GLU L 562 -83.41 -0.62 2.07
N GLU L 563 -84.32 -1.50 2.50
CA GLU L 563 -84.51 -1.74 3.92
C GLU L 563 -83.23 -2.29 4.55
N LEU L 564 -82.69 -3.37 3.98
CA LEU L 564 -81.43 -3.93 4.47
C LEU L 564 -80.31 -2.92 4.40
N VAL L 565 -80.24 -2.15 3.32
CA VAL L 565 -79.18 -1.16 3.17
C VAL L 565 -79.23 -0.15 4.32
N GLU L 566 -80.39 0.47 4.55
CA GLU L 566 -80.47 1.51 5.55
C GLU L 566 -80.33 0.94 6.97
N LYS L 567 -80.74 -0.31 7.18
CA LYS L 567 -80.51 -0.93 8.48
C LYS L 567 -79.01 -1.09 8.75
N LEU L 568 -78.28 -1.63 7.77
CA LEU L 568 -76.83 -1.67 7.89
C LEU L 568 -76.26 -0.28 8.14
N ALA L 569 -76.82 0.72 7.46
CA ALA L 569 -76.31 2.08 7.58
C ALA L 569 -76.38 2.59 9.01
N GLU L 570 -77.55 2.43 9.65
CA GLU L 570 -77.66 2.92 11.02
C GLU L 570 -76.82 2.06 11.97
N GLY L 571 -76.78 0.75 11.75
CA GLY L 571 -75.93 -0.10 12.58
C GLY L 571 -74.47 0.31 12.55
N ILE L 572 -73.97 0.69 11.38
CA ILE L 572 -72.58 1.11 11.24
C ILE L 572 -72.35 2.51 11.79
N GLU L 573 -73.29 3.42 11.57
CA GLU L 573 -73.10 4.79 12.04
C GLU L 573 -73.09 4.87 13.55
N LYS L 574 -73.86 4.01 14.21
CA LYS L 574 -73.82 3.97 15.68
C LYS L 574 -72.40 3.75 16.19
N VAL L 575 -71.74 2.71 15.70
CA VAL L 575 -70.38 2.40 16.11
C VAL L 575 -69.41 3.48 15.65
N ALA L 576 -69.57 3.97 14.43
CA ALA L 576 -68.66 4.98 13.93
C ALA L 576 -68.72 6.26 14.73
N ALA L 577 -69.88 6.60 15.29
CA ALA L 577 -70.02 7.83 16.06
C ALA L 577 -69.71 7.64 17.54
N ALA L 578 -69.64 6.40 18.02
CA ALA L 578 -69.20 6.19 19.40
C ALA L 578 -67.69 6.37 19.48
N PHE L 579 -66.97 6.02 18.42
CA PHE L 579 -65.53 6.24 18.37
C PHE L 579 -65.18 7.03 17.13
N TYR L 580 -65.46 8.32 17.12
CA TYR L 580 -65.20 9.17 15.95
C TYR L 580 -63.74 9.52 15.68
N PRO L 581 -63.13 10.33 16.57
CA PRO L 581 -61.73 10.61 16.17
C PRO L 581 -60.94 9.32 15.91
N ARG L 582 -61.36 8.19 16.46
CA ARG L 582 -60.62 6.94 16.32
C ARG L 582 -61.07 6.08 15.15
N PRO L 583 -60.13 5.35 14.53
CA PRO L 583 -60.44 4.47 13.40
C PRO L 583 -61.32 3.30 13.79
N VAL L 584 -62.10 2.82 12.82
CA VAL L 584 -62.93 1.62 12.94
C VAL L 584 -62.77 0.80 11.68
N TRP L 585 -62.57 -0.50 11.83
CA TRP L 585 -62.34 -1.40 10.70
C TRP L 585 -63.46 -2.42 10.62
N TYR L 586 -64.02 -2.59 9.42
CA TYR L 586 -65.22 -3.39 9.19
C TYR L 586 -64.94 -4.47 8.17
N ARG L 587 -65.33 -5.72 8.49
CA ARG L 587 -65.03 -6.88 7.67
C ARG L 587 -66.30 -7.41 7.01
N THR L 588 -66.26 -7.55 5.69
CA THR L 588 -67.44 -7.99 4.94
C THR L 588 -67.83 -9.42 5.33
N LEU L 589 -69.03 -9.81 4.90
CA LEU L 589 -69.68 -11.02 5.39
C LEU L 589 -68.81 -12.26 5.16
N ASP L 590 -68.81 -13.15 6.15
CA ASP L 590 -68.01 -14.37 6.08
C ASP L 590 -68.64 -15.40 7.01
N ALA L 591 -69.25 -16.43 6.42
CA ALA L 591 -69.87 -17.51 7.18
C ALA L 591 -69.92 -18.74 6.30
N PRO L 592 -69.85 -19.93 6.88
CA PRO L 592 -69.87 -21.16 6.08
C PRO L 592 -71.21 -21.39 5.40
N THR L 593 -71.34 -22.48 4.65
CA THR L 593 -72.58 -22.78 3.96
C THR L 593 -73.62 -23.41 4.88
N ASN L 594 -73.20 -24.09 5.95
CA ASN L 594 -74.13 -24.63 6.92
C ASN L 594 -74.59 -23.59 7.92
N GLU L 595 -74.40 -22.31 7.60
CA GLU L 595 -75.00 -21.21 8.34
C GLU L 595 -76.15 -20.56 7.58
N PHE L 596 -76.14 -20.65 6.25
CA PHE L 596 -77.26 -20.17 5.45
C PHE L 596 -78.34 -21.23 5.31
N ARG L 597 -78.04 -22.48 5.63
CA ARG L 597 -79.01 -23.55 5.50
C ARG L 597 -80.10 -23.48 6.56
N GLU L 598 -79.85 -22.80 7.68
CA GLU L 598 -80.72 -22.85 8.84
C GLU L 598 -81.62 -21.62 8.95
N MET L 599 -81.85 -20.93 7.85
CA MET L 599 -82.68 -19.75 7.84
C MET L 599 -83.89 -19.95 6.93
N PRO L 600 -84.98 -19.19 7.16
CA PRO L 600 -86.11 -19.31 6.22
C PRO L 600 -85.67 -18.97 4.80
N GLY L 601 -85.72 -19.93 3.90
CA GLY L 601 -85.28 -19.70 2.53
C GLY L 601 -84.04 -20.50 2.25
N GLY L 602 -83.46 -21.09 3.30
CA GLY L 602 -82.28 -21.90 3.14
C GLY L 602 -82.66 -23.35 2.95
N GLU L 603 -83.09 -23.70 1.75
CA GLU L 603 -83.49 -25.08 1.47
C GLU L 603 -82.62 -25.62 0.35
N ASP L 604 -82.12 -24.73 -0.49
CA ASP L 604 -81.23 -25.14 -1.56
C ASP L 604 -79.83 -25.07 -1.03
N GLU L 605 -79.22 -26.20 -0.71
CA GLU L 605 -77.87 -26.21 -0.15
C GLU L 605 -77.04 -27.38 -0.68
N PRO L 606 -75.73 -27.39 -0.38
CA PRO L 606 -74.89 -28.44 -0.94
C PRO L 606 -74.53 -29.55 0.05
N GLU L 607 -74.76 -29.33 1.34
CA GLU L 607 -74.35 -30.31 2.33
C GLU L 607 -72.96 -30.83 2.02
N GLU L 608 -71.98 -29.95 1.96
CA GLU L 608 -70.62 -30.35 1.60
C GLU L 608 -69.97 -31.23 2.65
N ARG L 609 -68.86 -31.85 2.29
CA ARG L 609 -68.15 -32.71 3.24
C ARG L 609 -67.06 -31.93 3.98
N ASN L 610 -66.68 -30.76 3.46
CA ASN L 610 -65.68 -29.93 4.13
C ASN L 610 -66.00 -28.44 4.02
N PRO L 611 -66.89 -27.92 4.89
CA PRO L 611 -67.28 -26.51 4.75
C PRO L 611 -66.18 -25.53 5.13
N MET L 612 -65.07 -25.99 5.70
CA MET L 612 -63.95 -25.10 6.00
C MET L 612 -63.13 -24.77 4.78
N LEU L 613 -63.08 -25.66 3.79
CA LEU L 613 -62.33 -25.47 2.56
C LEU L 613 -63.27 -25.26 1.37
N GLY L 614 -64.41 -24.62 1.61
CA GLY L 614 -65.42 -24.54 0.58
C GLY L 614 -65.76 -23.14 0.10
N TRP L 615 -67.03 -22.94 -0.22
CA TRP L 615 -67.53 -21.73 -0.88
C TRP L 615 -67.95 -20.75 0.21
N ARG L 616 -67.05 -19.83 0.55
CA ARG L 616 -67.31 -18.87 1.60
C ARG L 616 -66.41 -17.66 1.39
N GLY L 617 -66.64 -16.63 2.20
CA GLY L 617 -65.79 -15.46 2.15
C GLY L 617 -65.91 -14.70 0.84
N ILE L 618 -64.80 -14.05 0.47
CA ILE L 618 -64.80 -13.22 -0.72
C ILE L 618 -65.00 -14.02 -2.00
N ARG L 619 -64.75 -15.33 -1.99
CA ARG L 619 -65.07 -16.15 -3.16
C ARG L 619 -66.57 -16.10 -3.44
N ARG L 620 -67.38 -16.58 -2.49
CA ARG L 620 -68.82 -16.46 -2.61
C ARG L 620 -69.25 -15.03 -2.85
N GLY L 621 -68.58 -14.07 -2.20
CA GLY L 621 -68.95 -12.69 -2.39
C GLY L 621 -68.81 -12.21 -3.82
N LEU L 622 -67.72 -12.59 -4.48
CA LEU L 622 -67.50 -12.20 -5.86
C LEU L 622 -68.35 -13.01 -6.82
N ASP L 623 -68.82 -14.19 -6.41
CA ASP L 623 -69.74 -14.93 -7.27
C ASP L 623 -71.10 -14.24 -7.37
N GLN L 624 -71.58 -13.69 -6.26
CA GLN L 624 -72.88 -13.01 -6.19
C GLN L 624 -72.66 -11.56 -5.79
N PRO L 625 -72.36 -10.69 -6.75
CA PRO L 625 -71.90 -9.33 -6.40
C PRO L 625 -72.96 -8.44 -5.76
N GLU L 626 -74.16 -8.95 -5.53
CA GLU L 626 -75.21 -8.09 -4.98
C GLU L 626 -74.98 -7.81 -3.50
N LEU L 627 -74.45 -8.78 -2.76
CA LEU L 627 -74.12 -8.54 -1.35
C LEU L 627 -73.06 -7.46 -1.22
N LEU L 628 -72.02 -7.54 -2.05
CA LEU L 628 -70.99 -6.51 -2.08
C LEU L 628 -71.58 -5.16 -2.45
N ARG L 629 -72.46 -5.13 -3.45
CA ARG L 629 -73.11 -3.89 -3.85
C ARG L 629 -73.83 -3.24 -2.68
N ALA L 630 -74.63 -4.03 -1.96
CA ALA L 630 -75.42 -3.49 -0.86
C ALA L 630 -74.54 -2.99 0.28
N GLU L 631 -73.51 -3.77 0.63
CA GLU L 631 -72.63 -3.36 1.73
C GLU L 631 -71.87 -2.09 1.38
N PHE L 632 -71.36 -1.99 0.15
CA PHE L 632 -70.65 -0.78 -0.25
C PHE L 632 -71.59 0.41 -0.31
N LYS L 633 -72.85 0.18 -0.70
CA LYS L 633 -73.84 1.25 -0.68
C LYS L 633 -74.04 1.80 0.73
N ALA L 634 -74.25 0.90 1.70
CA ALA L 634 -74.44 1.34 3.07
C ALA L 634 -73.21 2.05 3.62
N ILE L 635 -72.02 1.55 3.28
CA ILE L 635 -70.79 2.19 3.77
C ILE L 635 -70.66 3.60 3.23
N LYS L 636 -70.87 3.78 1.91
CA LYS L 636 -70.85 5.13 1.35
C LYS L 636 -71.93 6.00 1.97
N LYS L 637 -73.07 5.40 2.29
CA LYS L 637 -74.17 6.14 2.89
C LYS L 637 -73.76 6.76 4.22
N VAL L 638 -73.17 5.95 5.11
CA VAL L 638 -72.71 6.52 6.37
C VAL L 638 -71.45 7.36 6.20
N VAL L 639 -70.72 7.20 5.09
CA VAL L 639 -69.55 8.03 4.90
C VAL L 639 -69.95 9.46 4.56
N GLU L 640 -70.96 9.64 3.71
CA GLU L 640 -71.29 10.98 3.24
C GLU L 640 -71.90 11.85 4.33
N LYS L 641 -72.26 11.28 5.48
CA LYS L 641 -72.67 12.11 6.60
C LYS L 641 -71.49 12.83 7.25
N GLY L 642 -70.26 12.42 6.96
CA GLY L 642 -69.09 13.13 7.43
C GLY L 642 -68.14 12.32 8.29
N TYR L 643 -68.29 10.99 8.28
CA TYR L 643 -67.43 10.10 9.05
C TYR L 643 -66.29 9.63 8.17
N ASN L 644 -65.09 10.18 8.40
CA ASN L 644 -63.92 9.84 7.60
C ASN L 644 -62.95 8.94 8.33
N ASN L 645 -63.44 7.97 9.10
CA ASN L 645 -62.58 7.12 9.92
C ASN L 645 -62.94 5.65 9.75
N ILE L 646 -63.49 5.29 8.59
CA ILE L 646 -63.91 3.93 8.30
C ILE L 646 -62.93 3.31 7.31
N GLY L 647 -62.82 1.98 7.36
CA GLY L 647 -62.01 1.24 6.42
C GLY L 647 -62.61 -0.13 6.21
N VAL L 648 -62.30 -0.70 5.05
CA VAL L 648 -62.89 -1.96 4.60
C VAL L 648 -61.85 -3.07 4.62
N MET L 649 -62.28 -4.26 5.03
CA MET L 649 -61.40 -5.41 5.20
C MET L 649 -62.00 -6.61 4.47
N LEU L 650 -61.23 -7.22 3.57
CA LEU L 650 -61.68 -8.35 2.77
C LEU L 650 -61.19 -9.66 3.39
N PRO L 651 -62.07 -10.65 3.59
CA PRO L 651 -61.64 -11.91 4.18
C PRO L 651 -61.30 -12.99 3.15
N LEU L 652 -60.31 -13.81 3.51
CA LEU L 652 -59.94 -15.03 2.78
C LEU L 652 -59.52 -14.72 1.33
N VAL L 653 -58.41 -13.99 1.21
CA VAL L 653 -57.85 -13.60 -0.07
C VAL L 653 -56.63 -14.48 -0.35
N SER L 654 -56.53 -15.01 -1.58
CA SER L 654 -55.34 -15.76 -1.97
C SER L 654 -54.87 -15.51 -3.40
N HIS L 655 -55.52 -14.62 -4.16
CA HIS L 655 -55.08 -14.23 -5.49
C HIS L 655 -55.26 -12.72 -5.61
N PRO L 656 -54.38 -12.03 -6.33
CA PRO L 656 -54.58 -10.58 -6.54
C PRO L 656 -55.79 -10.25 -7.39
N GLU L 657 -56.23 -11.18 -8.24
CA GLU L 657 -57.41 -10.94 -9.06
C GLU L 657 -58.63 -10.65 -8.18
N GLN L 658 -58.71 -11.29 -7.01
CA GLN L 658 -59.82 -11.01 -6.10
C GLN L 658 -59.80 -9.56 -5.63
N ILE L 659 -58.61 -9.04 -5.31
CA ILE L 659 -58.49 -7.65 -4.87
C ILE L 659 -58.90 -6.71 -6.00
N ARG L 660 -58.46 -6.99 -7.22
CA ARG L 660 -58.79 -6.07 -8.31
C ARG L 660 -60.29 -6.10 -8.65
N GLU L 661 -60.90 -7.29 -8.64
CA GLU L 661 -62.33 -7.37 -8.93
C GLU L 661 -63.15 -6.69 -7.83
N ALA L 662 -62.72 -6.82 -6.57
CA ALA L 662 -63.42 -6.11 -5.50
C ALA L 662 -63.29 -4.61 -5.66
N LYS L 663 -62.10 -4.12 -6.04
CA LYS L 663 -61.93 -2.70 -6.25
C LYS L 663 -62.84 -2.19 -7.37
N ARG L 664 -62.97 -2.96 -8.44
CA ARG L 664 -63.85 -2.55 -9.54
C ARG L 664 -65.32 -2.55 -9.10
N ILE L 665 -65.76 -3.62 -8.44
CA ILE L 665 -67.14 -3.69 -7.98
C ILE L 665 -67.46 -2.51 -7.08
N ALA L 666 -66.51 -2.12 -6.22
CA ALA L 666 -66.75 -1.00 -5.33
C ALA L 666 -66.77 0.32 -6.08
N ARG L 667 -65.90 0.46 -7.09
CA ARG L 667 -65.85 1.72 -7.81
C ARG L 667 -67.04 1.92 -8.73
N GLU L 668 -67.75 0.86 -9.09
CA GLU L 668 -68.92 1.07 -9.96
C GLU L 668 -70.06 1.79 -9.25
N VAL L 669 -70.23 1.60 -7.94
CA VAL L 669 -71.38 2.16 -7.24
C VAL L 669 -71.06 3.44 -6.47
N GLY L 670 -69.95 4.09 -6.76
CA GLY L 670 -69.66 5.41 -6.23
C GLY L 670 -68.57 5.48 -5.19
N LEU L 671 -68.37 4.42 -4.41
CA LEU L 671 -67.34 4.42 -3.37
C LEU L 671 -65.95 4.45 -4.01
N GLU L 672 -65.02 5.14 -3.35
CA GLU L 672 -63.67 5.34 -3.88
C GLU L 672 -62.61 4.90 -2.89
N PRO L 673 -61.88 3.82 -3.18
CA PRO L 673 -60.80 3.40 -2.28
C PRO L 673 -59.73 4.46 -2.12
N HIS L 674 -59.09 4.46 -0.96
CA HIS L 674 -57.93 5.28 -0.60
C HIS L 674 -58.25 6.77 -0.55
N LYS L 675 -59.47 7.19 -0.85
CA LYS L 675 -59.89 8.58 -0.74
C LYS L 675 -61.18 8.77 0.03
N ASP L 676 -62.01 7.74 0.17
CA ASP L 676 -63.17 7.77 1.04
C ASP L 676 -63.05 6.83 2.22
N VAL L 677 -62.29 5.73 2.07
CA VAL L 677 -62.13 4.72 3.09
C VAL L 677 -60.69 4.22 3.03
N ALA L 678 -60.39 3.26 3.90
CA ALA L 678 -59.14 2.53 3.84
C ALA L 678 -59.37 1.14 3.26
N TRP L 679 -58.36 0.62 2.57
CA TRP L 679 -58.45 -0.66 1.89
C TRP L 679 -57.40 -1.60 2.47
N GLY L 680 -57.86 -2.74 3.00
CA GLY L 680 -56.97 -3.72 3.61
C GLY L 680 -57.51 -5.12 3.44
N VAL L 681 -56.73 -6.11 3.89
CA VAL L 681 -57.06 -7.51 3.69
C VAL L 681 -56.80 -8.29 4.99
N MET L 682 -57.25 -9.54 4.98
CA MET L 682 -57.01 -10.50 6.05
C MET L 682 -56.05 -11.58 5.59
N ILE L 683 -55.20 -12.05 6.50
CA ILE L 683 -54.20 -13.08 6.21
C ILE L 683 -54.59 -14.32 7.00
N GLU L 684 -55.19 -15.30 6.32
CA GLU L 684 -55.60 -16.54 6.96
C GLU L 684 -55.18 -17.80 6.22
N VAL L 685 -54.90 -17.74 4.92
CA VAL L 685 -54.41 -18.91 4.19
C VAL L 685 -52.90 -18.80 4.10
N PRO L 686 -52.17 -19.92 4.21
CA PRO L 686 -50.71 -19.85 4.09
C PRO L 686 -50.21 -19.26 2.79
N ALA L 687 -50.94 -19.45 1.69
CA ALA L 687 -50.54 -18.88 0.41
C ALA L 687 -50.42 -17.37 0.49
N ALA L 688 -51.40 -16.72 1.14
CA ALA L 688 -51.35 -15.26 1.24
C ALA L 688 -50.15 -14.80 2.05
N ALA L 689 -49.79 -15.56 3.08
CA ALA L 689 -48.60 -15.23 3.86
C ALA L 689 -47.30 -15.48 3.11
N ILE L 690 -47.31 -16.34 2.09
CA ILE L 690 -46.07 -16.65 1.39
C ILE L 690 -45.80 -15.75 0.17
N ILE L 691 -46.84 -15.18 -0.44
CA ILE L 691 -46.66 -14.31 -1.60
C ILE L 691 -47.14 -12.90 -1.29
N ILE L 692 -46.93 -12.45 -0.05
CA ILE L 692 -47.53 -11.20 0.43
C ILE L 692 -47.15 -10.00 -0.43
N GLU L 693 -45.98 -10.03 -1.07
CA GLU L 693 -45.54 -8.87 -1.84
C GLU L 693 -46.41 -8.64 -3.07
N ASP L 694 -46.86 -9.72 -3.71
CA ASP L 694 -47.76 -9.58 -4.84
C ASP L 694 -49.04 -8.86 -4.43
N LEU L 695 -49.59 -9.22 -3.27
CA LEU L 695 -50.79 -8.54 -2.78
C LEU L 695 -50.50 -7.09 -2.45
N ILE L 696 -49.33 -6.81 -1.87
CA ILE L 696 -49.00 -5.43 -1.52
C ILE L 696 -48.88 -4.56 -2.77
N LYS L 697 -48.43 -5.14 -3.88
CA LYS L 697 -48.25 -4.34 -5.09
C LYS L 697 -49.56 -3.94 -5.76
N GLU L 698 -50.72 -4.27 -5.19
CA GLU L 698 -51.99 -3.82 -5.71
C GLU L 698 -52.57 -2.65 -4.91
N GLY L 699 -51.75 -1.98 -4.10
CA GLY L 699 -52.20 -0.82 -3.36
C GLY L 699 -53.16 -1.11 -2.22
N ILE L 700 -52.68 -1.71 -1.14
CA ILE L 700 -53.49 -1.85 0.07
C ILE L 700 -52.93 -0.91 1.13
N ASP L 701 -53.66 -0.78 2.24
CA ASP L 701 -53.23 0.13 3.29
C ASP L 701 -52.92 -0.56 4.60
N PHE L 702 -53.58 -1.68 4.88
CA PHE L 702 -53.37 -2.38 6.15
C PHE L 702 -53.58 -3.87 6.05
N VAL L 703 -53.02 -4.61 7.00
CA VAL L 703 -53.18 -6.07 7.01
C VAL L 703 -53.46 -6.56 8.43
N SER L 704 -54.13 -7.70 8.54
CA SER L 704 -54.48 -8.24 9.85
C SER L 704 -54.34 -9.75 9.87
N PHE L 705 -53.78 -10.27 10.95
CA PHE L 705 -53.54 -11.71 11.11
C PHE L 705 -54.74 -12.38 11.78
N GLY L 706 -55.34 -13.35 11.08
CA GLY L 706 -56.31 -14.25 11.67
C GLY L 706 -55.70 -15.52 12.22
N THR L 707 -55.08 -15.47 13.40
CA THR L 707 -54.24 -16.58 13.85
C THR L 707 -55.02 -17.88 14.06
N ASN L 708 -56.33 -17.78 14.29
CA ASN L 708 -57.16 -18.99 14.41
C ASN L 708 -57.11 -19.81 13.12
N ASP L 709 -57.57 -19.21 12.03
CA ASP L 709 -57.63 -19.91 10.76
C ASP L 709 -56.24 -20.25 10.25
N LEU L 710 -55.27 -19.36 10.46
CA LEU L 710 -53.92 -19.64 10.00
C LEU L 710 -53.33 -20.86 10.71
N THR L 711 -53.49 -20.94 12.02
CA THR L 711 -52.99 -22.10 12.75
C THR L 711 -53.72 -23.37 12.33
N GLN L 712 -55.00 -23.27 12.00
CA GLN L 712 -55.72 -24.47 11.61
C GLN L 712 -55.31 -24.96 10.23
N TYR L 713 -55.17 -24.05 9.26
CA TYR L 713 -54.81 -24.45 7.91
C TYR L 713 -53.34 -24.83 7.78
N THR L 714 -52.48 -24.35 8.67
CA THR L 714 -51.06 -24.66 8.55
C THR L 714 -50.73 -26.04 9.10
N LEU L 715 -51.40 -26.46 10.17
CA LEU L 715 -51.14 -27.75 10.78
C LEU L 715 -52.07 -28.85 10.28
N ALA L 716 -52.98 -28.53 9.37
CA ALA L 716 -53.94 -29.48 8.83
C ALA L 716 -54.70 -30.20 9.94
N ILE L 717 -55.44 -29.40 10.71
CA ILE L 717 -56.05 -29.88 11.95
C ILE L 717 -57.31 -29.07 12.21
N ASP L 718 -58.39 -29.76 12.58
CA ASP L 718 -59.61 -29.11 13.03
C ASP L 718 -59.62 -29.07 14.56
N ARG L 719 -60.00 -27.91 15.09
CA ARG L 719 -59.93 -27.70 16.54
C ARG L 719 -61.17 -28.23 17.25
N ASP L 720 -62.32 -28.24 16.57
CA ASP L 720 -63.55 -28.76 17.16
C ASP L 720 -63.53 -30.28 17.32
N ASN L 721 -62.67 -30.99 16.60
CA ASN L 721 -62.59 -32.43 16.69
C ASN L 721 -61.88 -32.82 17.98
N GLU L 722 -62.53 -33.69 18.76
CA GLU L 722 -62.04 -34.05 20.09
C GLU L 722 -60.72 -34.81 20.02
N ARG L 723 -60.53 -35.60 18.96
CA ARG L 723 -59.41 -36.53 18.93
C ARG L 723 -58.09 -35.88 18.52
N VAL L 724 -58.13 -34.76 17.79
CA VAL L 724 -56.91 -34.11 17.33
C VAL L 724 -56.77 -32.67 17.82
N ALA L 725 -57.61 -32.22 18.75
CA ALA L 725 -57.47 -30.87 19.29
C ALA L 725 -56.36 -30.77 20.32
N LYS L 726 -55.72 -31.88 20.67
CA LYS L 726 -54.58 -31.85 21.58
C LYS L 726 -53.31 -31.35 20.92
N LEU L 727 -53.31 -31.15 19.60
CA LEU L 727 -52.13 -30.69 18.90
C LEU L 727 -52.18 -29.20 18.58
N TYR L 728 -53.34 -28.57 18.74
CA TYR L 728 -53.48 -27.14 18.46
C TYR L 728 -52.54 -26.31 19.33
N ASP L 729 -51.90 -25.32 18.70
CA ASP L 729 -50.96 -24.44 19.38
C ASP L 729 -50.67 -23.21 18.52
N GLU L 730 -50.90 -22.01 19.05
CA GLU L 730 -50.73 -20.79 18.27
C GLU L 730 -49.34 -20.19 18.37
N THR L 731 -48.45 -20.77 19.17
CA THR L 731 -47.04 -20.40 19.20
C THR L 731 -46.15 -21.50 18.63
N HIS L 732 -46.65 -22.21 17.63
CA HIS L 732 -45.86 -23.21 16.93
C HIS L 732 -44.85 -22.51 16.03
N PRO L 733 -43.63 -23.04 15.92
CA PRO L 733 -42.57 -22.35 15.15
C PRO L 733 -42.94 -21.95 13.73
N ALA L 734 -43.78 -22.71 13.04
CA ALA L 734 -44.05 -22.41 11.64
C ALA L 734 -44.89 -21.15 11.50
N VAL L 735 -45.92 -21.01 12.34
CA VAL L 735 -46.76 -19.82 12.33
C VAL L 735 -45.91 -18.58 12.64
N LEU L 736 -44.95 -18.73 13.56
CA LEU L 736 -44.12 -17.59 13.93
C LEU L 736 -43.17 -17.20 12.80
N LYS L 737 -42.61 -18.18 12.09
CA LYS L 737 -41.84 -17.87 10.89
C LYS L 737 -42.67 -17.09 9.87
N LEU L 738 -43.90 -17.52 9.64
CA LEU L 738 -44.75 -16.84 8.66
C LEU L 738 -45.05 -15.41 9.08
N ILE L 739 -45.39 -15.22 10.36
CA ILE L 739 -45.69 -13.88 10.88
C ILE L 739 -44.48 -12.96 10.76
N LYS L 740 -43.30 -13.47 11.10
CA LYS L 740 -42.08 -12.67 11.02
C LYS L 740 -41.81 -12.23 9.59
N HIS L 741 -41.96 -13.14 8.63
CA HIS L 741 -41.75 -12.78 7.22
C HIS L 741 -42.70 -11.68 6.79
N VAL L 742 -43.99 -11.84 7.08
CA VAL L 742 -44.97 -10.84 6.67
C VAL L 742 -44.64 -9.47 7.26
N ILE L 743 -44.39 -9.43 8.57
CA ILE L 743 -44.11 -8.16 9.24
C ILE L 743 -42.91 -7.48 8.61
N LYS L 744 -41.83 -8.24 8.39
CA LYS L 744 -40.65 -7.69 7.72
C LYS L 744 -41.02 -7.00 6.41
N VAL L 745 -41.77 -7.70 5.56
CA VAL L 745 -41.99 -7.17 4.21
C VAL L 745 -42.84 -5.90 4.24
N CYS L 746 -43.95 -5.92 4.98
CA CYS L 746 -44.79 -4.72 4.90
C CYS L 746 -44.21 -3.57 5.70
N LYS L 747 -43.40 -3.85 6.73
CA LYS L 747 -42.56 -2.81 7.30
C LYS L 747 -41.71 -2.16 6.22
N ARG L 748 -41.04 -2.97 5.40
CA ARG L 748 -40.25 -2.42 4.30
C ARG L 748 -41.08 -1.56 3.34
N TYR L 749 -42.33 -1.92 3.10
CA TYR L 749 -43.14 -1.18 2.11
C TYR L 749 -44.00 -0.08 2.70
N GLY L 750 -43.98 0.14 4.01
CA GLY L 750 -44.77 1.22 4.59
C GLY L 750 -46.22 0.90 4.85
N VAL L 751 -46.54 -0.35 5.14
CA VAL L 751 -47.91 -0.78 5.41
C VAL L 751 -48.04 -1.08 6.89
N GLU L 752 -49.25 -0.90 7.42
CA GLU L 752 -49.53 -1.11 8.83
C GLU L 752 -50.01 -2.53 9.10
N THR L 753 -49.54 -3.12 10.20
CA THR L 753 -49.85 -4.48 10.58
C THR L 753 -50.66 -4.52 11.88
N SER L 754 -51.46 -5.57 12.05
CA SER L 754 -52.28 -5.74 13.25
C SER L 754 -52.59 -7.22 13.41
N ILE L 755 -53.22 -7.56 14.53
CA ILE L 755 -53.65 -8.92 14.80
C ILE L 755 -54.95 -8.91 15.59
N CYS L 756 -55.94 -9.64 15.09
CA CYS L 756 -57.18 -9.91 15.81
C CYS L 756 -57.25 -11.40 16.14
N GLY L 757 -58.27 -11.79 16.87
CA GLY L 757 -58.47 -13.19 17.20
C GLY L 757 -58.49 -13.41 18.70
N GLN L 758 -58.32 -14.68 19.06
CA GLN L 758 -58.28 -15.06 20.48
C GLN L 758 -56.88 -14.98 21.04
N ALA L 759 -55.85 -14.99 20.19
CA ALA L 759 -54.47 -14.83 20.65
C ALA L 759 -54.06 -13.37 20.77
N GLY L 760 -54.96 -12.44 20.45
CA GLY L 760 -54.74 -11.05 20.81
C GLY L 760 -54.95 -10.78 22.28
N SER L 761 -55.61 -11.69 22.99
CA SER L 761 -55.86 -11.57 24.42
C SER L 761 -55.00 -12.53 25.24
N ASP L 762 -53.76 -12.74 24.83
CA ASP L 762 -52.83 -13.62 25.53
C ASP L 762 -51.54 -12.87 25.86
N PRO L 763 -51.11 -12.85 27.12
CA PRO L 763 -49.88 -12.12 27.46
C PRO L 763 -48.61 -12.63 26.80
N LYS L 764 -48.46 -13.94 26.64
CA LYS L 764 -47.25 -14.49 26.04
C LYS L 764 -47.13 -14.10 24.57
N MET L 765 -48.22 -14.24 23.83
CA MET L 765 -48.23 -13.81 22.43
C MET L 765 -47.99 -12.32 22.33
N ALA L 766 -48.56 -11.54 23.24
CA ALA L 766 -48.34 -10.10 23.23
C ALA L 766 -46.87 -9.77 23.37
N ARG L 767 -46.16 -10.47 24.26
CA ARG L 767 -44.74 -10.21 24.42
C ARG L 767 -43.95 -10.59 23.16
N ILE L 768 -44.24 -11.76 22.58
CA ILE L 768 -43.58 -12.17 21.34
C ILE L 768 -43.79 -11.11 20.26
N LEU L 769 -45.03 -10.63 20.11
CA LEU L 769 -45.37 -9.75 19.01
C LEU L 769 -44.79 -8.36 19.20
N VAL L 770 -44.71 -7.89 20.45
CA VAL L 770 -44.08 -6.59 20.68
C VAL L 770 -42.59 -6.67 20.46
N ARG L 771 -41.95 -7.80 20.79
CA ARG L 771 -40.54 -7.93 20.48
C ARG L 771 -40.27 -8.02 18.99
N LEU L 772 -41.21 -8.56 18.20
CA LEU L 772 -41.01 -8.57 16.76
C LEU L 772 -41.26 -7.22 16.11
N GLY L 773 -42.24 -6.46 16.59
CA GLY L 773 -42.44 -5.12 16.04
C GLY L 773 -43.78 -4.87 15.39
N ILE L 774 -44.85 -5.50 15.88
CA ILE L 774 -46.17 -5.26 15.32
C ILE L 774 -46.65 -3.86 15.69
N ASP L 775 -47.57 -3.33 14.89
CA ASP L 775 -48.05 -1.97 15.08
C ASP L 775 -49.27 -1.88 16.00
N SER L 776 -50.09 -2.92 16.08
CA SER L 776 -51.29 -2.86 16.91
C SER L 776 -51.68 -4.26 17.38
N ILE L 777 -52.51 -4.30 18.43
CA ILE L 777 -53.09 -5.52 18.98
C ILE L 777 -54.55 -5.25 19.29
N SER L 778 -55.41 -6.25 19.03
CA SER L 778 -56.85 -6.13 19.18
C SER L 778 -57.33 -7.14 20.22
N ALA L 779 -57.91 -6.66 21.31
CA ALA L 779 -58.26 -7.49 22.45
C ALA L 779 -59.77 -7.53 22.68
N ASN L 780 -60.20 -8.53 23.43
CA ASN L 780 -61.61 -8.64 23.81
C ASN L 780 -61.97 -7.52 24.78
N PRO L 781 -63.24 -7.09 24.81
CA PRO L 781 -63.61 -5.91 25.60
C PRO L 781 -63.27 -5.99 27.09
N ASP L 782 -63.02 -7.18 27.63
CA ASP L 782 -62.67 -7.32 29.04
C ASP L 782 -61.23 -7.75 29.26
N ALA L 783 -60.35 -7.48 28.30
CA ALA L 783 -58.93 -7.80 28.43
C ALA L 783 -58.03 -6.66 28.00
N VAL L 784 -58.56 -5.44 27.91
CA VAL L 784 -57.78 -4.33 27.37
C VAL L 784 -56.74 -3.85 28.37
N GLN L 785 -57.09 -3.85 29.66
CA GLN L 785 -56.19 -3.32 30.69
C GLN L 785 -54.99 -4.23 30.92
N LEU L 786 -55.24 -5.54 30.95
CA LEU L 786 -54.16 -6.51 31.12
C LEU L 786 -53.15 -6.40 29.99
N ILE L 787 -53.64 -6.35 28.75
CA ILE L 787 -52.74 -6.27 27.60
C ILE L 787 -51.99 -4.94 27.61
N ARG L 788 -52.67 -3.86 28.03
CA ARG L 788 -52.02 -2.57 28.15
C ARG L 788 -50.82 -2.62 29.10
N GLN L 789 -51.00 -3.24 30.27
CA GLN L 789 -49.89 -3.38 31.21
C GLN L 789 -48.75 -4.24 30.67
N VAL L 790 -49.09 -5.39 30.06
CA VAL L 790 -48.05 -6.26 29.50
C VAL L 790 -47.23 -5.51 28.44
N VAL L 791 -47.89 -4.73 27.59
CA VAL L 791 -47.19 -4.03 26.52
C VAL L 791 -46.30 -2.94 27.08
N ALA L 792 -46.78 -2.20 28.08
CA ALA L 792 -45.96 -1.18 28.71
C ALA L 792 -44.68 -1.75 29.30
N GLN L 793 -44.79 -2.88 30.02
CA GLN L 793 -43.61 -3.48 30.62
C GLN L 793 -42.61 -3.94 29.55
N GLU L 794 -43.10 -4.57 28.49
CA GLU L 794 -42.19 -5.03 27.43
C GLU L 794 -41.44 -3.87 26.78
N GLU L 795 -42.13 -2.75 26.55
CA GLU L 795 -41.46 -1.60 25.94
C GLU L 795 -40.37 -1.03 26.83
N ARG L 796 -40.64 -0.89 28.14
CA ARG L 796 -39.59 -0.40 29.03
C ARG L 796 -38.39 -1.34 29.06
N LYS L 797 -38.63 -2.65 29.03
CA LYS L 797 -37.53 -3.62 28.95
C LYS L 797 -36.66 -3.38 27.73
N LEU L 798 -37.28 -3.23 26.55
CA LEU L 798 -36.50 -3.02 25.34
C LEU L 798 -35.64 -1.77 25.43
N MET L 799 -36.21 -0.67 25.92
CA MET L 799 -35.46 0.58 26.04
C MET L 799 -34.27 0.42 26.98
N LEU L 800 -34.46 -0.26 28.11
CA LEU L 800 -33.37 -0.46 29.04
C LEU L 800 -32.25 -1.29 28.41
N GLU L 801 -32.60 -2.33 27.67
CA GLU L 801 -31.58 -3.14 27.00
C GLU L 801 -30.74 -2.31 26.03
N ALA L 802 -31.37 -1.44 25.25
CA ALA L 802 -30.60 -0.64 24.31
C ALA L 802 -29.70 0.36 25.03
N ALA L 803 -30.19 0.95 26.13
CA ALA L 803 -29.35 1.86 26.91
C ALA L 803 -28.13 1.16 27.47
N ARG L 804 -28.29 -0.06 27.99
CA ARG L 804 -27.17 -0.79 28.54
C ARG L 804 -26.16 -1.16 27.46
N LYS L 805 -26.64 -1.59 26.29
CA LYS L 805 -25.70 -1.89 25.22
C LYS L 805 -24.92 -0.66 24.80
N GLN L 806 -25.56 0.50 24.79
CA GLN L 806 -24.85 1.72 24.41
C GLN L 806 -23.82 2.13 25.45
N LEU L 807 -24.15 1.99 26.74
CA LEU L 807 -23.26 2.50 27.78
C LEU L 807 -22.04 1.62 27.98
N GLY M 506 -27.01 42.18 -45.05
CA GLY M 506 -27.51 41.12 -45.90
C GLY M 506 -27.74 39.82 -45.15
N ALA M 507 -26.97 39.61 -44.11
CA ALA M 507 -27.12 38.41 -43.28
C ALA M 507 -27.80 38.77 -41.97
N PRO M 508 -28.84 38.07 -41.56
CA PRO M 508 -29.49 38.36 -40.27
C PRO M 508 -28.59 37.99 -39.09
N LEU M 509 -29.00 38.47 -37.92
CA LEU M 509 -28.29 38.15 -36.69
C LEU M 509 -28.78 36.81 -36.15
N VAL M 510 -27.84 35.96 -35.73
CA VAL M 510 -28.12 34.57 -35.38
C VAL M 510 -27.70 34.31 -33.94
N THR M 511 -28.64 33.82 -33.14
CA THR M 511 -28.39 33.50 -31.74
C THR M 511 -28.78 32.06 -31.47
N GLY M 512 -28.15 31.46 -30.46
CA GLY M 512 -28.53 30.11 -30.08
C GLY M 512 -29.86 30.07 -29.36
N THR M 513 -30.06 30.99 -28.42
CA THR M 513 -31.35 31.14 -27.78
C THR M 513 -32.38 31.67 -28.77
N MET M 514 -33.59 31.14 -28.71
CA MET M 514 -34.66 31.57 -29.59
C MET M 514 -35.36 32.80 -29.04
N VAL M 515 -35.61 33.77 -29.92
CA VAL M 515 -36.35 34.98 -29.59
C VAL M 515 -37.66 34.93 -30.37
N LYS M 516 -38.77 34.89 -29.66
CA LYS M 516 -40.10 34.83 -30.26
C LYS M 516 -40.85 36.13 -29.99
N VAL M 517 -42.13 36.17 -30.38
CA VAL M 517 -42.93 37.39 -30.34
C VAL M 517 -44.30 37.09 -29.75
N ASN M 518 -44.91 38.10 -29.14
CA ASN M 518 -46.17 37.96 -28.43
C ASN M 518 -47.30 38.56 -29.26
N VAL M 519 -48.18 37.71 -29.79
CA VAL M 519 -49.25 38.12 -30.69
C VAL M 519 -50.53 38.27 -29.87
N SER M 520 -51.19 39.42 -30.00
CA SER M 520 -52.38 39.70 -29.21
C SER M 520 -53.68 39.43 -29.97
N MET M 521 -53.77 39.88 -31.21
CA MET M 521 -54.94 39.71 -32.05
C MET M 521 -54.51 39.07 -33.36
N PRO M 522 -55.45 38.50 -34.12
CA PRO M 522 -55.09 37.90 -35.41
C PRO M 522 -54.90 38.93 -36.52
N GLU M 523 -55.03 40.21 -36.20
CA GLU M 523 -54.84 41.25 -37.21
C GLU M 523 -53.44 41.84 -37.23
N VAL M 524 -52.76 41.89 -36.07
CA VAL M 524 -51.35 42.21 -36.05
C VAL M 524 -50.54 40.91 -36.13
N ALA M 525 -50.40 40.40 -37.34
CA ALA M 525 -49.68 39.15 -37.57
C ALA M 525 -48.68 39.24 -38.72
N GLU M 526 -48.81 40.21 -39.61
CA GLU M 526 -47.82 40.43 -40.65
C GLU M 526 -46.71 41.35 -40.16
N ARG M 527 -47.08 42.41 -39.43
CA ARG M 527 -46.07 43.25 -38.80
C ARG M 527 -45.26 42.46 -37.77
N ALA M 528 -45.81 41.36 -37.26
CA ALA M 528 -45.07 40.54 -36.31
C ALA M 528 -44.20 39.53 -37.03
N ALA M 529 -44.69 38.95 -38.13
CA ALA M 529 -43.89 38.03 -38.92
C ALA M 529 -42.78 38.75 -39.67
N ALA M 530 -42.85 40.08 -39.78
CA ALA M 530 -41.81 40.84 -40.45
C ALA M 530 -40.71 41.29 -39.51
N THR M 531 -40.70 40.82 -38.26
CA THR M 531 -39.68 41.24 -37.31
C THR M 531 -38.49 40.30 -37.27
N GLY M 532 -38.61 39.11 -37.86
CA GLY M 532 -37.55 38.14 -37.79
C GLY M 532 -37.59 37.23 -36.58
N ALA M 533 -38.76 37.05 -35.98
CA ALA M 533 -38.89 36.19 -34.81
C ALA M 533 -38.81 34.72 -35.22
N ASP M 534 -38.59 33.87 -34.22
CA ASP M 534 -38.43 32.43 -34.44
C ASP M 534 -39.74 31.68 -34.24
N GLY M 535 -40.82 32.39 -34.00
CA GLY M 535 -42.12 31.77 -33.79
C GLY M 535 -43.00 32.69 -32.97
N VAL M 536 -44.19 32.19 -32.65
CA VAL M 536 -45.10 32.87 -31.74
C VAL M 536 -44.97 32.21 -30.37
N GLY M 537 -44.89 33.03 -29.33
CA GLY M 537 -44.71 32.51 -27.99
C GLY M 537 -45.99 32.46 -27.20
N LEU M 538 -46.93 33.34 -27.55
CA LEU M 538 -48.22 33.38 -26.86
C LEU M 538 -49.23 34.08 -27.75
N LEU M 539 -50.25 33.35 -28.19
CA LEU M 539 -51.39 33.91 -28.90
C LEU M 539 -52.62 33.77 -28.03
N ARG M 540 -53.15 34.91 -27.57
CA ARG M 540 -54.29 34.90 -26.66
C ARG M 540 -55.61 34.78 -27.40
N ALA M 541 -56.60 34.23 -26.72
CA ALA M 541 -57.91 33.98 -27.30
C ALA M 541 -59.00 34.88 -26.75
N GLU M 542 -58.69 35.76 -25.79
CA GLU M 542 -59.68 36.64 -25.19
C GLU M 542 -60.41 37.44 -26.25
N HIS M 543 -59.67 38.03 -27.19
CA HIS M 543 -60.30 38.83 -28.23
C HIS M 543 -61.18 37.99 -29.14
N MET M 544 -60.62 36.89 -29.66
CA MET M 544 -61.33 36.08 -30.64
C MET M 544 -62.61 35.47 -30.08
N ILE M 545 -62.71 35.36 -28.76
CA ILE M 545 -63.91 34.79 -28.16
C ILE M 545 -64.88 35.85 -27.68
N LEU M 546 -64.40 36.88 -26.99
CA LEU M 546 -65.25 37.94 -26.47
C LEU M 546 -65.57 39.01 -27.50
N SER M 547 -65.47 38.69 -28.79
CA SER M 547 -65.74 39.66 -29.84
C SER M 547 -67.16 39.56 -30.39
N ILE M 548 -67.94 38.57 -29.96
CA ILE M 548 -69.26 38.34 -30.52
C ILE M 548 -70.31 39.10 -29.73
N GLY M 549 -69.87 39.99 -28.83
CA GLY M 549 -70.78 40.80 -28.04
C GLY M 549 -71.83 40.03 -27.27
N GLN M 550 -71.47 38.86 -26.73
CA GLN M 550 -72.43 37.98 -26.09
C GLN M 550 -71.69 37.05 -25.14
N HIS M 551 -72.36 36.64 -24.08
CA HIS M 551 -71.81 35.66 -23.16
C HIS M 551 -71.70 34.31 -23.86
N PRO M 552 -70.51 33.72 -23.94
CA PRO M 552 -70.36 32.46 -24.68
C PRO M 552 -71.23 31.33 -24.15
N ILE M 553 -71.38 31.20 -22.83
CA ILE M 553 -72.27 30.18 -22.28
C ILE M 553 -73.70 30.44 -22.72
N LYS M 554 -74.11 31.71 -22.71
CA LYS M 554 -75.40 32.09 -23.27
C LYS M 554 -75.43 31.86 -24.78
N PHE M 555 -74.31 32.08 -25.45
CA PHE M 555 -74.26 31.92 -26.90
C PHE M 555 -74.48 30.48 -27.32
N ILE M 556 -74.08 29.52 -26.48
CA ILE M 556 -74.21 28.12 -26.86
C ILE M 556 -75.51 27.49 -26.37
N LYS M 557 -76.09 28.09 -25.32
CA LYS M 557 -77.37 27.62 -24.84
C LYS M 557 -78.35 28.02 -25.91
N GLU M 558 -78.26 29.26 -26.37
CA GLU M 558 -79.10 29.69 -27.47
C GLU M 558 -78.88 28.68 -28.57
N GLY M 559 -77.63 28.29 -28.76
CA GLY M 559 -77.33 27.26 -29.73
C GLY M 559 -76.66 27.67 -31.02
N LYS M 560 -75.61 28.49 -30.95
CA LYS M 560 -74.92 28.80 -32.19
C LYS M 560 -73.47 28.37 -32.02
N GLU M 561 -73.24 27.05 -32.02
CA GLU M 561 -71.89 26.55 -31.77
C GLU M 561 -71.01 26.65 -33.01
N GLU M 562 -71.52 26.25 -34.17
CA GLU M 562 -70.67 26.13 -35.35
C GLU M 562 -70.16 27.48 -35.83
N GLU M 563 -70.95 28.54 -35.63
CA GLU M 563 -70.50 29.87 -36.01
C GLU M 563 -69.25 30.27 -35.24
N LEU M 564 -69.31 30.17 -33.91
CA LEU M 564 -68.15 30.47 -33.07
C LEU M 564 -66.98 29.57 -33.41
N VAL M 565 -67.25 28.29 -33.63
CA VAL M 565 -66.18 27.35 -33.96
C VAL M 565 -65.44 27.79 -35.22
N GLU M 566 -66.17 28.02 -36.31
CA GLU M 566 -65.53 28.34 -37.57
C GLU M 566 -64.88 29.73 -37.54
N LYS M 567 -65.43 30.65 -36.74
CA LYS M 567 -64.77 31.94 -36.59
C LYS M 567 -63.42 31.78 -35.91
N LEU M 568 -63.37 31.04 -34.80
CA LEU M 568 -62.09 30.71 -34.19
C LEU M 568 -61.16 30.05 -35.19
N ALA M 569 -61.71 29.17 -36.03
CA ALA M 569 -60.90 28.43 -36.98
C ALA M 569 -60.17 29.36 -37.94
N GLU M 570 -60.90 30.31 -38.53
CA GLU M 570 -60.24 31.21 -39.47
C GLU M 570 -59.29 32.15 -38.73
N GLY M 571 -59.67 32.62 -37.54
CA GLY M 571 -58.77 33.46 -36.76
C GLY M 571 -57.43 32.78 -36.47
N ILE M 572 -57.47 31.49 -36.16
CA ILE M 572 -56.24 30.75 -35.87
C ILE M 572 -55.46 30.42 -37.13
N GLU M 573 -56.15 30.08 -38.22
CA GLU M 573 -55.44 29.71 -39.44
C GLU M 573 -54.70 30.90 -40.04
N LYS M 574 -55.25 32.10 -39.88
CA LYS M 574 -54.55 33.29 -40.35
C LYS M 574 -53.15 33.38 -39.74
N VAL M 575 -53.06 33.30 -38.41
CA VAL M 575 -51.79 33.37 -37.71
C VAL M 575 -50.91 32.17 -38.04
N ALA M 576 -51.51 30.98 -38.09
CA ALA M 576 -50.73 29.79 -38.36
C ALA M 576 -50.09 29.82 -39.74
N ALA M 577 -50.74 30.46 -40.71
CA ALA M 577 -50.21 30.51 -42.07
C ALA M 577 -49.30 31.71 -42.30
N ALA M 578 -49.31 32.70 -41.41
CA ALA M 578 -48.34 33.79 -41.53
C ALA M 578 -46.97 33.30 -41.07
N PHE M 579 -46.94 32.39 -40.09
CA PHE M 579 -45.69 31.81 -39.64
C PHE M 579 -45.78 30.30 -39.71
N TYR M 580 -45.72 29.73 -40.91
CA TYR M 580 -45.84 28.28 -41.09
C TYR M 580 -44.64 27.44 -40.67
N PRO M 581 -43.51 27.57 -41.39
CA PRO M 581 -42.44 26.68 -40.88
C PRO M 581 -42.20 26.87 -39.39
N ARG M 582 -42.57 28.02 -38.81
CA ARG M 582 -42.30 28.30 -37.41
C ARG M 582 -43.44 27.91 -36.47
N PRO M 583 -43.10 27.49 -35.24
CA PRO M 583 -44.11 27.11 -34.25
C PRO M 583 -44.95 28.28 -33.79
N VAL M 584 -46.18 27.96 -33.37
CA VAL M 584 -47.11 28.92 -32.78
C VAL M 584 -47.77 28.25 -31.58
N TRP M 585 -47.84 28.96 -30.46
CA TRP M 585 -48.38 28.43 -29.21
C TRP M 585 -49.63 29.22 -28.81
N TYR M 586 -50.69 28.50 -28.49
CA TYR M 586 -52.02 29.08 -28.27
C TYR M 586 -52.52 28.70 -26.88
N ARG M 587 -52.99 29.70 -26.12
CA ARG M 587 -53.40 29.53 -24.74
C ARG M 587 -54.91 29.64 -24.61
N THR M 588 -55.54 28.63 -24.00
CA THR M 588 -56.99 28.60 -23.88
C THR M 588 -57.48 29.75 -22.99
N LEU M 589 -58.79 29.96 -23.03
CA LEU M 589 -59.41 31.17 -22.47
C LEU M 589 -59.08 31.33 -20.99
N ASP M 590 -58.82 32.58 -20.59
CA ASP M 590 -58.46 32.89 -19.21
C ASP M 590 -58.81 34.34 -18.95
N ALA M 591 -59.85 34.57 -18.14
CA ALA M 591 -60.29 35.91 -17.78
C ALA M 591 -61.03 35.84 -16.47
N PRO M 592 -60.98 36.88 -15.64
CA PRO M 592 -61.67 36.84 -14.35
C PRO M 592 -63.18 36.82 -14.50
N THR M 593 -63.90 36.79 -13.37
CA THR M 593 -65.35 36.77 -13.42
C THR M 593 -65.95 38.14 -13.66
N ASN M 594 -65.26 39.22 -13.28
CA ASN M 594 -65.73 40.56 -13.57
C ASN M 594 -65.40 40.99 -14.99
N GLU M 595 -65.10 40.04 -15.86
CA GLU M 595 -64.99 40.27 -17.30
C GLU M 595 -66.17 39.68 -18.06
N PHE M 596 -66.81 38.64 -17.51
CA PHE M 596 -68.02 38.10 -18.10
C PHE M 596 -69.26 38.84 -17.64
N ARG M 597 -69.15 39.64 -16.58
CA ARG M 597 -70.29 40.37 -16.05
C ARG M 597 -70.70 41.52 -16.95
N GLU M 598 -69.81 42.01 -17.81
CA GLU M 598 -70.02 43.24 -18.55
C GLU M 598 -70.43 42.99 -19.99
N MET M 599 -70.98 41.83 -20.28
CA MET M 599 -71.42 41.48 -21.61
C MET M 599 -72.92 41.22 -21.64
N PRO M 600 -73.55 41.35 -22.83
CA PRO M 600 -74.98 41.00 -22.87
C PRO M 600 -75.18 39.54 -22.47
N GLY M 601 -75.89 39.31 -21.38
CA GLY M 601 -76.09 37.95 -20.90
C GLY M 601 -75.36 37.74 -19.60
N GLY M 602 -74.52 38.71 -19.23
CA GLY M 602 -73.78 38.62 -18.00
C GLY M 602 -74.54 39.31 -16.89
N GLU M 603 -75.55 38.64 -16.35
CA GLU M 603 -76.35 39.22 -15.27
C GLU M 603 -76.26 38.32 -14.07
N ASP M 604 -76.02 37.04 -14.30
CA ASP M 604 -75.87 36.11 -13.20
C ASP M 604 -74.40 36.08 -12.85
N GLU M 605 -74.01 36.71 -11.75
CA GLU M 605 -72.60 36.76 -11.37
C GLU M 605 -72.42 36.66 -9.85
N PRO M 606 -71.17 36.51 -9.39
CA PRO M 606 -70.96 36.32 -7.95
C PRO M 606 -70.46 37.56 -7.23
N GLU M 607 -70.00 38.57 -7.97
CA GLU M 607 -69.42 39.74 -7.32
C GLU M 607 -68.52 39.33 -6.18
N GLU M 608 -67.49 38.53 -6.48
CA GLU M 608 -66.60 38.03 -5.43
C GLU M 608 -65.76 39.12 -4.79
N ARG M 609 -65.13 38.80 -3.67
CA ARG M 609 -64.29 39.78 -3.00
C ARG M 609 -62.83 39.66 -3.44
N ASN M 610 -62.47 38.54 -4.06
CA ASN M 610 -61.11 38.37 -4.57
C ASN M 610 -61.08 37.63 -5.91
N PRO M 611 -61.30 38.35 -7.03
CA PRO M 611 -61.36 37.65 -8.32
C PRO M 611 -60.02 37.13 -8.80
N MET M 612 -58.91 37.48 -8.14
CA MET M 612 -57.61 36.94 -8.51
C MET M 612 -57.40 35.53 -8.01
N LEU M 613 -58.04 35.16 -6.89
CA LEU M 613 -57.93 33.84 -6.30
C LEU M 613 -59.23 33.06 -6.46
N GLY M 614 -59.93 33.28 -7.56
CA GLY M 614 -61.26 32.71 -7.70
C GLY M 614 -61.44 31.73 -8.83
N TRP M 615 -62.63 31.76 -9.44
CA TRP M 615 -63.06 30.77 -10.42
C TRP M 615 -62.68 31.29 -11.81
N ARG M 616 -61.54 30.83 -12.31
CA ARG M 616 -61.04 31.29 -13.59
C ARG M 616 -60.08 30.24 -14.14
N GLY M 617 -59.65 30.45 -15.38
CA GLY M 617 -58.68 29.57 -15.97
C GLY M 617 -59.21 28.16 -16.19
N ILE M 618 -58.29 27.19 -16.14
CA ILE M 618 -58.64 25.82 -16.41
C ILE M 618 -59.60 25.23 -15.37
N ARG M 619 -59.70 25.83 -14.18
CA ARG M 619 -60.71 25.39 -13.22
C ARG M 619 -62.11 25.59 -13.81
N ARG M 620 -62.47 26.85 -14.08
CA ARG M 620 -63.72 27.14 -14.76
C ARG M 620 -63.85 26.35 -16.05
N GLY M 621 -62.76 26.20 -16.79
CA GLY M 621 -62.82 25.47 -18.03
C GLY M 621 -63.27 24.03 -17.87
N LEU M 622 -62.73 23.35 -16.85
CA LEU M 622 -63.10 21.97 -16.60
C LEU M 622 -64.47 21.85 -15.94
N ASP M 623 -64.96 22.91 -15.31
CA ASP M 623 -66.32 22.87 -14.78
C ASP M 623 -67.35 22.86 -15.90
N GLN M 624 -67.12 23.64 -16.97
CA GLN M 624 -68.03 23.75 -18.10
C GLN M 624 -67.31 23.28 -19.36
N PRO M 625 -67.29 21.98 -19.62
CA PRO M 625 -66.42 21.44 -20.67
C PRO M 625 -66.80 21.83 -22.10
N GLU M 626 -67.83 22.65 -22.27
CA GLU M 626 -68.27 22.99 -23.62
C GLU M 626 -67.30 23.97 -24.29
N LEU M 627 -66.75 24.90 -23.51
CA LEU M 627 -65.75 25.82 -24.06
C LEU M 627 -64.53 25.06 -24.56
N LEU M 628 -64.05 24.11 -23.75
CA LEU M 628 -62.94 23.26 -24.16
C LEU M 628 -63.29 22.47 -25.40
N ARG M 629 -64.50 21.91 -25.45
CA ARG M 629 -64.95 21.16 -26.62
C ARG M 629 -64.86 22.01 -27.88
N ALA M 630 -65.39 23.23 -27.82
CA ALA M 630 -65.42 24.09 -28.99
C ALA M 630 -64.02 24.50 -29.43
N GLU M 631 -63.17 24.86 -28.47
CA GLU M 631 -61.81 25.28 -28.82
C GLU M 631 -61.02 24.12 -29.43
N PHE M 632 -61.14 22.92 -28.86
CA PHE M 632 -60.43 21.78 -29.43
C PHE M 632 -60.98 21.42 -30.80
N LYS M 633 -62.28 21.61 -31.02
CA LYS M 633 -62.86 21.39 -32.33
C LYS M 633 -62.24 22.32 -33.37
N ALA M 634 -62.18 23.62 -33.05
CA ALA M 634 -61.60 24.57 -33.99
C ALA M 634 -60.12 24.28 -34.24
N ILE M 635 -59.39 23.89 -33.20
CA ILE M 635 -57.97 23.60 -33.38
C ILE M 635 -57.77 22.42 -34.30
N LYS M 636 -58.52 21.32 -34.08
CA LYS M 636 -58.44 20.19 -35.00
C LYS M 636 -58.86 20.58 -36.41
N LYS M 637 -59.83 21.50 -36.51
CA LYS M 637 -60.31 21.95 -37.80
C LYS M 637 -59.18 22.58 -38.61
N VAL M 638 -58.46 23.54 -38.00
CA VAL M 638 -57.34 24.13 -38.72
C VAL M 638 -56.15 23.20 -38.82
N VAL M 639 -56.09 22.15 -37.98
CA VAL M 639 -54.98 21.22 -38.11
C VAL M 639 -55.14 20.36 -39.35
N GLU M 640 -56.35 19.88 -39.63
CA GLU M 640 -56.53 18.93 -40.73
C GLU M 640 -56.33 19.56 -42.10
N LYS M 641 -56.24 20.89 -42.18
CA LYS M 641 -55.86 21.52 -43.44
C LYS M 641 -54.39 21.32 -43.77
N GLY M 642 -53.58 20.92 -42.79
CA GLY M 642 -52.19 20.59 -43.05
C GLY M 642 -51.17 21.40 -42.27
N TYR M 643 -51.62 22.09 -41.22
CA TYR M 643 -50.74 22.91 -40.39
C TYR M 643 -50.29 22.07 -39.20
N ASN M 644 -49.04 21.63 -39.23
CA ASN M 644 -48.50 20.79 -38.17
C ASN M 644 -47.54 21.53 -37.26
N ASN M 645 -47.83 22.79 -36.93
CA ASN M 645 -46.93 23.61 -36.14
C ASN M 645 -47.65 24.32 -35.01
N ILE M 646 -48.75 23.73 -34.54
CA ILE M 646 -49.57 24.30 -33.48
C ILE M 646 -49.35 23.50 -32.20
N GLY M 647 -49.55 24.18 -31.07
CA GLY M 647 -49.47 23.54 -29.77
C GLY M 647 -50.41 24.23 -28.81
N VAL M 648 -50.83 23.48 -27.79
CA VAL M 648 -51.84 23.93 -26.84
C VAL M 648 -51.20 24.18 -25.48
N MET M 649 -51.67 25.24 -24.82
CA MET M 649 -51.12 25.68 -23.54
C MET M 649 -52.26 25.88 -22.54
N LEU M 650 -52.17 25.21 -21.39
CA LEU M 650 -53.20 25.27 -20.35
C LEU M 650 -52.80 26.27 -19.28
N PRO M 651 -53.68 27.20 -18.90
CA PRO M 651 -53.35 28.18 -17.87
C PRO M 651 -53.79 27.77 -16.47
N LEU M 652 -52.98 28.17 -15.49
CA LEU M 652 -53.30 28.07 -14.05
C LEU M 652 -53.54 26.62 -13.62
N VAL M 653 -52.48 25.82 -13.72
CA VAL M 653 -52.51 24.41 -13.34
C VAL M 653 -51.81 24.25 -11.99
N SER M 654 -52.43 23.49 -11.08
CA SER M 654 -51.78 23.18 -9.81
C SER M 654 -51.99 21.75 -9.32
N HIS M 655 -52.69 20.89 -10.06
CA HIS M 655 -52.83 19.48 -9.74
C HIS M 655 -52.69 18.69 -11.03
N PRO M 656 -52.11 17.49 -10.97
CA PRO M 656 -52.04 16.66 -12.19
C PRO M 656 -53.39 16.18 -12.69
N GLU M 657 -54.38 16.08 -11.80
CA GLU M 657 -55.71 15.67 -12.22
C GLU M 657 -56.26 16.60 -13.28
N GLN M 658 -55.94 17.89 -13.20
CA GLN M 658 -56.39 18.83 -14.22
C GLN M 658 -55.81 18.48 -15.59
N ILE M 659 -54.52 18.12 -15.62
CA ILE M 659 -53.89 17.75 -16.88
C ILE M 659 -54.53 16.49 -17.45
N ARG M 660 -54.80 15.49 -16.60
CA ARG M 660 -55.37 14.26 -17.12
C ARG M 660 -56.81 14.46 -17.61
N GLU M 661 -57.61 15.25 -16.89
CA GLU M 661 -58.98 15.49 -17.33
C GLU M 661 -59.00 16.29 -18.63
N ALA M 662 -58.08 17.25 -18.79
CA ALA M 662 -58.00 17.97 -20.05
C ALA M 662 -57.62 17.05 -21.20
N LYS M 663 -56.66 16.13 -20.96
CA LYS M 663 -56.28 15.21 -22.00
C LYS M 663 -57.45 14.32 -22.42
N ARG M 664 -58.26 13.88 -21.45
CA ARG M 664 -59.41 13.05 -21.78
C ARG M 664 -60.45 13.85 -22.56
N ILE M 665 -60.78 15.06 -22.09
CA ILE M 665 -61.75 15.90 -22.79
C ILE M 665 -61.32 16.13 -24.22
N ALA M 666 -60.02 16.33 -24.44
CA ALA M 666 -59.54 16.58 -25.79
C ALA M 666 -59.59 15.32 -26.63
N ARG M 667 -59.29 14.17 -26.03
CA ARG M 667 -59.29 12.93 -26.80
C ARG M 667 -60.68 12.45 -27.15
N GLU M 668 -61.71 12.91 -26.44
CA GLU M 668 -63.05 12.45 -26.82
C GLU M 668 -63.52 13.01 -28.15
N VAL M 669 -63.10 14.22 -28.52
CA VAL M 669 -63.62 14.86 -29.73
C VAL M 669 -62.69 14.75 -30.93
N GLY M 670 -61.72 13.85 -30.90
CA GLY M 670 -60.91 13.54 -32.06
C GLY M 670 -59.48 14.02 -32.02
N LEU M 671 -59.19 15.11 -31.32
CA LEU M 671 -57.83 15.63 -31.25
C LEU M 671 -56.94 14.69 -30.46
N GLU M 672 -55.68 14.59 -30.87
CA GLU M 672 -54.73 13.65 -30.27
C GLU M 672 -53.47 14.35 -29.80
N PRO M 673 -53.24 14.42 -28.48
CA PRO M 673 -52.00 15.03 -27.99
C PRO M 673 -50.76 14.31 -28.48
N HIS M 674 -49.67 15.06 -28.61
CA HIS M 674 -48.32 14.59 -28.93
C HIS M 674 -48.21 13.97 -30.31
N LYS M 675 -49.30 13.90 -31.08
CA LYS M 675 -49.26 13.42 -32.46
C LYS M 675 -49.96 14.34 -33.44
N ASP M 676 -50.85 15.22 -32.99
CA ASP M 676 -51.42 16.27 -33.81
C ASP M 676 -50.99 17.66 -33.39
N VAL M 677 -50.68 17.85 -32.10
CA VAL M 677 -50.30 19.14 -31.55
C VAL M 677 -49.23 18.90 -30.50
N ALA M 678 -48.79 19.99 -29.87
CA ALA M 678 -47.93 19.92 -28.71
C ALA M 678 -48.73 20.22 -27.44
N TRP M 679 -48.31 19.61 -26.34
CA TRP M 679 -49.02 19.72 -25.07
C TRP M 679 -48.08 20.35 -24.05
N GLY M 680 -48.49 21.49 -23.48
CA GLY M 680 -47.68 22.20 -22.50
C GLY M 680 -48.56 22.92 -21.51
N VAL M 681 -47.92 23.54 -20.51
CA VAL M 681 -48.63 24.18 -19.41
C VAL M 681 -47.99 25.54 -19.10
N MET M 682 -48.67 26.30 -18.25
CA MET M 682 -48.19 27.57 -17.73
C MET M 682 -47.85 27.44 -16.25
N ILE M 683 -46.81 28.16 -15.82
CA ILE M 683 -46.35 28.13 -14.44
C ILE M 683 -46.60 29.51 -13.85
N GLU M 684 -47.67 29.63 -13.04
CA GLU M 684 -48.01 30.89 -12.41
C GLU M 684 -48.30 30.79 -10.92
N VAL M 685 -48.66 29.62 -10.40
CA VAL M 685 -48.86 29.47 -8.96
C VAL M 685 -47.59 28.87 -8.37
N PRO M 686 -47.18 29.30 -7.16
CA PRO M 686 -45.97 28.72 -6.56
C PRO M 686 -46.02 27.22 -6.38
N ALA M 687 -47.21 26.65 -6.15
CA ALA M 687 -47.33 25.20 -6.00
C ALA M 687 -46.83 24.48 -7.24
N ALA M 688 -47.20 24.97 -8.42
CA ALA M 688 -46.77 24.32 -9.65
C ALA M 688 -45.25 24.38 -9.81
N ALA M 689 -44.65 25.48 -9.38
CA ALA M 689 -43.19 25.59 -9.42
C ALA M 689 -42.50 24.71 -8.40
N ILE M 690 -43.18 24.30 -7.32
CA ILE M 690 -42.53 23.51 -6.29
C ILE M 690 -42.66 22.00 -6.50
N ILE M 691 -43.69 21.54 -7.20
CA ILE M 691 -43.87 20.10 -7.44
C ILE M 691 -43.80 19.80 -8.93
N ILE M 692 -42.93 20.51 -9.65
CA ILE M 692 -42.92 20.47 -11.12
C ILE M 692 -42.72 19.05 -11.65
N GLU M 693 -42.02 18.19 -10.90
CA GLU M 693 -41.74 16.85 -11.41
C GLU M 693 -43.00 16.01 -11.54
N ASP M 694 -43.93 16.17 -10.60
CA ASP M 694 -45.20 15.46 -10.71
C ASP M 694 -45.92 15.82 -12.00
N LEU M 695 -45.95 17.10 -12.34
CA LEU M 695 -46.57 17.53 -13.60
C LEU M 695 -45.82 16.99 -14.80
N ILE M 696 -44.48 16.96 -14.74
CA ILE M 696 -43.71 16.45 -15.86
C ILE M 696 -43.99 14.97 -16.10
N LYS M 697 -44.26 14.22 -15.04
CA LYS M 697 -44.48 12.78 -15.20
C LYS M 697 -45.81 12.44 -15.86
N GLU M 698 -46.61 13.42 -16.28
CA GLU M 698 -47.83 13.17 -17.01
C GLU M 698 -47.67 13.41 -18.51
N GLY M 699 -46.43 13.48 -19.00
CA GLY M 699 -46.19 13.64 -20.42
C GLY M 699 -46.55 15.00 -20.99
N ILE M 700 -45.77 16.03 -20.66
CA ILE M 700 -45.93 17.32 -21.33
C ILE M 700 -44.74 17.55 -22.24
N ASP M 701 -44.81 18.60 -23.06
CA ASP M 701 -43.74 18.88 -24.00
C ASP M 701 -43.02 20.19 -23.75
N PHE M 702 -43.72 21.17 -23.19
CA PHE M 702 -43.11 22.48 -22.97
C PHE M 702 -43.69 23.21 -21.78
N VAL M 703 -42.95 24.19 -21.26
CA VAL M 703 -43.42 24.96 -20.12
C VAL M 703 -43.12 26.44 -20.33
N SER M 704 -43.90 27.31 -19.71
CA SER M 704 -43.72 28.75 -19.87
C SER M 704 -43.96 29.48 -18.56
N PHE M 705 -43.10 30.44 -18.26
CA PHE M 705 -43.16 31.22 -17.02
C PHE M 705 -44.03 32.46 -17.20
N GLY M 706 -45.10 32.56 -16.41
CA GLY M 706 -45.87 33.78 -16.28
C GLY M 706 -45.40 34.68 -15.15
N THR M 707 -44.30 35.42 -15.34
CA THR M 707 -43.64 36.08 -14.22
C THR M 707 -44.52 37.13 -13.55
N ASN M 708 -45.50 37.68 -14.27
CA ASN M 708 -46.44 38.63 -13.66
C ASN M 708 -47.19 37.98 -12.50
N ASP M 709 -47.96 36.94 -12.82
CA ASP M 709 -48.76 36.28 -11.81
C ASP M 709 -47.90 35.60 -10.75
N LEU M 710 -46.77 35.04 -11.15
CA LEU M 710 -45.90 34.39 -10.18
C LEU M 710 -45.35 35.39 -9.16
N THR M 711 -44.90 36.55 -9.62
CA THR M 711 -44.41 37.56 -8.70
C THR M 711 -45.53 38.08 -7.82
N GLN M 712 -46.75 38.16 -8.33
CA GLN M 712 -47.83 38.65 -7.49
C GLN M 712 -48.25 37.65 -6.43
N TYR M 713 -48.37 36.37 -6.78
CA TYR M 713 -48.78 35.36 -5.82
C TYR M 713 -47.68 35.00 -4.83
N THR M 714 -46.42 35.22 -5.18
CA THR M 714 -45.34 34.85 -4.27
C THR M 714 -45.13 35.88 -3.17
N LEU M 715 -45.30 37.16 -3.48
CA LEU M 715 -45.10 38.23 -2.51
C LEU M 715 -46.39 38.65 -1.82
N ALA M 716 -47.52 38.03 -2.16
CA ALA M 716 -48.81 38.36 -1.58
C ALA M 716 -49.11 39.85 -1.70
N ILE M 717 -49.19 40.30 -2.95
CA ILE M 717 -49.25 41.73 -3.25
C ILE M 717 -50.00 41.92 -4.55
N ASP M 718 -50.91 42.90 -4.57
CA ASP M 718 -51.58 43.32 -5.79
C ASP M 718 -50.86 44.54 -6.37
N ARG M 719 -50.67 44.51 -7.68
CA ARG M 719 -49.88 45.55 -8.33
C ARG M 719 -50.73 46.77 -8.67
N ASP M 720 -52.03 46.58 -8.91
CA ASP M 720 -52.92 47.69 -9.21
C ASP M 720 -53.19 48.57 -8.00
N ASN M 721 -52.97 48.08 -6.79
CA ASN M 721 -53.20 48.85 -5.58
C ASN M 721 -52.09 49.87 -5.41
N GLU M 722 -52.48 51.13 -5.24
CA GLU M 722 -51.53 52.25 -5.19
C GLU M 722 -50.62 52.17 -3.97
N ARG M 723 -51.13 51.64 -2.87
CA ARG M 723 -50.42 51.74 -1.60
C ARG M 723 -49.34 50.67 -1.44
N VAL M 724 -49.44 49.54 -2.13
CA VAL M 724 -48.46 48.47 -1.99
C VAL M 724 -47.78 48.11 -3.30
N ALA M 725 -47.95 48.89 -4.36
CA ALA M 725 -47.25 48.61 -5.61
C ALA M 725 -45.80 49.06 -5.59
N LYS M 726 -45.37 49.70 -4.51
CA LYS M 726 -43.96 50.08 -4.37
C LYS M 726 -43.07 48.90 -4.01
N LEU M 727 -43.63 47.74 -3.71
CA LEU M 727 -42.85 46.57 -3.35
C LEU M 727 -42.68 45.58 -4.49
N TYR M 728 -43.44 45.75 -5.58
CA TYR M 728 -43.36 44.86 -6.73
C TYR M 728 -41.95 44.86 -7.32
N ASP M 729 -41.46 43.66 -7.65
CA ASP M 729 -40.14 43.49 -8.23
C ASP M 729 -40.00 42.09 -8.82
N GLU M 730 -39.66 41.98 -10.09
CA GLU M 730 -39.59 40.69 -10.77
C GLU M 730 -38.22 40.05 -10.71
N THR M 731 -37.22 40.72 -10.13
CA THR M 731 -35.92 40.13 -9.85
C THR M 731 -35.70 39.94 -8.35
N HIS M 732 -36.76 39.64 -7.63
CA HIS M 732 -36.65 39.33 -6.21
C HIS M 732 -36.04 37.93 -6.04
N PRO M 733 -35.18 37.74 -5.03
CA PRO M 733 -34.47 36.45 -4.89
C PRO M 733 -35.36 35.21 -4.88
N ALA M 734 -36.58 35.29 -4.36
CA ALA M 734 -37.40 34.09 -4.23
C ALA M 734 -37.87 33.60 -5.60
N VAL M 735 -38.33 34.53 -6.45
CA VAL M 735 -38.75 34.18 -7.80
C VAL M 735 -37.59 33.56 -8.58
N LEU M 736 -36.38 34.08 -8.37
CA LEU M 736 -35.23 33.56 -9.09
C LEU M 736 -34.86 32.16 -8.61
N LYS M 737 -34.95 31.90 -7.31
CA LYS M 737 -34.78 30.53 -6.81
C LYS M 737 -35.77 29.57 -7.46
N LEU M 738 -37.04 29.98 -7.54
CA LEU M 738 -38.05 29.10 -8.13
C LEU M 738 -37.77 28.82 -9.59
N ILE M 739 -37.41 29.87 -10.36
CA ILE M 739 -37.11 29.71 -11.78
C ILE M 739 -35.92 28.79 -11.98
N LYS M 740 -34.87 28.96 -11.17
CA LYS M 740 -33.68 28.12 -11.29
C LYS M 740 -34.01 26.66 -11.04
N HIS M 741 -34.82 26.38 -10.00
CA HIS M 741 -35.20 24.99 -9.72
C HIS M 741 -35.95 24.38 -10.90
N VAL M 742 -36.95 25.10 -11.42
CA VAL M 742 -37.74 24.56 -12.52
C VAL M 742 -36.85 24.25 -13.73
N ILE M 743 -36.02 25.22 -14.12
CA ILE M 743 -35.17 25.05 -15.30
C ILE M 743 -34.28 23.83 -15.12
N LYS M 744 -33.64 23.70 -13.95
CA LYS M 744 -32.82 22.52 -13.67
C LYS M 744 -33.58 21.23 -13.94
N VAL M 745 -34.78 21.11 -13.38
CA VAL M 745 -35.48 19.82 -13.44
C VAL M 745 -35.89 19.47 -14.87
N CYS M 746 -36.49 20.42 -15.59
CA CYS M 746 -36.95 20.02 -16.92
C CYS M 746 -35.81 19.92 -17.91
N LYS M 747 -34.71 20.64 -17.69
CA LYS M 747 -33.48 20.33 -18.40
C LYS M 747 -33.10 18.87 -18.20
N ARG M 748 -33.11 18.40 -16.95
CA ARG M 748 -32.82 16.99 -16.68
C ARG M 748 -33.77 16.04 -17.41
N TYR M 749 -35.03 16.40 -17.57
CA TYR M 749 -36.01 15.48 -18.18
C TYR M 749 -36.21 15.68 -19.68
N GLY M 750 -35.52 16.62 -20.31
CA GLY M 750 -35.66 16.79 -21.75
C GLY M 750 -36.84 17.61 -22.20
N VAL M 751 -37.29 18.57 -21.39
CA VAL M 751 -38.43 19.42 -21.71
C VAL M 751 -37.92 20.81 -22.04
N GLU M 752 -38.66 21.52 -22.89
CA GLU M 752 -38.29 22.85 -23.33
C GLU M 752 -38.91 23.92 -22.45
N THR M 753 -38.13 24.97 -22.15
CA THR M 753 -38.55 26.05 -21.28
C THR M 753 -38.64 27.38 -22.04
N SER M 754 -39.49 28.28 -21.57
CA SER M 754 -39.66 29.57 -22.20
C SER M 754 -40.21 30.55 -21.17
N ILE M 755 -40.30 31.82 -21.54
CA ILE M 755 -40.87 32.85 -20.69
C ILE M 755 -41.60 33.88 -21.52
N CYS M 756 -42.85 34.14 -21.17
CA CYS M 756 -43.64 35.24 -21.72
C CYS M 756 -43.90 36.27 -20.63
N GLY M 757 -44.51 37.37 -21.00
CA GLY M 757 -44.87 38.40 -20.04
C GLY M 757 -44.24 39.73 -20.39
N GLN M 758 -44.23 40.62 -19.39
CA GLN M 758 -43.61 41.93 -19.55
C GLN M 758 -42.14 41.93 -19.21
N ALA M 759 -41.66 40.92 -18.47
CA ALA M 759 -40.24 40.79 -18.18
C ALA M 759 -39.49 40.04 -19.26
N GLY M 760 -40.17 39.59 -20.31
CA GLY M 760 -39.49 39.12 -21.49
C GLY M 760 -38.92 40.24 -22.32
N SER M 761 -39.36 41.47 -22.10
CA SER M 761 -38.87 42.65 -22.81
C SER M 761 -37.99 43.53 -21.93
N ASP M 762 -37.17 42.92 -21.08
CA ASP M 762 -36.27 43.64 -20.19
C ASP M 762 -34.84 43.14 -20.39
N PRO M 763 -33.88 44.03 -20.66
CA PRO M 763 -32.50 43.56 -20.87
C PRO M 763 -31.85 42.89 -19.67
N LYS M 764 -32.11 43.37 -18.45
CA LYS M 764 -31.48 42.78 -17.27
C LYS M 764 -31.98 41.36 -17.02
N MET M 765 -33.30 41.17 -17.11
CA MET M 765 -33.85 39.82 -16.98
C MET M 765 -33.34 38.92 -18.09
N ALA M 766 -33.21 39.44 -19.31
CA ALA M 766 -32.69 38.65 -20.41
C ALA M 766 -31.28 38.15 -20.10
N ARG M 767 -30.44 39.01 -19.53
CA ARG M 767 -29.09 38.57 -19.19
C ARG M 767 -29.09 37.50 -18.10
N ILE M 768 -29.90 37.71 -17.05
CA ILE M 768 -30.01 36.69 -15.99
C ILE M 768 -30.44 35.35 -16.57
N LEU M 769 -31.45 35.37 -17.45
CA LEU M 769 -32.04 34.14 -17.94
C LEU M 769 -31.14 33.43 -18.92
N VAL M 770 -30.37 34.18 -19.72
CA VAL M 770 -29.42 33.53 -20.62
C VAL M 770 -28.27 32.93 -19.83
N ARG M 771 -27.85 33.57 -18.73
CA ARG M 771 -26.81 32.96 -17.91
C ARG M 771 -27.30 31.71 -17.19
N LEU M 772 -28.61 31.63 -16.88
CA LEU M 772 -29.11 30.40 -16.27
C LEU M 772 -29.31 29.27 -17.28
N GLY M 773 -29.73 29.58 -18.50
CA GLY M 773 -29.84 28.54 -19.50
C GLY M 773 -31.23 28.29 -20.05
N ILE M 774 -32.06 29.33 -20.15
CA ILE M 774 -33.38 29.15 -20.72
C ILE M 774 -33.28 28.90 -22.23
N ASP M 775 -34.32 28.29 -22.78
CA ASP M 775 -34.31 27.90 -24.19
C ASP M 775 -34.90 28.96 -25.11
N SER M 776 -35.81 29.81 -24.62
CA SER M 776 -36.43 30.81 -25.47
C SER M 776 -36.87 32.02 -24.63
N ILE M 777 -37.09 33.14 -25.33
CA ILE M 777 -37.62 34.37 -24.75
C ILE M 777 -38.67 34.94 -25.70
N SER M 778 -39.75 35.48 -25.15
CA SER M 778 -40.87 35.99 -25.92
C SER M 778 -41.04 37.48 -25.65
N ALA M 779 -40.91 38.30 -26.68
CA ALA M 779 -40.87 39.76 -26.55
C ALA M 779 -42.06 40.41 -27.23
N ASN M 780 -42.31 41.66 -26.85
CA ASN M 780 -43.35 42.44 -27.48
C ASN M 780 -42.94 42.78 -28.92
N PRO M 781 -43.91 42.98 -29.82
CA PRO M 781 -43.57 43.14 -31.24
C PRO M 781 -42.60 44.29 -31.55
N ASP M 782 -42.42 45.24 -30.65
CA ASP M 782 -41.50 46.35 -30.88
C ASP M 782 -40.28 46.31 -29.98
N ALA M 783 -39.91 45.13 -29.49
CA ALA M 783 -38.73 44.96 -28.66
C ALA M 783 -37.88 43.76 -29.08
N VAL M 784 -38.08 43.24 -30.29
CA VAL M 784 -37.41 42.01 -30.70
C VAL M 784 -35.94 42.26 -31.01
N GLN M 785 -35.63 43.42 -31.60
CA GLN M 785 -34.26 43.71 -32.02
C GLN M 785 -33.35 43.99 -30.83
N LEU M 786 -33.86 44.74 -29.86
CA LEU M 786 -33.09 45.03 -28.65
C LEU M 786 -32.73 43.75 -27.91
N ILE M 787 -33.72 42.87 -27.73
CA ILE M 787 -33.47 41.62 -27.01
C ILE M 787 -32.52 40.74 -27.80
N ARG M 788 -32.64 40.75 -29.14
CA ARG M 788 -31.72 40.00 -29.98
C ARG M 788 -30.27 40.43 -29.76
N GLN M 789 -30.02 41.74 -29.73
CA GLN M 789 -28.67 42.24 -29.47
C GLN M 789 -28.16 41.89 -28.07
N VAL M 790 -29.00 42.06 -27.05
CA VAL M 790 -28.59 41.73 -25.68
C VAL M 790 -28.21 40.25 -25.58
N VAL M 791 -28.99 39.37 -26.21
CA VAL M 791 -28.72 37.94 -26.12
C VAL M 791 -27.44 37.58 -26.84
N ALA M 792 -27.21 38.17 -28.02
CA ALA M 792 -25.96 37.91 -28.74
C ALA M 792 -24.74 38.28 -27.93
N GLN M 793 -24.76 39.47 -27.29
CA GLN M 793 -23.62 39.89 -26.50
C GLN M 793 -23.37 38.95 -25.32
N GLU M 794 -24.44 38.55 -24.62
CA GLU M 794 -24.28 37.64 -23.48
C GLU M 794 -23.67 36.31 -23.90
N GLU M 795 -24.09 35.77 -25.04
CA GLU M 795 -23.53 34.50 -25.50
C GLU M 795 -22.05 34.61 -25.82
N ARG M 796 -21.64 35.68 -26.51
CA ARG M 796 -20.21 35.84 -26.79
C ARG M 796 -19.40 35.97 -25.50
N LYS M 797 -19.93 36.67 -24.50
CA LYS M 797 -19.26 36.75 -23.20
C LYS M 797 -19.03 35.37 -22.60
N LEU M 798 -20.08 34.53 -22.57
CA LEU M 798 -19.94 33.21 -21.99
C LEU M 798 -18.85 32.39 -22.70
N MET M 799 -18.86 32.42 -24.02
CA MET M 799 -17.86 31.66 -24.78
C MET M 799 -16.44 32.14 -24.48
N LEU M 800 -16.24 33.46 -24.39
CA LEU M 800 -14.92 33.98 -24.08
C LEU M 800 -14.45 33.53 -22.70
N GLU M 801 -15.35 33.55 -21.71
CA GLU M 801 -15.00 33.11 -20.37
C GLU M 801 -14.53 31.66 -20.36
N ALA M 802 -15.24 30.78 -21.08
CA ALA M 802 -14.83 29.38 -21.09
C ALA M 802 -13.48 29.20 -21.79
N ALA M 803 -13.25 29.94 -22.88
CA ALA M 803 -11.95 29.86 -23.55
C ALA M 803 -10.82 30.28 -22.63
N ARG M 804 -11.00 31.37 -21.88
CA ARG M 804 -9.96 31.84 -20.98
C ARG M 804 -9.69 30.84 -19.86
N LYS M 805 -10.75 30.25 -19.30
CA LYS M 805 -10.53 29.25 -18.27
C LYS M 805 -9.76 28.05 -18.81
N GLN M 806 -10.03 27.66 -20.06
CA GLN M 806 -9.32 26.53 -20.63
C GLN M 806 -7.86 26.86 -20.90
N LEU M 807 -7.57 28.06 -21.38
CA LEU M 807 -6.20 28.38 -21.79
C LEU M 807 -5.28 28.60 -20.60
N GLY N 506 -26.30 44.81 -42.88
CA GLY N 506 -27.58 44.86 -42.20
C GLY N 506 -27.48 44.49 -40.73
N ALA N 507 -26.53 43.64 -40.41
CA ALA N 507 -26.32 43.22 -39.02
C ALA N 507 -25.09 43.92 -38.47
N PRO N 508 -25.17 44.54 -37.30
CA PRO N 508 -23.98 45.17 -36.71
C PRO N 508 -22.95 44.13 -36.26
N LEU N 509 -21.76 44.63 -35.96
CA LEU N 509 -20.69 43.79 -35.44
C LEU N 509 -20.84 43.64 -33.94
N VAL N 510 -20.69 42.41 -33.44
CA VAL N 510 -21.01 42.05 -32.06
C VAL N 510 -19.77 41.48 -31.38
N THR N 511 -19.38 42.08 -30.26
CA THR N 511 -18.23 41.64 -29.49
C THR N 511 -18.66 41.36 -28.06
N GLY N 512 -17.91 40.49 -27.38
CA GLY N 512 -18.20 40.24 -25.98
C GLY N 512 -17.75 41.38 -25.10
N THR N 513 -16.56 41.90 -25.34
CA THR N 513 -16.09 43.10 -24.66
C THR N 513 -16.90 44.30 -25.11
N MET N 514 -17.24 45.18 -24.18
CA MET N 514 -17.99 46.38 -24.48
C MET N 514 -17.08 47.49 -24.94
N VAL N 515 -17.49 48.18 -26.01
CA VAL N 515 -16.78 49.34 -26.54
C VAL N 515 -17.68 50.55 -26.32
N LYS N 516 -17.22 51.50 -25.52
CA LYS N 516 -17.97 52.71 -25.20
C LYS N 516 -17.29 53.93 -25.83
N VAL N 517 -17.79 55.12 -25.52
CA VAL N 517 -17.35 56.35 -26.16
C VAL N 517 -17.14 57.43 -25.11
N ASN N 518 -16.26 58.37 -25.41
CA ASN N 518 -15.85 59.42 -24.47
C ASN N 518 -16.50 60.74 -24.87
N VAL N 519 -17.46 61.21 -24.07
CA VAL N 519 -18.23 62.41 -24.37
C VAL N 519 -17.62 63.58 -23.61
N SER N 520 -17.34 64.67 -24.33
CA SER N 520 -16.67 65.82 -23.73
C SER N 520 -17.65 66.92 -23.32
N MET N 521 -18.59 67.27 -24.19
CA MET N 521 -19.58 68.31 -23.96
C MET N 521 -20.96 67.72 -24.19
N PRO N 522 -22.01 68.38 -23.69
CA PRO N 522 -23.37 67.88 -23.92
C PRO N 522 -23.91 68.20 -25.31
N GLU N 523 -23.09 68.84 -26.16
CA GLU N 523 -23.53 69.16 -27.51
C GLU N 523 -23.10 68.14 -28.55
N VAL N 524 -21.95 67.48 -28.36
CA VAL N 524 -21.60 66.33 -29.17
C VAL N 524 -22.11 65.06 -28.48
N ALA N 525 -23.39 64.79 -28.66
CA ALA N 525 -24.02 63.63 -28.05
C ALA N 525 -24.88 62.82 -29.03
N GLU N 526 -25.29 63.41 -30.15
CA GLU N 526 -25.98 62.65 -31.18
C GLU N 526 -25.00 62.01 -32.15
N ARG N 527 -23.96 62.75 -32.52
CA ARG N 527 -22.89 62.15 -33.33
C ARG N 527 -22.20 61.03 -32.57
N ALA N 528 -22.27 61.03 -31.24
CA ALA N 528 -21.67 59.96 -30.46
C ALA N 528 -22.62 58.79 -30.31
N ALA N 529 -23.92 59.06 -30.14
CA ALA N 529 -24.90 57.99 -30.07
C ALA N 529 -25.12 57.33 -31.42
N ALA N 530 -24.67 57.96 -32.51
CA ALA N 530 -24.80 57.38 -33.83
C ALA N 530 -23.61 56.52 -34.23
N THR N 531 -22.69 56.24 -33.30
CA THR N 531 -21.52 55.44 -33.62
C THR N 531 -21.71 53.96 -33.33
N GLY N 532 -22.76 53.60 -32.59
CA GLY N 532 -22.96 52.23 -32.21
C GLY N 532 -22.27 51.81 -30.93
N ALA N 533 -21.98 52.76 -30.04
CA ALA N 533 -21.31 52.45 -28.79
C ALA N 533 -22.28 51.78 -27.82
N ASP N 534 -21.71 51.16 -26.78
CA ASP N 534 -22.49 50.44 -25.79
C ASP N 534 -22.82 51.29 -24.58
N GLY N 535 -22.45 52.56 -24.60
CA GLY N 535 -22.70 53.46 -23.49
C GLY N 535 -21.70 54.59 -23.52
N VAL N 536 -21.79 55.44 -22.50
CA VAL N 536 -20.82 56.49 -22.27
C VAL N 536 -19.85 56.03 -21.20
N GLY N 537 -18.56 56.24 -21.42
CA GLY N 537 -17.56 55.78 -20.49
C GLY N 537 -17.05 56.87 -19.59
N LEU N 538 -17.12 58.11 -20.07
CA LEU N 538 -16.66 59.25 -19.28
C LEU N 538 -17.31 60.51 -19.83
N LEU N 539 -18.15 61.16 -19.03
CA LEU N 539 -18.70 62.46 -19.35
C LEU N 539 -18.14 63.47 -18.35
N ARG N 540 -17.34 64.41 -18.84
CA ARG N 540 -16.68 65.38 -17.98
C ARG N 540 -17.59 66.56 -17.68
N ALA N 541 -17.34 67.20 -16.54
CA ALA N 541 -18.15 68.31 -16.07
C ALA N 541 -17.42 69.64 -16.12
N GLU N 542 -16.15 69.67 -16.52
CA GLU N 542 -15.38 70.90 -16.56
C GLU N 542 -16.09 71.97 -17.38
N HIS N 543 -16.58 71.60 -18.56
CA HIS N 543 -17.27 72.57 -19.42
C HIS N 543 -18.56 73.06 -18.79
N MET N 544 -19.41 72.13 -18.36
CA MET N 544 -20.73 72.49 -17.86
C MET N 544 -20.66 73.35 -16.60
N ILE N 545 -19.54 73.32 -15.89
CA ILE N 545 -19.41 74.13 -14.69
C ILE N 545 -18.66 75.43 -14.94
N LEU N 546 -17.54 75.38 -15.65
CA LEU N 546 -16.75 76.57 -15.94
C LEU N 546 -17.27 77.37 -17.12
N SER N 547 -18.54 77.21 -17.48
CA SER N 547 -19.11 77.93 -18.61
C SER N 547 -19.84 79.21 -18.20
N ILE N 548 -19.99 79.47 -16.91
CA ILE N 548 -20.77 80.60 -16.43
C ILE N 548 -19.88 81.83 -16.27
N GLY N 549 -18.64 81.76 -16.77
CA GLY N 549 -17.72 82.87 -16.71
C GLY N 549 -17.50 83.45 -15.33
N GLN N 550 -17.46 82.60 -14.30
CA GLN N 550 -17.39 83.06 -12.92
C GLN N 550 -16.83 81.95 -12.05
N HIS N 551 -16.15 82.32 -10.98
CA HIS N 551 -15.66 81.36 -10.02
C HIS N 551 -16.85 80.73 -9.28
N PRO N 552 -16.99 79.41 -9.32
CA PRO N 552 -18.17 78.78 -8.70
C PRO N 552 -18.29 79.07 -7.20
N ILE N 553 -17.19 79.07 -6.46
CA ILE N 553 -17.25 79.42 -5.04
C ILE N 553 -17.73 80.85 -4.88
N LYS N 554 -17.24 81.75 -5.73
CA LYS N 554 -17.76 83.12 -5.76
C LYS N 554 -19.22 83.13 -6.22
N PHE N 555 -19.57 82.25 -7.15
CA PHE N 555 -20.93 82.22 -7.68
C PHE N 555 -21.95 81.84 -6.62
N ILE N 556 -21.54 81.03 -5.64
CA ILE N 556 -22.49 80.57 -4.63
C ILE N 556 -22.49 81.46 -3.39
N LYS N 557 -21.38 82.17 -3.17
CA LYS N 557 -21.33 83.11 -2.06
C LYS N 557 -22.26 84.23 -2.47
N GLU N 558 -22.13 84.69 -3.70
CA GLU N 558 -23.05 85.70 -4.20
C GLU N 558 -24.42 85.14 -3.97
N GLY N 559 -24.60 83.85 -4.24
CA GLY N 559 -25.86 83.20 -3.95
C GLY N 559 -26.74 82.84 -5.12
N LYS N 560 -26.19 82.24 -6.17
CA LYS N 560 -27.08 81.81 -7.24
C LYS N 560 -26.91 80.31 -7.39
N GLU N 561 -27.42 79.55 -6.43
CA GLU N 561 -27.23 78.10 -6.47
C GLU N 561 -28.17 77.41 -7.44
N GLU N 562 -29.46 77.77 -7.43
CA GLU N 562 -30.45 77.03 -8.19
C GLU N 562 -30.23 77.16 -9.69
N GLU N 563 -29.72 78.30 -10.14
CA GLU N 563 -29.43 78.48 -11.56
C GLU N 563 -28.39 77.47 -12.04
N LEU N 564 -27.26 77.41 -11.35
CA LEU N 564 -26.22 76.44 -11.68
C LEU N 564 -26.74 75.02 -11.59
N VAL N 565 -27.52 74.73 -10.54
CA VAL N 565 -28.06 73.39 -10.36
C VAL N 565 -28.91 72.98 -11.56
N GLU N 566 -29.89 73.80 -11.93
CA GLU N 566 -30.79 73.43 -13.01
C GLU N 566 -30.08 73.43 -14.37
N LYS N 567 -29.06 74.26 -14.54
CA LYS N 567 -28.28 74.20 -15.77
C LYS N 567 -27.55 72.87 -15.89
N LEU N 568 -26.87 72.45 -14.82
CA LEU N 568 -26.28 71.12 -14.80
C LEU N 568 -27.33 70.05 -15.09
N ALA N 569 -28.53 70.23 -14.53
CA ALA N 569 -29.58 69.24 -14.68
C ALA N 569 -29.95 69.03 -16.14
N GLU N 570 -30.18 70.12 -16.87
CA GLU N 570 -30.54 69.96 -18.28
C GLU N 570 -29.35 69.45 -19.09
N GLY N 571 -28.14 69.92 -18.78
CA GLY N 571 -26.96 69.41 -19.47
C GLY N 571 -26.80 67.90 -19.34
N ILE N 572 -27.08 67.37 -18.15
CA ILE N 572 -26.97 65.94 -17.91
C ILE N 572 -28.11 65.16 -18.54
N GLU N 573 -29.33 65.70 -18.45
CA GLU N 573 -30.49 64.98 -18.98
C GLU N 573 -30.42 64.85 -20.49
N LYS N 574 -29.84 65.84 -21.17
CA LYS N 574 -29.66 65.73 -22.61
C LYS N 574 -28.88 64.46 -22.98
N VAL N 575 -27.72 64.28 -22.36
CA VAL N 575 -26.89 63.12 -22.63
C VAL N 575 -27.57 61.83 -22.16
N ALA N 576 -28.19 61.87 -20.98
CA ALA N 576 -28.83 60.68 -20.46
C ALA N 576 -29.97 60.20 -21.35
N ALA N 577 -30.65 61.11 -22.03
CA ALA N 577 -31.77 60.74 -22.89
C ALA N 577 -31.35 60.42 -24.32
N ALA N 578 -30.13 60.80 -24.71
CA ALA N 578 -29.65 60.39 -26.03
C ALA N 578 -29.25 58.92 -25.98
N PHE N 579 -28.77 58.46 -24.83
CA PHE N 579 -28.42 57.04 -24.67
C PHE N 579 -29.14 56.49 -23.45
N TYR N 580 -30.44 56.27 -23.55
CA TYR N 580 -31.23 55.78 -22.41
C TYR N 580 -31.03 54.32 -22.04
N PRO N 581 -31.47 53.39 -22.92
CA PRO N 581 -31.25 52.02 -22.40
C PRO N 581 -29.79 51.79 -22.00
N ARG N 582 -28.85 52.58 -22.51
CA ARG N 582 -27.44 52.37 -22.22
C ARG N 582 -26.92 53.18 -21.04
N PRO N 583 -25.95 52.63 -20.31
CA PRO N 583 -25.36 53.32 -19.16
C PRO N 583 -24.57 54.55 -19.55
N VAL N 584 -24.50 55.51 -18.62
CA VAL N 584 -23.69 56.72 -18.75
C VAL N 584 -22.99 56.96 -17.43
N TRP N 585 -21.70 57.26 -17.48
CA TRP N 585 -20.89 57.46 -16.28
C TRP N 585 -20.36 58.89 -16.24
N TYR N 586 -20.53 59.54 -15.09
CA TYR N 586 -20.27 60.97 -14.92
C TYR N 586 -19.25 61.18 -13.81
N ARG N 587 -18.21 61.98 -14.09
CA ARG N 587 -17.10 62.20 -13.18
C ARG N 587 -17.15 63.61 -12.60
N THR N 588 -17.12 63.72 -11.28
CA THR N 588 -17.22 65.01 -10.62
C THR N 588 -16.02 65.89 -10.95
N LEU N 589 -16.14 67.17 -10.61
CA LEU N 589 -15.22 68.20 -11.08
C LEU N 589 -13.78 67.88 -10.70
N ASP N 590 -12.86 68.15 -11.63
CA ASP N 590 -11.44 67.88 -11.41
C ASP N 590 -10.64 68.79 -12.32
N ALA N 591 -9.97 69.78 -11.73
CA ALA N 591 -9.13 70.72 -12.47
C ALA N 591 -8.10 71.29 -11.54
N PRO N 592 -6.91 71.63 -12.03
CA PRO N 592 -5.86 72.16 -11.15
C PRO N 592 -6.20 73.53 -10.60
N THR N 593 -5.32 74.11 -9.78
CA THR N 593 -5.57 75.42 -9.21
C THR N 593 -5.28 76.55 -10.17
N ASN N 594 -4.39 76.35 -11.15
CA ASN N 594 -4.15 77.36 -12.17
C ASN N 594 -5.20 77.33 -13.27
N GLU N 595 -6.34 76.70 -13.02
CA GLU N 595 -7.52 76.79 -13.87
C GLU N 595 -8.61 77.64 -13.26
N PHE N 596 -8.64 77.76 -11.93
CA PHE N 596 -9.57 78.66 -11.27
C PHE N 596 -9.01 80.07 -11.16
N ARG N 597 -7.71 80.24 -11.38
CA ARG N 597 -7.09 81.55 -11.28
C ARG N 597 -7.47 82.46 -12.43
N GLU N 598 -7.91 81.91 -13.56
CA GLU N 598 -8.07 82.66 -14.79
C GLU N 598 -9.53 83.01 -15.06
N MET N 599 -10.35 83.04 -14.03
CA MET N 599 -11.76 83.36 -14.16
C MET N 599 -12.11 84.61 -13.37
N PRO N 600 -13.20 85.31 -13.74
CA PRO N 600 -13.58 86.46 -12.90
C PRO N 600 -13.87 86.01 -11.48
N GLY N 601 -13.09 86.48 -10.52
CA GLY N 601 -13.26 86.07 -9.14
C GLY N 601 -12.08 85.24 -8.70
N GLY N 602 -11.23 84.87 -9.65
CA GLY N 602 -10.05 84.09 -9.33
C GLY N 602 -8.87 85.00 -9.09
N GLU N 603 -8.82 85.61 -7.91
CA GLU N 603 -7.72 86.51 -7.58
C GLU N 603 -7.01 85.98 -6.36
N ASP N 604 -7.72 85.24 -5.53
CA ASP N 604 -7.11 84.64 -4.36
C ASP N 604 -6.60 83.28 -4.77
N GLU N 605 -5.30 83.13 -4.95
CA GLU N 605 -4.74 81.85 -5.39
C GLU N 605 -3.40 81.55 -4.71
N PRO N 606 -2.88 80.33 -4.89
CA PRO N 606 -1.64 79.98 -4.19
C PRO N 606 -0.40 80.01 -5.07
N GLU N 607 -0.57 80.06 -6.39
CA GLU N 607 0.58 80.00 -7.28
C GLU N 607 1.56 78.93 -6.80
N GLU N 608 1.10 77.68 -6.71
CA GLU N 608 1.94 76.61 -6.20
C GLU N 608 3.09 76.27 -7.13
N ARG N 609 4.05 75.50 -6.63
CA ARG N 609 5.19 75.11 -7.46
C ARG N 609 4.94 73.77 -8.14
N ASN N 610 3.96 73.01 -7.66
CA ASN N 610 3.62 71.73 -8.29
C ASN N 610 2.12 71.47 -8.30
N PRO N 611 1.38 72.04 -9.29
CA PRO N 611 -0.07 71.88 -9.27
C PRO N 611 -0.54 70.47 -9.60
N MET N 612 0.35 69.58 -10.04
CA MET N 612 -0.03 68.19 -10.29
C MET N 612 -0.14 67.38 -9.02
N LEU N 613 0.61 67.74 -7.98
CA LEU N 613 0.60 67.05 -6.70
C LEU N 613 -0.05 67.90 -5.62
N GLY N 614 -1.04 68.70 -6.00
CA GLY N 614 -1.58 69.67 -5.08
C GLY N 614 -3.05 69.49 -4.71
N TRP N 615 -3.74 70.61 -4.52
CA TRP N 615 -5.10 70.64 -3.99
C TRP N 615 -6.07 70.60 -5.17
N ARG N 616 -6.55 69.40 -5.48
CA ARG N 616 -7.43 69.21 -6.62
C ARG N 616 -8.24 67.94 -6.40
N GLY N 617 -9.20 67.71 -7.29
CA GLY N 617 -9.97 66.49 -7.23
C GLY N 617 -10.83 66.39 -5.98
N ILE N 618 -11.06 65.14 -5.56
CA ILE N 618 -11.94 64.90 -4.42
C ILE N 618 -11.39 65.46 -3.12
N ARG N 619 -10.08 65.73 -3.03
CA ARG N 619 -9.55 66.41 -1.85
C ARG N 619 -10.19 67.80 -1.70
N ARG N 620 -9.95 68.66 -2.69
CA ARG N 620 -10.61 69.96 -2.72
C ARG N 620 -12.11 69.83 -2.60
N GLY N 621 -12.69 68.81 -3.25
CA GLY N 621 -14.12 68.64 -3.18
C GLY N 621 -14.63 68.42 -1.78
N LEU N 622 -13.95 67.59 -1.00
CA LEU N 622 -14.35 67.33 0.37
C LEU N 622 -14.01 68.48 1.30
N ASP N 623 -13.06 69.34 0.93
CA ASP N 623 -12.79 70.52 1.74
C ASP N 623 -13.94 71.52 1.67
N GLN N 624 -14.53 71.70 0.48
CA GLN N 624 -15.64 72.63 0.27
C GLN N 624 -16.85 71.85 -0.21
N PRO N 625 -17.63 71.30 0.72
CA PRO N 625 -18.69 70.35 0.33
C PRO N 625 -19.85 70.94 -0.46
N GLU N 626 -19.80 72.23 -0.77
CA GLU N 626 -20.93 72.85 -1.47
C GLU N 626 -20.98 72.43 -2.94
N LEU N 627 -19.81 72.27 -3.56
CA LEU N 627 -19.78 71.78 -4.94
C LEU N 627 -20.37 70.39 -5.04
N LEU N 628 -19.98 69.51 -4.11
CA LEU N 628 -20.56 68.17 -4.06
C LEU N 628 -22.06 68.23 -3.83
N ARG N 629 -22.50 69.09 -2.92
CA ARG N 629 -23.93 69.25 -2.65
C ARG N 629 -24.69 69.60 -3.92
N ALA N 630 -24.19 70.59 -4.67
CA ALA N 630 -24.88 71.05 -5.86
C ALA N 630 -24.91 69.97 -6.94
N GLU N 631 -23.78 69.30 -7.15
CA GLU N 631 -23.73 68.26 -8.19
C GLU N 631 -24.65 67.10 -7.85
N PHE N 632 -24.66 66.67 -6.59
CA PHE N 632 -25.55 65.58 -6.21
C PHE N 632 -27.01 66.00 -6.30
N LYS N 633 -27.31 67.28 -6.02
CA LYS N 633 -28.66 67.78 -6.19
C LYS N 633 -29.11 67.67 -7.64
N ALA N 634 -28.26 68.15 -8.57
CA ALA N 634 -28.62 68.07 -9.98
C ALA N 634 -28.77 66.63 -10.45
N ILE N 635 -27.90 65.74 -9.97
CA ILE N 635 -27.97 64.34 -10.39
C ILE N 635 -29.29 63.73 -9.92
N LYS N 636 -29.65 63.93 -8.65
CA LYS N 636 -30.93 63.43 -8.18
C LYS N 636 -32.09 64.06 -8.94
N LYS N 637 -31.94 65.33 -9.33
CA LYS N 637 -32.97 66.02 -10.07
C LYS N 637 -33.26 65.32 -11.39
N VAL N 638 -32.21 65.03 -12.18
CA VAL N 638 -32.45 64.31 -13.42
C VAL N 638 -32.78 62.85 -13.19
N VAL N 639 -32.45 62.30 -12.02
CA VAL N 639 -32.81 60.91 -11.77
C VAL N 639 -34.31 60.76 -11.55
N GLU N 640 -34.93 61.68 -10.81
CA GLU N 640 -36.34 61.51 -10.45
C GLU N 640 -37.27 61.66 -11.65
N LYS N 641 -36.77 62.15 -12.79
CA LYS N 641 -37.58 62.15 -14.00
C LYS N 641 -37.76 60.75 -14.58
N GLY N 642 -36.94 59.79 -14.14
CA GLY N 642 -37.12 58.41 -14.55
C GLY N 642 -35.94 57.78 -15.27
N TYR N 643 -34.77 58.42 -15.18
CA TYR N 643 -33.56 57.92 -15.82
C TYR N 643 -32.78 57.09 -14.81
N ASN N 644 -32.82 55.77 -14.97
CA ASN N 644 -32.15 54.86 -14.04
C ASN N 644 -30.88 54.25 -14.63
N ASN N 645 -30.10 55.03 -15.37
CA ASN N 645 -28.92 54.51 -16.04
C ASN N 645 -27.72 55.41 -15.82
N ILE N 646 -27.69 56.13 -14.71
CA ILE N 646 -26.61 57.04 -14.37
C ILE N 646 -25.77 56.43 -13.25
N GLY N 647 -24.50 56.83 -13.22
CA GLY N 647 -23.61 56.42 -12.16
C GLY N 647 -22.58 57.51 -11.92
N VAL N 648 -22.04 57.51 -10.70
CA VAL N 648 -21.14 58.56 -10.24
C VAL N 648 -19.73 58.01 -10.09
N MET N 649 -18.75 58.84 -10.46
CA MET N 649 -17.34 58.45 -10.48
C MET N 649 -16.52 59.50 -9.74
N LEU N 650 -15.76 59.07 -8.73
CA LEU N 650 -14.95 59.97 -7.90
C LEU N 650 -13.50 59.97 -8.40
N PRO N 651 -12.90 61.14 -8.62
CA PRO N 651 -11.52 61.19 -9.09
C PRO N 651 -10.49 61.34 -7.96
N LEU N 652 -9.33 60.72 -8.18
CA LEU N 652 -8.14 60.88 -7.34
C LEU N 652 -8.40 60.46 -5.89
N VAL N 653 -8.67 59.17 -5.71
CA VAL N 653 -8.93 58.58 -4.41
C VAL N 653 -7.69 57.80 -3.96
N SER N 654 -7.29 57.99 -2.70
CA SER N 654 -6.20 57.20 -2.15
C SER N 654 -6.38 56.76 -0.71
N HIS N 655 -7.51 57.08 -0.07
CA HIS N 655 -7.83 56.59 1.27
C HIS N 655 -9.30 56.21 1.28
N PRO N 656 -9.68 55.17 2.04
CA PRO N 656 -11.11 54.83 2.14
C PRO N 656 -11.94 55.87 2.85
N GLU N 657 -11.33 56.68 3.71
CA GLU N 657 -12.06 57.74 4.39
C GLU N 657 -12.70 58.69 3.40
N GLN N 658 -12.03 58.93 2.27
CA GLN N 658 -12.62 59.80 1.24
C GLN N 658 -13.90 59.20 0.69
N ILE N 659 -13.91 57.89 0.45
CA ILE N 659 -15.11 57.24 -0.06
C ILE N 659 -16.23 57.32 0.95
N ARG N 660 -15.93 57.09 2.24
CA ARG N 660 -17.00 57.12 3.23
C ARG N 660 -17.56 58.54 3.43
N GLU N 661 -16.69 59.55 3.44
CA GLU N 661 -17.17 60.92 3.60
C GLU N 661 -18.00 61.35 2.39
N ALA N 662 -17.61 60.93 1.19
CA ALA N 662 -18.42 61.24 0.02
C ALA N 662 -19.79 60.56 0.09
N LYS N 663 -19.82 59.30 0.55
CA LYS N 663 -21.10 58.62 0.68
C LYS N 663 -22.01 59.34 1.68
N ARG N 664 -21.44 59.83 2.79
CA ARG N 664 -22.25 60.54 3.77
C ARG N 664 -22.75 61.87 3.20
N ILE N 665 -21.86 62.65 2.57
CA ILE N 665 -22.27 63.92 1.98
C ILE N 665 -23.40 63.71 0.99
N ALA N 666 -23.33 62.62 0.21
CA ALA N 666 -24.37 62.37 -0.78
C ALA N 666 -25.66 61.94 -0.12
N ARG N 667 -25.56 61.15 0.96
CA ARG N 667 -26.78 60.67 1.60
C ARG N 667 -27.48 61.75 2.39
N GLU N 668 -26.80 62.83 2.76
CA GLU N 668 -27.52 63.88 3.50
C GLU N 668 -28.54 64.62 2.64
N VAL N 669 -28.30 64.77 1.34
CA VAL N 669 -29.19 65.57 0.50
C VAL N 669 -30.18 64.75 -0.31
N GLY N 670 -30.40 63.49 0.04
CA GLY N 670 -31.46 62.70 -0.55
C GLY N 670 -31.02 61.60 -1.49
N LEU N 671 -29.89 61.76 -2.18
CA LEU N 671 -29.42 60.74 -3.11
C LEU N 671 -28.98 59.49 -2.36
N GLU N 672 -29.22 58.34 -2.97
CA GLU N 672 -28.95 57.05 -2.33
C GLU N 672 -28.06 56.17 -3.18
N PRO N 673 -26.82 55.92 -2.76
CA PRO N 673 -25.94 55.03 -3.53
C PRO N 673 -26.51 53.63 -3.66
N HIS N 674 -26.17 52.97 -4.76
CA HIS N 674 -26.46 51.56 -5.06
C HIS N 674 -27.95 51.28 -5.23
N LYS N 675 -28.81 52.28 -5.08
CA LYS N 675 -30.25 52.13 -5.31
C LYS N 675 -30.84 53.20 -6.20
N ASP N 676 -30.18 54.35 -6.35
CA ASP N 676 -30.56 55.36 -7.32
C ASP N 676 -29.53 55.53 -8.43
N VAL N 677 -28.25 55.25 -8.14
CA VAL N 677 -27.16 55.42 -9.08
C VAL N 677 -26.17 54.29 -8.86
N ALA N 678 -25.09 54.32 -9.63
CA ALA N 678 -23.96 53.44 -9.41
C ALA N 678 -22.81 54.21 -8.77
N TRP N 679 -22.02 53.52 -7.96
CA TRP N 679 -20.93 54.13 -7.21
C TRP N 679 -19.62 53.49 -7.64
N GLY N 680 -18.69 54.30 -8.13
CA GLY N 680 -17.40 53.81 -8.60
C GLY N 680 -16.33 54.85 -8.39
N VAL N 681 -15.08 54.48 -8.71
CA VAL N 681 -13.92 55.32 -8.45
C VAL N 681 -12.99 55.30 -9.66
N MET N 682 -12.00 56.19 -9.62
CA MET N 682 -10.93 56.26 -10.61
C MET N 682 -9.61 55.81 -10.00
N ILE N 683 -8.78 55.14 -10.79
CA ILE N 683 -7.50 54.64 -10.35
C ILE N 683 -6.42 55.41 -11.09
N GLU N 684 -5.79 56.38 -10.41
CA GLU N 684 -4.74 57.18 -11.01
C GLU N 684 -3.49 57.31 -10.15
N VAL N 685 -3.56 57.12 -8.84
CA VAL N 685 -2.37 57.15 -8.00
C VAL N 685 -1.90 55.72 -7.78
N PRO N 686 -0.60 55.46 -7.74
CA PRO N 686 -0.14 54.08 -7.50
C PRO N 686 -0.61 53.49 -6.19
N ALA N 687 -0.81 54.31 -5.16
CA ALA N 687 -1.30 53.80 -3.89
C ALA N 687 -2.65 53.12 -4.05
N ALA N 688 -3.55 53.73 -4.82
CA ALA N 688 -4.87 53.13 -5.01
C ALA N 688 -4.78 51.80 -5.73
N ALA N 689 -3.84 51.68 -6.67
CA ALA N 689 -3.63 50.42 -7.36
C ALA N 689 -2.99 49.36 -6.49
N ILE N 690 -2.29 49.74 -5.41
CA ILE N 690 -1.60 48.76 -4.59
C ILE N 690 -2.45 48.25 -3.41
N ILE N 691 -3.42 49.03 -2.93
CA ILE N 691 -4.27 48.61 -1.82
C ILE N 691 -5.72 48.50 -2.25
N ILE N 692 -5.94 48.06 -3.49
CA ILE N 692 -7.27 48.11 -4.11
C ILE N 692 -8.32 47.36 -3.29
N GLU N 693 -7.92 46.33 -2.55
CA GLU N 693 -8.89 45.54 -1.81
C GLU N 693 -9.54 46.33 -0.69
N ASP N 694 -8.77 47.19 -0.02
CA ASP N 694 -9.34 48.05 1.01
C ASP N 694 -10.44 48.92 0.44
N LEU N 695 -10.21 49.51 -0.73
CA LEU N 695 -11.24 50.32 -1.38
C LEU N 695 -12.45 49.48 -1.77
N ILE N 696 -12.22 48.26 -2.25
CA ILE N 696 -13.33 47.41 -2.66
C ILE N 696 -14.21 47.06 -1.46
N LYS N 697 -13.61 46.92 -0.28
CA LYS N 697 -14.39 46.53 0.89
C LYS N 697 -15.31 47.63 1.41
N GLU N 698 -15.38 48.79 0.76
CA GLU N 698 -16.32 49.83 1.13
C GLU N 698 -17.54 49.87 0.21
N GLY N 699 -17.77 48.81 -0.56
CA GLY N 699 -18.95 48.74 -1.41
C GLY N 699 -18.94 49.67 -2.61
N ILE N 700 -18.10 49.38 -3.60
CA ILE N 700 -18.16 50.11 -4.87
C ILE N 700 -18.72 49.18 -5.94
N ASP N 701 -19.01 49.73 -7.12
CA ASP N 701 -19.60 48.93 -8.18
C ASP N 701 -18.71 48.82 -9.41
N PHE N 702 -17.91 49.83 -9.67
CA PHE N 702 -17.07 49.82 -10.87
C PHE N 702 -15.78 50.58 -10.70
N VAL N 703 -14.80 50.29 -11.55
CA VAL N 703 -13.51 50.98 -11.49
C VAL N 703 -13.04 51.35 -12.88
N SER N 704 -12.21 52.38 -13.00
CA SER N 704 -11.73 52.83 -14.29
C SER N 704 -10.28 53.27 -14.20
N PHE N 705 -9.48 52.88 -15.20
CA PHE N 705 -8.05 53.20 -15.24
C PHE N 705 -7.82 54.51 -15.97
N GLY N 706 -7.21 55.48 -15.28
CA GLY N 706 -6.69 56.68 -15.89
C GLY N 706 -5.23 56.57 -16.30
N THR N 707 -4.94 55.90 -17.42
CA THR N 707 -3.57 55.52 -17.72
C THR N 707 -2.64 56.71 -17.92
N ASN N 708 -3.19 57.87 -18.28
CA ASN N 708 -2.37 59.09 -18.40
C ASN N 708 -1.71 59.43 -17.07
N ASP N 709 -2.54 59.70 -16.06
CA ASP N 709 -2.03 60.09 -14.76
C ASP N 709 -1.24 58.97 -14.10
N LEU N 710 -1.69 57.73 -14.28
CA LEU N 710 -0.97 56.61 -13.68
C LEU N 710 0.44 56.48 -14.25
N THR N 711 0.58 56.58 -15.57
CA THR N 711 1.90 56.51 -16.17
C THR N 711 2.76 57.70 -15.75
N GLN N 712 2.16 58.86 -15.55
CA GLN N 712 2.97 59.99 -15.14
C GLN N 712 3.43 59.89 -13.70
N TYR N 713 2.57 59.48 -12.78
CA TYR N 713 2.95 59.38 -11.38
C TYR N 713 3.82 58.17 -11.09
N THR N 714 3.79 57.14 -11.93
CA THR N 714 4.58 55.96 -11.66
C THR N 714 6.04 56.14 -12.09
N LEU N 715 6.27 56.85 -13.19
CA LEU N 715 7.63 57.06 -13.70
C LEU N 715 8.24 58.36 -13.22
N ALA N 716 7.53 59.14 -12.42
CA ALA N 716 8.01 60.42 -11.91
C ALA N 716 8.48 61.32 -13.04
N ILE N 717 7.55 61.66 -13.92
CA ILE N 717 7.87 62.33 -15.18
C ILE N 717 6.68 63.17 -15.60
N ASP N 718 6.96 64.40 -16.03
CA ASP N 718 5.94 65.26 -16.63
C ASP N 718 6.04 65.15 -18.15
N ARG N 719 4.88 65.04 -18.79
CA ARG N 719 4.84 64.81 -20.23
C ARG N 719 4.93 66.11 -21.02
N ASP N 720 4.46 67.22 -20.45
CA ASP N 720 4.54 68.51 -21.12
C ASP N 720 5.96 69.06 -21.18
N ASN N 721 6.86 68.57 -20.34
CA ASN N 721 8.24 69.04 -20.34
C ASN N 721 8.98 68.45 -21.52
N GLU N 722 9.61 69.33 -22.30
CA GLU N 722 10.25 68.93 -23.56
C GLU N 722 11.44 68.01 -23.32
N ARG N 723 12.13 68.19 -22.21
CA ARG N 723 13.41 67.51 -22.01
C ARG N 723 13.26 66.07 -21.52
N VAL N 724 12.15 65.73 -20.87
CA VAL N 724 11.96 64.38 -20.35
C VAL N 724 10.72 63.68 -20.91
N ALA N 725 10.08 64.24 -21.94
CA ALA N 725 8.94 63.56 -22.55
C ALA N 725 9.35 62.43 -23.47
N LYS N 726 10.65 62.24 -23.69
CA LYS N 726 11.12 61.12 -24.50
C LYS N 726 11.08 59.80 -23.75
N LEU N 727 10.77 59.80 -22.46
CA LEU N 727 10.71 58.58 -21.68
C LEU N 727 9.29 58.08 -21.45
N TYR N 728 8.29 58.90 -21.77
CA TYR N 728 6.89 58.51 -21.58
C TYR N 728 6.56 57.28 -22.41
N ASP N 729 5.82 56.35 -21.79
CA ASP N 729 5.42 55.11 -22.44
C ASP N 729 4.32 54.43 -21.62
N GLU N 730 3.18 54.15 -22.24
CA GLU N 730 2.03 53.59 -21.53
C GLU N 730 2.01 52.07 -21.54
N THR N 731 2.95 51.42 -22.22
CA THR N 731 3.13 49.98 -22.15
C THR N 731 4.42 49.61 -21.43
N HIS N 732 4.80 50.40 -20.44
CA HIS N 732 5.96 50.08 -19.61
C HIS N 732 5.60 48.94 -18.66
N PRO N 733 6.54 48.01 -18.40
CA PRO N 733 6.22 46.83 -17.59
C PRO N 733 5.58 47.11 -16.23
N ALA N 734 5.91 48.22 -15.58
CA ALA N 734 5.41 48.44 -14.23
C ALA N 734 3.91 48.75 -14.25
N VAL N 735 3.48 49.60 -15.18
CA VAL N 735 2.06 49.92 -15.33
C VAL N 735 1.27 48.65 -15.64
N LEU N 736 1.84 47.76 -16.45
CA LEU N 736 1.13 46.54 -16.81
C LEU N 736 1.02 45.59 -15.63
N LYS N 737 2.07 45.49 -14.81
CA LYS N 737 1.96 44.73 -13.56
C LYS N 737 0.84 45.26 -12.68
N LEU N 738 0.76 46.58 -12.53
CA LEU N 738 -0.28 47.16 -11.68
C LEU N 738 -1.67 46.87 -12.21
N ILE N 739 -1.86 47.03 -13.53
CA ILE N 739 -3.16 46.78 -14.15
C ILE N 739 -3.56 45.32 -13.98
N LYS N 740 -2.62 44.40 -14.18
CA LYS N 740 -2.93 42.98 -14.03
C LYS N 740 -3.36 42.65 -12.62
N HIS N 741 -2.66 43.20 -11.62
CA HIS N 741 -3.04 42.95 -10.23
C HIS N 741 -4.46 43.44 -9.95
N VAL N 742 -4.76 44.68 -10.35
CA VAL N 742 -6.09 45.23 -10.09
C VAL N 742 -7.17 44.36 -10.73
N ILE N 743 -7.01 44.04 -12.01
CA ILE N 743 -8.01 43.27 -12.74
C ILE N 743 -8.24 41.94 -12.04
N LYS N 744 -7.17 41.24 -11.66
CA LYS N 744 -7.29 39.98 -10.94
C LYS N 744 -8.18 40.14 -9.71
N VAL N 745 -7.90 41.15 -8.89
CA VAL N 745 -8.59 41.24 -7.60
C VAL N 745 -10.08 41.55 -7.79
N CYS N 746 -10.42 42.53 -8.62
CA CYS N 746 -11.83 42.86 -8.70
C CYS N 746 -12.61 41.84 -9.51
N LYS N 747 -11.95 41.13 -10.44
CA LYS N 747 -12.55 39.93 -10.99
C LYS N 747 -12.94 38.96 -9.88
N ARG N 748 -12.01 38.70 -8.96
CA ARG N 748 -12.33 37.83 -7.82
C ARG N 748 -13.51 38.33 -7.00
N TYR N 749 -13.67 39.64 -6.85
CA TYR N 749 -14.74 40.17 -5.99
C TYR N 749 -16.03 40.52 -6.73
N GLY N 750 -16.10 40.32 -8.04
CA GLY N 750 -17.34 40.61 -8.75
C GLY N 750 -17.57 42.05 -9.13
N VAL N 751 -16.50 42.81 -9.36
CA VAL N 751 -16.58 44.22 -9.73
C VAL N 751 -16.22 44.36 -11.20
N GLU N 752 -16.79 45.38 -11.84
CA GLU N 752 -16.57 45.63 -13.26
C GLU N 752 -15.41 46.59 -13.48
N THR N 753 -14.59 46.31 -14.50
CA THR N 753 -13.41 47.10 -14.82
C THR N 753 -13.55 47.78 -16.18
N SER N 754 -12.87 48.90 -16.36
CA SER N 754 -12.91 49.64 -17.61
C SER N 754 -11.64 50.48 -17.72
N ILE N 755 -11.46 51.12 -18.87
CA ILE N 755 -10.34 52.02 -19.09
C ILE N 755 -10.75 53.17 -19.99
N CYS N 756 -10.50 54.39 -19.55
CA CYS N 756 -10.65 55.59 -20.35
C CYS N 756 -9.26 56.20 -20.60
N GLY N 757 -9.21 57.24 -21.40
CA GLY N 757 -7.97 57.94 -21.66
C GLY N 757 -7.63 57.95 -23.13
N GLN N 758 -6.36 58.25 -23.41
CA GLN N 758 -5.86 58.26 -24.78
C GLN N 758 -5.36 56.90 -25.22
N ALA N 759 -5.05 56.00 -24.28
CA ALA N 759 -4.65 54.65 -24.61
C ALA N 759 -5.83 53.71 -24.79
N GLY N 760 -7.05 54.20 -24.61
CA GLY N 760 -8.22 53.46 -25.03
C GLY N 760 -8.41 53.46 -26.52
N SER N 761 -7.75 54.37 -27.24
CA SER N 761 -7.82 54.46 -28.69
C SER N 761 -6.55 53.98 -29.37
N ASP N 762 -5.93 52.94 -28.83
CA ASP N 762 -4.70 52.37 -29.38
C ASP N 762 -4.89 50.87 -29.64
N PRO N 763 -4.62 50.39 -30.86
CA PRO N 763 -4.81 48.96 -31.13
C PRO N 763 -3.94 48.02 -30.32
N LYS N 764 -2.68 48.39 -30.07
CA LYS N 764 -1.78 47.50 -29.33
C LYS N 764 -2.23 47.34 -27.88
N MET N 765 -2.57 48.45 -27.23
CA MET N 765 -3.10 48.38 -25.87
C MET N 765 -4.40 47.61 -25.84
N ALA N 766 -5.26 47.78 -26.85
CA ALA N 766 -6.50 47.04 -26.91
C ALA N 766 -6.25 45.54 -26.93
N ARG N 767 -5.25 45.10 -27.71
CA ARG N 767 -4.94 43.67 -27.75
C ARG N 767 -4.42 43.16 -26.41
N ILE N 768 -3.50 43.92 -25.79
CA ILE N 768 -2.99 43.54 -24.46
C ILE N 768 -4.15 43.39 -23.47
N LEU N 769 -5.06 44.37 -23.47
CA LEU N 769 -6.11 44.42 -22.46
C LEU N 769 -7.16 43.35 -22.68
N VAL N 770 -7.45 43.02 -23.94
CA VAL N 770 -8.39 41.93 -24.20
C VAL N 770 -7.78 40.60 -23.83
N ARG N 771 -6.47 40.42 -24.03
CA ARG N 771 -5.85 39.17 -23.59
C ARG N 771 -5.80 39.06 -22.08
N LEU N 772 -5.74 40.19 -21.36
CA LEU N 772 -5.78 40.09 -19.90
C LEU N 772 -7.19 39.85 -19.35
N GLY N 773 -8.21 40.44 -19.97
CA GLY N 773 -9.57 40.15 -19.53
C GLY N 773 -10.36 41.34 -19.02
N ILE N 774 -10.12 42.53 -19.56
CA ILE N 774 -10.89 43.69 -19.14
C ILE N 774 -12.33 43.58 -19.65
N ASP N 775 -13.23 44.29 -18.98
CA ASP N 775 -14.65 44.20 -19.29
C ASP N 775 -15.11 45.24 -20.31
N SER N 776 -14.44 46.38 -20.41
CA SER N 776 -14.86 47.42 -21.34
C SER N 776 -13.67 48.28 -21.76
N ILE N 777 -13.85 48.99 -22.88
CA ILE N 777 -12.88 49.95 -23.40
C ILE N 777 -13.64 51.19 -23.86
N SER N 778 -13.07 52.37 -23.62
CA SER N 778 -13.70 53.65 -23.91
C SER N 778 -12.85 54.41 -24.93
N ALA N 779 -13.42 54.70 -26.08
CA ALA N 779 -12.67 55.27 -27.22
C ALA N 779 -13.17 56.66 -27.57
N ASN N 780 -12.34 57.39 -28.30
CA ASN N 780 -12.72 58.70 -28.79
C ASN N 780 -13.81 58.55 -29.86
N PRO N 781 -14.67 59.56 -30.03
CA PRO N 781 -15.82 59.41 -30.92
C PRO N 781 -15.48 59.03 -32.37
N ASP N 782 -14.24 59.22 -32.81
CA ASP N 782 -13.85 58.86 -34.17
C ASP N 782 -12.90 57.69 -34.23
N ALA N 783 -12.91 56.83 -33.21
CA ALA N 783 -12.07 55.64 -33.19
C ALA N 783 -12.84 54.39 -32.75
N VAL N 784 -14.17 54.43 -32.78
CA VAL N 784 -14.96 53.32 -32.25
C VAL N 784 -14.92 52.11 -33.18
N GLN N 785 -14.93 52.36 -34.49
CA GLN N 785 -14.99 51.26 -35.46
C GLN N 785 -13.68 50.49 -35.52
N LEU N 786 -12.56 51.21 -35.49
CA LEU N 786 -11.25 50.56 -35.50
C LEU N 786 -11.08 49.66 -34.30
N ILE N 787 -11.42 50.17 -33.11
CA ILE N 787 -11.27 49.38 -31.89
C ILE N 787 -12.22 48.19 -31.91
N ARG N 788 -13.43 48.38 -32.46
CA ARG N 788 -14.37 47.29 -32.60
C ARG N 788 -13.79 46.14 -33.43
N GLN N 789 -13.18 46.46 -34.57
CA GLN N 789 -12.55 45.44 -35.40
C GLN N 789 -11.38 44.74 -34.70
N VAL N 790 -10.50 45.52 -34.05
CA VAL N 790 -9.36 44.92 -33.35
C VAL N 790 -9.84 43.95 -32.27
N VAL N 791 -10.89 44.33 -31.53
CA VAL N 791 -11.37 43.48 -30.44
C VAL N 791 -11.99 42.20 -30.99
N ALA N 792 -12.77 42.31 -32.07
CA ALA N 792 -13.35 41.12 -32.69
C ALA N 792 -12.29 40.12 -33.12
N GLN N 793 -11.23 40.61 -33.77
CA GLN N 793 -10.17 39.70 -34.23
C GLN N 793 -9.48 39.01 -33.05
N GLU N 794 -9.17 39.78 -31.99
CA GLU N 794 -8.51 39.18 -30.82
C GLU N 794 -9.36 38.09 -30.19
N GLU N 795 -10.68 38.31 -30.09
CA GLU N 795 -11.55 37.30 -29.49
C GLU N 795 -11.58 36.02 -30.32
N ARG N 796 -11.69 36.14 -31.65
CA ARG N 796 -11.67 34.93 -32.46
C ARG N 796 -10.35 34.17 -32.33
N LYS N 797 -9.24 34.89 -32.24
CA LYS N 797 -7.94 34.25 -32.00
C LYS N 797 -7.96 33.42 -30.72
N LEU N 798 -8.43 34.02 -29.61
CA LEU N 798 -8.45 33.30 -28.35
C LEU N 798 -9.27 32.01 -28.45
N MET N 799 -10.46 32.11 -29.04
CA MET N 799 -11.32 30.93 -29.17
C MET N 799 -10.65 29.83 -30.00
N LEU N 800 -9.98 30.20 -31.09
CA LEU N 800 -9.29 29.20 -31.91
C LEU N 800 -8.19 28.51 -31.13
N GLU N 801 -7.42 29.27 -30.34
CA GLU N 801 -6.35 28.69 -29.54
C GLU N 801 -6.89 27.66 -28.56
N ALA N 802 -8.00 27.97 -27.89
CA ALA N 802 -8.55 27.01 -26.94
C ALA N 802 -9.07 25.75 -27.63
N ALA N 803 -9.70 25.92 -28.80
CA ALA N 803 -10.15 24.75 -29.56
C ALA N 803 -8.98 23.84 -29.95
N ARG N 804 -7.88 24.43 -30.42
CA ARG N 804 -6.73 23.63 -30.82
C ARG N 804 -6.12 22.90 -29.63
N LYS N 805 -6.01 23.58 -28.48
CA LYS N 805 -5.48 22.90 -27.31
C LYS N 805 -6.37 21.73 -26.90
N GLN N 806 -7.68 21.88 -27.02
CA GLN N 806 -8.58 20.79 -26.65
C GLN N 806 -8.48 19.63 -27.62
N LEU N 807 -8.35 19.90 -28.91
CA LEU N 807 -8.40 18.82 -29.90
C LEU N 807 -7.11 18.01 -29.93
N GLY O 506 -23.15 45.15 -44.32
CA GLY O 506 -22.69 46.29 -43.55
C GLY O 506 -21.52 45.96 -42.64
N ALA O 507 -21.46 44.72 -42.19
CA ALA O 507 -20.37 44.27 -41.34
C ALA O 507 -19.40 43.42 -42.14
N PRO O 508 -18.10 43.69 -42.09
CA PRO O 508 -17.14 42.84 -42.82
C PRO O 508 -17.04 41.45 -42.20
N LEU O 509 -16.39 40.56 -42.95
CA LEU O 509 -16.14 39.21 -42.47
C LEU O 509 -14.87 39.19 -41.63
N VAL O 510 -14.93 38.51 -40.48
CA VAL O 510 -13.88 38.57 -39.46
C VAL O 510 -13.35 37.17 -39.20
N THR O 511 -12.04 37.01 -39.34
CA THR O 511 -11.37 35.73 -39.11
C THR O 511 -10.26 35.92 -38.09
N GLY O 512 -9.92 34.84 -37.39
CA GLY O 512 -8.81 34.91 -36.45
C GLY O 512 -7.48 34.93 -37.16
N THR O 513 -7.31 34.09 -38.16
CA THR O 513 -6.13 34.13 -39.02
C THR O 513 -6.15 35.39 -39.85
N MET O 514 -4.98 36.01 -40.01
CA MET O 514 -4.85 37.22 -40.80
C MET O 514 -4.67 36.89 -42.27
N VAL O 515 -5.39 37.61 -43.13
CA VAL O 515 -5.27 37.49 -44.58
C VAL O 515 -4.69 38.80 -45.09
N LYS O 516 -3.51 38.74 -45.69
CA LYS O 516 -2.82 39.90 -46.22
C LYS O 516 -2.77 39.83 -47.74
N VAL O 517 -2.06 40.78 -48.37
CA VAL O 517 -2.06 40.94 -49.81
C VAL O 517 -0.63 41.14 -50.30
N ASN O 518 -0.37 40.75 -51.55
CA ASN O 518 0.97 40.77 -52.14
C ASN O 518 1.07 41.93 -53.11
N VAL O 519 1.86 42.95 -52.75
CA VAL O 519 1.99 44.17 -53.53
C VAL O 519 3.25 44.07 -54.38
N SER O 520 3.10 44.32 -55.69
CA SER O 520 4.22 44.16 -56.62
C SER O 520 4.91 45.48 -56.93
N MET O 521 4.15 46.53 -57.21
CA MET O 521 4.66 47.85 -57.55
C MET O 521 4.01 48.87 -56.63
N PRO O 522 4.59 50.06 -56.51
CA PRO O 522 3.98 51.10 -55.67
C PRO O 522 2.79 51.80 -56.32
N GLU O 523 2.41 51.38 -57.53
CA GLU O 523 1.29 51.99 -58.21
C GLU O 523 -0.01 51.24 -58.02
N VAL O 524 0.04 49.91 -57.87
CA VAL O 524 -1.13 49.15 -57.45
C VAL O 524 -1.12 49.04 -55.92
N ALA O 525 -1.58 50.09 -55.26
CA ALA O 525 -1.61 50.15 -53.81
C ALA O 525 -2.94 50.64 -53.25
N GLU O 526 -3.75 51.32 -54.05
CA GLU O 526 -5.09 51.69 -53.62
C GLU O 526 -6.09 50.59 -53.92
N ARG O 527 -5.97 49.98 -55.10
CA ARG O 527 -6.80 48.80 -55.40
C ARG O 527 -6.50 47.66 -54.45
N ALA O 528 -5.32 47.65 -53.84
CA ALA O 528 -4.98 46.61 -52.87
C ALA O 528 -5.48 46.97 -51.49
N ALA O 529 -5.38 48.25 -51.10
CA ALA O 529 -5.92 48.69 -49.82
C ALA O 529 -7.44 48.68 -49.80
N ALA O 530 -8.08 48.60 -50.97
CA ALA O 530 -9.53 48.55 -51.03
C ALA O 530 -10.08 47.14 -50.99
N THR O 531 -9.24 46.13 -50.72
CA THR O 531 -9.71 44.75 -50.69
C THR O 531 -10.09 44.29 -49.30
N GLY O 532 -9.73 45.05 -48.27
CA GLY O 532 -9.99 44.63 -46.92
C GLY O 532 -8.93 43.75 -46.29
N ALA O 533 -7.68 43.84 -46.79
CA ALA O 533 -6.61 43.03 -46.26
C ALA O 533 -6.15 43.56 -44.90
N ASP O 534 -5.41 42.73 -44.17
CA ASP O 534 -4.93 43.08 -42.84
C ASP O 534 -3.53 43.66 -42.86
N GLY O 535 -2.96 43.86 -44.04
CA GLY O 535 -1.63 44.40 -44.16
C GLY O 535 -1.03 43.97 -45.49
N VAL O 536 0.23 44.36 -45.69
CA VAL O 536 1.01 43.90 -46.82
C VAL O 536 1.91 42.77 -46.36
N GLY O 537 1.97 41.70 -47.15
CA GLY O 537 2.75 40.55 -46.77
C GLY O 537 4.09 40.49 -47.46
N LEU O 538 4.18 41.11 -48.64
CA LEU O 538 5.42 41.13 -49.39
C LEU O 538 5.37 42.28 -50.38
N LEU O 539 6.25 43.26 -50.21
CA LEU O 539 6.44 44.33 -51.18
C LEU O 539 7.83 44.19 -51.77
N ARG O 540 7.90 43.89 -53.06
CA ARG O 540 9.18 43.65 -53.72
C ARG O 540 9.82 44.95 -54.18
N ALA O 541 11.14 44.93 -54.29
CA ALA O 541 11.92 46.10 -54.65
C ALA O 541 12.54 46.00 -56.04
N GLU O 542 12.37 44.89 -56.74
CA GLU O 542 12.96 44.71 -58.06
C GLU O 542 12.58 45.85 -58.99
N HIS O 543 11.29 46.21 -59.02
CA HIS O 543 10.84 47.29 -59.90
C HIS O 543 11.43 48.63 -59.49
N MET O 544 11.30 48.98 -58.21
CA MET O 544 11.72 50.30 -57.75
C MET O 544 13.22 50.53 -57.92
N ILE O 545 14.01 49.45 -58.04
CA ILE O 545 15.44 49.61 -58.21
C ILE O 545 15.87 49.50 -59.66
N LEU O 546 15.36 48.50 -60.39
CA LEU O 546 15.72 48.30 -61.78
C LEU O 546 14.92 49.18 -62.74
N SER O 547 14.36 50.28 -62.27
CA SER O 547 13.57 51.17 -63.11
C SER O 547 14.38 52.34 -63.66
N ILE O 548 15.63 52.51 -63.24
CA ILE O 548 16.42 53.66 -63.63
C ILE O 548 17.22 53.37 -64.90
N GLY O 549 16.90 52.24 -65.55
CA GLY O 549 17.56 51.87 -66.80
C GLY O 549 19.07 51.84 -66.74
N GLN O 550 19.64 51.39 -65.62
CA GLN O 550 21.07 51.44 -65.41
C GLN O 550 21.46 50.41 -64.36
N HIS O 551 22.67 49.89 -64.47
CA HIS O 551 23.20 48.98 -63.46
C HIS O 551 23.43 49.75 -62.16
N PRO O 552 22.81 49.33 -61.05
CA PRO O 552 22.95 50.10 -59.80
C PRO O 552 24.39 50.24 -59.32
N ILE O 553 25.20 49.20 -59.45
CA ILE O 553 26.61 49.32 -59.07
C ILE O 553 27.30 50.35 -59.95
N LYS O 554 26.98 50.33 -61.25
CA LYS O 554 27.46 51.38 -62.15
C LYS O 554 26.86 52.74 -61.78
N PHE O 555 25.60 52.73 -61.34
CA PHE O 555 24.93 53.98 -61.01
C PHE O 555 25.57 54.68 -59.83
N ILE O 556 26.16 53.91 -58.91
CA ILE O 556 26.74 54.53 -57.71
C ILE O 556 28.23 54.83 -57.88
N LYS O 557 28.88 54.11 -58.80
CA LYS O 557 30.27 54.39 -59.08
C LYS O 557 30.26 55.73 -59.80
N GLU O 558 29.36 55.88 -60.75
CA GLU O 558 29.22 57.17 -61.42
C GLU O 558 29.00 58.16 -60.31
N GLY O 559 28.19 57.79 -59.33
CA GLY O 559 28.00 58.64 -58.18
C GLY O 559 26.68 59.36 -58.04
N LYS O 560 25.56 58.67 -58.24
CA LYS O 560 24.29 59.35 -58.01
C LYS O 560 23.54 58.58 -56.94
N GLU O 561 24.01 58.67 -55.70
CA GLU O 561 23.39 57.88 -54.63
C GLU O 561 22.10 58.50 -54.13
N GLU O 562 22.09 59.82 -53.91
CA GLU O 562 20.96 60.45 -53.24
C GLU O 562 19.69 60.39 -54.10
N GLU O 563 19.85 60.44 -55.42
CA GLU O 563 18.69 60.34 -56.30
C GLU O 563 17.98 59.00 -56.12
N LEU O 564 18.74 57.90 -56.22
CA LEU O 564 18.16 56.57 -56.01
C LEU O 564 17.58 56.44 -54.62
N VAL O 565 18.29 56.97 -53.61
CA VAL O 565 17.80 56.88 -52.23
C VAL O 565 16.44 57.54 -52.10
N GLU O 566 16.32 58.80 -52.52
CA GLU O 566 15.07 59.52 -52.34
C GLU O 566 13.95 58.96 -53.22
N LYS O 567 14.29 58.39 -54.38
CA LYS O 567 13.27 57.73 -55.18
C LYS O 567 12.70 56.52 -54.46
N LEU O 568 13.58 55.66 -53.93
CA LEU O 568 13.12 54.57 -53.08
C LEU O 568 12.26 55.09 -51.93
N ALA O 569 12.68 56.22 -51.35
CA ALA O 569 11.97 56.76 -50.19
C ALA O 569 10.53 57.09 -50.52
N GLU O 570 10.30 57.80 -51.63
CA GLU O 570 8.92 58.14 -51.97
C GLU O 570 8.14 56.90 -52.40
N GLY O 571 8.79 55.98 -53.13
CA GLY O 571 8.11 54.74 -53.49
C GLY O 571 7.62 53.95 -52.29
N ILE O 572 8.42 53.91 -51.22
CA ILE O 572 8.05 53.19 -50.02
C ILE O 572 7.00 53.94 -49.21
N GLU O 573 7.13 55.27 -49.11
CA GLU O 573 6.20 56.04 -48.30
C GLU O 573 4.80 56.01 -48.89
N LYS O 574 4.69 55.95 -50.22
CA LYS O 574 3.37 55.82 -50.84
C LYS O 574 2.62 54.60 -50.29
N VAL O 575 3.25 53.43 -50.34
CA VAL O 575 2.64 52.21 -49.86
C VAL O 575 2.43 52.26 -48.35
N ALA O 576 3.41 52.77 -47.61
CA ALA O 576 3.29 52.82 -46.17
C ALA O 576 2.13 53.69 -45.72
N ALA O 577 1.81 54.73 -46.48
CA ALA O 577 0.72 55.64 -46.11
C ALA O 577 -0.63 55.21 -46.65
N ALA O 578 -0.65 54.29 -47.61
CA ALA O 578 -1.94 53.76 -48.06
C ALA O 578 -2.46 52.77 -47.01
N PHE O 579 -1.56 52.08 -46.33
CA PHE O 579 -1.96 51.16 -45.27
C PHE O 579 -1.20 51.51 -44.00
N TYR O 580 -1.57 52.60 -43.34
CA TYR O 580 -0.86 53.04 -42.13
C TYR O 580 -1.12 52.22 -40.87
N PRO O 581 -2.36 52.28 -40.33
CA PRO O 581 -2.45 51.47 -39.10
C PRO O 581 -1.98 50.03 -39.32
N ARG O 582 -1.98 49.54 -40.56
CA ARG O 582 -1.61 48.16 -40.83
C ARG O 582 -0.14 47.97 -41.17
N PRO O 583 0.43 46.81 -40.79
CA PRO O 583 1.83 46.51 -41.08
C PRO O 583 2.10 46.33 -42.56
N VAL O 584 3.35 46.61 -42.94
CA VAL O 584 3.86 46.40 -44.30
C VAL O 584 5.24 45.79 -44.19
N TRP O 585 5.50 44.75 -44.97
CA TRP O 585 6.77 44.02 -44.93
C TRP O 585 7.48 44.16 -46.26
N TYR O 586 8.77 44.51 -46.22
CA TYR O 586 9.55 44.86 -47.40
C TYR O 586 10.78 43.97 -47.49
N ARG O 587 11.02 43.38 -48.67
CA ARG O 587 12.08 42.42 -48.89
C ARG O 587 13.18 43.02 -49.75
N THR O 588 14.42 42.96 -49.26
CA THR O 588 15.54 43.55 -49.97
C THR O 588 15.79 42.85 -51.31
N LEU O 589 16.61 43.49 -52.13
CA LEU O 589 16.74 43.11 -53.54
C LEU O 589 17.16 41.65 -53.69
N ASP O 590 16.57 40.99 -54.69
CA ASP O 590 16.85 39.58 -54.94
C ASP O 590 16.53 39.28 -56.40
N ALA O 591 17.57 39.06 -57.20
CA ALA O 591 17.41 38.74 -58.62
C ALA O 591 18.63 37.99 -59.08
N PRO O 592 18.50 37.09 -60.05
CA PRO O 592 19.66 36.31 -60.51
C PRO O 592 20.68 37.16 -61.23
N THR O 593 21.78 36.56 -61.69
CA THR O 593 22.81 37.30 -62.38
C THR O 593 22.47 37.58 -63.83
N ASN O 594 21.63 36.75 -64.46
CA ASN O 594 21.18 37.01 -65.81
C ASN O 594 20.03 38.01 -65.85
N GLU O 595 19.84 38.76 -64.78
CA GLU O 595 18.94 39.91 -64.75
C GLU O 595 19.70 41.23 -64.74
N PHE O 596 20.94 41.22 -64.23
CA PHE O 596 21.78 42.41 -64.28
C PHE O 596 22.55 42.49 -65.60
N ARG O 597 22.61 41.40 -66.35
CA ARG O 597 23.34 41.38 -67.60
C ARG O 597 22.64 42.17 -68.70
N GLU O 598 21.33 42.41 -68.57
CA GLU O 598 20.52 42.94 -69.65
C GLU O 598 20.23 44.43 -69.47
N MET O 599 21.04 45.12 -68.71
CA MET O 599 20.86 46.54 -68.46
C MET O 599 22.06 47.33 -68.97
N PRO O 600 21.88 48.63 -69.27
CA PRO O 600 23.05 49.42 -69.66
C PRO O 600 24.10 49.41 -68.55
N GLY O 601 25.27 48.84 -68.83
CA GLY O 601 26.30 48.74 -67.82
C GLY O 601 26.52 47.30 -67.43
N GLY O 602 25.63 46.43 -67.89
CA GLY O 602 25.74 45.02 -67.60
C GLY O 602 26.50 44.32 -68.70
N GLU O 603 27.83 44.46 -68.69
CA GLU O 603 28.66 43.82 -69.71
C GLU O 603 29.63 42.88 -69.03
N ASP O 604 29.96 43.17 -67.78
CA ASP O 604 30.84 42.29 -67.04
C ASP O 604 29.97 41.29 -66.32
N GLU O 605 29.92 40.06 -66.81
CA GLU O 605 29.07 39.04 -66.20
C GLU O 605 29.73 37.66 -66.20
N PRO O 606 29.13 36.68 -65.51
CA PRO O 606 29.78 35.37 -65.42
C PRO O 606 29.18 34.31 -66.33
N GLU O 607 27.99 34.57 -66.88
CA GLU O 607 27.33 33.55 -67.68
C GLU O 607 27.44 32.19 -67.00
N GLU O 608 26.94 32.08 -65.78
CA GLU O 608 27.05 30.83 -65.03
C GLU O 608 26.24 29.70 -65.63
N ARG O 609 26.50 28.48 -65.17
CA ARG O 609 25.74 27.33 -65.69
C ARG O 609 24.53 27.03 -64.81
N ASN O 610 24.51 27.57 -63.59
CA ASN O 610 23.35 27.38 -62.71
C ASN O 610 23.02 28.63 -61.90
N PRO O 611 22.28 29.59 -62.49
CA PRO O 611 22.03 30.84 -61.77
C PRO O 611 21.07 30.69 -60.60
N MET O 612 20.43 29.53 -60.43
CA MET O 612 19.56 29.31 -59.28
C MET O 612 20.34 28.99 -58.02
N LEU O 613 21.53 28.40 -58.15
CA LEU O 613 22.38 28.05 -57.03
C LEU O 613 23.62 28.93 -56.98
N GLY O 614 23.48 30.19 -57.40
CA GLY O 614 24.64 31.04 -57.55
C GLY O 614 24.69 32.26 -56.65
N TRP O 615 25.24 33.35 -57.19
CA TRP O 615 25.54 34.57 -56.44
C TRP O 615 24.33 35.49 -56.53
N ARG O 616 23.48 35.44 -55.52
CA ARG O 616 22.26 36.23 -55.51
C ARG O 616 21.80 36.41 -54.07
N GLY O 617 20.78 37.24 -53.89
CA GLY O 617 20.20 37.42 -52.58
C GLY O 617 21.16 38.09 -51.60
N ILE O 618 20.99 37.74 -50.32
CA ILE O 618 21.78 38.37 -49.27
C ILE O 618 23.26 38.03 -49.37
N ARG O 619 23.64 36.96 -50.07
CA ARG O 619 25.06 36.69 -50.31
C ARG O 619 25.68 37.85 -51.10
N ARG O 620 25.19 38.05 -52.33
CA ARG O 620 25.63 39.19 -53.12
C ARG O 620 25.46 40.49 -52.36
N GLY O 621 24.38 40.62 -51.59
CA GLY O 621 24.16 41.84 -50.85
C GLY O 621 25.26 42.14 -49.85
N LEU O 622 25.70 41.12 -49.12
CA LEU O 622 26.76 41.30 -48.14
C LEU O 622 28.13 41.41 -48.80
N ASP O 623 28.29 40.93 -50.03
CA ASP O 623 29.55 41.15 -50.73
C ASP O 623 29.75 42.61 -51.10
N GLN O 624 28.68 43.29 -51.53
CA GLN O 624 28.73 44.70 -51.93
C GLN O 624 27.80 45.50 -51.03
N PRO O 625 28.29 45.92 -49.86
CA PRO O 625 27.40 46.49 -48.85
C PRO O 625 26.78 47.84 -49.20
N GLU O 626 27.05 48.36 -50.40
CA GLU O 626 26.53 49.68 -50.74
C GLU O 626 25.04 49.63 -51.04
N LEU O 627 24.56 48.55 -51.65
CA LEU O 627 23.13 48.39 -51.88
C LEU O 627 22.37 48.35 -50.57
N LEU O 628 22.89 47.57 -49.61
CA LEU O 628 22.29 47.53 -48.28
C LEU O 628 22.31 48.89 -47.62
N ARG O 629 23.43 49.61 -47.73
CA ARG O 629 23.54 50.95 -47.17
C ARG O 629 22.44 51.86 -47.71
N ALA O 630 22.26 51.86 -49.03
CA ALA O 630 21.29 52.75 -49.65
C ALA O 630 19.86 52.39 -49.25
N GLU O 631 19.54 51.09 -49.25
CA GLU O 631 18.19 50.68 -48.90
C GLU O 631 17.87 51.00 -47.44
N PHE O 632 18.82 50.76 -46.54
CA PHE O 632 18.58 51.08 -45.14
C PHE O 632 18.47 52.58 -44.94
N LYS O 633 19.22 53.37 -45.71
CA LYS O 633 19.09 54.82 -45.66
C LYS O 633 17.68 55.26 -46.03
N ALA O 634 17.17 54.75 -47.16
CA ALA O 634 15.82 55.13 -47.58
C ALA O 634 14.77 54.68 -46.56
N ILE O 635 14.95 53.49 -45.99
CA ILE O 635 13.97 53.00 -45.02
C ILE O 635 13.94 53.90 -43.78
N LYS O 636 15.12 54.24 -43.24
CA LYS O 636 15.16 55.16 -42.12
C LYS O 636 14.58 56.52 -42.50
N LYS O 637 14.79 56.94 -43.75
CA LYS O 637 14.27 58.21 -44.23
C LYS O 637 12.76 58.26 -44.12
N VAL O 638 12.07 57.23 -44.65
CA VAL O 638 10.62 57.21 -44.53
C VAL O 638 10.16 56.88 -43.12
N VAL O 639 11.03 56.28 -42.29
CA VAL O 639 10.62 56.01 -40.93
C VAL O 639 10.54 57.29 -40.11
N GLU O 640 11.51 58.20 -40.27
CA GLU O 640 11.56 59.38 -39.41
C GLU O 640 10.43 60.36 -39.69
N LYS O 641 9.68 60.18 -40.78
CA LYS O 641 8.48 60.98 -40.99
C LYS O 641 7.35 60.58 -40.05
N GLY O 642 7.44 59.42 -39.42
CA GLY O 642 6.47 59.02 -38.41
C GLY O 642 5.73 57.73 -38.70
N TYR O 643 6.23 56.93 -39.65
CA TYR O 643 5.62 55.66 -40.01
C TYR O 643 6.29 54.56 -39.21
N ASN O 644 5.58 54.04 -38.21
CA ASN O 644 6.12 53.00 -37.34
C ASN O 644 5.52 51.63 -37.62
N ASN O 645 5.28 51.30 -38.88
CA ASN O 645 4.62 50.05 -39.23
C ASN O 645 5.37 49.32 -40.33
N ILE O 646 6.68 49.54 -40.43
CA ILE O 646 7.51 48.92 -41.46
C ILE O 646 8.37 47.84 -40.81
N GLY O 647 8.75 46.86 -41.63
CA GLY O 647 9.65 45.81 -41.19
C GLY O 647 10.47 45.32 -42.37
N VAL O 648 11.63 44.76 -42.05
CA VAL O 648 12.62 44.36 -43.05
C VAL O 648 12.71 42.85 -43.11
N MET O 649 12.86 42.33 -44.33
CA MET O 649 12.88 40.89 -44.59
C MET O 649 14.10 40.55 -45.44
N LEU O 650 14.93 39.63 -44.96
CA LEU O 650 16.15 39.22 -45.63
C LEU O 650 15.92 37.94 -46.44
N PRO O 651 16.30 37.90 -47.72
CA PRO O 651 16.09 36.70 -48.52
C PRO O 651 17.30 35.77 -48.55
N LEU O 652 17.01 34.47 -48.62
CA LEU O 652 18.00 33.40 -48.85
C LEU O 652 19.08 33.38 -47.77
N VAL O 653 18.66 33.07 -46.55
CA VAL O 653 19.54 32.99 -45.40
C VAL O 653 19.78 31.51 -45.08
N SER O 654 21.05 31.15 -44.83
CA SER O 654 21.36 29.80 -44.39
C SER O 654 22.44 29.69 -43.33
N HIS O 655 22.99 30.81 -42.85
CA HIS O 655 23.94 30.82 -41.74
C HIS O 655 23.59 31.99 -40.84
N PRO O 656 23.77 31.86 -39.52
CA PRO O 656 23.52 33.00 -38.63
C PRO O 656 24.48 34.15 -38.82
N GLU O 657 25.68 33.89 -39.33
CA GLU O 657 26.63 34.96 -39.59
C GLU O 657 26.06 35.99 -40.54
N GLN O 658 25.24 35.55 -41.50
CA GLN O 658 24.61 36.51 -42.41
C GLN O 658 23.68 37.45 -41.66
N ILE O 659 22.91 36.92 -40.70
CA ILE O 659 22.01 37.76 -39.92
C ILE O 659 22.80 38.75 -39.09
N ARG O 660 23.89 38.31 -38.46
CA ARG O 660 24.65 39.24 -37.62
C ARG O 660 25.35 40.32 -38.45
N GLU O 661 25.90 39.96 -39.61
CA GLU O 661 26.55 40.96 -40.44
C GLU O 661 25.54 41.97 -40.98
N ALA O 662 24.34 41.50 -41.34
CA ALA O 662 23.31 42.44 -41.77
C ALA O 662 22.91 43.39 -40.65
N LYS O 663 22.78 42.86 -39.42
CA LYS O 663 22.43 43.73 -38.31
C LYS O 663 23.50 44.79 -38.07
N ARG O 664 24.77 44.42 -38.20
CA ARG O 664 25.84 45.39 -38.02
C ARG O 664 25.83 46.44 -39.14
N ILE O 665 25.71 46.00 -40.39
CA ILE O 665 25.66 46.94 -41.51
C ILE O 665 24.53 47.93 -41.33
N ALA O 666 23.38 47.45 -40.83
CA ALA O 666 22.25 48.35 -40.65
C ALA O 666 22.48 49.30 -39.49
N ARG O 667 23.12 48.81 -38.42
CA ARG O 667 23.33 49.67 -37.27
C ARG O 667 24.40 50.72 -37.50
N GLU O 668 25.27 50.54 -38.48
CA GLU O 668 26.28 51.58 -38.71
C GLU O 668 25.68 52.87 -39.27
N VAL O 669 24.61 52.79 -40.05
CA VAL O 669 24.08 53.98 -40.72
C VAL O 669 22.87 54.58 -40.02
N GLY O 670 22.62 54.23 -38.77
CA GLY O 670 21.61 54.89 -37.97
C GLY O 670 20.37 54.09 -37.67
N LEU O 671 19.97 53.17 -38.56
CA LEU O 671 18.77 52.37 -38.34
C LEU O 671 18.98 51.41 -37.18
N GLU O 672 17.91 51.17 -36.42
CA GLU O 672 17.98 50.35 -35.21
C GLU O 672 16.97 49.22 -35.25
N PRO O 673 17.41 47.96 -35.36
CA PRO O 673 16.47 46.84 -35.33
C PRO O 673 15.68 46.78 -34.03
N HIS O 674 14.47 46.25 -34.13
CA HIS O 674 13.56 45.94 -33.02
C HIS O 674 13.09 47.18 -32.27
N LYS O 675 13.53 48.37 -32.65
CA LYS O 675 13.05 49.62 -32.06
C LYS O 675 12.63 50.66 -33.08
N ASP O 676 13.07 50.56 -34.33
CA ASP O 676 12.57 51.38 -35.42
C ASP O 676 11.80 50.59 -36.45
N VAL O 677 12.11 49.29 -36.61
CA VAL O 677 11.49 48.43 -37.60
C VAL O 677 11.35 47.05 -36.99
N ALA O 678 10.82 46.13 -37.79
CA ALA O 678 10.80 44.72 -37.44
C ALA O 678 11.86 43.97 -38.24
N TRP O 679 12.40 42.91 -37.65
CA TRP O 679 13.49 42.14 -38.24
C TRP O 679 13.01 40.71 -38.44
N GLY O 680 13.04 40.24 -39.69
CA GLY O 680 12.60 38.89 -40.02
C GLY O 680 13.37 38.34 -41.19
N VAL O 681 13.10 37.08 -41.53
CA VAL O 681 13.85 36.37 -42.56
C VAL O 681 12.88 35.58 -43.45
N MET O 682 13.43 35.06 -44.54
CA MET O 682 12.73 34.18 -45.46
C MET O 682 13.27 32.76 -45.36
N ILE O 683 12.39 31.78 -45.51
CA ILE O 683 12.75 30.37 -45.43
C ILE O 683 12.56 29.76 -46.80
N GLU O 684 13.67 29.56 -47.53
CA GLU O 684 13.62 28.98 -48.86
C GLU O 684 14.62 27.86 -49.10
N VAL O 685 15.70 27.77 -48.33
CA VAL O 685 16.63 26.65 -48.47
C VAL O 685 16.29 25.61 -47.40
N PRO O 686 16.39 24.32 -47.70
CA PRO O 686 16.10 23.31 -46.69
C PRO O 686 16.94 23.41 -45.43
N ALA O 687 18.19 23.88 -45.56
CA ALA O 687 19.05 24.04 -44.39
C ALA O 687 18.43 24.98 -43.38
N ALA O 688 17.87 26.10 -43.84
CA ALA O 688 17.26 27.05 -42.91
C ALA O 688 16.06 26.45 -42.20
N ALA O 689 15.31 25.61 -42.90
CA ALA O 689 14.18 24.92 -42.27
C ALA O 689 14.61 23.84 -41.29
N ILE O 690 15.83 23.32 -41.41
CA ILE O 690 16.25 22.23 -40.53
C ILE O 690 16.98 22.72 -39.26
N ILE O 691 17.60 23.89 -39.29
CA ILE O 691 18.30 24.42 -38.12
C ILE O 691 17.66 25.71 -37.64
N ILE O 692 16.34 25.80 -37.75
CA ILE O 692 15.62 27.06 -37.52
C ILE O 692 15.89 27.65 -36.14
N GLU O 693 16.18 26.81 -35.15
CA GLU O 693 16.37 27.31 -33.79
C GLU O 693 17.62 28.17 -33.68
N ASP O 694 18.69 27.80 -34.38
CA ASP O 694 19.89 28.61 -34.39
C ASP O 694 19.60 30.01 -34.90
N LEU O 695 18.82 30.12 -35.97
CA LEU O 695 18.45 31.43 -36.50
C LEU O 695 17.57 32.19 -35.52
N ILE O 696 16.66 31.50 -34.84
CA ILE O 696 15.78 32.17 -33.89
C ILE O 696 16.59 32.74 -32.73
N LYS O 697 17.67 32.07 -32.34
CA LYS O 697 18.44 32.55 -31.19
C LYS O 697 19.24 33.82 -31.48
N GLU O 698 19.14 34.41 -32.67
CA GLU O 698 19.78 35.67 -32.97
C GLU O 698 18.80 36.85 -32.91
N GLY O 699 17.63 36.66 -32.31
CA GLY O 699 16.68 37.74 -32.16
C GLY O 699 16.00 38.19 -33.43
N ILE O 700 15.11 37.37 -33.98
CA ILE O 700 14.27 37.81 -35.09
C ILE O 700 12.84 37.98 -34.59
N ASP O 701 11.98 38.54 -35.44
CA ASP O 701 10.61 38.81 -35.03
C ASP O 701 9.58 38.02 -35.84
N PHE O 702 9.89 37.74 -37.09
CA PHE O 702 8.93 37.05 -37.94
C PHE O 702 9.58 36.19 -39.00
N VAL O 703 8.83 35.23 -39.54
CA VAL O 703 9.36 34.34 -40.58
C VAL O 703 8.32 34.15 -41.68
N SER O 704 8.77 33.84 -42.89
CA SER O 704 7.87 33.67 -44.01
C SER O 704 8.34 32.54 -44.91
N PHE O 705 7.39 31.71 -45.36
CA PHE O 705 7.68 30.55 -46.20
C PHE O 705 7.62 30.94 -47.67
N GLY O 706 8.73 30.76 -48.39
CA GLY O 706 8.76 30.82 -49.83
C GLY O 706 8.55 29.48 -50.51
N THR O 707 7.31 29.00 -50.58
CA THR O 707 7.06 27.61 -50.96
C THR O 707 7.52 27.28 -52.37
N ASN O 708 7.61 28.29 -53.25
CA ASN O 708 8.13 28.07 -54.60
C ASN O 708 9.56 27.54 -54.55
N ASP O 709 10.46 28.35 -54.00
CA ASP O 709 11.86 27.98 -53.94
C ASP O 709 12.09 26.75 -53.07
N LEU O 710 11.35 26.65 -51.97
CA LEU O 710 11.51 25.49 -51.10
C LEU O 710 11.13 24.19 -51.81
N THR O 711 10.02 24.18 -52.53
CA THR O 711 9.63 22.99 -53.27
C THR O 711 10.63 22.69 -54.38
N GLN O 712 11.22 23.71 -54.98
CA GLN O 712 12.17 23.43 -56.04
C GLN O 712 13.49 22.88 -55.51
N TYR O 713 14.02 23.44 -54.43
CA TYR O 713 15.28 22.97 -53.88
C TYR O 713 15.15 21.65 -53.14
N THR O 714 13.96 21.30 -52.66
CA THR O 714 13.81 20.07 -51.92
C THR O 714 13.70 18.85 -52.83
N LEU O 715 13.05 19.00 -53.98
CA LEU O 715 12.87 17.89 -54.92
C LEU O 715 13.94 17.86 -56.00
N ALA O 716 14.89 18.78 -55.99
CA ALA O 716 15.95 18.86 -56.98
C ALA O 716 15.38 18.87 -58.39
N ILE O 717 14.60 19.91 -58.67
CA ILE O 717 13.81 19.98 -59.90
C ILE O 717 13.62 21.43 -60.28
N ASP O 718 13.79 21.72 -61.57
CA ASP O 718 13.47 23.04 -62.11
C ASP O 718 12.08 23.00 -62.74
N ARG O 719 11.30 24.04 -62.46
CA ARG O 719 9.91 24.05 -62.90
C ARG O 719 9.77 24.56 -64.33
N ASP O 720 10.68 25.43 -64.77
CA ASP O 720 10.63 25.93 -66.14
C ASP O 720 11.00 24.89 -67.17
N ASN O 721 11.68 23.81 -66.78
CA ASN O 721 12.07 22.77 -67.71
C ASN O 721 10.86 21.92 -68.06
N GLU O 722 10.62 21.76 -69.36
CA GLU O 722 9.41 21.09 -69.85
C GLU O 722 9.39 19.61 -69.47
N ARG O 723 10.58 18.99 -69.42
CA ARG O 723 10.64 17.53 -69.29
C ARG O 723 10.45 17.04 -67.86
N VAL O 724 10.73 17.86 -66.85
CA VAL O 724 10.61 17.44 -65.46
C VAL O 724 9.64 18.30 -64.65
N ALA O 725 8.86 19.17 -65.29
CA ALA O 725 7.87 19.96 -64.56
C ALA O 725 6.62 19.16 -64.23
N LYS O 726 6.53 17.92 -64.69
CA LYS O 726 5.40 17.06 -64.34
C LYS O 726 5.51 16.50 -62.93
N LEU O 727 6.62 16.71 -62.24
CA LEU O 727 6.80 16.20 -60.89
C LEU O 727 6.59 17.26 -59.81
N TYR O 728 6.52 18.53 -60.22
CA TYR O 728 6.32 19.63 -59.26
C TYR O 728 5.01 19.46 -58.50
N ASP O 729 5.08 19.70 -57.18
CA ASP O 729 3.92 19.58 -56.31
C ASP O 729 4.21 20.25 -54.97
N GLU O 730 3.37 21.19 -54.55
CA GLU O 730 3.61 21.95 -53.33
C GLU O 730 2.96 21.33 -52.11
N THR O 731 2.21 20.25 -52.26
CA THR O 731 1.69 19.48 -51.14
C THR O 731 2.36 18.11 -51.05
N HIS O 732 3.63 18.04 -51.40
CA HIS O 732 4.40 16.81 -51.25
C HIS O 732 4.72 16.60 -49.77
N PRO O 733 4.69 15.35 -49.29
CA PRO O 733 4.87 15.09 -47.85
C PRO O 733 6.12 15.71 -47.22
N ALA O 734 7.22 15.83 -47.95
CA ALA O 734 8.45 16.31 -47.33
C ALA O 734 8.35 17.79 -46.99
N VAL O 735 7.82 18.59 -47.91
CA VAL O 735 7.63 20.02 -47.66
C VAL O 735 6.71 20.23 -46.46
N LEU O 736 5.68 19.38 -46.34
CA LEU O 736 4.74 19.53 -45.23
C LEU O 736 5.39 19.16 -43.90
N LYS O 737 6.22 18.12 -43.88
CA LYS O 737 7.00 17.83 -42.68
C LYS O 737 7.87 19.02 -42.27
N LEU O 738 8.54 19.64 -43.23
CA LEU O 738 9.41 20.77 -42.91
C LEU O 738 8.62 21.94 -42.35
N ILE O 739 7.48 22.25 -42.99
CA ILE O 739 6.63 23.36 -42.53
C ILE O 739 6.12 23.10 -41.12
N LYS O 740 5.67 21.88 -40.85
CA LYS O 740 5.16 21.54 -39.52
C LYS O 740 6.23 21.72 -38.46
N HIS O 741 7.45 21.25 -38.74
CA HIS O 741 8.54 21.41 -37.78
C HIS O 741 8.81 22.89 -37.48
N VAL O 742 8.93 23.71 -38.52
CA VAL O 742 9.21 25.12 -38.32
C VAL O 742 8.12 25.78 -37.47
N ILE O 743 6.86 25.57 -37.85
CA ILE O 743 5.74 26.19 -37.14
C ILE O 743 5.78 25.80 -35.67
N LYS O 744 5.96 24.51 -35.38
CA LYS O 744 6.07 24.06 -34.00
C LYS O 744 7.11 24.86 -33.23
N VAL O 745 8.31 24.98 -33.79
CA VAL O 745 9.41 25.57 -33.01
C VAL O 745 9.16 27.06 -32.75
N CYS O 746 8.79 27.83 -33.77
CA CYS O 746 8.66 29.25 -33.50
C CYS O 746 7.39 29.57 -32.73
N LYS O 747 6.35 28.73 -32.83
CA LYS O 747 5.27 28.80 -31.87
C LYS O 747 5.80 28.68 -30.45
N ARG O 748 6.65 27.68 -30.20
CA ARG O 748 7.25 27.53 -28.88
C ARG O 748 8.04 28.76 -28.44
N TYR O 749 8.70 29.45 -29.36
CA TYR O 749 9.54 30.59 -28.98
C TYR O 749 8.85 31.95 -29.07
N GLY O 750 7.58 32.01 -29.46
CA GLY O 750 6.90 33.29 -29.51
C GLY O 750 7.14 34.12 -30.75
N VAL O 751 7.40 33.49 -31.88
CA VAL O 751 7.65 34.18 -33.14
C VAL O 751 6.44 34.00 -34.05
N GLU O 752 6.22 34.98 -34.92
CA GLU O 752 5.08 34.97 -35.83
C GLU O 752 5.45 34.34 -37.17
N THR O 753 4.54 33.53 -37.73
CA THR O 753 4.74 32.81 -38.97
C THR O 753 3.78 33.31 -40.05
N SER O 754 4.20 33.17 -41.31
CA SER O 754 3.39 33.59 -42.44
C SER O 754 3.82 32.81 -43.67
N ILE O 755 3.09 32.98 -44.76
CA ILE O 755 3.43 32.35 -46.03
C ILE O 755 3.04 33.26 -47.19
N CYS O 756 3.99 33.52 -48.07
CA CYS O 756 3.76 34.21 -49.33
C CYS O 756 3.99 33.22 -50.48
N GLY O 757 3.72 33.66 -51.69
CA GLY O 757 3.95 32.84 -52.87
C GLY O 757 2.68 32.63 -53.66
N GLN O 758 2.74 31.62 -54.54
CA GLN O 758 1.58 31.26 -55.35
C GLN O 758 0.69 30.25 -54.65
N ALA O 759 1.19 29.54 -53.64
CA ALA O 759 0.37 28.62 -52.86
C ALA O 759 -0.34 29.31 -51.71
N GLY O 760 -0.14 30.62 -51.54
CA GLY O 760 -1.00 31.38 -50.66
C GLY O 760 -2.36 31.64 -51.23
N SER O 761 -2.53 31.47 -52.55
CA SER O 761 -3.80 31.65 -53.23
C SER O 761 -4.43 30.34 -53.66
N ASP O 762 -4.31 29.31 -52.83
CA ASP O 762 -4.87 27.99 -53.11
C ASP O 762 -5.76 27.55 -51.95
N PRO O 763 -7.01 27.18 -52.20
CA PRO O 763 -7.89 26.76 -51.10
C PRO O 763 -7.44 25.52 -50.34
N LYS O 764 -6.88 24.53 -51.03
CA LYS O 764 -6.46 23.30 -50.35
C LYS O 764 -5.30 23.55 -49.41
N MET O 765 -4.30 24.29 -49.87
CA MET O 765 -3.18 24.66 -49.01
C MET O 765 -3.66 25.51 -47.85
N ALA O 766 -4.61 26.41 -48.09
CA ALA O 766 -5.15 27.23 -47.01
C ALA O 766 -5.77 26.37 -45.93
N ARG O 767 -6.51 25.33 -46.32
CA ARG O 767 -7.11 24.46 -45.31
C ARG O 767 -6.04 23.69 -44.52
N ILE O 768 -5.05 23.14 -45.23
CA ILE O 768 -3.95 22.45 -44.54
C ILE O 768 -3.28 23.37 -43.52
N LEU O 769 -3.00 24.61 -43.94
CA LEU O 769 -2.22 25.52 -43.11
C LEU O 769 -3.02 26.03 -41.93
N VAL O 770 -4.32 26.23 -42.10
CA VAL O 770 -5.14 26.65 -40.97
C VAL O 770 -5.29 25.51 -39.98
N ARG O 771 -5.37 24.26 -40.45
CA ARG O 771 -5.41 23.15 -39.50
C ARG O 771 -4.10 22.97 -38.76
N LEU O 772 -2.97 23.34 -39.37
CA LEU O 772 -1.71 23.25 -38.64
C LEU O 772 -1.51 24.39 -37.64
N GLY O 773 -1.96 25.60 -37.97
CA GLY O 773 -1.87 26.69 -37.01
C GLY O 773 -1.02 27.87 -37.41
N ILE O 774 -0.98 28.19 -38.71
CA ILE O 774 -0.22 29.35 -39.15
C ILE O 774 -0.91 30.64 -38.71
N ASP O 775 -0.14 31.71 -38.61
CA ASP O 775 -0.65 32.98 -38.11
C ASP O 775 -1.20 33.89 -39.21
N SER O 776 -0.71 33.77 -40.44
CA SER O 776 -1.16 34.64 -41.52
C SER O 776 -1.01 33.95 -42.87
N ILE O 777 -1.74 34.47 -43.86
CA ILE O 777 -1.66 34.04 -45.25
C ILE O 777 -1.66 35.27 -46.14
N SER O 778 -0.86 35.23 -47.21
CA SER O 778 -0.68 36.36 -48.11
C SER O 778 -1.15 35.97 -49.52
N ALA O 779 -2.14 36.67 -50.03
CA ALA O 779 -2.81 36.30 -51.28
C ALA O 779 -2.61 37.36 -52.35
N ASN O 780 -2.84 36.95 -53.60
CA ASN O 780 -2.78 37.88 -54.71
C ASN O 780 -3.95 38.86 -54.63
N PRO O 781 -3.79 40.08 -55.17
CA PRO O 781 -4.82 41.11 -54.98
C PRO O 781 -6.22 40.73 -55.45
N ASP O 782 -6.37 39.71 -56.29
CA ASP O 782 -7.69 39.29 -56.76
C ASP O 782 -8.11 37.93 -56.22
N ALA O 783 -7.56 37.52 -55.08
CA ALA O 783 -7.93 36.26 -54.45
C ALA O 783 -8.16 36.40 -52.96
N VAL O 784 -8.36 37.63 -52.46
CA VAL O 784 -8.46 37.84 -51.02
C VAL O 784 -9.79 37.36 -50.47
N GLN O 785 -10.86 37.54 -51.25
CA GLN O 785 -12.20 37.20 -50.77
C GLN O 785 -12.41 35.69 -50.70
N LEU O 786 -11.92 34.97 -51.72
CA LEU O 786 -12.02 33.52 -51.72
C LEU O 786 -11.30 32.91 -50.54
N ILE O 787 -10.07 33.37 -50.29
CA ILE O 787 -9.29 32.82 -49.18
C ILE O 787 -9.94 33.19 -47.85
N ARG O 788 -10.52 34.39 -47.77
CA ARG O 788 -11.24 34.79 -46.57
C ARG O 788 -12.38 33.83 -46.24
N GLN O 789 -13.18 33.48 -47.25
CA GLN O 789 -14.27 32.53 -47.04
C GLN O 789 -13.78 31.13 -46.65
N VAL O 790 -12.75 30.63 -47.34
CA VAL O 790 -12.21 29.31 -47.01
C VAL O 790 -11.72 29.27 -45.56
N VAL O 791 -11.04 30.33 -45.11
CA VAL O 791 -10.50 30.35 -43.76
C VAL O 791 -11.61 30.41 -42.73
N ALA O 792 -12.64 31.22 -42.98
CA ALA O 792 -13.77 31.28 -42.06
C ALA O 792 -14.44 29.92 -41.87
N GLN O 793 -14.67 29.21 -42.98
CA GLN O 793 -15.32 27.90 -42.88
C GLN O 793 -14.45 26.91 -42.09
N GLU O 794 -13.14 26.89 -42.35
CA GLU O 794 -12.26 25.97 -41.62
C GLU O 794 -12.26 26.25 -40.13
N GLU O 795 -12.26 27.53 -39.74
CA GLU O 795 -12.28 27.85 -38.31
C GLU O 795 -13.56 27.40 -37.63
N ARG O 796 -14.72 27.62 -38.27
CA ARG O 796 -15.96 27.14 -37.66
C ARG O 796 -15.98 25.63 -37.53
N LYS O 797 -15.44 24.91 -38.51
CA LYS O 797 -15.31 23.46 -38.41
C LYS O 797 -14.51 23.04 -37.18
N LEU O 798 -13.34 23.66 -36.98
CA LEU O 798 -12.51 23.30 -35.83
C LEU O 798 -13.26 23.51 -34.52
N MET O 799 -13.92 24.66 -34.38
CA MET O 799 -14.65 24.95 -33.15
C MET O 799 -15.76 23.93 -32.89
N LEU O 800 -16.49 23.54 -33.94
CA LEU O 800 -17.55 22.55 -33.78
C LEU O 800 -16.98 21.21 -33.33
N GLU O 801 -15.86 20.79 -33.90
CA GLU O 801 -15.23 19.53 -33.50
C GLU O 801 -14.87 19.53 -32.02
N ALA O 802 -14.30 20.63 -31.53
CA ALA O 802 -13.91 20.66 -30.12
C ALA O 802 -15.14 20.64 -29.21
N ALA O 803 -16.21 21.35 -29.61
CA ALA O 803 -17.44 21.32 -28.82
C ALA O 803 -18.02 19.90 -28.73
N ARG O 804 -18.03 19.18 -29.85
CA ARG O 804 -18.57 17.82 -29.85
C ARG O 804 -17.72 16.89 -28.99
N LYS O 805 -16.40 17.02 -29.07
CA LYS O 805 -15.56 16.18 -28.22
C LYS O 805 -15.81 16.47 -26.75
N GLN O 806 -16.03 17.73 -26.40
CA GLN O 806 -16.29 18.06 -25.00
C GLN O 806 -17.63 17.53 -24.52
N LEU O 807 -18.66 17.61 -25.36
CA LEU O 807 -20.01 17.26 -24.91
C LEU O 807 -20.20 15.75 -24.79
N GLY P 506 -23.86 42.52 -46.49
CA GLY P 506 -22.62 42.54 -47.25
C GLY P 506 -21.78 41.29 -47.05
N ALA P 507 -21.90 40.69 -45.89
CA ALA P 507 -21.17 39.46 -45.59
C ALA P 507 -22.12 38.28 -45.64
N PRO P 508 -21.79 37.21 -46.35
CA PRO P 508 -22.65 36.03 -46.38
C PRO P 508 -22.67 35.31 -45.04
N LEU P 509 -23.63 34.39 -44.91
CA LEU P 509 -23.74 33.57 -43.72
C LEU P 509 -22.81 32.37 -43.84
N VAL P 510 -22.08 32.06 -42.77
CA VAL P 510 -21.00 31.08 -42.78
C VAL P 510 -21.28 29.99 -41.76
N THR P 511 -21.29 28.75 -42.22
CA THR P 511 -21.53 27.59 -41.36
C THR P 511 -20.38 26.61 -41.50
N GLY P 512 -20.16 25.81 -40.47
CA GLY P 512 -19.14 24.78 -40.55
C GLY P 512 -19.58 23.62 -41.42
N THR P 513 -20.82 23.17 -41.25
CA THR P 513 -21.40 22.17 -42.13
C THR P 513 -21.61 22.77 -43.51
N MET P 514 -21.33 21.98 -44.55
CA MET P 514 -21.51 22.41 -45.92
C MET P 514 -22.95 22.19 -46.37
N VAL P 515 -23.51 23.21 -47.04
CA VAL P 515 -24.84 23.13 -47.63
C VAL P 515 -24.66 23.18 -49.14
N LYS P 516 -25.06 22.13 -49.83
CA LYS P 516 -24.95 22.02 -51.27
C LYS P 516 -26.34 22.04 -51.91
N VAL P 517 -26.40 21.83 -53.22
CA VAL P 517 -27.63 21.97 -53.99
C VAL P 517 -27.78 20.79 -54.94
N ASN P 518 -29.03 20.46 -55.28
CA ASN P 518 -29.37 19.30 -56.10
C ASN P 518 -29.73 19.75 -57.50
N VAL P 519 -28.87 19.45 -58.47
CA VAL P 519 -29.03 19.89 -59.85
C VAL P 519 -29.67 18.75 -60.65
N SER P 520 -30.75 19.07 -61.36
CA SER P 520 -31.49 18.04 -62.10
C SER P 520 -31.12 17.99 -63.58
N MET P 521 -31.04 19.14 -64.23
CA MET P 521 -30.71 19.25 -65.65
C MET P 521 -29.54 20.21 -65.80
N PRO P 522 -28.86 20.18 -66.94
CA PRO P 522 -27.75 21.12 -67.15
C PRO P 522 -28.20 22.53 -67.53
N GLU P 523 -29.51 22.77 -67.58
CA GLU P 523 -30.02 24.08 -67.91
C GLU P 523 -30.35 24.93 -66.70
N VAL P 524 -30.77 24.32 -65.59
CA VAL P 524 -30.87 25.03 -64.33
C VAL P 524 -29.55 24.88 -63.57
N ALA P 525 -28.58 25.71 -63.94
CA ALA P 525 -27.26 25.68 -63.33
C ALA P 525 -26.74 27.05 -62.94
N GLU P 526 -27.28 28.12 -63.52
CA GLU P 526 -26.92 29.46 -63.09
C GLU P 526 -27.80 29.92 -61.93
N ARG P 527 -29.10 29.63 -62.00
CA ARG P 527 -29.97 29.90 -60.87
C ARG P 527 -29.56 29.09 -59.65
N ALA P 528 -28.85 27.98 -59.85
CA ALA P 528 -28.38 27.18 -58.72
C ALA P 528 -27.05 27.71 -58.20
N ALA P 529 -26.16 28.14 -59.10
CA ALA P 529 -24.90 28.73 -58.67
C ALA P 529 -25.09 30.10 -58.05
N ALA P 530 -26.26 30.72 -58.24
CA ALA P 530 -26.54 32.01 -57.65
C ALA P 530 -27.18 31.91 -56.27
N THR P 531 -27.25 30.71 -55.68
CA THR P 531 -27.87 30.56 -54.37
C THR P 531 -26.87 30.63 -53.23
N GLY P 532 -25.57 30.56 -53.53
CA GLY P 532 -24.57 30.54 -52.50
C GLY P 532 -24.24 29.17 -51.95
N ALA P 533 -24.48 28.11 -52.72
CA ALA P 533 -24.19 26.77 -52.28
C ALA P 533 -22.69 26.50 -52.30
N ASP P 534 -22.28 25.44 -51.61
CA ASP P 534 -20.88 25.07 -51.48
C ASP P 534 -20.45 24.05 -52.52
N GLY P 535 -21.35 23.68 -53.43
CA GLY P 535 -21.04 22.72 -54.46
C GLY P 535 -22.33 22.07 -54.94
N VAL P 536 -22.17 21.10 -55.84
CA VAL P 536 -23.27 20.27 -56.29
C VAL P 536 -23.22 18.95 -55.53
N GLY P 537 -24.36 18.49 -55.05
CA GLY P 537 -24.40 17.28 -54.27
C GLY P 537 -24.85 16.09 -55.06
N LEU P 538 -25.64 16.33 -56.11
CA LEU P 538 -26.13 15.26 -56.97
C LEU P 538 -26.54 15.84 -58.30
N LEU P 539 -25.85 15.46 -59.37
CA LEU P 539 -26.23 15.78 -60.73
C LEU P 539 -26.63 14.50 -61.45
N ARG P 540 -27.91 14.39 -61.79
CA ARG P 540 -28.43 13.17 -62.40
C ARG P 540 -28.20 13.16 -63.91
N ALA P 541 -28.12 11.96 -64.46
CA ALA P 541 -27.84 11.77 -65.88
C ALA P 541 -29.03 11.25 -66.67
N GLU P 542 -30.16 10.98 -66.01
CA GLU P 542 -31.34 10.44 -66.68
C GLU P 542 -31.75 11.32 -67.86
N HIS P 543 -31.80 12.64 -67.64
CA HIS P 543 -32.19 13.55 -68.71
C HIS P 543 -31.18 13.56 -69.85
N MET P 544 -29.90 13.76 -69.51
CA MET P 544 -28.88 13.90 -70.54
C MET P 544 -28.72 12.65 -71.40
N ILE P 545 -29.18 11.49 -70.90
CA ILE P 545 -29.06 10.27 -71.68
C ILE P 545 -30.35 9.91 -72.40
N LEU P 546 -31.49 10.00 -71.72
CA LEU P 546 -32.77 9.67 -72.32
C LEU P 546 -33.37 10.82 -73.12
N SER P 547 -32.56 11.76 -73.58
CA SER P 547 -33.05 12.90 -74.34
C SER P 547 -32.94 12.70 -75.85
N ILE P 548 -32.32 11.61 -76.30
CA ILE P 548 -32.07 11.40 -77.71
C ILE P 548 -33.23 10.63 -78.36
N GLY P 549 -34.33 10.48 -77.62
CA GLY P 549 -35.51 9.80 -78.13
C GLY P 549 -35.26 8.42 -78.69
N GLN P 550 -34.37 7.65 -78.05
CA GLN P 550 -33.96 6.35 -78.58
C GLN P 550 -33.40 5.51 -77.45
N HIS P 551 -33.55 4.20 -77.56
CA HIS P 551 -32.96 3.28 -76.60
C HIS P 551 -31.43 3.33 -76.74
N PRO P 552 -30.70 3.64 -75.66
CA PRO P 552 -29.24 3.77 -75.79
C PRO P 552 -28.55 2.50 -76.27
N ILE P 553 -28.99 1.33 -75.81
CA ILE P 553 -28.41 0.08 -76.31
C ILE P 553 -28.67 -0.06 -77.80
N LYS P 554 -29.88 0.30 -78.23
CA LYS P 554 -30.18 0.36 -79.66
C LYS P 554 -29.37 1.46 -80.34
N PHE P 555 -29.14 2.56 -79.64
CA PHE P 555 -28.40 3.68 -80.23
C PHE P 555 -26.96 3.32 -80.53
N ILE P 556 -26.38 2.41 -79.74
CA ILE P 556 -24.97 2.07 -79.94
C ILE P 556 -24.79 0.86 -80.85
N LYS P 557 -25.83 0.03 -80.95
CA LYS P 557 -25.77 -1.10 -81.86
C LYS P 557 -25.84 -0.49 -83.24
N GLU P 558 -26.77 0.45 -83.42
CA GLU P 558 -26.83 1.16 -84.69
C GLU P 558 -25.45 1.71 -84.91
N GLY P 559 -24.84 2.23 -83.85
CA GLY P 559 -23.48 2.69 -83.96
C GLY P 559 -23.24 4.19 -83.94
N LYS P 560 -23.86 4.92 -83.03
CA LYS P 560 -23.55 6.34 -82.97
C LYS P 560 -23.02 6.64 -81.57
N GLU P 561 -21.81 6.17 -81.29
CA GLU P 561 -21.26 6.34 -79.94
C GLU P 561 -20.73 7.74 -79.70
N GLU P 562 -19.98 8.29 -80.65
CA GLU P 562 -19.28 9.55 -80.40
C GLU P 562 -20.24 10.71 -80.23
N GLU P 563 -21.38 10.67 -80.91
CA GLU P 563 -22.37 11.72 -80.76
C GLU P 563 -22.87 11.80 -79.32
N LEU P 564 -23.33 10.65 -78.78
CA LEU P 564 -23.77 10.60 -77.39
C LEU P 564 -22.66 10.99 -76.44
N VAL P 565 -21.44 10.52 -76.70
CA VAL P 565 -20.31 10.84 -75.83
C VAL P 565 -20.10 12.35 -75.76
N GLU P 566 -19.97 13.01 -76.90
CA GLU P 566 -19.67 14.43 -76.90
C GLU P 566 -20.85 15.26 -76.39
N LYS P 567 -22.08 14.78 -76.58
CA LYS P 567 -23.22 15.47 -76.00
C LYS P 567 -23.16 15.43 -74.47
N LEU P 568 -22.93 14.25 -73.91
CA LEU P 568 -22.70 14.16 -72.47
C LEU P 568 -21.56 15.08 -72.04
N ALA P 569 -20.51 15.15 -72.85
CA ALA P 569 -19.35 15.95 -72.50
C ALA P 569 -19.70 17.42 -72.32
N GLU P 570 -20.42 17.98 -73.29
CA GLU P 570 -20.77 19.39 -73.17
C GLU P 570 -21.79 19.60 -72.04
N GLY P 571 -22.74 18.68 -71.89
CA GLY P 571 -23.69 18.79 -70.78
C GLY P 571 -23.01 18.83 -69.42
N ILE P 572 -21.96 18.03 -69.24
CA ILE P 572 -21.24 17.99 -67.97
C ILE P 572 -20.34 19.20 -67.81
N GLU P 573 -19.68 19.64 -68.88
CA GLU P 573 -18.76 20.77 -68.77
C GLU P 573 -19.49 22.06 -68.44
N LYS P 574 -20.72 22.20 -68.93
CA LYS P 574 -21.51 23.38 -68.57
C LYS P 574 -21.64 23.51 -67.05
N VAL P 575 -22.09 22.45 -66.39
CA VAL P 575 -22.26 22.46 -64.95
C VAL P 575 -20.92 22.59 -64.24
N ALA P 576 -19.91 21.87 -64.72
CA ALA P 576 -18.61 21.92 -64.07
C ALA P 576 -18.00 23.31 -64.11
N ALA P 577 -18.28 24.09 -65.16
CA ALA P 577 -17.71 25.42 -65.29
C ALA P 577 -18.57 26.50 -64.64
N ALA P 578 -19.83 26.19 -64.31
CA ALA P 578 -20.63 27.16 -63.56
C ALA P 578 -20.18 27.15 -62.10
N PHE P 579 -19.75 26.01 -61.60
CA PHE P 579 -19.23 25.93 -60.24
C PHE P 579 -17.84 25.31 -60.26
N TYR P 580 -16.84 26.06 -60.70
CA TYR P 580 -15.47 25.54 -60.81
C TYR P 580 -14.72 25.36 -59.50
N PRO P 581 -14.38 26.47 -58.81
CA PRO P 581 -13.64 26.14 -57.58
C PRO P 581 -14.37 25.12 -56.72
N ARG P 582 -15.69 24.98 -56.86
CA ARG P 582 -16.47 24.09 -56.02
C ARG P 582 -16.66 22.69 -56.60
N PRO P 583 -16.73 21.67 -55.73
CA PRO P 583 -16.92 20.29 -56.18
C PRO P 583 -18.28 20.05 -56.79
N VAL P 584 -18.33 19.07 -57.69
CA VAL P 584 -19.56 18.60 -58.32
C VAL P 584 -19.53 17.08 -58.34
N TRP P 585 -20.63 16.45 -57.95
CA TRP P 585 -20.72 14.99 -57.86
C TRP P 585 -21.77 14.49 -58.84
N TYR P 586 -21.40 13.47 -59.62
CA TYR P 586 -22.20 12.97 -60.74
C TYR P 586 -22.49 11.49 -60.56
N ARG P 587 -23.76 11.10 -60.70
CA ARG P 587 -24.21 9.74 -60.45
C ARG P 587 -24.58 9.05 -61.75
N THR P 588 -23.99 7.88 -61.99
CA THR P 588 -24.22 7.15 -63.23
C THR P 588 -25.69 6.71 -63.35
N LEU P 589 -26.04 6.28 -64.55
CA LEU P 589 -27.44 6.08 -64.93
C LEU P 589 -28.14 5.10 -63.99
N ASP P 590 -29.39 5.41 -63.65
CA ASP P 590 -30.17 4.58 -62.75
C ASP P 590 -31.65 4.83 -63.03
N ALA P 591 -32.32 3.85 -63.62
CA ALA P 591 -33.74 3.93 -63.92
C ALA P 591 -34.30 2.54 -64.01
N PRO P 592 -35.57 2.33 -63.66
CA PRO P 592 -36.15 0.99 -63.70
C PRO P 592 -36.28 0.46 -65.12
N THR P 593 -36.81 -0.76 -65.27
CA THR P 593 -36.97 -1.35 -66.59
C THR P 593 -38.20 -0.83 -67.31
N ASN P 594 -39.23 -0.39 -66.59
CA ASN P 594 -40.40 0.21 -67.21
C ASN P 594 -40.17 1.67 -67.57
N GLU P 595 -38.92 2.10 -67.63
CA GLU P 595 -38.53 3.39 -68.18
C GLU P 595 -37.86 3.26 -69.53
N PHE P 596 -37.23 2.11 -69.80
CA PHE P 596 -36.66 1.85 -71.12
C PHE P 596 -37.70 1.27 -72.07
N ARG P 597 -38.83 0.80 -71.55
CA ARG P 597 -39.86 0.20 -72.38
C ARG P 597 -40.60 1.23 -73.22
N GLU P 598 -40.57 2.50 -72.82
CA GLU P 598 -41.42 3.53 -73.40
C GLU P 598 -40.67 4.41 -74.40
N MET P 599 -39.58 3.91 -74.95
CA MET P 599 -38.79 4.66 -75.90
C MET P 599 -38.75 3.94 -77.25
N PRO P 600 -38.49 4.67 -78.35
CA PRO P 600 -38.34 3.96 -79.62
C PRO P 600 -37.21 2.94 -79.55
N GLY P 601 -37.54 1.66 -79.68
CA GLY P 601 -36.53 0.63 -79.58
C GLY P 601 -36.76 -0.20 -78.33
N GLY P 602 -37.67 0.27 -77.48
CA GLY P 602 -37.98 -0.45 -76.27
C GLY P 602 -39.15 -1.37 -76.50
N GLU P 603 -38.90 -2.51 -77.13
CA GLU P 603 -39.97 -3.47 -77.41
C GLU P 603 -39.63 -4.78 -76.74
N ASP P 604 -38.34 -5.03 -76.55
CA ASP P 604 -37.92 -6.24 -75.87
C ASP P 604 -37.83 -5.91 -74.40
N GLU P 605 -38.79 -6.36 -73.61
CA GLU P 605 -38.79 -6.05 -72.18
C GLU P 605 -39.28 -7.24 -71.34
N PRO P 606 -39.16 -7.14 -70.01
CA PRO P 606 -39.54 -8.29 -69.18
C PRO P 606 -40.88 -8.14 -68.49
N GLU P 607 -41.44 -6.93 -68.46
CA GLU P 607 -42.68 -6.70 -67.72
C GLU P 607 -42.63 -7.41 -66.38
N GLU P 608 -41.65 -7.08 -65.55
CA GLU P 608 -41.49 -7.75 -64.26
C GLU P 608 -42.62 -7.45 -63.29
N ARG P 609 -42.69 -8.23 -62.21
CA ARG P 609 -43.74 -8.00 -61.22
C ARG P 609 -43.24 -7.08 -60.10
N ASN P 610 -41.93 -6.90 -59.99
CA ASN P 610 -41.38 -5.99 -58.98
C ASN P 610 -40.17 -5.21 -59.50
N PRO P 611 -40.40 -4.10 -60.24
CA PRO P 611 -39.26 -3.39 -60.82
C PRO P 611 -38.41 -2.65 -59.80
N MET P 612 -38.84 -2.56 -58.54
CA MET P 612 -38.02 -1.94 -57.50
C MET P 612 -36.92 -2.86 -57.01
N LEU P 613 -37.12 -4.17 -57.07
CA LEU P 613 -36.14 -5.16 -56.63
C LEU P 613 -35.56 -5.91 -57.82
N GLY P 614 -35.41 -5.23 -58.95
CA GLY P 614 -35.03 -5.92 -60.17
C GLY P 614 -33.70 -5.50 -60.78
N TRP P 615 -33.65 -5.50 -62.11
CA TRP P 615 -32.43 -5.30 -62.87
C TRP P 615 -32.29 -3.82 -63.17
N ARG P 616 -31.52 -3.13 -62.34
CA ARG P 616 -31.34 -1.69 -62.48
C ARG P 616 -30.04 -1.29 -61.81
N GLY P 617 -29.67 -0.02 -61.98
CA GLY P 617 -28.50 0.50 -61.32
C GLY P 617 -27.21 -0.14 -61.81
N ILE P 618 -26.23 -0.21 -60.90
CA ILE P 618 -24.93 -0.72 -61.26
C ILE P 618 -24.95 -2.20 -61.63
N ARG P 619 -25.97 -2.95 -61.22
CA ARG P 619 -26.10 -4.33 -61.69
C ARG P 619 -26.25 -4.36 -63.21
N ARG P 620 -27.32 -3.77 -63.72
CA ARG P 620 -27.49 -3.63 -65.16
C ARG P 620 -26.28 -2.98 -65.80
N GLY P 621 -25.69 -1.99 -65.13
CA GLY P 621 -24.54 -1.32 -65.70
C GLY P 621 -23.36 -2.25 -65.94
N LEU P 622 -23.08 -3.12 -64.98
CA LEU P 622 -21.98 -4.07 -65.11
C LEU P 622 -22.33 -5.22 -66.05
N ASP P 623 -23.61 -5.49 -66.26
CA ASP P 623 -23.98 -6.50 -67.25
C ASP P 623 -23.66 -6.05 -68.67
N GLN P 624 -23.91 -4.76 -68.98
CA GLN P 624 -23.68 -4.19 -70.30
C GLN P 624 -22.65 -3.07 -70.17
N PRO P 625 -21.36 -3.41 -70.20
CA PRO P 625 -20.33 -2.41 -69.85
C PRO P 625 -20.17 -1.27 -70.84
N GLU P 626 -20.98 -1.23 -71.89
CA GLU P 626 -20.81 -0.18 -72.90
C GLU P 626 -21.30 1.17 -72.39
N LEU P 627 -22.37 1.18 -71.60
CA LEU P 627 -22.84 2.43 -71.00
C LEU P 627 -21.79 3.02 -70.08
N LEU P 628 -21.18 2.17 -69.24
CA LEU P 628 -20.10 2.62 -68.38
C LEU P 628 -18.93 3.13 -69.19
N ARG P 629 -18.57 2.43 -70.27
CA ARG P 629 -17.48 2.86 -71.14
C ARG P 629 -17.73 4.27 -71.67
N ALA P 630 -18.94 4.51 -72.18
CA ALA P 630 -19.26 5.80 -72.78
C ALA P 630 -19.25 6.91 -71.74
N GLU P 631 -19.84 6.66 -70.57
CA GLU P 631 -19.89 7.69 -69.54
C GLU P 631 -18.50 8.02 -69.03
N PHE P 632 -17.65 7.01 -68.81
CA PHE P 632 -16.29 7.29 -68.37
C PHE P 632 -15.49 8.00 -69.44
N LYS P 633 -15.75 7.70 -70.71
CA LYS P 633 -15.11 8.43 -71.80
C LYS P 633 -15.45 9.91 -71.75
N ALA P 634 -16.75 10.23 -71.63
CA ALA P 634 -17.15 11.63 -71.58
C ALA P 634 -16.58 12.33 -70.35
N ILE P 635 -16.54 11.64 -69.21
CA ILE P 635 -16.01 12.26 -68.00
C ILE P 635 -14.54 12.60 -68.16
N LYS P 636 -13.75 11.64 -68.67
CA LYS P 636 -12.34 11.93 -68.94
C LYS P 636 -12.19 13.05 -69.96
N LYS P 637 -13.11 13.10 -70.93
CA LYS P 637 -13.07 14.13 -71.95
C LYS P 637 -13.16 15.52 -71.34
N VAL P 638 -14.17 15.74 -70.47
CA VAL P 638 -14.27 17.04 -69.82
C VAL P 638 -13.21 17.23 -68.75
N VAL P 639 -12.59 16.14 -68.26
CA VAL P 639 -11.55 16.32 -67.27
C VAL P 639 -10.29 16.89 -67.91
N GLU P 640 -9.91 16.40 -69.09
CA GLU P 640 -8.64 16.80 -69.69
C GLU P 640 -8.63 18.25 -70.15
N LYS P 641 -9.79 18.92 -70.18
CA LYS P 641 -9.80 20.35 -70.43
C LYS P 641 -9.28 21.16 -69.24
N GLY P 642 -9.20 20.55 -68.07
CA GLY P 642 -8.60 21.20 -66.92
C GLY P 642 -9.51 21.35 -65.71
N TYR P 643 -10.62 20.61 -65.69
CA TYR P 643 -11.57 20.65 -64.58
C TYR P 643 -11.23 19.53 -63.61
N ASN P 644 -10.64 19.90 -62.47
CA ASN P 644 -10.23 18.92 -61.47
C ASN P 644 -11.13 18.91 -60.25
N ASN P 645 -12.45 19.05 -60.44
CA ASN P 645 -13.38 19.15 -59.33
C ASN P 645 -14.58 18.23 -59.53
N ILE P 646 -14.39 17.14 -60.27
CA ILE P 646 -15.44 16.19 -60.56
C ILE P 646 -15.20 14.92 -59.76
N GLY P 647 -16.30 14.20 -59.48
CA GLY P 647 -16.23 12.93 -58.80
C GLY P 647 -17.37 12.05 -59.26
N VAL P 648 -17.16 10.74 -59.14
CA VAL P 648 -18.09 9.74 -59.65
C VAL P 648 -18.77 9.02 -58.50
N MET P 649 -20.06 8.74 -58.69
CA MET P 649 -20.90 8.13 -57.65
C MET P 649 -21.63 6.93 -58.24
N LEU P 650 -21.48 5.76 -57.62
CA LEU P 650 -22.08 4.52 -58.08
C LEU P 650 -23.37 4.24 -57.31
N PRO P 651 -24.49 3.95 -58.00
CA PRO P 651 -25.74 3.68 -57.30
C PRO P 651 -26.00 2.20 -57.06
N LEU P 652 -26.64 1.92 -55.92
CA LEU P 652 -27.17 0.59 -55.57
C LEU P 652 -26.06 -0.47 -55.51
N VAL P 653 -25.15 -0.28 -54.56
CA VAL P 653 -24.03 -1.18 -54.33
C VAL P 653 -24.33 -2.04 -53.10
N SER P 654 -24.09 -3.35 -53.21
CA SER P 654 -24.24 -4.22 -52.05
C SER P 654 -23.17 -5.31 -51.94
N HIS P 655 -22.19 -5.37 -52.85
CA HIS P 655 -21.06 -6.29 -52.75
C HIS P 655 -19.81 -5.53 -53.15
N PRO P 656 -18.66 -5.83 -52.54
CA PRO P 656 -17.41 -5.17 -52.95
C PRO P 656 -16.96 -5.54 -54.35
N GLU P 657 -17.37 -6.72 -54.85
CA GLU P 657 -17.01 -7.11 -56.20
C GLU P 657 -17.51 -6.10 -57.22
N GLN P 658 -18.66 -5.49 -56.96
CA GLN P 658 -19.16 -4.46 -57.87
C GLN P 658 -18.22 -3.27 -57.93
N ILE P 659 -17.70 -2.85 -56.77
CA ILE P 659 -16.76 -1.72 -56.74
C ILE P 659 -15.49 -2.07 -57.50
N ARG P 660 -14.97 -3.28 -57.30
CA ARG P 660 -13.72 -3.63 -57.98
C ARG P 660 -13.90 -3.76 -59.49
N GLU P 661 -15.02 -4.34 -59.93
CA GLU P 661 -15.25 -4.46 -61.37
C GLU P 661 -15.45 -3.09 -62.01
N ALA P 662 -16.13 -2.18 -61.31
CA ALA P 662 -16.27 -0.82 -61.84
C ALA P 662 -14.92 -0.13 -61.94
N LYS P 663 -14.06 -0.30 -60.93
CA LYS P 663 -12.75 0.31 -60.99
C LYS P 663 -11.94 -0.22 -62.17
N ARG P 664 -12.04 -1.52 -62.44
CA ARG P 664 -11.32 -2.10 -63.57
C ARG P 664 -11.87 -1.57 -64.90
N ILE P 665 -13.20 -1.58 -65.05
CA ILE P 665 -13.81 -1.08 -66.28
C ILE P 665 -13.39 0.35 -66.54
N ALA P 666 -13.31 1.16 -65.48
CA ALA P 666 -12.92 2.55 -65.66
C ALA P 666 -11.45 2.68 -66.00
N ARG P 667 -10.61 1.83 -65.41
CA ARG P 667 -9.18 1.93 -65.67
C ARG P 667 -8.80 1.42 -67.04
N GLU P 668 -9.63 0.61 -67.68
CA GLU P 668 -9.26 0.15 -69.02
C GLU P 668 -9.30 1.27 -70.06
N VAL P 669 -10.18 2.25 -69.92
CA VAL P 669 -10.35 3.27 -70.95
C VAL P 669 -9.64 4.58 -70.64
N GLY P 670 -8.70 4.58 -69.70
CA GLY P 670 -7.84 5.73 -69.47
C GLY P 670 -8.09 6.50 -68.20
N LEU P 671 -9.32 6.52 -67.70
CA LEU P 671 -9.64 7.26 -66.48
C LEU P 671 -8.97 6.60 -65.28
N GLU P 672 -8.55 7.42 -64.32
CA GLU P 672 -7.80 6.94 -63.16
C GLU P 672 -8.45 7.39 -61.86
N PRO P 673 -9.01 6.47 -61.08
CA PRO P 673 -9.59 6.85 -59.79
C PRO P 673 -8.57 7.46 -58.85
N HIS P 674 -9.04 8.34 -57.98
CA HIS P 674 -8.30 8.97 -56.88
C HIS P 674 -7.17 9.87 -57.35
N LYS P 675 -6.95 10.00 -58.66
CA LYS P 675 -5.96 10.92 -59.21
C LYS P 675 -6.50 11.80 -60.32
N ASP P 676 -7.60 11.43 -60.97
CA ASP P 676 -8.30 12.29 -61.90
C ASP P 676 -9.66 12.72 -61.41
N VAL P 677 -10.31 11.89 -60.58
CA VAL P 677 -11.64 12.15 -60.07
C VAL P 677 -11.71 11.66 -58.63
N ALA P 678 -12.88 11.80 -58.03
CA ALA P 678 -13.17 11.20 -56.74
C ALA P 678 -14.05 9.97 -56.92
N TRP P 679 -13.89 9.01 -56.02
CA TRP P 679 -14.59 7.74 -56.10
C TRP P 679 -15.45 7.57 -54.85
N GLY P 680 -16.76 7.42 -55.03
CA GLY P 680 -17.68 7.27 -53.92
C GLY P 680 -18.86 6.41 -54.31
N VAL P 681 -19.73 6.14 -53.33
CA VAL P 681 -20.85 5.23 -53.51
C VAL P 681 -22.12 5.82 -52.89
N MET P 682 -23.24 5.17 -53.17
CA MET P 682 -24.53 5.49 -52.58
C MET P 682 -24.96 4.40 -51.62
N ILE P 683 -25.63 4.79 -50.54
CA ILE P 683 -26.10 3.87 -49.52
C ILE P 683 -27.62 3.86 -49.56
N GLU P 684 -28.20 2.82 -50.17
CA GLU P 684 -29.65 2.70 -50.27
C GLU P 684 -30.19 1.33 -49.86
N VAL P 685 -29.40 0.27 -49.89
CA VAL P 685 -29.86 -1.03 -49.43
C VAL P 685 -29.39 -1.22 -48.00
N PRO P 686 -30.20 -1.84 -47.12
CA PRO P 686 -29.75 -2.06 -45.75
C PRO P 686 -28.47 -2.86 -45.62
N ALA P 687 -28.21 -3.78 -46.54
CA ALA P 687 -26.98 -4.56 -46.50
C ALA P 687 -25.76 -3.66 -46.56
N ALA P 688 -25.78 -2.66 -47.44
CA ALA P 688 -24.63 -1.76 -47.56
C ALA P 688 -24.41 -0.97 -46.28
N ALA P 689 -25.50 -0.60 -45.60
CA ALA P 689 -25.38 0.10 -44.33
C ALA P 689 -24.90 -0.80 -43.20
N ILE P 690 -25.06 -2.12 -43.32
CA ILE P 690 -24.66 -3.01 -42.23
C ILE P 690 -23.23 -3.54 -42.35
N ILE P 691 -22.67 -3.60 -43.56
CA ILE P 691 -21.30 -4.09 -43.74
C ILE P 691 -20.42 -2.99 -44.32
N ILE P 692 -20.66 -1.75 -43.90
CA ILE P 692 -20.02 -0.58 -44.53
C ILE P 692 -18.50 -0.66 -44.50
N GLU P 693 -17.93 -1.33 -43.50
CA GLU P 693 -16.47 -1.37 -43.39
C GLU P 693 -15.83 -2.15 -44.53
N ASP P 694 -16.48 -3.23 -44.97
CA ASP P 694 -15.97 -3.98 -46.11
C ASP P 694 -15.88 -3.09 -47.34
N LEU P 695 -16.90 -2.28 -47.59
CA LEU P 695 -16.87 -1.36 -48.72
C LEU P 695 -15.80 -0.31 -48.55
N ILE P 696 -15.61 0.19 -47.32
CA ILE P 696 -14.59 1.21 -47.10
C ILE P 696 -13.20 0.65 -47.37
N LYS P 697 -12.98 -0.63 -47.10
CA LYS P 697 -11.64 -1.19 -47.29
C LYS P 697 -11.26 -1.37 -48.75
N GLU P 698 -12.09 -0.96 -49.70
CA GLU P 698 -11.73 -0.99 -51.11
C GLU P 698 -11.32 0.39 -51.63
N GLY P 699 -11.02 1.33 -50.75
CA GLY P 699 -10.56 2.64 -51.17
C GLY P 699 -11.61 3.52 -51.82
N ILE P 700 -12.57 4.01 -51.04
CA ILE P 700 -13.50 5.02 -51.54
C ILE P 700 -13.16 6.36 -50.90
N ASP P 701 -13.81 7.43 -51.38
CA ASP P 701 -13.53 8.75 -50.85
C ASP P 701 -14.72 9.40 -50.17
N PHE P 702 -15.92 9.08 -50.61
CA PHE P 702 -17.12 9.71 -50.05
C PHE P 702 -18.34 8.81 -50.08
N VAL P 703 -19.32 9.12 -49.25
CA VAL P 703 -20.55 8.32 -49.21
C VAL P 703 -21.76 9.25 -49.12
N SER P 704 -22.91 8.78 -49.60
CA SER P 704 -24.12 9.59 -49.59
C SER P 704 -25.34 8.75 -49.27
N PHE P 705 -26.21 9.28 -48.42
CA PHE P 705 -27.42 8.58 -47.97
C PHE P 705 -28.59 8.88 -48.90
N GLY P 706 -29.15 7.84 -49.52
CA GLY P 706 -30.41 7.92 -50.22
C GLY P 706 -31.61 7.59 -49.35
N THR P 707 -32.06 8.52 -48.50
CA THR P 707 -33.01 8.18 -47.46
C THR P 707 -34.36 7.71 -48.00
N ASN P 708 -34.70 8.10 -49.23
CA ASN P 708 -35.94 7.62 -49.86
C ASN P 708 -35.92 6.09 -49.98
N ASP P 709 -34.96 5.59 -50.75
CA ASP P 709 -34.87 4.16 -50.99
C ASP P 709 -34.57 3.39 -49.71
N LEU P 710 -33.73 3.95 -48.85
CA LEU P 710 -33.42 3.27 -47.60
C LEU P 710 -34.65 3.10 -46.72
N THR P 711 -35.46 4.15 -46.58
CA THR P 711 -36.68 4.04 -45.79
C THR P 711 -37.66 3.08 -46.44
N GLN P 712 -37.69 3.01 -47.76
CA GLN P 712 -38.62 2.09 -48.39
C GLN P 712 -38.20 0.63 -48.24
N TYR P 713 -36.92 0.33 -48.43
CA TYR P 713 -36.45 -1.04 -48.31
C TYR P 713 -36.37 -1.52 -46.87
N THR P 714 -36.25 -0.62 -45.90
CA THR P 714 -36.13 -1.05 -44.52
C THR P 714 -37.47 -1.41 -43.91
N LEU P 715 -38.53 -0.69 -44.27
CA LEU P 715 -39.86 -0.94 -43.73
C LEU P 715 -40.70 -1.86 -44.60
N ALA P 716 -40.16 -2.33 -45.72
CA ALA P 716 -40.87 -3.20 -46.65
C ALA P 716 -42.21 -2.60 -47.05
N ILE P 717 -42.13 -1.44 -47.70
CA ILE P 717 -43.31 -0.62 -47.97
C ILE P 717 -43.07 0.18 -49.23
N ASP P 718 -44.07 0.22 -50.11
CA ASP P 718 -44.05 1.10 -51.27
C ASP P 718 -44.82 2.38 -50.96
N ARG P 719 -44.24 3.50 -51.36
CA ARG P 719 -44.82 4.80 -51.00
C ARG P 719 -45.90 5.22 -51.98
N ASP P 720 -45.81 4.79 -53.24
CA ASP P 720 -46.82 5.12 -54.24
C ASP P 720 -48.15 4.40 -53.99
N ASN P 721 -48.15 3.32 -53.23
CA ASN P 721 -49.37 2.58 -52.95
C ASN P 721 -50.21 3.33 -51.94
N GLU P 722 -51.48 3.56 -52.29
CA GLU P 722 -52.37 4.40 -51.48
C GLU P 722 -52.66 3.77 -50.12
N ARG P 723 -52.70 2.44 -50.07
CA ARG P 723 -53.20 1.76 -48.88
C ARG P 723 -52.15 1.64 -47.77
N VAL P 724 -50.86 1.68 -48.10
CA VAL P 724 -49.81 1.53 -47.10
C VAL P 724 -48.86 2.72 -47.04
N ALA P 725 -49.17 3.83 -47.72
CA ALA P 725 -48.32 5.01 -47.62
C ALA P 725 -48.53 5.79 -46.34
N LYS P 726 -49.48 5.38 -45.51
CA LYS P 726 -49.68 6.02 -44.21
C LYS P 726 -48.64 5.61 -43.19
N LEU P 727 -47.78 4.64 -43.49
CA LEU P 727 -46.77 4.19 -42.56
C LEU P 727 -45.38 4.76 -42.86
N TYR P 728 -45.22 5.39 -44.03
CA TYR P 728 -43.93 5.97 -44.41
C TYR P 728 -43.49 7.04 -43.41
N ASP P 729 -42.21 7.01 -43.05
CA ASP P 729 -41.64 7.96 -42.11
C ASP P 729 -40.11 7.90 -42.16
N GLU P 730 -39.46 9.03 -42.41
CA GLU P 730 -38.01 9.06 -42.57
C GLU P 730 -37.26 9.31 -41.28
N THR P 731 -37.96 9.55 -40.17
CA THR P 731 -37.36 9.63 -38.85
C THR P 731 -37.76 8.44 -37.98
N HIS P 732 -37.93 7.29 -38.59
CA HIS P 732 -38.20 6.06 -37.85
C HIS P 732 -36.92 5.59 -37.15
N PRO P 733 -37.03 5.07 -35.92
CA PRO P 733 -35.82 4.71 -35.15
C PRO P 733 -34.82 3.81 -35.87
N ALA P 734 -35.28 2.91 -36.74
CA ALA P 734 -34.34 1.96 -37.34
C ALA P 734 -33.43 2.65 -38.34
N VAL P 735 -33.99 3.52 -39.18
CA VAL P 735 -33.19 4.28 -40.14
C VAL P 735 -32.15 5.13 -39.40
N LEU P 736 -32.54 5.70 -38.26
CA LEU P 736 -31.62 6.54 -37.51
C LEU P 736 -30.50 5.73 -36.89
N LYS P 737 -30.80 4.53 -36.38
CA LYS P 737 -29.73 3.63 -35.93
C LYS P 737 -28.74 3.33 -37.05
N LEU P 738 -29.26 3.03 -38.24
CA LEU P 738 -28.37 2.71 -39.36
C LEU P 738 -27.48 3.89 -39.73
N ILE P 739 -28.08 5.08 -39.81
CA ILE P 739 -27.32 6.29 -40.16
C ILE P 739 -26.24 6.57 -39.12
N LYS P 740 -26.57 6.44 -37.84
CA LYS P 740 -25.60 6.68 -36.78
C LYS P 740 -24.42 5.72 -36.88
N HIS P 741 -24.69 4.44 -37.12
CA HIS P 741 -23.61 3.46 -37.27
C HIS P 741 -22.69 3.83 -38.43
N VAL P 742 -23.27 4.13 -39.59
CA VAL P 742 -22.45 4.45 -40.75
C VAL P 742 -21.56 5.67 -40.47
N ILE P 743 -22.17 6.75 -39.95
CA ILE P 743 -21.42 7.97 -39.70
C ILE P 743 -20.26 7.69 -38.75
N LYS P 744 -20.52 6.97 -37.66
CA LYS P 744 -19.46 6.60 -36.73
C LYS P 744 -18.29 5.95 -37.45
N VAL P 745 -18.57 4.94 -38.28
CA VAL P 745 -17.47 4.15 -38.85
C VAL P 745 -16.64 4.98 -39.83
N CYS P 746 -17.30 5.71 -40.74
CA CYS P 746 -16.46 6.41 -41.72
C CYS P 746 -15.81 7.65 -41.13
N LYS P 747 -16.41 8.24 -40.08
CA LYS P 747 -15.66 9.19 -39.28
C LYS P 747 -14.37 8.58 -38.77
N ARG P 748 -14.45 7.38 -38.20
CA ARG P 748 -13.24 6.69 -37.74
C ARG P 748 -12.22 6.47 -38.85
N TYR P 749 -12.66 6.22 -40.08
CA TYR P 749 -11.72 5.91 -41.16
C TYR P 749 -11.32 7.11 -42.02
N GLY P 750 -11.83 8.31 -41.73
CA GLY P 750 -11.43 9.47 -42.50
C GLY P 750 -12.15 9.68 -43.81
N VAL P 751 -13.40 9.24 -43.91
CA VAL P 751 -14.20 9.38 -45.12
C VAL P 751 -15.25 10.45 -44.88
N GLU P 752 -15.66 11.11 -45.97
CA GLU P 752 -16.64 12.18 -45.91
C GLU P 752 -18.05 11.67 -46.13
N THR P 753 -19.01 12.19 -45.37
CA THR P 753 -20.40 11.77 -45.42
C THR P 753 -21.30 12.91 -45.91
N SER P 754 -22.42 12.55 -46.52
CA SER P 754 -23.37 13.53 -47.02
C SER P 754 -24.74 12.87 -47.12
N ILE P 755 -25.75 13.67 -47.44
CA ILE P 755 -27.11 13.18 -47.63
C ILE P 755 -27.81 13.98 -48.72
N CYS P 756 -28.36 13.28 -49.69
CA CYS P 756 -29.24 13.85 -50.71
C CYS P 756 -30.65 13.29 -50.52
N GLY P 757 -31.58 13.80 -51.30
CA GLY P 757 -32.95 13.31 -51.25
C GLY P 757 -33.93 14.41 -50.92
N GLN P 758 -35.13 13.99 -50.52
CA GLN P 758 -36.17 14.93 -50.12
C GLN P 758 -36.09 15.27 -48.64
N ALA P 759 -35.42 14.46 -47.83
CA ALA P 759 -35.22 14.77 -46.42
C ALA P 759 -34.00 15.64 -46.18
N GLY P 760 -33.27 16.00 -47.24
CA GLY P 760 -32.27 17.04 -47.12
C GLY P 760 -32.87 18.42 -47.03
N SER P 761 -34.14 18.58 -47.40
CA SER P 761 -34.85 19.84 -47.35
C SER P 761 -35.88 19.88 -46.22
N ASP P 762 -35.56 19.29 -45.08
CA ASP P 762 -36.44 19.26 -43.92
C ASP P 762 -35.71 19.81 -42.69
N PRO P 763 -36.27 20.81 -42.01
CA PRO P 763 -35.57 21.36 -40.83
C PRO P 763 -35.36 20.39 -39.69
N LYS P 764 -36.31 19.51 -39.42
CA LYS P 764 -36.17 18.57 -38.30
C LYS P 764 -35.05 17.57 -38.55
N MET P 765 -35.02 17.00 -39.75
CA MET P 765 -33.93 16.10 -40.12
C MET P 765 -32.60 16.82 -40.10
N ALA P 766 -32.57 18.07 -40.55
CA ALA P 766 -31.34 18.85 -40.51
C ALA P 766 -30.81 18.98 -39.09
N ARG P 767 -31.70 19.24 -38.13
CA ARG P 767 -31.26 19.36 -36.75
C ARG P 767 -30.72 18.02 -36.22
N ILE P 768 -31.45 16.93 -36.48
CA ILE P 768 -30.97 15.60 -36.06
C ILE P 768 -29.58 15.33 -36.62
N LEU P 769 -29.39 15.61 -37.92
CA LEU P 769 -28.16 15.24 -38.59
C LEU P 769 -26.99 16.11 -38.17
N VAL P 770 -27.24 17.39 -37.88
CA VAL P 770 -26.17 18.24 -37.38
C VAL P 770 -25.78 17.84 -35.97
N ARG P 771 -26.74 17.41 -35.14
CA ARG P 771 -26.37 16.93 -33.82
C ARG P 771 -25.60 15.62 -33.87
N LEU P 772 -25.83 14.79 -34.90
CA LEU P 772 -25.04 13.57 -35.01
C LEU P 772 -23.63 13.82 -35.56
N GLY P 773 -23.48 14.75 -36.50
CA GLY P 773 -22.15 15.07 -36.98
C GLY P 773 -21.89 14.82 -38.45
N ILE P 774 -22.91 14.99 -39.30
CA ILE P 774 -22.71 14.81 -40.73
C ILE P 774 -21.87 15.96 -41.29
N ASP P 775 -21.23 15.71 -42.42
CA ASP P 775 -20.31 16.67 -43.01
C ASP P 775 -20.99 17.61 -44.00
N SER P 776 -22.08 17.19 -44.65
CA SER P 776 -22.73 18.04 -45.64
C SER P 776 -24.21 17.68 -45.74
N ILE P 777 -24.98 18.62 -46.31
CA ILE P 777 -26.40 18.45 -46.60
C ILE P 777 -26.68 19.02 -47.98
N SER P 778 -27.54 18.34 -48.75
CA SER P 778 -27.85 18.70 -50.12
C SER P 778 -29.34 19.04 -50.23
N ALA P 779 -29.64 20.27 -50.63
CA ALA P 779 -31.01 20.79 -50.61
C ALA P 779 -31.49 21.11 -52.02
N ASN P 780 -32.81 21.22 -52.15
CA ASN P 780 -33.41 21.62 -53.41
C ASN P 780 -33.09 23.09 -53.69
N PRO P 781 -33.04 23.50 -54.97
CA PRO P 781 -32.56 24.85 -55.30
C PRO P 781 -33.35 25.98 -54.64
N ASP P 782 -34.55 25.73 -54.13
CA ASP P 782 -35.33 26.78 -53.47
C ASP P 782 -35.48 26.56 -51.98
N ALA P 783 -34.56 25.82 -51.36
CA ALA P 783 -34.57 25.59 -49.92
C ALA P 783 -33.21 25.77 -49.29
N VAL P 784 -32.28 26.44 -49.97
CA VAL P 784 -30.91 26.53 -49.47
C VAL P 784 -30.81 27.51 -48.31
N GLN P 785 -31.57 28.60 -48.36
CA GLN P 785 -31.47 29.64 -47.34
C GLN P 785 -32.08 29.18 -46.02
N LEU P 786 -33.22 28.51 -46.08
CA LEU P 786 -33.86 27.98 -44.88
C LEU P 786 -32.95 27.00 -44.16
N ILE P 787 -32.36 26.07 -44.91
CA ILE P 787 -31.49 25.07 -44.30
C ILE P 787 -30.24 25.74 -43.74
N ARG P 788 -29.73 26.76 -44.44
CA ARG P 788 -28.59 27.51 -43.95
C ARG P 788 -28.86 28.13 -42.57
N GLN P 789 -30.02 28.76 -42.41
CA GLN P 789 -30.39 29.34 -41.12
C GLN P 789 -30.56 28.28 -40.02
N VAL P 790 -31.25 27.17 -40.34
CA VAL P 790 -31.43 26.11 -39.35
C VAL P 790 -30.08 25.57 -38.87
N VAL P 791 -29.14 25.37 -39.80
CA VAL P 791 -27.85 24.81 -39.44
C VAL P 791 -27.05 25.78 -38.58
N ALA P 792 -27.08 27.07 -38.93
CA ALA P 792 -26.39 28.07 -38.12
C ALA P 792 -26.88 28.09 -36.68
N GLN P 793 -28.22 28.07 -36.50
CA GLN P 793 -28.76 28.09 -35.15
C GLN P 793 -28.35 26.84 -34.35
N GLU P 794 -28.41 25.67 -34.98
CA GLU P 794 -28.03 24.44 -34.28
C GLU P 794 -26.57 24.47 -33.84
N GLU P 795 -25.68 24.99 -34.69
CA GLU P 795 -24.27 25.06 -34.32
C GLU P 795 -24.03 25.99 -33.14
N ARG P 796 -24.67 27.16 -33.13
CA ARG P 796 -24.50 28.05 -31.98
C ARG P 796 -25.02 27.42 -30.70
N LYS P 797 -26.13 26.69 -30.78
CA LYS P 797 -26.63 25.96 -29.61
C LYS P 797 -25.60 24.99 -29.06
N LEU P 798 -24.99 24.18 -29.94
CA LEU P 798 -24.01 23.21 -29.47
C LEU P 798 -22.84 23.89 -28.77
N MET P 799 -22.32 24.98 -29.36
CA MET P 799 -21.20 25.68 -28.76
C MET P 799 -21.55 26.24 -27.38
N LEU P 800 -22.75 26.80 -27.24
CA LEU P 800 -23.17 27.33 -25.95
C LEU P 800 -23.26 26.23 -24.90
N GLU P 801 -23.79 25.07 -25.26
CA GLU P 801 -23.88 23.95 -24.33
C GLU P 801 -22.51 23.53 -23.83
N ALA P 802 -21.52 23.45 -24.72
CA ALA P 802 -20.20 23.04 -24.28
C ALA P 802 -19.56 24.09 -23.37
N ALA P 803 -19.76 25.37 -23.68
CA ALA P 803 -19.24 26.43 -22.81
C ALA P 803 -19.83 26.35 -21.41
N ARG P 804 -21.15 26.12 -21.31
CA ARG P 804 -21.79 26.04 -20.01
C ARG P 804 -21.30 24.83 -19.22
N LYS P 805 -21.13 23.69 -19.89
CA LYS P 805 -20.61 22.53 -19.18
C LYS P 805 -19.20 22.79 -18.66
N GLN P 806 -18.39 23.50 -19.43
CA GLN P 806 -17.03 23.79 -18.98
C GLN P 806 -17.02 24.76 -17.81
N LEU P 807 -17.88 25.78 -17.83
CA LEU P 807 -17.81 26.82 -16.80
C LEU P 807 -18.36 26.35 -15.46
N GLY Q 506 -33.98 -49.33 -30.82
CA GLY Q 506 -35.06 -49.34 -29.84
C GLY Q 506 -35.22 -48.01 -29.13
N ALA Q 507 -34.13 -47.29 -28.99
CA ALA Q 507 -34.15 -45.97 -28.35
C ALA Q 507 -34.03 -44.89 -29.40
N PRO Q 508 -34.90 -43.88 -29.40
CA PRO Q 508 -34.77 -42.79 -30.37
C PRO Q 508 -33.55 -41.93 -30.10
N LEU Q 509 -33.23 -41.09 -31.08
CA LEU Q 509 -32.13 -40.14 -30.95
C LEU Q 509 -32.61 -38.89 -30.23
N VAL Q 510 -31.82 -38.41 -29.27
CA VAL Q 510 -32.23 -37.35 -28.35
C VAL Q 510 -31.26 -36.18 -28.46
N THR Q 511 -31.80 -35.00 -28.74
CA THR Q 511 -31.01 -33.78 -28.86
C THR Q 511 -31.56 -32.72 -27.92
N GLY Q 512 -30.70 -31.80 -27.51
CA GLY Q 512 -31.16 -30.70 -26.68
C GLY Q 512 -31.96 -29.69 -27.47
N THR Q 513 -31.48 -29.32 -28.64
CA THR Q 513 -32.24 -28.49 -29.56
C THR Q 513 -33.45 -29.25 -30.08
N MET Q 514 -34.58 -28.56 -30.18
CA MET Q 514 -35.80 -29.16 -30.68
C MET Q 514 -35.84 -29.11 -32.20
N VAL Q 515 -36.24 -30.24 -32.81
CA VAL Q 515 -36.42 -30.35 -34.25
C VAL Q 515 -37.91 -30.55 -34.49
N LYS Q 516 -38.54 -29.62 -35.18
CA LYS Q 516 -39.96 -29.66 -35.49
C LYS Q 516 -40.17 -29.87 -36.99
N VAL Q 517 -41.43 -29.81 -37.43
CA VAL Q 517 -41.80 -30.15 -38.80
C VAL Q 517 -42.76 -29.09 -39.34
N ASN Q 518 -42.76 -28.92 -40.66
CA ASN Q 518 -43.54 -27.88 -41.34
C ASN Q 518 -44.74 -28.52 -42.02
N VAL Q 519 -45.94 -28.26 -41.50
CA VAL Q 519 -47.17 -28.86 -41.99
C VAL Q 519 -47.84 -27.88 -42.94
N SER Q 520 -48.19 -28.36 -44.14
CA SER Q 520 -48.76 -27.49 -45.16
C SER Q 520 -50.29 -27.58 -45.22
N MET Q 521 -50.84 -28.78 -45.19
CA MET Q 521 -52.27 -29.02 -45.26
C MET Q 521 -52.67 -29.89 -44.08
N PRO Q 522 -53.96 -29.93 -43.74
CA PRO Q 522 -54.40 -30.80 -42.64
C PRO Q 522 -54.51 -32.27 -43.02
N GLU Q 523 -54.16 -32.62 -44.25
CA GLU Q 523 -54.23 -34.00 -44.69
C GLU Q 523 -52.91 -34.74 -44.57
N VAL Q 524 -51.78 -34.04 -44.73
CA VAL Q 524 -50.48 -34.61 -44.40
C VAL Q 524 -50.15 -34.27 -42.95
N ALA Q 525 -50.71 -35.04 -42.03
CA ALA Q 525 -50.50 -34.83 -40.60
C ALA Q 525 -50.17 -36.10 -39.84
N GLU Q 526 -50.47 -37.28 -40.40
CA GLU Q 526 -50.06 -38.52 -39.79
C GLU Q 526 -48.66 -38.92 -40.25
N ARG Q 527 -48.39 -38.75 -41.55
CA ARG Q 527 -47.03 -38.97 -42.04
C ARG Q 527 -46.05 -37.99 -41.40
N ALA Q 528 -46.54 -36.86 -40.90
CA ALA Q 528 -45.66 -35.90 -40.23
C ALA Q 528 -45.50 -36.25 -38.77
N ALA Q 529 -46.58 -36.70 -38.11
CA ALA Q 529 -46.47 -37.13 -36.72
C ALA Q 529 -45.71 -38.44 -36.58
N ALA Q 530 -45.51 -39.17 -37.68
CA ALA Q 530 -44.75 -40.40 -37.64
C ALA Q 530 -43.27 -40.21 -37.88
N THR Q 531 -42.79 -38.96 -37.92
CA THR Q 531 -41.37 -38.71 -38.17
C THR Q 531 -40.56 -38.57 -36.89
N GLY Q 532 -41.23 -38.42 -35.74
CA GLY Q 532 -40.52 -38.21 -34.51
C GLY Q 532 -40.21 -36.76 -34.19
N ALA Q 533 -40.98 -35.82 -34.75
CA ALA Q 533 -40.74 -34.41 -34.50
C ALA Q 533 -41.21 -34.02 -33.11
N ASP Q 534 -40.76 -32.86 -32.65
CA ASP Q 534 -41.07 -32.37 -31.31
C ASP Q 534 -42.27 -31.43 -31.31
N GLY Q 535 -42.92 -31.25 -32.46
CA GLY Q 535 -44.07 -30.38 -32.56
C GLY Q 535 -44.21 -29.91 -33.99
N VAL Q 536 -45.19 -29.04 -34.20
CA VAL Q 536 -45.38 -28.36 -35.46
C VAL Q 536 -44.78 -26.96 -35.35
N GLY Q 537 -44.04 -26.55 -36.36
CA GLY Q 537 -43.38 -25.26 -36.32
C GLY Q 537 -44.11 -24.21 -37.11
N LEU Q 538 -44.87 -24.63 -38.12
CA LEU Q 538 -45.63 -23.71 -38.94
C LEU Q 538 -46.74 -24.47 -39.64
N LEU Q 539 -47.99 -24.15 -39.32
CA LEU Q 539 -49.15 -24.66 -40.03
C LEU Q 539 -49.82 -23.50 -40.75
N ARG Q 540 -49.80 -23.54 -42.07
CA ARG Q 540 -50.34 -22.44 -42.87
C ARG Q 540 -51.84 -22.59 -43.07
N ALA Q 541 -52.50 -21.45 -43.28
CA ALA Q 541 -53.95 -21.40 -43.42
C ALA Q 541 -54.39 -21.07 -44.85
N GLU Q 542 -53.47 -20.82 -45.77
CA GLU Q 542 -53.82 -20.47 -47.14
C GLU Q 542 -54.75 -21.51 -47.75
N HIS Q 543 -54.43 -22.79 -47.59
CA HIS Q 543 -55.25 -23.85 -48.16
C HIS Q 543 -56.63 -23.90 -47.51
N MET Q 544 -56.66 -23.95 -46.17
CA MET Q 544 -57.92 -24.11 -45.46
C MET Q 544 -58.89 -22.96 -45.69
N ILE Q 545 -58.38 -21.80 -46.12
CA ILE Q 545 -59.26 -20.67 -46.36
C ILE Q 545 -59.61 -20.50 -47.83
N LEU Q 546 -58.63 -20.61 -48.72
CA LEU Q 546 -58.86 -20.46 -50.15
C LEU Q 546 -59.35 -21.73 -50.81
N SER Q 547 -59.94 -22.65 -50.06
CA SER Q 547 -60.44 -23.90 -50.61
C SER Q 547 -61.93 -23.87 -50.94
N ILE Q 548 -62.62 -22.79 -50.59
CA ILE Q 548 -64.07 -22.71 -50.77
C ILE Q 548 -64.41 -22.12 -52.14
N GLY Q 549 -63.41 -21.98 -53.00
CA GLY Q 549 -63.61 -21.47 -54.34
C GLY Q 549 -64.33 -20.14 -54.42
N GLN Q 550 -64.05 -19.23 -53.48
CA GLN Q 550 -64.77 -17.98 -53.38
C GLN Q 550 -63.93 -16.97 -52.63
N HIS Q 551 -64.10 -15.70 -52.94
CA HIS Q 551 -63.43 -14.63 -52.22
C HIS Q 551 -63.99 -14.56 -50.80
N PRO Q 552 -63.15 -14.69 -49.77
CA PRO Q 552 -63.67 -14.71 -48.39
C PRO Q 552 -64.44 -13.45 -48.01
N ILE Q 553 -63.98 -12.27 -48.43
CA ILE Q 553 -64.72 -11.04 -48.16
C ILE Q 553 -66.08 -11.10 -48.83
N LYS Q 554 -66.12 -11.60 -50.07
CA LYS Q 554 -67.40 -11.85 -50.74
C LYS Q 554 -68.19 -12.94 -50.02
N PHE Q 555 -67.49 -13.94 -49.49
CA PHE Q 555 -68.16 -15.05 -48.83
C PHE Q 555 -68.89 -14.61 -47.58
N ILE Q 556 -68.38 -13.57 -46.91
CA ILE Q 556 -69.01 -13.14 -45.66
C ILE Q 556 -70.03 -12.03 -45.87
N LYS Q 557 -69.89 -11.30 -46.98
CA LYS Q 557 -70.87 -10.28 -47.30
C LYS Q 557 -72.12 -11.05 -47.69
N GLU Q 558 -71.95 -12.07 -48.51
CA GLU Q 558 -73.08 -12.92 -48.84
C GLU Q 558 -73.64 -13.38 -47.53
N GLY Q 559 -72.76 -13.72 -46.59
CA GLY Q 559 -73.22 -14.08 -45.27
C GLY Q 559 -73.14 -15.53 -44.87
N LYS Q 560 -72.03 -16.21 -45.13
CA LYS Q 560 -71.94 -17.58 -44.65
C LYS Q 560 -70.74 -17.67 -43.72
N GLU Q 561 -70.85 -17.08 -42.54
CA GLU Q 561 -69.70 -17.05 -41.63
C GLU Q 561 -69.51 -18.36 -40.90
N GLU Q 562 -70.58 -18.96 -40.38
CA GLU Q 562 -70.45 -20.11 -39.50
C GLU Q 562 -69.91 -21.33 -40.24
N GLU Q 563 -70.23 -21.46 -41.53
CA GLU Q 563 -69.71 -22.56 -42.32
C GLU Q 563 -68.19 -22.52 -42.39
N LEU Q 564 -67.64 -21.36 -42.80
CA LEU Q 564 -66.20 -21.20 -42.85
C LEU Q 564 -65.57 -21.38 -41.48
N VAL Q 565 -66.21 -20.84 -40.44
CA VAL Q 565 -65.68 -20.96 -39.09
C VAL Q 565 -65.54 -22.43 -38.70
N GLU Q 566 -66.62 -23.20 -38.81
CA GLU Q 566 -66.58 -24.59 -38.37
C GLU Q 566 -65.68 -25.45 -39.26
N LYS Q 567 -65.55 -25.10 -40.54
CA LYS Q 567 -64.61 -25.81 -41.39
C LYS Q 567 -63.18 -25.60 -40.92
N LEU Q 568 -62.80 -24.35 -40.67
CA LEU Q 568 -61.51 -24.07 -40.06
C LEU Q 568 -61.34 -24.84 -38.76
N ALA Q 569 -62.41 -24.91 -37.97
CA ALA Q 569 -62.34 -25.57 -36.67
C ALA Q 569 -61.95 -27.03 -36.80
N GLU Q 570 -62.62 -27.76 -37.69
CA GLU Q 570 -62.27 -29.17 -37.84
C GLU Q 570 -60.90 -29.34 -38.47
N GLY Q 571 -60.56 -28.48 -39.44
CA GLY Q 571 -59.22 -28.55 -40.03
C GLY Q 571 -58.11 -28.38 -38.99
N ILE Q 572 -58.30 -27.48 -38.04
CA ILE Q 572 -57.31 -27.24 -37.00
C ILE Q 572 -57.30 -28.35 -35.96
N GLU Q 573 -58.48 -28.84 -35.58
CA GLU Q 573 -58.55 -29.87 -34.53
C GLU Q 573 -57.91 -31.17 -35.00
N LYS Q 574 -58.02 -31.47 -36.30
CA LYS Q 574 -57.35 -32.66 -36.82
C LYS Q 574 -55.85 -32.64 -36.51
N VAL Q 575 -55.18 -31.55 -36.88
CA VAL Q 575 -53.75 -31.41 -36.64
C VAL Q 575 -53.45 -31.34 -35.15
N ALA Q 576 -54.25 -30.61 -34.40
CA ALA Q 576 -54.00 -30.47 -32.98
C ALA Q 576 -54.10 -31.80 -32.24
N ALA Q 577 -54.95 -32.71 -32.72
CA ALA Q 577 -55.12 -34.00 -32.06
C ALA Q 577 -54.17 -35.06 -32.58
N ALA Q 578 -53.52 -34.83 -33.72
CA ALA Q 578 -52.50 -35.77 -34.18
C ALA Q 578 -51.23 -35.56 -33.34
N PHE Q 579 -50.98 -34.33 -32.91
CA PHE Q 579 -49.83 -34.06 -32.06
C PHE Q 579 -50.30 -33.33 -30.81
N TYR Q 580 -50.95 -34.04 -29.89
CA TYR Q 580 -51.48 -33.42 -28.67
C TYR Q 580 -50.45 -33.03 -27.62
N PRO Q 581 -49.80 -34.03 -26.98
CA PRO Q 581 -48.87 -33.50 -25.96
C PRO Q 581 -47.91 -32.45 -26.55
N ARG Q 582 -47.69 -32.45 -27.86
CA ARG Q 582 -46.74 -31.53 -28.47
C ARG Q 582 -47.36 -30.23 -28.96
N PRO Q 583 -46.60 -29.13 -28.90
CA PRO Q 583 -47.09 -27.83 -29.36
C PRO Q 583 -47.31 -27.77 -30.86
N VAL Q 584 -48.23 -26.91 -31.27
CA VAL Q 584 -48.52 -26.61 -32.67
C VAL Q 584 -48.68 -25.11 -32.82
N TRP Q 585 -48.04 -24.53 -33.83
CA TRP Q 585 -48.05 -23.09 -34.06
C TRP Q 585 -48.73 -22.79 -35.38
N TYR Q 586 -49.67 -21.83 -35.36
CA TYR Q 586 -50.55 -21.54 -36.49
C TYR Q 586 -50.42 -20.07 -36.88
N ARG Q 587 -50.22 -19.81 -38.18
CA ARG Q 587 -49.96 -18.48 -38.69
C ARG Q 587 -51.16 -17.96 -39.48
N THR Q 588 -51.66 -16.78 -39.12
CA THR Q 588 -52.83 -16.22 -39.76
C THR Q 588 -52.57 -15.92 -41.24
N LEU Q 589 -53.66 -15.66 -41.96
CA LEU Q 589 -53.63 -15.63 -43.42
C LEU Q 589 -52.62 -14.61 -43.94
N ASP Q 590 -51.91 -14.99 -45.01
CA ASP Q 590 -50.89 -14.13 -45.60
C ASP Q 590 -50.72 -14.53 -47.06
N ALA Q 591 -51.17 -13.68 -47.97
CA ALA Q 591 -51.05 -13.92 -49.40
C ALA Q 591 -51.09 -12.59 -50.12
N PRO Q 592 -50.41 -12.46 -51.26
CA PRO Q 592 -50.40 -11.18 -51.97
C PRO Q 592 -51.76 -10.83 -52.55
N THR Q 593 -51.86 -9.68 -53.23
CA THR Q 593 -53.12 -9.26 -53.82
C THR Q 593 -53.41 -9.96 -55.13
N ASN Q 594 -52.39 -10.40 -55.86
CA ASN Q 594 -52.60 -11.16 -57.08
C ASN Q 594 -52.89 -12.63 -56.80
N GLU Q 595 -53.26 -12.96 -55.57
CA GLU Q 595 -53.79 -14.26 -55.21
C GLU Q 595 -55.29 -14.23 -54.95
N PHE Q 596 -55.82 -13.07 -54.56
CA PHE Q 596 -57.26 -12.91 -54.41
C PHE Q 596 -57.92 -12.52 -55.73
N ARG Q 597 -57.14 -12.10 -56.71
CA ARG Q 597 -57.69 -11.69 -57.99
C ARG Q 597 -58.19 -12.86 -58.81
N GLU Q 598 -57.72 -14.07 -58.53
CA GLU Q 598 -57.94 -15.23 -59.39
C GLU Q 598 -59.03 -16.14 -58.85
N MET Q 599 -59.91 -15.63 -58.02
CA MET Q 599 -60.98 -16.41 -57.44
C MET Q 599 -62.34 -15.84 -57.85
N PRO Q 600 -63.40 -16.67 -57.83
CA PRO Q 600 -64.72 -16.09 -58.12
C PRO Q 600 -65.06 -14.98 -57.14
N GLY Q 601 -65.20 -13.76 -57.62
CA GLY Q 601 -65.47 -12.63 -56.75
C GLY Q 601 -64.29 -11.70 -56.72
N GLY Q 602 -63.17 -12.14 -57.30
CA GLY Q 602 -61.99 -11.32 -57.35
C GLY Q 602 -61.94 -10.54 -58.64
N GLU Q 603 -62.73 -9.46 -58.69
CA GLU Q 603 -62.76 -8.63 -59.90
C GLU Q 603 -62.34 -7.23 -59.54
N ASP Q 604 -62.54 -6.85 -58.28
CA ASP Q 604 -62.12 -5.54 -57.83
C ASP Q 604 -60.72 -5.69 -57.30
N GLU Q 605 -59.72 -5.23 -58.05
CA GLU Q 605 -58.33 -5.38 -57.62
C GLU Q 605 -57.49 -4.16 -57.99
N PRO Q 606 -56.24 -4.09 -57.49
CA PRO Q 606 -55.44 -2.89 -57.76
C PRO Q 606 -54.38 -3.08 -58.83
N GLU Q 607 -54.09 -4.32 -59.22
CA GLU Q 607 -53.02 -4.56 -60.17
C GLU Q 607 -51.81 -3.71 -59.84
N GLU Q 608 -51.27 -3.86 -58.63
CA GLU Q 608 -50.14 -3.04 -58.20
C GLU Q 608 -48.87 -3.32 -58.98
N ARG Q 609 -47.89 -2.44 -58.84
CA ARG Q 609 -46.62 -2.64 -59.54
C ARG Q 609 -45.62 -3.38 -58.65
N ASN Q 610 -45.87 -3.44 -57.35
CA ASN Q 610 -44.99 -4.18 -56.44
C ASN Q 610 -45.76 -4.91 -55.35
N PRO Q 611 -46.30 -6.11 -55.64
CA PRO Q 611 -47.13 -6.79 -54.64
C PRO Q 611 -46.33 -7.33 -53.46
N MET Q 612 -45.00 -7.31 -53.51
CA MET Q 612 -44.19 -7.73 -52.38
C MET Q 612 -44.11 -6.68 -51.29
N LEU Q 613 -44.23 -5.40 -51.65
CA LEU Q 613 -44.17 -4.30 -50.70
C LEU Q 613 -45.53 -3.64 -50.56
N GLY Q 614 -46.60 -4.43 -50.66
CA GLY Q 614 -47.92 -3.85 -50.71
C GLY Q 614 -48.85 -4.22 -49.56
N TRP Q 615 -50.13 -4.36 -49.88
CA TRP Q 615 -51.20 -4.54 -48.89
C TRP Q 615 -51.40 -6.03 -48.67
N ARG Q 616 -50.77 -6.56 -47.63
CA ARG Q 616 -50.83 -7.98 -47.34
C ARG Q 616 -50.53 -8.20 -45.87
N GLY Q 617 -50.69 -9.44 -45.42
CA GLY Q 617 -50.35 -9.78 -44.07
C GLY Q 617 -51.24 -9.09 -43.04
N ILE Q 618 -50.65 -8.85 -41.87
CA ILE Q 618 -51.42 -8.27 -40.77
C ILE Q 618 -51.89 -6.85 -41.06
N ARG Q 619 -51.27 -6.14 -42.01
CA ARG Q 619 -51.79 -4.84 -42.42
C ARG Q 619 -53.21 -4.99 -42.97
N ARG Q 620 -53.34 -5.73 -44.08
CA ARG Q 620 -54.65 -6.04 -44.62
C ARG Q 620 -55.56 -6.65 -43.57
N GLY Q 621 -55.00 -7.51 -42.71
CA GLY Q 621 -55.82 -8.14 -41.69
C GLY Q 621 -56.46 -7.15 -40.75
N LEU Q 622 -55.70 -6.15 -40.31
CA LEU Q 622 -56.22 -5.14 -39.40
C LEU Q 622 -57.11 -4.13 -40.12
N ASP Q 623 -56.97 -4.00 -41.44
CA ASP Q 623 -57.89 -3.14 -42.17
C ASP Q 623 -59.30 -3.72 -42.20
N GLN Q 624 -59.41 -5.05 -42.38
CA GLN Q 624 -60.70 -5.74 -42.46
C GLN Q 624 -60.78 -6.75 -41.32
N PRO Q 625 -61.19 -6.31 -40.13
CA PRO Q 625 -61.07 -7.17 -38.95
C PRO Q 625 -61.97 -8.40 -38.94
N GLU Q 626 -62.74 -8.63 -40.00
CA GLU Q 626 -63.66 -9.77 -39.99
C GLU Q 626 -62.92 -11.08 -40.17
N LEU Q 627 -61.86 -11.09 -40.97
CA LEU Q 627 -61.05 -12.30 -41.12
C LEU Q 627 -60.42 -12.70 -39.79
N LEU Q 628 -59.87 -11.71 -39.08
CA LEU Q 628 -59.31 -11.97 -37.75
C LEU Q 628 -60.38 -12.47 -36.80
N ARG Q 629 -61.57 -11.86 -36.84
CA ARG Q 629 -62.68 -12.30 -35.99
C ARG Q 629 -62.99 -13.77 -36.22
N ALA Q 630 -63.11 -14.17 -37.49
CA ALA Q 630 -63.48 -15.54 -37.80
C ALA Q 630 -62.40 -16.53 -37.39
N GLU Q 631 -61.14 -16.19 -37.66
CA GLU Q 631 -60.05 -17.10 -37.31
C GLU Q 631 -59.93 -17.26 -35.79
N PHE Q 632 -60.06 -16.16 -35.05
CA PHE Q 632 -59.99 -16.27 -33.59
C PHE Q 632 -61.19 -17.03 -33.04
N LYS Q 633 -62.35 -16.90 -33.68
CA LYS Q 633 -63.51 -17.68 -33.28
C LYS Q 633 -63.25 -19.18 -33.43
N ALA Q 634 -62.74 -19.59 -34.60
CA ALA Q 634 -62.45 -21.00 -34.81
C ALA Q 634 -61.38 -21.51 -33.85
N ILE Q 635 -60.36 -20.69 -33.58
CA ILE Q 635 -59.30 -21.13 -32.67
C ILE Q 635 -59.86 -21.35 -31.26
N LYS Q 636 -60.65 -20.39 -30.76
CA LYS Q 636 -61.28 -20.60 -29.46
C LYS Q 636 -62.21 -21.80 -29.47
N LYS Q 637 -62.87 -22.05 -30.60
CA LYS Q 637 -63.76 -23.18 -30.73
C LYS Q 637 -63.03 -24.49 -30.50
N VAL Q 638 -61.90 -24.69 -31.20
CA VAL Q 638 -61.15 -25.92 -30.96
C VAL Q 638 -60.41 -25.90 -29.64
N VAL Q 639 -60.20 -24.72 -29.04
CA VAL Q 639 -59.55 -24.69 -27.74
C VAL Q 639 -60.47 -25.22 -26.65
N GLU Q 640 -61.75 -24.84 -26.68
CA GLU Q 640 -62.64 -25.20 -25.58
C GLU Q 640 -62.96 -26.68 -25.54
N LYS Q 641 -62.61 -27.44 -26.58
CA LYS Q 641 -62.72 -28.89 -26.49
C LYS Q 641 -61.67 -29.51 -25.58
N GLY Q 642 -60.62 -28.77 -25.24
CA GLY Q 642 -59.64 -29.24 -24.28
C GLY Q 642 -58.22 -29.32 -24.80
N TYR Q 643 -57.94 -28.68 -25.94
CA TYR Q 643 -56.61 -28.68 -26.54
C TYR Q 643 -55.87 -27.43 -26.07
N ASN Q 644 -54.92 -27.61 -25.15
CA ASN Q 644 -54.16 -26.50 -24.59
C ASN Q 644 -52.74 -26.43 -25.12
N ASN Q 645 -52.54 -26.70 -26.41
CA ASN Q 645 -51.20 -26.75 -26.98
C ASN Q 645 -51.13 -25.96 -28.28
N ILE Q 646 -51.98 -24.95 -28.43
CA ILE Q 646 -52.04 -24.13 -29.63
C ILE Q 646 -51.45 -22.76 -29.32
N GLY Q 647 -50.93 -22.12 -30.37
CA GLY Q 647 -50.42 -20.77 -30.25
C GLY Q 647 -50.60 -20.05 -31.57
N VAL Q 648 -50.65 -18.72 -31.48
CA VAL Q 648 -50.96 -17.87 -32.63
C VAL Q 648 -49.72 -17.08 -33.04
N MET Q 649 -49.56 -16.93 -34.35
CA MET Q 649 -48.38 -16.28 -34.94
C MET Q 649 -48.84 -15.22 -35.94
N LEU Q 650 -48.38 -13.98 -35.75
CA LEU Q 650 -48.76 -12.86 -36.59
C LEU Q 650 -47.68 -12.61 -37.64
N PRO Q 651 -48.03 -12.49 -38.93
CA PRO Q 651 -47.04 -12.25 -39.96
C PRO Q 651 -46.85 -10.77 -40.31
N LEU Q 652 -45.61 -10.43 -40.64
CA LEU Q 652 -45.24 -9.12 -41.20
C LEU Q 652 -45.58 -7.97 -40.24
N VAL Q 653 -44.92 -7.97 -39.09
CA VAL Q 653 -45.10 -6.96 -38.06
C VAL Q 653 -43.91 -6.00 -38.11
N SER Q 654 -44.20 -4.69 -38.05
CA SER Q 654 -43.13 -3.71 -37.96
C SER Q 654 -43.41 -2.52 -37.04
N HIS Q 655 -44.56 -2.49 -36.36
CA HIS Q 655 -44.87 -1.47 -35.36
C HIS Q 655 -45.54 -2.17 -34.19
N PRO Q 656 -45.31 -1.70 -32.96
CA PRO Q 656 -46.01 -2.30 -31.81
C PRO Q 656 -47.51 -2.05 -31.81
N GLU Q 657 -47.96 -0.98 -32.46
CA GLU Q 657 -49.39 -0.71 -32.54
C GLU Q 657 -50.13 -1.86 -33.18
N GLN Q 658 -49.51 -2.54 -34.15
CA GLN Q 658 -50.15 -3.70 -34.76
C GLN Q 658 -50.37 -4.81 -33.74
N ILE Q 659 -49.38 -5.05 -32.88
CA ILE Q 659 -49.52 -6.08 -31.85
C ILE Q 659 -50.63 -5.72 -30.88
N ARG Q 660 -50.70 -4.45 -30.46
CA ARG Q 660 -51.73 -4.08 -29.50
C ARG Q 660 -53.14 -4.14 -30.10
N GLU Q 661 -53.29 -3.70 -31.35
CA GLU Q 661 -54.60 -3.76 -31.99
C GLU Q 661 -55.04 -5.21 -32.20
N ALA Q 662 -54.10 -6.09 -32.56
CA ALA Q 662 -54.45 -7.50 -32.68
C ALA Q 662 -54.88 -8.09 -31.35
N LYS Q 663 -54.17 -7.73 -30.26
CA LYS Q 663 -54.55 -8.23 -28.95
C LYS Q 663 -55.96 -7.77 -28.57
N ARG Q 664 -56.29 -6.52 -28.88
CA ARG Q 664 -57.63 -6.02 -28.57
C ARG Q 664 -58.70 -6.73 -29.41
N ILE Q 665 -58.46 -6.86 -30.72
CA ILE Q 665 -59.42 -7.54 -31.59
C ILE Q 665 -59.67 -8.95 -31.10
N ALA Q 666 -58.61 -9.63 -30.63
CA ALA Q 666 -58.77 -10.99 -30.16
C ALA Q 666 -59.51 -11.03 -28.83
N ARG Q 667 -59.25 -10.05 -27.96
CA ARG Q 667 -59.90 -10.07 -26.66
C ARG Q 667 -61.37 -9.68 -26.73
N GLU Q 668 -61.81 -9.02 -27.80
CA GLU Q 668 -63.23 -8.69 -27.86
C GLU Q 668 -64.12 -9.91 -28.06
N VAL Q 669 -63.64 -10.95 -28.75
CA VAL Q 669 -64.50 -12.08 -29.08
C VAL Q 669 -64.29 -13.29 -28.17
N GLY Q 670 -63.67 -13.10 -27.02
CA GLY Q 670 -63.60 -14.14 -26.01
C GLY Q 670 -62.25 -14.78 -25.81
N LEU Q 671 -61.42 -14.85 -26.84
CA LEU Q 671 -60.10 -15.47 -26.72
C LEU Q 671 -59.20 -14.62 -25.83
N GLU Q 672 -58.34 -15.29 -25.07
CA GLU Q 672 -57.48 -14.63 -24.09
C GLU Q 672 -56.02 -14.98 -24.30
N PRO Q 673 -55.19 -14.02 -24.72
CA PRO Q 673 -53.76 -14.31 -24.88
C PRO Q 673 -53.10 -14.72 -23.57
N HIS Q 674 -52.06 -15.53 -23.69
CA HIS Q 674 -51.17 -15.97 -22.61
C HIS Q 674 -51.87 -16.82 -21.56
N LYS Q 675 -53.17 -17.08 -21.70
CA LYS Q 675 -53.90 -17.96 -20.79
C LYS Q 675 -54.74 -19.01 -21.51
N ASP Q 676 -55.07 -18.81 -22.79
CA ASP Q 676 -55.69 -19.82 -23.61
C ASP Q 676 -54.80 -20.30 -24.74
N VAL Q 677 -53.88 -19.45 -25.21
CA VAL Q 677 -52.99 -19.76 -26.32
C VAL Q 677 -51.65 -19.12 -26.04
N ALA Q 678 -50.73 -19.29 -26.98
CA ALA Q 678 -49.46 -18.58 -26.96
C ALA Q 678 -49.48 -17.45 -27.99
N TRP Q 679 -48.75 -16.38 -27.70
CA TRP Q 679 -48.73 -15.19 -28.54
C TRP Q 679 -47.31 -14.96 -29.02
N GLY Q 680 -47.12 -14.94 -30.34
CA GLY Q 680 -45.80 -14.75 -30.93
C GLY Q 680 -45.91 -14.04 -32.26
N VAL Q 681 -44.75 -13.73 -32.85
CA VAL Q 681 -44.69 -12.95 -34.08
C VAL Q 681 -43.68 -13.57 -35.05
N MET Q 682 -43.68 -13.05 -36.27
CA MET Q 682 -42.72 -13.41 -37.31
C MET Q 682 -41.77 -12.25 -37.57
N ILE Q 683 -40.51 -12.58 -37.87
CA ILE Q 683 -39.49 -11.59 -38.14
C ILE Q 683 -39.09 -11.72 -39.61
N GLU Q 684 -39.59 -10.80 -40.44
CA GLU Q 684 -39.29 -10.81 -41.87
C GLU Q 684 -38.86 -9.46 -42.43
N VAL Q 685 -39.20 -8.35 -41.79
CA VAL Q 685 -38.74 -7.04 -42.26
C VAL Q 685 -37.52 -6.66 -41.43
N PRO Q 686 -36.51 -6.01 -42.03
CA PRO Q 686 -35.34 -5.60 -41.25
C PRO Q 686 -35.65 -4.69 -40.08
N ALA Q 687 -36.69 -3.86 -40.19
CA ALA Q 687 -37.07 -2.98 -39.09
C ALA Q 687 -37.40 -3.78 -37.85
N ALA Q 688 -38.15 -4.87 -37.99
CA ALA Q 688 -38.51 -5.67 -36.83
C ALA Q 688 -37.28 -6.29 -36.18
N ALA Q 689 -36.30 -6.68 -36.99
CA ALA Q 689 -35.06 -7.21 -36.44
C ALA Q 689 -34.19 -6.16 -35.77
N ILE Q 690 -34.38 -4.87 -36.11
CA ILE Q 690 -33.52 -3.84 -35.54
C ILE Q 690 -34.09 -3.21 -34.25
N ILE Q 691 -35.41 -3.23 -34.06
CA ILE Q 691 -36.02 -2.66 -32.86
C ILE Q 691 -36.72 -3.74 -32.05
N ILE Q 692 -36.15 -4.94 -32.03
CA ILE Q 692 -36.84 -6.11 -31.46
C ILE Q 692 -37.25 -5.90 -30.01
N GLU Q 693 -36.52 -5.08 -29.26
CA GLU Q 693 -36.83 -4.91 -27.85
C GLU Q 693 -38.16 -4.21 -27.64
N ASP Q 694 -38.49 -3.24 -28.50
CA ASP Q 694 -39.79 -2.58 -28.41
C ASP Q 694 -40.92 -3.59 -28.56
N LEU Q 695 -40.79 -4.51 -29.52
CA LEU Q 695 -41.81 -5.54 -29.70
C LEU Q 695 -41.86 -6.48 -28.51
N ILE Q 696 -40.71 -6.82 -27.93
CA ILE Q 696 -40.69 -7.72 -26.78
C ILE Q 696 -41.39 -7.08 -25.59
N LYS Q 697 -41.30 -5.77 -25.45
CA LYS Q 697 -41.91 -5.11 -24.29
C LYS Q 697 -43.43 -5.07 -24.34
N GLU Q 698 -44.07 -5.65 -25.35
CA GLU Q 698 -45.52 -5.75 -25.41
C GLU Q 698 -46.02 -7.14 -25.01
N GLY Q 699 -45.18 -7.95 -24.37
CA GLY Q 699 -45.61 -9.25 -23.90
C GLY Q 699 -45.85 -10.28 -24.98
N ILE Q 700 -44.79 -10.77 -25.62
CA ILE Q 700 -44.93 -11.90 -26.54
C ILE Q 700 -44.28 -13.13 -25.90
N ASP Q 701 -44.47 -14.29 -26.52
CA ASP Q 701 -43.94 -15.52 -25.96
C ASP Q 701 -42.89 -16.19 -26.84
N PHE Q 702 -43.00 -16.01 -28.14
CA PHE Q 702 -42.07 -16.67 -29.05
C PHE Q 702 -41.83 -15.90 -30.33
N VAL Q 703 -40.72 -16.19 -31.01
CA VAL Q 703 -40.40 -15.50 -32.26
C VAL Q 703 -39.90 -16.51 -33.29
N SER Q 704 -40.06 -16.20 -34.57
CA SER Q 704 -39.64 -17.10 -35.63
C SER Q 704 -39.05 -16.33 -36.79
N PHE Q 705 -37.94 -16.83 -37.34
CA PHE Q 705 -37.24 -16.19 -38.45
C PHE Q 705 -37.77 -16.69 -39.79
N GLY Q 706 -38.28 -15.78 -40.61
CA GLY Q 706 -38.58 -16.04 -41.99
C GLY Q 706 -37.44 -15.72 -42.94
N THR Q 707 -36.43 -16.58 -43.02
CA THR Q 707 -35.18 -16.21 -43.69
C THR Q 707 -35.36 -15.92 -45.17
N ASN Q 708 -36.40 -16.48 -45.80
CA ASN Q 708 -36.69 -16.17 -47.20
C ASN Q 708 -36.94 -14.67 -47.39
N ASP Q 709 -37.99 -14.18 -46.74
CA ASP Q 709 -38.36 -12.78 -46.88
C ASP Q 709 -37.29 -11.85 -46.33
N LEU Q 710 -36.66 -12.24 -45.23
CA LEU Q 710 -35.62 -11.39 -44.66
C LEU Q 710 -34.44 -11.24 -45.62
N THR Q 711 -33.99 -12.33 -46.23
CA THR Q 711 -32.90 -12.23 -47.19
C THR Q 711 -33.31 -11.43 -48.42
N GLN Q 712 -34.57 -11.51 -48.81
CA GLN Q 712 -34.98 -10.75 -49.98
C GLN Q 712 -35.09 -9.26 -49.70
N TYR Q 713 -35.65 -8.87 -48.56
CA TYR Q 713 -35.79 -7.46 -48.24
C TYR Q 713 -34.49 -6.82 -47.81
N THR Q 714 -33.52 -7.59 -47.34
CA THR Q 714 -32.28 -7.00 -46.88
C THR Q 714 -31.33 -6.69 -48.04
N LEU Q 715 -31.32 -7.53 -49.07
CA LEU Q 715 -30.43 -7.33 -50.22
C LEU Q 715 -31.11 -6.60 -51.36
N ALA Q 716 -32.37 -6.21 -51.21
CA ALA Q 716 -33.12 -5.51 -52.24
C ALA Q 716 -33.08 -6.27 -53.56
N ILE Q 717 -33.62 -7.48 -53.54
CA ILE Q 717 -33.47 -8.42 -54.65
C ILE Q 717 -34.68 -9.34 -54.67
N ASP Q 718 -35.22 -9.56 -55.87
CA ASP Q 718 -36.26 -10.55 -56.07
C ASP Q 718 -35.64 -11.85 -56.58
N ARG Q 719 -36.09 -12.96 -56.01
CA ARG Q 719 -35.48 -14.25 -56.31
C ARG Q 719 -36.07 -14.87 -57.57
N ASP Q 720 -37.33 -14.58 -57.88
CA ASP Q 720 -37.96 -15.10 -59.08
C ASP Q 720 -37.42 -14.48 -60.36
N ASN Q 721 -36.78 -13.32 -60.28
CA ASN Q 721 -36.23 -12.66 -61.44
C ASN Q 721 -34.96 -13.36 -61.88
N GLU Q 722 -34.91 -13.73 -63.16
CA GLU Q 722 -33.81 -14.54 -63.70
C GLU Q 722 -32.48 -13.80 -63.67
N ARG Q 723 -32.54 -12.47 -63.85
CA ARG Q 723 -31.31 -11.71 -64.07
C ARG Q 723 -30.57 -11.38 -62.77
N VAL Q 724 -31.25 -11.34 -61.63
CA VAL Q 724 -30.60 -10.99 -60.37
C VAL Q 724 -30.72 -12.09 -59.31
N ALA Q 725 -31.18 -13.29 -59.67
CA ALA Q 725 -31.24 -14.38 -58.70
C ALA Q 725 -29.88 -15.02 -58.46
N LYS Q 726 -28.85 -14.60 -59.19
CA LYS Q 726 -27.50 -15.11 -58.95
C LYS Q 726 -26.86 -14.50 -57.71
N LEU Q 727 -27.48 -13.50 -57.09
CA LEU Q 727 -26.91 -12.87 -55.91
C LEU Q 727 -27.55 -13.35 -54.61
N TYR Q 728 -28.66 -14.08 -54.70
CA TYR Q 728 -29.34 -14.60 -53.51
C TYR Q 728 -28.42 -15.51 -52.70
N ASP Q 729 -28.44 -15.32 -51.38
CA ASP Q 729 -27.63 -16.11 -50.47
C ASP Q 729 -28.12 -15.93 -49.04
N GLU Q 730 -28.45 -17.02 -48.35
CA GLU Q 730 -29.02 -16.95 -47.01
C GLU Q 730 -27.97 -17.00 -45.91
N THR Q 731 -26.70 -17.16 -46.25
CA THR Q 731 -25.60 -17.04 -45.30
C THR Q 731 -24.75 -15.80 -45.58
N HIS Q 732 -25.39 -14.74 -46.03
CA HIS Q 732 -24.70 -13.47 -46.22
C HIS Q 732 -24.44 -12.82 -44.86
N PRO Q 733 -23.28 -12.17 -44.68
CA PRO Q 733 -22.92 -11.63 -43.36
C PRO Q 733 -23.98 -10.73 -42.71
N ALA Q 734 -24.75 -9.97 -43.48
CA ALA Q 734 -25.67 -9.02 -42.87
C ALA Q 734 -26.83 -9.74 -42.19
N VAL Q 735 -27.39 -10.75 -42.86
CA VAL Q 735 -28.47 -11.54 -42.27
C VAL Q 735 -28.00 -12.21 -40.99
N LEU Q 736 -26.74 -12.68 -40.98
CA LEU Q 736 -26.22 -13.35 -39.80
C LEU Q 736 -26.02 -12.38 -38.64
N LYS Q 737 -25.55 -11.17 -38.92
CA LYS Q 737 -25.50 -10.14 -37.89
C LYS Q 737 -26.88 -9.88 -37.28
N LEU Q 738 -27.89 -9.76 -38.14
CA LEU Q 738 -29.24 -9.49 -37.63
C LEU Q 738 -29.75 -10.62 -36.76
N ILE Q 739 -29.55 -11.87 -37.21
CA ILE Q 739 -30.00 -13.04 -36.45
C ILE Q 739 -29.30 -13.11 -35.10
N LYS Q 740 -27.99 -12.86 -35.08
CA LYS Q 740 -27.24 -12.90 -33.82
C LYS Q 740 -27.75 -11.87 -32.84
N HIS Q 741 -28.01 -10.65 -33.31
CA HIS Q 741 -28.53 -9.60 -32.44
C HIS Q 741 -29.88 -10.02 -31.83
N VAL Q 742 -30.80 -10.49 -32.67
CA VAL Q 742 -32.12 -10.88 -32.17
C VAL Q 742 -32.00 -11.97 -31.11
N ILE Q 743 -31.24 -13.03 -31.42
CA ILE Q 743 -31.11 -14.16 -30.50
C ILE Q 743 -30.56 -13.68 -29.16
N LYS Q 744 -29.51 -12.85 -29.19
CA LYS Q 744 -28.95 -12.30 -27.97
C LYS Q 744 -30.03 -11.64 -27.12
N VAL Q 745 -30.82 -10.76 -27.73
CA VAL Q 745 -31.75 -9.95 -26.93
C VAL Q 745 -32.85 -10.81 -26.31
N CYS Q 746 -33.48 -11.69 -27.10
CA CYS Q 746 -34.58 -12.42 -26.50
C CYS Q 746 -34.10 -13.52 -25.58
N LYS Q 747 -32.88 -14.04 -25.79
CA LYS Q 747 -32.25 -14.84 -24.75
C LYS Q 747 -32.18 -14.06 -23.45
N ARG Q 748 -31.71 -12.81 -23.50
CA ARG Q 748 -31.68 -11.98 -22.30
C ARG Q 748 -33.05 -11.80 -21.66
N TYR Q 749 -34.12 -11.72 -22.44
CA TYR Q 749 -35.45 -11.46 -21.88
C TYR Q 749 -36.28 -12.72 -21.60
N GLY Q 750 -35.76 -13.91 -21.87
CA GLY Q 750 -36.51 -15.12 -21.57
C GLY Q 750 -37.54 -15.52 -22.59
N VAL Q 751 -37.31 -15.21 -23.86
CA VAL Q 751 -38.23 -15.55 -24.95
C VAL Q 751 -37.61 -16.67 -25.77
N GLU Q 752 -38.47 -17.48 -26.38
CA GLU Q 752 -38.04 -18.62 -27.17
C GLU Q 752 -37.90 -18.25 -28.64
N THR Q 753 -36.85 -18.76 -29.29
CA THR Q 753 -36.54 -18.47 -30.68
C THR Q 753 -36.66 -19.73 -31.54
N SER Q 754 -36.95 -19.54 -32.83
CA SER Q 754 -37.08 -20.64 -33.76
C SER Q 754 -36.83 -20.12 -35.17
N ILE Q 755 -36.78 -21.03 -36.13
CA ILE Q 755 -36.62 -20.68 -37.53
C ILE Q 755 -37.38 -21.65 -38.41
N CYS Q 756 -38.22 -21.11 -39.29
CA CYS Q 756 -38.89 -21.87 -40.34
C CYS Q 756 -38.35 -21.42 -41.70
N GLY Q 757 -38.78 -22.08 -42.75
CA GLY Q 757 -38.39 -21.70 -44.10
C GLY Q 757 -37.70 -22.84 -44.81
N GLN Q 758 -37.01 -22.48 -45.90
CA GLN Q 758 -36.25 -23.45 -46.67
C GLN Q 758 -34.84 -23.63 -46.16
N ALA Q 759 -34.33 -22.67 -45.38
CA ALA Q 759 -33.01 -22.80 -44.76
C ALA Q 759 -33.06 -23.53 -43.44
N GLY Q 760 -34.24 -23.94 -42.99
CA GLY Q 760 -34.32 -24.88 -41.89
C GLY Q 760 -33.96 -26.29 -42.28
N SER Q 761 -33.93 -26.59 -43.58
CA SER Q 761 -33.57 -27.90 -44.10
C SER Q 761 -32.20 -27.90 -44.76
N ASP Q 762 -31.25 -27.16 -44.21
CA ASP Q 762 -29.90 -27.07 -44.74
C ASP Q 762 -28.89 -27.42 -43.64
N PRO Q 763 -27.99 -28.38 -43.87
CA PRO Q 763 -27.02 -28.73 -42.82
C PRO Q 763 -26.07 -27.63 -42.41
N LYS Q 764 -25.61 -26.80 -43.35
CA LYS Q 764 -24.66 -25.73 -43.01
C LYS Q 764 -25.31 -24.68 -42.12
N MET Q 765 -26.51 -24.25 -42.49
CA MET Q 765 -27.25 -23.30 -41.65
C MET Q 765 -27.55 -23.90 -40.29
N ALA Q 766 -27.88 -25.19 -40.25
CA ALA Q 766 -28.14 -25.85 -38.97
C ALA Q 766 -26.92 -25.78 -38.06
N ARG Q 767 -25.73 -26.00 -38.62
CA ARG Q 767 -24.52 -25.92 -37.80
C ARG Q 767 -24.28 -24.49 -37.29
N ILE Q 768 -24.42 -23.51 -38.18
CA ILE Q 768 -24.26 -22.11 -37.76
C ILE Q 768 -25.22 -21.78 -36.62
N LEU Q 769 -26.49 -22.19 -36.76
CA LEU Q 769 -27.51 -21.80 -35.81
C LEU Q 769 -27.37 -22.51 -34.48
N VAL Q 770 -26.91 -23.77 -34.50
CA VAL Q 770 -26.67 -24.46 -33.24
C VAL Q 770 -25.47 -23.88 -32.53
N ARG Q 771 -24.44 -23.44 -33.26
CA ARG Q 771 -23.33 -22.78 -32.60
C ARG Q 771 -23.71 -21.43 -32.02
N LEU Q 772 -24.69 -20.74 -32.62
CA LEU Q 772 -25.12 -19.47 -32.03
C LEU Q 772 -26.03 -19.66 -30.82
N GLY Q 773 -26.90 -20.68 -30.83
CA GLY Q 773 -27.71 -20.94 -29.65
C GLY Q 773 -29.20 -20.84 -29.84
N ILE Q 774 -29.71 -21.18 -31.03
CA ILE Q 774 -31.14 -21.15 -31.25
C ILE Q 774 -31.82 -22.28 -30.47
N ASP Q 775 -33.11 -22.10 -30.20
CA ASP Q 775 -33.85 -23.05 -29.38
C ASP Q 775 -34.53 -24.15 -30.19
N SER Q 776 -34.87 -23.90 -31.46
CA SER Q 776 -35.56 -24.90 -32.26
C SER Q 776 -35.26 -24.69 -33.74
N ILE Q 777 -35.51 -25.74 -34.53
CA ILE Q 777 -35.39 -25.72 -35.98
C ILE Q 777 -36.58 -26.47 -36.56
N SER Q 778 -37.12 -25.95 -37.67
CA SER Q 778 -38.32 -26.49 -38.31
C SER Q 778 -37.97 -26.96 -39.72
N ALA Q 779 -38.16 -28.25 -39.98
CA ALA Q 779 -37.71 -28.88 -41.23
C ALA Q 779 -38.88 -29.40 -42.04
N ASN Q 780 -38.62 -29.63 -43.32
CA ASN Q 780 -39.62 -30.22 -44.19
C ASN Q 780 -39.86 -31.68 -43.80
N PRO Q 781 -41.06 -32.22 -44.06
CA PRO Q 781 -41.39 -33.55 -43.55
C PRO Q 781 -40.44 -34.67 -43.98
N ASP Q 782 -39.64 -34.47 -45.02
CA ASP Q 782 -38.70 -35.49 -45.47
C ASP Q 782 -37.25 -35.12 -45.22
N ALA Q 783 -36.99 -34.24 -44.25
CA ALA Q 783 -35.63 -33.85 -43.89
C ALA Q 783 -35.39 -33.85 -42.40
N VAL Q 784 -36.26 -34.51 -41.62
CA VAL Q 784 -36.17 -34.43 -40.17
C VAL Q 784 -35.00 -35.26 -39.64
N GLN Q 785 -34.74 -36.41 -40.26
CA GLN Q 785 -33.70 -37.32 -39.77
C GLN Q 785 -32.31 -36.76 -40.03
N LEU Q 786 -32.10 -36.20 -41.22
CA LEU Q 786 -30.81 -35.60 -41.55
C LEU Q 786 -30.47 -34.47 -40.60
N ILE Q 787 -31.43 -33.58 -40.35
CA ILE Q 787 -31.18 -32.45 -39.46
C ILE Q 787 -30.95 -32.94 -38.04
N ARG Q 788 -31.68 -33.99 -37.63
CA ARG Q 788 -31.47 -34.58 -36.32
C ARG Q 788 -30.03 -35.06 -36.13
N GLN Q 789 -29.49 -35.77 -37.13
CA GLN Q 789 -28.10 -36.22 -37.06
C GLN Q 789 -27.10 -35.07 -37.03
N VAL Q 790 -27.29 -34.07 -37.90
CA VAL Q 790 -26.38 -32.92 -37.93
C VAL Q 790 -26.36 -32.21 -36.57
N VAL Q 791 -27.53 -32.05 -35.95
CA VAL Q 791 -27.60 -31.34 -34.67
C VAL Q 791 -26.94 -32.14 -33.57
N ALA Q 792 -27.15 -33.46 -33.55
CA ALA Q 792 -26.49 -34.30 -32.55
C ALA Q 792 -24.98 -34.19 -32.62
N GLN Q 793 -24.43 -34.26 -33.84
CA GLN Q 793 -22.97 -34.18 -33.99
C GLN Q 793 -22.44 -32.82 -33.52
N GLU Q 794 -23.12 -31.73 -33.89
CA GLU Q 794 -22.66 -30.40 -33.46
C GLU Q 794 -22.65 -30.27 -31.95
N GLU Q 795 -23.68 -30.80 -31.27
CA GLU Q 795 -23.72 -30.71 -29.82
C GLU Q 795 -22.58 -31.47 -29.16
N ARG Q 796 -22.30 -32.69 -29.63
CA ARG Q 796 -21.17 -33.43 -29.06
C ARG Q 796 -19.85 -32.70 -29.27
N LYS Q 797 -19.67 -32.08 -30.43
CA LYS Q 797 -18.47 -31.27 -30.67
C LYS Q 797 -18.33 -30.16 -29.64
N LEU Q 798 -19.40 -29.40 -29.40
CA LEU Q 798 -19.33 -28.31 -28.43
C LEU Q 798 -18.92 -28.81 -27.06
N MET Q 799 -19.55 -29.90 -26.59
CA MET Q 799 -19.24 -30.44 -25.28
C MET Q 799 -17.77 -30.87 -25.18
N LEU Q 800 -17.25 -31.51 -26.22
CA LEU Q 800 -15.84 -31.93 -26.21
C LEU Q 800 -14.92 -30.72 -26.12
N GLU Q 801 -15.21 -29.66 -26.86
CA GLU Q 801 -14.39 -28.46 -26.81
C GLU Q 801 -14.33 -27.87 -25.41
N ALA Q 802 -15.47 -27.80 -24.72
CA ALA Q 802 -15.47 -27.24 -23.39
C ALA Q 802 -14.70 -28.12 -22.41
N ALA Q 803 -14.83 -29.45 -22.55
CA ALA Q 803 -14.06 -30.35 -21.69
C ALA Q 803 -12.55 -30.17 -21.88
N ARG Q 804 -12.11 -30.04 -23.13
CA ARG Q 804 -10.68 -29.86 -23.40
C ARG Q 804 -10.18 -28.54 -22.84
N LYS Q 805 -10.96 -27.47 -23.00
CA LYS Q 805 -10.53 -26.19 -22.43
C LYS Q 805 -10.41 -26.27 -20.92
N GLN Q 806 -11.32 -27.00 -20.27
CA GLN Q 806 -11.25 -27.12 -18.82
C GLN Q 806 -10.06 -27.95 -18.37
N LEU Q 807 -9.74 -29.03 -19.09
CA LEU Q 807 -8.70 -29.94 -18.62
C LEU Q 807 -7.30 -29.37 -18.83
N GLY R 506 -31.74 -49.10 -33.47
CA GLY R 506 -32.50 -48.18 -34.30
C GLY R 506 -31.82 -46.84 -34.46
N ALA R 507 -31.07 -46.44 -33.46
CA ALA R 507 -30.33 -45.18 -33.51
C ALA R 507 -28.86 -45.44 -33.76
N PRO R 508 -28.23 -44.79 -34.72
CA PRO R 508 -26.79 -44.98 -34.95
C PRO R 508 -25.96 -44.41 -33.80
N LEU R 509 -24.68 -44.79 -33.82
CA LEU R 509 -23.73 -44.27 -32.84
C LEU R 509 -23.19 -42.93 -33.31
N VAL R 510 -23.13 -41.96 -32.39
CA VAL R 510 -22.83 -40.57 -32.72
C VAL R 510 -21.60 -40.11 -31.95
N THR R 511 -20.61 -39.62 -32.68
CA THR R 511 -19.37 -39.12 -32.09
C THR R 511 -19.13 -37.69 -32.55
N GLY R 512 -18.39 -36.94 -31.74
CA GLY R 512 -18.03 -35.59 -32.14
C GLY R 512 -16.97 -35.58 -33.22
N THR R 513 -15.93 -36.40 -33.05
CA THR R 513 -14.94 -36.60 -34.09
C THR R 513 -15.56 -37.31 -35.28
N MET R 514 -15.19 -36.89 -36.48
CA MET R 514 -15.69 -37.50 -37.70
C MET R 514 -14.86 -38.71 -38.08
N VAL R 515 -15.55 -39.80 -38.45
CA VAL R 515 -14.92 -41.02 -38.93
C VAL R 515 -15.29 -41.17 -40.40
N LYS R 516 -14.30 -41.14 -41.27
CA LYS R 516 -14.50 -41.26 -42.71
C LYS R 516 -13.92 -42.58 -43.21
N VAL R 517 -13.92 -42.77 -44.53
CA VAL R 517 -13.55 -44.04 -45.15
C VAL R 517 -12.62 -43.79 -46.33
N ASN R 518 -11.78 -44.77 -46.63
CA ASN R 518 -10.75 -44.66 -47.66
C ASN R 518 -11.17 -45.44 -48.89
N VAL R 519 -11.50 -44.73 -49.97
CA VAL R 519 -12.02 -45.34 -51.19
C VAL R 519 -10.86 -45.49 -52.18
N SER R 520 -10.70 -46.71 -52.71
CA SER R 520 -9.58 -47.00 -53.60
C SER R 520 -9.95 -46.92 -55.07
N MET R 521 -11.08 -47.51 -55.46
CA MET R 521 -11.56 -47.54 -56.83
C MET R 521 -12.99 -47.01 -56.85
N PRO R 522 -13.49 -46.61 -58.02
CA PRO R 522 -14.88 -46.14 -58.10
C PRO R 522 -15.91 -47.26 -58.11
N GLU R 523 -15.46 -48.51 -57.99
CA GLU R 523 -16.38 -49.64 -57.98
C GLU R 523 -16.75 -50.10 -56.58
N VAL R 524 -15.84 -49.97 -55.61
CA VAL R 524 -16.19 -50.16 -54.21
C VAL R 524 -16.60 -48.82 -53.62
N ALA R 525 -17.85 -48.43 -53.87
CA ALA R 525 -18.39 -47.17 -53.38
C ALA R 525 -19.75 -47.29 -52.74
N GLU R 526 -20.49 -48.37 -53.01
CA GLU R 526 -21.74 -48.61 -52.31
C GLU R 526 -21.51 -49.38 -51.02
N ARG R 527 -20.62 -50.38 -51.05
CA ARG R 527 -20.24 -51.05 -49.82
C ARG R 527 -19.56 -50.09 -48.85
N ALA R 528 -19.00 -48.99 -49.36
CA ALA R 528 -18.37 -48.00 -48.48
C ALA R 528 -19.40 -47.01 -47.97
N ALA R 529 -20.36 -46.61 -48.81
CA ALA R 529 -21.42 -45.72 -48.35
C ALA R 529 -22.39 -46.42 -47.42
N ALA R 530 -22.36 -47.75 -47.37
CA ALA R 530 -23.23 -48.50 -46.48
C ALA R 530 -22.61 -48.75 -45.12
N THR R 531 -21.46 -48.14 -44.82
CA THR R 531 -20.81 -48.36 -43.53
C THR R 531 -21.19 -47.33 -42.49
N GLY R 532 -21.82 -46.23 -42.90
CA GLY R 532 -22.14 -45.17 -41.98
C GLY R 532 -21.05 -44.14 -41.79
N ALA R 533 -20.15 -43.99 -42.76
CA ALA R 533 -19.08 -43.02 -42.66
C ALA R 533 -19.60 -41.60 -42.86
N ASP R 534 -18.79 -40.62 -42.47
CA ASP R 534 -19.16 -39.22 -42.54
C ASP R 534 -18.67 -38.56 -43.82
N GLY R 535 -18.06 -39.32 -44.71
CA GLY R 535 -17.55 -38.79 -45.96
C GLY R 535 -16.44 -39.69 -46.46
N VAL R 536 -15.83 -39.26 -47.57
CA VAL R 536 -14.65 -39.90 -48.11
C VAL R 536 -13.43 -39.09 -47.68
N GLY R 537 -12.39 -39.77 -47.23
CA GLY R 537 -11.22 -39.09 -46.75
C GLY R 537 -10.10 -39.07 -47.75
N LEU R 538 -10.08 -40.05 -48.65
CA LEU R 538 -9.06 -40.12 -49.69
C LEU R 538 -9.56 -41.00 -50.82
N LEU R 539 -9.75 -40.41 -52.00
CA LEU R 539 -10.06 -41.15 -53.21
C LEU R 539 -8.88 -41.01 -54.17
N ARG R 540 -8.20 -42.13 -54.42
CA ARG R 540 -7.00 -42.11 -55.26
C ARG R 540 -7.35 -42.19 -56.73
N ALA R 541 -6.45 -41.65 -57.56
CA ALA R 541 -6.66 -41.58 -59.00
C ALA R 541 -5.74 -42.51 -59.78
N GLU R 542 -4.84 -43.24 -59.12
CA GLU R 542 -3.91 -44.12 -59.80
C GLU R 542 -4.64 -45.10 -60.70
N HIS R 543 -5.71 -45.73 -60.19
CA HIS R 543 -6.46 -46.69 -60.99
C HIS R 543 -7.15 -46.03 -62.17
N MET R 544 -7.90 -44.96 -61.90
CA MET R 544 -8.69 -44.33 -62.95
C MET R 544 -7.84 -43.76 -64.08
N ILE R 545 -6.55 -43.52 -63.83
CA ILE R 545 -5.70 -42.98 -64.87
C ILE R 545 -4.87 -44.06 -65.54
N LEU R 546 -4.26 -44.96 -64.78
CA LEU R 546 -3.44 -46.02 -65.33
C LEU R 546 -4.24 -47.23 -65.80
N SER R 547 -5.53 -47.05 -66.09
CA SER R 547 -6.37 -48.15 -66.53
C SER R 547 -6.49 -48.24 -68.05
N ILE R 548 -5.95 -47.27 -68.78
CA ILE R 548 -6.12 -47.21 -70.23
C ILE R 548 -4.99 -47.96 -70.93
N GLY R 549 -4.19 -48.71 -70.16
CA GLY R 549 -3.11 -49.50 -70.72
C GLY R 549 -2.14 -48.74 -71.60
N GLN R 550 -1.83 -47.49 -71.23
CA GLN R 550 -1.02 -46.63 -72.07
C GLN R 550 -0.40 -45.53 -71.21
N HIS R 551 0.77 -45.06 -71.60
CA HIS R 551 1.41 -43.95 -70.93
C HIS R 551 0.59 -42.68 -71.17
N PRO R 552 0.13 -42.00 -70.12
CA PRO R 552 -0.73 -40.82 -70.33
C PRO R 552 -0.06 -39.72 -71.14
N ILE R 553 1.22 -39.46 -70.93
CA ILE R 553 1.92 -38.46 -71.74
C ILE R 553 1.93 -38.89 -73.20
N LYS R 554 2.16 -40.18 -73.44
CA LYS R 554 2.03 -40.73 -74.79
C LYS R 554 0.58 -40.67 -75.26
N PHE R 555 -0.37 -40.87 -74.35
CA PHE R 555 -1.78 -40.87 -74.72
C PHE R 555 -2.24 -39.51 -75.21
N ILE R 556 -1.63 -38.44 -74.70
CA ILE R 556 -2.07 -37.10 -75.09
C ILE R 556 -1.28 -36.54 -76.26
N LYS R 557 -0.07 -37.06 -76.46
CA LYS R 557 0.72 -36.64 -77.61
C LYS R 557 0.01 -37.25 -78.80
N GLU R 558 -0.35 -38.51 -78.69
CA GLU R 558 -1.13 -39.14 -79.75
C GLU R 558 -2.32 -38.24 -79.96
N GLY R 559 -2.90 -37.77 -78.86
CA GLY R 559 -3.99 -36.83 -78.97
C GLY R 559 -5.38 -37.33 -78.62
N LYS R 560 -5.55 -38.05 -77.52
CA LYS R 560 -6.90 -38.43 -77.16
C LYS R 560 -7.19 -37.86 -75.78
N GLU R 561 -7.36 -36.54 -75.71
CA GLU R 561 -7.56 -35.91 -74.40
C GLU R 561 -8.98 -36.06 -73.89
N GLU R 562 -9.98 -35.85 -74.75
CA GLU R 562 -11.36 -35.79 -74.28
C GLU R 562 -11.84 -37.14 -73.77
N GLU R 563 -11.34 -38.23 -74.35
CA GLU R 563 -11.72 -39.55 -73.88
C GLU R 563 -11.31 -39.75 -72.43
N LEU R 564 -10.02 -39.51 -72.13
CA LEU R 564 -9.53 -39.62 -70.76
C LEU R 564 -10.27 -38.67 -69.84
N VAL R 565 -10.51 -37.44 -70.29
CA VAL R 565 -11.21 -36.46 -69.47
C VAL R 565 -12.59 -36.97 -69.07
N GLU R 566 -13.40 -37.38 -70.04
CA GLU R 566 -14.76 -37.79 -69.73
C GLU R 566 -14.80 -39.11 -68.95
N LYS R 567 -13.80 -39.98 -69.15
CA LYS R 567 -13.73 -41.18 -68.34
C LYS R 567 -13.48 -40.84 -66.87
N LEU R 568 -12.50 -39.98 -66.61
CA LEU R 568 -12.31 -39.47 -65.26
C LEU R 568 -13.60 -38.85 -64.71
N ALA R 569 -14.31 -38.12 -65.57
CA ALA R 569 -15.51 -37.43 -65.14
C ALA R 569 -16.56 -38.39 -64.61
N GLU R 570 -16.83 -39.46 -65.36
CA GLU R 570 -17.84 -40.40 -64.89
C GLU R 570 -17.33 -41.17 -63.67
N GLY R 571 -16.04 -41.53 -63.65
CA GLY R 571 -15.49 -42.20 -62.48
C GLY R 571 -15.65 -41.38 -61.20
N ILE R 572 -15.46 -40.07 -61.29
CA ILE R 572 -15.58 -39.20 -60.13
C ILE R 572 -17.04 -38.96 -59.77
N GLU R 573 -17.91 -38.79 -60.76
CA GLU R 573 -19.31 -38.51 -60.46
C GLU R 573 -19.99 -39.69 -59.79
N LYS R 574 -19.58 -40.91 -60.14
CA LYS R 574 -20.13 -42.08 -59.46
C LYS R 574 -19.94 -41.98 -57.94
N VAL R 575 -18.71 -41.75 -57.51
CA VAL R 575 -18.40 -41.63 -56.09
C VAL R 575 -19.06 -40.41 -55.48
N ALA R 576 -19.04 -39.28 -56.19
CA ALA R 576 -19.62 -38.07 -55.66
C ALA R 576 -21.12 -38.20 -55.43
N ALA R 577 -21.81 -39.00 -56.25
CA ALA R 577 -23.25 -39.16 -56.11
C ALA R 577 -23.63 -40.30 -55.16
N ALA R 578 -22.69 -41.17 -54.82
CA ALA R 578 -22.99 -42.19 -53.80
C ALA R 578 -22.98 -41.53 -52.43
N PHE R 579 -22.14 -40.53 -52.23
CA PHE R 579 -22.11 -39.79 -50.97
C PHE R 579 -22.28 -38.31 -51.25
N TYR R 580 -23.49 -37.88 -51.59
CA TYR R 580 -23.75 -36.47 -51.92
C TYR R 580 -23.76 -35.50 -50.75
N PRO R 581 -24.76 -35.60 -49.85
CA PRO R 581 -24.66 -34.58 -48.79
C PRO R 581 -23.28 -34.58 -48.13
N ARG R 582 -22.53 -35.68 -48.19
CA ARG R 582 -21.24 -35.78 -47.52
C ARG R 582 -20.06 -35.38 -48.39
N PRO R 583 -19.02 -34.81 -47.78
CA PRO R 583 -17.82 -34.40 -48.51
C PRO R 583 -17.03 -35.57 -49.05
N VAL R 584 -16.31 -35.32 -50.14
CA VAL R 584 -15.39 -36.28 -50.76
C VAL R 584 -14.12 -35.54 -51.14
N TRP R 585 -12.97 -36.12 -50.81
CA TRP R 585 -11.67 -35.50 -51.05
C TRP R 585 -10.88 -36.34 -52.03
N TYR R 586 -10.32 -35.68 -53.05
CA TYR R 586 -9.68 -36.34 -54.19
C TYR R 586 -8.24 -35.86 -54.32
N ARG R 587 -7.29 -36.80 -54.45
CA ARG R 587 -5.87 -36.50 -54.48
C ARG R 587 -5.31 -36.73 -55.87
N THR R 588 -4.64 -35.72 -56.42
CA THR R 588 -4.11 -35.80 -57.77
C THR R 588 -3.02 -36.88 -57.87
N LEU R 589 -2.67 -37.20 -59.11
CA LEU R 589 -1.86 -38.38 -59.40
C LEU R 589 -0.52 -38.35 -58.66
N ASP R 590 -0.11 -39.52 -58.17
CA ASP R 590 1.13 -39.64 -57.41
C ASP R 590 1.61 -41.08 -57.51
N ALA R 591 2.69 -41.30 -58.26
CA ALA R 591 3.27 -42.62 -58.42
C ALA R 591 4.73 -42.46 -58.78
N PRO R 592 5.59 -43.40 -58.39
CA PRO R 592 7.02 -43.27 -58.69
C PRO R 592 7.31 -43.40 -60.18
N THR R 593 8.59 -43.30 -60.56
CA THR R 593 8.96 -43.41 -61.96
C THR R 593 9.02 -44.84 -62.44
N ASN R 594 9.27 -45.81 -61.55
CA ASN R 594 9.24 -47.21 -61.93
C ASN R 594 7.82 -47.77 -61.96
N GLU R 595 6.82 -46.90 -62.02
CA GLU R 595 5.44 -47.28 -62.29
C GLU R 595 5.00 -46.88 -63.69
N PHE R 596 5.63 -45.85 -64.26
CA PHE R 596 5.36 -45.47 -65.64
C PHE R 596 6.22 -46.27 -66.62
N ARG R 597 7.26 -46.92 -66.13
CA ARG R 597 8.15 -47.68 -66.99
C ARG R 597 7.51 -48.96 -67.50
N GLU R 598 6.48 -49.47 -66.83
CA GLU R 598 5.94 -50.79 -67.10
C GLU R 598 4.66 -50.73 -67.92
N MET R 599 4.44 -49.66 -68.65
CA MET R 599 3.26 -49.50 -69.47
C MET R 599 3.64 -49.37 -70.95
N PRO R 600 2.71 -49.69 -71.87
CA PRO R 600 3.04 -49.47 -73.28
C PRO R 600 3.36 -48.00 -73.53
N GLY R 601 4.58 -47.70 -73.92
CA GLY R 601 4.98 -46.32 -74.14
C GLY R 601 6.00 -45.91 -73.10
N GLY R 602 6.19 -46.75 -72.09
CA GLY R 602 7.15 -46.47 -71.06
C GLY R 602 8.48 -47.08 -71.40
N GLU R 603 9.23 -46.45 -72.29
CA GLU R 603 10.53 -46.97 -72.69
C GLU R 603 11.59 -45.94 -72.38
N ASP R 604 11.19 -44.67 -72.35
CA ASP R 604 12.12 -43.62 -72.00
C ASP R 604 12.03 -43.42 -70.51
N GLU R 605 13.02 -43.89 -69.77
CA GLU R 605 12.98 -43.78 -68.31
C GLU R 605 14.37 -43.49 -67.73
N PRO R 606 14.44 -43.18 -66.42
CA PRO R 606 15.74 -42.82 -65.85
C PRO R 606 16.39 -43.93 -65.04
N GLU R 607 15.64 -44.97 -64.68
CA GLU R 607 16.19 -46.01 -63.82
C GLU R 607 16.98 -45.39 -62.68
N GLU R 608 16.34 -44.55 -61.88
CA GLU R 608 17.04 -43.86 -60.80
C GLU R 608 17.50 -44.80 -59.70
N ARG R 609 18.37 -44.30 -58.83
CA ARG R 609 18.85 -45.13 -57.73
C ARG R 609 18.01 -44.94 -56.47
N ASN R 610 17.21 -43.86 -56.43
CA ASN R 610 16.32 -43.64 -55.28
C ASN R 610 14.98 -43.06 -55.71
N PRO R 611 14.03 -43.91 -56.15
CA PRO R 611 12.76 -43.37 -56.64
C PRO R 611 11.87 -42.80 -55.55
N MET R 612 12.21 -42.98 -54.27
CA MET R 612 11.44 -42.38 -53.19
C MET R 612 11.75 -40.90 -53.01
N LEU R 613 12.96 -40.47 -53.36
CA LEU R 613 13.38 -39.08 -53.23
C LEU R 613 13.54 -38.44 -54.61
N GLY R 614 12.71 -38.84 -55.56
CA GLY R 614 12.91 -38.41 -56.93
C GLY R 614 11.79 -37.57 -57.53
N TRP R 615 11.56 -37.77 -58.82
CA TRP R 615 10.66 -36.94 -59.62
C TRP R 615 9.27 -37.58 -59.58
N ARG R 616 8.43 -37.09 -58.67
CA ARG R 616 7.10 -37.64 -58.50
C ARG R 616 6.21 -36.58 -57.86
N GLY R 617 4.92 -36.89 -57.77
CA GLY R 617 4.00 -36.01 -57.10
C GLY R 617 3.83 -34.68 -57.82
N ILE R 618 3.54 -33.64 -57.03
CA ILE R 618 3.26 -32.34 -57.60
C ILE R 618 4.48 -31.72 -58.30
N ARG R 619 5.69 -32.18 -58.00
CA ARG R 619 6.86 -31.73 -58.75
C ARG R 619 6.72 -32.11 -60.22
N ARG R 620 6.66 -33.42 -60.50
CA ARG R 620 6.40 -33.88 -61.85
C ARG R 620 5.14 -33.27 -62.42
N GLY R 621 4.11 -33.10 -61.59
CA GLY R 621 2.88 -32.53 -62.08
C GLY R 621 3.04 -31.12 -62.62
N LEU R 622 3.80 -30.29 -61.91
CA LEU R 622 4.03 -28.92 -62.34
C LEU R 622 5.04 -28.85 -63.48
N ASP R 623 5.87 -29.87 -63.66
CA ASP R 623 6.76 -29.88 -64.81
C ASP R 623 5.99 -30.08 -66.11
N GLN R 624 4.97 -30.96 -66.10
CA GLN R 624 4.16 -31.27 -67.27
C GLN R 624 2.71 -30.89 -66.97
N PRO R 625 2.35 -29.62 -67.17
CA PRO R 625 1.04 -29.14 -66.69
C PRO R 625 -0.17 -29.72 -67.41
N GLU R 626 0.03 -30.63 -68.35
CA GLU R 626 -1.11 -31.16 -69.10
C GLU R 626 -1.93 -32.13 -68.26
N LEU R 627 -1.28 -32.91 -67.40
CA LEU R 627 -2.01 -33.80 -66.50
C LEU R 627 -2.90 -33.00 -65.56
N LEU R 628 -2.34 -31.93 -64.99
CA LEU R 628 -3.12 -31.04 -64.13
C LEU R 628 -4.28 -30.42 -64.90
N ARG R 629 -4.02 -29.98 -66.13
CA ARG R 629 -5.08 -29.40 -66.97
C ARG R 629 -6.23 -30.38 -67.13
N ALA R 630 -5.92 -31.63 -67.48
CA ALA R 630 -6.96 -32.61 -67.74
C ALA R 630 -7.74 -32.95 -66.48
N GLU R 631 -7.04 -33.12 -65.36
CA GLU R 631 -7.73 -33.46 -64.11
C GLU R 631 -8.63 -32.32 -63.65
N PHE R 632 -8.16 -31.08 -63.75
CA PHE R 632 -9.00 -29.95 -63.36
C PHE R 632 -10.18 -29.80 -64.30
N LYS R 633 -10.00 -30.12 -65.58
CA LYS R 633 -11.11 -30.10 -66.52
C LYS R 633 -12.19 -31.08 -66.11
N ALA R 634 -11.80 -32.33 -65.82
CA ALA R 634 -12.78 -33.33 -65.41
C ALA R 634 -13.47 -32.94 -64.11
N ILE R 635 -12.71 -32.38 -63.16
CA ILE R 635 -13.31 -31.99 -61.89
C ILE R 635 -14.36 -30.91 -62.09
N LYS R 636 -14.02 -29.86 -62.87
CA LYS R 636 -15.01 -28.83 -63.17
C LYS R 636 -16.20 -29.42 -63.92
N LYS R 637 -15.95 -30.42 -64.77
CA LYS R 637 -17.01 -31.05 -65.53
C LYS R 637 -18.05 -31.68 -64.61
N VAL R 638 -17.59 -32.49 -63.64
CA VAL R 638 -18.55 -33.07 -62.70
C VAL R 638 -19.06 -32.05 -61.71
N VAL R 639 -18.37 -30.92 -61.53
CA VAL R 639 -18.89 -29.92 -60.61
C VAL R 639 -20.10 -29.21 -61.20
N GLU R 640 -20.06 -28.88 -62.49
CA GLU R 640 -21.13 -28.07 -63.07
C GLU R 640 -22.44 -28.83 -63.19
N LYS R 641 -22.44 -30.16 -62.98
CA LYS R 641 -23.70 -30.88 -62.89
C LYS R 641 -24.45 -30.60 -61.59
N GLY R 642 -23.78 -30.02 -60.60
CA GLY R 642 -24.46 -29.61 -59.38
C GLY R 642 -23.93 -30.24 -58.11
N TYR R 643 -22.74 -30.85 -58.16
CA TYR R 643 -22.13 -31.49 -57.01
C TYR R 643 -21.20 -30.49 -56.34
N ASN R 644 -21.62 -29.94 -55.20
CA ASN R 644 -20.83 -28.95 -54.49
C ASN R 644 -20.17 -29.50 -53.24
N ASN R 645 -19.67 -30.74 -53.28
CA ASN R 645 -19.11 -31.38 -52.11
C ASN R 645 -17.76 -32.02 -52.42
N ILE R 646 -17.05 -31.48 -53.40
CA ILE R 646 -15.76 -31.99 -53.82
C ILE R 646 -14.67 -31.04 -53.35
N GLY R 647 -13.47 -31.60 -53.15
CA GLY R 647 -12.31 -30.81 -52.80
C GLY R 647 -11.06 -31.47 -53.35
N VAL R 648 -10.03 -30.65 -53.55
CA VAL R 648 -8.80 -31.07 -54.20
C VAL R 648 -7.66 -31.11 -53.19
N MET R 649 -6.81 -32.12 -53.33
CA MET R 649 -5.70 -32.37 -52.40
C MET R 649 -4.41 -32.55 -53.19
N LEU R 650 -3.39 -31.75 -52.87
CA LEU R 650 -2.11 -31.77 -53.55
C LEU R 650 -1.11 -32.62 -52.77
N PRO R 651 -0.41 -33.57 -53.40
CA PRO R 651 0.55 -34.39 -52.69
C PRO R 651 1.99 -33.87 -52.77
N LEU R 652 2.72 -34.09 -51.68
CA LEU R 652 4.17 -33.85 -51.60
C LEU R 652 4.53 -32.39 -51.88
N VAL R 653 4.07 -31.52 -50.98
CA VAL R 653 4.32 -30.09 -51.06
C VAL R 653 5.39 -29.72 -50.04
N SER R 654 6.38 -28.91 -50.47
CA SER R 654 7.37 -28.41 -49.53
C SER R 654 7.79 -26.96 -49.76
N HIS R 655 7.20 -26.25 -50.73
CA HIS R 655 7.44 -24.83 -50.93
C HIS R 655 6.10 -24.17 -51.24
N PRO R 656 5.88 -22.93 -50.81
CA PRO R 656 4.63 -22.24 -51.16
C PRO R 656 4.50 -21.93 -52.64
N GLU R 657 5.62 -21.82 -53.36
CA GLU R 657 5.57 -21.58 -54.79
C GLU R 657 4.79 -22.66 -55.51
N GLN R 658 4.89 -23.90 -55.03
CA GLN R 658 4.12 -24.98 -55.64
C GLN R 658 2.62 -24.74 -55.50
N ILE R 659 2.19 -24.28 -54.32
CA ILE R 659 0.77 -24.00 -54.10
C ILE R 659 0.31 -22.87 -55.02
N ARG R 660 1.11 -21.81 -55.15
CA ARG R 660 0.67 -20.70 -55.98
C ARG R 660 0.63 -21.07 -57.47
N GLU R 661 1.62 -21.84 -57.94
CA GLU R 661 1.61 -22.24 -59.34
C GLU R 661 0.44 -23.18 -59.63
N ALA R 662 0.11 -24.07 -58.69
CA ALA R 662 -1.06 -24.92 -58.88
C ALA R 662 -2.34 -24.11 -58.93
N LYS R 663 -2.46 -23.09 -58.05
CA LYS R 663 -3.65 -22.26 -58.08
C LYS R 663 -3.78 -21.53 -59.42
N ARG R 664 -2.67 -21.05 -59.96
CA ARG R 664 -2.72 -20.36 -61.25
C ARG R 664 -3.10 -21.33 -62.38
N ILE R 665 -2.46 -22.50 -62.42
CA ILE R 665 -2.77 -23.49 -63.45
C ILE R 665 -4.25 -23.85 -63.41
N ALA R 666 -4.81 -23.96 -62.20
CA ALA R 666 -6.22 -24.32 -62.09
C ALA R 666 -7.11 -23.17 -62.51
N ARG R 667 -6.71 -21.94 -62.19
CA ARG R 667 -7.56 -20.80 -62.54
C ARG R 667 -7.53 -20.48 -64.02
N GLU R 668 -6.53 -20.94 -64.75
CA GLU R 668 -6.54 -20.64 -66.19
C GLU R 668 -7.63 -21.39 -66.94
N VAL R 669 -8.01 -22.59 -66.50
CA VAL R 669 -8.96 -23.40 -67.26
C VAL R 669 -10.38 -23.35 -66.71
N GLY R 670 -10.70 -22.37 -65.88
CA GLY R 670 -12.06 -22.13 -65.46
C GLY R 670 -12.39 -22.48 -64.04
N LEU R 671 -11.72 -23.46 -63.44
CA LEU R 671 -11.99 -23.85 -62.06
C LEU R 671 -11.57 -22.75 -61.10
N GLU R 672 -12.33 -22.59 -60.03
CA GLU R 672 -12.11 -21.51 -59.06
C GLU R 672 -11.96 -22.05 -57.65
N PRO R 673 -10.77 -21.96 -57.06
CA PRO R 673 -10.60 -22.40 -55.67
C PRO R 673 -11.48 -21.64 -54.70
N HIS R 674 -11.85 -22.30 -53.62
CA HIS R 674 -12.58 -21.76 -52.47
C HIS R 674 -13.99 -21.30 -52.81
N LYS R 675 -14.42 -21.40 -54.07
CA LYS R 675 -15.78 -21.08 -54.47
C LYS R 675 -16.44 -22.16 -55.30
N ASP R 676 -15.68 -23.06 -55.93
CA ASP R 676 -16.22 -24.23 -56.58
C ASP R 676 -15.82 -25.53 -55.90
N VAL R 677 -14.66 -25.54 -55.22
CA VAL R 677 -14.14 -26.72 -54.57
C VAL R 677 -13.46 -26.28 -53.28
N ALA R 678 -12.89 -27.25 -52.57
CA ALA R 678 -12.04 -26.98 -51.43
C ALA R 678 -10.58 -27.20 -51.81
N TRP R 679 -9.69 -26.44 -51.18
CA TRP R 679 -8.27 -26.47 -51.49
C TRP R 679 -7.51 -26.90 -50.24
N GLY R 680 -6.75 -27.99 -50.35
CA GLY R 680 -5.98 -28.51 -49.23
C GLY R 680 -4.73 -29.20 -49.71
N VAL R 681 -3.91 -29.64 -48.76
CA VAL R 681 -2.60 -30.21 -49.05
C VAL R 681 -2.37 -31.47 -48.21
N MET R 682 -1.30 -32.18 -48.54
CA MET R 682 -0.83 -33.34 -47.80
C MET R 682 0.46 -33.02 -47.08
N ILE R 683 0.64 -33.59 -45.88
CA ILE R 683 1.82 -33.37 -45.07
C ILE R 683 2.58 -34.69 -44.99
N GLU R 684 3.66 -34.81 -45.77
CA GLU R 684 4.47 -36.02 -45.78
C GLU R 684 5.96 -35.77 -45.66
N VAL R 685 6.47 -34.59 -45.99
CA VAL R 685 7.89 -34.29 -45.80
C VAL R 685 8.04 -33.53 -44.49
N PRO R 686 9.11 -33.78 -43.72
CA PRO R 686 9.29 -33.04 -42.47
C PRO R 686 9.35 -31.54 -42.63
N ALA R 687 9.86 -31.05 -43.77
CA ALA R 687 9.91 -29.61 -44.00
C ALA R 687 8.53 -28.99 -43.95
N ALA R 688 7.55 -29.64 -44.58
CA ALA R 688 6.19 -29.09 -44.57
C ALA R 688 5.62 -29.05 -43.17
N ALA R 689 5.95 -30.03 -42.34
CA ALA R 689 5.50 -30.03 -40.96
C ALA R 689 6.20 -28.98 -40.11
N ILE R 690 7.39 -28.52 -40.51
CA ILE R 690 8.12 -27.57 -39.69
C ILE R 690 7.84 -26.10 -40.04
N ILE R 691 7.42 -25.81 -41.27
CA ILE R 691 7.12 -24.43 -41.67
C ILE R 691 5.66 -24.29 -42.05
N ILE R 692 4.78 -25.00 -41.34
CA ILE R 692 3.37 -25.12 -41.73
C ILE R 692 2.69 -23.77 -41.85
N GLU R 693 3.13 -22.77 -41.08
CA GLU R 693 2.45 -21.48 -41.09
C GLU R 693 2.61 -20.76 -42.43
N ASP R 694 3.79 -20.89 -43.05
CA ASP R 694 3.99 -20.31 -44.37
C ASP R 694 3.00 -20.87 -45.37
N LEU R 695 2.78 -22.18 -45.34
CA LEU R 695 1.80 -22.80 -46.23
C LEU R 695 0.39 -22.34 -45.91
N ILE R 696 0.07 -22.19 -44.62
CA ILE R 696 -1.27 -21.75 -44.25
C ILE R 696 -1.54 -20.33 -44.75
N LYS R 697 -0.51 -19.49 -44.80
CA LYS R 697 -0.73 -18.11 -45.22
C LYS R 697 -1.00 -17.95 -46.71
N GLU R 698 -1.09 -19.04 -47.47
CA GLU R 698 -1.47 -18.97 -48.87
C GLU R 698 -2.93 -19.36 -49.10
N GLY R 699 -3.74 -19.39 -48.05
CA GLY R 699 -5.15 -19.69 -48.19
C GLY R 699 -5.48 -21.12 -48.54
N ILE R 700 -5.30 -22.04 -47.59
CA ILE R 700 -5.78 -23.41 -47.78
C ILE R 700 -6.98 -23.63 -46.87
N ASP R 701 -7.64 -24.78 -47.04
CA ASP R 701 -8.83 -25.07 -46.25
C ASP R 701 -8.68 -26.27 -45.35
N PHE R 702 -7.87 -27.24 -45.75
CA PHE R 702 -7.72 -28.47 -44.97
C PHE R 702 -6.36 -29.11 -45.11
N VAL R 703 -5.99 -29.95 -44.15
CA VAL R 703 -4.70 -30.63 -44.20
C VAL R 703 -4.86 -32.09 -43.80
N SER R 704 -3.97 -32.95 -44.28
CA SER R 704 -4.06 -34.37 -43.98
C SER R 704 -2.68 -34.97 -43.77
N PHE R 705 -2.56 -35.82 -42.76
CA PHE R 705 -1.29 -36.45 -42.39
C PHE R 705 -1.11 -37.77 -43.13
N GLY R 706 -0.04 -37.87 -43.92
CA GLY R 706 0.41 -39.13 -44.48
C GLY R 706 1.42 -39.86 -43.62
N THR R 707 0.99 -40.52 -42.54
CA THR R 707 1.93 -40.99 -41.53
C THR R 707 2.91 -42.03 -42.06
N ASN R 708 2.55 -42.74 -43.13
CA ASN R 708 3.48 -43.69 -43.76
C ASN R 708 4.75 -42.98 -44.23
N ASP R 709 4.57 -42.05 -45.16
CA ASP R 709 5.71 -41.34 -45.73
C ASP R 709 6.42 -40.49 -44.69
N LEU R 710 5.66 -39.88 -43.79
CA LEU R 710 6.29 -39.05 -42.76
C LEU R 710 7.19 -39.88 -41.85
N THR R 711 6.71 -41.05 -41.41
CA THR R 711 7.54 -41.90 -40.57
C THR R 711 8.75 -42.41 -41.34
N GLN R 712 8.61 -42.65 -42.63
CA GLN R 712 9.76 -43.13 -43.38
C GLN R 712 10.82 -42.06 -43.60
N TYR R 713 10.40 -40.84 -43.96
CA TYR R 713 11.36 -39.77 -44.20
C TYR R 713 11.96 -39.21 -42.91
N THR R 714 11.28 -39.36 -41.78
CA THR R 714 11.81 -38.80 -40.55
C THR R 714 12.88 -39.68 -39.93
N LEU R 715 12.74 -41.00 -40.03
CA LEU R 715 13.70 -41.92 -39.45
C LEU R 715 14.76 -42.37 -40.44
N ALA R 716 14.72 -41.89 -41.68
CA ALA R 716 15.67 -42.26 -42.72
C ALA R 716 15.76 -43.78 -42.87
N ILE R 717 14.63 -44.37 -43.24
CA ILE R 717 14.48 -45.83 -43.22
C ILE R 717 13.47 -46.23 -44.28
N ASP R 718 13.79 -47.27 -45.04
CA ASP R 718 12.85 -47.87 -45.97
C ASP R 718 12.20 -49.09 -45.31
N ARG R 719 10.89 -49.19 -45.48
CA ARG R 719 10.13 -50.23 -44.80
C ARG R 719 10.15 -51.55 -45.57
N ASP R 720 10.27 -51.49 -46.90
CA ASP R 720 10.33 -52.70 -47.70
C ASP R 720 11.64 -53.46 -47.53
N ASN R 721 12.70 -52.82 -47.03
CA ASN R 721 13.98 -53.47 -46.84
C ASN R 721 13.92 -54.37 -45.61
N GLU R 722 14.30 -55.63 -45.80
CA GLU R 722 14.16 -56.65 -44.75
C GLU R 722 15.05 -56.35 -43.55
N ARG R 723 16.22 -55.76 -43.81
CA ARG R 723 17.23 -55.65 -42.76
C ARG R 723 16.99 -54.48 -41.80
N VAL R 724 16.26 -53.44 -42.22
CA VAL R 724 16.03 -52.29 -41.37
C VAL R 724 14.55 -52.02 -41.11
N ALA R 725 13.65 -52.93 -41.48
CA ALA R 725 12.23 -52.74 -41.19
C ALA R 725 11.88 -53.05 -39.75
N LYS R 726 12.84 -53.53 -38.96
CA LYS R 726 12.60 -53.77 -37.54
C LYS R 726 12.59 -52.49 -36.72
N LEU R 727 12.94 -51.35 -37.31
CA LEU R 727 12.96 -50.09 -36.59
C LEU R 727 11.74 -49.22 -36.86
N TYR R 728 10.94 -49.58 -37.87
CA TYR R 728 9.74 -48.81 -38.20
C TYR R 728 8.77 -48.76 -37.03
N ASP R 729 8.22 -47.57 -36.79
CA ASP R 729 7.27 -47.36 -35.70
C ASP R 729 6.55 -46.02 -35.89
N GLU R 730 5.22 -46.03 -35.92
CA GLU R 730 4.45 -44.83 -36.19
C GLU R 730 4.06 -44.07 -34.94
N THR R 731 4.39 -44.58 -33.75
CA THR R 731 4.23 -43.86 -32.50
C THR R 731 5.58 -43.49 -31.89
N HIS R 732 6.55 -43.20 -32.74
CA HIS R 732 7.85 -42.72 -32.28
C HIS R 732 7.72 -41.27 -31.81
N PRO R 733 8.42 -40.89 -30.73
CA PRO R 733 8.25 -39.54 -30.16
C PRO R 733 8.40 -38.38 -31.15
N ALA R 734 9.26 -38.51 -32.16
CA ALA R 734 9.50 -37.37 -33.03
C ALA R 734 8.30 -37.08 -33.92
N VAL R 735 7.70 -38.13 -34.49
CA VAL R 735 6.50 -37.98 -35.31
C VAL R 735 5.38 -37.35 -34.48
N LEU R 736 5.27 -37.74 -33.21
CA LEU R 736 4.21 -37.21 -32.36
C LEU R 736 4.44 -35.74 -32.04
N LYS R 737 5.69 -35.34 -31.80
CA LYS R 737 6.00 -33.92 -31.65
C LYS R 737 5.58 -33.13 -32.88
N LEU R 738 5.90 -33.65 -34.07
CA LEU R 738 5.55 -32.93 -35.30
C LEU R 738 4.06 -32.79 -35.46
N ILE R 739 3.32 -33.88 -35.21
CA ILE R 739 1.86 -33.86 -35.33
C ILE R 739 1.25 -32.87 -34.35
N LYS R 740 1.73 -32.86 -33.11
CA LYS R 740 1.21 -31.94 -32.10
C LYS R 740 1.42 -30.49 -32.52
N HIS R 741 2.61 -30.17 -33.02
CA HIS R 741 2.88 -28.80 -33.48
C HIS R 741 1.92 -28.39 -34.59
N VAL R 742 1.77 -29.24 -35.61
CA VAL R 742 0.90 -28.90 -36.73
C VAL R 742 -0.54 -28.65 -36.24
N ILE R 743 -1.07 -29.59 -35.44
CA ILE R 743 -2.45 -29.48 -34.98
C ILE R 743 -2.64 -28.17 -34.22
N LYS R 744 -1.71 -27.86 -33.30
CA LYS R 744 -1.78 -26.60 -32.57
C LYS R 744 -1.92 -25.41 -33.51
N VAL R 745 -1.06 -25.33 -34.52
CA VAL R 745 -1.02 -24.12 -35.35
C VAL R 745 -2.30 -23.97 -36.17
N CYS R 746 -2.74 -25.04 -36.84
CA CYS R 746 -3.91 -24.83 -37.69
C CYS R 746 -5.19 -24.75 -36.89
N LYS R 747 -5.24 -25.35 -35.69
CA LYS R 747 -6.29 -25.01 -34.75
C LYS R 747 -6.33 -23.51 -34.50
N ARG R 748 -5.18 -22.91 -34.21
CA ARG R 748 -5.12 -21.46 -34.02
C ARG R 748 -5.62 -20.68 -35.24
N TYR R 749 -5.38 -21.16 -36.45
CA TYR R 749 -5.76 -20.40 -37.64
C TYR R 749 -7.12 -20.78 -38.23
N GLY R 750 -7.84 -21.73 -37.64
CA GLY R 750 -9.16 -22.07 -38.15
C GLY R 750 -9.18 -23.03 -39.32
N VAL R 751 -8.20 -23.92 -39.41
CA VAL R 751 -8.11 -24.90 -40.49
C VAL R 751 -8.46 -26.27 -39.94
N GLU R 752 -8.99 -27.13 -40.80
CA GLU R 752 -9.41 -28.47 -40.42
C GLU R 752 -8.30 -29.48 -40.65
N THR R 753 -8.14 -30.42 -39.71
CA THR R 753 -7.10 -31.43 -39.74
C THR R 753 -7.71 -32.83 -39.88
N SER R 754 -6.93 -33.74 -40.47
CA SER R 754 -7.37 -35.11 -40.66
C SER R 754 -6.15 -36.01 -40.79
N ILE R 755 -6.38 -37.31 -40.84
CA ILE R 755 -5.31 -38.28 -41.03
C ILE R 755 -5.81 -39.47 -41.84
N CYS R 756 -5.10 -39.79 -42.91
CA CYS R 756 -5.30 -41.00 -43.69
C CYS R 756 -4.10 -41.92 -43.52
N GLY R 757 -4.19 -43.11 -44.08
CA GLY R 757 -3.08 -44.05 -44.04
C GLY R 757 -3.48 -45.35 -43.39
N GLN R 758 -2.46 -46.11 -43.00
CA GLN R 758 -2.68 -47.38 -42.31
C GLN R 758 -2.77 -47.21 -40.81
N ALA R 759 -2.29 -46.10 -40.26
CA ALA R 759 -2.42 -45.81 -38.84
C ALA R 759 -3.73 -45.13 -38.51
N GLY R 760 -4.57 -44.86 -39.51
CA GLY R 760 -5.94 -44.47 -39.23
C GLY R 760 -6.81 -45.62 -38.79
N SER R 761 -6.36 -46.86 -39.01
CA SER R 761 -7.08 -48.06 -38.61
C SER R 761 -6.42 -48.75 -37.42
N ASP R 762 -5.89 -47.99 -36.48
CA ASP R 762 -5.24 -48.53 -35.29
C ASP R 762 -5.88 -47.93 -34.03
N PRO R 763 -6.34 -48.76 -33.09
CA PRO R 763 -6.97 -48.21 -31.88
C PRO R 763 -6.07 -47.36 -31.01
N LYS R 764 -4.79 -47.71 -30.87
CA LYS R 764 -3.89 -46.95 -30.01
C LYS R 764 -3.63 -45.56 -30.58
N MET R 765 -3.36 -45.48 -31.88
CA MET R 765 -3.19 -44.18 -32.52
C MET R 765 -4.47 -43.37 -32.45
N ALA R 766 -5.62 -44.02 -32.60
CA ALA R 766 -6.89 -43.31 -32.49
C ALA R 766 -7.04 -42.66 -31.12
N ARG R 767 -6.66 -43.38 -30.06
CA ARG R 767 -6.76 -42.79 -28.73
C ARG R 767 -5.80 -41.61 -28.56
N ILE R 768 -4.56 -41.77 -29.00
CA ILE R 768 -3.60 -40.65 -28.94
C ILE R 768 -4.15 -39.43 -29.66
N LEU R 769 -4.69 -39.63 -30.86
CA LEU R 769 -5.10 -38.52 -31.70
C LEU R 769 -6.36 -37.84 -31.18
N VAL R 770 -7.27 -38.61 -30.59
CA VAL R 770 -8.46 -37.99 -30.00
C VAL R 770 -8.08 -37.21 -28.75
N ARG R 771 -7.10 -37.69 -27.97
CA ARG R 771 -6.67 -36.90 -26.83
C ARG R 771 -5.94 -35.63 -27.24
N LEU R 772 -5.28 -35.62 -28.41
CA LEU R 772 -4.66 -34.38 -28.86
C LEU R 772 -5.66 -33.39 -29.45
N GLY R 773 -6.67 -33.87 -30.16
CA GLY R 773 -7.69 -32.96 -30.66
C GLY R 773 -7.84 -32.89 -32.16
N ILE R 774 -7.61 -34.00 -32.87
CA ILE R 774 -7.79 -34.00 -34.31
C ILE R 774 -9.28 -33.92 -34.66
N ASP R 775 -9.56 -33.45 -35.86
CA ASP R 775 -10.94 -33.23 -36.29
C ASP R 775 -11.56 -34.43 -36.98
N SER R 776 -10.76 -35.29 -37.62
CA SER R 776 -11.31 -36.43 -38.34
C SER R 776 -10.29 -37.57 -38.39
N ILE R 777 -10.79 -38.77 -38.67
CA ILE R 777 -9.99 -39.97 -38.88
C ILE R 777 -10.55 -40.73 -40.07
N SER R 778 -9.67 -41.30 -40.89
CA SER R 778 -10.04 -41.98 -42.12
C SER R 778 -9.61 -43.44 -42.03
N ALA R 779 -10.56 -44.36 -42.11
CA ALA R 779 -10.32 -45.78 -41.87
C ALA R 779 -10.58 -46.61 -43.12
N ASN R 780 -10.04 -47.82 -43.11
CA ASN R 780 -10.28 -48.76 -44.20
C ASN R 780 -11.74 -49.22 -44.16
N PRO R 781 -12.31 -49.60 -45.31
CA PRO R 781 -13.75 -49.89 -45.36
C PRO R 781 -14.22 -50.98 -44.40
N ASP R 782 -13.33 -51.81 -43.87
CA ASP R 782 -13.72 -52.86 -42.92
C ASP R 782 -13.22 -52.61 -41.51
N ALA R 783 -12.96 -51.35 -41.16
CA ALA R 783 -12.52 -50.99 -39.82
C ALA R 783 -13.26 -49.79 -39.26
N VAL R 784 -14.40 -49.42 -39.85
CA VAL R 784 -15.08 -48.19 -39.46
C VAL R 784 -15.78 -48.35 -38.11
N GLN R 785 -16.34 -49.54 -37.85
CA GLN R 785 -17.11 -49.76 -36.63
C GLN R 785 -16.21 -49.82 -35.40
N LEU R 786 -15.07 -50.50 -35.53
CA LEU R 786 -14.11 -50.59 -34.43
C LEU R 786 -13.62 -49.21 -34.03
N ILE R 787 -13.23 -48.40 -35.02
CA ILE R 787 -12.72 -47.06 -34.72
C ILE R 787 -13.82 -46.20 -34.13
N ARG R 788 -15.06 -46.37 -34.61
CA ARG R 788 -16.19 -45.64 -34.06
C ARG R 788 -16.36 -45.92 -32.56
N GLN R 789 -16.29 -47.19 -32.17
CA GLN R 789 -16.39 -47.54 -30.75
C GLN R 789 -15.23 -46.99 -29.92
N VAL R 790 -14.00 -47.13 -30.42
CA VAL R 790 -12.84 -46.60 -29.68
C VAL R 790 -12.98 -45.09 -29.46
N VAL R 791 -13.43 -44.36 -30.48
CA VAL R 791 -13.54 -42.91 -30.36
C VAL R 791 -14.63 -42.53 -29.37
N ALA R 792 -15.77 -43.23 -29.41
CA ALA R 792 -16.83 -42.95 -28.45
C ALA R 792 -16.37 -43.12 -27.01
N GLN R 793 -15.66 -44.23 -26.73
CA GLN R 793 -15.19 -44.46 -25.37
C GLN R 793 -14.21 -43.37 -24.92
N GLU R 794 -13.28 -42.99 -25.79
CA GLU R 794 -12.31 -41.95 -25.42
C GLU R 794 -12.99 -40.63 -25.10
N GLU R 795 -14.02 -40.26 -25.89
CA GLU R 795 -14.72 -39.01 -25.62
C GLU R 795 -15.44 -39.02 -24.28
N ARG R 796 -16.12 -40.13 -23.96
CA ARG R 796 -16.78 -40.19 -22.65
C ARG R 796 -15.78 -40.11 -21.51
N LYS R 797 -14.61 -40.74 -21.66
CA LYS R 797 -13.55 -40.61 -20.66
C LYS R 797 -13.16 -39.16 -20.43
N LEU R 798 -12.91 -38.42 -21.51
CA LEU R 798 -12.50 -37.03 -21.36
C LEU R 798 -13.55 -36.21 -20.62
N MET R 799 -14.83 -36.38 -20.98
CA MET R 799 -15.89 -35.64 -20.33
C MET R 799 -15.97 -35.96 -18.84
N LEU R 800 -15.83 -37.23 -18.47
CA LEU R 800 -15.87 -37.60 -17.07
C LEU R 800 -14.71 -36.97 -16.30
N GLU R 801 -13.52 -36.95 -16.87
CA GLU R 801 -12.38 -36.33 -16.22
C GLU R 801 -12.62 -34.85 -15.93
N ALA R 802 -13.19 -34.13 -16.89
CA ALA R 802 -13.43 -32.71 -16.67
C ALA R 802 -14.49 -32.49 -15.60
N ALA R 803 -15.54 -33.33 -15.59
CA ALA R 803 -16.55 -33.22 -14.55
C ALA R 803 -15.97 -33.43 -13.16
N ARG R 804 -15.11 -34.45 -13.01
CA ARG R 804 -14.51 -34.72 -11.72
C ARG R 804 -13.60 -33.58 -11.27
N LYS R 805 -12.81 -33.03 -12.19
CA LYS R 805 -11.97 -31.90 -11.81
C LYS R 805 -12.81 -30.71 -11.36
N GLN R 806 -13.95 -30.49 -12.00
CA GLN R 806 -14.80 -29.37 -11.61
C GLN R 806 -15.45 -29.60 -10.25
N LEU R 807 -15.88 -30.82 -9.97
CA LEU R 807 -16.64 -31.07 -8.74
C LEU R 807 -15.75 -31.08 -7.50
N GLY S 506 -29.65 -51.40 -31.89
CA GLY S 506 -28.63 -51.48 -32.93
C GLY S 506 -27.29 -50.94 -32.47
N ALA S 507 -27.33 -49.98 -31.57
CA ALA S 507 -26.10 -49.39 -31.03
C ALA S 507 -25.86 -49.91 -29.62
N PRO S 508 -24.68 -50.40 -29.30
CA PRO S 508 -24.39 -50.86 -27.94
C PRO S 508 -24.34 -49.70 -26.95
N LEU S 509 -24.36 -50.06 -25.67
CA LEU S 509 -24.24 -49.07 -24.60
C LEU S 509 -22.77 -48.77 -24.35
N VAL S 510 -22.45 -47.49 -24.21
CA VAL S 510 -21.07 -47.01 -24.17
C VAL S 510 -20.82 -46.26 -22.87
N THR S 511 -19.81 -46.69 -22.12
CA THR S 511 -19.44 -46.07 -20.86
C THR S 511 -17.97 -45.68 -20.90
N GLY S 512 -17.62 -44.67 -20.10
CA GLY S 512 -16.22 -44.29 -20.01
C GLY S 512 -15.41 -45.29 -19.21
N THR S 513 -15.94 -45.72 -18.08
CA THR S 513 -15.32 -46.80 -17.32
C THR S 513 -15.42 -48.11 -18.08
N MET S 514 -14.36 -48.90 -18.04
CA MET S 514 -14.32 -50.18 -18.72
C MET S 514 -14.94 -51.26 -17.84
N VAL S 515 -15.78 -52.10 -18.46
CA VAL S 515 -16.39 -53.25 -17.80
C VAL S 515 -15.82 -54.49 -18.46
N LYS S 516 -15.11 -55.31 -17.69
CA LYS S 516 -14.49 -56.53 -18.18
C LYS S 516 -15.18 -57.75 -17.57
N VAL S 517 -14.65 -58.94 -17.83
CA VAL S 517 -15.28 -60.19 -17.45
C VAL S 517 -14.24 -61.13 -16.83
N ASN S 518 -14.70 -62.02 -15.97
CA ASN S 518 -13.84 -62.92 -15.21
C ASN S 518 -13.92 -64.32 -15.78
N VAL S 519 -12.84 -64.78 -16.43
CA VAL S 519 -12.80 -66.06 -17.11
C VAL S 519 -12.16 -67.08 -16.19
N SER S 520 -12.83 -68.22 -16.00
CA SER S 520 -12.35 -69.24 -15.06
C SER S 520 -11.59 -70.36 -15.76
N MET S 521 -12.12 -70.88 -16.86
CA MET S 521 -11.53 -71.97 -17.62
C MET S 521 -11.41 -71.53 -19.07
N PRO S 522 -10.57 -72.21 -19.86
CA PRO S 522 -10.45 -71.86 -21.28
C PRO S 522 -11.60 -72.38 -22.14
N GLU S 523 -12.58 -73.04 -21.52
CA GLU S 523 -13.72 -73.55 -22.27
C GLU S 523 -14.92 -72.62 -22.27
N VAL S 524 -15.12 -71.85 -21.19
CA VAL S 524 -16.10 -70.77 -21.21
C VAL S 524 -15.40 -69.48 -21.65
N ALA S 525 -15.23 -69.33 -22.95
CA ALA S 525 -14.57 -68.17 -23.52
C ALA S 525 -15.32 -67.56 -24.69
N GLU S 526 -16.23 -68.30 -25.33
CA GLU S 526 -17.07 -67.72 -26.36
C GLU S 526 -18.33 -67.11 -25.77
N ARG S 527 -18.93 -67.80 -24.78
CA ARG S 527 -20.05 -67.20 -24.06
C ARG S 527 -19.62 -65.95 -23.31
N ALA S 528 -18.33 -65.81 -23.02
CA ALA S 528 -17.84 -64.61 -22.35
C ALA S 528 -17.53 -63.52 -23.35
N ALA S 529 -16.97 -63.87 -24.51
CA ALA S 529 -16.71 -62.89 -25.55
C ALA S 529 -18.00 -62.41 -26.20
N ALA S 530 -19.11 -63.11 -26.00
CA ALA S 530 -20.39 -62.70 -26.55
C ALA S 530 -21.17 -61.79 -25.63
N THR S 531 -20.57 -61.33 -24.52
CA THR S 531 -21.29 -60.48 -23.59
C THR S 531 -21.08 -59.00 -23.86
N GLY S 532 -20.10 -58.65 -24.70
CA GLY S 532 -19.79 -57.27 -24.94
C GLY S 532 -18.80 -56.65 -23.97
N ALA S 533 -17.97 -57.46 -23.33
CA ALA S 533 -16.99 -56.96 -22.39
C ALA S 533 -15.84 -56.27 -23.12
N ASP S 534 -15.06 -55.49 -22.36
CA ASP S 534 -13.95 -54.73 -22.91
C ASP S 534 -12.63 -55.46 -22.79
N GLY S 535 -12.65 -56.69 -22.31
CA GLY S 535 -11.44 -57.48 -22.14
C GLY S 535 -11.66 -58.52 -21.06
N VAL S 536 -10.59 -59.26 -20.77
CA VAL S 536 -10.56 -60.19 -19.67
C VAL S 536 -9.85 -59.52 -18.49
N GLY S 537 -10.42 -59.65 -17.31
CA GLY S 537 -9.86 -59.00 -16.15
C GLY S 537 -9.05 -59.94 -15.29
N LEU S 538 -9.39 -61.23 -15.35
CA LEU S 538 -8.67 -62.24 -14.57
C LEU S 538 -8.90 -63.60 -15.19
N LEU S 539 -7.84 -64.22 -15.70
CA LEU S 539 -7.86 -65.59 -16.17
C LEU S 539 -6.99 -66.44 -15.26
N ARG S 540 -7.62 -67.34 -14.51
CA ARG S 540 -6.90 -68.15 -13.54
C ARG S 540 -6.26 -69.37 -14.18
N ALA S 541 -5.18 -69.85 -13.56
CA ALA S 541 -4.41 -70.96 -14.08
C ALA S 541 -4.55 -72.23 -13.25
N GLU S 542 -5.30 -72.19 -12.15
CA GLU S 542 -5.45 -73.36 -11.28
C GLU S 542 -5.94 -74.56 -12.07
N HIS S 543 -6.96 -74.37 -12.90
CA HIS S 543 -7.50 -75.48 -13.69
C HIS S 543 -6.49 -76.01 -14.69
N MET S 544 -5.92 -75.11 -15.49
CA MET S 544 -5.03 -75.52 -16.57
C MET S 544 -3.78 -76.22 -16.06
N ILE S 545 -3.43 -76.02 -14.79
CA ILE S 545 -2.24 -76.68 -14.25
C ILE S 545 -2.58 -77.93 -13.46
N LEU S 546 -3.59 -77.87 -12.59
CA LEU S 546 -3.99 -79.01 -11.78
C LEU S 546 -4.91 -79.98 -12.52
N SER S 547 -4.89 -79.97 -13.85
CA SER S 547 -5.75 -80.86 -14.62
C SER S 547 -5.05 -82.14 -15.06
N ILE S 548 -3.75 -82.26 -14.81
CA ILE S 548 -2.97 -83.40 -15.30
C ILE S 548 -2.97 -84.52 -14.27
N GLY S 549 -3.80 -84.40 -13.23
CA GLY S 549 -3.92 -85.42 -12.21
C GLY S 549 -2.61 -85.82 -11.56
N GLN S 550 -1.71 -84.86 -11.33
CA GLN S 550 -0.38 -85.15 -10.83
C GLN S 550 0.20 -83.91 -10.18
N HIS S 551 1.05 -84.10 -9.19
CA HIS S 551 1.75 -83.00 -8.56
C HIS S 551 2.74 -82.39 -9.57
N PRO S 552 2.63 -81.10 -9.87
CA PRO S 552 3.52 -80.51 -10.89
C PRO S 552 5.00 -80.63 -10.56
N ILE S 553 5.39 -80.46 -9.30
CA ILE S 553 6.79 -80.65 -8.93
C ILE S 553 7.21 -82.09 -9.18
N LYS S 554 6.33 -83.04 -8.85
CA LYS S 554 6.57 -84.43 -9.21
C LYS S 554 6.54 -84.63 -10.72
N PHE S 555 5.69 -83.88 -11.41
CA PHE S 555 5.56 -84.03 -12.86
C PHE S 555 6.84 -83.62 -13.58
N ILE S 556 7.58 -82.67 -13.01
CA ILE S 556 8.78 -82.19 -13.69
C ILE S 556 10.04 -82.92 -13.25
N LYS S 557 9.99 -83.52 -12.05
CA LYS S 557 11.11 -84.31 -11.59
C LYS S 557 11.08 -85.54 -12.46
N GLU S 558 9.91 -86.13 -12.63
CA GLU S 558 9.78 -87.26 -13.53
C GLU S 558 10.36 -86.79 -14.85
N GLY S 559 10.03 -85.56 -15.22
CA GLY S 559 10.62 -85.00 -16.43
C GLY S 559 9.72 -84.85 -17.63
N LYS S 560 8.51 -84.32 -17.46
CA LYS S 560 7.71 -84.09 -18.65
C LYS S 560 7.38 -82.61 -18.70
N GLU S 561 8.38 -81.79 -19.01
CA GLU S 561 8.17 -80.34 -19.00
C GLU S 561 7.46 -79.85 -20.25
N GLU S 562 7.86 -80.32 -21.43
CA GLU S 562 7.36 -79.75 -22.67
C GLU S 562 5.87 -80.03 -22.86
N GLU S 563 5.40 -81.17 -22.37
CA GLU S 563 3.98 -81.48 -22.47
C GLU S 563 3.14 -80.45 -21.72
N LEU S 564 3.46 -80.21 -20.45
CA LEU S 564 2.77 -79.20 -19.66
C LEU S 564 2.89 -77.83 -20.29
N VAL S 565 4.09 -77.49 -20.78
CA VAL S 565 4.30 -76.18 -21.40
C VAL S 565 3.36 -75.99 -22.58
N GLU S 566 3.35 -76.93 -23.52
CA GLU S 566 2.55 -76.75 -24.73
C GLU S 566 1.05 -76.85 -24.43
N LYS S 567 0.67 -77.60 -23.40
CA LYS S 567 -0.73 -77.62 -23.01
C LYS S 567 -1.17 -76.25 -22.49
N LEU S 568 -0.38 -75.66 -21.59
CA LEU S 568 -0.64 -74.29 -21.18
C LEU S 568 -0.70 -73.35 -22.38
N ALA S 569 0.19 -73.57 -23.35
CA ALA S 569 0.26 -72.69 -24.50
C ALA S 569 -1.05 -72.68 -25.28
N GLU S 570 -1.58 -73.86 -25.58
CA GLU S 570 -2.83 -73.89 -26.33
C GLU S 570 -4.00 -73.38 -25.48
N GLY S 571 -4.01 -73.71 -24.19
CA GLY S 571 -5.05 -73.18 -23.31
C GLY S 571 -5.09 -71.65 -23.29
N ILE S 572 -3.92 -71.02 -23.28
CA ILE S 572 -3.86 -69.56 -23.27
C ILE S 572 -4.17 -68.97 -24.63
N GLU S 573 -3.71 -69.59 -25.71
CA GLU S 573 -3.95 -69.03 -27.04
C GLU S 573 -5.42 -69.06 -27.40
N LYS S 574 -6.14 -70.08 -26.93
CA LYS S 574 -7.59 -70.11 -27.16
C LYS S 574 -8.26 -68.83 -26.67
N VAL S 575 -8.02 -68.49 -25.40
CA VAL S 575 -8.61 -67.29 -24.81
C VAL S 575 -8.07 -66.03 -25.48
N ALA S 576 -6.77 -65.99 -25.75
CA ALA S 576 -6.19 -64.81 -26.35
C ALA S 576 -6.76 -64.53 -27.73
N ALA S 577 -7.13 -65.56 -28.47
CA ALA S 577 -7.66 -65.38 -29.82
C ALA S 577 -9.17 -65.20 -29.84
N ALA S 578 -9.87 -65.51 -28.75
CA ALA S 578 -11.30 -65.21 -28.69
C ALA S 578 -11.49 -63.71 -28.47
N PHE S 579 -10.57 -63.09 -27.73
CA PHE S 579 -10.63 -61.64 -27.53
C PHE S 579 -9.31 -61.02 -27.93
N TYR S 580 -9.05 -60.92 -29.23
CA TYR S 580 -7.78 -60.37 -29.73
C TYR S 580 -7.60 -58.87 -29.61
N PRO S 581 -8.39 -58.08 -30.37
CA PRO S 581 -8.08 -56.65 -30.16
C PRO S 581 -8.12 -56.26 -28.69
N ARG S 582 -8.82 -57.01 -27.84
CA ARG S 582 -8.97 -56.66 -26.44
C ARG S 582 -7.93 -57.28 -25.53
N PRO S 583 -7.54 -56.57 -24.46
CA PRO S 583 -6.56 -57.08 -23.50
C PRO S 583 -7.06 -58.27 -22.72
N VAL S 584 -6.11 -59.11 -22.29
CA VAL S 584 -6.36 -60.26 -21.41
C VAL S 584 -5.28 -60.29 -20.35
N TRP S 585 -5.67 -60.48 -19.10
CA TRP S 585 -4.74 -60.47 -17.97
C TRP S 585 -4.73 -61.85 -17.30
N TYR S 586 -3.53 -62.37 -17.07
CA TYR S 586 -3.33 -63.75 -16.61
C TYR S 586 -2.54 -63.75 -15.31
N ARG S 587 -3.03 -64.49 -14.31
CA ARG S 587 -2.46 -64.50 -12.97
C ARG S 587 -1.78 -65.84 -12.70
N THR S 588 -0.51 -65.79 -12.30
CA THR S 588 0.25 -67.01 -12.07
C THR S 588 -0.34 -67.81 -10.90
N LEU S 589 0.13 -69.05 -10.78
CA LEU S 589 -0.50 -70.05 -9.92
C LEU S 589 -0.57 -69.57 -8.47
N ASP S 590 -1.69 -69.86 -7.82
CA ASP S 590 -1.91 -69.45 -6.44
C ASP S 590 -2.94 -70.39 -5.82
N ALA S 591 -2.48 -71.25 -4.91
CA ALA S 591 -3.35 -72.19 -4.21
C ALA S 591 -2.70 -72.56 -2.90
N PRO S 592 -3.49 -72.86 -1.86
CA PRO S 592 -2.90 -73.19 -0.56
C PRO S 592 -2.16 -74.52 -0.59
N THR S 593 -1.59 -74.92 0.56
CA THR S 593 -0.86 -76.17 0.62
C THR S 593 -1.76 -77.38 0.75
N ASN S 594 -2.97 -77.22 1.31
CA ASN S 594 -3.93 -78.31 1.37
C ASN S 594 -4.68 -78.49 0.07
N GLU S 595 -4.16 -77.94 -1.02
CA GLU S 595 -4.64 -78.22 -2.37
C GLU S 595 -3.67 -79.09 -3.15
N PHE S 596 -2.38 -79.05 -2.80
CA PHE S 596 -1.41 -79.95 -3.41
C PHE S 596 -1.35 -81.29 -2.68
N ARG S 597 -1.91 -81.37 -1.48
CA ARG S 597 -1.88 -82.60 -0.72
C ARG S 597 -2.80 -83.67 -1.29
N GLU S 598 -3.80 -83.28 -2.08
CA GLU S 598 -4.86 -84.18 -2.50
C GLU S 598 -4.67 -84.68 -3.93
N MET S 599 -3.45 -84.66 -4.42
CA MET S 599 -3.15 -85.12 -5.76
C MET S 599 -2.18 -86.29 -5.73
N PRO S 600 -2.17 -87.12 -6.80
CA PRO S 600 -1.16 -88.19 -6.81
C PRO S 600 0.24 -87.61 -6.74
N GLY S 601 0.97 -87.91 -5.68
CA GLY S 601 2.30 -87.36 -5.51
C GLY S 601 2.32 -86.39 -4.35
N GLY S 602 1.14 -86.06 -3.84
CA GLY S 602 1.04 -85.15 -2.72
C GLY S 602 1.01 -85.93 -1.43
N GLU S 603 2.17 -86.39 -0.98
CA GLU S 603 2.24 -87.16 0.26
C GLU S 603 3.16 -86.44 1.22
N ASP S 604 4.09 -85.66 0.68
CA ASP S 604 4.98 -84.89 1.53
C ASP S 604 4.34 -83.55 1.74
N GLU S 605 3.78 -83.31 2.92
CA GLU S 605 3.09 -82.04 3.19
C GLU S 605 3.33 -81.56 4.62
N PRO S 606 2.91 -80.33 4.93
CA PRO S 606 3.19 -79.80 6.27
C PRO S 606 2.00 -79.83 7.21
N GLU S 607 0.80 -80.03 6.69
CA GLU S 607 -0.39 -79.97 7.54
C GLU S 607 -0.30 -78.79 8.48
N GLU S 608 -0.18 -77.58 7.93
CA GLU S 608 -0.03 -76.38 8.75
C GLU S 608 -1.28 -76.06 9.56
N ARG S 609 -1.14 -75.16 10.53
CA ARG S 609 -2.29 -74.77 11.34
C ARG S 609 -2.98 -73.54 10.76
N ASN S 610 -2.30 -72.81 9.87
CA ASN S 610 -2.92 -71.65 9.23
C ASN S 610 -2.52 -71.52 7.76
N PRO S 611 -3.20 -72.25 6.86
CA PRO S 611 -2.78 -72.21 5.45
C PRO S 611 -3.09 -70.89 4.76
N MET S 612 -3.83 -69.99 5.39
CA MET S 612 -4.08 -68.68 4.80
C MET S 612 -2.90 -67.74 4.95
N LEU S 613 -2.09 -67.91 6.00
CA LEU S 613 -0.93 -67.08 6.26
C LEU S 613 0.36 -67.87 6.04
N GLY S 614 0.35 -68.78 5.07
CA GLY S 614 1.47 -69.69 4.91
C GLY S 614 2.22 -69.58 3.60
N TRP S 615 2.69 -70.73 3.12
CA TRP S 615 3.59 -70.82 1.97
C TRP S 615 2.74 -70.99 0.72
N ARG S 616 2.47 -69.88 0.04
CA ARG S 616 1.63 -69.89 -1.14
C ARG S 616 1.96 -68.68 -1.99
N GLY S 617 1.37 -68.63 -3.19
CA GLY S 617 1.53 -67.48 -4.04
C GLY S 617 2.97 -67.32 -4.53
N ILE S 618 3.34 -66.05 -4.77
CA ILE S 618 4.64 -65.76 -5.32
C ILE S 618 5.78 -66.12 -4.37
N ARG S 619 5.52 -66.27 -3.07
CA ARG S 619 6.55 -66.77 -2.16
C ARG S 619 6.98 -68.17 -2.57
N ARG S 620 6.05 -69.12 -2.53
CA ARG S 620 6.32 -70.47 -3.01
C ARG S 620 6.85 -70.45 -4.43
N GLY S 621 6.31 -69.56 -5.27
CA GLY S 621 6.77 -69.50 -6.65
C GLY S 621 8.24 -69.18 -6.78
N LEU S 622 8.71 -68.21 -5.99
CA LEU S 622 10.12 -67.83 -6.03
C LEU S 622 11.00 -68.84 -5.31
N ASP S 623 10.44 -69.64 -4.42
CA ASP S 623 11.24 -70.70 -3.81
C ASP S 623 11.59 -71.79 -4.81
N GLN S 624 10.64 -72.16 -5.68
CA GLN S 624 10.82 -73.20 -6.69
C GLN S 624 10.66 -72.58 -8.07
N PRO S 625 11.72 -72.00 -8.62
CA PRO S 625 11.57 -71.19 -9.84
C PRO S 625 11.20 -71.96 -11.10
N GLU S 626 10.99 -73.27 -11.00
CA GLU S 626 10.70 -74.05 -12.20
C GLU S 626 9.28 -73.80 -12.70
N LEU S 627 8.34 -73.62 -11.77
CA LEU S 627 6.97 -73.29 -12.18
C LEU S 627 6.93 -71.97 -12.93
N LEU S 628 7.63 -70.97 -12.40
CA LEU S 628 7.73 -69.68 -13.08
C LEU S 628 8.38 -69.84 -14.45
N ARG S 629 9.45 -70.62 -14.52
CA ARG S 629 10.13 -70.87 -15.79
C ARG S 629 9.16 -71.42 -16.83
N ALA S 630 8.39 -72.45 -16.44
CA ALA S 630 7.49 -73.09 -17.38
C ALA S 630 6.37 -72.15 -17.83
N GLU S 631 5.79 -71.41 -16.88
CA GLU S 631 4.70 -70.50 -17.24
C GLU S 631 5.19 -69.39 -18.15
N PHE S 632 6.37 -68.82 -17.87
CA PHE S 632 6.90 -67.77 -18.74
C PHE S 632 7.26 -68.33 -20.10
N LYS S 633 7.72 -69.58 -20.17
CA LYS S 633 7.98 -70.22 -21.45
C LYS S 633 6.71 -70.31 -22.29
N ALA S 634 5.62 -70.81 -21.69
CA ALA S 634 4.37 -70.93 -22.42
C ALA S 634 3.84 -69.56 -22.86
N ILE S 635 3.98 -68.56 -21.99
CA ILE S 635 3.49 -67.22 -22.35
C ILE S 635 4.25 -66.67 -23.53
N LYS S 636 5.59 -66.76 -23.51
CA LYS S 636 6.37 -66.32 -24.66
C LYS S 636 6.02 -67.13 -25.90
N LYS S 637 5.71 -68.41 -25.72
CA LYS S 637 5.35 -69.28 -26.83
C LYS S 637 4.12 -68.75 -27.56
N VAL S 638 3.05 -68.46 -26.80
CA VAL S 638 1.87 -67.91 -27.45
C VAL S 638 2.06 -66.47 -27.87
N VAL S 639 3.05 -65.76 -27.30
CA VAL S 639 3.27 -64.39 -27.72
C VAL S 639 3.88 -64.35 -29.11
N GLU S 640 4.85 -65.22 -29.39
CA GLU S 640 5.58 -65.13 -30.66
C GLU S 640 4.72 -65.50 -31.86
N LYS S 641 3.53 -66.07 -31.65
CA LYS S 641 2.60 -66.27 -32.75
C LYS S 641 1.98 -64.96 -33.24
N GLY S 642 2.08 -63.89 -32.45
CA GLY S 642 1.63 -62.59 -32.89
C GLY S 642 0.55 -61.95 -32.03
N TYR S 643 0.35 -62.47 -30.81
CA TYR S 643 -0.65 -61.95 -29.89
C TYR S 643 0.03 -60.95 -28.96
N ASN S 644 -0.22 -59.66 -29.19
CA ASN S 644 0.40 -58.60 -28.40
C ASN S 644 -0.57 -57.96 -27.42
N ASN S 645 -1.45 -58.74 -26.79
CA ASN S 645 -2.47 -58.21 -25.91
C ASN S 645 -2.53 -58.96 -24.59
N ILE S 646 -1.41 -59.55 -24.18
CA ILE S 646 -1.32 -60.33 -22.96
C ILE S 646 -0.54 -59.53 -21.92
N GLY S 647 -0.84 -59.81 -20.65
CA GLY S 647 -0.12 -59.22 -19.54
C GLY S 647 -0.09 -60.18 -18.38
N VAL S 648 0.92 -59.99 -17.53
CA VAL S 648 1.19 -60.91 -16.42
C VAL S 648 0.88 -60.22 -15.10
N MET S 649 0.32 -61.01 -14.17
CA MET S 649 -0.13 -60.50 -12.87
C MET S 649 0.43 -61.40 -11.77
N LEU S 650 1.14 -60.80 -10.81
CA LEU S 650 1.77 -61.52 -9.71
C LEU S 650 0.89 -61.46 -8.47
N PRO S 651 0.60 -62.59 -7.82
CA PRO S 651 -0.24 -62.57 -6.62
C PRO S 651 0.55 -62.51 -5.32
N LEU S 652 -0.04 -61.82 -4.34
CA LEU S 652 0.44 -61.79 -2.95
C LEU S 652 1.87 -61.23 -2.85
N VAL S 653 2.00 -59.96 -3.20
CA VAL S 653 3.27 -59.25 -3.16
C VAL S 653 3.27 -58.32 -1.94
N SER S 654 4.38 -58.33 -1.18
CA SER S 654 4.52 -57.40 -0.08
C SER S 654 5.92 -56.82 0.10
N HIS S 655 6.88 -57.15 -0.77
CA HIS S 655 8.21 -56.55 -0.76
C HIS S 655 8.61 -56.29 -2.21
N PRO S 656 9.35 -55.21 -2.48
CA PRO S 656 9.82 -54.98 -3.85
C PRO S 656 10.83 -56.01 -4.34
N GLU S 657 11.55 -56.66 -3.42
CA GLU S 657 12.49 -57.69 -3.82
C GLU S 657 11.81 -58.80 -4.59
N GLN S 658 10.56 -59.11 -4.24
CA GLN S 658 9.82 -60.13 -4.98
C GLN S 658 9.61 -59.71 -6.43
N ILE S 659 9.27 -58.43 -6.65
CA ILE S 659 9.08 -57.95 -8.01
C ILE S 659 10.38 -58.01 -8.80
N ARG S 660 11.49 -57.61 -8.18
CA ARG S 660 12.75 -57.62 -8.92
C ARG S 660 13.22 -59.05 -9.24
N GLU S 661 13.06 -59.98 -8.29
CA GLU S 661 13.46 -61.35 -8.55
C GLU S 661 12.59 -61.99 -9.63
N ALA S 662 11.29 -61.67 -9.63
CA ALA S 662 10.43 -62.18 -10.70
C ALA S 662 10.84 -61.62 -12.06
N LYS S 663 11.18 -60.32 -12.11
CA LYS S 663 11.61 -59.74 -13.37
C LYS S 663 12.88 -60.41 -13.88
N ARG S 664 13.82 -60.72 -12.97
CA ARG S 664 15.04 -61.39 -13.39
C ARG S 664 14.76 -62.81 -13.89
N ILE S 665 13.97 -63.58 -13.12
CA ILE S 665 13.63 -64.93 -13.53
C ILE S 665 12.99 -64.93 -14.91
N ALA S 666 12.13 -63.94 -15.17
CA ALA S 666 11.46 -63.89 -16.47
C ALA S 666 12.43 -63.49 -17.57
N ARG S 667 13.36 -62.59 -17.27
CA ARG S 667 14.28 -62.14 -18.30
C ARG S 667 15.33 -63.18 -18.64
N GLU S 668 15.57 -64.16 -17.77
CA GLU S 668 16.57 -65.17 -18.12
C GLU S 668 16.11 -66.08 -19.26
N VAL S 669 14.81 -66.35 -19.37
CA VAL S 669 14.33 -67.32 -20.36
C VAL S 669 13.77 -66.68 -21.62
N GLY S 670 14.06 -65.42 -21.87
CA GLY S 670 13.73 -64.78 -23.13
C GLY S 670 12.62 -63.77 -23.10
N LEU S 671 11.66 -63.91 -22.20
CA LEU S 671 10.54 -62.96 -22.11
C LEU S 671 11.03 -61.61 -21.63
N GLU S 672 10.42 -60.55 -22.16
CA GLU S 672 10.85 -59.18 -21.87
C GLU S 672 9.70 -58.34 -21.35
N PRO S 673 9.73 -57.93 -20.08
CA PRO S 673 8.67 -57.06 -19.56
C PRO S 673 8.59 -55.74 -20.29
N HIS S 674 7.39 -55.18 -20.34
CA HIS S 674 7.06 -53.85 -20.86
C HIS S 674 7.31 -53.71 -22.36
N LYS S 675 7.79 -54.76 -23.03
CA LYS S 675 7.96 -54.75 -24.48
C LYS S 675 7.37 -55.97 -25.17
N ASP S 676 7.13 -57.07 -24.45
CA ASP S 676 6.39 -58.20 -24.97
C ASP S 676 5.06 -58.41 -24.27
N VAL S 677 4.95 -57.99 -23.01
CA VAL S 677 3.75 -58.17 -22.21
C VAL S 677 3.59 -56.95 -21.32
N ALA S 678 2.54 -56.97 -20.51
CA ALA S 678 2.36 -55.98 -19.46
C ALA S 678 2.71 -56.58 -18.10
N TRP S 679 3.19 -55.73 -17.20
CA TRP S 679 3.65 -56.16 -15.89
C TRP S 679 2.81 -55.46 -14.83
N GLY S 680 2.14 -56.25 -13.98
CA GLY S 680 1.29 -55.71 -12.93
C GLY S 680 1.27 -56.63 -11.74
N VAL S 681 0.58 -56.18 -10.68
CA VAL S 681 0.56 -56.90 -9.41
C VAL S 681 -0.86 -56.93 -8.85
N MET S 682 -1.03 -57.72 -7.79
CA MET S 682 -2.27 -57.81 -7.04
C MET S 682 -2.10 -57.19 -5.67
N ILE S 683 -3.16 -56.54 -5.17
CA ILE S 683 -3.14 -55.89 -3.87
C ILE S 683 -4.10 -56.64 -2.96
N GLU S 684 -3.54 -57.47 -2.06
CA GLU S 684 -4.35 -58.25 -1.13
C GLU S 684 -3.87 -58.18 0.31
N VAL S 685 -2.62 -57.85 0.58
CA VAL S 685 -2.16 -57.68 1.96
C VAL S 685 -2.19 -56.20 2.29
N PRO S 686 -2.56 -55.83 3.53
CA PRO S 686 -2.58 -54.40 3.88
C PRO S 686 -1.24 -53.70 3.72
N ALA S 687 -0.13 -54.42 3.91
CA ALA S 687 1.19 -53.81 3.73
C ALA S 687 1.35 -53.27 2.32
N ALA S 688 0.93 -54.04 1.32
CA ALA S 688 1.08 -53.58 -0.06
C ALA S 688 0.25 -52.33 -0.32
N ALA S 689 -0.93 -52.24 0.30
CA ALA S 689 -1.75 -51.05 0.17
C ALA S 689 -1.19 -49.85 0.91
N ILE S 690 -0.33 -50.05 1.91
CA ILE S 690 0.18 -48.93 2.68
C ILE S 690 1.51 -48.36 2.14
N ILE S 691 2.30 -49.16 1.44
CA ILE S 691 3.57 -48.69 0.89
C ILE S 691 3.56 -48.75 -0.63
N ILE S 692 2.41 -48.47 -1.23
CA ILE S 692 2.20 -48.71 -2.67
C ILE S 692 3.22 -47.96 -3.52
N GLU S 693 3.73 -46.82 -3.06
CA GLU S 693 4.64 -46.04 -3.87
C GLU S 693 5.97 -46.75 -4.09
N ASP S 694 6.46 -47.47 -3.07
CA ASP S 694 7.68 -48.24 -3.24
C ASP S 694 7.52 -49.27 -4.35
N LEU S 695 6.38 -49.96 -4.39
CA LEU S 695 6.13 -50.92 -5.46
C LEU S 695 6.02 -50.24 -6.81
N ILE S 696 5.39 -49.06 -6.86
CA ILE S 696 5.26 -48.36 -8.13
C ILE S 696 6.62 -47.95 -8.67
N LYS S 697 7.56 -47.63 -7.79
CA LYS S 697 8.87 -47.18 -8.27
C LYS S 697 9.72 -48.29 -8.87
N GLU S 698 9.22 -49.51 -8.99
CA GLU S 698 9.93 -50.58 -9.67
C GLU S 698 9.40 -50.83 -11.08
N GLY S 699 8.65 -49.88 -11.64
CA GLY S 699 8.16 -50.01 -13.00
C GLY S 699 7.10 -51.06 -13.21
N ILE S 700 5.89 -50.82 -12.72
CA ILE S 700 4.75 -51.69 -13.05
C ILE S 700 3.83 -50.94 -13.98
N ASP S 701 2.83 -51.64 -14.53
CA ASP S 701 1.91 -51.02 -15.47
C ASP S 701 0.47 -50.96 -14.98
N PHE S 702 0.08 -51.93 -14.16
CA PHE S 702 -1.31 -51.99 -13.70
C PHE S 702 -1.45 -52.61 -12.33
N VAL S 703 -2.57 -52.34 -11.66
CA VAL S 703 -2.81 -52.90 -10.34
C VAL S 703 -4.26 -53.38 -10.23
N SER S 704 -4.51 -54.35 -9.36
CA SER S 704 -5.85 -54.90 -9.20
C SER S 704 -6.14 -55.21 -7.75
N PHE S 705 -7.35 -54.87 -7.31
CA PHE S 705 -7.78 -55.06 -5.91
C PHE S 705 -8.43 -56.43 -5.74
N GLY S 706 -7.86 -57.25 -4.86
CA GLY S 706 -8.49 -58.47 -4.40
C GLY S 706 -9.31 -58.28 -3.14
N THR S 707 -10.52 -57.72 -3.24
CA THR S 707 -11.23 -57.26 -2.05
C THR S 707 -11.59 -58.38 -1.09
N ASN S 708 -11.68 -59.62 -1.58
CA ASN S 708 -11.92 -60.77 -0.70
C ASN S 708 -10.81 -60.90 0.34
N ASP S 709 -9.59 -61.13 -0.15
CA ASP S 709 -8.46 -61.33 0.74
C ASP S 709 -8.15 -60.08 1.55
N LEU S 710 -8.29 -58.91 0.94
CA LEU S 710 -8.02 -57.67 1.66
C LEU S 710 -8.98 -57.49 2.83
N THR S 711 -10.27 -57.72 2.62
CA THR S 711 -11.23 -57.61 3.70
C THR S 711 -10.97 -58.66 4.77
N GLN S 712 -10.51 -59.84 4.39
CA GLN S 712 -10.26 -60.85 5.40
C GLN S 712 -9.03 -60.55 6.24
N TYR S 713 -7.93 -60.12 5.61
CA TYR S 713 -6.72 -59.82 6.35
C TYR S 713 -6.80 -58.52 7.13
N THR S 714 -7.67 -57.60 6.75
CA THR S 714 -7.74 -56.33 7.45
C THR S 714 -8.55 -56.44 8.74
N LEU S 715 -9.61 -57.24 8.75
CA LEU S 715 -10.46 -57.39 9.92
C LEU S 715 -10.07 -58.58 10.78
N ALA S 716 -9.03 -59.32 10.41
CA ALA S 716 -8.57 -60.49 11.15
C ALA S 716 -9.72 -61.47 11.39
N ILE S 717 -10.26 -61.98 10.30
CA ILE S 717 -11.50 -62.76 10.33
C ILE S 717 -11.49 -63.74 9.17
N ASP S 718 -11.87 -64.98 9.45
CA ASP S 718 -12.09 -65.98 8.42
C ASP S 718 -13.58 -66.04 8.08
N ARG S 719 -13.86 -66.10 6.78
CA ARG S 719 -15.25 -66.03 6.33
C ARG S 719 -15.91 -67.40 6.34
N ASP S 720 -15.14 -68.48 6.17
CA ASP S 720 -15.69 -69.82 6.20
C ASP S 720 -16.11 -70.25 7.60
N ASN S 721 -15.61 -69.60 8.65
CA ASN S 721 -15.96 -69.95 10.01
C ASN S 721 -17.36 -69.44 10.33
N GLU S 722 -18.21 -70.34 10.82
CA GLU S 722 -19.62 -70.04 11.03
C GLU S 722 -19.81 -68.99 12.13
N ARG S 723 -18.94 -68.99 13.12
CA ARG S 723 -19.17 -68.19 14.32
C ARG S 723 -18.78 -66.72 14.15
N VAL S 724 -17.87 -66.40 13.23
CA VAL S 724 -17.43 -65.03 13.04
C VAL S 724 -17.67 -64.50 11.62
N ALA S 725 -18.42 -65.22 10.79
CA ALA S 725 -18.73 -64.71 9.45
C ALA S 725 -19.83 -63.66 9.47
N LYS S 726 -20.42 -63.39 10.62
CA LYS S 726 -21.42 -62.33 10.73
C LYS S 726 -20.81 -60.94 10.75
N LEU S 727 -19.49 -60.83 10.81
CA LEU S 727 -18.83 -59.53 10.83
C LEU S 727 -18.24 -59.13 9.48
N TYR S 728 -18.19 -60.06 8.53
CA TYR S 728 -17.65 -59.78 7.20
C TYR S 728 -18.45 -58.68 6.52
N ASP S 729 -17.72 -57.75 5.88
CA ASP S 729 -18.33 -56.63 5.18
C ASP S 729 -17.30 -55.96 4.27
N GLU S 730 -17.59 -55.84 2.98
CA GLU S 730 -16.63 -55.30 2.02
C GLU S 730 -16.76 -53.81 1.83
N THR S 731 -17.73 -53.16 2.46
CA THR S 731 -17.83 -51.71 2.49
C THR S 731 -17.55 -51.15 3.89
N HIS S 732 -16.65 -51.79 4.61
CA HIS S 732 -16.21 -51.29 5.91
C HIS S 732 -15.29 -50.08 5.70
N PRO S 733 -15.40 -49.06 6.56
CA PRO S 733 -14.63 -47.82 6.35
C PRO S 733 -13.13 -48.00 6.14
N ALA S 734 -12.51 -48.99 6.77
CA ALA S 734 -11.05 -49.11 6.68
C ALA S 734 -10.62 -49.54 5.28
N VAL S 735 -11.32 -50.52 4.71
CA VAL S 735 -11.02 -50.97 3.35
C VAL S 735 -11.20 -49.82 2.36
N LEU S 736 -12.21 -48.98 2.59
CA LEU S 736 -12.46 -47.87 1.68
C LEU S 736 -11.38 -46.81 1.79
N LYS S 737 -10.90 -46.53 3.00
CA LYS S 737 -9.74 -45.64 3.16
C LYS S 737 -8.53 -46.17 2.39
N LEU S 738 -8.26 -47.47 2.50
CA LEU S 738 -7.11 -48.03 1.81
C LEU S 738 -7.24 -47.92 0.31
N ILE S 739 -8.43 -48.24 -0.22
CA ILE S 739 -8.67 -48.17 -1.66
C ILE S 739 -8.51 -46.74 -2.16
N LYS S 740 -9.06 -45.78 -1.43
CA LYS S 740 -8.96 -44.37 -1.83
C LYS S 740 -7.50 -43.93 -1.90
N HIS S 741 -6.70 -44.30 -0.89
CA HIS S 741 -5.28 -43.93 -0.90
C HIS S 741 -4.57 -44.50 -2.12
N VAL S 742 -4.76 -45.80 -2.38
CA VAL S 742 -4.09 -46.43 -3.51
C VAL S 742 -4.46 -45.73 -4.82
N ILE S 743 -5.77 -45.54 -5.05
CA ILE S 743 -6.23 -44.94 -6.30
C ILE S 743 -5.61 -43.57 -6.48
N LYS S 744 -5.63 -42.74 -5.42
CA LYS S 744 -4.99 -41.43 -5.49
C LYS S 744 -3.56 -41.52 -5.98
N VAL S 745 -2.76 -42.40 -5.37
CA VAL S 745 -1.33 -42.41 -5.66
C VAL S 745 -1.06 -42.86 -7.10
N CYS S 746 -1.68 -43.96 -7.54
CA CYS S 746 -1.32 -44.41 -8.88
C CYS S 746 -1.96 -43.56 -9.96
N LYS S 747 -3.09 -42.90 -9.66
CA LYS S 747 -3.55 -41.83 -10.53
C LYS S 747 -2.46 -40.78 -10.70
N ARG S 748 -1.86 -40.33 -9.59
CA ARG S 748 -0.77 -39.37 -9.67
C ARG S 748 0.40 -39.87 -10.52
N TYR S 749 0.70 -41.17 -10.49
CA TYR S 749 1.87 -41.68 -11.21
C TYR S 749 1.57 -42.22 -12.61
N GLY S 750 0.32 -42.18 -13.06
CA GLY S 750 0.01 -42.65 -14.40
C GLY S 750 -0.16 -44.14 -14.56
N VAL S 751 -0.62 -44.83 -13.52
CA VAL S 751 -0.83 -46.27 -13.55
C VAL S 751 -2.33 -46.54 -13.59
N GLU S 752 -2.69 -47.68 -14.19
CA GLU S 752 -4.09 -48.06 -14.35
C GLU S 752 -4.55 -48.94 -13.20
N THR S 753 -5.78 -48.71 -12.73
CA THR S 753 -6.36 -49.42 -11.60
C THR S 753 -7.56 -50.26 -12.03
N SER S 754 -7.83 -51.34 -11.30
CA SER S 754 -8.95 -52.21 -11.60
C SER S 754 -9.34 -52.95 -10.33
N ILE S 755 -10.44 -53.70 -10.40
CA ILE S 755 -10.89 -54.52 -9.29
C ILE S 755 -11.54 -55.79 -9.80
N CYS S 756 -11.09 -56.93 -9.30
CA CYS S 756 -11.72 -58.22 -9.52
C CYS S 756 -12.29 -58.73 -8.21
N GLY S 757 -12.98 -59.85 -8.26
CA GLY S 757 -13.53 -60.47 -7.07
C GLY S 757 -15.03 -60.61 -7.15
N GLN S 758 -15.63 -60.84 -5.98
CA GLN S 758 -17.08 -60.96 -5.89
C GLN S 758 -17.76 -59.62 -5.68
N ALA S 759 -17.02 -58.60 -5.23
CA ALA S 759 -17.57 -57.26 -5.08
C ALA S 759 -17.48 -56.45 -6.37
N GLY S 760 -16.92 -57.02 -7.43
CA GLY S 760 -17.05 -56.43 -8.74
C GLY S 760 -18.42 -56.61 -9.34
N SER S 761 -19.22 -57.54 -8.80
CA SER S 761 -20.58 -57.80 -9.26
C SER S 761 -21.62 -57.29 -8.28
N ASP S 762 -21.38 -56.15 -7.66
CA ASP S 762 -22.30 -55.55 -6.71
C ASP S 762 -22.62 -54.11 -7.13
N PRO S 763 -23.90 -53.75 -7.26
CA PRO S 763 -24.23 -52.38 -7.68
C PRO S 763 -23.78 -51.28 -6.72
N LYS S 764 -23.87 -51.52 -5.41
CA LYS S 764 -23.49 -50.48 -4.45
C LYS S 764 -22.00 -50.19 -4.49
N MET S 765 -21.19 -51.25 -4.52
CA MET S 765 -19.74 -51.07 -4.66
C MET S 765 -19.40 -50.41 -5.98
N ALA S 766 -20.12 -50.76 -7.05
CA ALA S 766 -19.87 -50.14 -8.34
C ALA S 766 -20.10 -48.64 -8.27
N ARG S 767 -21.16 -48.21 -7.59
CA ARG S 767 -21.41 -46.78 -7.47
C ARG S 767 -20.31 -46.07 -6.65
N ILE S 768 -19.93 -46.68 -5.52
CA ILE S 768 -18.84 -46.11 -4.71
C ILE S 768 -17.57 -45.95 -5.56
N LEU S 769 -17.22 -46.99 -6.32
CA LEU S 769 -15.96 -47.01 -7.03
C LEU S 769 -15.96 -46.07 -8.22
N VAL S 770 -17.11 -45.91 -8.88
CA VAL S 770 -17.18 -44.94 -9.98
C VAL S 770 -17.11 -43.53 -9.44
N ARG S 771 -17.69 -43.27 -8.26
CA ARG S 771 -17.56 -41.93 -7.69
C ARG S 771 -16.14 -41.64 -7.24
N LEU S 772 -15.37 -42.67 -6.86
CA LEU S 772 -13.97 -42.41 -6.50
C LEU S 772 -13.07 -42.23 -7.72
N GLY S 773 -13.32 -42.97 -8.80
CA GLY S 773 -12.53 -42.75 -10.01
C GLY S 773 -11.72 -43.93 -10.49
N ILE S 774 -12.21 -45.16 -10.28
CA ILE S 774 -11.49 -46.32 -10.77
C ILE S 774 -11.57 -46.39 -12.29
N ASP S 775 -10.61 -47.10 -12.89
CA ASP S 775 -10.51 -47.17 -14.34
C ASP S 775 -11.27 -48.34 -14.94
N SER S 776 -11.46 -49.43 -14.20
CA SER S 776 -12.14 -50.60 -14.75
C SER S 776 -12.81 -51.40 -13.63
N ILE S 777 -13.76 -52.24 -14.02
CA ILE S 777 -14.46 -53.17 -13.14
C ILE S 777 -14.57 -54.52 -13.85
N SER S 778 -14.41 -55.60 -13.10
CA SER S 778 -14.40 -56.95 -13.65
C SER S 778 -15.55 -57.75 -13.02
N ALA S 779 -16.47 -58.22 -13.85
CA ALA S 779 -17.71 -58.84 -13.39
C ALA S 779 -17.79 -60.30 -13.81
N ASN S 780 -18.66 -61.04 -13.13
CA ASN S 780 -18.91 -62.42 -13.49
C ASN S 780 -19.64 -62.49 -14.83
N PRO S 781 -19.47 -63.58 -15.59
CA PRO S 781 -20.00 -63.62 -16.96
C PRO S 781 -21.51 -63.39 -17.07
N ASP S 782 -22.27 -63.52 -15.99
CA ASP S 782 -23.71 -63.28 -16.04
C ASP S 782 -24.14 -62.05 -15.27
N ALA S 783 -23.24 -61.08 -15.10
CA ALA S 783 -23.55 -59.83 -14.42
C ALA S 783 -23.02 -58.62 -15.17
N VAL S 784 -22.67 -58.76 -16.45
CA VAL S 784 -22.03 -57.68 -17.18
C VAL S 784 -23.02 -56.58 -17.54
N GLN S 785 -24.25 -56.97 -17.88
CA GLN S 785 -25.25 -56.00 -18.33
C GLN S 785 -25.75 -55.13 -17.18
N LEU S 786 -25.99 -55.75 -16.03
CA LEU S 786 -26.42 -55.00 -14.85
C LEU S 786 -25.40 -53.95 -14.45
N ILE S 787 -24.12 -54.35 -14.40
CA ILE S 787 -23.07 -53.42 -14.00
C ILE S 787 -22.92 -52.33 -15.05
N ARG S 788 -23.08 -52.68 -16.33
CA ARG S 788 -23.04 -51.69 -17.40
C ARG S 788 -24.09 -50.60 -17.20
N GLN S 789 -25.33 -51.00 -16.89
CA GLN S 789 -26.38 -50.02 -16.64
C GLN S 789 -26.11 -49.15 -15.40
N VAL S 790 -25.68 -49.78 -14.30
CA VAL S 790 -25.38 -49.01 -13.09
C VAL S 790 -24.29 -47.97 -13.36
N VAL S 791 -23.26 -48.35 -14.11
CA VAL S 791 -22.16 -47.42 -14.36
C VAL S 791 -22.61 -46.28 -15.25
N ALA S 792 -23.41 -46.57 -16.28
CA ALA S 792 -23.93 -45.51 -17.14
C ALA S 792 -24.73 -44.48 -16.36
N GLN S 793 -25.62 -44.95 -15.47
CA GLN S 793 -26.43 -44.01 -14.69
C GLN S 793 -25.56 -43.14 -13.78
N GLU S 794 -24.57 -43.75 -13.11
CA GLU S 794 -23.70 -42.97 -12.22
C GLU S 794 -22.94 -41.89 -12.98
N GLU S 795 -22.45 -42.21 -14.19
CA GLU S 795 -21.72 -41.22 -14.96
C GLU S 795 -22.60 -40.04 -15.37
N ARG S 796 -23.83 -40.32 -15.83
CA ARG S 796 -24.72 -39.21 -16.17
C ARG S 796 -25.03 -38.34 -14.96
N LYS S 797 -25.20 -38.95 -13.79
CA LYS S 797 -25.40 -38.17 -12.56
C LYS S 797 -24.24 -37.21 -12.31
N LEU S 798 -23.00 -37.72 -12.39
CA LEU S 798 -21.85 -36.86 -12.14
C LEU S 798 -21.81 -35.67 -13.11
N MET S 799 -22.04 -35.93 -14.38
CA MET S 799 -22.02 -34.85 -15.37
C MET S 799 -23.08 -33.80 -15.08
N LEU S 800 -24.29 -34.23 -14.71
CA LEU S 800 -25.34 -33.28 -14.40
C LEU S 800 -24.98 -32.41 -13.20
N GLU S 801 -24.39 -33.02 -12.16
CA GLU S 801 -23.97 -32.26 -10.99
C GLU S 801 -22.97 -31.17 -11.35
N ALA S 802 -21.98 -31.50 -12.19
CA ALA S 802 -21.00 -30.49 -12.55
C ALA S 802 -21.62 -29.36 -13.38
N ALA S 803 -22.55 -29.71 -14.29
CA ALA S 803 -23.23 -28.68 -15.06
C ALA S 803 -24.01 -27.73 -14.16
N ARG S 804 -24.73 -28.27 -13.17
CA ARG S 804 -25.50 -27.43 -12.28
C ARG S 804 -24.61 -26.52 -11.44
N LYS S 805 -23.49 -27.05 -10.95
CA LYS S 805 -22.57 -26.20 -10.19
C LYS S 805 -22.03 -25.07 -11.05
N GLN S 806 -21.76 -25.35 -12.33
CA GLN S 806 -21.24 -24.30 -13.20
C GLN S 806 -22.29 -23.25 -13.51
N LEU S 807 -23.54 -23.65 -13.71
CA LEU S 807 -24.56 -22.70 -14.15
C LEU S 807 -25.02 -21.79 -13.02
N GLY T 506 -31.90 -51.63 -29.25
CA GLY T 506 -31.19 -52.63 -28.47
C GLY T 506 -30.69 -52.11 -27.14
N ALA T 507 -30.39 -50.83 -27.10
CA ALA T 507 -29.92 -50.19 -25.87
C ALA T 507 -31.04 -49.35 -25.27
N PRO T 508 -31.34 -49.51 -23.98
CA PRO T 508 -32.37 -48.67 -23.36
C PRO T 508 -31.93 -47.21 -23.24
N LEU T 509 -32.91 -46.36 -22.93
CA LEU T 509 -32.64 -44.95 -22.71
C LEU T 509 -32.19 -44.73 -21.27
N VAL T 510 -31.14 -43.94 -21.09
CA VAL T 510 -30.46 -43.79 -19.80
C VAL T 510 -30.48 -42.33 -19.38
N THR T 511 -31.00 -42.07 -18.19
CA THR T 511 -31.08 -40.73 -17.62
C THR T 511 -30.41 -40.71 -16.26
N GLY T 512 -29.93 -39.53 -15.87
CA GLY T 512 -29.34 -39.40 -14.54
C GLY T 512 -30.40 -39.39 -13.46
N THR T 513 -31.48 -38.65 -13.67
CA THR T 513 -32.62 -38.69 -12.78
C THR T 513 -33.32 -40.04 -12.88
N MET T 514 -33.74 -40.57 -11.74
CA MET T 514 -34.44 -41.85 -11.70
C MET T 514 -35.92 -41.66 -11.97
N VAL T 515 -36.47 -42.54 -12.82
CA VAL T 515 -37.90 -42.57 -13.12
C VAL T 515 -38.44 -43.88 -12.55
N LYS T 516 -39.35 -43.79 -11.60
CA LYS T 516 -39.96 -44.94 -10.96
C LYS T 516 -41.43 -45.04 -11.34
N VAL T 517 -42.15 -45.98 -10.73
CA VAL T 517 -43.52 -46.30 -11.10
C VAL T 517 -44.38 -46.43 -9.85
N ASN T 518 -45.67 -46.17 -10.00
CA ASN T 518 -46.61 -46.14 -8.88
C ASN T 518 -47.48 -47.40 -8.91
N VAL T 519 -47.27 -48.30 -7.95
CA VAL T 519 -47.95 -49.58 -7.90
C VAL T 519 -49.14 -49.47 -6.95
N SER T 520 -50.32 -49.87 -7.42
CA SER T 520 -51.54 -49.73 -6.63
C SER T 520 -51.92 -51.02 -5.91
N MET T 521 -51.89 -52.15 -6.59
CA MET T 521 -52.25 -53.45 -6.05
C MET T 521 -51.09 -54.41 -6.30
N PRO T 522 -51.05 -55.53 -5.58
CA PRO T 522 -49.98 -56.52 -5.81
C PRO T 522 -50.21 -57.38 -7.05
N GLU T 523 -51.29 -57.13 -7.79
CA GLU T 523 -51.57 -57.91 -8.98
C GLU T 523 -51.07 -57.25 -10.26
N VAL T 524 -51.06 -55.92 -10.32
CA VAL T 524 -50.39 -55.22 -11.40
C VAL T 524 -48.94 -54.93 -10.98
N ALA T 525 -48.09 -55.94 -11.12
CA ALA T 525 -46.70 -55.83 -10.74
C ALA T 525 -45.74 -56.37 -11.80
N GLU T 526 -46.21 -57.20 -12.72
CA GLU T 526 -45.39 -57.63 -13.84
C GLU T 526 -45.48 -56.66 -15.00
N ARG T 527 -46.69 -56.17 -15.28
CA ARG T 527 -46.84 -55.12 -16.29
C ARG T 527 -46.11 -53.85 -15.87
N ALA T 528 -45.87 -53.68 -14.57
CA ALA T 528 -45.13 -52.51 -14.10
C ALA T 528 -43.63 -52.75 -14.15
N ALA T 529 -43.19 -53.97 -13.81
CA ALA T 529 -41.78 -54.30 -13.92
C ALA T 529 -41.32 -54.42 -15.36
N ALA T 530 -42.26 -54.53 -16.31
CA ALA T 530 -41.91 -54.61 -17.71
C ALA T 530 -41.83 -53.25 -18.39
N THR T 531 -41.90 -52.15 -17.62
CA THR T 531 -41.86 -50.82 -18.22
C THR T 531 -40.45 -50.24 -18.26
N GLY T 532 -39.51 -50.85 -17.54
CA GLY T 532 -38.18 -50.30 -17.46
C GLY T 532 -37.96 -49.27 -16.37
N ALA T 533 -38.78 -49.31 -15.32
CA ALA T 533 -38.65 -48.35 -14.23
C ALA T 533 -37.44 -48.70 -13.36
N ASP T 534 -37.03 -47.73 -12.54
CA ASP T 534 -35.86 -47.88 -11.68
C ASP T 534 -36.23 -48.34 -10.29
N GLY T 535 -37.50 -48.62 -10.05
CA GLY T 535 -37.96 -49.07 -8.74
C GLY T 535 -39.43 -48.74 -8.59
N VAL T 536 -39.95 -49.03 -7.40
CA VAL T 536 -41.29 -48.65 -7.02
C VAL T 536 -41.21 -47.39 -6.16
N GLY T 537 -42.07 -46.42 -6.44
CA GLY T 537 -42.02 -45.17 -5.72
C GLY T 537 -43.07 -45.08 -4.64
N LEU T 538 -44.16 -45.82 -4.81
CA LEU T 538 -45.24 -45.82 -3.82
C LEU T 538 -46.08 -47.07 -4.02
N LEU T 539 -46.08 -47.95 -3.02
CA LEU T 539 -46.97 -49.10 -2.98
C LEU T 539 -47.95 -48.92 -1.83
N ARG T 540 -49.22 -48.75 -2.16
CA ARG T 540 -50.24 -48.48 -1.15
C ARG T 540 -50.75 -49.77 -0.52
N ALA T 541 -51.23 -49.64 0.71
CA ALA T 541 -51.70 -50.78 1.49
C ALA T 541 -53.21 -50.79 1.68
N GLU T 542 -53.92 -49.78 1.20
CA GLU T 542 -55.37 -49.70 1.38
C GLU T 542 -56.05 -50.97 0.89
N HIS T 543 -55.68 -51.44 -0.30
CA HIS T 543 -56.30 -52.64 -0.86
C HIS T 543 -55.97 -53.87 -0.03
N MET T 544 -54.69 -54.09 0.24
CA MET T 544 -54.25 -55.31 0.92
C MET T 544 -54.82 -55.42 2.32
N ILE T 545 -55.24 -54.31 2.91
CA ILE T 545 -55.80 -54.36 4.26
C ILE T 545 -57.32 -54.38 4.26
N LEU T 546 -57.96 -53.52 3.46
CA LEU T 546 -59.41 -53.45 3.40
C LEU T 546 -60.02 -54.49 2.47
N SER T 547 -59.32 -55.57 2.19
CA SER T 547 -59.82 -56.61 1.30
C SER T 547 -60.48 -57.77 2.05
N ILE T 548 -60.42 -57.78 3.38
CA ILE T 548 -60.92 -58.90 4.16
C ILE T 548 -62.38 -58.69 4.52
N GLY T 549 -63.02 -57.67 3.93
CA GLY T 549 -64.42 -57.39 4.16
C GLY T 549 -64.80 -57.23 5.62
N GLN T 550 -63.93 -56.60 6.42
CA GLN T 550 -64.14 -56.51 7.85
C GLN T 550 -63.33 -55.34 8.40
N HIS T 551 -63.82 -54.73 9.47
CA HIS T 551 -63.09 -53.68 10.15
C HIS T 551 -61.85 -54.28 10.81
N PRO T 552 -60.65 -53.79 10.48
CA PRO T 552 -59.43 -54.39 11.04
C PRO T 552 -59.37 -54.36 12.56
N ILE T 553 -59.81 -53.27 13.19
CA ILE T 553 -59.85 -53.23 14.66
C ILE T 553 -60.80 -54.29 15.18
N LYS T 554 -61.95 -54.45 14.52
CA LYS T 554 -62.86 -55.55 14.85
C LYS T 554 -62.22 -56.90 14.52
N PHE T 555 -61.44 -56.95 13.45
CA PHE T 555 -60.82 -58.21 13.03
C PHE T 555 -59.82 -58.71 14.06
N ILE T 556 -59.17 -57.80 14.79
CA ILE T 556 -58.15 -58.22 15.74
C ILE T 556 -58.71 -58.41 17.15
N LYS T 557 -59.84 -57.76 17.43
CA LYS T 557 -60.48 -57.95 18.72
C LYS T 557 -61.03 -59.35 18.65
N GLU T 558 -61.69 -59.68 17.55
CA GLU T 558 -62.17 -61.05 17.38
C GLU T 558 -60.97 -61.92 17.58
N GLY T 559 -59.83 -61.51 17.04
CA GLY T 559 -58.60 -62.25 17.27
C GLY T 559 -58.04 -63.05 16.13
N LYS T 560 -57.97 -62.48 14.93
CA LYS T 560 -57.33 -63.24 13.86
C LYS T 560 -56.16 -62.42 13.36
N GLU T 561 -55.10 -62.33 14.15
CA GLU T 561 -53.97 -61.48 13.77
C GLU T 561 -53.07 -62.15 12.75
N GLU T 562 -52.74 -63.43 12.94
CA GLU T 562 -51.73 -64.07 12.11
C GLU T 562 -52.19 -64.22 10.67
N GLU T 563 -53.49 -64.40 10.45
CA GLU T 563 -54.01 -64.49 9.10
C GLU T 563 -53.75 -63.21 8.31
N LEU T 564 -54.15 -62.07 8.88
CA LEU T 564 -53.90 -60.78 8.25
C LEU T 564 -52.42 -60.54 8.06
N VAL T 565 -51.61 -60.89 9.07
CA VAL T 565 -50.16 -60.69 8.98
C VAL T 565 -49.59 -61.45 7.79
N GLU T 566 -49.86 -62.75 7.70
CA GLU T 566 -49.26 -63.54 6.64
C GLU T 566 -49.83 -63.18 5.26
N LYS T 567 -51.08 -62.72 5.21
CA LYS T 567 -51.62 -62.25 3.94
C LYS T 567 -50.86 -61.01 3.46
N LEU T 568 -50.68 -60.03 4.34
CA LEU T 568 -49.83 -58.89 4.01
C LEU T 568 -48.44 -59.35 3.57
N ALA T 569 -47.91 -60.36 4.26
CA ALA T 569 -46.57 -60.83 3.96
C ALA T 569 -46.44 -61.32 2.53
N GLU T 570 -47.37 -62.16 2.09
CA GLU T 570 -47.27 -62.65 0.71
C GLU T 570 -47.56 -61.54 -0.28
N GLY T 571 -48.52 -60.66 0.03
CA GLY T 571 -48.78 -59.53 -0.86
C GLY T 571 -47.55 -58.65 -1.08
N ILE T 572 -46.78 -58.42 -0.03
CA ILE T 572 -45.57 -57.61 -0.14
C ILE T 572 -44.44 -58.35 -0.83
N GLU T 573 -44.28 -59.64 -0.53
CA GLU T 573 -43.17 -60.40 -1.11
C GLU T 573 -43.33 -60.55 -2.61
N LYS T 574 -44.57 -60.64 -3.09
CA LYS T 574 -44.80 -60.69 -4.53
C LYS T 574 -44.17 -59.49 -5.23
N VAL T 575 -44.50 -58.29 -4.78
CA VAL T 575 -43.96 -57.07 -5.36
C VAL T 575 -42.46 -56.97 -5.14
N ALA T 576 -41.99 -57.31 -3.95
CA ALA T 576 -40.57 -57.21 -3.66
C ALA T 576 -39.74 -58.12 -4.54
N ALA T 577 -40.29 -59.26 -4.95
CA ALA T 577 -39.54 -60.21 -5.77
C ALA T 577 -39.71 -59.96 -7.26
N ALA T 578 -40.70 -59.16 -7.66
CA ALA T 578 -40.81 -58.79 -9.07
C ALA T 578 -39.74 -57.74 -9.38
N PHE T 579 -39.41 -56.90 -8.41
CA PHE T 579 -38.35 -55.91 -8.61
C PHE T 579 -37.33 -56.04 -7.49
N TYR T 580 -36.51 -57.08 -7.54
CA TYR T 580 -35.51 -57.33 -6.48
C TYR T 580 -34.30 -56.39 -6.48
N PRO T 581 -33.43 -56.50 -7.50
CA PRO T 581 -32.30 -55.57 -7.34
C PRO T 581 -32.77 -54.12 -7.11
N ARG T 582 -33.98 -53.78 -7.50
CA ARG T 582 -34.47 -52.41 -7.39
C ARG T 582 -35.23 -52.13 -6.10
N PRO T 583 -35.13 -50.90 -5.58
CA PRO T 583 -35.83 -50.51 -4.36
C PRO T 583 -37.33 -50.47 -4.52
N VAL T 584 -38.03 -50.70 -3.41
CA VAL T 584 -39.49 -50.59 -3.32
C VAL T 584 -39.83 -49.86 -2.04
N TRP T 585 -40.74 -48.89 -2.12
CA TRP T 585 -41.12 -48.07 -0.98
C TRP T 585 -42.60 -48.29 -0.65
N TYR T 586 -42.88 -48.52 0.62
CA TYR T 586 -44.21 -48.94 1.09
C TYR T 586 -44.72 -47.96 2.14
N ARG T 587 -45.96 -47.50 1.97
CA ARG T 587 -46.55 -46.47 2.81
C ARG T 587 -47.64 -47.07 3.70
N THR T 588 -47.53 -46.86 5.01
CA THR T 588 -48.48 -47.43 5.94
C THR T 588 -49.88 -46.87 5.73
N LEU T 589 -50.86 -47.52 6.37
CA LEU T 589 -52.27 -47.29 6.07
C LEU T 589 -52.66 -45.83 6.25
N ASP T 590 -53.49 -45.33 5.34
CA ASP T 590 -53.93 -43.94 5.38
C ASP T 590 -55.26 -43.84 4.64
N ALA T 591 -56.34 -43.63 5.38
CA ALA T 591 -57.68 -43.48 4.81
C ALA T 591 -58.53 -42.68 5.76
N PRO T 592 -59.49 -41.91 5.27
CA PRO T 592 -60.33 -41.10 6.16
C PRO T 592 -61.23 -41.94 7.03
N THR T 593 -62.04 -41.29 7.89
CA THR T 593 -62.93 -42.02 8.76
C THR T 593 -64.19 -42.49 8.07
N ASN T 594 -64.63 -41.81 7.00
CA ASN T 594 -65.77 -42.26 6.22
C ASN T 594 -65.39 -43.35 5.23
N GLU T 595 -64.25 -43.99 5.42
CA GLU T 595 -63.87 -45.20 4.71
C GLU T 595 -63.96 -46.44 5.58
N PHE T 596 -63.83 -46.27 6.90
CA PHE T 596 -64.02 -47.38 7.83
C PHE T 596 -65.49 -47.55 8.21
N ARG T 597 -66.32 -46.54 7.93
CA ARG T 597 -67.72 -46.61 8.28
C ARG T 597 -68.50 -47.57 7.40
N GLU T 598 -67.99 -47.90 6.22
CA GLU T 598 -68.74 -48.62 5.20
C GLU T 598 -68.36 -50.09 5.14
N MET T 599 -67.81 -50.63 6.21
CA MET T 599 -67.40 -52.01 6.27
C MET T 599 -68.17 -52.76 7.36
N PRO T 600 -68.28 -54.10 7.24
CA PRO T 600 -68.93 -54.82 8.35
C PRO T 600 -68.17 -54.59 9.65
N GLY T 601 -68.82 -53.97 10.62
CA GLY T 601 -68.15 -53.67 11.88
C GLY T 601 -67.97 -52.18 12.03
N GLY T 602 -68.23 -51.44 10.95
CA GLY T 602 -68.10 -50.01 10.99
C GLY T 602 -69.43 -49.37 11.33
N GLU T 603 -69.78 -49.40 12.62
CA GLU T 603 -71.05 -48.82 13.05
C GLU T 603 -70.76 -47.73 14.06
N ASP T 604 -69.64 -47.84 14.75
CA ASP T 604 -69.25 -46.82 15.70
C ASP T 604 -68.41 -45.81 14.95
N GLU T 605 -68.96 -44.65 14.64
CA GLU T 605 -68.21 -43.65 13.88
C GLU T 605 -68.53 -42.22 14.36
N PRO T 606 -67.77 -41.23 13.86
CA PRO T 606 -67.98 -39.87 14.36
C PRO T 606 -68.77 -38.98 13.42
N GLU T 607 -68.93 -39.39 12.16
CA GLU T 607 -69.59 -38.52 11.19
C GLU T 607 -69.10 -37.09 11.33
N GLU T 608 -67.79 -36.89 11.18
CA GLU T 608 -67.21 -35.56 11.35
C GLU T 608 -67.65 -34.57 10.28
N ARG T 609 -67.39 -33.29 10.52
CA ARG T 609 -67.76 -32.28 9.53
C ARG T 609 -66.60 -31.98 8.58
N ASN T 610 -65.39 -32.38 8.95
CA ASN T 610 -64.23 -32.19 8.07
C ASN T 610 -63.26 -33.37 8.12
N PRO T 611 -63.53 -34.45 7.36
CA PRO T 611 -62.67 -35.63 7.46
C PRO T 611 -61.29 -35.42 6.85
N MET T 612 -61.04 -34.32 6.15
CA MET T 612 -59.72 -34.04 5.62
C MET T 612 -58.76 -33.52 6.68
N LEU T 613 -59.28 -32.85 7.71
CA LEU T 613 -58.48 -32.30 8.79
C LEU T 613 -58.72 -33.07 10.09
N GLY T 614 -58.96 -34.37 9.98
CA GLY T 614 -59.37 -35.13 11.14
C GLY T 614 -58.42 -36.23 11.57
N TRP T 615 -59.00 -37.33 12.07
CA TRP T 615 -58.27 -38.42 12.70
C TRP T 615 -57.93 -39.45 11.62
N ARG T 616 -56.72 -39.35 11.08
CA ARG T 616 -56.30 -40.24 10.01
C ARG T 616 -54.78 -40.29 9.99
N GLY T 617 -54.25 -41.18 9.16
CA GLY T 617 -52.82 -41.26 8.99
C GLY T 617 -52.10 -41.73 10.25
N ILE T 618 -50.86 -41.25 10.39
CA ILE T 618 -50.03 -41.70 11.51
C ILE T 618 -50.58 -41.25 12.86
N ARG T 619 -51.44 -40.23 12.91
CA ARG T 619 -52.10 -39.88 14.17
C ARG T 619 -52.94 -41.06 14.67
N ARG T 620 -53.95 -41.44 13.89
CA ARG T 620 -54.74 -42.62 14.22
C ARG T 620 -53.85 -43.83 14.42
N GLY T 621 -52.80 -43.97 13.61
CA GLY T 621 -51.93 -45.11 13.74
C GLY T 621 -51.26 -45.20 15.10
N LEU T 622 -50.78 -44.07 15.61
CA LEU T 622 -50.13 -44.05 16.91
C LEU T 622 -51.14 -44.12 18.05
N ASP T 623 -52.40 -43.77 17.80
CA ASP T 623 -53.41 -43.95 18.84
C ASP T 623 -53.69 -45.43 19.10
N GLN T 624 -53.74 -46.24 18.03
CA GLN T 624 -54.03 -47.68 18.13
C GLN T 624 -52.83 -48.44 17.58
N PRO T 625 -51.82 -48.69 18.42
CA PRO T 625 -50.55 -49.22 17.91
C PRO T 625 -50.60 -50.64 17.37
N GLU T 626 -51.77 -51.27 17.36
CA GLU T 626 -51.84 -52.66 16.91
C GLU T 626 -51.70 -52.77 15.40
N LEU T 627 -52.24 -51.81 14.66
CA LEU T 627 -52.07 -51.80 13.21
C LEU T 627 -50.60 -51.67 12.84
N LEU T 628 -49.90 -50.75 13.51
CA LEU T 628 -48.46 -50.61 13.30
C LEU T 628 -47.72 -51.88 13.66
N ARG T 629 -48.09 -52.51 14.77
CA ARG T 629 -47.47 -53.77 15.18
C ARG T 629 -47.59 -54.82 14.09
N ALA T 630 -48.80 -54.99 13.55
CA ALA T 630 -49.04 -56.02 12.55
C ALA T 630 -48.28 -55.73 11.26
N GLU T 631 -48.31 -54.48 10.81
CA GLU T 631 -47.62 -54.14 9.57
C GLU T 631 -46.11 -54.32 9.71
N PHE T 632 -45.54 -53.90 10.83
CA PHE T 632 -44.10 -54.09 11.02
C PHE T 632 -43.75 -55.56 11.15
N LYS T 633 -44.64 -56.37 11.74
CA LYS T 633 -44.43 -57.80 11.79
C LYS T 633 -44.35 -58.40 10.39
N ALA T 634 -45.32 -58.07 9.53
CA ALA T 634 -45.30 -58.60 8.18
C ALA T 634 -44.07 -58.13 7.40
N ILE T 635 -43.67 -56.87 7.59
CA ILE T 635 -42.51 -56.36 6.87
C ILE T 635 -41.26 -57.12 7.30
N LYS T 636 -41.04 -57.29 8.60
CA LYS T 636 -39.90 -58.07 9.05
C LYS T 636 -39.98 -59.51 8.55
N LYS T 637 -41.20 -60.05 8.45
CA LYS T 637 -41.40 -61.40 7.97
C LYS T 637 -40.86 -61.57 6.55
N VAL T 638 -41.26 -60.67 5.64
CA VAL T 638 -40.73 -60.76 4.29
C VAL T 638 -39.29 -60.31 4.20
N VAL T 639 -38.79 -59.55 5.19
CA VAL T 639 -37.39 -59.17 5.14
C VAL T 639 -36.49 -60.35 5.44
N GLU T 640 -36.84 -61.18 6.42
CA GLU T 640 -35.93 -62.25 6.84
C GLU T 640 -35.79 -63.35 5.79
N LYS T 641 -36.64 -63.36 4.75
CA LYS T 641 -36.42 -64.27 3.64
C LYS T 641 -35.24 -63.87 2.77
N GLY T 642 -34.76 -62.64 2.91
CA GLY T 642 -33.55 -62.21 2.21
C GLY T 642 -33.73 -61.03 1.28
N TYR T 643 -34.84 -60.30 1.41
CA TYR T 643 -35.12 -59.14 0.58
C TYR T 643 -34.64 -57.89 1.32
N ASN T 644 -33.52 -57.33 0.86
CA ASN T 644 -32.94 -56.16 1.50
C ASN T 644 -33.14 -54.88 0.69
N ASN T 645 -34.31 -54.71 0.08
CA ASN T 645 -34.57 -53.57 -0.78
C ASN T 645 -35.89 -52.91 -0.45
N ILE T 646 -36.34 -53.03 0.79
CA ILE T 646 -37.61 -52.47 1.23
C ILE T 646 -37.33 -51.25 2.11
N GLY T 647 -38.30 -50.33 2.14
CA GLY T 647 -38.23 -49.18 3.00
C GLY T 647 -39.62 -48.76 3.40
N VAL T 648 -39.70 -48.07 4.54
CA VAL T 648 -40.97 -47.70 5.16
C VAL T 648 -41.18 -46.20 5.06
N MET T 649 -42.43 -45.81 4.81
CA MET T 649 -42.81 -44.41 4.59
C MET T 649 -44.00 -44.07 5.49
N LEU T 650 -43.85 -43.03 6.31
CA LEU T 650 -44.89 -42.60 7.25
C LEU T 650 -45.69 -41.45 6.65
N PRO T 651 -47.02 -41.51 6.66
CA PRO T 651 -47.83 -40.43 6.10
C PRO T 651 -48.29 -39.41 7.15
N LEU T 652 -48.37 -38.16 6.70
CA LEU T 652 -48.97 -37.05 7.46
C LEU T 652 -48.25 -36.81 8.79
N VAL T 653 -46.99 -36.41 8.69
CA VAL T 653 -46.15 -36.12 9.84
C VAL T 653 -46.03 -34.60 9.99
N SER T 654 -46.19 -34.11 11.23
CA SER T 654 -45.98 -32.70 11.49
C SER T 654 -45.28 -32.38 12.81
N HIS T 655 -44.88 -33.39 13.59
CA HIS T 655 -44.10 -33.19 14.81
C HIS T 655 -43.03 -34.28 14.85
N PRO T 656 -41.84 -33.98 15.37
CA PRO T 656 -40.82 -35.03 15.50
C PRO T 656 -41.18 -36.12 16.50
N GLU T 657 -42.04 -35.81 17.48
CA GLU T 657 -42.46 -36.82 18.43
C GLU T 657 -43.12 -38.00 17.74
N GLN T 658 -43.84 -37.74 16.65
CA GLN T 658 -44.44 -38.84 15.90
C GLN T 658 -43.38 -39.77 15.33
N ILE T 659 -42.30 -39.20 14.79
CA ILE T 659 -41.22 -40.02 14.25
C ILE T 659 -40.57 -40.85 15.34
N ARG T 660 -40.32 -40.25 16.51
CA ARG T 660 -39.66 -41.01 17.56
C ARG T 660 -40.55 -42.11 18.13
N GLU T 661 -41.85 -41.84 18.29
CA GLU T 661 -42.75 -42.87 18.80
C GLU T 661 -42.89 -44.01 17.80
N ALA T 662 -42.92 -43.69 16.50
CA ALA T 662 -42.97 -44.75 15.50
C ALA T 662 -41.70 -45.60 15.53
N LYS T 663 -40.53 -44.95 15.69
CA LYS T 663 -39.30 -45.71 15.76
C LYS T 663 -39.29 -46.65 16.96
N ARG T 664 -39.82 -46.19 18.10
CA ARG T 664 -39.87 -47.04 19.29
C ARG T 664 -40.84 -48.21 19.08
N ILE T 665 -42.04 -47.92 18.58
CA ILE T 665 -43.01 -48.98 18.32
C ILE T 665 -42.43 -50.04 17.41
N ALA T 666 -41.67 -49.60 16.39
CA ALA T 666 -41.10 -50.56 15.46
C ALA T 666 -39.97 -51.36 16.11
N ARG T 667 -39.18 -50.70 16.96
CA ARG T 667 -38.06 -51.41 17.58
C ARG T 667 -38.50 -52.38 18.65
N GLU T 668 -39.71 -52.24 19.19
CA GLU T 668 -40.12 -53.21 20.21
C GLU T 668 -40.38 -54.60 19.63
N VAL T 669 -40.83 -54.70 18.38
CA VAL T 669 -41.21 -56.00 17.82
C VAL T 669 -40.15 -56.62 16.92
N GLY T 670 -38.91 -56.15 16.99
CA GLY T 670 -37.80 -56.79 16.32
C GLY T 670 -37.24 -56.07 15.13
N LEU T 671 -38.04 -55.30 14.41
CA LEU T 671 -37.56 -54.58 13.23
C LEU T 671 -36.59 -53.48 13.64
N GLU T 672 -35.59 -53.25 12.81
CA GLU T 672 -34.52 -52.29 13.11
C GLU T 672 -34.36 -51.27 12.01
N PRO T 673 -34.69 -50.00 12.26
CA PRO T 673 -34.49 -48.97 11.24
C PRO T 673 -33.04 -48.82 10.83
N HIS T 674 -32.82 -48.41 9.59
CA HIS T 674 -31.53 -48.06 9.00
C HIS T 674 -30.57 -49.24 8.90
N LYS T 675 -30.97 -50.43 9.34
CA LYS T 675 -30.16 -51.64 9.20
C LYS T 675 -30.92 -52.81 8.62
N ASP T 676 -32.25 -52.82 8.69
CA ASP T 676 -33.08 -53.79 8.00
C ASP T 676 -33.91 -53.19 6.89
N VAL T 677 -34.27 -51.90 7.01
CA VAL T 677 -35.10 -51.21 6.04
C VAL T 677 -34.60 -49.78 5.92
N ALA T 678 -35.29 -49.01 5.09
CA ALA T 678 -35.07 -47.57 5.01
C ALA T 678 -36.20 -46.83 5.72
N TRP T 679 -35.87 -45.68 6.28
CA TRP T 679 -36.81 -44.89 7.06
C TRP T 679 -36.99 -43.53 6.39
N GLY T 680 -38.23 -43.20 6.03
CA GLY T 680 -38.53 -41.94 5.36
C GLY T 680 -39.92 -41.47 5.71
N VAL T 681 -40.27 -40.28 5.22
CA VAL T 681 -41.53 -39.63 5.57
C VAL T 681 -42.17 -39.03 4.31
N MET T 682 -43.41 -38.59 4.48
CA MET T 682 -44.16 -37.88 3.45
C MET T 682 -44.34 -36.41 3.84
N ILE T 683 -44.31 -35.53 2.84
CA ILE T 683 -44.45 -34.10 3.06
C ILE T 683 -45.77 -33.67 2.43
N GLU T 684 -46.79 -33.46 3.26
CA GLU T 684 -48.10 -33.04 2.78
C GLU T 684 -48.70 -31.87 3.54
N VAL T 685 -48.29 -31.60 4.78
CA VAL T 685 -48.78 -30.43 5.50
C VAL T 685 -47.75 -29.32 5.35
N PRO T 686 -48.18 -28.06 5.22
CA PRO T 686 -47.20 -26.97 5.10
C PRO T 686 -46.25 -26.86 6.27
N ALA T 687 -46.68 -27.23 7.48
CA ALA T 687 -45.80 -27.19 8.64
C ALA T 687 -44.57 -28.06 8.43
N ALA T 688 -44.76 -29.26 7.90
CA ALA T 688 -43.62 -30.16 7.68
C ALA T 688 -42.65 -29.58 6.67
N ALA T 689 -43.17 -28.89 5.66
CA ALA T 689 -42.31 -28.24 4.68
C ALA T 689 -41.59 -27.02 5.24
N ILE T 690 -42.09 -26.41 6.31
CA ILE T 690 -41.47 -25.20 6.83
C ILE T 690 -40.42 -25.48 7.93
N ILE T 691 -40.53 -26.59 8.65
CA ILE T 691 -39.56 -26.92 9.70
C ILE T 691 -38.82 -28.20 9.37
N ILE T 692 -38.53 -28.41 8.08
CA ILE T 692 -38.01 -29.70 7.60
C ILE T 692 -36.72 -30.10 8.31
N GLU T 693 -35.92 -29.13 8.76
CA GLU T 693 -34.64 -29.47 9.37
C GLU T 693 -34.82 -30.19 10.69
N ASP T 694 -35.83 -29.81 11.48
CA ASP T 694 -36.10 -30.52 12.72
C ASP T 694 -36.39 -31.99 12.46
N LEU T 695 -37.19 -32.28 11.43
CA LEU T 695 -37.47 -33.67 11.08
C LEU T 695 -36.22 -34.38 10.59
N ILE T 696 -35.37 -33.70 9.83
CA ILE T 696 -34.16 -34.33 9.34
C ILE T 696 -33.23 -34.70 10.49
N LYS T 697 -33.23 -33.91 11.55
CA LYS T 697 -32.31 -34.19 12.66
C LYS T 697 -32.71 -35.40 13.49
N GLU T 698 -33.76 -36.13 13.13
CA GLU T 698 -34.12 -37.36 13.80
C GLU T 698 -33.70 -38.60 13.02
N GLY T 699 -32.80 -38.44 12.04
CA GLY T 699 -32.29 -39.58 11.30
C GLY T 699 -33.28 -40.22 10.34
N ILE T 700 -33.61 -39.55 9.25
CA ILE T 700 -34.40 -40.18 8.19
C ILE T 700 -33.50 -40.41 6.99
N ASP T 701 -34.01 -41.14 5.99
CA ASP T 701 -33.21 -41.47 4.83
C ASP T 701 -33.75 -40.87 3.53
N PHE T 702 -35.06 -40.70 3.45
CA PHE T 702 -35.66 -40.19 2.22
C PHE T 702 -36.93 -39.41 2.45
N VAL T 703 -37.30 -38.58 1.48
CA VAL T 703 -38.52 -37.77 1.60
C VAL T 703 -39.29 -37.79 0.29
N SER T 704 -40.60 -37.59 0.35
CA SER T 704 -41.43 -37.62 -0.84
C SER T 704 -42.52 -36.57 -0.77
N PHE T 705 -42.74 -35.87 -1.89
CA PHE T 705 -43.73 -34.80 -1.97
C PHE T 705 -45.09 -35.35 -2.40
N GLY T 706 -46.10 -35.15 -1.55
CA GLY T 706 -47.48 -35.38 -1.91
C GLY T 706 -48.18 -34.15 -2.46
N THR T 707 -47.93 -33.78 -3.72
CA THR T 707 -48.34 -32.47 -4.21
C THR T 707 -49.85 -32.27 -4.20
N ASN T 708 -50.62 -33.36 -4.25
CA ASN T 708 -52.08 -33.25 -4.15
C ASN T 708 -52.49 -32.59 -2.83
N ASP T 709 -52.15 -33.26 -1.72
CA ASP T 709 -52.53 -32.76 -0.41
C ASP T 709 -51.86 -31.43 -0.09
N LEU T 710 -50.61 -31.27 -0.51
CA LEU T 710 -49.92 -30.01 -0.24
C LEU T 710 -50.60 -28.84 -0.94
N THR T 711 -50.97 -29.01 -2.21
CA THR T 711 -51.67 -27.94 -2.92
C THR T 711 -53.04 -27.68 -2.30
N GLN T 712 -53.69 -28.71 -1.79
CA GLN T 712 -55.00 -28.47 -1.21
C GLN T 712 -54.92 -27.76 0.14
N TYR T 713 -53.99 -28.15 1.00
CA TYR T 713 -53.87 -27.51 2.30
C TYR T 713 -53.23 -26.14 2.24
N THR T 714 -52.47 -25.83 1.19
CA THR T 714 -51.82 -24.54 1.12
C THR T 714 -52.77 -23.45 0.63
N LEU T 715 -53.66 -23.78 -0.29
CA LEU T 715 -54.60 -22.80 -0.85
C LEU T 715 -55.94 -22.80 -0.14
N ALA T 716 -56.12 -23.64 0.88
CA ALA T 716 -57.36 -23.74 1.63
C ALA T 716 -58.55 -23.96 0.70
N ILE T 717 -58.51 -25.08 0.00
CA ILE T 717 -59.44 -25.35 -1.10
C ILE T 717 -59.64 -26.85 -1.22
N ASP T 718 -60.89 -27.27 -1.38
CA ASP T 718 -61.21 -28.66 -1.68
C ASP T 718 -61.41 -28.80 -3.19
N ARG T 719 -60.84 -29.87 -3.74
CA ARG T 719 -60.85 -30.05 -5.19
C ARG T 719 -62.13 -30.73 -5.66
N ASP T 720 -62.75 -31.56 -4.82
CA ASP T 720 -63.99 -32.22 -5.18
C ASP T 720 -65.18 -31.27 -5.23
N ASN T 721 -65.08 -30.10 -4.59
CA ASN T 721 -66.17 -29.14 -4.60
C ASN T 721 -66.23 -28.43 -5.94
N GLU T 722 -67.41 -28.44 -6.55
CA GLU T 722 -67.59 -27.93 -7.91
C GLU T 722 -67.36 -26.43 -7.99
N ARG T 723 -67.68 -25.71 -6.92
CA ARG T 723 -67.71 -24.25 -6.99
C ARG T 723 -66.33 -23.62 -6.83
N VAL T 724 -65.38 -24.30 -6.19
CA VAL T 724 -64.06 -23.73 -5.97
C VAL T 724 -62.93 -24.57 -6.57
N ALA T 725 -63.25 -25.57 -7.39
CA ALA T 725 -62.20 -26.35 -8.05
C ALA T 725 -61.59 -25.63 -9.24
N LYS T 726 -62.11 -24.46 -9.60
CA LYS T 726 -61.52 -23.67 -10.68
C LYS T 726 -60.26 -22.95 -10.24
N LEU T 727 -59.90 -22.98 -8.97
CA LEU T 727 -58.70 -22.31 -8.49
C LEU T 727 -57.53 -23.26 -8.26
N TYR T 728 -57.78 -24.57 -8.31
CA TYR T 728 -56.73 -25.56 -8.10
C TYR T 728 -55.64 -25.42 -9.16
N ASP T 729 -54.38 -25.50 -8.71
CA ASP T 729 -53.23 -25.39 -9.59
C ASP T 729 -51.97 -25.87 -8.87
N GLU T 730 -51.26 -26.83 -9.44
CA GLU T 730 -50.10 -27.42 -8.79
C GLU T 730 -48.80 -26.73 -9.15
N THR T 731 -48.82 -25.74 -10.03
CA THR T 731 -47.67 -24.89 -10.30
C THR T 731 -47.88 -23.47 -9.80
N HIS T 732 -48.59 -23.34 -8.69
CA HIS T 732 -48.76 -22.04 -8.04
C HIS T 732 -47.46 -21.63 -7.35
N PRO T 733 -47.10 -20.34 -7.39
CA PRO T 733 -45.80 -19.90 -6.85
C PRO T 733 -45.50 -20.34 -5.42
N ALA T 734 -46.51 -20.46 -4.56
CA ALA T 734 -46.23 -20.76 -3.15
C ALA T 734 -45.75 -22.19 -2.99
N VAL T 735 -46.41 -23.14 -3.66
CA VAL T 735 -46.00 -24.54 -3.62
C VAL T 735 -44.57 -24.68 -4.14
N LEU T 736 -44.23 -23.92 -5.18
CA LEU T 736 -42.89 -24.02 -5.76
C LEU T 736 -41.84 -23.45 -4.81
N LYS T 737 -42.14 -22.35 -4.12
CA LYS T 737 -41.24 -21.86 -3.08
C LYS T 737 -41.00 -22.92 -2.01
N LEU T 738 -42.06 -23.58 -1.56
CA LEU T 738 -41.90 -24.60 -0.52
C LEU T 738 -41.04 -25.76 -0.99
N ILE T 739 -41.29 -26.24 -2.22
CA ILE T 739 -40.53 -27.35 -2.78
C ILE T 739 -39.06 -26.98 -2.91
N LYS T 740 -38.78 -25.77 -3.39
CA LYS T 740 -37.39 -25.34 -3.55
C LYS T 740 -36.67 -25.30 -2.22
N HIS T 741 -37.33 -24.77 -1.18
CA HIS T 741 -36.70 -24.73 0.14
C HIS T 741 -36.36 -26.13 0.64
N VAL T 742 -37.33 -27.05 0.56
CA VAL T 742 -37.10 -28.41 1.05
C VAL T 742 -35.92 -29.05 0.31
N ILE T 743 -35.94 -28.99 -1.02
CA ILE T 743 -34.89 -29.62 -1.82
C ILE T 743 -33.53 -29.07 -1.42
N LYS T 744 -33.41 -27.75 -1.31
CA LYS T 744 -32.17 -27.13 -0.88
C LYS T 744 -31.66 -27.75 0.42
N VAL T 745 -32.53 -27.83 1.42
CA VAL T 745 -32.05 -28.23 2.75
C VAL T 745 -31.60 -29.70 2.76
N CYS T 746 -32.41 -30.61 2.20
CA CYS T 746 -31.99 -32.00 2.31
C CYS T 746 -30.87 -32.33 1.35
N LYS T 747 -30.74 -31.60 0.24
CA LYS T 747 -29.51 -31.65 -0.53
C LYS T 747 -28.31 -31.33 0.36
N ARG T 748 -28.40 -30.24 1.12
CA ARG T 748 -27.32 -29.89 2.05
C ARG T 748 -27.03 -31.00 3.06
N TYR T 749 -28.04 -31.73 3.52
CA TYR T 749 -27.82 -32.74 4.56
C TYR T 749 -27.59 -34.16 4.02
N GLY T 750 -27.60 -34.37 2.71
CA GLY T 750 -27.34 -35.70 2.19
C GLY T 750 -28.51 -36.64 2.16
N VAL T 751 -29.73 -36.12 2.03
CA VAL T 751 -30.95 -36.93 2.00
C VAL T 751 -31.48 -36.95 0.58
N GLU T 752 -32.17 -38.03 0.23
CA GLU T 752 -32.72 -38.22 -1.10
C GLU T 752 -34.15 -37.71 -1.19
N THR T 753 -34.48 -37.06 -2.31
CA THR T 753 -35.79 -36.47 -2.53
C THR T 753 -36.52 -37.16 -3.69
N SER T 754 -37.85 -37.13 -3.66
CA SER T 754 -38.65 -37.74 -4.70
C SER T 754 -40.02 -37.07 -4.71
N ILE T 755 -40.84 -37.42 -5.69
CA ILE T 755 -42.20 -36.92 -5.79
C ILE T 755 -43.12 -37.98 -6.38
N CYS T 756 -44.21 -38.25 -5.68
CA CYS T 756 -45.29 -39.10 -6.17
C CYS T 756 -46.54 -38.23 -6.39
N GLY T 757 -47.58 -38.83 -6.93
CA GLY T 757 -48.84 -38.12 -7.12
C GLY T 757 -49.25 -38.11 -8.58
N GLN T 758 -50.19 -37.21 -8.87
CA GLN T 758 -50.66 -37.03 -10.24
C GLN T 758 -49.82 -36.04 -11.02
N ALA T 759 -49.06 -35.18 -10.34
CA ALA T 759 -48.16 -34.25 -11.01
C ALA T 759 -46.80 -34.86 -11.29
N GLY T 760 -46.58 -36.12 -10.91
CA GLY T 760 -45.44 -36.85 -11.40
C GLY T 760 -45.57 -37.29 -12.83
N SER T 761 -46.79 -37.27 -13.37
CA SER T 761 -47.07 -37.64 -14.75
C SER T 761 -47.40 -36.44 -15.62
N ASP T 762 -46.74 -35.32 -15.39
CA ASP T 762 -46.96 -34.09 -16.15
C ASP T 762 -45.63 -33.60 -16.73
N PRO T 763 -45.55 -33.36 -18.04
CA PRO T 763 -44.27 -32.90 -18.62
C PRO T 763 -43.78 -31.55 -18.12
N LYS T 764 -44.68 -30.60 -17.88
CA LYS T 764 -44.25 -29.27 -17.45
C LYS T 764 -43.67 -29.31 -16.04
N MET T 765 -44.34 -30.02 -15.13
CA MET T 765 -43.80 -30.19 -13.78
C MET T 765 -42.48 -30.95 -13.83
N ALA T 766 -42.36 -31.95 -14.70
CA ALA T 766 -41.12 -32.68 -14.83
C ALA T 766 -39.98 -31.76 -15.21
N ARG T 767 -40.22 -30.84 -16.15
CA ARG T 767 -39.17 -29.91 -16.54
C ARG T 767 -38.78 -28.97 -15.39
N ILE T 768 -39.79 -28.42 -14.69
CA ILE T 768 -39.50 -27.56 -13.53
C ILE T 768 -38.64 -28.31 -12.51
N LEU T 769 -39.02 -29.56 -12.21
CA LEU T 769 -38.37 -30.29 -11.14
C LEU T 769 -36.98 -30.74 -11.52
N VAL T 770 -36.75 -31.07 -12.79
CA VAL T 770 -35.40 -31.42 -13.22
C VAL T 770 -34.50 -30.19 -13.21
N ARG T 771 -35.04 -29.01 -13.55
CA ARG T 771 -34.22 -27.81 -13.46
C ARG T 771 -33.90 -27.44 -12.02
N LEU T 772 -34.78 -27.79 -11.07
CA LEU T 772 -34.44 -27.50 -9.67
C LEU T 772 -33.45 -28.51 -9.09
N GLY T 773 -33.54 -29.78 -9.47
CA GLY T 773 -32.55 -30.74 -9.00
C GLY T 773 -33.08 -31.88 -8.16
N ILE T 774 -34.30 -32.34 -8.44
CA ILE T 774 -34.84 -33.48 -7.71
C ILE T 774 -34.11 -34.76 -8.11
N ASP T 775 -34.16 -35.75 -7.22
CA ASP T 775 -33.42 -36.99 -7.43
C ASP T 775 -34.24 -38.06 -8.15
N SER T 776 -35.57 -38.04 -8.04
CA SER T 776 -36.39 -39.07 -8.67
C SER T 776 -37.78 -38.51 -8.98
N ILE T 777 -38.48 -39.21 -9.88
CA ILE T 777 -39.86 -38.92 -10.24
C ILE T 777 -40.61 -40.25 -10.34
N SER T 778 -41.86 -40.26 -9.89
CA SER T 778 -42.68 -41.46 -9.83
C SER T 778 -43.92 -41.27 -10.71
N ALA T 779 -44.07 -42.11 -11.72
CA ALA T 779 -45.10 -41.94 -12.75
C ALA T 779 -46.09 -43.09 -12.73
N ASN T 780 -47.25 -42.85 -13.34
CA ASN T 780 -48.25 -43.89 -13.49
C ASN T 780 -47.76 -44.95 -14.47
N PRO T 781 -48.22 -46.20 -14.34
CA PRO T 781 -47.65 -47.29 -15.14
C PRO T 781 -47.73 -47.08 -16.66
N ASP T 782 -48.58 -46.18 -17.14
CA ASP T 782 -48.68 -45.92 -18.58
C ASP T 782 -48.17 -44.56 -18.98
N ALA T 783 -47.27 -43.97 -18.19
CA ALA T 783 -46.67 -42.69 -18.50
C ALA T 783 -45.16 -42.68 -18.31
N VAL T 784 -44.53 -43.85 -18.22
CA VAL T 784 -43.11 -43.91 -17.89
C VAL T 784 -42.24 -43.48 -19.07
N GLN T 785 -42.66 -43.84 -20.29
CA GLN T 785 -41.85 -43.56 -21.47
C GLN T 785 -41.85 -42.08 -21.82
N LEU T 786 -43.02 -41.44 -21.72
CA LEU T 786 -43.12 -40.01 -21.98
C LEU T 786 -42.25 -39.21 -21.03
N ILE T 787 -42.32 -39.53 -19.73
CA ILE T 787 -41.53 -38.81 -18.74
C ILE T 787 -40.05 -39.07 -18.96
N ARG T 788 -39.70 -40.31 -19.35
CA ARG T 788 -38.32 -40.63 -19.66
C ARG T 788 -37.76 -39.74 -20.77
N GLN T 789 -38.52 -39.57 -21.85
CA GLN T 789 -38.09 -38.70 -22.94
C GLN T 789 -37.98 -37.23 -22.52
N VAL T 790 -38.98 -36.72 -21.78
CA VAL T 790 -38.92 -35.33 -21.33
C VAL T 790 -37.68 -35.09 -20.46
N VAL T 791 -37.36 -36.03 -19.57
CA VAL T 791 -36.22 -35.85 -18.68
C VAL T 791 -34.92 -35.89 -19.45
N ALA T 792 -34.79 -36.81 -20.42
CA ALA T 792 -33.59 -36.86 -21.24
C ALA T 792 -33.33 -35.55 -21.97
N GLN T 793 -34.38 -34.99 -22.58
CA GLN T 793 -34.21 -33.73 -23.31
C GLN T 793 -33.78 -32.59 -22.38
N GLU T 794 -34.41 -32.49 -21.21
CA GLU T 794 -34.05 -31.42 -20.26
C GLU T 794 -32.60 -31.53 -19.83
N GLU T 795 -32.11 -32.76 -19.57
CA GLU T 795 -30.72 -32.92 -19.16
C GLU T 795 -29.74 -32.50 -20.25
N ARG T 796 -30.01 -32.89 -21.50
CA ARG T 796 -29.11 -32.45 -22.57
C ARG T 796 -29.10 -30.93 -22.72
N LYS T 797 -30.26 -30.29 -22.56
CA LYS T 797 -30.32 -28.83 -22.57
C LYS T 797 -29.40 -28.21 -21.52
N LEU T 798 -29.50 -28.70 -20.28
CA LEU T 798 -28.67 -28.15 -19.21
C LEU T 798 -27.18 -28.27 -19.54
N MET T 799 -26.77 -29.45 -19.99
CA MET T 799 -25.36 -29.66 -20.32
C MET T 799 -24.89 -28.71 -21.43
N LEU T 800 -25.71 -28.51 -22.46
CA LEU T 800 -25.33 -27.60 -23.54
C LEU T 800 -25.17 -26.17 -23.02
N GLU T 801 -26.08 -25.73 -22.15
CA GLU T 801 -25.98 -24.39 -21.59
C GLU T 801 -24.68 -24.19 -20.83
N ALA T 802 -24.28 -25.17 -20.02
CA ALA T 802 -23.04 -25.01 -19.27
C ALA T 802 -21.83 -25.00 -20.19
N ALA T 803 -21.84 -25.83 -21.24
CA ALA T 803 -20.74 -25.81 -22.20
C ALA T 803 -20.61 -24.45 -22.88
N ARG T 804 -21.73 -23.86 -23.29
CA ARG T 804 -21.69 -22.56 -23.96
C ARG T 804 -21.19 -21.48 -23.02
N LYS T 805 -21.63 -21.49 -21.76
CA LYS T 805 -21.13 -20.50 -20.82
C LYS T 805 -19.63 -20.64 -20.62
N GLN T 806 -19.12 -21.87 -20.60
CA GLN T 806 -17.69 -22.06 -20.41
C GLN T 806 -16.90 -21.60 -21.63
N LEU T 807 -17.40 -21.86 -22.83
CA LEU T 807 -16.61 -21.57 -24.03
C LEU T 807 -16.57 -20.08 -24.35
N GLY U 506 33.15 50.78 29.33
CA GLY U 506 34.41 50.46 28.69
C GLY U 506 34.24 49.72 27.38
N ALA U 507 33.17 48.95 27.29
CA ALA U 507 32.87 48.21 26.07
C ALA U 507 31.74 48.88 25.31
N PRO U 508 31.88 49.14 24.03
CA PRO U 508 30.78 49.74 23.25
C PRO U 508 29.61 48.78 23.09
N LEU U 509 28.49 49.34 22.64
CA LEU U 509 27.31 48.54 22.36
C LEU U 509 27.40 47.96 20.95
N VAL U 510 27.08 46.67 20.82
CA VAL U 510 27.31 45.91 19.59
C VAL U 510 26.00 45.35 19.08
N THR U 511 25.68 45.66 17.83
CA THR U 511 24.45 45.19 17.18
C THR U 511 24.81 44.48 15.89
N GLY U 512 23.94 43.56 15.47
CA GLY U 512 24.16 42.89 14.20
C GLY U 512 23.86 43.80 13.02
N THR U 513 22.74 44.53 13.09
CA THR U 513 22.45 45.55 12.10
C THR U 513 23.43 46.70 12.22
N MET U 514 23.86 47.23 11.08
CA MET U 514 24.79 48.35 11.05
C MET U 514 24.04 49.66 11.17
N VAL U 515 24.56 50.55 12.01
CA VAL U 515 24.04 51.90 12.19
C VAL U 515 25.10 52.86 11.66
N LYS U 516 24.76 53.61 10.62
CA LYS U 516 25.66 54.58 10.00
C LYS U 516 25.17 56.00 10.25
N VAL U 517 25.83 56.98 9.63
CA VAL U 517 25.58 58.39 9.90
C VAL U 517 25.50 59.15 8.58
N ASN U 518 24.76 60.26 8.59
CA ASN U 518 24.49 61.05 7.39
C ASN U 518 25.32 62.32 7.43
N VAL U 519 26.32 62.41 6.55
CA VAL U 519 27.26 63.52 6.52
C VAL U 519 26.80 64.51 5.45
N SER U 520 26.69 65.79 5.84
CA SER U 520 26.18 66.81 4.93
C SER U 520 27.29 67.61 4.25
N MET U 521 28.29 68.05 5.01
CA MET U 521 29.40 68.83 4.52
C MET U 521 30.70 68.15 4.93
N PRO U 522 31.82 68.48 4.29
CA PRO U 522 33.10 67.88 4.68
C PRO U 522 33.71 68.50 5.94
N GLU U 523 33.01 69.44 6.56
CA GLU U 523 33.51 70.07 7.77
C GLU U 523 32.96 69.44 9.04
N VAL U 524 31.73 68.93 9.02
CA VAL U 524 31.24 68.11 10.11
C VAL U 524 31.55 66.64 9.81
N ALA U 525 32.79 66.25 10.09
CA ALA U 525 33.24 64.89 9.84
C ALA U 525 33.99 64.28 11.01
N GLU U 526 34.50 65.09 11.94
CA GLU U 526 35.10 64.56 13.15
C GLU U 526 34.06 64.35 14.24
N ARG U 527 33.13 65.30 14.38
CA ARG U 527 32.01 65.10 15.29
C ARG U 527 31.15 63.92 14.86
N ALA U 528 31.20 63.55 13.59
CA ALA U 528 30.44 62.40 13.11
C ALA U 528 31.22 61.12 13.32
N ALA U 529 32.54 61.14 13.10
CA ALA U 529 33.36 59.96 13.35
C ALA U 529 33.51 59.68 14.84
N ALA U 530 33.17 60.65 15.70
CA ALA U 530 33.24 60.44 17.13
C ALA U 530 31.96 59.90 17.73
N THR U 531 30.99 59.50 16.89
CA THR U 531 29.72 59.00 17.41
C THR U 531 29.70 57.48 17.54
N GLY U 532 30.68 56.79 16.95
CA GLY U 532 30.68 55.35 16.96
C GLY U 532 29.91 54.70 15.83
N ALA U 533 29.72 55.41 14.71
CA ALA U 533 29.00 54.85 13.58
C ALA U 533 29.84 53.82 12.85
N ASP U 534 29.18 53.02 12.02
CA ASP U 534 29.83 51.94 11.28
C ASP U 534 30.25 52.37 9.88
N GLY U 535 30.06 53.64 9.54
CA GLY U 535 30.42 54.15 8.24
C GLY U 535 29.58 55.37 7.93
N VAL U 536 29.77 55.89 6.72
CA VAL U 536 28.95 56.96 6.19
C VAL U 536 27.90 56.35 5.27
N GLY U 537 26.66 56.80 5.40
CA GLY U 537 25.59 56.24 4.62
C GLY U 537 25.22 57.10 3.44
N LEU U 538 25.47 58.41 3.55
CA LEU U 538 25.17 59.34 2.48
C LEU U 538 25.99 60.60 2.67
N LEU U 539 26.90 60.87 1.74
CA LEU U 539 27.64 62.12 1.68
C LEU U 539 27.21 62.88 0.44
N ARG U 540 26.55 64.02 0.64
CA ARG U 540 26.02 64.80 -0.47
C ARG U 540 27.07 65.72 -1.07
N ALA U 541 26.89 66.04 -2.34
CA ALA U 541 27.84 66.85 -3.09
C ALA U 541 27.31 68.24 -3.43
N GLU U 542 26.06 68.55 -3.07
CA GLU U 542 25.47 69.84 -3.39
C GLU U 542 26.34 70.98 -2.88
N HIS U 543 26.80 70.89 -1.63
CA HIS U 543 27.63 71.95 -1.06
C HIS U 543 28.96 72.06 -1.78
N MET U 544 29.67 70.93 -1.91
CA MET U 544 31.02 70.96 -2.47
C MET U 544 31.04 71.44 -3.92
N ILE U 545 29.91 71.38 -4.62
CA ILE U 545 29.88 71.83 -6.00
C ILE U 545 29.32 73.24 -6.13
N LEU U 546 28.22 73.55 -5.45
CA LEU U 546 27.61 74.86 -5.53
C LEU U 546 28.26 75.88 -4.60
N SER U 547 29.51 75.65 -4.19
CA SER U 547 30.19 76.57 -3.29
C SER U 547 31.08 77.57 -4.02
N ILE U 548 31.24 77.44 -5.33
CA ILE U 548 32.16 78.28 -6.08
C ILE U 548 31.45 79.53 -6.60
N GLY U 549 30.22 79.76 -6.13
CA GLY U 549 29.46 80.93 -6.51
C GLY U 549 29.30 81.13 -8.00
N GLN U 550 29.12 80.05 -8.75
CA GLN U 550 29.09 80.12 -10.20
C GLN U 550 28.36 78.89 -10.75
N HIS U 551 27.72 79.05 -11.89
CA HIS U 551 27.08 77.93 -12.56
C HIS U 551 28.15 76.97 -13.07
N PRO U 552 28.11 75.70 -12.66
CA PRO U 552 29.18 74.77 -13.07
C PRO U 552 29.31 74.61 -14.58
N ILE U 553 28.20 74.56 -15.31
CA ILE U 553 28.28 74.49 -16.77
C ILE U 553 28.96 75.74 -17.32
N LYS U 554 28.62 76.90 -16.76
CA LYS U 554 29.33 78.13 -17.09
C LYS U 554 30.77 78.07 -16.62
N PHE U 555 31.02 77.44 -15.49
CA PHE U 555 32.37 77.37 -14.94
C PHE U 555 33.30 76.57 -15.84
N ILE U 556 32.77 75.59 -16.56
CA ILE U 556 33.63 74.74 -17.38
C ILE U 556 33.72 75.24 -18.82
N LYS U 557 32.72 76.02 -19.25
CA LYS U 557 32.78 76.61 -20.57
C LYS U 557 33.86 77.66 -20.48
N GLU U 558 33.83 78.45 -19.42
CA GLU U 558 34.89 79.42 -19.20
C GLU U 558 36.17 78.63 -19.25
N GLY U 559 36.16 77.46 -18.63
CA GLY U 559 37.32 76.60 -18.70
C GLY U 559 38.16 76.44 -17.46
N LYS U 560 37.55 76.23 -16.29
CA LYS U 560 38.39 75.99 -15.13
C LYS U 560 38.02 74.63 -14.56
N GLU U 561 38.40 73.57 -15.27
CA GLU U 561 38.01 72.23 -14.84
C GLU U 561 38.86 71.72 -13.70
N GLU U 562 40.19 71.88 -13.78
CA GLU U 562 41.08 71.25 -12.82
C GLU U 562 40.91 71.81 -11.42
N GLU U 563 40.57 73.10 -11.32
CA GLU U 563 40.35 73.70 -10.01
C GLU U 563 39.19 73.02 -9.29
N LEU U 564 38.03 72.94 -9.96
CA LEU U 564 36.88 72.24 -9.39
C LEU U 564 37.20 70.79 -9.09
N VAL U 565 37.91 70.12 -9.99
CA VAL U 565 38.25 68.71 -9.78
C VAL U 565 39.05 68.55 -8.49
N GLU U 566 40.15 69.30 -8.34
CA GLU U 566 41.01 69.11 -7.19
C GLU U 566 40.34 69.58 -5.90
N LYS U 567 39.44 70.56 -5.99
CA LYS U 567 38.69 70.96 -4.80
C LYS U 567 37.78 69.82 -4.33
N LEU U 568 37.02 69.23 -5.26
CA LEU U 568 36.26 68.03 -4.92
C LEU U 568 37.15 66.95 -4.33
N ALA U 569 38.35 66.80 -4.90
CA ALA U 569 39.26 65.75 -4.45
C ALA U 569 39.62 65.91 -2.99
N GLU U 570 40.02 67.12 -2.58
CA GLU U 570 40.38 67.30 -1.18
C GLU U 570 39.15 67.20 -0.28
N GLY U 571 38.01 67.74 -0.73
CA GLY U 571 36.79 67.61 0.05
C GLY U 571 36.42 66.16 0.34
N ILE U 572 36.59 65.28 -0.65
CA ILE U 572 36.27 63.87 -0.48
C ILE U 572 37.32 63.15 0.34
N GLU U 573 38.60 63.47 0.15
CA GLU U 573 39.64 62.76 0.88
C GLU U 573 39.59 63.07 2.36
N LYS U 574 39.17 64.28 2.72
CA LYS U 574 39.00 64.60 4.14
C LYS U 574 38.07 63.60 4.83
N VAL U 575 36.87 63.42 4.26
CA VAL U 575 35.89 62.50 4.82
C VAL U 575 36.38 61.06 4.74
N ALA U 576 36.98 60.69 3.61
CA ALA U 576 37.44 59.32 3.45
C ALA U 576 38.51 58.95 4.46
N ALA U 577 39.33 59.91 4.88
CA ALA U 577 40.40 59.63 5.82
C ALA U 577 39.97 59.79 7.28
N ALA U 578 38.83 60.42 7.53
CA ALA U 578 38.31 60.47 8.90
C ALA U 578 37.71 59.11 9.25
N PHE U 579 37.14 58.42 8.27
CA PHE U 579 36.60 57.08 8.49
C PHE U 579 37.21 56.12 7.49
N TYR U 580 38.47 55.76 7.67
CA TYR U 580 39.17 54.86 6.73
C TYR U 580 38.76 53.40 6.77
N PRO U 581 39.09 52.69 7.87
CA PRO U 581 38.66 51.28 7.76
C PRO U 581 37.18 51.16 7.40
N ARG U 582 36.36 52.18 7.66
CA ARG U 582 34.93 52.10 7.42
C ARG U 582 34.51 52.62 6.05
N PRO U 583 33.45 52.02 5.47
CA PRO U 583 32.94 52.44 4.16
C PRO U 583 32.34 53.83 4.19
N VAL U 584 32.39 54.50 3.03
CA VAL U 584 31.76 55.80 2.80
C VAL U 584 31.07 55.76 1.45
N TRP U 585 29.84 56.24 1.39
CA TRP U 585 29.03 56.21 0.17
C TRP U 585 28.72 57.63 -0.27
N TYR U 586 28.95 57.91 -1.56
CA TYR U 586 28.88 59.25 -2.12
C TYR U 586 27.89 59.30 -3.27
N ARG U 587 26.98 60.28 -3.24
CA ARG U 587 25.89 60.39 -4.20
C ARG U 587 26.12 61.56 -5.14
N THR U 588 26.09 61.30 -6.44
CA THR U 588 26.36 62.34 -7.43
C THR U 588 25.28 63.44 -7.38
N LEU U 589 25.58 64.54 -8.06
CA LEU U 589 24.83 65.78 -7.90
C LEU U 589 23.34 65.57 -8.22
N ASP U 590 22.49 66.21 -7.42
CA ASP U 590 21.05 66.09 -7.58
C ASP U 590 20.40 67.33 -6.97
N ALA U 591 19.86 68.20 -7.83
CA ALA U 591 19.18 69.41 -7.39
C ALA U 591 18.21 69.83 -8.47
N PRO U 592 17.10 70.47 -8.11
CA PRO U 592 16.11 70.87 -9.12
C PRO U 592 16.64 71.98 -10.03
N THR U 593 15.82 72.42 -10.98
CA THR U 593 16.24 73.46 -11.90
C THR U 593 16.14 74.85 -11.29
N ASN U 594 15.25 75.06 -10.31
CA ASN U 594 15.17 76.34 -9.61
C ASN U 594 16.23 76.46 -8.53
N GLU U 595 17.26 75.63 -8.58
CA GLU U 595 18.45 75.79 -7.75
C GLU U 595 19.64 76.29 -8.56
N PHE U 596 19.66 76.02 -9.87
CA PHE U 596 20.70 76.56 -10.73
C PHE U 596 20.34 77.95 -11.23
N ARG U 597 19.08 78.36 -11.10
CA ARG U 597 18.65 79.66 -11.57
C ARG U 597 19.17 80.80 -10.71
N GLU U 598 19.55 80.52 -9.46
CA GLU U 598 19.85 81.55 -8.48
C GLU U 598 21.35 81.76 -8.29
N MET U 599 22.14 81.38 -9.27
CA MET U 599 23.58 81.53 -9.20
C MET U 599 24.08 82.45 -10.31
N PRO U 600 25.27 83.07 -10.13
CA PRO U 600 25.80 83.87 -11.24
C PRO U 600 25.99 83.01 -12.48
N GLY U 601 25.26 83.30 -13.54
CA GLY U 601 25.35 82.50 -14.75
C GLY U 601 24.05 81.76 -14.97
N GLY U 602 23.18 81.79 -13.97
CA GLY U 602 21.90 81.13 -14.09
C GLY U 602 20.86 82.09 -14.59
N GLU U 603 20.86 82.35 -15.90
CA GLU U 603 19.89 83.27 -16.48
C GLU U 603 19.09 82.53 -17.52
N ASP U 604 19.67 81.49 -18.10
CA ASP U 604 18.96 80.69 -19.07
C ASP U 604 18.28 79.58 -18.31
N GLU U 605 16.97 79.67 -18.12
CA GLU U 605 16.25 78.65 -17.36
C GLU U 605 14.86 78.37 -17.95
N PRO U 606 14.18 77.33 -17.46
CA PRO U 606 12.89 76.98 -18.06
C PRO U 606 11.69 77.42 -17.25
N GLU U 607 11.89 77.81 -15.99
CA GLU U 607 10.76 78.15 -15.14
C GLU U 607 9.63 77.14 -15.31
N GLU U 608 9.91 75.87 -15.06
CA GLU U 608 8.91 74.82 -15.26
C GLU U 608 7.75 74.92 -14.30
N ARG U 609 6.68 74.19 -14.58
CA ARG U 609 5.52 74.21 -13.70
C ARG U 609 5.59 73.08 -12.67
N ASN U 610 6.44 72.08 -12.90
CA ASN U 610 6.61 71.00 -11.94
C ASN U 610 8.07 70.55 -11.82
N PRO U 611 8.89 71.25 -11.02
CA PRO U 611 10.31 70.89 -10.97
C PRO U 611 10.58 69.58 -10.25
N MET U 612 9.58 68.98 -9.60
CA MET U 612 9.77 67.68 -8.97
C MET U 612 9.74 66.54 -9.96
N LEU U 613 9.02 66.69 -11.08
CA LEU U 613 8.92 65.68 -12.11
C LEU U 613 9.66 66.11 -13.38
N GLY U 614 10.76 66.83 -13.21
CA GLY U 614 11.42 67.43 -14.36
C GLY U 614 12.83 66.94 -14.63
N TRP U 615 13.67 67.86 -15.11
CA TRP U 615 15.01 67.56 -15.60
C TRP U 615 15.98 67.70 -14.43
N ARG U 616 16.30 66.58 -13.79
CA ARG U 616 17.17 66.59 -12.63
C ARG U 616 17.78 65.21 -12.47
N GLY U 617 18.73 65.10 -11.54
CA GLY U 617 19.31 63.82 -11.24
C GLY U 617 20.13 63.26 -12.39
N ILE U 618 20.17 61.93 -12.46
CA ILE U 618 20.98 61.26 -13.45
C ILE U 618 20.49 61.51 -14.88
N ARG U 619 19.24 61.92 -15.07
CA ARG U 619 18.78 62.32 -16.40
C ARG U 619 19.60 63.51 -16.90
N ARG U 620 19.51 64.64 -16.20
CA ARG U 620 20.34 65.78 -16.52
C ARG U 620 21.81 65.42 -16.56
N GLY U 621 22.25 64.55 -15.66
CA GLY U 621 23.64 64.16 -15.64
C GLY U 621 24.10 63.50 -16.92
N LEU U 622 23.28 62.59 -17.45
CA LEU U 622 23.62 61.91 -18.69
C LEU U 622 23.42 62.79 -19.91
N ASP U 623 22.60 63.84 -19.80
CA ASP U 623 22.49 64.78 -20.91
C ASP U 623 23.77 65.58 -21.10
N GLN U 624 24.40 66.00 -20.00
CA GLN U 624 25.63 66.80 -20.02
C GLN U 624 26.74 66.02 -19.33
N PRO U 625 27.42 65.13 -20.05
CA PRO U 625 28.33 64.18 -19.40
C PRO U 625 29.58 64.80 -18.78
N GLU U 626 29.72 66.12 -18.84
CA GLU U 626 30.94 66.74 -18.32
C GLU U 626 30.95 66.75 -16.79
N LEU U 627 29.79 66.93 -16.16
CA LEU U 627 29.72 66.85 -14.71
C LEU U 627 30.11 65.47 -14.21
N LEU U 628 29.59 64.43 -14.87
CA LEU U 628 29.97 63.06 -14.54
C LEU U 628 31.45 62.84 -14.75
N ARG U 629 32.00 63.35 -15.85
CA ARG U 629 33.43 63.23 -16.12
C ARG U 629 34.25 63.80 -14.99
N ALA U 630 33.91 65.02 -14.55
CA ALA U 630 34.68 65.69 -13.52
C ALA U 630 34.58 64.96 -12.18
N GLU U 631 33.37 64.54 -11.82
CA GLU U 631 33.20 63.85 -10.54
C GLU U 631 33.94 62.52 -10.52
N PHE U 632 33.87 61.76 -11.62
CA PHE U 632 34.60 60.49 -11.67
C PHE U 632 36.09 60.72 -11.67
N LYS U 633 36.56 61.81 -12.28
CA LYS U 633 37.98 62.15 -12.23
C LYS U 633 38.43 62.39 -10.79
N ALA U 634 37.68 63.21 -10.04
CA ALA U 634 38.05 63.48 -8.66
C ALA U 634 38.01 62.22 -7.81
N ILE U 635 37.01 61.36 -8.04
CA ILE U 635 36.91 60.13 -7.25
C ILE U 635 38.10 59.23 -7.49
N LYS U 636 38.47 59.03 -8.78
CA LYS U 636 39.66 58.24 -9.07
C LYS U 636 40.91 58.89 -8.48
N LYS U 637 40.93 60.22 -8.46
CA LYS U 637 42.07 60.95 -7.92
C LYS U 637 42.29 60.60 -6.46
N VAL U 638 41.23 60.69 -5.64
CA VAL U 638 41.39 60.32 -4.24
C VAL U 638 41.50 58.82 -4.05
N VAL U 639 41.09 58.01 -5.04
CA VAL U 639 41.24 56.58 -4.89
C VAL U 639 42.69 56.17 -5.02
N GLU U 640 43.42 56.75 -5.98
CA GLU U 640 44.79 56.29 -6.24
C GLU U 640 45.76 56.65 -5.12
N LYS U 641 45.35 57.49 -4.17
CA LYS U 641 46.18 57.70 -2.99
C LYS U 641 46.16 56.51 -2.04
N GLY U 642 45.22 55.59 -2.21
CA GLY U 642 45.21 54.36 -1.43
C GLY U 642 43.96 54.13 -0.60
N TYR U 643 42.89 54.88 -0.87
CA TYR U 643 41.63 54.75 -0.15
C TYR U 643 40.73 53.79 -0.91
N ASN U 644 40.58 52.57 -0.39
CA ASN U 644 39.78 51.55 -1.04
C ASN U 644 38.46 51.31 -0.34
N ASN U 645 37.80 52.36 0.15
CA ASN U 645 36.58 52.22 0.92
C ASN U 645 35.50 53.18 0.43
N ILE U 646 35.56 53.56 -0.84
CA ILE U 646 34.61 54.49 -1.43
C ILE U 646 33.67 53.71 -2.36
N GLY U 647 32.46 54.26 -2.53
CA GLY U 647 31.50 53.71 -3.45
C GLY U 647 30.63 54.81 -4.00
N VAL U 648 30.07 54.55 -5.18
CA VAL U 648 29.32 55.55 -5.94
C VAL U 648 27.84 55.18 -5.95
N MET U 649 27.00 56.21 -5.84
CA MET U 649 25.55 56.04 -5.75
C MET U 649 24.87 56.95 -6.77
N LEU U 650 24.04 56.38 -7.63
CA LEU U 650 23.34 57.11 -8.69
C LEU U 650 21.92 57.45 -8.25
N PRO U 651 21.49 58.71 -8.37
CA PRO U 651 20.14 59.08 -7.96
C PRO U 651 19.12 59.06 -9.10
N LEU U 652 17.90 58.69 -8.74
CA LEU U 652 16.72 58.78 -9.62
C LEU U 652 16.89 57.94 -10.90
N VAL U 653 16.97 56.63 -10.70
CA VAL U 653 17.13 55.67 -11.79
C VAL U 653 15.78 54.98 -12.02
N SER U 654 15.38 54.86 -13.29
CA SER U 654 14.17 54.12 -13.62
C SER U 654 14.27 53.27 -14.89
N HIS U 655 15.42 53.24 -15.57
CA HIS U 655 15.64 52.36 -16.71
C HIS U 655 17.04 51.79 -16.59
N PRO U 656 17.26 50.54 -17.02
CA PRO U 656 18.62 49.98 -16.99
C PRO U 656 19.58 50.67 -17.95
N GLU U 657 19.07 51.28 -19.02
CA GLU U 657 19.93 51.99 -19.95
C GLU U 657 20.71 53.09 -19.24
N GLN U 658 20.11 53.72 -18.24
CA GLN U 658 20.83 54.75 -17.48
C GLN U 658 22.03 54.15 -16.76
N ILE U 659 21.86 52.97 -16.16
CA ILE U 659 22.97 52.31 -15.46
C ILE U 659 24.08 51.96 -16.45
N ARG U 660 23.72 51.43 -17.62
CA ARG U 660 24.76 51.04 -18.56
C ARG U 660 25.50 52.25 -19.13
N GLU U 661 24.78 53.33 -19.44
CA GLU U 661 25.45 54.52 -19.96
C GLU U 661 26.36 55.15 -18.90
N ALA U 662 25.93 55.14 -17.64
CA ALA U 662 26.80 55.64 -16.58
C ALA U 662 28.06 54.79 -16.44
N LYS U 663 27.91 53.46 -16.53
CA LYS U 663 29.07 52.60 -16.45
C LYS U 663 30.05 52.87 -17.58
N ARG U 664 29.54 53.11 -18.79
CA ARG U 664 30.41 53.41 -19.92
C ARG U 664 31.12 54.76 -19.73
N ILE U 665 30.36 55.79 -19.35
CA ILE U 665 30.95 57.10 -19.14
C ILE U 665 32.06 57.02 -18.10
N ALA U 666 31.85 56.23 -17.05
CA ALA U 666 32.86 56.11 -16.01
C ALA U 666 34.07 55.33 -16.50
N ARG U 667 33.84 54.30 -17.32
CA ARG U 667 34.96 53.50 -17.79
C ARG U 667 35.80 54.20 -18.83
N GLU U 668 35.27 55.23 -19.49
CA GLU U 668 36.11 55.92 -20.48
C GLU U 668 37.24 56.71 -19.84
N VAL U 669 37.06 57.25 -18.62
CA VAL U 669 38.06 58.12 -18.03
C VAL U 669 38.94 57.43 -17.00
N GLY U 670 38.97 56.11 -16.99
CA GLY U 670 39.92 55.37 -16.18
C GLY U 670 39.35 54.64 -14.99
N LEU U 671 38.28 55.14 -14.39
CA LEU U 671 37.68 54.51 -13.22
C LEU U 671 37.06 53.16 -13.61
N GLU U 672 37.14 52.20 -12.70
CA GLU U 672 36.69 50.83 -12.96
C GLU U 672 35.70 50.37 -11.92
N PRO U 673 34.42 50.18 -12.27
CA PRO U 673 33.45 49.67 -11.31
C PRO U 673 33.82 48.29 -10.78
N HIS U 674 33.41 48.02 -9.55
CA HIS U 674 33.51 46.72 -8.87
C HIS U 674 34.95 46.30 -8.60
N LYS U 675 35.94 47.08 -9.01
CA LYS U 675 37.34 46.80 -8.72
C LYS U 675 38.09 47.99 -8.14
N ASP U 676 37.61 49.21 -8.33
CA ASP U 676 38.14 50.39 -7.66
C ASP U 676 37.17 51.00 -6.67
N VAL U 677 35.86 50.83 -6.90
CA VAL U 677 34.82 51.40 -6.06
C VAL U 677 33.68 50.41 -5.98
N ALA U 678 32.63 50.80 -5.27
CA ALA U 678 31.38 50.06 -5.26
C ALA U 678 30.34 50.78 -6.11
N TRP U 679 29.44 50.01 -6.71
CA TRP U 679 28.44 50.53 -7.62
C TRP U 679 27.06 50.22 -7.06
N GLY U 680 26.26 51.26 -6.83
CA GLY U 680 24.92 51.11 -6.27
C GLY U 680 24.00 52.19 -6.78
N VAL U 681 22.72 52.09 -6.40
CA VAL U 681 21.69 52.99 -6.90
C VAL U 681 20.78 53.43 -5.75
N MET U 682 19.93 54.40 -6.05
CA MET U 682 18.90 54.89 -5.15
C MET U 682 17.53 54.48 -5.64
N ILE U 683 16.62 54.18 -4.70
CA ILE U 683 15.26 53.75 -5.02
C ILE U 683 14.32 54.85 -4.53
N GLU U 684 13.83 55.67 -5.47
CA GLU U 684 12.91 56.75 -5.14
C GLU U 684 11.67 56.81 -6.02
N VAL U 685 11.69 56.25 -7.23
CA VAL U 685 10.49 56.22 -8.07
C VAL U 685 9.84 54.86 -7.90
N PRO U 686 8.50 54.78 -7.88
CA PRO U 686 7.84 53.48 -7.75
C PRO U 686 8.21 52.48 -8.82
N ALA U 687 8.50 52.95 -10.04
CA ALA U 687 8.89 52.04 -11.11
C ALA U 687 10.13 51.25 -10.75
N ALA U 688 11.13 51.92 -10.15
CA ALA U 688 12.35 51.22 -9.78
C ALA U 688 12.09 50.16 -8.72
N ALA U 689 11.16 50.45 -7.80
CA ALA U 689 10.79 49.46 -6.79
C ALA U 689 9.99 48.30 -7.36
N ILE U 690 9.34 48.47 -8.51
CA ILE U 690 8.51 47.40 -9.04
C ILE U 690 9.24 46.47 -10.02
N ILE U 691 10.30 46.95 -10.67
CA ILE U 691 11.06 46.12 -11.61
C ILE U 691 12.49 45.93 -11.13
N ILE U 692 12.68 45.84 -9.81
CA ILE U 692 14.01 45.86 -9.21
C ILE U 692 14.92 44.78 -9.77
N GLU U 693 14.37 43.65 -10.21
CA GLU U 693 15.21 42.55 -10.68
C GLU U 693 15.94 42.90 -11.96
N ASP U 694 15.28 43.65 -12.86
CA ASP U 694 15.95 44.09 -14.07
C ASP U 694 17.17 44.93 -13.75
N LEU U 695 17.05 45.84 -12.78
CA LEU U 695 18.20 46.65 -12.37
C LEU U 695 19.28 45.80 -11.73
N ILE U 696 18.89 44.80 -10.93
CA ILE U 696 19.88 43.95 -10.29
C ILE U 696 20.67 43.16 -11.33
N LYS U 697 20.04 42.79 -12.43
CA LYS U 697 20.74 41.98 -13.43
C LYS U 697 21.79 42.75 -14.22
N GLU U 698 22.04 44.02 -13.91
CA GLU U 698 23.10 44.78 -14.54
C GLU U 698 24.33 44.90 -13.64
N GLY U 699 24.43 44.07 -12.60
CA GLY U 699 25.60 44.08 -11.74
C GLY U 699 25.74 45.30 -10.85
N ILE U 700 24.89 45.41 -9.83
CA ILE U 700 25.09 46.45 -8.81
C ILE U 700 25.54 45.77 -7.52
N ASP U 701 25.93 46.59 -6.54
CA ASP U 701 26.41 46.04 -5.29
C ASP U 701 25.55 46.40 -4.09
N PHE U 702 24.89 47.55 -4.13
CA PHE U 702 24.09 47.99 -2.99
C PHE U 702 22.91 48.85 -3.39
N VAL U 703 21.91 48.94 -2.51
CA VAL U 703 20.73 49.76 -2.80
C VAL U 703 20.34 50.56 -1.56
N SER U 704 19.68 51.69 -1.76
CA SER U 704 19.28 52.54 -0.64
C SER U 704 17.91 53.14 -0.88
N PHE U 705 17.09 53.15 0.17
CA PHE U 705 15.71 53.67 0.10
C PHE U 705 15.68 55.15 0.43
N GLY U 706 15.20 55.96 -0.52
CA GLY U 706 14.86 57.35 -0.27
C GLY U 706 13.42 57.56 0.13
N THR U 707 13.06 57.27 1.38
CA THR U 707 11.65 57.18 1.75
C THR U 707 10.90 58.50 1.59
N ASN U 708 11.61 59.63 1.63
CA ASN U 708 10.98 60.93 1.39
C ASN U 708 10.34 60.98 0.00
N ASP U 709 11.18 60.85 -1.02
CA ASP U 709 10.71 60.93 -2.39
C ASP U 709 9.76 59.79 -2.73
N LEU U 710 10.03 58.60 -2.21
CA LEU U 710 9.15 57.47 -2.49
C LEU U 710 7.75 57.70 -1.93
N THR U 711 7.65 58.18 -0.70
CA THR U 711 6.34 58.47 -0.12
C THR U 711 5.65 59.59 -0.88
N GLN U 712 6.40 60.56 -1.38
CA GLN U 712 5.76 61.65 -2.09
C GLN U 712 5.24 61.22 -3.46
N TYR U 713 6.03 60.45 -4.22
CA TYR U 713 5.61 60.01 -5.54
C TYR U 713 4.56 58.91 -5.50
N THR U 714 4.48 58.16 -4.41
CA THR U 714 3.51 57.07 -4.35
C THR U 714 2.11 57.57 -4.02
N LEU U 715 1.99 58.58 -3.16
CA LEU U 715 0.70 59.11 -2.76
C LEU U 715 0.26 60.30 -3.60
N ALA U 716 1.06 60.72 -4.57
CA ALA U 716 0.76 61.86 -5.43
C ALA U 716 0.44 63.10 -4.59
N ILE U 717 1.43 63.53 -3.82
CA ILE U 717 1.23 64.56 -2.81
C ILE U 717 2.53 65.31 -2.61
N ASP U 718 2.44 66.64 -2.55
CA ASP U 718 3.57 67.47 -2.18
C ASP U 718 3.50 67.81 -0.69
N ARG U 719 4.64 67.72 -0.03
CA ARG U 719 4.67 67.89 1.42
C ARG U 719 4.78 69.36 1.82
N ASP U 720 5.40 70.19 0.97
CA ASP U 720 5.51 71.61 1.25
C ASP U 720 4.18 72.35 1.14
N ASN U 721 3.20 71.78 0.45
CA ASN U 721 1.91 72.42 0.29
C ASN U 721 1.11 72.29 1.57
N GLU U 722 0.62 73.43 2.07
CA GLU U 722 -0.04 73.49 3.37
C GLU U 722 -1.35 72.70 3.39
N ARG U 723 -2.04 72.68 2.24
CA ARG U 723 -3.40 72.15 2.22
C ARG U 723 -3.46 70.62 2.15
N VAL U 724 -2.42 69.96 1.64
CA VAL U 724 -2.43 68.51 1.51
C VAL U 724 -1.29 67.83 2.27
N ALA U 725 -0.56 68.55 3.12
CA ALA U 725 0.49 67.91 3.91
C ALA U 725 -0.06 67.16 5.11
N LYS U 726 -1.36 67.22 5.34
CA LYS U 726 -1.98 66.44 6.42
C LYS U 726 -2.13 64.97 6.06
N LEU U 727 -1.85 64.57 4.83
CA LEU U 727 -1.98 63.19 4.42
C LEU U 727 -0.65 62.45 4.37
N TYR U 728 0.46 63.18 4.46
CA TYR U 728 1.79 62.57 4.42
C TYR U 728 1.96 61.57 5.56
N ASP U 729 2.55 60.41 5.24
CA ASP U 729 2.79 59.36 6.21
C ASP U 729 3.77 58.34 5.64
N GLU U 730 4.88 58.08 6.34
CA GLU U 730 5.91 57.19 5.83
C GLU U 730 5.72 55.74 6.26
N THR U 731 4.71 55.44 7.07
CA THR U 731 4.33 54.08 7.40
C THR U 731 2.98 53.71 6.79
N HIS U 732 2.70 54.23 5.61
CA HIS U 732 1.50 53.87 4.87
C HIS U 732 1.67 52.47 4.28
N PRO U 733 0.61 51.66 4.28
CA PRO U 733 0.74 50.26 3.83
C PRO U 733 1.39 50.06 2.46
N ALA U 734 1.20 50.98 1.52
CA ALA U 734 1.71 50.74 0.17
C ALA U 734 3.23 50.84 0.14
N VAL U 735 3.79 51.84 0.80
CA VAL U 735 5.24 51.99 0.88
C VAL U 735 5.86 50.75 1.55
N LEU U 736 5.18 50.22 2.56
CA LEU U 736 5.72 49.05 3.26
C LEU U 736 5.67 47.81 2.39
N LYS U 737 4.61 47.63 1.61
CA LYS U 737 4.58 46.55 0.62
C LYS U 737 5.76 46.66 -0.35
N LEU U 738 6.01 47.86 -0.85
CA LEU U 738 7.11 48.03 -1.81
C LEU U 738 8.45 47.71 -1.20
N ILE U 739 8.68 48.20 0.03
CA ILE U 739 9.95 47.95 0.73
C ILE U 739 10.14 46.46 0.97
N LYS U 740 9.09 45.77 1.40
CA LYS U 740 9.18 44.33 1.67
C LYS U 740 9.54 43.57 0.40
N HIS U 741 8.91 43.91 -0.72
CA HIS U 741 9.22 43.24 -1.99
C HIS U 741 10.69 43.43 -2.37
N VAL U 742 11.17 44.67 -2.31
CA VAL U 742 12.55 44.94 -2.69
C VAL U 742 13.52 44.14 -1.81
N ILE U 743 13.33 44.22 -0.49
CA ILE U 743 14.23 43.53 0.43
C ILE U 743 14.27 42.05 0.13
N LYS U 744 13.09 41.43 -0.05
CA LYS U 744 13.03 40.02 -0.40
C LYS U 744 13.91 39.71 -1.61
N VAL U 745 13.75 40.47 -2.68
CA VAL U 745 14.43 40.11 -3.93
C VAL U 745 15.95 40.24 -3.81
N CYS U 746 16.43 41.37 -3.27
CA CYS U 746 17.88 41.50 -3.26
C CYS U 746 18.52 40.65 -2.18
N LYS U 747 17.79 40.32 -1.10
CA LYS U 747 18.23 39.25 -0.23
C LYS U 747 18.45 37.97 -1.02
N ARG U 748 17.48 37.59 -1.86
CA ARG U 748 17.65 36.41 -2.70
C ARG U 748 18.88 36.49 -3.61
N TYR U 749 19.22 37.67 -4.11
CA TYR U 749 20.33 37.78 -5.06
C TYR U 749 21.67 38.14 -4.43
N GLY U 750 21.74 38.31 -3.10
CA GLY U 750 23.02 38.61 -2.48
C GLY U 750 23.45 40.06 -2.51
N VAL U 751 22.51 40.99 -2.51
CA VAL U 751 22.80 42.42 -2.55
C VAL U 751 22.49 43.00 -1.18
N GLU U 752 23.20 44.08 -0.84
CA GLU U 752 23.05 44.73 0.45
C GLU U 752 22.04 45.87 0.38
N THR U 753 21.21 46.01 1.41
CA THR U 753 20.16 47.00 1.49
C THR U 753 20.42 48.00 2.62
N SER U 754 19.90 49.22 2.45
CA SER U 754 20.07 50.26 3.46
C SER U 754 18.94 51.27 3.30
N ILE U 755 18.87 52.22 4.22
CA ILE U 755 17.89 53.29 4.16
C ILE U 755 18.48 54.57 4.72
N CYS U 756 18.39 55.65 3.95
CA CYS U 756 18.71 57.00 4.40
C CYS U 756 17.43 57.83 4.44
N GLY U 757 17.55 59.05 4.92
CA GLY U 757 16.42 59.96 4.95
C GLY U 757 16.12 60.42 6.35
N GLN U 758 14.91 60.96 6.50
CA GLN U 758 14.45 61.42 7.82
C GLN U 758 13.76 60.32 8.60
N ALA U 759 13.32 59.25 7.94
CA ALA U 759 12.73 58.11 8.63
C ALA U 759 13.77 57.10 9.08
N GLY U 760 15.05 57.36 8.79
CA GLY U 760 16.11 56.60 9.43
C GLY U 760 16.33 56.98 10.87
N SER U 761 15.82 58.14 11.30
CA SER U 761 15.93 58.62 12.67
C SER U 761 14.61 58.53 13.42
N ASP U 762 13.84 57.47 13.19
CA ASP U 762 12.56 57.26 13.85
C ASP U 762 12.54 55.88 14.51
N PRO U 763 12.24 55.80 15.81
CA PRO U 763 12.23 54.48 16.47
C PRO U 763 11.21 53.49 15.94
N LYS U 764 10.02 53.95 15.56
CA LYS U 764 8.99 53.04 15.08
C LYS U 764 9.38 52.41 13.74
N MET U 765 9.86 53.24 12.82
CA MET U 765 10.35 52.72 11.54
C MET U 765 11.53 51.79 11.75
N ALA U 766 12.41 52.12 12.69
CA ALA U 766 13.55 51.25 12.98
C ALA U 766 13.09 49.87 13.41
N ARG U 767 12.05 49.80 14.25
CA ARG U 767 11.55 48.51 14.69
C ARG U 767 10.93 47.73 13.52
N ILE U 768 10.11 48.39 12.70
CA ILE U 768 9.54 47.74 11.53
C ILE U 768 10.64 47.17 10.64
N LEU U 769 11.68 47.97 10.38
CA LEU U 769 12.70 47.59 9.42
C LEU U 769 13.60 46.49 9.95
N VAL U 770 13.87 46.48 11.26
CA VAL U 770 14.66 45.39 11.83
C VAL U 770 13.86 44.10 11.83
N ARG U 771 12.54 44.17 12.05
CA ARG U 771 11.74 42.95 11.95
C ARG U 771 11.65 42.43 10.53
N LEU U 772 11.72 43.30 9.52
CA LEU U 772 11.72 42.81 8.15
C LEU U 772 13.07 42.23 7.72
N GLY U 773 14.18 42.82 8.17
CA GLY U 773 15.47 42.24 7.85
C GLY U 773 16.41 43.11 7.05
N ILE U 774 16.36 44.43 7.24
CA ILE U 774 17.27 45.31 6.53
C ILE U 774 18.69 45.15 7.07
N ASP U 775 19.66 45.50 6.25
CA ASP U 775 21.07 45.31 6.60
C ASP U 775 21.68 46.51 7.31
N SER U 776 21.19 47.73 7.07
CA SER U 776 21.77 48.91 7.69
C SER U 776 20.72 50.01 7.83
N ILE U 777 21.01 50.97 8.71
CA ILE U 777 20.21 52.16 8.93
C ILE U 777 21.14 53.36 9.04
N SER U 778 20.73 54.49 8.47
CA SER U 778 21.54 55.70 8.41
C SER U 778 20.82 56.83 9.16
N ALA U 779 21.44 57.34 10.21
CA ALA U 779 20.81 58.29 11.12
C ALA U 779 21.51 59.65 11.08
N ASN U 780 20.80 60.66 11.57
CA ASN U 780 21.38 62.00 11.69
C ASN U 780 22.45 62.00 12.77
N PRO U 781 23.45 62.88 12.68
CA PRO U 781 24.59 62.83 13.60
C PRO U 781 24.23 62.91 15.08
N ASP U 782 23.03 63.38 15.43
CA ASP U 782 22.63 63.48 16.83
C ASP U 782 21.52 62.50 17.20
N ALA U 783 21.39 61.41 16.45
CA ALA U 783 20.39 60.38 16.75
C ALA U 783 20.96 58.98 16.68
N VAL U 784 22.29 58.83 16.73
CA VAL U 784 22.90 57.52 16.54
C VAL U 784 22.72 56.63 17.76
N GLN U 785 22.78 57.23 18.95
CA GLN U 785 22.71 56.45 20.19
C GLN U 785 21.31 55.91 20.44
N LEU U 786 20.30 56.74 20.19
CA LEU U 786 18.92 56.31 20.35
C LEU U 786 18.59 55.15 19.44
N ILE U 787 18.98 55.26 18.17
CA ILE U 787 18.70 54.20 17.22
C ILE U 787 19.47 52.93 17.58
N ARG U 788 20.70 53.10 18.08
CA ARG U 788 21.49 51.96 18.53
C ARG U 788 20.77 51.18 19.63
N GLN U 789 20.23 51.89 20.63
CA GLN U 789 19.48 51.23 21.70
C GLN U 789 18.21 50.54 21.20
N VAL U 790 17.44 51.23 20.34
CA VAL U 790 16.21 50.62 19.81
C VAL U 790 16.53 49.33 19.04
N VAL U 791 17.60 49.34 18.25
CA VAL U 791 17.94 48.16 17.45
C VAL U 791 18.39 47.02 18.34
N ALA U 792 19.19 47.31 19.37
CA ALA U 792 19.62 46.27 20.30
C ALA U 792 18.43 45.58 20.97
N GLN U 793 17.46 46.38 21.45
CA GLN U 793 16.30 45.79 22.11
C GLN U 793 15.49 44.91 21.15
N GLU U 794 15.28 45.38 19.92
CA GLU U 794 14.51 44.58 18.95
C GLU U 794 15.19 43.25 18.66
N GLU U 795 16.53 43.25 18.53
CA GLU U 795 17.23 42.00 18.25
C GLU U 795 17.11 41.01 19.40
N ARG U 796 17.25 41.48 20.65
CA ARG U 796 17.08 40.55 21.77
C ARG U 796 15.67 39.98 21.82
N LYS U 797 14.66 40.80 21.51
CA LYS U 797 13.29 40.30 21.43
C LYS U 797 13.16 39.16 20.43
N LEU U 798 13.69 39.35 19.22
CA LEU U 798 13.58 38.31 18.20
C LEU U 798 14.22 37.01 18.66
N MET U 799 15.42 37.09 19.25
CA MET U 799 16.11 35.89 19.70
C MET U 799 15.31 35.16 20.78
N LEU U 800 14.72 35.91 21.72
CA LEU U 800 13.92 35.28 22.76
C LEU U 800 12.71 34.57 22.18
N GLU U 801 12.04 35.19 21.21
CA GLU U 801 10.89 34.55 20.57
C GLU U 801 11.26 33.23 19.93
N ALA U 802 12.39 33.18 19.23
CA ALA U 802 12.77 31.93 18.58
C ALA U 802 13.12 30.86 19.61
N ALA U 803 13.79 31.25 20.70
CA ALA U 803 14.10 30.28 21.76
C ALA U 803 12.84 29.69 22.37
N ARG U 804 11.82 30.53 22.63
CA ARG U 804 10.59 30.05 23.21
C ARG U 804 9.85 29.11 22.26
N LYS U 805 9.82 29.45 20.97
CA LYS U 805 9.17 28.56 20.01
C LYS U 805 9.88 27.21 19.96
N GLN U 806 11.20 27.21 20.06
CA GLN U 806 11.93 25.94 20.02
C GLN U 806 11.69 25.11 21.28
N LEU U 807 11.63 25.75 22.45
CA LEU U 807 11.54 24.98 23.69
C LEU U 807 10.16 24.41 23.92
N GLY V 506 30.11 51.94 30.56
CA GLY V 506 29.80 52.88 29.49
C GLY V 506 28.58 52.48 28.69
N ALA V 507 28.34 51.19 28.60
CA ALA V 507 27.17 50.68 27.88
C ALA V 507 26.12 50.22 28.87
N PRO V 508 24.87 50.64 28.73
CA PRO V 508 23.81 50.17 29.64
C PRO V 508 23.50 48.69 29.42
N LEU V 509 22.75 48.15 30.38
CA LEU V 509 22.30 46.76 30.29
C LEU V 509 21.03 46.69 29.46
N VAL V 510 20.97 45.72 28.54
CA VAL V 510 19.92 45.64 27.53
C VAL V 510 19.19 44.31 27.65
N THR V 511 17.87 44.38 27.81
CA THR V 511 17.03 43.20 27.92
C THR V 511 15.94 43.25 26.87
N GLY V 512 15.44 42.08 26.49
CA GLY V 512 14.33 42.04 25.55
C GLY V 512 13.02 42.44 26.20
N THR V 513 12.76 41.93 27.39
CA THR V 513 11.62 42.38 28.17
C THR V 513 11.82 43.81 28.63
N MET V 514 10.76 44.61 28.59
CA MET V 514 10.81 45.99 29.01
C MET V 514 10.62 46.11 30.51
N VAL V 515 11.45 46.92 31.14
CA VAL V 515 11.35 47.23 32.57
C VAL V 515 10.96 48.70 32.68
N LYS V 516 9.80 48.97 33.26
CA LYS V 516 9.30 50.33 33.44
C LYS V 516 9.26 50.69 34.91
N VAL V 517 8.71 51.85 35.24
CA VAL V 517 8.75 52.41 36.58
C VAL V 517 7.37 52.93 36.97
N ASN V 518 7.09 52.94 38.26
CA ASN V 518 5.79 53.31 38.80
C ASN V 518 5.85 54.70 39.41
N VAL V 519 5.22 55.68 38.77
CA VAL V 519 5.27 57.08 39.18
C VAL V 519 4.03 57.39 40.00
N SER V 520 4.23 57.96 41.19
CA SER V 520 3.12 58.23 42.10
C SER V 520 2.63 59.67 42.03
N MET V 521 3.54 60.64 42.02
CA MET V 521 3.22 62.05 41.97
C MET V 521 3.99 62.68 40.82
N PRO V 522 3.58 63.87 40.36
CA PRO V 522 4.31 64.53 39.28
C PRO V 522 5.59 65.21 39.74
N GLU V 523 5.93 65.10 41.02
CA GLU V 523 7.15 65.71 41.53
C GLU V 523 8.33 64.75 41.58
N VAL V 524 8.09 63.46 41.80
CA VAL V 524 9.13 62.46 41.63
C VAL V 524 9.07 61.93 40.19
N ALA V 525 9.66 62.69 39.28
CA ALA V 525 9.67 62.33 37.87
C ALA V 525 11.04 62.46 37.22
N GLU V 526 11.97 63.21 37.82
CA GLU V 526 13.33 63.26 37.33
C GLU V 526 14.17 62.15 37.94
N ARG V 527 14.00 61.91 39.25
CA ARG V 527 14.66 60.77 39.87
C ARG V 527 14.18 59.46 39.26
N ALA V 528 12.99 59.45 38.66
CA ALA V 528 12.50 58.24 38.01
C ALA V 528 13.01 58.13 36.59
N ALA V 529 13.09 59.25 35.86
CA ALA V 529 13.65 59.23 34.52
C ALA V 529 15.16 59.02 34.53
N ALA V 530 15.81 59.17 35.69
CA ALA V 530 17.23 58.94 35.80
C ALA V 530 17.58 57.50 36.16
N THR V 531 16.60 56.60 36.16
CA THR V 531 16.87 55.21 36.53
C THR V 531 17.17 54.33 35.32
N GLY V 532 16.89 54.82 34.11
CA GLY V 532 17.06 54.01 32.93
C GLY V 532 15.87 53.15 32.56
N ALA V 533 14.68 53.53 32.99
CA ALA V 533 13.48 52.77 32.68
C ALA V 533 13.08 52.97 31.21
N ASP V 534 12.21 52.09 30.73
CA ASP V 534 11.76 52.11 29.35
C ASP V 534 10.45 52.87 29.18
N GLY V 535 9.94 53.46 30.24
CA GLY V 535 8.70 54.20 30.19
C GLY V 535 8.08 54.24 31.57
N VAL V 536 6.88 54.84 31.63
CA VAL V 536 6.07 54.83 32.83
C VAL V 536 5.01 53.75 32.68
N GLY V 537 4.82 52.96 33.73
CA GLY V 537 3.88 51.87 33.67
C GLY V 537 2.56 52.19 34.32
N LEU V 538 2.58 53.11 35.28
CA LEU V 538 1.36 53.52 35.97
C LEU V 538 1.59 54.88 36.61
N LEU V 539 0.86 55.89 36.16
CA LEU V 539 0.83 57.20 36.78
C LEU V 539 -0.55 57.44 37.36
N ARG V 540 -0.63 57.50 38.69
CA ARG V 540 -1.92 57.64 39.37
C ARG V 540 -2.36 59.09 39.44
N ALA V 541 -3.67 59.28 39.52
CA ALA V 541 -4.27 60.61 39.52
C ALA V 541 -4.87 60.99 40.87
N GLU V 542 -4.84 60.10 41.86
CA GLU V 542 -5.42 60.38 43.17
C GLU V 542 -4.87 61.67 43.75
N HIS V 543 -3.55 61.84 43.70
CA HIS V 543 -2.93 63.04 44.26
C HIS V 543 -3.34 64.28 43.49
N MET V 544 -3.19 64.25 42.17
CA MET V 544 -3.43 65.43 41.35
C MET V 544 -4.87 65.90 41.42
N ILE V 545 -5.79 65.02 41.81
CA ILE V 545 -7.19 65.42 41.90
C ILE V 545 -7.61 65.77 43.32
N LEU V 546 -7.23 64.96 44.31
CA LEU V 546 -7.58 65.21 45.69
C LEU V 546 -6.65 66.19 46.39
N SER V 547 -5.95 67.04 45.63
CA SER V 547 -5.03 68.00 46.22
C SER V 547 -5.65 69.38 46.41
N ILE V 548 -6.87 69.59 45.94
CA ILE V 548 -7.49 70.92 45.98
C ILE V 548 -8.28 71.09 47.26
N GLY V 549 -8.13 70.16 48.20
CA GLY V 549 -8.80 70.24 49.49
C GLY V 549 -10.30 70.41 49.41
N GLN V 550 -10.95 69.75 48.45
CA GLN V 550 -12.37 69.94 48.21
C GLN V 550 -12.92 68.73 47.47
N HIS V 551 -14.19 68.43 47.70
CA HIS V 551 -14.86 67.36 46.97
C HIS V 551 -15.00 67.77 45.50
N PRO V 552 -14.47 66.97 44.57
CA PRO V 552 -14.52 67.38 43.15
C PRO V 552 -15.94 67.58 42.62
N ILE V 553 -16.89 66.74 43.01
CA ILE V 553 -18.28 66.94 42.59
C ILE V 553 -18.79 68.26 43.14
N LYS V 554 -18.46 68.57 44.40
CA LYS V 554 -18.77 69.88 44.96
C LYS V 554 -17.98 70.97 44.25
N PHE V 555 -16.75 70.68 43.85
CA PHE V 555 -15.92 71.68 43.19
C PHE V 555 -16.48 72.11 41.86
N ILE V 556 -17.19 71.20 41.17
CA ILE V 556 -17.71 71.54 39.85
C ILE V 556 -19.13 72.08 39.89
N LYS V 557 -19.85 71.75 40.97
CA LYS V 557 -21.19 72.29 41.13
C LYS V 557 -20.97 73.75 41.44
N GLU V 558 -20.05 74.03 42.34
CA GLU V 558 -19.71 75.42 42.62
C GLU V 558 -19.38 76.03 41.29
N GLY V 559 -18.65 75.29 40.47
CA GLY V 559 -18.35 75.77 39.13
C GLY V 559 -16.95 76.22 38.83
N LYS V 560 -15.94 75.46 39.23
CA LYS V 560 -14.60 75.87 38.85
C LYS V 560 -13.99 74.73 38.06
N GLU V 561 -14.46 74.54 36.82
CA GLU V 561 -13.98 73.41 36.02
C GLU V 561 -12.63 73.68 35.40
N GLU V 562 -12.43 74.87 34.82
CA GLU V 562 -11.23 75.12 34.03
C GLU V 562 -9.98 75.13 34.89
N GLU V 563 -10.10 75.56 36.14
CA GLU V 563 -8.95 75.55 37.04
C GLU V 563 -8.44 74.13 37.25
N LEU V 564 -9.32 73.22 37.64
CA LEU V 564 -8.96 71.81 37.81
C LEU V 564 -8.43 71.23 36.52
N VAL V 565 -9.07 71.54 35.39
CA VAL V 565 -8.63 71.01 34.10
C VAL V 565 -7.19 71.41 33.82
N GLU V 566 -6.89 72.71 33.89
CA GLU V 566 -5.56 73.17 33.53
C GLU V 566 -4.51 72.72 34.56
N LYS V 567 -4.90 72.55 35.82
CA LYS V 567 -3.97 72.01 36.79
C LYS V 567 -3.59 70.57 36.44
N LEU V 568 -4.59 69.73 36.16
CA LEU V 568 -4.30 68.40 35.65
C LEU V 568 -3.41 68.45 34.42
N ALA V 569 -3.67 69.42 33.54
CA ALA V 569 -2.92 69.52 32.30
C ALA V 569 -1.43 69.72 32.55
N GLU V 570 -1.09 70.67 33.42
CA GLU V 570 0.33 70.90 33.68
C GLU V 570 0.94 69.73 34.45
N GLY V 571 0.18 69.15 35.39
CA GLY V 571 0.69 67.97 36.10
C GLY V 571 1.04 66.82 35.17
N ILE V 572 0.22 66.60 34.15
CA ILE V 572 0.47 65.52 33.20
C ILE V 572 1.58 65.88 32.22
N GLU V 573 1.64 67.13 31.77
CA GLU V 573 2.66 67.50 30.79
C GLU V 573 4.06 67.44 31.40
N LYS V 574 4.18 67.73 32.69
CA LYS V 574 5.48 67.60 33.35
C LYS V 574 6.04 66.19 33.17
N VAL V 575 5.25 65.18 33.53
CA VAL V 575 5.67 63.79 33.42
C VAL V 575 5.86 63.39 31.96
N ALA V 576 4.95 63.81 31.09
CA ALA V 576 5.05 63.44 29.69
C ALA V 576 6.31 63.99 29.04
N ALA V 577 6.79 65.15 29.48
CA ALA V 577 7.98 65.76 28.89
C ALA V 577 9.27 65.31 29.57
N ALA V 578 9.18 64.69 30.75
CA ALA V 578 10.39 64.13 31.35
C ALA V 578 10.75 62.83 30.63
N PHE V 579 9.75 62.10 30.16
CA PHE V 579 10.00 60.88 29.39
C PHE V 579 9.26 60.97 28.06
N TYR V 580 9.77 61.78 27.13
CA TYR V 580 9.11 61.96 25.83
C TYR V 580 9.22 60.80 24.85
N PRO V 581 10.44 60.54 24.34
CA PRO V 581 10.40 59.41 23.38
C PRO V 581 9.73 58.17 23.98
N ARG V 582 9.69 58.04 25.31
CA ARG V 582 9.14 56.86 25.95
C ARG V 582 7.66 56.97 26.30
N PRO V 583 6.93 55.85 26.24
CA PRO V 583 5.51 55.82 26.57
C PRO V 583 5.24 56.11 28.04
N VAL V 584 4.06 56.66 28.31
CA VAL V 584 3.55 56.90 29.66
C VAL V 584 2.09 56.49 29.70
N TRP V 585 1.70 55.75 30.73
CA TRP V 585 0.34 55.23 30.86
C TRP V 585 -0.32 55.82 32.10
N TYR V 586 -1.54 56.32 31.93
CA TYR V 586 -2.25 57.09 32.94
C TYR V 586 -3.59 56.44 33.26
N ARG V 587 -3.87 56.25 34.55
CA ARG V 587 -5.06 55.53 35.00
C ARG V 587 -6.05 56.50 35.64
N THR V 588 -7.29 56.48 35.16
CA THR V 588 -8.30 57.41 35.66
C THR V 588 -8.61 57.14 37.13
N LEU V 589 -9.33 58.08 37.74
CA LEU V 589 -9.49 58.14 39.19
C LEU V 589 -10.10 56.85 39.73
N ASP V 590 -9.59 56.41 40.88
CA ASP V 590 -10.05 55.18 41.51
C ASP V 590 -9.75 55.26 43.00
N ALA V 591 -10.79 55.41 43.81
CA ALA V 591 -10.66 55.48 45.26
C ALA V 591 -11.97 55.05 45.88
N PRO V 592 -11.94 54.45 47.08
CA PRO V 592 -13.18 54.00 47.71
C PRO V 592 -14.07 55.16 48.14
N THR V 593 -15.23 54.86 48.73
CA THR V 593 -16.14 55.90 49.17
C THR V 593 -15.72 56.52 50.49
N ASN V 594 -15.00 55.79 51.35
CA ASN V 594 -14.48 56.35 52.58
C ASN V 594 -13.21 57.15 52.37
N GLU V 595 -12.94 57.53 51.13
CA GLU V 595 -11.89 58.50 50.81
C GLU V 595 -12.45 59.85 50.41
N PHE V 596 -13.69 59.88 49.90
CA PHE V 596 -14.36 61.14 49.61
C PHE V 596 -15.08 61.69 50.83
N ARG V 597 -15.27 60.87 51.86
CA ARG V 597 -15.97 61.30 53.05
C ARG V 597 -15.15 62.26 53.90
N GLU V 598 -13.83 62.26 53.74
CA GLU V 598 -12.93 62.96 54.64
C GLU V 598 -12.43 64.28 54.06
N MET V 599 -13.16 64.84 53.12
CA MET V 599 -12.80 66.09 52.50
C MET V 599 -13.86 67.16 52.75
N PRO V 600 -13.47 68.45 52.67
CA PRO V 600 -14.53 69.47 52.81
C PRO V 600 -15.59 69.30 51.73
N GLY V 601 -16.82 69.00 52.13
CA GLY V 601 -17.88 68.77 51.16
C GLY V 601 -18.30 67.33 51.19
N GLY V 602 -17.53 66.50 51.89
CA GLY V 602 -17.85 65.10 51.99
C GLY V 602 -18.68 64.84 53.22
N GLU V 603 -19.97 65.15 53.15
CA GLU V 603 -20.86 64.95 54.29
C GLU V 603 -21.96 64.01 53.88
N ASP V 604 -22.27 63.97 52.60
CA ASP V 604 -23.28 63.06 52.10
C ASP V 604 -22.58 61.79 51.72
N GLU V 605 -22.69 60.74 52.52
CA GLU V 605 -22.00 59.49 52.23
C GLU V 605 -22.86 58.27 52.61
N PRO V 606 -22.41 57.06 52.22
CA PRO V 606 -23.24 55.89 52.48
C PRO V 606 -22.77 55.05 53.66
N GLU V 607 -21.55 55.27 54.14
CA GLU V 607 -21.02 54.43 55.21
C GLU V 607 -21.34 52.97 54.94
N GLU V 608 -20.88 52.45 53.80
CA GLU V 608 -21.18 51.07 53.42
C GLU V 608 -20.52 50.05 54.33
N ARG V 609 -20.95 48.81 54.23
CA ARG V 609 -20.36 47.75 55.05
C ARG V 609 -19.22 47.05 54.31
N ASN V 610 -19.14 47.22 52.99
CA ASN V 610 -18.05 46.63 52.22
C ASN V 610 -17.56 47.56 51.10
N PRO V 611 -16.68 48.53 51.42
CA PRO V 611 -16.27 49.48 50.39
C PRO V 611 -15.36 48.88 49.32
N MET V 612 -14.89 47.65 49.49
CA MET V 612 -14.09 46.99 48.47
C MET V 612 -14.93 46.46 47.33
N LEU V 613 -16.19 46.10 47.59
CA LEU V 613 -17.11 45.57 46.60
C LEU V 613 -18.21 46.57 46.28
N GLY V 614 -17.89 47.86 46.33
CA GLY V 614 -18.92 48.88 46.22
C GLY V 614 -18.81 49.79 45.02
N TRP V 615 -19.19 51.05 45.23
CA TRP V 615 -19.33 52.04 44.17
C TRP V 615 -18.00 52.78 44.02
N ARG V 616 -17.18 52.33 43.08
CA ARG V 616 -15.87 52.91 42.87
C ARG V 616 -15.42 52.62 41.45
N GLY V 617 -14.29 53.21 41.07
CA GLY V 617 -13.73 52.94 39.77
C GLY V 617 -14.60 53.44 38.63
N ILE V 618 -14.50 52.73 37.49
CA ILE V 618 -15.21 53.15 36.31
C ILE V 618 -16.73 53.06 36.46
N ARG V 619 -17.24 52.29 37.42
CA ARG V 619 -18.68 52.30 37.70
C ARG V 619 -19.11 53.70 38.13
N ARG V 620 -18.58 54.17 39.26
CA ARG V 620 -18.84 55.53 39.69
C ARG V 620 -18.51 56.54 38.61
N GLY V 621 -17.43 56.30 37.86
CA GLY V 621 -17.06 57.22 36.81
C GLY V 621 -18.13 57.39 35.74
N LEU V 622 -18.72 56.27 35.32
CA LEU V 622 -19.77 56.32 34.31
C LEU V 622 -21.09 56.80 34.88
N ASP V 623 -21.29 56.71 36.19
CA ASP V 623 -22.49 57.28 36.78
C ASP V 623 -22.48 58.80 36.72
N GLN V 624 -21.32 59.41 36.97
CA GLN V 624 -21.16 60.87 36.97
C GLN V 624 -20.15 61.25 35.90
N PRO V 625 -20.60 61.40 34.65
CA PRO V 625 -19.65 61.54 33.53
C PRO V 625 -18.85 62.84 33.52
N GLU V 626 -19.02 63.70 34.52
CA GLU V 626 -18.31 64.98 34.49
C GLU V 626 -16.83 64.80 34.82
N LEU V 627 -16.50 63.87 35.72
CA LEU V 627 -15.10 63.59 36.01
C LEU V 627 -14.38 63.08 34.77
N LEU V 628 -15.02 62.15 34.06
CA LEU V 628 -14.46 61.65 32.81
C LEU V 628 -14.30 62.77 31.79
N ARG V 629 -15.31 63.64 31.68
CA ARG V 629 -15.24 64.78 30.77
C ARG V 629 -14.02 65.63 31.05
N ALA V 630 -13.81 65.98 32.33
CA ALA V 630 -12.71 66.86 32.69
C ALA V 630 -11.36 66.21 32.44
N GLU V 631 -11.23 64.93 32.81
CA GLU V 631 -9.95 64.25 32.61
C GLU V 631 -9.62 64.11 31.13
N PHE V 632 -10.61 63.76 30.31
CA PHE V 632 -10.36 63.65 28.87
C PHE V 632 -10.04 65.00 28.27
N LYS V 633 -10.66 66.07 28.78
CA LYS V 633 -10.33 67.42 28.33
C LYS V 633 -8.86 67.74 28.59
N ALA V 634 -8.40 67.50 29.83
CA ALA V 634 -7.01 67.78 30.15
C ALA V 634 -6.05 66.93 29.33
N ILE V 635 -6.40 65.66 29.10
CA ILE V 635 -5.53 64.79 28.32
C ILE V 635 -5.40 65.30 26.90
N LYS V 636 -6.53 65.64 26.25
CA LYS V 636 -6.46 66.22 24.91
C LYS V 636 -5.68 67.53 24.92
N LYS V 637 -5.81 68.30 26.00
CA LYS V 637 -5.11 69.57 26.12
C LYS V 637 -3.60 69.37 26.03
N VAL V 638 -3.06 68.45 26.84
CA VAL V 638 -1.63 68.20 26.76
C VAL V 638 -1.25 67.43 25.51
N VAL V 639 -2.21 66.76 24.85
CA VAL V 639 -1.87 66.06 23.63
C VAL V 639 -1.63 67.04 22.49
N GLU V 640 -2.46 68.08 22.37
CA GLU V 640 -2.36 68.97 21.22
C GLU V 640 -1.09 69.83 21.24
N LYS V 641 -0.36 69.85 22.35
CA LYS V 641 0.95 70.50 22.35
C LYS V 641 2.00 69.70 21.58
N GLY V 642 1.72 68.43 21.29
CA GLY V 642 2.61 67.64 20.46
C GLY V 642 3.17 66.39 21.11
N TYR V 643 2.58 65.96 22.23
CA TYR V 643 3.02 64.77 22.94
C TYR V 643 2.18 63.59 22.47
N ASN V 644 2.79 62.72 21.66
CA ASN V 644 2.09 61.57 21.10
C ASN V 644 2.50 60.27 21.75
N ASN V 645 2.72 60.26 23.07
CA ASN V 645 3.20 59.08 23.77
C ASN V 645 2.38 58.79 25.02
N ILE V 646 1.12 59.21 25.02
CA ILE V 646 0.23 59.03 26.16
C ILE V 646 -0.79 57.94 25.82
N GLY V 647 -1.28 57.28 26.87
CA GLY V 647 -2.33 56.29 26.72
C GLY V 647 -3.18 56.27 27.97
N VAL V 648 -4.42 55.81 27.79
CA VAL V 648 -5.43 55.85 28.85
C VAL V 648 -5.73 54.43 29.32
N MET V 649 -5.93 54.31 30.63
CA MET V 649 -6.15 53.01 31.28
C MET V 649 -7.39 53.09 32.17
N LEU V 650 -8.35 52.19 31.94
CA LEU V 650 -9.61 52.17 32.69
C LEU V 650 -9.53 51.14 33.81
N PRO V 651 -9.89 51.51 35.05
CA PRO V 651 -9.84 50.56 36.15
C PRO V 651 -11.17 49.85 36.42
N LEU V 652 -11.05 48.59 36.84
CA LEU V 652 -12.17 47.79 37.35
C LEU V 652 -13.28 47.62 36.29
N VAL V 653 -12.92 46.93 35.21
CA VAL V 653 -13.83 46.65 34.11
C VAL V 653 -14.28 45.19 34.20
N SER V 654 -15.59 44.96 34.04
CA SER V 654 -16.09 43.59 34.00
C SER V 654 -17.21 43.35 32.98
N HIS V 655 -17.60 44.36 32.19
CA HIS V 655 -18.56 44.20 31.11
C HIS V 655 -18.06 45.01 29.92
N PRO V 656 -18.30 44.54 28.69
CA PRO V 656 -17.90 45.34 27.52
C PRO V 656 -18.69 46.63 27.37
N GLU V 657 -19.91 46.69 27.91
CA GLU V 657 -20.70 47.90 27.84
C GLU V 657 -19.96 49.07 28.48
N GLN V 658 -19.19 48.81 29.54
CA GLN V 658 -18.41 49.88 30.16
C GLN V 658 -17.38 50.44 29.20
N ILE V 659 -16.71 49.56 28.45
CA ILE V 659 -15.72 50.02 27.48
C ILE V 659 -16.38 50.85 26.38
N ARG V 660 -17.53 50.40 25.89
CA ARG V 660 -18.17 51.16 24.81
C ARG V 660 -18.69 52.51 25.29
N GLU V 661 -19.27 52.57 26.49
CA GLU V 661 -19.76 53.84 27.00
C GLU V 661 -18.60 54.81 27.27
N ALA V 662 -17.47 54.30 27.76
CA ALA V 662 -16.31 55.16 27.94
C ALA V 662 -15.80 55.70 26.61
N LYS V 663 -15.77 54.84 25.57
CA LYS V 663 -15.33 55.30 24.27
C LYS V 663 -16.24 56.40 23.73
N ARG V 664 -17.56 56.26 23.94
CA ARG V 664 -18.48 57.28 23.47
C ARG V 664 -18.30 58.59 24.25
N ILE V 665 -18.22 58.50 25.59
CA ILE V 665 -18.02 59.69 26.39
C ILE V 665 -16.76 60.43 25.97
N ALA V 666 -15.70 59.68 25.66
CA ALA V 666 -14.46 60.32 25.25
C ALA V 666 -14.58 60.93 23.86
N ARG V 667 -15.30 60.27 22.96
CA ARG V 667 -15.41 60.79 21.61
C ARG V 667 -16.32 62.01 21.52
N GLU V 668 -17.19 62.23 22.50
CA GLU V 668 -18.03 63.42 22.41
C GLU V 668 -17.25 64.72 22.60
N VAL V 669 -16.19 64.72 23.41
CA VAL V 669 -15.48 65.95 23.72
C VAL V 669 -14.21 66.16 22.91
N GLY V 670 -14.04 65.44 21.81
CA GLY V 670 -12.96 65.70 20.87
C GLY V 670 -11.85 64.69 20.84
N LEU V 671 -11.57 64.01 21.95
CA LEU V 671 -10.50 63.02 21.99
C LEU V 671 -10.86 61.81 21.13
N GLU V 672 -9.86 61.23 20.49
CA GLU V 672 -10.06 60.12 19.56
C GLU V 672 -9.21 58.92 19.92
N PRO V 673 -9.83 57.81 20.36
CA PRO V 673 -9.05 56.61 20.67
C PRO V 673 -8.30 56.08 19.46
N HIS V 674 -7.17 55.43 19.71
CA HIS V 674 -6.34 54.71 18.75
C HIS V 674 -5.71 55.61 17.70
N LYS V 675 -5.98 56.92 17.73
CA LYS V 675 -5.35 57.87 16.82
C LYS V 675 -4.76 59.08 17.52
N ASP V 676 -5.19 59.39 18.75
CA ASP V 676 -4.55 60.40 19.57
C ASP V 676 -3.88 59.82 20.80
N VAL V 677 -4.37 58.69 21.31
CA VAL V 677 -3.86 58.05 22.51
C VAL V 677 -3.92 56.55 22.31
N ALA V 678 -3.51 55.82 23.34
CA ALA V 678 -3.70 54.38 23.40
C ALA V 678 -4.84 54.04 24.35
N TRP V 679 -5.53 52.94 24.06
CA TRP V 679 -6.70 52.53 24.82
C TRP V 679 -6.43 51.15 25.42
N GLY V 680 -6.50 51.05 26.75
CA GLY V 680 -6.24 49.80 27.45
C GLY V 680 -7.06 49.72 28.71
N VAL V 681 -6.96 48.57 29.39
CA VAL V 681 -7.78 48.28 30.56
C VAL V 681 -6.92 47.65 31.65
N MET V 682 -7.51 47.53 32.84
CA MET V 682 -6.92 46.85 33.98
C MET V 682 -7.66 45.55 34.25
N ILE V 683 -6.92 44.53 34.69
CA ILE V 683 -7.48 43.21 34.99
C ILE V 683 -7.34 42.99 36.49
N GLU V 684 -8.46 43.16 37.22
CA GLU V 684 -8.46 42.97 38.67
C GLU V 684 -9.60 42.10 39.18
N VAL V 685 -10.70 41.96 38.45
CA VAL V 685 -11.77 41.06 38.87
C VAL V 685 -11.61 39.74 38.14
N PRO V 686 -11.88 38.60 38.79
CA PRO V 686 -11.74 37.32 38.09
C PRO V 686 -12.60 37.19 36.85
N ALA V 687 -13.76 37.84 36.81
CA ALA V 687 -14.61 37.79 35.63
C ALA V 687 -13.89 38.31 34.40
N ALA V 688 -13.17 39.44 34.55
CA ALA V 688 -12.46 40.00 33.41
C ALA V 688 -11.37 39.06 32.92
N ALA V 689 -10.72 38.35 33.83
CA ALA V 689 -9.72 37.37 33.44
C ALA V 689 -10.31 36.13 32.79
N ILE V 690 -11.59 35.83 33.02
CA ILE V 690 -12.18 34.62 32.47
C ILE V 690 -12.85 34.83 31.11
N ILE V 691 -13.30 36.04 30.80
CA ILE V 691 -13.95 36.31 29.51
C ILE V 691 -13.14 37.32 28.71
N ILE V 692 -11.81 37.26 28.81
CA ILE V 692 -10.93 38.29 28.26
C ILE V 692 -11.15 38.50 26.77
N GLU V 693 -11.57 37.47 26.04
CA GLU V 693 -11.71 37.60 24.59
C GLU V 693 -12.84 38.56 24.22
N ASP V 694 -13.93 38.55 24.98
CA ASP V 694 -15.01 39.49 24.73
C ASP V 694 -14.51 40.93 24.85
N LEU V 695 -13.71 41.21 25.87
CA LEU V 695 -13.15 42.55 26.02
C LEU V 695 -12.19 42.88 24.88
N ILE V 696 -11.39 41.91 24.44
CA ILE V 696 -10.45 42.16 23.36
C ILE V 696 -11.19 42.50 22.06
N LYS V 697 -12.36 41.91 21.86
CA LYS V 697 -13.09 42.16 20.61
C LYS V 697 -13.70 43.55 20.51
N GLU V 698 -13.49 44.42 21.49
CA GLU V 698 -13.94 45.80 21.42
C GLU V 698 -12.81 46.76 21.07
N GLY V 699 -11.69 46.25 20.55
CA GLY V 699 -10.60 47.11 20.13
C GLY V 699 -9.84 47.79 21.25
N ILE V 700 -9.06 47.04 22.01
CA ILE V 700 -8.14 47.64 22.98
C ILE V 700 -6.72 47.48 22.48
N ASP V 701 -5.77 48.13 23.15
CA ASP V 701 -4.38 48.06 22.71
C ASP V 701 -3.46 47.41 23.72
N PHE V 702 -3.77 47.52 25.00
CA PHE V 702 -2.90 46.96 26.04
C PHE V 702 -3.65 46.53 27.28
N VAL V 703 -3.03 45.66 28.07
CA VAL V 703 -3.65 45.18 29.30
C VAL V 703 -2.64 45.16 30.43
N SER V 704 -3.10 45.27 31.67
CA SER V 704 -2.21 45.28 32.82
C SER V 704 -2.81 44.53 33.99
N PHE V 705 -1.99 43.73 34.66
CA PHE V 705 -2.42 42.90 35.79
C PHE V 705 -2.27 43.66 37.10
N GLY V 706 -3.39 43.84 37.81
CA GLY V 706 -3.38 44.31 39.18
C GLY V 706 -3.34 43.19 40.21
N THR V 707 -2.17 42.58 40.43
CA THR V 707 -2.12 41.33 41.18
C THR V 707 -2.59 41.47 42.63
N ASN V 708 -2.52 42.69 43.19
CA ASN V 708 -3.04 42.92 44.54
C ASN V 708 -4.53 42.60 44.61
N ASP V 709 -5.32 43.35 43.84
CA ASP V 709 -6.76 43.17 43.86
C ASP V 709 -7.17 41.80 43.35
N LEU V 710 -6.48 41.29 42.34
CA LEU V 710 -6.82 39.97 41.82
C LEU V 710 -6.61 38.88 42.87
N THR V 711 -5.49 38.92 43.58
CA THR V 711 -5.26 37.93 44.63
C THR V 711 -6.27 38.09 45.76
N GLN V 712 -6.70 39.31 46.05
CA GLN V 712 -7.66 39.48 47.13
C GLN V 712 -9.05 38.98 46.74
N TYR V 713 -9.52 39.30 45.54
CA TYR V 713 -10.84 38.87 45.11
C TYR V 713 -10.91 37.39 44.77
N THR V 714 -9.79 36.76 44.43
CA THR V 714 -9.83 35.36 44.07
C THR V 714 -9.88 34.45 45.28
N LEU V 715 -9.19 34.81 46.36
CA LEU V 715 -9.15 34.00 47.56
C LEU V 715 -10.19 34.41 48.59
N ALA V 716 -11.00 35.42 48.30
CA ALA V 716 -12.02 35.92 49.21
C ALA V 716 -11.43 36.24 50.58
N ILE V 717 -10.51 37.20 50.58
CA ILE V 717 -9.69 37.48 51.75
C ILE V 717 -9.29 38.95 51.72
N ASP V 718 -9.40 39.61 52.87
CA ASP V 718 -8.88 40.96 53.04
C ASP V 718 -7.50 40.90 53.68
N ARG V 719 -6.59 41.71 53.14
CA ARG V 719 -5.20 41.65 53.59
C ARG V 719 -4.96 42.51 54.82
N ASP V 720 -5.73 43.58 54.99
CA ASP V 720 -5.59 44.44 56.16
C ASP V 720 -6.08 43.77 57.44
N ASN V 721 -6.91 42.74 57.35
CA ASN V 721 -7.42 42.05 58.52
C ASN V 721 -6.34 41.17 59.11
N GLU V 722 -6.09 41.35 60.41
CA GLU V 722 -4.99 40.68 61.09
C GLU V 722 -5.19 39.17 61.15
N ARG V 723 -6.43 38.72 61.23
CA ARG V 723 -6.71 37.32 61.52
C ARG V 723 -6.62 36.43 60.28
N VAL V 724 -6.80 36.97 59.08
CA VAL V 724 -6.77 36.17 57.87
C VAL V 724 -5.70 36.62 56.87
N ALA V 725 -4.80 37.52 57.26
CA ALA V 725 -3.72 37.92 56.35
C ALA V 725 -2.60 36.90 56.28
N LYS V 726 -2.67 35.84 57.07
CA LYS V 726 -1.68 34.77 56.99
C LYS V 726 -1.90 33.86 55.79
N LEU V 727 -2.99 34.02 55.05
CA LEU V 727 -3.25 33.19 53.89
C LEU V 727 -2.92 33.88 52.57
N TYR V 728 -2.66 35.18 52.60
CA TYR V 728 -2.34 35.93 51.39
C TYR V 728 -1.08 35.38 50.72
N ASP V 729 -1.14 35.25 49.40
CA ASP V 729 -0.02 34.74 48.62
C ASP V 729 -0.24 35.04 47.13
N GLU V 730 0.71 35.71 46.49
CA GLU V 730 0.55 36.12 45.10
C GLU V 730 1.08 35.11 44.11
N THR V 731 1.68 34.01 44.57
CA THR V 731 2.06 32.90 43.72
C THR V 731 1.21 31.66 44.00
N HIS V 732 -0.05 31.87 44.32
CA HIS V 732 -0.99 30.77 44.50
C HIS V 732 -1.37 30.20 43.13
N PRO V 733 -1.52 28.88 43.03
CA PRO V 733 -1.77 28.25 41.71
C PRO V 733 -2.93 28.85 40.90
N ALA V 734 -3.98 29.32 41.55
CA ALA V 734 -5.15 29.78 40.81
C ALA V 734 -4.85 31.08 40.07
N VAL V 735 -4.19 32.02 40.74
CA VAL V 735 -3.81 33.28 40.11
C VAL V 735 -2.89 33.02 38.92
N LEU V 736 -2.00 32.03 39.05
CA LEU V 736 -1.07 31.73 37.97
C LEU V 736 -1.78 31.11 36.78
N LYS V 737 -2.76 30.23 37.03
CA LYS V 737 -3.59 29.73 35.94
C LYS V 737 -4.29 30.87 35.19
N LEU V 738 -4.85 31.82 35.94
CA LEU V 738 -5.55 32.93 35.30
C LEU V 738 -4.62 33.77 34.45
N ILE V 739 -3.43 34.09 35.00
CA ILE V 739 -2.45 34.90 34.27
C ILE V 739 -2.01 34.19 33.00
N LYS V 740 -1.75 32.89 33.09
CA LYS V 740 -1.31 32.13 31.92
C LYS V 740 -2.37 32.15 30.82
N HIS V 741 -3.64 31.96 31.20
CA HIS V 741 -4.72 32.00 30.20
C HIS V 741 -4.77 33.36 29.50
N VAL V 742 -4.76 34.44 30.28
CA VAL V 742 -4.84 35.77 29.69
C VAL V 742 -3.69 36.01 28.72
N ILE V 743 -2.46 35.73 29.16
CA ILE V 743 -1.29 35.97 28.32
C ILE V 743 -1.40 35.20 27.02
N LYS V 744 -1.77 33.92 27.10
CA LYS V 744 -1.97 33.12 25.89
C LYS V 744 -2.90 33.82 24.91
N VAL V 745 -4.07 34.25 25.39
CA VAL V 745 -5.09 34.75 24.46
C VAL V 745 -4.64 36.06 23.80
N CYS V 746 -4.13 37.02 24.59
CA CYS V 746 -3.82 38.28 23.93
C CYS V 746 -2.53 38.20 23.12
N LYS V 747 -1.62 37.28 23.48
CA LYS V 747 -0.55 36.93 22.55
C LYS V 747 -1.13 36.49 21.21
N ARG V 748 -2.11 35.59 21.23
CA ARG V 748 -2.75 35.17 19.99
C ARG V 748 -3.37 36.34 19.21
N TYR V 749 -3.91 37.34 19.89
CA TYR V 749 -4.59 38.43 19.19
C TYR V 749 -3.72 39.65 18.91
N GLY V 750 -2.45 39.64 19.30
CA GLY V 750 -1.59 40.78 19.01
C GLY V 750 -1.68 41.94 19.96
N VAL V 751 -2.01 41.69 21.23
CA VAL V 751 -2.13 42.73 22.24
C VAL V 751 -0.94 42.64 23.18
N GLU V 752 -0.57 43.78 23.76
CA GLU V 752 0.57 43.86 24.66
C GLU V 752 0.14 43.68 26.11
N THR V 753 0.95 42.95 26.88
CA THR V 753 0.67 42.64 28.27
C THR V 753 1.70 43.27 29.20
N SER V 754 1.30 43.55 30.44
CA SER V 754 2.19 44.15 31.42
C SER V 754 1.67 43.80 32.81
N ILE V 755 2.44 44.16 33.83
CA ILE V 755 2.05 43.97 35.22
C ILE V 755 2.58 45.10 36.08
N CYS V 756 1.69 45.72 36.84
CA CYS V 756 2.04 46.68 37.87
C CYS V 756 1.70 46.10 39.24
N GLY V 757 2.05 46.82 40.29
CA GLY V 757 1.73 46.39 41.64
C GLY V 757 2.97 46.23 42.48
N GLN V 758 2.79 45.52 43.60
CA GLN V 758 3.90 45.24 44.50
C GLN V 758 4.64 43.97 44.13
N ALA V 759 4.02 43.09 43.34
CA ALA V 759 4.68 41.88 42.87
C ALA V 759 5.46 42.12 41.59
N GLY V 760 5.45 43.34 41.05
CA GLY V 760 6.38 43.70 40.02
C GLY V 760 7.78 43.92 40.52
N SER V 761 7.95 44.09 41.84
CA SER V 761 9.24 44.28 42.47
C SER V 761 9.69 43.06 43.25
N ASP V 762 9.41 41.87 42.74
CA ASP V 762 9.79 40.62 43.39
C ASP V 762 10.58 39.75 42.41
N PRO V 763 11.78 39.29 42.78
CA PRO V 763 12.57 38.47 41.85
C PRO V 763 11.93 37.15 41.46
N LYS V 764 11.25 36.47 42.38
CA LYS V 764 10.67 35.18 42.07
C LYS V 764 9.52 35.31 41.06
N MET V 765 8.64 36.28 41.29
CA MET V 765 7.57 36.55 40.33
C MET V 765 8.14 36.98 38.99
N ALA V 766 9.22 37.76 38.99
CA ALA V 766 9.84 38.17 37.74
C ALA V 766 10.31 36.97 36.95
N ARG V 767 10.91 35.97 37.62
CA ARG V 767 11.36 34.79 36.92
C ARG V 767 10.19 33.99 36.34
N ILE V 768 9.13 33.79 37.15
CA ILE V 768 7.93 33.10 36.66
C ILE V 768 7.38 33.80 35.42
N LEU V 769 7.28 35.13 35.47
CA LEU V 769 6.62 35.87 34.41
C LEU V 769 7.46 35.92 33.15
N VAL V 770 8.78 35.98 33.29
CA VAL V 770 9.63 35.94 32.10
C VAL V 770 9.60 34.56 31.46
N ARG V 771 9.50 33.50 32.27
CA ARG V 771 9.38 32.17 31.66
C ARG V 771 8.04 31.98 30.97
N LEU V 772 6.98 32.66 31.43
CA LEU V 772 5.71 32.55 30.73
C LEU V 772 5.66 33.39 29.45
N GLY V 773 6.27 34.57 29.45
CA GLY V 773 6.32 35.34 28.22
C GLY V 773 5.65 36.70 28.26
N ILE V 774 5.68 37.37 29.41
CA ILE V 774 5.10 38.70 29.50
C ILE V 774 5.96 39.70 28.73
N ASP V 775 5.34 40.80 28.33
CA ASP V 775 6.01 41.80 27.51
C ASP V 775 6.70 42.89 28.33
N SER V 776 6.22 43.19 29.54
CA SER V 776 6.82 44.26 30.33
C SER V 776 6.60 43.99 31.82
N ILE V 777 7.41 44.66 32.65
CA ILE V 777 7.30 44.64 34.10
C ILE V 777 7.48 46.06 34.62
N SER V 778 6.72 46.43 35.64
CA SER V 778 6.71 47.78 36.19
C SER V 778 7.15 47.73 37.65
N ALA V 779 8.24 48.39 37.98
CA ALA V 779 8.87 48.29 39.29
C ALA V 779 8.84 49.63 40.02
N ASN V 780 9.04 49.56 41.34
CA ASN V 780 9.14 50.76 42.16
C ASN V 780 10.43 51.50 41.82
N PRO V 781 10.46 52.83 42.01
CA PRO V 781 11.62 53.62 41.55
C PRO V 781 12.96 53.19 42.14
N ASP V 782 12.97 52.43 43.23
CA ASP V 782 14.23 51.97 43.83
C ASP V 782 14.44 50.48 43.70
N ALA V 783 13.82 49.85 42.70
CA ALA V 783 13.99 48.42 42.45
C ALA V 783 14.22 48.11 40.98
N VAL V 784 14.58 49.11 40.17
CA VAL V 784 14.68 48.91 38.73
C VAL V 784 15.92 48.11 38.36
N GLN V 785 17.02 48.34 39.07
CA GLN V 785 18.29 47.70 38.74
C GLN V 785 18.28 46.21 39.09
N LEU V 786 17.72 45.88 40.26
CA LEU V 786 17.61 44.49 40.67
C LEU V 786 16.79 43.68 39.68
N ILE V 787 15.63 44.22 39.29
CA ILE V 787 14.76 43.51 38.36
C ILE V 787 15.43 43.39 37.00
N ARG V 788 16.17 44.44 36.59
CA ARG V 788 16.91 44.39 35.34
C ARG V 788 17.91 43.22 35.32
N GLN V 789 18.67 43.06 36.40
CA GLN V 789 19.61 41.94 36.49
C GLN V 789 18.92 40.57 36.49
N VAL V 790 17.84 40.43 37.27
CA VAL V 790 17.12 39.16 37.30
C VAL V 790 16.60 38.79 35.91
N VAL V 791 16.07 39.77 35.18
CA VAL V 791 15.50 39.49 33.86
C VAL V 791 16.59 39.10 32.88
N ALA V 792 17.74 39.80 32.92
CA ALA V 792 18.84 39.45 32.04
C ALA V 792 19.31 38.01 32.24
N GLN V 793 19.47 37.60 33.52
CA GLN V 793 19.91 36.24 33.79
C GLN V 793 18.91 35.20 33.28
N GLU V 794 17.61 35.44 33.52
CA GLU V 794 16.59 34.49 33.05
C GLU V 794 16.61 34.34 31.54
N GLU V 795 16.78 35.45 30.81
CA GLU V 795 16.81 35.36 29.35
C GLU V 795 18.00 34.56 28.85
N ARG V 796 19.19 34.78 29.43
CA ARG V 796 20.34 33.99 29.00
C ARG V 796 20.14 32.51 29.29
N LYS V 797 19.53 32.17 30.42
CA LYS V 797 19.20 30.78 30.72
C LYS V 797 18.33 30.16 29.64
N LEU V 798 17.25 30.85 29.25
CA LEU V 798 16.36 30.31 28.24
C LEU V 798 17.10 30.05 26.92
N MET V 799 17.91 31.00 26.50
CA MET V 799 18.65 30.84 25.24
C MET V 799 19.60 29.64 25.30
N LEU V 800 20.29 29.46 26.43
CA LEU V 800 21.19 28.33 26.56
C LEU V 800 20.44 27.00 26.49
N GLU V 801 19.28 26.93 27.14
CA GLU V 801 18.48 25.70 27.09
C GLU V 801 18.08 25.34 25.66
N ALA V 802 17.66 26.33 24.88
CA ALA V 802 17.26 26.03 23.51
C ALA V 802 18.46 25.59 22.66
N ALA V 803 19.62 26.22 22.87
CA ALA V 803 20.82 25.80 22.14
C ALA V 803 21.19 24.36 22.46
N ARG V 804 21.13 23.97 23.74
CA ARG V 804 21.46 22.61 24.12
C ARG V 804 20.48 21.60 23.53
N LYS V 805 19.19 21.92 23.55
CA LYS V 805 18.22 21.01 22.95
C LYS V 805 18.48 20.84 21.46
N GLN V 806 18.88 21.91 20.77
CA GLN V 806 19.14 21.80 19.35
C GLN V 806 20.40 20.99 19.06
N LEU V 807 21.44 21.15 19.87
CA LEU V 807 22.71 20.50 19.56
C LEU V 807 22.69 19.01 19.87
N GLY W 506 30.49 49.94 33.38
CA GLY W 506 29.28 50.35 34.08
C GLY W 506 28.27 49.23 34.22
N ALA W 507 28.28 48.32 33.27
CA ALA W 507 27.38 47.16 33.31
C ALA W 507 28.15 45.92 33.71
N PRO W 508 27.68 45.15 34.69
CA PRO W 508 28.38 43.91 35.05
C PRO W 508 28.28 42.85 33.96
N LEU W 509 29.09 41.81 34.11
CA LEU W 509 29.06 40.68 33.19
C LEU W 509 27.98 39.70 33.63
N VAL W 510 27.19 39.22 32.67
CA VAL W 510 25.98 38.45 32.93
C VAL W 510 26.09 37.09 32.25
N THR W 511 25.94 36.03 33.04
CA THR W 511 26.00 34.66 32.54
C THR W 511 24.72 33.92 32.93
N GLY W 512 24.37 32.91 32.14
CA GLY W 512 23.22 32.09 32.49
C GLY W 512 23.51 31.17 33.66
N THR W 513 24.66 30.52 33.64
CA THR W 513 25.12 29.74 34.78
C THR W 513 25.45 30.65 35.95
N MET W 514 25.08 30.23 37.15
CA MET W 514 25.34 31.00 38.35
C MET W 514 26.74 30.71 38.87
N VAL W 515 27.45 31.77 39.24
CA VAL W 515 28.77 31.69 39.86
C VAL W 515 28.63 32.18 41.29
N LYS W 516 28.89 31.31 42.25
CA LYS W 516 28.80 31.63 43.67
C LYS W 516 30.19 31.62 44.30
N VAL W 517 30.25 31.78 45.63
CA VAL W 517 31.50 31.95 46.35
C VAL W 517 31.50 31.07 47.59
N ASN W 518 32.69 30.69 48.03
CA ASN W 518 32.88 29.76 49.14
C ASN W 518 33.33 30.52 50.38
N VAL W 519 32.46 30.62 51.38
CA VAL W 519 32.71 31.40 52.58
C VAL W 519 33.19 30.45 53.67
N SER W 520 34.32 30.79 54.29
CA SER W 520 34.93 29.92 55.30
C SER W 520 34.58 30.33 56.73
N MET W 521 34.68 31.62 57.04
CA MET W 521 34.39 32.15 58.35
C MET W 521 33.38 33.28 58.22
N PRO W 522 32.72 33.66 59.31
CA PRO W 522 31.75 34.77 59.23
C PRO W 522 32.41 36.15 59.21
N GLU W 523 33.75 36.20 59.22
CA GLU W 523 34.44 37.47 59.19
C GLU W 523 34.85 37.90 57.79
N VAL W 524 35.16 36.95 56.90
CA VAL W 524 35.34 37.26 55.50
C VAL W 524 34.00 37.10 54.78
N ALA W 525 33.16 38.12 54.89
CA ALA W 525 31.84 38.10 54.29
C ALA W 525 31.50 39.38 53.53
N GLU W 526 32.20 40.48 53.79
CA GLU W 526 32.02 41.69 53.00
C GLU W 526 32.93 41.69 51.78
N ARG W 527 34.17 41.24 51.96
CA ARG W 527 35.06 41.07 50.81
C ARG W 527 34.51 40.02 49.85
N ALA W 528 33.66 39.12 50.34
CA ALA W 528 33.06 38.11 49.47
C ALA W 528 31.81 38.65 48.80
N ALA W 529 31.00 39.43 49.52
CA ALA W 529 29.83 40.04 48.92
C ALA W 529 30.20 41.16 47.95
N ALA W 530 31.45 41.63 47.98
CA ALA W 530 31.90 42.66 47.06
C ALA W 530 32.48 42.10 45.78
N THR W 531 32.37 40.79 45.55
CA THR W 531 32.94 40.19 44.35
C THR W 531 31.94 40.08 43.21
N GLY W 532 30.65 40.28 43.49
CA GLY W 532 29.65 40.12 42.48
C GLY W 532 29.11 38.71 42.33
N ALA W 533 29.20 37.89 43.37
CA ALA W 533 28.73 36.52 43.31
C ALA W 533 27.20 36.49 43.36
N ASP W 534 26.64 35.34 42.99
CA ASP W 534 25.20 35.15 42.95
C ASP W 534 24.65 34.53 44.22
N GLY W 535 25.50 34.31 45.21
CA GLY W 535 25.09 33.71 46.46
C GLY W 535 26.28 33.05 47.12
N VAL W 536 26.01 32.40 48.25
CA VAL W 536 26.99 31.58 48.94
C VAL W 536 26.73 30.13 48.58
N GLY W 537 27.79 29.40 48.26
CA GLY W 537 27.65 28.03 47.85
C GLY W 537 27.95 27.04 48.95
N LEU W 538 28.78 27.46 49.90
CA LEU W 538 29.13 26.60 51.03
C LEU W 538 29.65 27.47 52.16
N LEU W 539 28.93 27.49 53.28
CA LEU W 539 29.39 28.13 54.50
C LEU W 539 29.62 27.05 55.55
N ARG W 540 30.87 26.86 55.94
CA ARG W 540 31.22 25.80 56.88
C ARG W 540 31.03 26.24 58.32
N ALA W 541 30.79 25.26 59.19
CA ALA W 541 30.51 25.51 60.60
C ALA W 541 31.65 25.07 61.51
N GLU W 542 32.71 24.47 60.98
CA GLU W 542 33.81 23.98 61.80
C GLU W 542 34.36 25.09 62.70
N HIS W 543 34.59 26.27 62.13
CA HIS W 543 35.13 27.38 62.91
C HIS W 543 34.15 27.84 63.98
N MET W 544 32.91 28.11 63.58
CA MET W 544 31.93 28.68 64.51
C MET W 544 31.62 27.75 65.67
N ILE W 545 31.89 26.45 65.52
CA ILE W 545 31.63 25.52 66.61
C ILE W 545 32.87 25.20 67.42
N LEU W 546 34.00 24.93 66.77
CA LEU W 546 35.23 24.61 67.46
C LEU W 546 36.00 25.83 67.92
N SER W 547 35.34 26.97 68.08
CA SER W 547 36.00 28.19 68.52
C SER W 547 35.89 28.44 70.02
N ILE W 548 35.13 27.61 70.74
CA ILE W 548 34.89 27.84 72.16
C ILE W 548 35.93 27.13 73.00
N GLY W 549 36.99 26.62 72.36
CA GLY W 549 38.07 25.95 73.06
C GLY W 549 37.64 24.83 73.98
N GLN W 550 36.64 24.04 73.56
CA GLN W 550 36.07 23.02 74.42
C GLN W 550 35.37 21.98 73.55
N HIS W 551 35.33 20.75 74.02
CA HIS W 551 34.60 19.69 73.35
C HIS W 551 33.10 19.98 73.43
N PRO W 552 32.40 20.09 72.30
CA PRO W 552 30.98 20.45 72.35
C PRO W 552 30.13 19.47 73.15
N ILE W 553 30.39 18.17 73.05
CA ILE W 553 29.64 17.20 73.86
C ILE W 553 29.92 17.45 75.33
N LYS W 554 31.17 17.73 75.68
CA LYS W 554 31.50 18.15 77.04
C LYS W 554 30.86 19.49 77.38
N PHE W 555 30.78 20.38 76.39
CA PHE W 555 30.23 21.71 76.63
C PHE W 555 28.75 21.65 76.99
N ILE W 556 28.04 20.65 76.48
CA ILE W 556 26.60 20.58 76.73
C ILE W 556 26.26 19.71 77.94
N LYS W 557 27.18 18.80 78.28
CA LYS W 557 26.98 17.98 79.47
C LYS W 557 27.16 18.94 80.62
N GLU W 558 28.21 19.75 80.56
CA GLU W 558 28.40 20.77 81.58
C GLU W 558 27.12 21.54 81.61
N GLY W 559 26.57 21.83 80.44
CA GLY W 559 25.28 22.50 80.39
C GLY W 559 25.26 23.94 79.96
N LYS W 560 25.96 24.30 78.89
CA LYS W 560 25.84 25.67 78.43
C LYS W 560 25.33 25.64 77.01
N GLU W 561 24.06 25.29 76.83
CA GLU W 561 23.52 25.16 75.47
C GLU W 561 23.18 26.49 74.85
N GLU W 562 22.53 27.39 75.59
CA GLU W 562 22.01 28.61 75.00
C GLU W 562 23.12 29.54 74.53
N GLU W 563 24.26 29.53 75.21
CA GLU W 563 25.39 30.35 74.80
C GLU W 563 25.87 29.95 73.40
N LEU W 564 26.15 28.66 73.21
CA LEU W 564 26.55 28.16 71.90
C LEU W 564 25.49 28.42 70.85
N VAL W 565 24.22 28.21 71.21
CA VAL W 565 23.12 28.43 70.27
C VAL W 565 23.13 29.87 69.77
N GLU W 566 23.11 30.84 70.70
CA GLU W 566 23.02 32.23 70.29
C GLU W 566 24.29 32.72 69.59
N LYS W 567 25.44 32.14 69.93
CA LYS W 567 26.66 32.48 69.20
C LYS W 567 26.57 32.03 67.75
N LEU W 568 26.16 30.78 67.52
CA LEU W 568 25.89 30.33 66.17
C LEU W 568 24.89 31.24 65.47
N ALA W 569 23.87 31.68 66.21
CA ALA W 569 22.82 32.50 65.63
C ALA W 569 23.37 33.80 65.07
N GLU W 570 24.19 34.51 65.85
CA GLU W 570 24.74 35.76 65.34
C GLU W 570 25.74 35.51 64.23
N GLY W 571 26.55 34.45 64.36
CA GLY W 571 27.48 34.12 63.28
C GLY W 571 26.79 33.88 61.95
N ILE W 572 25.64 33.21 61.98
CA ILE W 572 24.89 32.93 60.76
C ILE W 572 24.17 34.16 60.24
N GLU W 573 23.59 34.97 61.14
CA GLU W 573 22.83 36.14 60.71
C GLU W 573 23.73 37.17 60.05
N LYS W 574 24.98 37.27 60.50
CA LYS W 574 25.93 38.18 59.85
C LYS W 574 26.04 37.87 58.35
N VAL W 575 26.33 36.61 58.02
CA VAL W 575 26.47 36.20 56.63
C VAL W 575 25.14 36.31 55.89
N ALA W 576 24.05 35.91 56.53
CA ALA W 576 22.76 35.96 55.87
C ALA W 576 22.35 37.37 55.51
N ALA W 577 22.76 38.36 56.30
CA ALA W 577 22.39 39.75 56.04
C ALA W 577 23.37 40.47 55.15
N ALA W 578 24.57 39.91 54.94
CA ALA W 578 25.49 40.51 53.97
C ALA W 578 25.01 40.17 52.56
N PHE W 579 24.40 39.00 52.39
CA PHE W 579 23.86 38.62 51.09
C PHE W 579 22.40 38.23 51.26
N TYR W 580 21.52 39.21 51.45
CA TYR W 580 20.09 38.93 51.67
C TYR W 580 19.30 38.50 50.44
N PRO W 581 19.11 39.41 49.47
CA PRO W 581 18.30 38.86 48.36
C PRO W 581 18.88 37.55 47.83
N ARG W 582 20.16 37.28 48.03
CA ARG W 582 20.79 36.08 47.49
C ARG W 582 20.78 34.89 48.44
N PRO W 583 20.69 33.68 47.89
CA PRO W 583 20.69 32.45 48.69
C PRO W 583 22.02 32.21 49.39
N VAL W 584 21.96 31.52 50.52
CA VAL W 584 23.12 31.07 51.28
C VAL W 584 22.88 29.64 51.72
N TRP W 585 23.88 28.78 51.54
CA TRP W 585 23.76 27.36 51.86
C TRP W 585 24.75 26.99 52.97
N TYR W 586 24.25 26.30 53.98
CA TYR W 586 24.99 26.02 55.21
C TYR W 586 25.07 24.52 55.45
N ARG W 587 26.28 24.01 55.72
CA ARG W 587 26.53 22.59 55.86
C ARG W 587 26.82 22.24 57.32
N THR W 588 26.08 21.27 57.86
CA THR W 588 26.24 20.89 59.25
C THR W 588 27.62 20.31 59.52
N LEU W 589 27.94 20.18 60.80
CA LEU W 589 29.30 19.89 61.25
C LEU W 589 29.84 18.60 60.63
N ASP W 590 31.12 18.64 60.25
CA ASP W 590 31.76 17.49 59.62
C ASP W 590 33.26 17.60 59.85
N ALA W 591 33.79 16.73 60.70
CA ALA W 591 35.22 16.70 61.00
C ALA W 591 35.58 15.31 61.48
N PRO W 592 36.80 14.85 61.23
CA PRO W 592 37.19 13.50 61.65
C PRO W 592 37.28 13.37 63.16
N THR W 593 37.63 12.17 63.65
CA THR W 593 37.73 11.95 65.08
C THR W 593 39.04 12.48 65.66
N ASN W 594 40.11 12.55 64.86
CA ASN W 594 41.36 13.14 65.32
C ASN W 594 41.34 14.66 65.26
N GLU W 595 40.16 15.25 65.16
CA GLU W 595 39.97 16.69 65.33
C GLU W 595 39.31 17.03 66.66
N PHE W 596 38.54 16.10 67.22
CA PHE W 596 37.96 16.29 68.55
C PHE W 596 38.93 15.86 69.64
N ARG W 597 39.97 15.11 69.29
CA ARG W 597 40.92 14.63 70.28
C ARG W 597 41.82 15.74 70.81
N GLU W 598 41.95 16.84 70.08
CA GLU W 598 42.96 17.86 70.37
C GLU W 598 42.35 19.07 71.07
N MET W 599 41.22 18.91 71.71
CA MET W 599 40.56 19.99 72.41
C MET W 599 40.44 19.68 73.90
N PRO W 600 40.30 20.73 74.74
CA PRO W 600 40.09 20.42 76.17
C PRO W 600 38.83 19.59 76.35
N GLY W 601 38.97 18.36 76.84
CA GLY W 601 37.83 17.49 77.01
C GLY W 601 37.92 16.33 76.05
N GLY W 602 38.86 16.41 75.11
CA GLY W 602 39.05 15.35 74.15
C GLY W 602 40.09 14.37 74.65
N GLU W 603 39.69 13.50 75.57
CA GLU W 603 40.62 12.52 76.12
C GLU W 603 40.09 11.13 75.84
N ASP W 604 38.77 11.02 75.70
CA ASP W 604 38.17 9.74 75.38
C ASP W 604 38.10 9.66 73.87
N GLU W 605 38.97 8.88 73.25
CA GLU W 605 38.98 8.78 71.79
C GLU W 605 39.29 7.35 71.32
N PRO W 606 39.15 7.09 70.02
CA PRO W 606 39.35 5.72 69.54
C PRO W 606 40.69 5.48 68.86
N GLU W 607 41.41 6.55 68.51
CA GLU W 607 42.65 6.38 67.77
C GLU W 607 42.48 5.34 66.68
N GLU W 608 41.54 5.57 65.76
CA GLU W 608 41.26 4.60 64.71
C GLU W 608 42.40 4.45 63.72
N ARG W 609 42.35 3.42 62.90
CA ARG W 609 43.39 3.21 61.90
C ARG W 609 43.01 3.84 60.56
N ASN W 610 41.73 4.16 60.38
CA ASN W 610 41.30 4.83 59.15
C ASN W 610 40.22 5.88 59.41
N PRO W 611 40.62 7.10 59.81
CA PRO W 611 39.60 8.11 60.15
C PRO W 611 38.84 8.64 58.95
N MET W 612 39.25 8.32 57.72
CA MET W 612 38.51 8.73 56.54
C MET W 612 37.28 7.88 56.30
N LEU W 613 37.29 6.62 56.73
CA LEU W 613 36.18 5.70 56.56
C LEU W 613 35.52 5.39 57.89
N GLY W 614 35.50 6.37 58.79
CA GLY W 614 35.05 6.11 60.14
C GLY W 614 33.80 6.86 60.58
N TRP W 615 33.78 7.23 61.86
CA TRP W 615 32.61 7.80 62.52
C TRP W 615 32.68 9.32 62.39
N ARG W 616 32.00 9.86 61.38
CA ARG W 616 32.03 11.29 61.12
C ARG W 616 30.78 11.66 60.34
N GLY W 617 30.60 12.97 60.15
CA GLY W 617 29.50 13.44 59.34
C GLY W 617 28.15 13.15 59.97
N ILE W 618 27.16 12.97 59.09
CA ILE W 618 25.78 12.77 59.55
C ILE W 618 25.61 11.46 60.31
N ARG W 619 26.51 10.49 60.16
CA ARG W 619 26.46 9.29 60.98
C ARG W 619 26.62 9.66 62.46
N ARG W 620 27.78 10.22 62.81
CA ARG W 620 27.99 10.72 64.15
C ARG W 620 26.90 11.68 64.57
N GLY W 621 26.44 12.52 63.64
CA GLY W 621 25.41 13.48 63.98
C GLY W 621 24.13 12.82 64.44
N LEU W 622 23.70 11.77 63.75
CA LEU W 622 22.48 11.06 64.12
C LEU W 622 22.68 10.18 65.34
N ASP W 623 23.92 9.80 65.65
CA ASP W 623 24.16 9.06 66.89
C ASP W 623 23.94 9.93 68.12
N GLN W 624 24.37 11.19 68.06
CA GLN W 624 24.24 12.14 69.18
C GLN W 624 23.38 13.31 68.72
N PRO W 625 22.06 13.18 68.81
CA PRO W 625 21.17 14.17 68.18
C PRO W 625 21.19 15.56 68.82
N GLU W 626 22.02 15.78 69.83
CA GLU W 626 22.02 17.08 70.50
C GLU W 626 22.68 18.15 69.64
N LEU W 627 23.73 17.79 68.91
CA LEU W 627 24.36 18.75 68.00
C LEU W 627 23.38 19.20 66.93
N LEU W 628 22.65 18.25 66.35
CA LEU W 628 21.62 18.58 65.37
C LEU W 628 20.55 19.46 65.99
N ARG W 629 20.12 19.14 67.21
CA ARG W 629 19.12 19.95 67.91
C ARG W 629 19.57 21.39 68.03
N ALA W 630 20.82 21.60 68.48
CA ALA W 630 21.32 22.94 68.70
C ALA W 630 21.45 23.72 67.40
N GLU W 631 21.97 23.07 66.36
CA GLU W 631 22.15 23.75 65.08
C GLU W 631 20.80 24.13 64.47
N PHE W 632 19.82 23.23 64.53
CA PHE W 632 18.51 23.55 63.99
C PHE W 632 17.83 24.64 64.81
N LYS W 633 18.08 24.67 66.12
CA LYS W 633 17.56 25.75 66.95
C LYS W 633 18.11 27.10 66.51
N ALA W 634 19.43 27.19 66.33
CA ALA W 634 20.03 28.45 65.90
C ALA W 634 19.53 28.86 64.51
N ILE W 635 19.38 27.89 63.61
CA ILE W 635 18.92 28.22 62.26
C ILE W 635 17.51 28.78 62.31
N LYS W 636 16.60 28.13 63.04
CA LYS W 636 15.26 28.67 63.18
C LYS W 636 15.28 30.04 63.86
N LYS W 637 16.21 30.24 64.79
CA LYS W 637 16.34 31.50 65.48
C LYS W 637 16.62 32.64 64.51
N VAL W 638 17.63 32.46 63.64
CA VAL W 638 17.89 33.51 62.66
C VAL W 638 16.85 33.54 61.56
N VAL W 639 16.08 32.46 61.37
CA VAL W 639 15.05 32.51 60.35
C VAL W 639 13.89 33.39 60.78
N GLU W 640 13.48 33.31 62.05
CA GLU W 640 12.28 34.04 62.48
C GLU W 640 12.49 35.55 62.52
N LYS W 641 13.73 36.03 62.39
CA LYS W 641 13.94 37.46 62.24
C LYS W 641 13.52 37.96 60.86
N GLY W 642 13.33 37.07 59.90
CA GLY W 642 12.80 37.46 58.60
C GLY W 642 13.70 37.13 57.42
N TYR W 643 14.70 36.27 57.63
CA TYR W 643 15.62 35.87 56.57
C TYR W 643 15.11 34.59 55.94
N ASN W 644 14.55 34.70 54.73
CA ASN W 644 13.99 33.55 54.03
C ASN W 644 14.87 33.08 52.88
N ASN W 645 16.18 33.09 53.05
CA ASN W 645 17.10 32.73 51.98
C ASN W 645 18.15 31.75 52.45
N ILE W 646 17.83 30.95 53.46
CA ILE W 646 18.75 29.97 54.02
C ILE W 646 18.32 28.58 53.59
N GLY W 647 19.30 27.67 53.54
CA GLY W 647 19.03 26.28 53.25
C GLY W 647 20.06 25.41 53.95
N VAL W 648 19.66 24.16 54.19
CA VAL W 648 20.45 23.22 54.98
C VAL W 648 21.00 22.13 54.08
N MET W 649 22.24 21.73 54.37
CA MET W 649 22.97 20.74 53.56
C MET W 649 23.54 19.67 54.48
N LEU W 650 23.21 18.40 54.19
CA LEU W 650 23.65 17.26 55.00
C LEU W 650 24.87 16.61 54.36
N PRO W 651 25.94 16.37 55.12
CA PRO W 651 27.13 15.75 54.55
C PRO W 651 27.18 14.23 54.73
N LEU W 652 27.75 13.57 53.73
CA LEU W 652 28.08 12.13 53.77
C LEU W 652 26.83 11.26 53.98
N VAL W 653 25.94 11.30 53.00
CA VAL W 653 24.70 10.54 53.01
C VAL W 653 24.86 9.34 52.07
N SER W 654 24.44 8.16 52.53
CA SER W 654 24.43 6.99 51.67
C SER W 654 23.22 6.07 51.84
N HIS W 655 22.26 6.40 52.70
CA HIS W 655 21.02 5.66 52.84
C HIS W 655 19.89 6.67 52.99
N PRO W 656 18.70 6.37 52.46
CA PRO W 656 17.56 7.29 52.65
C PRO W 656 17.09 7.39 54.09
N GLU W 657 17.34 6.35 54.90
CA GLU W 657 16.96 6.39 56.30
C GLU W 657 17.61 7.57 57.01
N GLN W 658 18.84 7.92 56.62
CA GLN W 658 19.49 9.08 57.22
C GLN W 658 18.73 10.36 56.93
N ILE W 659 18.25 10.52 55.69
CA ILE W 659 17.48 11.70 55.33
C ILE W 659 16.19 11.76 56.12
N ARG W 660 15.50 10.63 56.26
CA ARG W 660 14.22 10.66 56.98
C ARG W 660 14.42 10.93 58.47
N GLU W 661 15.45 10.35 59.08
CA GLU W 661 15.69 10.59 60.50
C GLU W 661 16.10 12.04 60.74
N ALA W 662 16.88 12.62 59.83
CA ALA W 662 17.22 14.04 59.96
C ALA W 662 15.98 14.92 59.85
N LYS W 663 15.08 14.59 58.90
CA LYS W 663 13.87 15.38 58.77
C LYS W 663 13.02 15.31 60.03
N ARG W 664 12.95 14.13 60.66
CA ARG W 664 12.17 14.00 61.89
C ARG W 664 12.82 14.79 63.03
N ILE W 665 14.14 14.63 63.21
CA ILE W 665 14.83 15.36 64.25
C ILE W 665 14.62 16.86 64.10
N ALA W 666 14.64 17.35 62.86
CA ALA W 666 14.45 18.77 62.64
C ALA W 666 13.01 19.19 62.90
N ARG W 667 12.05 18.34 62.55
CA ARG W 667 10.66 18.71 62.74
C ARG W 667 10.24 18.66 64.20
N GLU W 668 10.96 17.95 65.05
CA GLU W 668 10.55 17.93 66.46
C GLU W 668 10.77 19.28 67.15
N VAL W 669 11.79 20.05 66.76
CA VAL W 669 12.11 21.28 67.47
C VAL W 669 11.58 22.54 66.80
N GLY W 670 10.64 22.41 65.88
CA GLY W 670 9.94 23.56 65.32
C GLY W 670 10.27 23.91 63.89
N LEU W 671 11.48 23.62 63.43
CA LEU W 671 11.88 23.94 62.06
C LEU W 671 11.10 23.07 61.07
N GLU W 672 10.77 23.64 59.92
CA GLU W 672 9.94 22.97 58.92
C GLU W 672 10.62 22.95 57.56
N PRO W 673 11.04 21.78 57.07
CA PRO W 673 11.64 21.70 55.74
C PRO W 673 10.69 22.16 54.65
N HIS W 674 11.27 22.70 53.58
CA HIS W 674 10.60 23.09 52.34
C HIS W 674 9.62 24.25 52.52
N LYS W 675 9.45 24.75 53.73
CA LYS W 675 8.60 25.92 53.99
C LYS W 675 9.28 26.99 54.82
N ASP W 676 10.33 26.66 55.57
CA ASP W 676 11.16 27.64 56.24
C ASP W 676 12.56 27.72 55.68
N VAL W 677 13.07 26.61 55.12
CA VAL W 677 14.42 26.54 54.58
C VAL W 677 14.38 25.66 53.34
N ALA W 678 15.55 25.46 52.75
CA ALA W 678 15.72 24.50 51.68
C ALA W 678 16.43 23.25 52.21
N TRP W 679 16.12 22.11 51.61
CA TRP W 679 16.64 20.83 52.05
C TRP W 679 17.44 20.21 50.91
N GLY W 680 18.72 19.93 51.15
CA GLY W 680 19.59 19.35 50.14
C GLY W 680 20.64 18.48 50.78
N VAL W 681 21.45 17.83 49.93
CA VAL W 681 22.44 16.85 50.38
C VAL W 681 23.76 17.07 49.64
N MET W 682 24.78 16.37 50.11
CA MET W 682 26.10 16.33 49.49
C MET W 682 26.35 14.96 48.87
N ILE W 683 27.05 14.94 47.74
CA ILE W 683 27.36 13.71 47.02
C ILE W 683 28.87 13.51 47.10
N GLU W 684 29.31 12.60 47.98
CA GLU W 684 30.73 12.32 48.14
C GLU W 684 31.07 10.83 48.14
N VAL W 685 30.13 9.94 48.44
CA VAL W 685 30.40 8.51 48.37
C VAL W 685 29.88 8.00 47.03
N PRO W 686 30.57 7.05 46.38
CA PRO W 686 30.07 6.54 45.11
C PRO W 686 28.69 5.92 45.18
N ALA W 687 28.32 5.33 46.32
CA ALA W 687 26.99 4.75 46.48
C ALA W 687 25.91 5.79 46.26
N ALA W 688 26.09 6.99 46.83
CA ALA W 688 25.08 8.03 46.67
C ALA W 688 24.95 8.46 45.22
N ALA W 689 26.06 8.48 44.49
CA ALA W 689 26.02 8.80 43.07
C ALA W 689 25.39 7.70 42.22
N ILE W 690 25.37 6.45 42.71
CA ILE W 690 24.84 5.37 41.89
C ILE W 690 23.34 5.10 42.13
N ILE W 691 22.80 5.45 43.30
CA ILE W 691 21.38 5.23 43.58
C ILE W 691 20.67 6.55 43.81
N ILE W 692 21.08 7.59 43.08
CA ILE W 692 20.62 8.96 43.34
C ILE W 692 19.11 9.09 43.31
N GLU W 693 18.42 8.26 42.52
CA GLU W 693 16.98 8.39 42.40
C GLU W 693 16.26 8.05 43.69
N ASP W 694 16.75 7.06 44.43
CA ASP W 694 16.16 6.73 45.72
C ASP W 694 16.22 7.93 46.66
N LEU W 695 17.36 8.62 46.69
CA LEU W 695 17.48 9.81 47.53
C LEU W 695 16.56 10.92 47.05
N ILE W 696 16.41 11.08 45.73
CA ILE W 696 15.55 12.13 45.21
C ILE W 696 14.09 11.87 45.59
N LYS W 697 13.70 10.61 45.68
CA LYS W 697 12.30 10.31 45.99
C LYS W 697 11.92 10.60 47.44
N GLU W 698 12.82 11.14 48.26
CA GLU W 698 12.49 11.55 49.61
C GLU W 698 12.29 13.06 49.73
N GLY W 699 12.10 13.75 48.61
CA GLY W 699 11.84 15.18 48.64
C GLY W 699 13.01 16.05 49.04
N ILE W 700 14.01 16.17 48.18
CA ILE W 700 15.09 17.14 48.40
C ILE W 700 14.94 18.27 47.40
N ASP W 701 15.73 19.33 47.58
CA ASP W 701 15.62 20.48 46.70
C ASP W 701 16.89 20.75 45.89
N PHE W 702 18.04 20.40 46.43
CA PHE W 702 19.29 20.67 45.74
C PHE W 702 20.38 19.66 46.05
N VAL W 703 21.38 19.58 45.18
CA VAL W 703 22.49 18.65 45.38
C VAL W 703 23.81 19.33 45.07
N SER W 704 24.90 18.86 45.68
CA SER W 704 26.20 19.46 45.47
C SER W 704 27.28 18.39 45.42
N PHE W 705 28.22 18.54 44.47
CA PHE W 705 29.30 17.58 44.26
C PHE W 705 30.52 17.97 45.10
N GLY W 706 30.94 17.07 45.99
CA GLY W 706 32.21 17.16 46.66
C GLY W 706 33.34 16.44 45.95
N THR W 707 33.89 17.03 44.88
CA THR W 707 34.77 16.28 43.99
C THR W 707 36.04 15.80 44.67
N ASN W 708 36.46 16.46 45.75
CA ASN W 708 37.63 16.00 46.51
C ASN W 708 37.40 14.59 47.05
N ASP W 709 36.39 14.46 47.91
CA ASP W 709 36.11 13.18 48.53
C ASP W 709 35.68 12.13 47.51
N LEU W 710 34.92 12.54 46.51
CA LEU W 710 34.48 11.59 45.49
C LEU W 710 35.67 11.02 44.72
N THR W 711 36.61 11.87 44.31
CA THR W 711 37.78 11.38 43.61
C THR W 711 38.63 10.49 44.51
N GLN W 712 38.68 10.79 45.81
CA GLN W 712 39.49 9.97 46.69
C GLN W 712 38.86 8.60 46.94
N TYR W 713 37.55 8.54 47.17
CA TYR W 713 36.90 7.27 47.43
C TYR W 713 36.71 6.43 46.18
N THR W 714 36.71 7.03 45.00
CA THR W 714 36.49 6.26 43.79
C THR W 714 37.77 5.56 43.32
N LEU W 715 38.92 6.20 43.50
CA LEU W 715 40.19 5.62 43.06
C LEU W 715 40.91 4.87 44.18
N ALA W 716 40.34 4.81 45.37
CA ALA W 716 40.94 4.14 46.52
C ALA W 716 42.36 4.64 46.76
N ILE W 717 42.45 5.93 47.07
CA ILE W 717 43.74 6.61 47.12
C ILE W 717 43.64 7.76 48.11
N ASP W 718 44.66 7.90 48.95
CA ASP W 718 44.78 9.06 49.83
C ASP W 718 45.72 10.08 49.19
N ARG W 719 45.31 11.34 49.25
CA ARG W 719 46.05 12.40 48.57
C ARG W 719 47.20 12.92 49.41
N ASP W 720 47.08 12.87 50.74
CA ASP W 720 48.15 13.31 51.62
C ASP W 720 49.35 12.38 51.62
N ASN W 721 49.19 11.14 51.18
CA ASN W 721 50.28 10.19 51.14
C ASN W 721 51.20 10.51 49.98
N GLU W 722 52.49 10.64 50.27
CA GLU W 722 53.48 11.09 49.29
C GLU W 722 53.65 10.08 48.16
N ARG W 723 53.51 8.80 48.48
CA ARG W 723 53.88 7.75 47.53
C ARG W 723 52.80 7.48 46.48
N VAL W 724 51.53 7.78 46.76
CA VAL W 724 50.46 7.51 45.82
C VAL W 724 49.68 8.76 45.42
N ALA W 725 50.16 9.96 45.76
CA ALA W 725 49.48 11.18 45.33
C ALA W 725 49.77 11.53 43.89
N LYS W 726 50.64 10.78 43.22
CA LYS W 726 50.90 11.00 41.80
C LYS W 726 49.79 10.47 40.91
N LEU W 727 48.82 9.76 41.45
CA LEU W 727 47.73 9.21 40.66
C LEU W 727 46.45 10.04 40.77
N TYR W 728 46.38 10.98 41.70
CA TYR W 728 45.20 11.81 41.89
C TYR W 728 44.90 12.61 40.62
N ASP W 729 43.62 12.66 40.26
CA ASP W 729 43.17 13.38 39.08
C ASP W 729 41.65 13.56 39.12
N GLU W 730 41.17 14.80 39.04
CA GLU W 730 39.74 15.07 39.16
C GLU W 730 39.01 15.06 37.82
N THR W 731 39.72 14.88 36.71
CA THR W 731 39.10 14.67 35.41
C THR W 731 39.32 13.25 34.90
N HIS W 732 39.33 12.29 35.81
CA HIS W 732 39.42 10.88 35.44
C HIS W 732 38.07 10.43 34.88
N PRO W 733 38.08 9.58 33.85
CA PRO W 733 36.82 9.19 33.18
C PRO W 733 35.72 8.67 34.11
N ALA W 734 36.06 7.99 35.19
CA ALA W 734 35.02 7.38 36.02
C ALA W 734 34.22 8.44 36.77
N VAL W 735 34.92 9.43 37.34
CA VAL W 735 34.25 10.52 38.04
C VAL W 735 33.33 11.28 37.08
N LEU W 736 33.77 11.44 35.83
CA LEU W 736 32.96 12.17 34.86
C LEU W 736 31.72 11.38 34.46
N LYS W 737 31.84 10.06 34.31
CA LYS W 737 30.66 9.23 34.11
C LYS W 737 29.66 9.39 35.25
N LEU W 738 30.15 9.37 36.49
CA LEU W 738 29.24 9.49 37.63
C LEU W 738 28.54 10.84 37.65
N ILE W 739 29.29 11.92 37.39
CA ILE W 739 28.72 13.26 37.38
C ILE W 739 27.67 13.39 36.29
N LYS W 740 27.96 12.87 35.10
CA LYS W 740 27.00 12.94 34.00
C LYS W 740 25.71 12.22 34.34
N HIS W 741 25.81 11.03 34.94
CA HIS W 741 24.61 10.29 35.32
C HIS W 741 23.76 11.10 36.31
N VAL W 742 24.39 11.62 37.36
CA VAL W 742 23.65 12.36 38.37
C VAL W 742 22.94 13.56 37.74
N ILE W 743 23.67 14.36 36.97
CA ILE W 743 23.10 15.55 36.36
C ILE W 743 21.90 15.20 35.51
N LYS W 744 22.03 14.17 34.67
CA LYS W 744 20.92 13.71 33.85
C LYS W 744 19.68 13.45 34.70
N VAL W 745 19.83 12.69 35.78
CA VAL W 745 18.65 12.25 36.53
C VAL W 745 17.96 13.42 37.22
N CYS W 746 18.72 14.28 37.92
CA CYS W 746 18.02 15.33 38.64
C CYS W 746 17.54 16.43 37.72
N LYS W 747 18.19 16.62 36.56
CA LYS W 747 17.57 17.41 35.51
C LYS W 747 16.19 16.87 35.16
N ARG W 748 16.09 15.56 34.95
CA ARG W 748 14.79 14.94 34.67
C ARG W 748 13.77 15.19 35.78
N TYR W 749 14.20 15.22 37.04
CA TYR W 749 13.25 15.36 38.15
C TYR W 749 13.03 16.79 38.62
N GLY W 750 13.70 17.78 38.03
CA GLY W 750 13.48 19.16 38.44
C GLY W 750 14.24 19.62 39.65
N VAL W 751 15.43 19.05 39.90
CA VAL W 751 16.26 19.41 41.04
C VAL W 751 17.45 20.21 40.54
N GLU W 752 17.97 21.08 41.41
CA GLU W 752 19.08 21.95 41.07
C GLU W 752 20.41 21.32 41.46
N THR W 753 21.42 21.48 40.59
CA THR W 753 22.74 20.90 40.79
C THR W 753 23.80 21.99 40.97
N SER W 754 24.87 21.66 41.67
CA SER W 754 25.96 22.60 41.91
C SER W 754 27.23 21.81 42.20
N ILE W 755 28.35 22.52 42.31
CA ILE W 755 29.62 21.91 42.66
C ILE W 755 30.45 22.87 43.49
N CYS W 756 30.92 22.40 44.64
CA CYS W 756 31.88 23.10 45.48
C CYS W 756 33.20 22.32 45.47
N GLY W 757 34.21 22.88 46.10
CA GLY W 757 35.50 22.21 46.21
C GLY W 757 36.61 23.03 45.61
N GLN W 758 37.73 22.35 45.36
CA GLN W 758 38.89 22.99 44.74
C GLN W 758 38.83 22.92 43.23
N ALA W 759 38.03 22.02 42.66
CA ALA W 759 37.85 21.95 41.22
C ALA W 759 36.76 22.88 40.72
N GLY W 760 36.11 23.62 41.61
CA GLY W 760 35.27 24.72 41.20
C GLY W 760 36.05 25.92 40.75
N SER W 761 37.34 25.99 41.09
CA SER W 761 38.22 27.08 40.69
C SER W 761 39.21 26.67 39.62
N ASP W 762 38.79 25.83 38.68
CA ASP W 762 39.64 25.36 37.60
C ASP W 762 38.97 25.65 36.25
N PRO W 763 39.65 26.33 35.33
CA PRO W 763 39.01 26.63 34.03
C PRO W 763 38.64 25.42 33.19
N LYS W 764 39.46 24.36 33.20
CA LYS W 764 39.17 23.20 32.38
C LYS W 764 37.92 22.46 32.88
N MET W 765 37.84 22.26 34.19
CA MET W 765 36.64 21.65 34.77
C MET W 765 35.42 22.52 34.52
N ALA W 766 35.58 23.85 34.60
CA ALA W 766 34.46 24.74 34.34
C ALA W 766 33.93 24.55 32.92
N ARG W 767 34.83 24.40 31.94
CA ARG W 767 34.38 24.19 30.58
C ARG W 767 33.65 22.85 30.42
N ILE W 768 34.22 21.78 30.99
CA ILE W 768 33.56 20.47 30.94
C ILE W 768 32.15 20.56 31.54
N LEU W 769 32.03 21.22 32.70
CA LEU W 769 30.77 21.22 33.42
C LEU W 769 29.73 22.10 32.75
N VAL W 770 30.15 23.20 32.13
CA VAL W 770 29.20 24.02 31.39
C VAL W 770 28.73 23.30 30.14
N ARG W 771 29.61 22.53 29.49
CA ARG W 771 29.14 21.76 28.34
C ARG W 771 28.20 20.64 28.73
N LEU W 772 28.33 20.09 29.95
CA LEU W 772 27.38 19.08 30.38
C LEU W 772 26.03 19.66 30.82
N GLY W 773 26.03 20.83 31.46
CA GLY W 773 24.77 21.45 31.80
C GLY W 773 24.51 21.66 33.28
N ILE W 774 25.56 21.91 34.07
CA ILE W 774 25.36 22.17 35.48
C ILE W 774 24.70 23.53 35.68
N ASP W 775 24.05 23.69 36.83
CA ASP W 775 23.29 24.91 37.12
C ASP W 775 24.11 25.98 37.83
N SER W 776 25.14 25.60 38.58
CA SER W 776 25.93 26.59 39.32
C SER W 776 27.35 26.07 39.54
N ILE W 777 28.25 27.01 39.84
CA ILE W 777 29.64 26.73 40.19
C ILE W 777 30.02 27.61 41.38
N SER W 778 30.80 27.06 42.31
CA SER W 778 31.18 27.74 43.54
C SER W 778 32.70 27.89 43.58
N ALA W 779 33.18 29.12 43.63
CA ALA W 779 34.61 29.42 43.49
C ALA W 779 35.16 30.05 44.77
N ASN W 780 36.48 30.01 44.89
CA ASN W 780 37.16 30.66 46.00
C ASN W 780 37.05 32.17 45.86
N PRO W 781 37.08 32.92 46.97
CA PRO W 781 36.81 34.37 46.91
C PRO W 781 37.73 35.15 45.97
N ASP W 782 38.87 34.60 45.58
CA ASP W 782 39.78 35.30 44.67
C ASP W 782 39.87 34.65 43.31
N ALA W 783 38.84 33.92 42.89
CA ALA W 783 38.79 33.29 41.58
C ALA W 783 37.46 33.49 40.89
N VAL W 784 36.64 34.44 41.34
CA VAL W 784 35.29 34.59 40.81
C VAL W 784 35.30 35.20 39.42
N GLN W 785 36.21 36.15 39.18
CA GLN W 785 36.24 36.87 37.91
C GLN W 785 36.75 35.99 36.78
N LEU W 786 37.79 35.20 37.05
CA LEU W 786 38.32 34.28 36.05
C LEU W 786 37.27 33.28 35.61
N ILE W 787 36.57 32.68 36.58
CA ILE W 787 35.56 31.69 36.26
C ILE W 787 34.40 32.34 35.51
N ARG W 788 34.06 33.57 35.89
CA ARG W 788 33.02 34.31 35.18
C ARG W 788 33.35 34.48 33.70
N GLN W 789 34.59 34.87 33.39
CA GLN W 789 35.00 35.01 32.00
C GLN W 789 35.00 33.68 31.24
N VAL W 790 35.54 32.62 31.86
CA VAL W 790 35.55 31.31 31.21
C VAL W 790 34.13 30.85 30.88
N VAL W 791 33.19 31.05 31.80
CA VAL W 791 31.82 30.60 31.58
C VAL W 791 31.15 31.40 30.48
N ALA W 792 31.37 32.72 30.46
CA ALA W 792 30.81 33.54 29.39
C ALA W 792 31.27 33.09 28.01
N GLN W 793 32.57 32.83 27.87
CA GLN W 793 33.10 32.40 26.57
C GLN W 793 32.50 31.06 26.14
N GLU W 794 32.41 30.10 27.08
CA GLU W 794 31.84 28.79 26.73
C GLU W 794 30.40 28.91 26.27
N GLU W 795 29.60 29.76 26.93
CA GLU W 795 28.21 29.92 26.53
C GLU W 795 28.08 30.51 25.13
N ARG W 796 28.88 31.54 24.81
CA ARG W 796 28.81 32.09 23.46
C ARG W 796 29.21 31.06 22.41
N LYS W 797 30.21 30.23 22.71
CA LYS W 797 30.58 29.14 21.80
C LYS W 797 29.41 28.22 21.51
N LEU W 798 28.72 27.77 22.57
CA LEU W 798 27.59 26.86 22.38
C LEU W 798 26.52 27.48 21.48
N MET W 799 26.17 28.74 21.76
CA MET W 799 25.15 29.40 20.95
C MET W 799 25.55 29.50 19.48
N LEU W 800 26.81 29.83 19.21
CA LEU W 800 27.28 29.92 17.83
C LEU W 800 27.18 28.57 17.13
N GLU W 801 27.56 27.50 17.82
CA GLU W 801 27.47 26.16 17.23
C GLU W 801 26.04 25.81 16.83
N ALA W 802 25.08 26.11 17.70
CA ALA W 802 23.70 25.79 17.36
C ALA W 802 23.19 26.63 16.18
N ALA W 803 23.58 27.91 16.13
CA ALA W 803 23.20 28.74 14.99
C ALA W 803 23.76 28.20 13.68
N ARG W 804 25.01 27.77 13.68
CA ARG W 804 25.62 27.24 12.46
C ARG W 804 24.94 25.95 12.03
N LYS W 805 24.63 25.07 12.98
CA LYS W 805 23.93 23.84 12.61
C LYS W 805 22.57 24.14 12.01
N GLN W 806 21.87 25.15 12.53
CA GLN W 806 20.56 25.49 11.99
C GLN W 806 20.66 26.09 10.60
N LEU W 807 21.66 26.94 10.36
CA LEU W 807 21.71 27.65 9.08
C LEU W 807 22.17 26.76 7.94
N GLY X 506 33.53 48.78 32.15
CA GLY X 506 33.89 47.94 33.28
C GLY X 506 33.93 46.47 32.92
N ALA X 507 33.11 46.08 31.96
CA ALA X 507 33.08 44.69 31.50
C ALA X 507 33.78 44.58 30.15
N PRO X 508 34.70 43.65 29.98
CA PRO X 508 35.35 43.48 28.67
C PRO X 508 34.39 42.93 27.62
N LEU X 509 34.84 43.00 26.37
CA LEU X 509 34.07 42.46 25.26
C LEU X 509 34.36 40.97 25.12
N VAL X 510 33.30 40.17 24.94
CA VAL X 510 33.38 38.72 24.99
C VAL X 510 32.90 38.13 23.68
N THR X 511 33.74 37.31 23.06
CA THR X 511 33.42 36.66 21.79
C THR X 511 33.60 35.15 21.95
N GLY X 512 32.88 34.40 21.13
CA GLY X 512 33.05 32.95 21.14
C GLY X 512 34.34 32.53 20.48
N THR X 513 34.66 33.11 19.34
CA THR X 513 35.95 32.91 18.70
C THR X 513 37.04 33.54 19.53
N MET X 514 38.18 32.85 19.64
CA MET X 514 39.32 33.35 20.39
C MET X 514 40.16 34.27 19.54
N VAL X 515 40.56 35.40 20.11
CA VAL X 515 41.46 36.36 19.48
C VAL X 515 42.77 36.34 20.27
N LYS X 516 43.85 35.95 19.62
CA LYS X 516 45.17 35.88 20.24
C LYS X 516 46.09 36.93 19.64
N VAL X 517 47.37 36.90 20.02
CA VAL X 517 48.33 37.93 19.66
C VAL X 517 49.63 37.29 19.21
N ASN X 518 50.37 38.00 18.35
CA ASN X 518 51.59 37.49 17.73
C ASN X 518 52.80 38.13 18.39
N VAL X 519 53.56 37.35 19.16
CA VAL X 519 54.70 37.84 19.92
C VAL X 519 55.97 37.57 19.12
N SER X 520 56.78 38.62 18.94
CA SER X 520 57.99 38.50 18.12
C SER X 520 59.25 38.27 18.95
N MET X 521 59.43 39.02 20.03
CA MET X 521 60.58 38.93 20.90
C MET X 521 60.09 38.74 22.33
N PRO X 522 60.96 38.28 23.23
CA PRO X 522 60.54 38.12 24.64
C PRO X 522 60.52 39.43 25.42
N GLU X 523 60.81 40.55 24.76
CA GLU X 523 60.80 41.84 25.43
C GLU X 523 59.49 42.59 25.25
N VAL X 524 58.81 42.43 24.12
CA VAL X 524 57.45 42.92 23.98
C VAL X 524 56.47 41.82 24.40
N ALA X 525 56.28 41.69 25.71
CA ALA X 525 55.40 40.67 26.26
C ALA X 525 54.45 41.20 27.32
N GLU X 526 54.73 42.36 27.91
CA GLU X 526 53.80 42.99 28.82
C GLU X 526 52.82 43.88 28.08
N ARG X 527 53.32 44.63 27.10
CA ARG X 527 52.42 45.40 26.23
C ARG X 527 51.49 44.48 25.45
N ALA X 528 51.87 43.22 25.27
CA ALA X 528 51.01 42.28 24.57
C ALA X 528 50.02 41.64 25.53
N ALA X 529 50.45 41.32 26.76
CA ALA X 529 49.53 40.78 27.75
C ALA X 529 48.56 41.83 28.25
N ALA X 530 48.81 43.11 27.99
CA ALA X 530 47.91 44.16 28.40
C ALA X 530 46.86 44.49 27.35
N THR X 531 46.76 43.70 26.28
CA THR X 531 45.79 43.97 25.23
C THR X 531 44.48 43.24 25.43
N GLY X 532 44.44 42.26 26.33
CA GLY X 532 43.25 41.47 26.50
C GLY X 532 43.14 40.26 25.60
N ALA X 533 44.27 39.75 25.10
CA ALA X 533 44.25 38.60 24.21
C ALA X 533 43.98 37.32 25.00
N ASP X 534 43.61 36.26 24.28
CA ASP X 534 43.27 34.98 24.88
C ASP X 534 44.45 34.03 24.93
N GLY X 535 45.63 34.48 24.51
CA GLY X 535 46.81 33.65 24.51
C GLY X 535 47.79 34.18 23.49
N VAL X 536 48.90 33.45 23.34
CA VAL X 536 49.87 33.72 22.30
C VAL X 536 49.63 32.73 21.16
N GLY X 537 49.64 33.23 19.94
CA GLY X 537 49.36 32.40 18.80
C GLY X 537 50.61 31.95 18.07
N LEU X 538 51.67 32.75 18.18
CA LEU X 538 52.94 32.42 17.53
C LEU X 538 54.05 33.19 18.22
N LEU X 539 54.97 32.48 18.86
CA LEU X 539 56.18 33.05 19.41
C LEU X 539 57.37 32.51 18.63
N ARG X 540 58.05 33.38 17.89
CA ARG X 540 59.15 32.96 17.04
C ARG X 540 60.46 32.87 17.82
N ALA X 541 61.35 32.02 17.33
CA ALA X 541 62.63 31.75 17.98
C ALA X 541 63.82 32.32 17.22
N GLU X 542 63.61 32.92 16.06
CA GLU X 542 64.70 33.45 15.25
C GLU X 542 65.57 34.41 16.06
N HIS X 543 64.93 35.33 16.79
CA HIS X 543 65.69 36.30 17.59
C HIS X 543 66.45 35.62 18.71
N MET X 544 65.76 34.80 19.51
CA MET X 544 66.37 34.20 20.68
C MET X 544 67.54 33.28 20.34
N ILE X 545 67.60 32.80 19.09
CA ILE X 545 68.69 31.92 18.71
C ILE X 545 69.80 32.66 17.97
N LEU X 546 69.45 33.52 17.01
CA LEU X 546 70.43 34.26 16.24
C LEU X 546 70.91 35.52 16.94
N SER X 547 70.79 35.59 18.26
CA SER X 547 71.22 36.77 19.01
C SER X 547 72.62 36.63 19.59
N ILE X 548 73.24 35.45 19.47
CA ILE X 548 74.54 35.21 20.10
C ILE X 548 75.67 35.56 19.14
N GLY X 549 75.34 36.22 18.03
CA GLY X 549 76.33 36.65 17.06
C GLY X 549 77.25 35.55 16.56
N GLN X 550 76.71 34.34 16.36
CA GLN X 550 77.53 33.20 16.00
C GLN X 550 76.65 32.15 15.33
N HIS X 551 77.24 31.37 14.44
CA HIS X 551 76.54 30.26 13.81
C HIS X 551 76.25 29.19 14.86
N PRO X 552 74.99 28.81 15.07
CA PRO X 552 74.68 27.84 16.13
C PRO X 552 75.38 26.50 15.95
N ILE X 553 75.48 25.99 14.72
CA ILE X 553 76.21 24.74 14.50
C ILE X 553 77.67 24.92 14.87
N LYS X 554 78.25 26.07 14.52
CA LYS X 554 79.60 26.40 14.98
C LYS X 554 79.63 26.59 16.50
N PHE X 555 78.56 27.14 17.06
CA PHE X 555 78.51 27.40 18.49
C PHE X 555 78.54 26.12 19.30
N ILE X 556 77.99 25.03 18.75
CA ILE X 556 77.93 23.78 19.50
C ILE X 556 79.12 22.87 19.23
N LYS X 557 79.76 23.07 18.07
CA LYS X 557 80.95 22.30 17.76
C LYS X 557 82.01 22.85 18.70
N GLU X 558 82.09 24.16 18.80
CA GLU X 558 83.01 24.76 19.75
C GLU X 558 82.66 24.15 21.08
N GLY X 559 81.38 24.00 21.35
CA GLY X 559 80.97 23.33 22.57
C GLY X 559 80.37 24.16 23.67
N LYS X 560 79.45 25.07 23.36
CA LYS X 560 78.83 25.80 24.45
C LYS X 560 77.34 25.54 24.39
N GLU X 561 76.92 24.33 24.73
CA GLU X 561 75.51 23.98 24.61
C GLU X 561 74.68 24.53 25.75
N GLU X 562 75.15 24.41 26.99
CA GLU X 562 74.33 24.73 28.15
C GLU X 562 74.01 26.22 28.22
N GLU X 563 74.93 27.06 27.75
CA GLU X 563 74.69 28.50 27.74
C GLU X 563 73.49 28.84 26.85
N LEU X 564 73.52 28.37 25.61
CA LEU X 564 72.39 28.58 24.70
C LEU X 564 71.11 27.99 25.25
N VAL X 565 71.20 26.79 25.83
CA VAL X 565 70.01 26.13 26.38
C VAL X 565 69.37 27.01 27.46
N GLU X 566 70.16 27.42 28.46
CA GLU X 566 69.58 28.17 29.56
C GLU X 566 69.14 29.57 29.13
N LYS X 567 69.79 30.15 28.13
CA LYS X 567 69.32 31.43 27.60
C LYS X 567 67.94 31.28 26.97
N LEU X 568 67.77 30.27 26.11
CA LEU X 568 66.44 29.96 25.59
C LEU X 568 65.44 29.75 26.72
N ALA X 569 65.89 29.06 27.78
CA ALA X 569 65.00 28.74 28.88
C ALA X 569 64.43 29.99 29.53
N GLU X 570 65.30 30.95 29.85
CA GLU X 570 64.78 32.17 30.48
C GLU X 570 63.96 32.99 29.50
N GLY X 571 64.38 33.04 28.23
CA GLY X 571 63.58 33.75 27.24
C GLY X 571 62.16 33.22 27.12
N ILE X 572 62.00 31.90 27.18
CA ILE X 572 60.70 31.28 27.08
C ILE X 572 59.89 31.44 28.36
N GLU X 573 60.55 31.31 29.52
CA GLU X 573 59.82 31.39 30.79
C GLU X 573 59.27 32.79 31.02
N LYS X 574 59.98 33.81 30.54
CA LYS X 574 59.46 35.18 30.64
C LYS X 574 58.07 35.29 30.01
N VAL X 575 57.95 34.86 28.75
CA VAL X 575 56.69 34.91 28.04
C VAL X 575 55.66 33.98 28.67
N ALA X 576 56.08 32.78 29.05
CA ALA X 576 55.15 31.83 29.63
C ALA X 576 54.55 32.33 30.93
N ALA X 577 55.30 33.13 31.69
CA ALA X 577 54.81 33.63 32.97
C ALA X 577 54.08 34.95 32.85
N ALA X 578 54.21 35.64 31.72
CA ALA X 578 53.40 36.85 31.52
C ALA X 578 51.97 36.44 31.18
N PHE X 579 51.80 35.31 30.50
CA PHE X 579 50.46 34.81 30.20
C PHE X 579 50.34 33.38 30.69
N TYR X 580 50.23 33.19 31.99
CA TYR X 580 50.15 31.84 32.57
C TYR X 580 48.83 31.10 32.36
N PRO X 581 47.74 31.58 33.00
CA PRO X 581 46.56 30.74 32.74
C PRO X 581 46.31 30.54 31.24
N ARG X 582 46.83 31.41 30.39
CA ARG X 582 46.58 31.33 28.96
C ARG X 582 47.63 30.54 28.19
N PRO X 583 47.21 29.86 27.12
CA PRO X 583 48.13 29.07 26.29
C PRO X 583 49.12 29.94 25.54
N VAL X 584 50.29 29.36 25.25
CA VAL X 584 51.33 29.97 24.43
C VAL X 584 51.87 28.91 23.48
N TRP X 585 52.01 29.27 22.21
CA TRP X 585 52.45 28.34 21.17
C TRP X 585 53.78 28.80 20.59
N TYR X 586 54.74 27.88 20.50
CA TYR X 586 56.12 28.18 20.15
C TYR X 586 56.54 27.38 18.93
N ARG X 587 57.13 28.05 17.93
CA ARG X 587 57.48 27.44 16.66
C ARG X 587 58.99 27.30 16.53
N THR X 588 59.46 26.09 16.25
CA THR X 588 60.89 25.83 16.16
C THR X 588 61.53 26.60 15.00
N LEU X 589 62.85 26.63 15.01
CA LEU X 589 63.61 27.54 14.15
C LEU X 589 63.28 27.33 12.68
N ASP X 590 63.19 28.44 11.95
CA ASP X 590 62.86 28.40 10.53
C ASP X 590 63.40 29.67 9.87
N ALA X 591 64.45 29.51 9.06
CA ALA X 591 65.06 30.63 8.35
C ALA X 591 65.76 30.08 7.12
N PRO X 592 65.84 30.86 6.04
CA PRO X 592 66.49 30.37 4.82
C PRO X 592 67.98 30.19 4.99
N THR X 593 68.67 29.74 3.94
CA THR X 593 70.10 29.52 4.01
C THR X 593 70.90 30.81 3.88
N ASN X 594 70.36 31.83 3.21
CA ASN X 594 71.01 33.13 3.12
C ASN X 594 70.78 33.97 4.37
N GLU X 595 70.35 33.35 5.46
CA GLU X 595 70.32 33.98 6.77
C GLU X 595 71.41 33.47 7.69
N PHE X 596 71.89 32.24 7.46
CA PHE X 596 73.02 31.71 8.21
C PHE X 596 74.35 32.12 7.58
N ARG X 597 74.33 32.60 6.34
CA ARG X 597 75.55 32.99 5.66
C ARG X 597 76.14 34.28 6.21
N GLU X 598 75.34 35.10 6.88
CA GLU X 598 75.73 36.45 7.25
C GLU X 598 76.14 36.55 8.72
N MET X 599 76.52 35.45 9.32
CA MET X 599 76.93 35.42 10.71
C MET X 599 78.38 34.97 10.84
N PRO X 600 79.06 35.34 11.95
CA PRO X 600 80.42 34.82 12.12
C PRO X 600 80.41 33.29 12.15
N GLY X 601 81.05 32.67 11.17
CA GLY X 601 81.05 31.22 11.10
C GLY X 601 80.27 30.76 9.89
N GLY X 602 79.57 31.70 9.25
CA GLY X 602 78.80 31.38 8.07
C GLY X 602 79.62 31.62 6.83
N GLU X 603 80.53 30.69 6.53
CA GLU X 603 81.38 30.84 5.34
C GLU X 603 81.14 29.66 4.43
N ASP X 604 80.72 28.54 5.00
CA ASP X 604 80.42 27.37 4.20
C ASP X 604 78.95 27.45 3.84
N GLU X 605 78.64 27.80 2.61
CA GLU X 605 77.24 27.94 2.20
C GLU X 605 77.01 27.45 0.76
N PRO X 606 75.74 27.35 0.34
CA PRO X 606 75.49 26.81 -0.99
C PRO X 606 75.15 27.86 -2.04
N GLU X 607 74.85 29.09 -1.62
CA GLU X 607 74.43 30.10 -2.58
C GLU X 607 73.44 29.52 -3.58
N GLU X 608 72.33 28.99 -3.09
CA GLU X 608 71.36 28.34 -3.97
C GLU X 608 70.67 29.32 -4.91
N ARG X 609 69.98 28.80 -5.91
CA ARG X 609 69.27 29.66 -6.85
C ARG X 609 67.82 29.87 -6.42
N ASN X 610 67.32 29.02 -5.52
CA ASN X 610 65.95 29.19 -5.01
C ASN X 610 65.85 28.87 -3.52
N PRO X 611 66.19 29.83 -2.63
CA PRO X 611 66.18 29.52 -1.20
C PRO X 611 64.78 29.34 -0.62
N MET X 612 63.73 29.65 -1.37
CA MET X 612 62.37 29.42 -0.89
C MET X 612 61.95 27.97 -0.99
N LEU X 613 62.51 27.22 -1.95
CA LEU X 613 62.20 25.81 -2.15
C LEU X 613 63.39 24.93 -1.76
N GLY X 614 64.14 25.35 -0.75
CA GLY X 614 65.37 24.67 -0.44
C GLY X 614 65.44 24.01 0.93
N TRP X 615 66.63 24.04 1.53
CA TRP X 615 66.94 23.32 2.76
C TRP X 615 66.67 24.25 3.94
N ARG X 616 65.48 24.11 4.52
CA ARG X 616 65.07 24.97 5.62
C ARG X 616 63.99 24.26 6.41
N GLY X 617 63.62 24.86 7.54
CA GLY X 617 62.54 24.33 8.33
C GLY X 617 62.88 22.97 8.95
N ILE X 618 61.82 22.17 9.13
CA ILE X 618 61.99 20.88 9.79
C ILE X 618 62.83 19.91 8.97
N ARG X 619 62.99 20.13 7.67
CA ARG X 619 63.92 19.30 6.89
C ARG X 619 65.34 19.46 7.43
N ARG X 620 65.87 20.68 7.35
CA ARG X 620 67.17 20.97 7.94
C ARG X 620 67.22 20.56 9.40
N GLY X 621 66.12 20.77 10.13
CA GLY X 621 66.11 20.41 11.53
C GLY X 621 66.34 18.94 11.77
N LEU X 622 65.70 18.09 10.98
CA LEU X 622 65.87 16.65 11.12
C LEU X 622 67.19 16.17 10.56
N ASP X 623 67.81 16.93 9.66
CA ASP X 623 69.14 16.56 9.19
C ASP X 623 70.19 16.71 10.29
N GLN X 624 70.09 17.78 11.09
CA GLN X 624 71.03 18.06 12.18
C GLN X 624 70.27 18.07 13.49
N PRO X 625 70.08 16.91 14.11
CA PRO X 625 69.16 16.81 15.25
C PRO X 625 69.62 17.53 16.52
N GLU X 626 70.76 18.20 16.48
CA GLU X 626 71.27 18.84 17.69
C GLU X 626 70.47 20.09 18.04
N LEU X 627 70.03 20.84 17.03
CA LEU X 627 69.18 22.00 17.28
C LEU X 627 67.87 21.59 17.94
N LEU X 628 67.25 20.53 17.42
CA LEU X 628 66.04 19.99 18.03
C LEU X 628 66.30 19.53 19.45
N ARG X 629 67.42 18.85 19.67
CA ARG X 629 67.79 18.39 21.02
C ARG X 629 67.84 19.56 21.99
N ALA X 630 68.53 20.64 21.60
CA ALA X 630 68.71 21.77 22.49
C ALA X 630 67.39 22.47 22.77
N GLU X 631 66.57 22.67 21.73
CA GLU X 631 65.30 23.36 21.93
C GLU X 631 64.36 22.54 22.82
N PHE X 632 64.30 21.23 22.61
CA PHE X 632 63.45 20.40 23.45
C PHE X 632 63.97 20.35 24.88
N LYS X 633 65.29 20.41 25.06
CA LYS X 633 65.86 20.48 26.40
C LYS X 633 65.40 21.74 27.12
N ALA X 634 65.51 22.90 26.46
CA ALA X 634 65.09 24.14 27.08
C ALA X 634 63.59 24.14 27.38
N ILE X 635 62.79 23.59 26.47
CA ILE X 635 61.34 23.56 26.69
C ILE X 635 61.01 22.72 27.92
N LYS X 636 61.59 21.51 28.01
CA LYS X 636 61.36 20.70 29.20
C LYS X 636 61.87 21.40 30.46
N LYS X 637 62.96 22.16 30.33
CA LYS X 637 63.52 22.89 31.45
C LYS X 637 62.51 23.87 32.02
N VAL X 638 61.92 24.71 31.16
CA VAL X 638 60.91 25.63 31.66
C VAL X 638 59.60 24.93 32.00
N VAL X 639 59.37 23.72 31.48
CA VAL X 639 58.15 23.03 31.84
C VAL X 639 58.21 22.52 33.27
N GLU X 640 59.35 21.98 33.70
CA GLU X 640 59.42 21.35 35.02
C GLU X 640 59.34 22.36 36.16
N LYS X 641 59.44 23.66 35.87
CA LYS X 641 59.17 24.66 36.90
C LYS X 641 57.69 24.77 37.24
N GLY X 642 56.82 24.23 36.40
CA GLY X 642 55.40 24.18 36.71
C GLY X 642 54.49 24.88 35.72
N TYR X 643 55.01 25.18 34.52
CA TYR X 643 54.24 25.85 33.48
C TYR X 643 53.65 24.79 32.56
N ASN X 644 52.35 24.55 32.68
CA ASN X 644 51.67 23.53 31.89
C ASN X 644 50.81 24.13 30.78
N ASN X 645 51.27 25.19 30.13
CA ASN X 645 50.47 25.88 29.13
C ASN X 645 51.28 26.13 27.87
N ILE X 646 52.27 25.29 27.59
CA ILE X 646 53.13 25.43 26.43
C ILE X 646 52.78 24.35 25.42
N GLY X 647 53.05 24.65 24.15
CA GLY X 647 52.87 23.69 23.08
C GLY X 647 53.87 23.95 21.98
N VAL X 648 54.15 22.90 21.22
CA VAL X 648 55.20 22.93 20.20
C VAL X 648 54.58 22.87 18.81
N MET X 649 55.17 23.63 17.89
CA MET X 649 54.66 23.78 16.53
C MET X 649 55.80 23.53 15.54
N LEU X 650 55.59 22.59 14.62
CA LEU X 650 56.59 22.21 13.63
C LEU X 650 56.32 22.92 12.30
N PRO X 651 57.33 23.57 11.70
CA PRO X 651 57.11 24.27 10.44
C PRO X 651 57.47 23.43 9.21
N LEU X 652 56.70 23.66 8.14
CA LEU X 652 56.97 23.12 6.80
C LEU X 652 57.00 21.58 6.79
N VAL X 653 55.84 21.00 7.08
CA VAL X 653 55.66 19.56 7.11
C VAL X 653 54.92 19.13 5.84
N SER X 654 55.41 18.06 5.19
CA SER X 654 54.70 17.51 4.05
C SER X 654 54.70 15.99 3.97
N HIS X 655 55.28 15.28 4.94
CA HIS X 655 55.22 13.83 5.01
C HIS X 655 55.00 13.45 6.47
N PRO X 656 54.25 12.37 6.74
CA PRO X 656 54.09 11.93 8.14
C PRO X 656 55.36 11.42 8.78
N GLU X 657 56.32 10.95 7.97
CA GLU X 657 57.58 10.48 8.51
C GLU X 657 58.28 11.59 9.29
N GLN X 658 58.14 12.84 8.84
CA GLN X 658 58.74 13.95 9.58
C GLN X 658 58.14 14.08 10.97
N ILE X 659 56.82 13.92 11.08
CA ILE X 659 56.16 14.00 12.39
C ILE X 659 56.63 12.88 13.28
N ARG X 660 56.74 11.66 12.75
CA ARG X 660 57.15 10.55 13.61
C ARG X 660 58.61 10.67 14.05
N GLU X 661 59.50 11.11 13.16
CA GLU X 661 60.89 11.27 13.54
C GLU X 661 61.06 12.39 14.57
N ALA X 662 60.28 13.47 14.43
CA ALA X 662 60.33 14.52 15.45
C ALA X 662 59.84 14.01 16.79
N LYS X 663 58.76 13.21 16.80
CA LYS X 663 58.27 12.67 18.05
C LYS X 663 59.32 11.78 18.72
N ARG X 664 60.03 10.98 17.93
CA ARG X 664 61.07 10.12 18.50
C ARG X 664 62.23 10.95 19.05
N ILE X 665 62.71 11.93 18.27
CA ILE X 665 63.80 12.77 18.72
C ILE X 665 63.44 13.45 20.03
N ALA X 666 62.19 13.90 20.16
CA ALA X 666 61.77 14.57 21.38
C ALA X 666 61.66 13.59 22.54
N ARG X 667 61.20 12.37 22.27
CA ARG X 667 61.03 11.41 23.35
C ARG X 667 62.35 10.86 23.84
N GLU X 668 63.42 10.95 23.06
CA GLU X 668 64.69 10.43 23.57
C GLU X 668 65.26 11.27 24.71
N VAL X 669 65.02 12.59 24.73
CA VAL X 669 65.65 13.45 25.72
C VAL X 669 64.73 13.81 26.88
N GLY X 670 63.65 13.08 27.08
CA GLY X 670 62.83 13.22 28.27
C GLY X 670 61.48 13.86 28.07
N LEU X 671 61.33 14.75 27.09
CA LEU X 671 60.06 15.42 26.85
C LEU X 671 59.03 14.42 26.33
N GLU X 672 57.77 14.62 26.73
CA GLU X 672 56.69 13.69 26.40
C GLU X 672 55.53 14.40 25.72
N PRO X 673 55.28 14.14 24.43
CA PRO X 673 54.14 14.76 23.77
C PRO X 673 52.82 14.38 24.41
N HIS X 674 51.85 15.28 24.31
CA HIS X 674 50.45 15.11 24.72
C HIS X 674 50.28 14.93 26.22
N LYS X 675 51.36 14.92 26.99
CA LYS X 675 51.29 14.85 28.45
C LYS X 675 52.13 15.90 29.16
N ASP X 676 53.12 16.48 28.49
CA ASP X 676 53.85 17.63 29.01
C ASP X 676 53.61 18.89 28.21
N VAL X 677 53.30 18.76 26.91
CA VAL X 677 53.10 19.89 26.02
C VAL X 677 51.98 19.52 25.05
N ALA X 678 51.69 20.44 24.14
CA ALA X 678 50.80 20.18 23.02
C ALA X 678 51.61 19.99 21.75
N TRP X 679 51.09 19.17 20.84
CA TRP X 679 51.78 18.83 19.61
C TRP X 679 50.92 19.27 18.43
N GLY X 680 51.47 20.14 17.58
CA GLY X 680 50.76 20.65 16.42
C GLY X 680 51.70 20.95 15.29
N VAL X 681 51.14 21.35 14.14
CA VAL X 681 51.91 21.56 12.92
C VAL X 681 51.46 22.85 12.24
N MET X 682 52.22 23.24 11.23
CA MET X 682 51.92 24.37 10.37
C MET X 682 51.53 23.90 8.97
N ILE X 683 50.59 24.60 8.35
CA ILE X 683 50.10 24.25 7.01
C ILE X 683 50.53 25.37 6.07
N GLU X 684 51.59 25.11 5.29
CA GLU X 684 52.09 26.09 4.34
C GLU X 684 52.34 25.54 2.94
N VAL X 685 52.52 24.23 2.76
CA VAL X 685 52.67 23.66 1.43
C VAL X 685 51.31 23.12 0.99
N PRO X 686 50.95 23.23 -0.28
CA PRO X 686 49.67 22.69 -0.73
C PRO X 686 49.49 21.21 -0.49
N ALA X 687 50.58 20.43 -0.52
CA ALA X 687 50.50 19.00 -0.26
C ALA X 687 49.93 18.72 1.11
N ALA X 688 50.39 19.47 2.12
CA ALA X 688 49.89 19.25 3.48
C ALA X 688 48.40 19.56 3.58
N ALA X 689 47.95 20.57 2.85
CA ALA X 689 46.53 20.89 2.83
C ALA X 689 45.69 19.87 2.08
N ILE X 690 46.29 19.09 1.17
CA ILE X 690 45.51 18.16 0.38
C ILE X 690 45.43 16.75 1.01
N ILE X 691 46.41 16.36 1.83
CA ILE X 691 46.39 15.04 2.46
C ILE X 691 46.30 15.16 3.97
N ILE X 692 45.57 16.17 4.45
CA ILE X 692 45.57 16.53 5.87
C ILE X 692 45.18 15.36 6.77
N GLU X 693 44.36 14.43 6.28
CA GLU X 693 43.90 13.34 7.13
C GLU X 693 45.03 12.41 7.51
N ASP X 694 45.97 12.16 6.59
CA ASP X 694 47.12 11.33 6.91
C ASP X 694 47.91 11.93 8.07
N LEU X 695 48.11 13.25 8.05
CA LEU X 695 48.82 13.91 9.14
C LEU X 695 48.03 13.84 10.43
N ILE X 696 46.70 13.97 10.36
CA ILE X 696 45.88 13.91 11.56
C ILE X 696 45.96 12.53 12.20
N LYS X 697 46.10 11.49 11.39
CA LYS X 697 46.12 10.14 11.95
C LYS X 697 47.40 9.81 12.70
N GLU X 698 48.34 10.74 12.85
CA GLU X 698 49.53 10.53 13.65
C GLU X 698 49.43 11.20 15.03
N GLY X 699 48.22 11.58 15.45
CA GLY X 699 48.04 12.16 16.77
C GLY X 699 48.59 13.55 16.95
N ILE X 700 47.96 14.55 16.33
CA ILE X 700 48.31 15.94 16.61
C ILE X 700 47.18 16.58 17.40
N ASP X 701 47.41 17.80 17.89
CA ASP X 701 46.41 18.46 18.71
C ASP X 701 45.88 19.75 18.08
N PHE X 702 46.70 20.43 17.30
CA PHE X 702 46.28 21.70 16.71
C PHE X 702 46.93 21.98 15.38
N VAL X 703 46.32 22.87 14.59
CA VAL X 703 46.88 23.23 13.28
C VAL X 703 46.79 24.73 13.08
N SER X 704 47.67 25.28 12.25
CA SER X 704 47.70 26.71 12.01
C SER X 704 48.01 27.01 10.55
N PHE X 705 47.28 27.97 9.98
CA PHE X 705 47.43 28.35 8.57
C PHE X 705 48.47 29.46 8.42
N GLY X 706 49.53 29.19 7.66
CA GLY X 706 50.45 30.20 7.21
C GLY X 706 50.09 30.81 5.87
N THR X 707 49.12 31.72 5.83
CA THR X 707 48.53 32.13 4.56
C THR X 707 49.53 32.83 3.63
N ASN X 708 50.59 33.41 4.19
CA ASN X 708 51.65 34.01 3.36
C ASN X 708 52.28 32.97 2.44
N ASP X 709 52.90 31.96 3.05
CA ASP X 709 53.58 30.93 2.28
C ASP X 709 52.61 30.12 1.43
N LEU X 710 51.42 29.85 1.96
CA LEU X 710 50.45 29.09 1.18
C LEU X 710 50.03 29.84 -0.08
N THR X 711 49.75 31.13 0.03
CA THR X 711 49.39 31.91 -1.15
C THR X 711 50.55 31.99 -2.12
N GLN X 712 51.78 32.04 -1.62
CA GLN X 712 52.91 32.14 -2.53
C GLN X 712 53.16 30.82 -3.27
N TYR X 713 53.10 29.69 -2.58
CA TYR X 713 53.35 28.41 -3.22
C TYR X 713 52.20 27.94 -4.08
N THR X 714 50.98 28.43 -3.85
CA THR X 714 49.85 27.97 -4.63
C THR X 714 49.76 28.68 -5.98
N LEU X 715 50.11 29.96 -6.02
CA LEU X 715 50.04 30.73 -7.26
C LEU X 715 51.37 30.77 -8.01
N ALA X 716 52.40 30.11 -7.50
CA ALA X 716 53.72 30.08 -8.12
C ALA X 716 54.22 31.49 -8.41
N ILE X 717 54.39 32.26 -7.34
CA ILE X 717 54.65 33.69 -7.44
C ILE X 717 55.46 34.13 -6.23
N ASP X 718 56.49 34.93 -6.47
CA ASP X 718 57.24 35.57 -5.39
C ASP X 718 56.71 36.99 -5.19
N ARG X 719 56.54 37.35 -3.92
CA ARG X 719 55.92 38.64 -3.60
C ARG X 719 56.94 39.77 -3.59
N ASP X 720 58.20 39.47 -3.28
CA ASP X 720 59.24 40.49 -3.29
C ASP X 720 59.61 40.96 -4.69
N ASN X 721 59.29 40.18 -5.72
CA ASN X 721 59.61 40.55 -7.09
C ASN X 721 58.65 41.63 -7.56
N GLU X 722 59.21 42.72 -8.07
CA GLU X 722 58.42 43.90 -8.43
C GLU X 722 57.48 43.62 -9.60
N ARG X 723 57.91 42.74 -10.51
CA ARG X 723 57.18 42.58 -11.77
C ARG X 723 55.96 41.68 -11.65
N VAL X 724 55.92 40.77 -10.67
CA VAL X 724 54.80 39.86 -10.53
C VAL X 724 54.09 39.97 -9.18
N ALA X 725 54.40 40.99 -8.38
CA ALA X 725 53.69 41.17 -7.11
C ALA X 725 52.32 41.78 -7.29
N LYS X 726 51.95 42.16 -8.51
CA LYS X 726 50.61 42.68 -8.77
C LYS X 726 49.56 41.58 -8.82
N LEU X 727 49.95 40.31 -8.77
CA LEU X 727 49.00 39.21 -8.81
C LEU X 727 48.72 38.61 -7.44
N TYR X 728 49.52 38.97 -6.43
CA TYR X 728 49.33 38.44 -5.08
C TYR X 728 47.95 38.81 -4.54
N ASP X 729 47.31 37.83 -3.90
CA ASP X 729 45.98 38.01 -3.32
C ASP X 729 45.66 36.86 -2.37
N GLU X 730 45.33 37.17 -1.12
CA GLU X 730 45.10 36.13 -0.11
C GLU X 730 43.65 35.69 -0.03
N THR X 731 42.75 36.31 -0.79
CA THR X 731 41.37 35.85 -0.91
C THR X 731 41.09 35.30 -2.31
N HIS X 732 42.08 34.65 -2.91
CA HIS X 732 41.90 33.98 -4.18
C HIS X 732 41.11 32.70 -3.97
N PRO X 733 40.21 32.36 -4.90
CA PRO X 733 39.32 31.19 -4.70
C PRO X 733 40.03 29.88 -4.34
N ALA X 734 41.24 29.64 -4.84
CA ALA X 734 41.87 28.35 -4.61
C ALA X 734 42.30 28.20 -3.16
N VAL X 735 42.90 29.25 -2.59
CA VAL X 735 43.30 29.23 -1.19
C VAL X 735 42.08 29.02 -0.29
N LEU X 736 40.95 29.63 -0.66
CA LEU X 736 39.75 29.49 0.15
C LEU X 736 39.18 28.08 0.07
N LYS X 737 39.21 27.46 -1.11
CA LYS X 737 38.84 26.05 -1.21
C LYS X 737 39.70 25.18 -0.30
N LEU X 738 41.01 25.41 -0.31
CA LEU X 738 41.90 24.60 0.52
C LEU X 738 41.61 24.77 2.00
N ILE X 739 41.42 26.03 2.43
CA ILE X 739 41.13 26.31 3.84
C ILE X 739 39.82 25.66 4.26
N LYS X 740 38.79 25.75 3.42
CA LYS X 740 37.50 25.14 3.75
C LYS X 740 37.62 23.64 3.92
N HIS X 741 38.35 22.98 3.01
CA HIS X 741 38.54 21.54 3.12
C HIS X 741 39.22 21.16 4.44
N VAL X 742 40.32 21.85 4.76
CA VAL X 742 41.05 21.53 5.99
C VAL X 742 40.15 21.70 7.21
N ILE X 743 39.47 22.84 7.31
CA ILE X 743 38.62 23.12 8.46
C ILE X 743 37.57 22.04 8.62
N LYS X 744 36.90 21.68 7.52
CA LYS X 744 35.91 20.61 7.56
C LYS X 744 36.49 19.34 8.19
N VAL X 745 37.65 18.91 7.71
CA VAL X 745 38.16 17.60 8.13
C VAL X 745 38.55 17.61 9.61
N CYS X 746 39.29 18.62 10.07
CA CYS X 746 39.72 18.54 11.45
C CYS X 746 38.59 18.88 12.42
N LYS X 747 37.60 19.66 11.98
CA LYS X 747 36.35 19.73 12.72
C LYS X 747 35.77 18.34 12.93
N ARG X 748 35.69 17.55 11.86
CA ARG X 748 35.20 16.18 11.98
C ARG X 748 36.02 15.34 12.96
N TYR X 749 37.33 15.55 13.04
CA TYR X 749 38.17 14.71 13.90
C TYR X 749 38.42 15.28 15.29
N GLY X 750 37.89 16.45 15.62
CA GLY X 750 38.08 16.99 16.96
C GLY X 750 39.38 17.73 17.19
N VAL X 751 39.94 18.35 16.16
CA VAL X 751 41.19 19.09 16.25
C VAL X 751 40.88 20.58 16.18
N GLU X 752 41.74 21.38 16.81
CA GLU X 752 41.56 22.82 16.86
C GLU X 752 42.31 23.51 15.73
N THR X 753 41.69 24.53 15.13
CA THR X 753 42.23 25.26 14.00
C THR X 753 42.51 26.72 14.38
N SER X 754 43.48 27.33 13.69
CA SER X 754 43.84 28.72 13.94
C SER X 754 44.50 29.27 12.69
N ILE X 755 44.78 30.57 12.70
CA ILE X 755 45.46 31.23 11.60
C ILE X 755 46.35 32.35 12.14
N CYS X 756 47.62 32.32 11.75
CA CYS X 756 48.56 33.40 12.00
C CYS X 756 48.94 34.05 10.66
N GLY X 757 49.71 35.12 10.73
CA GLY X 757 50.18 35.78 9.52
C GLY X 757 49.75 37.23 9.48
N GLN X 758 49.85 37.79 8.27
CA GLN X 758 49.43 39.17 8.05
C GLN X 758 47.96 39.28 7.70
N ALA X 759 47.33 38.19 7.26
CA ALA X 759 45.90 38.18 6.98
C ALA X 759 45.07 37.87 8.22
N GLY X 760 45.72 37.63 9.36
CA GLY X 760 45.00 37.61 10.61
C GLY X 760 44.60 38.98 11.09
N SER X 761 45.21 40.04 10.54
CA SER X 761 44.90 41.42 10.89
C SER X 761 44.13 42.13 9.79
N ASP X 762 43.22 41.44 9.13
CA ASP X 762 42.41 42.00 8.05
C ASP X 762 40.93 41.78 8.35
N PRO X 763 40.11 42.83 8.35
CA PRO X 763 38.68 42.64 8.65
C PRO X 763 37.92 41.76 7.67
N LYS X 764 38.22 41.84 6.38
CA LYS X 764 37.50 41.06 5.39
C LYS X 764 37.78 39.56 5.55
N MET X 765 39.06 39.21 5.72
CA MET X 765 39.42 37.82 5.98
C MET X 765 38.81 37.34 7.28
N ALA X 766 38.78 38.20 8.30
CA ALA X 766 38.17 37.82 9.57
C ALA X 766 36.71 37.45 9.39
N ARG X 767 35.97 38.22 8.58
CA ARG X 767 34.57 37.91 8.35
C ARG X 767 34.41 36.58 7.59
N ILE X 768 35.21 36.38 6.54
CA ILE X 768 35.16 35.11 5.81
C ILE X 768 35.41 33.94 6.75
N LEU X 769 36.43 34.06 7.61
CA LEU X 769 36.85 32.94 8.43
C LEU X 769 35.87 32.66 9.55
N VAL X 770 35.24 33.70 10.10
CA VAL X 770 34.22 33.47 11.12
C VAL X 770 32.98 32.84 10.51
N ARG X 771 32.63 33.20 9.27
CA ARG X 771 31.50 32.54 8.63
C ARG X 771 31.81 31.09 8.29
N LEU X 772 33.07 30.74 8.04
CA LEU X 772 33.39 29.33 7.80
C LEU X 772 33.45 28.51 9.09
N GLY X 773 33.94 29.08 10.18
CA GLY X 773 33.92 28.35 11.44
C GLY X 773 35.27 28.07 12.07
N ILE X 774 36.24 28.97 11.89
CA ILE X 774 37.54 28.78 12.51
C ILE X 774 37.44 28.97 14.02
N ASP X 775 38.37 28.39 14.74
CA ASP X 775 38.35 28.42 16.20
C ASP X 775 39.10 29.60 16.81
N SER X 776 40.10 30.14 16.12
CA SER X 776 40.88 31.24 16.67
C SER X 776 41.47 32.09 15.55
N ILE X 777 41.86 33.32 15.91
CA ILE X 777 42.54 34.25 15.02
C ILE X 777 43.67 34.91 15.80
N SER X 778 44.81 35.13 15.14
CA SER X 778 46.01 35.66 15.76
C SER X 778 46.38 36.99 15.09
N ALA X 779 46.39 38.06 15.86
CA ALA X 779 46.54 39.42 15.32
C ALA X 779 47.83 40.07 15.82
N ASN X 780 48.25 41.11 15.12
CA ASN X 780 49.40 41.90 15.54
C ASN X 780 49.07 42.67 16.81
N PRO X 781 50.07 42.97 17.64
CA PRO X 781 49.79 43.57 18.96
C PRO X 781 49.00 44.88 18.92
N ASP X 782 48.93 45.56 17.78
CA ASP X 782 48.18 46.81 17.68
C ASP X 782 46.94 46.69 16.81
N ALA X 783 46.40 45.48 16.65
CA ALA X 783 45.19 45.26 15.88
C ALA X 783 44.20 44.35 16.59
N VAL X 784 44.35 44.16 17.90
CA VAL X 784 43.52 43.20 18.62
C VAL X 784 42.10 43.73 18.82
N GLN X 785 41.97 45.04 19.07
CA GLN X 785 40.67 45.62 19.36
C GLN X 785 39.78 45.68 18.13
N LEU X 786 40.37 46.06 16.99
CA LEU X 786 39.62 46.11 15.74
C LEU X 786 39.08 44.74 15.37
N ILE X 787 39.92 43.71 15.46
CA ILE X 787 39.49 42.37 15.11
C ILE X 787 38.44 41.87 16.09
N ARG X 788 38.59 42.24 17.37
CA ARG X 788 37.59 41.89 18.37
C ARG X 788 36.21 42.44 18.01
N GLN X 789 36.15 43.71 17.62
CA GLN X 789 34.87 44.30 17.21
C GLN X 789 34.29 43.65 15.95
N VAL X 790 35.13 43.42 14.93
CA VAL X 790 34.65 42.78 13.71
C VAL X 790 34.06 41.39 14.01
N VAL X 791 34.72 40.62 14.88
CA VAL X 791 34.26 39.27 15.18
C VAL X 791 32.95 39.31 15.95
N ALA X 792 32.83 40.23 16.91
CA ALA X 792 31.58 40.36 17.65
C ALA X 792 30.40 40.66 16.74
N GLN X 793 30.58 41.60 15.81
CA GLN X 793 29.49 41.95 14.90
C GLN X 793 29.09 40.76 14.01
N GLU X 794 30.08 40.04 13.48
CA GLU X 794 29.77 38.88 12.63
C GLU X 794 28.98 37.82 13.39
N GLU X 795 29.35 37.57 14.65
CA GLU X 795 28.63 36.56 15.43
C GLU X 795 27.18 36.96 15.68
N ARG X 796 26.94 38.23 16.03
CA ARG X 796 25.55 38.65 16.23
C ARG X 796 24.74 38.53 14.94
N LYS X 797 25.34 38.85 13.80
CA LYS X 797 24.67 38.66 12.51
C LYS X 797 24.24 37.22 12.31
N LEU X 798 25.16 36.27 12.54
CA LEU X 798 24.82 34.86 12.35
C LEU X 798 23.65 34.44 13.22
N MET X 799 23.68 34.82 14.50
CA MET X 799 22.60 34.46 15.41
C MET X 799 21.26 35.03 14.96
N LEU X 800 21.24 36.28 14.51
CA LEU X 800 20.00 36.88 14.03
C LEU X 800 19.46 36.13 12.82
N GLU X 801 20.33 35.76 11.89
CA GLU X 801 19.88 35.01 10.71
C GLU X 801 19.22 33.70 11.10
N ALA X 802 19.80 32.96 12.05
CA ALA X 802 19.21 31.69 12.43
C ALA X 802 17.86 31.90 13.13
N ALA X 803 17.76 32.94 13.97
CA ALA X 803 16.48 33.23 14.61
C ALA X 803 15.38 33.55 13.59
N ARG X 804 15.71 34.34 12.57
CA ARG X 804 14.73 34.69 11.55
C ARG X 804 14.30 33.46 10.75
N LYS X 805 15.26 32.60 10.40
CA LYS X 805 14.88 31.39 9.68
C LYS X 805 13.96 30.51 10.51
N GLN X 806 14.20 30.44 11.82
CA GLN X 806 13.35 29.62 12.67
C GLN X 806 11.95 30.21 12.81
N LEU X 807 11.84 31.53 12.93
CA LEU X 807 10.54 32.14 13.21
C LEU X 807 9.64 32.16 11.99
#